data_8IMO
#
_entry.id   8IMO
#
loop_
_entity.id
_entity.type
_entity.pdbx_description
1 polymer CpcN
2 polymer CpcA
3 polymer CpcB
4 polymer CpcD
5 non-polymer PHYCOCYANOBILIN
#
loop_
_entity_poly.entity_id
_entity_poly.type
_entity_poly.pdbx_seq_one_letter_code
_entity_poly.pdbx_strand_id
1 'polypeptide(L)'
;MSDGLNIFLEMARDLTQTQNKSPYAVSRLGVTPLQPTATPQVAGMDPFLDMARRMAGRPVPKGNPFLDMARELTDNRALT
LVKEFTAPSPYQQTETYGQERIRALGTIEAPRVTLRAPFTDEQFQGALYAIYRHIFGNTYVMESERPTTAESQLKDGRIT
VRGFIKLLAKSEVYRSRFFQKTSQNRFIELNHKLLLGRAPYDQAEISAHLDLWNTQGYDAEIDSYVESEEYLENFGEDVI
PYFRGFKYQTGQSAQGFNRLLDLYGGWAGSDTDRNQSGQVARLTNSLVRPGQVVEPPVAPPLEFTREAERAAWLAGALTL
PSSLGHTETHGQERIRAVGALEAAQVTLRAPFTEEQFQGALYAIYKQVFGNTYVMESERPTTAESQLKDGRITVRGFIRL
LAKTEAYKSRFLYTTSQNRFIELNHKLLLGRAPYDQAEIIRHLDLWNSQGYDAEIDSYIESEEYQEFFGEEVVPFFRGFK
YQVGQNPLGFNGLVRLYDGYAGSDTERNQSGQVARLTDRLSRPVREQSSVDRIERLLRSYTSPSPLEQTNTYGQERVQAN
AVLETPQVTLRAPFTEEQFQGALYAIYKQVFGNTYVMESERPATAESQLRDGRITVRGFIRLLAKSDTYKARFFNPATQT
RFIELNHKLLLGRAPYDQAEISRHVALYTSQGYEAEIDSYLDSEEYQECFGEDTVPFFRGFTSQPGQSTEAFNRMVTLYD
GYATSDSEWDRGGQSARLTDSLARSTMDQDPEYRIGNLISSYTRPSPYGQPQGYGQERIQATAVLERPRATLRVGTTENL
EGVIYAIYQQVLGNTHVMTSERLLFAESQLRDGKLTVRGFIRQLAKSEAYKTRFFYPSSQTRFIELNHKLLLGRAPYDQA
EISHHVTLYTSQGYDLEIDSYLDSEEYQENFGEDTVPFLRGFTSQPGQVTEAFNRMVNLNDGYATSDSGWSQSAEVARLT
ESLSRPVREAGASVRVERLLNALTQPSSLGQSPTFGQEQIQATAVLEESPVTLRAPFTEEQLQGALYAIYKQVLGKTHVM
ESERPTFAESQLRDGKLTVRGFVRQVAQSEAYKARFFNPAAQTRFIELNHKLLLGRAPYDQAEISRHVALYTSQGYEAEI
DSYLDSEEYQENFGEDTVPFLRGFTSQPGQSTEAFNRMVTLYDGYAASDGQTPRPTDSLNEP
;
5
2 'polypeptide(L)'
;MSRTVITEVIATADSQGRFLNSTELQAAFGRFERAVPAIEAARALTKNQDALVKGAVQAVFKKFPYVTQPGEKGYGDSNQ
AKCARDIGYYLRFITYSLVASGTGPLDDYVIAGLREVNRAFNLNPLWYIEALNYIKGETGKLLSGQSKTEALLYIDHAIN
ALS
;
A,B,C,D,E,F,N,O,P,Q,R,S,a,b,c,d,e,f
3 'polypeptide(L)'
;MNDVFTRAIAQADLKGSFLLESDLDKLASFAKEGVKRLDAVAALTNNAPAIISDAAHKLFAEQQELIQPGGNAYPHRRMA
ACLRDMEIILRYVSYALLAGDASVLDDRCLNGLRETYNALGTPTQSVARAVQLMKDAAMVHLKSTANVTVGDCSSLYSEA
ATYFDKAAASIA
;
G,H,I,J,K,L,T,U,V,W,X,Y,g,h,i,j,k,l
4 'polypeptide(L)' MYGQSTSDEAITTQGKRIYKITVSEAGAYATNKHRTGYRAPIRQSNYTLTVPYDRFLPEMIRLHQSGAKIVNVTSVIS M,Z,m
#
loop_
_chem_comp.id
_chem_comp.type
_chem_comp.name
_chem_comp.formula
CYC non-polymer PHYCOCYANOBILIN 'C33 H40 N4 O6'
#
# COMPACT_ATOMS: atom_id res chain seq x y z
N PRO A 47 -130.21 -27.71 -28.98
CA PRO A 47 -131.48 -27.25 -28.42
C PRO A 47 -131.30 -26.56 -27.07
N PHE A 48 -130.97 -27.33 -26.03
CA PHE A 48 -130.77 -26.75 -24.71
C PHE A 48 -129.38 -26.14 -24.57
N LEU A 49 -128.43 -26.63 -25.37
CA LEU A 49 -127.08 -26.07 -25.32
C LEU A 49 -127.05 -24.63 -25.79
N ASP A 50 -127.77 -24.33 -26.88
CA ASP A 50 -127.87 -22.94 -27.34
C ASP A 50 -128.56 -22.08 -26.31
N MET A 51 -129.60 -22.60 -25.67
CA MET A 51 -130.29 -21.86 -24.62
C MET A 51 -129.35 -21.56 -23.47
N ALA A 52 -128.50 -22.52 -23.10
CA ALA A 52 -127.53 -22.28 -22.02
C ALA A 52 -126.50 -21.24 -22.42
N ARG A 53 -126.02 -21.30 -23.67
CA ARG A 53 -125.06 -20.30 -24.13
C ARG A 53 -125.66 -18.91 -24.08
N ARG A 54 -126.92 -18.77 -24.49
CA ARG A 54 -127.57 -17.47 -24.41
C ARG A 54 -127.82 -17.06 -22.96
N MET A 55 -127.99 -18.04 -22.06
CA MET A 55 -128.15 -17.71 -20.64
C MET A 55 -126.89 -17.08 -20.05
N ALA A 56 -125.76 -17.19 -20.75
CA ALA A 56 -124.53 -16.59 -20.24
C ALA A 56 -124.67 -15.08 -20.12
N GLY A 57 -125.31 -14.44 -21.09
CA GLY A 57 -125.50 -13.01 -21.06
C GLY A 57 -125.67 -12.50 -22.46
N ARG A 58 -125.87 -11.18 -22.56
CA ARG A 58 -126.07 -10.56 -23.86
C ARG A 58 -124.78 -10.67 -24.69
N PRO A 59 -124.92 -10.81 -26.00
CA PRO A 59 -123.72 -10.96 -26.84
C PRO A 59 -122.83 -9.72 -26.81
N VAL A 60 -121.53 -9.96 -26.78
CA VAL A 60 -120.50 -8.93 -26.78
C VAL A 60 -119.85 -8.93 -28.16
N PRO A 61 -119.70 -7.78 -28.81
CA PRO A 61 -119.11 -7.76 -30.15
C PRO A 61 -117.68 -8.32 -30.17
N LYS A 62 -117.36 -9.04 -31.24
CA LYS A 62 -116.08 -9.70 -31.36
C LYS A 62 -115.08 -8.80 -32.09
N GLY A 63 -113.80 -9.09 -31.87
CA GLY A 63 -112.73 -8.33 -32.47
C GLY A 63 -112.12 -7.26 -31.61
N ASN A 64 -112.20 -7.39 -30.29
CA ASN A 64 -111.61 -6.40 -29.41
C ASN A 64 -110.09 -6.58 -29.37
N PRO A 65 -109.30 -5.53 -29.62
CA PRO A 65 -107.84 -5.70 -29.61
C PRO A 65 -107.24 -5.72 -28.21
N PHE A 66 -108.06 -5.56 -27.18
CA PHE A 66 -107.58 -5.52 -25.81
C PHE A 66 -107.74 -6.86 -25.09
N LEU A 67 -108.02 -7.93 -25.83
CA LEU A 67 -108.35 -9.22 -25.23
C LEU A 67 -107.16 -9.80 -24.46
N ASP A 68 -105.95 -9.68 -25.02
CA ASP A 68 -104.77 -10.18 -24.35
C ASP A 68 -104.48 -9.40 -23.08
N MET A 69 -104.70 -8.09 -23.10
CA MET A 69 -104.56 -7.31 -21.88
C MET A 69 -105.53 -7.77 -20.81
N ALA A 70 -106.76 -8.09 -21.21
CA ALA A 70 -107.74 -8.59 -20.25
C ALA A 70 -107.32 -9.92 -19.66
N ARG A 71 -106.79 -10.82 -20.49
CA ARG A 71 -106.35 -12.11 -19.96
C ARG A 71 -105.20 -11.95 -18.97
N GLU A 72 -104.32 -10.98 -19.20
CA GLU A 72 -103.23 -10.76 -18.28
C GLU A 72 -103.70 -10.10 -16.99
N LEU A 73 -104.63 -9.15 -17.10
CA LEU A 73 -105.09 -8.45 -15.91
C LEU A 73 -106.08 -9.27 -15.10
N THR A 74 -106.58 -10.36 -15.68
CA THR A 74 -107.61 -11.13 -14.99
C THR A 74 -107.09 -12.45 -14.46
N ASP A 75 -106.36 -13.20 -15.28
CA ASP A 75 -105.96 -14.57 -14.96
C ASP A 75 -104.85 -14.55 -13.91
N ASN A 76 -105.19 -14.97 -12.69
CA ASN A 76 -104.22 -15.21 -11.63
C ASN A 76 -103.24 -14.07 -11.47
N ARG A 77 -103.77 -12.91 -11.07
CA ARG A 77 -102.94 -11.72 -11.04
C ARG A 77 -101.85 -11.82 -9.98
N ALA A 78 -102.18 -12.35 -8.80
CA ALA A 78 -101.19 -12.37 -7.71
C ALA A 78 -100.00 -13.25 -8.04
N LEU A 79 -100.25 -14.46 -8.54
CA LEU A 79 -99.15 -15.36 -8.87
C LEU A 79 -98.29 -14.80 -9.98
N THR A 80 -98.92 -14.29 -11.04
CA THR A 80 -98.17 -13.69 -12.12
C THR A 80 -97.33 -12.52 -11.61
N LEU A 81 -97.93 -11.67 -10.78
CA LEU A 81 -97.23 -10.52 -10.25
C LEU A 81 -96.01 -10.95 -9.43
N VAL A 82 -96.14 -12.01 -8.65
CA VAL A 82 -94.97 -12.54 -7.95
C VAL A 82 -93.91 -12.95 -8.96
N LYS A 83 -94.34 -13.57 -10.07
CA LYS A 83 -93.38 -14.00 -11.08
C LYS A 83 -92.59 -12.82 -11.64
N GLU A 84 -93.26 -11.70 -11.92
CA GLU A 84 -92.50 -10.56 -12.46
C GLU A 84 -91.72 -9.85 -11.37
N PHE A 85 -92.24 -9.83 -10.14
CA PHE A 85 -91.52 -9.18 -9.05
C PHE A 85 -90.20 -9.87 -8.75
N THR A 86 -90.19 -11.20 -8.77
CA THR A 86 -88.99 -11.93 -8.40
C THR A 86 -88.12 -12.31 -9.59
N ALA A 87 -88.34 -11.71 -10.75
CA ALA A 87 -87.52 -12.03 -11.90
C ALA A 87 -86.14 -11.41 -11.75
N PRO A 88 -85.09 -12.02 -12.29
CA PRO A 88 -83.76 -11.41 -12.24
C PRO A 88 -83.70 -10.15 -13.09
N SER A 89 -82.86 -9.22 -12.67
CA SER A 89 -82.72 -7.97 -13.42
C SER A 89 -81.66 -8.11 -14.50
N PRO A 90 -81.97 -7.71 -15.74
CA PRO A 90 -81.02 -7.93 -16.84
C PRO A 90 -79.64 -7.29 -16.66
N TYR A 91 -79.47 -6.25 -15.85
CA TYR A 91 -78.13 -5.90 -15.41
C TYR A 91 -77.90 -6.55 -14.06
N GLN A 92 -77.16 -7.65 -14.07
CA GLN A 92 -76.99 -8.48 -12.89
C GLN A 92 -75.93 -7.90 -11.98
N GLN A 93 -76.30 -7.56 -10.75
CA GLN A 93 -75.37 -7.03 -9.79
C GLN A 93 -75.48 -7.81 -8.50
N THR A 94 -74.34 -8.29 -8.00
CA THR A 94 -74.30 -9.08 -6.79
C THR A 94 -74.53 -8.18 -5.58
N GLU A 95 -74.42 -8.75 -4.38
CA GLU A 95 -74.49 -7.95 -3.18
C GLU A 95 -73.36 -6.94 -3.13
N THR A 96 -72.18 -7.33 -3.61
CA THR A 96 -70.98 -6.50 -3.54
C THR A 96 -70.45 -6.14 -4.93
N TYR A 97 -71.33 -5.93 -5.90
CA TYR A 97 -70.88 -5.58 -7.25
C TYR A 97 -70.15 -4.25 -7.25
N GLY A 98 -70.65 -3.27 -6.49
CA GLY A 98 -69.98 -1.98 -6.44
C GLY A 98 -68.61 -2.05 -5.81
N GLN A 99 -68.48 -2.76 -4.69
CA GLN A 99 -67.18 -2.87 -4.04
C GLN A 99 -66.18 -3.61 -4.92
N GLU A 100 -66.60 -4.71 -5.55
CA GLU A 100 -65.71 -5.41 -6.46
C GLU A 100 -65.40 -4.59 -7.70
N ARG A 101 -66.28 -3.65 -8.06
CA ARG A 101 -66.01 -2.79 -9.20
C ARG A 101 -64.95 -1.75 -8.85
N ILE A 102 -65.01 -1.23 -7.63
CA ILE A 102 -63.84 -0.61 -7.03
C ILE A 102 -62.82 -1.71 -6.74
N ARG A 103 -61.58 -1.32 -6.46
CA ARG A 103 -60.63 -2.31 -5.96
C ARG A 103 -60.92 -2.68 -4.52
N ALA A 104 -61.68 -1.84 -3.82
CA ALA A 104 -61.69 -1.82 -2.36
C ALA A 104 -62.86 -2.60 -1.76
N LEU A 105 -62.82 -3.93 -1.94
CA LEU A 105 -63.70 -4.78 -1.16
C LEU A 105 -62.99 -5.34 0.06
N GLY A 106 -61.72 -5.73 -0.09
CA GLY A 106 -60.99 -6.30 1.01
C GLY A 106 -60.87 -5.36 2.19
N THR A 107 -60.87 -4.08 1.91
CA THR A 107 -60.74 -3.06 2.93
C THR A 107 -62.00 -2.70 3.63
N ILE A 108 -63.16 -2.91 3.03
CA ILE A 108 -64.45 -2.72 3.68
C ILE A 108 -64.84 -3.94 4.49
N GLU A 109 -64.62 -5.13 3.94
CA GLU A 109 -64.96 -6.36 4.65
C GLU A 109 -64.08 -6.54 5.88
N ALA A 110 -62.94 -5.86 5.92
CA ALA A 110 -62.01 -6.03 7.02
C ALA A 110 -62.67 -5.61 8.34
N PRO A 111 -62.60 -6.45 9.37
CA PRO A 111 -63.25 -6.12 10.64
C PRO A 111 -62.55 -4.99 11.35
N ARG A 112 -63.31 -4.23 12.14
CA ARG A 112 -62.72 -3.18 12.96
C ARG A 112 -61.97 -3.80 14.13
N VAL A 113 -60.75 -3.31 14.36
CA VAL A 113 -59.88 -3.85 15.40
C VAL A 113 -59.77 -2.81 16.50
N THR A 114 -60.00 -3.24 17.74
CA THR A 114 -59.93 -2.37 18.90
C THR A 114 -59.03 -3.01 19.94
N LEU A 115 -58.43 -2.19 20.80
CA LEU A 115 -57.54 -2.66 21.84
C LEU A 115 -57.82 -1.92 23.13
N ARG A 116 -58.57 -2.57 24.03
CA ARG A 116 -58.88 -2.03 25.33
C ARG A 116 -57.82 -2.46 26.32
N ALA A 117 -57.67 -1.68 27.39
CA ALA A 117 -56.50 -1.82 28.26
C ALA A 117 -56.26 -3.23 28.78
N PRO A 118 -57.24 -3.98 29.30
CA PRO A 118 -56.91 -5.36 29.76
C PRO A 118 -56.90 -6.41 28.64
N PHE A 119 -55.77 -6.49 27.95
CA PHE A 119 -55.53 -7.46 26.89
C PHE A 119 -54.44 -8.42 27.34
N THR A 120 -54.51 -9.68 26.90
CA THR A 120 -53.49 -10.63 27.36
C THR A 120 -52.25 -10.63 26.47
N ASP A 121 -52.33 -11.27 25.30
CA ASP A 121 -51.13 -11.34 24.46
C ASP A 121 -51.39 -11.19 22.97
N GLU A 122 -52.41 -11.88 22.46
CA GLU A 122 -52.44 -12.19 21.04
C GLU A 122 -53.23 -11.16 20.26
N GLN A 123 -54.31 -10.63 20.83
CA GLN A 123 -54.96 -9.49 20.22
C GLN A 123 -54.03 -8.29 20.18
N PHE A 124 -53.10 -8.20 21.15
CA PHE A 124 -52.04 -7.20 21.06
C PHE A 124 -51.15 -7.44 19.86
N GLN A 125 -50.71 -8.68 19.64
CA GLN A 125 -49.82 -8.97 18.53
C GLN A 125 -50.53 -8.80 17.21
N GLY A 126 -51.86 -8.88 17.21
CA GLY A 126 -52.61 -8.62 15.99
C GLY A 126 -52.86 -7.14 15.76
N ALA A 127 -53.13 -6.41 16.85
CA ALA A 127 -53.34 -4.98 16.73
C ALA A 127 -52.07 -4.27 16.27
N LEU A 128 -50.91 -4.73 16.72
CA LEU A 128 -49.67 -4.15 16.24
C LEU A 128 -49.53 -4.34 14.74
N TYR A 129 -49.86 -5.54 14.24
CA TYR A 129 -49.81 -5.76 12.80
C TYR A 129 -50.77 -4.85 12.07
N ALA A 130 -51.99 -4.72 12.58
CA ALA A 130 -52.98 -3.87 11.91
C ALA A 130 -52.52 -2.42 11.88
N ILE A 131 -51.95 -1.93 12.99
CA ILE A 131 -51.49 -0.55 13.04
C ILE A 131 -50.34 -0.33 12.07
N TYR A 132 -49.32 -1.19 12.11
CA TYR A 132 -48.19 -1.01 11.21
C TYR A 132 -48.59 -1.22 9.76
N ARG A 133 -49.72 -1.88 9.53
CA ARG A 133 -50.18 -2.03 8.16
C ARG A 133 -50.91 -0.79 7.68
N HIS A 134 -51.71 -0.19 8.56
CA HIS A 134 -52.48 0.97 8.11
C HIS A 134 -51.65 2.24 8.15
N ILE A 135 -51.12 2.60 9.32
CA ILE A 135 -50.47 3.90 9.49
C ILE A 135 -49.35 4.08 8.47
N PHE A 136 -48.49 3.08 8.33
CA PHE A 136 -47.39 3.15 7.38
C PHE A 136 -47.83 2.82 5.97
N GLY A 137 -49.13 2.62 5.75
CA GLY A 137 -49.65 2.49 4.41
C GLY A 137 -49.18 1.25 3.68
N ASN A 138 -49.20 0.10 4.34
CA ASN A 138 -48.88 -1.18 3.70
C ASN A 138 -47.45 -1.19 3.18
N THR A 139 -46.63 -0.32 3.73
CA THR A 139 -45.20 -0.32 3.48
C THR A 139 -44.53 -1.24 4.47
N TYR A 140 -43.50 -1.95 4.04
CA TYR A 140 -42.81 -2.86 4.93
C TYR A 140 -42.05 -2.09 6.00
N VAL A 141 -42.21 -2.51 7.24
CA VAL A 141 -41.49 -1.93 8.37
C VAL A 141 -40.59 -3.02 8.93
N MET A 142 -39.30 -2.91 8.66
CA MET A 142 -38.38 -3.94 9.07
C MET A 142 -38.26 -3.97 10.59
N GLU A 143 -37.80 -5.11 11.10
CA GLU A 143 -37.85 -5.36 12.54
C GLU A 143 -37.06 -4.30 13.31
N SER A 144 -36.00 -3.75 12.71
CA SER A 144 -35.27 -2.67 13.35
C SER A 144 -36.12 -1.41 13.48
N GLU A 145 -36.88 -1.08 12.43
CA GLU A 145 -37.62 0.18 12.44
C GLU A 145 -38.74 0.16 13.46
N ARG A 146 -39.26 -1.01 13.79
CA ARG A 146 -40.40 -1.08 14.70
C ARG A 146 -39.98 -0.60 16.09
N PRO A 147 -40.65 0.40 16.64
CA PRO A 147 -40.26 0.91 17.96
C PRO A 147 -40.67 -0.02 19.09
N THR A 148 -39.75 -0.28 20.02
CA THR A 148 -40.08 -1.15 21.15
C THR A 148 -40.63 -0.36 22.33
N THR A 149 -40.14 0.87 22.53
CA THR A 149 -40.57 1.66 23.68
C THR A 149 -42.06 1.99 23.59
N ALA A 150 -42.52 2.39 22.40
CA ALA A 150 -43.93 2.71 22.24
C ALA A 150 -44.81 1.49 22.46
N GLU A 151 -44.38 0.32 21.97
CA GLU A 151 -45.14 -0.89 22.19
C GLU A 151 -45.20 -1.26 23.66
N SER A 152 -44.08 -1.07 24.38
CA SER A 152 -44.09 -1.33 25.81
C SER A 152 -45.03 -0.38 26.53
N GLN A 153 -45.02 0.90 26.14
CA GLN A 153 -45.94 1.87 26.72
C GLN A 153 -47.38 1.43 26.48
N LEU A 154 -47.71 1.00 25.27
CA LEU A 154 -49.06 0.56 24.96
C LEU A 154 -49.43 -0.68 25.77
N LYS A 155 -48.52 -1.63 25.89
CA LYS A 155 -48.80 -2.84 26.66
C LYS A 155 -49.05 -2.54 28.12
N ASP A 156 -48.26 -1.65 28.71
CA ASP A 156 -48.52 -1.26 30.09
C ASP A 156 -49.86 -0.55 30.21
N GLY A 157 -50.22 0.25 29.21
CA GLY A 157 -51.43 1.03 29.25
C GLY A 157 -51.26 2.49 29.59
N ARG A 158 -50.01 2.97 29.67
CA ARG A 158 -49.79 4.39 29.92
C ARG A 158 -50.32 5.24 28.78
N ILE A 159 -50.38 4.67 27.58
CA ILE A 159 -50.90 5.36 26.41
C ILE A 159 -51.99 4.51 25.79
N THR A 160 -53.05 5.15 25.31
CA THR A 160 -54.07 4.45 24.57
C THR A 160 -53.57 4.16 23.16
N VAL A 161 -54.43 3.50 22.36
CA VAL A 161 -54.07 3.23 20.98
C VAL A 161 -53.90 4.53 20.21
N ARG A 162 -54.68 5.55 20.56
CA ARG A 162 -54.57 6.84 19.88
C ARG A 162 -53.23 7.50 20.18
N GLY A 163 -52.78 7.45 21.43
CA GLY A 163 -51.45 7.96 21.74
C GLY A 163 -50.35 7.21 21.03
N PHE A 164 -50.53 5.90 20.88
CA PHE A 164 -49.55 5.10 20.14
C PHE A 164 -49.53 5.49 18.66
N ILE A 165 -50.71 5.77 18.10
CA ILE A 165 -50.78 6.26 16.73
C ILE A 165 -50.04 7.59 16.62
N LYS A 166 -50.20 8.45 17.61
CA LYS A 166 -49.51 9.73 17.61
C LYS A 166 -48.00 9.55 17.66
N LEU A 167 -47.52 8.64 18.51
CA LEU A 167 -46.09 8.37 18.60
C LEU A 167 -45.55 7.83 17.28
N LEU A 168 -46.28 6.90 16.65
CA LEU A 168 -45.82 6.37 15.38
C LEU A 168 -45.83 7.42 14.29
N ALA A 169 -46.80 8.34 14.34
CA ALA A 169 -46.85 9.39 13.34
C ALA A 169 -45.70 10.37 13.51
N LYS A 170 -45.29 10.61 14.76
CA LYS A 170 -44.10 11.42 14.99
C LYS A 170 -42.81 10.63 14.89
N SER A 171 -42.88 9.32 14.66
CA SER A 171 -41.68 8.51 14.58
C SER A 171 -40.88 8.84 13.32
N GLU A 172 -39.69 8.24 13.23
CA GLU A 172 -38.81 8.57 12.11
C GLU A 172 -39.18 7.80 10.86
N VAL A 173 -39.86 6.67 11.01
CA VAL A 173 -40.31 5.91 9.85
C VAL A 173 -41.35 6.72 9.08
N TYR A 174 -42.34 7.25 9.80
CA TYR A 174 -43.38 8.04 9.16
C TYR A 174 -42.80 9.25 8.45
N ARG A 175 -41.87 9.95 9.10
CA ARG A 175 -41.20 11.06 8.44
C ARG A 175 -40.47 10.59 7.20
N SER A 176 -39.54 9.67 7.36
CA SER A 176 -38.64 9.29 6.28
C SER A 176 -39.42 8.77 5.09
N ARG A 177 -40.62 8.27 5.31
CA ARG A 177 -41.41 7.78 4.17
C ARG A 177 -42.27 8.88 3.58
N PHE A 178 -43.05 9.58 4.39
CA PHE A 178 -44.09 10.46 3.88
C PHE A 178 -43.73 11.93 3.87
N PHE A 179 -42.98 12.41 4.87
CA PHE A 179 -42.62 13.83 4.89
C PHE A 179 -41.38 14.09 4.05
N GLN A 180 -40.26 13.45 4.39
CA GLN A 180 -38.96 13.92 3.93
C GLN A 180 -38.79 13.80 2.43
N LYS A 181 -39.51 12.89 1.80
CA LYS A 181 -39.31 12.65 0.37
C LYS A 181 -40.42 13.20 -0.50
N THR A 182 -41.38 13.93 0.06
CA THR A 182 -42.57 14.34 -0.67
C THR A 182 -42.86 15.81 -0.43
N SER A 183 -43.56 16.41 -1.39
CA SER A 183 -44.01 17.77 -1.21
C SER A 183 -45.02 17.86 -0.09
N GLN A 184 -45.45 19.09 0.22
CA GLN A 184 -46.40 19.26 1.31
C GLN A 184 -47.78 18.76 0.92
N ASN A 185 -48.15 18.89 -0.36
CA ASN A 185 -49.44 18.39 -0.81
C ASN A 185 -49.57 16.90 -0.56
N ARG A 186 -48.57 16.13 -1.00
CA ARG A 186 -48.60 14.69 -0.82
C ARG A 186 -48.59 14.33 0.65
N PHE A 187 -47.89 15.11 1.46
CA PHE A 187 -47.87 14.85 2.89
C PHE A 187 -49.24 15.04 3.50
N ILE A 188 -49.96 16.08 3.10
CA ILE A 188 -51.30 16.30 3.64
C ILE A 188 -52.25 15.20 3.18
N GLU A 189 -52.16 14.81 1.91
CA GLU A 189 -52.99 13.70 1.44
C GLU A 189 -52.74 12.45 2.27
N LEU A 190 -51.47 12.10 2.46
CA LEU A 190 -51.14 10.89 3.19
C LEU A 190 -51.57 11.00 4.64
N ASN A 191 -51.43 12.16 5.25
CA ASN A 191 -51.87 12.32 6.62
C ASN A 191 -53.37 12.11 6.73
N HIS A 192 -54.15 12.69 5.81
CA HIS A 192 -55.58 12.48 5.85
C HIS A 192 -55.92 11.01 5.69
N LYS A 193 -55.32 10.38 4.67
CA LYS A 193 -55.64 9.00 4.35
C LYS A 193 -55.26 8.05 5.49
N LEU A 194 -54.15 8.30 6.15
CA LEU A 194 -53.63 7.36 7.14
C LEU A 194 -54.14 7.63 8.55
N LEU A 195 -54.32 8.90 8.94
CA LEU A 195 -54.71 9.18 10.31
C LEU A 195 -56.20 9.44 10.43
N LEU A 196 -56.88 9.69 9.30
CA LEU A 196 -58.31 9.97 9.32
C LEU A 196 -59.11 8.97 8.51
N GLY A 197 -58.47 8.20 7.63
CA GLY A 197 -59.18 7.27 6.80
C GLY A 197 -59.91 7.89 5.62
N ARG A 198 -59.77 9.19 5.42
CA ARG A 198 -60.49 9.89 4.37
C ARG A 198 -59.51 10.69 3.53
N ALA A 199 -59.96 11.08 2.34
CA ALA A 199 -59.19 11.98 1.51
C ALA A 199 -59.51 13.42 1.91
N PRO A 200 -58.70 14.38 1.47
CA PRO A 200 -59.04 15.79 1.74
C PRO A 200 -60.33 16.16 1.03
N TYR A 201 -61.08 17.07 1.64
CA TYR A 201 -62.37 17.44 1.06
C TYR A 201 -62.24 18.65 0.15
N ASP A 202 -61.30 19.54 0.43
CA ASP A 202 -61.18 20.77 -0.35
C ASP A 202 -59.79 21.36 -0.18
N GLN A 203 -59.56 22.47 -0.89
CA GLN A 203 -58.25 23.09 -0.93
C GLN A 203 -57.93 23.86 0.34
N ALA A 204 -58.97 24.33 1.05
CA ALA A 204 -58.75 25.06 2.28
C ALA A 204 -58.07 24.19 3.33
N GLU A 205 -58.31 22.88 3.29
CA GLU A 205 -57.61 21.97 4.18
C GLU A 205 -56.10 21.98 3.91
N ILE A 206 -55.72 21.92 2.64
CA ILE A 206 -54.30 21.97 2.29
C ILE A 206 -53.69 23.29 2.72
N SER A 207 -54.36 24.40 2.44
CA SER A 207 -53.82 25.70 2.82
C SER A 207 -53.63 25.79 4.34
N ALA A 208 -54.66 25.40 5.09
CA ALA A 208 -54.59 25.50 6.55
C ALA A 208 -53.49 24.62 7.10
N HIS A 209 -53.36 23.40 6.60
CA HIS A 209 -52.34 22.51 7.16
C HIS A 209 -50.94 22.93 6.74
N LEU A 210 -50.77 23.44 5.53
CA LEU A 210 -49.46 23.93 5.12
C LEU A 210 -49.04 25.11 5.98
N ASP A 211 -49.96 26.03 6.25
CA ASP A 211 -49.61 27.17 7.11
C ASP A 211 -49.35 26.71 8.53
N LEU A 212 -50.14 25.75 9.02
CA LEU A 212 -49.91 25.22 10.36
C LEU A 212 -48.52 24.61 10.48
N TRP A 213 -48.11 23.83 9.47
CA TRP A 213 -46.77 23.29 9.48
C TRP A 213 -45.73 24.39 9.44
N ASN A 214 -45.84 25.30 8.46
CA ASN A 214 -44.83 26.32 8.26
C ASN A 214 -44.67 27.20 9.49
N THR A 215 -45.69 27.24 10.35
CA THR A 215 -45.60 28.13 11.50
C THR A 215 -45.30 27.39 12.80
N GLN A 216 -45.65 26.10 12.89
CA GLN A 216 -45.55 25.41 14.17
C GLN A 216 -44.78 24.09 14.14
N GLY A 217 -44.49 23.54 12.97
CA GLY A 217 -43.68 22.34 12.89
C GLY A 217 -44.47 21.06 12.72
N TYR A 218 -43.71 19.99 12.51
CA TYR A 218 -44.26 18.68 12.20
C TYR A 218 -45.09 18.14 13.35
N ASP A 219 -44.65 18.37 14.58
CA ASP A 219 -45.38 17.82 15.73
C ASP A 219 -46.77 18.43 15.85
N ALA A 220 -46.87 19.76 15.69
CA ALA A 220 -48.17 20.40 15.68
C ALA A 220 -49.00 19.97 14.48
N GLU A 221 -48.37 19.81 13.33
CA GLU A 221 -49.08 19.34 12.14
C GLU A 221 -49.73 17.99 12.40
N ILE A 222 -48.99 17.08 13.04
CA ILE A 222 -49.54 15.76 13.34
C ILE A 222 -50.61 15.85 14.41
N ASP A 223 -50.40 16.68 15.42
CA ASP A 223 -51.37 16.80 16.50
C ASP A 223 -52.71 17.30 15.98
N SER A 224 -52.68 18.16 14.96
CA SER A 224 -53.94 18.66 14.40
C SER A 224 -54.77 17.53 13.82
N TYR A 225 -54.15 16.41 13.48
CA TYR A 225 -54.89 15.27 12.95
C TYR A 225 -55.43 14.39 14.06
N VAL A 226 -54.57 14.03 15.02
CA VAL A 226 -54.95 13.03 16.01
C VAL A 226 -55.82 13.65 17.09
N GLU A 227 -55.50 14.86 17.52
CA GLU A 227 -56.31 15.51 18.55
C GLU A 227 -57.57 16.15 17.97
N SER A 228 -57.76 16.06 16.66
CA SER A 228 -58.94 16.65 16.05
C SER A 228 -60.20 15.94 16.53
N GLU A 229 -61.31 16.67 16.51
CA GLU A 229 -62.57 16.08 16.94
C GLU A 229 -62.99 14.94 16.02
N GLU A 230 -62.57 14.99 14.76
CA GLU A 230 -62.99 13.97 13.80
C GLU A 230 -62.39 12.61 14.14
N TYR A 231 -61.10 12.56 14.45
CA TYR A 231 -60.49 11.30 14.87
C TYR A 231 -61.15 10.79 16.15
N LEU A 232 -61.38 11.68 17.10
CA LEU A 232 -61.90 11.26 18.40
C LEU A 232 -63.32 10.72 18.27
N GLU A 233 -64.14 11.32 17.41
CA GLU A 233 -65.50 10.82 17.23
C GLU A 233 -65.52 9.54 16.42
N ASN A 234 -64.69 9.45 15.38
CA ASN A 234 -64.72 8.28 14.52
C ASN A 234 -64.02 7.09 15.16
N PHE A 235 -62.78 7.28 15.61
CA PHE A 235 -61.97 6.19 16.13
C PHE A 235 -61.81 6.24 17.65
N GLY A 236 -61.75 7.43 18.23
CA GLY A 236 -61.61 7.53 19.66
C GLY A 236 -60.27 7.04 20.15
N GLU A 237 -60.21 6.77 21.45
CA GLU A 237 -58.93 6.46 22.08
C GLU A 237 -58.43 5.07 21.71
N ASP A 238 -59.34 4.14 21.42
CA ASP A 238 -59.00 2.73 21.46
C ASP A 238 -59.30 1.95 20.19
N VAL A 239 -59.60 2.62 19.08
CA VAL A 239 -59.89 1.95 17.81
C VAL A 239 -58.77 2.27 16.83
N ILE A 240 -58.31 1.25 16.11
CA ILE A 240 -57.29 1.47 15.09
C ILE A 240 -57.92 2.20 13.91
N PRO A 241 -57.25 3.20 13.33
CA PRO A 241 -57.82 3.88 12.17
C PRO A 241 -58.02 2.93 11.00
N TYR A 242 -59.03 3.23 10.19
CA TYR A 242 -59.38 2.42 9.03
C TYR A 242 -59.94 3.33 7.96
N PHE A 243 -59.98 2.81 6.73
CA PHE A 243 -60.49 3.56 5.59
C PHE A 243 -62.01 3.65 5.71
N ARG A 244 -62.49 4.74 6.30
CA ARG A 244 -63.93 4.96 6.47
C ARG A 244 -64.52 5.80 5.36
N GLY A 245 -63.71 6.26 4.41
CA GLY A 245 -64.21 7.15 3.38
C GLY A 245 -64.96 6.41 2.28
N PHE A 246 -64.91 5.08 2.30
CA PHE A 246 -65.60 4.32 1.27
C PHE A 246 -67.11 4.32 1.49
N LYS A 247 -67.54 4.43 2.75
CA LYS A 247 -68.94 4.63 3.06
C LYS A 247 -69.18 6.08 3.44
N TYR A 248 -70.28 6.64 2.93
CA TYR A 248 -70.53 8.07 3.06
C TYR A 248 -70.36 8.53 4.50
N GLN A 249 -69.41 9.43 4.72
CA GLN A 249 -69.14 10.02 6.02
C GLN A 249 -69.76 11.41 6.07
N THR A 250 -70.49 11.68 7.14
CA THR A 250 -71.30 12.89 7.23
C THR A 250 -70.45 14.14 7.02
N GLY A 251 -70.90 14.99 6.11
CA GLY A 251 -70.22 16.23 5.81
C GLY A 251 -69.26 16.20 4.65
N GLN A 252 -68.98 15.04 4.07
CA GLN A 252 -68.00 14.97 3.01
C GLN A 252 -68.53 15.63 1.75
N SER A 253 -67.60 16.11 0.93
CA SER A 253 -67.98 16.55 -0.40
C SER A 253 -68.20 15.34 -1.29
N ALA A 254 -68.79 15.59 -2.46
CA ALA A 254 -68.95 14.52 -3.43
C ALA A 254 -67.62 13.92 -3.82
N GLN A 255 -66.58 14.75 -3.84
CA GLN A 255 -65.29 14.34 -4.38
C GLN A 255 -64.52 13.43 -3.45
N GLY A 256 -64.73 13.53 -2.13
CA GLY A 256 -63.94 12.77 -1.18
C GLY A 256 -63.87 11.29 -1.52
N PHE A 257 -64.97 10.74 -2.04
CA PHE A 257 -64.98 9.34 -2.47
C PHE A 257 -64.01 9.11 -3.62
N ASN A 258 -64.09 9.93 -4.66
CA ASN A 258 -63.21 9.78 -5.81
C ASN A 258 -61.75 9.97 -5.42
N ARG A 259 -61.50 10.93 -4.54
CA ARG A 259 -60.13 11.19 -4.10
C ARG A 259 -59.58 10.02 -3.28
N LEU A 260 -60.41 9.40 -2.44
CA LEU A 260 -59.95 8.23 -1.71
C LEU A 260 -59.71 7.06 -2.66
N LEU A 261 -60.52 6.94 -3.72
CA LEU A 261 -60.24 5.93 -4.73
C LEU A 261 -58.91 6.18 -5.42
N ASP A 262 -58.61 7.45 -5.71
CA ASP A 262 -57.34 7.80 -6.35
C ASP A 262 -56.18 7.48 -5.42
N LEU A 263 -56.36 7.69 -4.12
CA LEU A 263 -55.29 7.43 -3.16
C LEU A 263 -55.10 5.94 -2.90
N TYR A 264 -56.18 5.15 -2.98
CA TYR A 264 -56.15 3.79 -2.45
C TYR A 264 -55.12 2.92 -3.17
N GLY A 265 -55.31 2.67 -4.46
CA GLY A 265 -54.33 1.89 -5.20
C GLY A 265 -54.37 0.41 -4.90
N GLY A 266 -55.45 -0.07 -4.31
CA GLY A 266 -55.65 -1.50 -4.13
C GLY A 266 -55.17 -2.00 -2.78
N TRP A 267 -55.50 -3.27 -2.51
CA TRP A 267 -55.10 -3.90 -1.26
C TRP A 267 -53.62 -4.23 -1.28
N ALA A 268 -53.07 -4.54 -2.46
CA ALA A 268 -51.64 -4.82 -2.56
C ALA A 268 -50.82 -3.54 -2.52
N GLY A 269 -51.32 -2.46 -3.12
CA GLY A 269 -50.53 -1.27 -3.26
C GLY A 269 -50.23 -0.63 -1.91
N SER A 270 -49.42 0.42 -1.93
CA SER A 270 -48.92 1.05 -0.72
C SER A 270 -48.48 2.47 -1.01
N ASP A 271 -48.18 3.20 0.07
CA ASP A 271 -47.61 4.54 -0.01
C ASP A 271 -46.09 4.41 0.15
N THR A 272 -45.46 3.82 -0.88
CA THR A 272 -44.13 3.27 -0.70
C THR A 272 -43.08 4.37 -0.55
N ASP A 273 -42.90 5.18 -1.60
CA ASP A 273 -41.87 6.19 -1.90
C ASP A 273 -40.62 5.57 -2.52
N ARG A 274 -40.55 4.25 -2.63
CA ARG A 274 -39.47 3.58 -3.33
C ARG A 274 -39.75 3.44 -4.83
N ASN A 275 -40.77 4.13 -5.33
CA ASN A 275 -41.13 4.01 -6.74
C ASN A 275 -40.10 4.72 -7.61
N GLN A 276 -40.19 4.47 -8.91
CA GLN A 276 -39.36 5.22 -9.86
C GLN A 276 -39.74 6.69 -9.87
N SER A 277 -40.97 7.02 -9.46
CA SER A 277 -41.42 8.41 -9.49
C SER A 277 -40.94 9.16 -8.26
N GLY A 278 -41.12 8.58 -7.07
CA GLY A 278 -40.69 9.23 -5.86
C GLY A 278 -41.79 9.87 -5.04
N GLN A 279 -42.94 9.19 -4.92
CA GLN A 279 -44.06 9.68 -4.12
C GLN A 279 -44.49 11.08 -4.54
N VAL A 280 -44.99 11.20 -5.76
CA VAL A 280 -45.59 12.45 -6.21
C VAL A 280 -46.99 12.58 -5.61
N ALA A 281 -47.54 13.78 -5.68
CA ALA A 281 -48.88 14.03 -5.16
C ALA A 281 -49.93 13.67 -6.21
N ARG A 282 -51.02 13.05 -5.76
CA ARG A 282 -52.00 12.53 -6.71
C ARG A 282 -53.13 13.53 -6.94
N LEU A 283 -53.54 14.25 -5.90
CA LEU A 283 -54.76 15.06 -5.93
C LEU A 283 -54.48 16.55 -6.10
N THR A 284 -53.38 16.92 -6.77
CA THR A 284 -53.04 18.34 -6.88
C THR A 284 -54.11 19.11 -7.65
N ASN A 285 -54.61 18.55 -8.74
CA ASN A 285 -55.56 19.29 -9.59
C ASN A 285 -56.99 18.88 -9.30
N SER A 286 -57.20 17.72 -8.68
CA SER A 286 -58.55 17.30 -8.34
C SER A 286 -59.08 18.09 -7.15
N LEU A 287 -58.23 18.86 -6.48
CA LEU A 287 -58.65 19.59 -5.30
C LEU A 287 -58.99 21.04 -5.62
N VAL A 288 -58.23 21.67 -6.52
CA VAL A 288 -58.46 23.07 -6.82
C VAL A 288 -59.27 23.23 -8.12
N ARG A 289 -59.13 22.28 -9.03
CA ARG A 289 -60.06 22.08 -10.14
C ARG A 289 -60.80 20.78 -9.95
N PRO A 290 -61.76 20.74 -9.01
CA PRO A 290 -62.43 19.48 -8.69
C PRO A 290 -63.15 18.85 -9.86
N GLY A 291 -63.77 19.67 -10.71
CA GLY A 291 -64.54 19.13 -11.81
C GLY A 291 -63.78 19.11 -13.13
N GLN A 292 -63.22 20.26 -13.51
CA GLN A 292 -62.72 20.41 -14.87
C GLN A 292 -61.37 19.71 -15.04
N VAL A 293 -60.87 19.74 -16.27
CA VAL A 293 -59.56 19.22 -16.64
C VAL A 293 -58.90 20.23 -17.56
N VAL A 294 -57.59 20.42 -17.41
CA VAL A 294 -56.85 21.43 -18.16
C VAL A 294 -55.56 20.80 -18.69
N GLU A 295 -55.16 21.20 -19.90
CA GLU A 295 -53.96 20.72 -20.54
C GLU A 295 -53.01 21.89 -20.79
N PRO A 296 -51.69 21.68 -20.71
CA PRO A 296 -50.75 22.81 -20.73
C PRO A 296 -50.36 23.19 -22.14
N PRO A 297 -50.59 24.45 -22.53
CA PRO A 297 -49.99 24.97 -23.77
C PRO A 297 -48.61 25.53 -23.52
N VAL A 298 -47.59 24.66 -23.49
CA VAL A 298 -46.26 25.07 -23.03
C VAL A 298 -45.71 26.22 -23.88
N ALA A 299 -45.75 26.09 -25.20
CA ALA A 299 -45.31 27.15 -26.12
C ALA A 299 -45.89 26.90 -27.51
N PRO A 300 -47.16 27.21 -27.71
CA PRO A 300 -47.76 27.03 -29.05
C PRO A 300 -47.06 27.84 -30.13
N PRO A 301 -46.81 29.14 -29.95
CA PRO A 301 -46.30 29.93 -31.07
C PRO A 301 -44.85 29.61 -31.40
N LEU A 302 -44.39 30.17 -32.52
CA LEU A 302 -43.03 29.90 -32.99
C LEU A 302 -41.98 30.43 -32.03
N GLU A 303 -42.37 31.35 -31.15
CA GLU A 303 -41.43 31.82 -30.14
C GLU A 303 -41.13 30.70 -29.15
N PHE A 304 -39.87 30.64 -28.71
CA PHE A 304 -39.42 29.62 -27.77
C PHE A 304 -38.90 30.21 -26.47
N THR A 305 -39.35 31.41 -26.10
CA THR A 305 -38.67 32.13 -25.03
C THR A 305 -38.62 31.31 -23.74
N ARG A 306 -39.62 30.45 -23.51
CA ARG A 306 -39.57 29.63 -22.31
C ARG A 306 -38.56 28.51 -22.46
N GLU A 307 -38.48 27.90 -23.63
CA GLU A 307 -37.53 26.81 -23.83
C GLU A 307 -36.11 27.33 -23.79
N ALA A 308 -35.84 28.46 -24.44
CA ALA A 308 -34.50 29.04 -24.37
C ALA A 308 -34.19 29.51 -22.96
N GLU A 309 -35.16 30.07 -22.26
CA GLU A 309 -34.94 30.51 -20.89
C GLU A 309 -34.56 29.33 -20.00
N ARG A 310 -35.29 28.23 -20.11
CA ARG A 310 -35.02 27.10 -19.24
C ARG A 310 -33.74 26.38 -19.64
N ALA A 311 -33.41 26.38 -20.94
CA ALA A 311 -32.12 25.86 -21.35
C ALA A 311 -30.98 26.68 -20.77
N ALA A 312 -31.09 28.00 -20.84
CA ALA A 312 -30.04 28.86 -20.30
C ALA A 312 -29.94 28.75 -18.79
N TRP A 313 -31.05 28.40 -18.13
CA TRP A 313 -30.97 28.20 -16.69
C TRP A 313 -30.29 26.87 -16.35
N LEU A 314 -30.65 25.81 -17.06
CA LEU A 314 -30.08 24.51 -16.73
C LEU A 314 -28.64 24.37 -17.23
N ALA A 315 -28.21 25.26 -18.12
CA ALA A 315 -26.83 25.18 -18.61
C ALA A 315 -25.85 25.75 -17.60
N GLY A 316 -26.34 26.38 -16.54
CA GLY A 316 -25.44 26.87 -15.51
C GLY A 316 -24.74 25.75 -14.77
N ALA A 317 -25.46 24.68 -14.48
CA ALA A 317 -24.86 23.56 -13.75
C ALA A 317 -24.14 22.61 -14.69
N LEU A 318 -24.23 22.85 -16.00
CA LEU A 318 -23.51 22.01 -16.94
C LEU A 318 -22.13 22.58 -17.22
N THR A 319 -21.92 23.84 -16.91
CA THR A 319 -20.63 24.49 -17.08
C THR A 319 -19.98 24.87 -15.77
N LEU A 320 -20.29 24.16 -14.70
CA LEU A 320 -19.62 24.39 -13.43
C LEU A 320 -18.16 23.99 -13.57
N PRO A 321 -17.25 24.66 -12.87
CA PRO A 321 -15.85 24.23 -12.88
C PRO A 321 -15.73 22.82 -12.34
N SER A 322 -14.84 22.04 -12.94
CA SER A 322 -14.66 20.66 -12.55
C SER A 322 -13.80 20.58 -11.28
N SER A 323 -13.38 19.36 -10.95
CA SER A 323 -12.56 19.15 -9.76
C SER A 323 -11.31 20.02 -9.83
N LEU A 324 -10.46 19.78 -10.83
CA LEU A 324 -9.29 20.61 -11.07
C LEU A 324 -8.69 20.24 -12.41
N GLY A 325 -8.18 21.24 -13.13
CA GLY A 325 -7.52 21.00 -14.39
C GLY A 325 -6.34 21.91 -14.62
N HIS A 326 -5.84 22.54 -13.55
CA HIS A 326 -4.72 23.46 -13.68
C HIS A 326 -3.49 22.75 -14.24
N THR A 327 -3.15 21.59 -13.69
CA THR A 327 -2.11 20.75 -14.28
C THR A 327 -2.65 19.85 -15.38
N GLU A 328 -3.82 20.17 -15.94
CA GLU A 328 -4.50 19.29 -16.87
C GLU A 328 -4.93 19.97 -18.16
N THR A 329 -5.14 21.29 -18.16
CA THR A 329 -5.37 21.98 -19.42
C THR A 329 -4.15 21.93 -20.32
N HIS A 330 -2.97 21.69 -19.75
CA HIS A 330 -1.77 21.36 -20.51
C HIS A 330 -1.22 20.05 -19.94
N GLY A 331 -1.50 18.94 -20.63
CA GLY A 331 -0.77 17.72 -20.37
C GLY A 331 0.57 17.65 -21.07
N GLN A 332 0.80 18.56 -22.04
CA GLN A 332 2.09 18.64 -22.69
C GLN A 332 3.17 19.13 -21.73
N GLU A 333 2.79 19.89 -20.70
CA GLU A 333 3.75 20.30 -19.68
C GLU A 333 4.28 19.09 -18.92
N ARG A 334 3.46 18.05 -18.75
CA ARG A 334 3.96 16.82 -18.15
C ARG A 334 4.85 16.07 -19.14
N ILE A 335 4.51 16.14 -20.43
CA ILE A 335 5.34 15.52 -21.46
C ILE A 335 6.55 16.39 -21.74
N ARG A 336 6.52 17.65 -21.32
CA ARG A 336 7.65 18.57 -21.45
C ARG A 336 8.00 18.77 -22.92
N ALA A 337 7.00 18.67 -23.78
CA ALA A 337 7.15 18.82 -25.23
C ALA A 337 6.32 19.96 -25.76
N VAL A 338 6.04 20.97 -24.93
CA VAL A 338 5.24 22.09 -25.37
C VAL A 338 5.93 22.83 -26.51
N GLY A 339 7.23 23.12 -26.34
CA GLY A 339 7.95 23.83 -27.38
C GLY A 339 8.08 23.03 -28.66
N ALA A 340 8.29 21.72 -28.54
CA ALA A 340 8.43 20.88 -29.72
C ALA A 340 7.14 20.87 -30.54
N LEU A 341 5.99 20.79 -29.87
CA LEU A 341 4.72 20.75 -30.60
C LEU A 341 4.32 22.12 -31.12
N GLU A 342 4.61 23.18 -30.36
CA GLU A 342 4.28 24.52 -30.83
C GLU A 342 5.27 25.06 -31.85
N ALA A 343 6.22 24.25 -32.29
CA ALA A 343 7.14 24.65 -33.34
C ALA A 343 6.55 24.29 -34.70
N ALA A 344 6.26 25.30 -35.51
CA ALA A 344 5.55 25.08 -36.75
C ALA A 344 6.48 24.48 -37.82
N GLN A 345 5.87 24.10 -38.94
CA GLN A 345 6.63 23.57 -40.06
C GLN A 345 7.49 24.66 -40.69
N VAL A 346 8.70 24.28 -41.12
CA VAL A 346 9.64 25.21 -41.74
C VAL A 346 9.90 24.70 -43.15
N THR A 347 9.10 25.17 -44.11
CA THR A 347 9.22 24.81 -45.50
C THR A 347 10.15 25.80 -46.22
N LEU A 348 10.58 25.42 -47.42
CA LEU A 348 11.42 26.29 -48.28
C LEU A 348 10.85 26.26 -49.70
N ARG A 349 9.91 27.15 -49.98
CA ARG A 349 9.45 27.32 -51.35
C ARG A 349 10.61 27.78 -52.22
N ALA A 350 10.83 27.07 -53.32
CA ALA A 350 12.07 27.26 -54.10
C ALA A 350 12.34 28.72 -54.47
N PRO A 351 11.34 29.54 -54.86
CA PRO A 351 11.64 30.96 -55.11
C PRO A 351 11.88 31.80 -53.86
N PHE A 352 12.07 31.15 -52.71
CA PHE A 352 12.29 31.85 -51.44
C PHE A 352 13.40 32.89 -51.55
N THR A 353 13.34 33.88 -50.66
CA THR A 353 14.32 34.96 -50.66
C THR A 353 15.39 34.73 -49.60
N GLU A 354 16.28 35.71 -49.45
CA GLU A 354 17.46 35.54 -48.60
C GLU A 354 17.07 35.24 -47.16
N GLU A 355 16.17 36.03 -46.59
CA GLU A 355 15.76 35.82 -45.22
C GLU A 355 14.97 34.51 -45.12
N GLN A 356 15.04 33.88 -43.95
CA GLN A 356 14.49 32.58 -43.52
C GLN A 356 15.21 31.41 -44.19
N PHE A 357 16.13 31.66 -45.13
CA PHE A 357 17.11 30.63 -45.45
C PHE A 357 17.99 30.39 -44.24
N GLN A 358 18.40 31.47 -43.56
CA GLN A 358 19.06 31.32 -42.28
C GLN A 358 18.12 30.72 -41.24
N GLY A 359 16.84 31.04 -41.32
CA GLY A 359 15.87 30.43 -40.41
C GLY A 359 15.76 28.93 -40.62
N ALA A 360 15.65 28.51 -41.89
CA ALA A 360 15.62 27.08 -42.18
C ALA A 360 16.91 26.40 -41.77
N LEU A 361 18.06 27.08 -41.96
CA LEU A 361 19.31 26.50 -41.51
C LEU A 361 19.33 26.33 -40.00
N TYR A 362 18.84 27.34 -39.27
CA TYR A 362 18.84 27.20 -37.82
C TYR A 362 17.97 26.04 -37.39
N ALA A 363 16.79 25.92 -38.01
CA ALA A 363 15.91 24.79 -37.70
C ALA A 363 16.59 23.46 -38.01
N ILE A 364 17.27 23.37 -39.14
CA ILE A 364 17.91 22.11 -39.54
C ILE A 364 19.03 21.76 -38.59
N TYR A 365 19.91 22.71 -38.29
CA TYR A 365 21.03 22.39 -37.42
C TYR A 365 20.57 22.17 -35.98
N LYS A 366 19.39 22.67 -35.62
CA LYS A 366 18.84 22.37 -34.31
C LYS A 366 18.20 20.99 -34.29
N GLN A 367 17.64 20.56 -35.41
CA GLN A 367 16.95 19.27 -35.46
C GLN A 367 17.92 18.12 -35.67
N VAL A 368 18.66 18.15 -36.78
CA VAL A 368 19.50 17.02 -37.18
C VAL A 368 20.56 16.73 -36.12
N PHE A 369 21.18 17.79 -35.60
CA PHE A 369 22.27 17.58 -34.65
C PHE A 369 21.76 17.56 -33.21
N GLY A 370 20.48 17.82 -33.01
CA GLY A 370 19.97 17.99 -31.67
C GLY A 370 20.23 19.41 -31.23
N ASN A 371 20.04 19.71 -29.95
CA ASN A 371 20.38 21.04 -29.46
C ASN A 371 21.88 21.21 -29.24
N THR A 372 22.68 20.21 -29.59
CA THR A 372 24.13 20.36 -29.55
C THR A 372 24.56 21.51 -30.44
N TYR A 373 25.50 22.30 -29.95
CA TYR A 373 26.00 23.44 -30.69
C TYR A 373 26.84 22.97 -31.88
N VAL A 374 26.73 23.68 -32.99
CA VAL A 374 27.47 23.37 -34.20
C VAL A 374 28.17 24.65 -34.66
N MET A 375 29.47 24.73 -34.42
CA MET A 375 30.24 25.91 -34.74
C MET A 375 30.40 26.02 -36.25
N GLU A 376 30.27 27.24 -36.78
CA GLU A 376 30.31 27.42 -38.23
C GLU A 376 31.68 27.09 -38.82
N SER A 377 32.61 26.62 -38.00
CA SER A 377 33.74 25.86 -38.53
C SER A 377 33.29 24.52 -39.10
N GLU A 378 32.05 24.11 -38.82
CA GLU A 378 31.52 22.82 -39.23
C GLU A 378 30.43 22.91 -40.29
N ARG A 379 29.82 24.07 -40.49
CA ARG A 379 28.77 24.19 -41.49
C ARG A 379 29.33 23.86 -42.88
N PRO A 380 28.78 22.88 -43.59
CA PRO A 380 29.21 22.67 -44.97
C PRO A 380 28.67 23.80 -45.84
N THR A 381 29.57 24.70 -46.23
CA THR A 381 29.15 25.89 -46.96
C THR A 381 28.76 25.56 -48.40
N THR A 382 29.44 24.59 -49.02
CA THR A 382 29.07 24.19 -50.36
C THR A 382 27.68 23.58 -50.40
N ALA A 383 27.31 22.80 -49.38
CA ALA A 383 25.97 22.22 -49.33
C ALA A 383 24.91 23.31 -49.20
N GLU A 384 25.15 24.31 -48.34
CA GLU A 384 24.21 25.39 -48.19
C GLU A 384 24.08 26.19 -49.48
N SER A 385 25.21 26.42 -50.16
CA SER A 385 25.15 27.13 -51.44
C SER A 385 24.36 26.34 -52.47
N GLN A 386 24.56 25.02 -52.52
CA GLN A 386 23.79 24.19 -53.44
C GLN A 386 22.31 24.22 -53.11
N LEU A 387 21.97 24.17 -51.83
CA LEU A 387 20.57 24.29 -51.41
C LEU A 387 19.98 25.66 -51.72
N LYS A 388 20.82 26.70 -51.80
CA LYS A 388 20.31 28.04 -52.01
C LYS A 388 19.54 28.17 -53.33
N ASP A 389 20.10 27.66 -54.42
CA ASP A 389 19.42 27.75 -55.70
C ASP A 389 18.52 26.56 -55.99
N GLY A 390 18.40 25.62 -55.05
CA GLY A 390 17.58 24.46 -55.28
C GLY A 390 18.24 23.35 -56.06
N ARG A 391 19.56 23.38 -56.22
CA ARG A 391 20.26 22.26 -56.83
C ARG A 391 20.04 20.98 -56.01
N ILE A 392 19.81 21.15 -54.71
CA ILE A 392 19.35 20.06 -53.86
C ILE A 392 18.17 20.57 -53.05
N THR A 393 17.33 19.65 -52.62
CA THR A 393 16.19 19.99 -51.79
C THR A 393 16.61 20.04 -50.34
N VAL A 394 15.67 20.22 -49.43
CA VAL A 394 15.99 20.11 -48.02
C VAL A 394 16.26 18.66 -47.64
N ARG A 395 15.67 17.73 -48.40
CA ARG A 395 15.93 16.33 -48.14
C ARG A 395 17.36 15.95 -48.51
N GLY A 396 17.83 16.40 -49.67
CA GLY A 396 19.23 16.15 -50.03
C GLY A 396 20.20 16.83 -49.10
N PHE A 397 19.88 18.04 -48.66
CA PHE A 397 20.73 18.75 -47.72
C PHE A 397 20.81 18.01 -46.38
N ILE A 398 19.68 17.48 -45.92
CA ILE A 398 19.68 16.72 -44.67
C ILE A 398 20.42 15.40 -44.86
N ARG A 399 20.34 14.82 -46.05
CA ARG A 399 21.16 13.66 -46.36
C ARG A 399 22.64 13.98 -46.20
N LEU A 400 23.07 15.12 -46.75
CA LEU A 400 24.46 15.53 -46.61
C LEU A 400 24.84 15.71 -45.15
N LEU A 401 24.07 16.50 -44.41
CA LEU A 401 24.37 16.72 -43.00
C LEU A 401 24.40 15.42 -42.20
N ALA A 402 23.55 14.47 -42.55
CA ALA A 402 23.66 13.15 -41.94
C ALA A 402 25.00 12.51 -42.27
N LYS A 403 25.46 12.66 -43.51
CA LYS A 403 26.69 12.03 -43.94
C LYS A 403 27.92 12.90 -43.76
N THR A 404 27.84 13.99 -43.00
CA THR A 404 29.05 14.73 -42.66
C THR A 404 29.77 14.05 -41.50
N GLU A 405 30.98 14.53 -41.23
CA GLU A 405 31.78 13.99 -40.13
C GLU A 405 31.39 14.57 -38.78
N ALA A 406 30.65 15.68 -38.75
CA ALA A 406 30.19 16.21 -37.48
C ALA A 406 29.06 15.36 -36.90
N TYR A 407 28.11 14.97 -37.75
CA TYR A 407 27.02 14.10 -37.31
C TYR A 407 27.57 12.77 -36.82
N LYS A 408 28.47 12.16 -37.60
CA LYS A 408 29.13 10.95 -37.17
C LYS A 408 29.86 11.16 -35.85
N SER A 409 30.64 12.24 -35.75
CA SER A 409 31.42 12.49 -34.55
C SER A 409 30.53 12.57 -33.33
N ARG A 410 29.37 13.21 -33.46
CA ARG A 410 28.50 13.38 -32.30
C ARG A 410 27.76 12.09 -31.96
N PHE A 411 27.39 11.28 -32.95
CA PHE A 411 26.43 10.22 -32.71
C PHE A 411 26.96 8.80 -32.92
N LEU A 412 27.79 8.56 -33.92
CA LEU A 412 28.24 7.21 -34.28
C LEU A 412 29.42 6.73 -33.45
N TYR A 413 30.51 7.50 -33.43
CA TYR A 413 31.78 7.02 -32.90
C TYR A 413 31.71 6.76 -31.41
N THR A 414 31.03 7.62 -30.66
CA THR A 414 31.06 7.51 -29.21
C THR A 414 29.98 6.58 -28.67
N THR A 415 29.06 6.13 -29.51
CA THR A 415 27.92 5.33 -29.06
C THR A 415 27.92 3.96 -29.72
N SER A 416 27.23 3.03 -29.07
CA SER A 416 26.98 1.72 -29.64
C SER A 416 26.06 1.87 -30.84
N GLN A 417 25.78 0.77 -31.54
CA GLN A 417 24.88 0.85 -32.68
C GLN A 417 23.43 1.03 -32.27
N ASN A 418 23.04 0.53 -31.10
CA ASN A 418 21.67 0.71 -30.62
C ASN A 418 21.35 2.19 -30.48
N ARG A 419 22.18 2.92 -29.74
CA ARG A 419 21.96 4.34 -29.54
C ARG A 419 22.00 5.08 -30.87
N PHE A 420 22.84 4.62 -31.78
CA PHE A 420 22.90 5.23 -33.10
C PHE A 420 21.59 5.06 -33.85
N ILE A 421 20.99 3.88 -33.79
CA ILE A 421 19.71 3.66 -34.46
C ILE A 421 18.62 4.52 -33.84
N GLU A 422 18.57 4.55 -32.50
CA GLU A 422 17.58 5.39 -31.83
C GLU A 422 17.74 6.85 -32.22
N LEU A 423 18.99 7.33 -32.28
CA LEU A 423 19.22 8.73 -32.59
C LEU A 423 18.89 9.04 -34.04
N ASN A 424 19.23 8.14 -34.96
CA ASN A 424 18.82 8.33 -36.34
C ASN A 424 17.32 8.47 -36.44
N HIS A 425 16.58 7.58 -35.78
CA HIS A 425 15.13 7.68 -35.80
C HIS A 425 14.67 9.03 -35.24
N LYS A 426 15.16 9.38 -34.06
CA LYS A 426 14.67 10.56 -33.36
C LYS A 426 15.00 11.86 -34.09
N LEU A 427 16.11 11.89 -34.82
CA LEU A 427 16.54 13.12 -35.49
C LEU A 427 16.08 13.21 -36.94
N LEU A 428 16.30 12.17 -37.74
CA LEU A 428 15.92 12.25 -39.14
C LEU A 428 14.47 11.83 -39.38
N LEU A 429 13.77 11.36 -38.36
CA LEU A 429 12.38 10.97 -38.49
C LEU A 429 11.46 11.61 -37.48
N GLY A 430 11.91 11.83 -36.26
CA GLY A 430 11.11 12.47 -35.25
C GLY A 430 10.47 11.52 -34.26
N ARG A 431 10.59 10.22 -34.47
CA ARG A 431 9.91 9.24 -33.65
C ARG A 431 10.92 8.25 -33.07
N ALA A 432 10.59 7.73 -31.90
CA ALA A 432 11.35 6.62 -31.38
C ALA A 432 11.04 5.36 -32.17
N PRO A 433 11.98 4.43 -32.26
CA PRO A 433 11.68 3.14 -32.89
C PRO A 433 10.63 2.38 -32.12
N TYR A 434 9.81 1.62 -32.86
CA TYR A 434 8.65 0.97 -32.28
C TYR A 434 8.96 -0.41 -31.73
N ASP A 435 9.82 -1.17 -32.41
CA ASP A 435 10.05 -2.57 -32.06
C ASP A 435 11.45 -2.97 -32.47
N GLN A 436 11.92 -4.09 -31.90
CA GLN A 436 13.26 -4.57 -32.17
C GLN A 436 13.49 -4.94 -33.63
N ALA A 437 12.42 -5.14 -34.40
CA ALA A 437 12.60 -5.45 -35.81
C ALA A 437 13.29 -4.29 -36.54
N GLU A 438 12.92 -3.06 -36.20
CA GLU A 438 13.59 -1.90 -36.78
C GLU A 438 15.07 -1.88 -36.43
N ILE A 439 15.39 -2.12 -35.17
CA ILE A 439 16.78 -2.09 -34.73
C ILE A 439 17.59 -3.17 -35.43
N ILE A 440 17.05 -4.38 -35.49
CA ILE A 440 17.76 -5.48 -36.16
C ILE A 440 17.97 -5.15 -37.63
N ARG A 441 16.92 -4.67 -38.29
CA ARG A 441 17.02 -4.37 -39.71
C ARG A 441 18.09 -3.32 -39.97
N HIS A 442 18.08 -2.24 -39.19
CA HIS A 442 19.03 -1.17 -39.43
C HIS A 442 20.45 -1.58 -39.07
N LEU A 443 20.62 -2.35 -38.00
CA LEU A 443 21.95 -2.81 -37.61
C LEU A 443 22.55 -3.70 -38.69
N ASP A 444 21.78 -4.69 -39.16
CA ASP A 444 22.30 -5.56 -40.21
C ASP A 444 22.54 -4.80 -41.50
N LEU A 445 21.65 -3.85 -41.83
CA LEU A 445 21.84 -3.06 -43.03
C LEU A 445 23.11 -2.24 -42.97
N TRP A 446 23.38 -1.61 -41.82
CA TRP A 446 24.62 -0.88 -41.65
C TRP A 446 25.80 -1.81 -41.79
N ASN A 447 25.81 -2.89 -41.00
CA ASN A 447 26.92 -3.83 -41.00
C ASN A 447 27.22 -4.35 -42.39
N SER A 448 26.21 -4.55 -43.22
CA SER A 448 26.44 -5.16 -44.52
C SER A 448 26.69 -4.16 -45.64
N GLN A 449 26.19 -2.92 -45.52
CA GLN A 449 26.22 -2.02 -46.65
C GLN A 449 26.80 -0.63 -46.36
N GLY A 450 27.25 -0.36 -45.13
CA GLY A 450 27.87 0.90 -44.84
C GLY A 450 26.91 1.93 -44.27
N TYR A 451 27.52 2.91 -43.59
CA TYR A 451 26.78 4.04 -43.05
C TYR A 451 25.99 4.77 -44.12
N ASP A 452 26.52 4.79 -45.35
CA ASP A 452 25.84 5.47 -46.45
C ASP A 452 24.47 4.86 -46.70
N ALA A 453 24.42 3.55 -46.90
CA ALA A 453 23.14 2.87 -47.11
C ALA A 453 22.29 2.92 -45.86
N GLU A 454 22.89 2.83 -44.69
CA GLU A 454 22.12 2.90 -43.46
C GLU A 454 21.35 4.20 -43.35
N ILE A 455 21.99 5.32 -43.69
CA ILE A 455 21.30 6.61 -43.68
C ILE A 455 20.30 6.73 -44.83
N ASP A 456 20.66 6.25 -46.02
CA ASP A 456 19.72 6.32 -47.13
C ASP A 456 18.44 5.56 -46.82
N SER A 457 18.53 4.53 -45.97
CA SER A 457 17.32 3.83 -45.56
C SER A 457 16.36 4.73 -44.81
N TYR A 458 16.89 5.73 -44.09
CA TYR A 458 16.02 6.71 -43.45
C TYR A 458 15.55 7.76 -44.43
N ILE A 459 16.49 8.42 -45.10
CA ILE A 459 16.18 9.63 -45.87
C ILE A 459 15.22 9.35 -47.01
N GLU A 460 15.47 8.30 -47.80
CA GLU A 460 14.59 7.98 -48.91
C GLU A 460 13.58 6.90 -48.57
N SER A 461 13.21 6.76 -47.30
CA SER A 461 12.11 5.88 -46.93
C SER A 461 10.79 6.56 -47.27
N GLU A 462 9.72 5.75 -47.29
CA GLU A 462 8.42 6.29 -47.61
C GLU A 462 7.83 7.10 -46.44
N GLU A 463 8.26 6.80 -45.22
CA GLU A 463 7.81 7.59 -44.07
C GLU A 463 8.31 9.02 -44.17
N TYR A 464 9.56 9.19 -44.59
CA TYR A 464 10.10 10.53 -44.82
C TYR A 464 9.39 11.22 -45.98
N GLN A 465 9.08 10.48 -47.05
CA GLN A 465 8.35 11.05 -48.17
C GLN A 465 6.98 11.54 -47.75
N GLU A 466 6.28 10.76 -46.94
CA GLU A 466 4.91 11.11 -46.57
C GLU A 466 4.89 12.24 -45.55
N PHE A 467 5.63 12.08 -44.44
CA PHE A 467 5.46 12.99 -43.32
C PHE A 467 6.09 14.35 -43.59
N PHE A 468 7.28 14.36 -44.18
CA PHE A 468 8.00 15.60 -44.50
C PHE A 468 8.10 15.84 -45.99
N GLY A 469 8.57 14.86 -46.74
CA GLY A 469 8.72 15.12 -48.15
C GLY A 469 10.02 15.85 -48.45
N GLU A 470 10.12 16.34 -49.68
CA GLU A 470 11.37 16.90 -50.17
C GLU A 470 11.74 18.20 -49.48
N GLU A 471 10.77 18.95 -48.97
CA GLU A 471 11.02 20.35 -48.67
C GLU A 471 10.47 20.78 -47.31
N VAL A 472 10.28 19.85 -46.39
CA VAL A 472 9.84 20.19 -45.03
C VAL A 472 10.88 19.71 -44.04
N VAL A 473 11.33 20.61 -43.18
CA VAL A 473 12.33 20.27 -42.17
C VAL A 473 11.71 19.30 -41.18
N PRO A 474 12.36 18.17 -40.89
CA PRO A 474 11.84 17.25 -39.89
C PRO A 474 11.56 17.92 -38.56
N PHE A 475 10.62 17.34 -37.83
CA PHE A 475 10.21 17.81 -36.52
C PHE A 475 9.82 16.60 -35.70
N PHE A 476 9.77 16.77 -34.38
CA PHE A 476 9.40 15.67 -33.50
C PHE A 476 7.88 15.51 -33.56
N ARG A 477 7.43 14.33 -33.97
CA ARG A 477 6.03 14.08 -34.21
C ARG A 477 5.48 12.90 -33.42
N GLY A 478 6.32 12.19 -32.68
CA GLY A 478 5.83 11.08 -31.89
C GLY A 478 5.04 11.48 -30.68
N PHE A 479 5.04 12.77 -30.32
CA PHE A 479 4.27 13.22 -29.18
C PHE A 479 2.77 13.14 -29.45
N LYS A 480 2.37 13.35 -30.71
CA LYS A 480 1.02 13.08 -31.14
C LYS A 480 0.90 11.63 -31.57
N TYR A 481 -0.33 11.12 -31.59
CA TYR A 481 -0.54 9.76 -32.05
C TYR A 481 -0.35 9.69 -33.57
N GLN A 482 0.73 9.07 -34.00
CA GLN A 482 1.00 8.85 -35.41
C GLN A 482 0.49 7.47 -35.80
N VAL A 483 -0.18 7.39 -36.96
CA VAL A 483 -0.90 6.20 -37.34
C VAL A 483 0.00 4.98 -37.32
N GLY A 484 -0.50 3.88 -36.79
CA GLY A 484 0.22 2.63 -36.76
C GLY A 484 1.46 2.61 -35.88
N GLN A 485 1.39 3.17 -34.68
CA GLN A 485 2.49 3.11 -33.75
C GLN A 485 2.13 2.19 -32.59
N ASN A 486 3.15 1.88 -31.78
CA ASN A 486 2.93 1.30 -30.48
C ASN A 486 2.73 2.42 -29.47
N PRO A 487 2.20 2.11 -28.28
CA PRO A 487 2.32 3.07 -27.18
C PRO A 487 3.75 3.24 -26.72
N LEU A 488 4.66 2.38 -27.15
CA LEU A 488 6.08 2.53 -26.88
C LEU A 488 6.73 3.61 -27.74
N GLY A 489 6.17 3.95 -28.89
CA GLY A 489 6.73 5.05 -29.68
C GLY A 489 6.63 6.37 -28.96
N PHE A 490 5.46 6.66 -28.40
CA PHE A 490 5.27 7.91 -27.66
C PHE A 490 6.12 7.91 -26.40
N ASN A 491 6.14 6.80 -25.66
CA ASN A 491 6.97 6.70 -24.47
C ASN A 491 8.44 6.87 -24.80
N GLY A 492 8.88 6.30 -25.92
CA GLY A 492 10.27 6.44 -26.32
C GLY A 492 10.63 7.86 -26.69
N LEU A 493 9.74 8.55 -27.42
CA LEU A 493 10.05 9.94 -27.74
C LEU A 493 10.03 10.80 -26.49
N VAL A 494 9.22 10.44 -25.49
CA VAL A 494 9.27 11.15 -24.22
C VAL A 494 10.58 10.87 -23.50
N ARG A 495 11.07 9.63 -23.60
CA ARG A 495 12.29 9.24 -22.89
C ARG A 495 13.53 9.87 -23.52
N LEU A 496 13.60 9.86 -24.85
CA LEU A 496 14.74 10.46 -25.54
C LEU A 496 14.76 11.97 -25.38
N TYR A 497 13.58 12.59 -25.46
CA TYR A 497 13.46 14.05 -25.36
C TYR A 497 13.21 14.39 -23.90
N ASP A 498 14.29 14.61 -23.15
CA ASP A 498 14.16 14.85 -21.71
C ASP A 498 13.81 16.31 -21.41
N GLY A 499 14.19 17.22 -22.30
CA GLY A 499 13.81 18.61 -22.13
C GLY A 499 14.13 19.38 -23.39
N TYR A 500 13.48 20.55 -23.52
CA TYR A 500 13.78 21.44 -24.63
C TYR A 500 15.21 21.97 -24.53
N ALA A 501 15.64 22.34 -23.33
CA ALA A 501 17.01 22.79 -23.14
C ALA A 501 18.01 21.67 -23.38
N GLY A 502 17.68 20.46 -22.94
CA GLY A 502 18.60 19.34 -23.07
C GLY A 502 18.86 18.95 -24.51
N SER A 503 19.83 18.05 -24.67
CA SER A 503 20.20 17.57 -25.98
C SER A 503 20.92 16.23 -25.85
N ASP A 504 21.16 15.60 -26.99
CA ASP A 504 21.88 14.34 -27.07
C ASP A 504 23.33 14.68 -27.40
N THR A 505 24.12 14.88 -26.35
CA THR A 505 25.48 15.39 -26.47
C THR A 505 26.50 14.28 -26.26
N GLU A 506 27.45 14.18 -27.19
CA GLU A 506 28.57 13.25 -27.02
C GLU A 506 29.42 13.59 -25.82
N ARG A 507 29.65 14.89 -25.60
CA ARG A 507 30.59 15.36 -24.58
C ARG A 507 29.86 15.38 -23.24
N ASN A 508 29.78 14.20 -22.63
CA ASN A 508 28.98 13.97 -21.44
C ASN A 508 29.59 12.82 -20.65
N GLN A 509 29.32 12.79 -19.35
CA GLN A 509 29.93 11.76 -18.51
C GLN A 509 29.12 10.47 -18.54
N SER A 510 27.93 10.49 -19.11
CA SER A 510 27.21 9.25 -19.35
C SER A 510 27.90 8.42 -20.42
N GLY A 511 28.68 9.07 -21.29
CA GLY A 511 29.19 8.41 -22.46
C GLY A 511 28.17 8.29 -23.56
N GLN A 512 27.05 8.99 -23.43
CA GLN A 512 25.92 8.94 -24.35
C GLN A 512 25.45 7.48 -24.53
N VAL A 513 24.97 6.94 -23.41
CA VAL A 513 24.50 5.56 -23.34
C VAL A 513 23.11 5.44 -23.95
N ALA A 514 22.68 4.21 -24.18
CA ALA A 514 21.39 3.97 -24.81
C ALA A 514 20.25 4.11 -23.81
N ARG A 515 19.33 5.03 -24.09
CA ARG A 515 18.23 5.35 -23.19
C ARG A 515 17.08 4.36 -23.28
N LEU A 516 16.98 3.66 -24.41
CA LEU A 516 15.71 3.06 -24.83
C LEU A 516 15.80 1.60 -25.22
N THR A 517 16.98 1.08 -25.57
CA THR A 517 17.08 -0.31 -26.01
C THR A 517 16.61 -1.27 -24.92
N ASP A 518 16.84 -0.93 -23.65
CA ASP A 518 16.23 -1.70 -22.56
C ASP A 518 14.72 -1.58 -22.59
N ARG A 519 14.20 -0.36 -22.79
CA ARG A 519 12.76 -0.16 -22.89
C ARG A 519 12.18 -0.92 -24.07
N LEU A 520 12.80 -0.77 -25.24
CA LEU A 520 12.30 -1.39 -26.47
C LEU A 520 12.51 -2.89 -26.51
N SER A 521 13.42 -3.43 -25.72
CA SER A 521 13.87 -4.80 -25.90
C SER A 521 12.82 -5.81 -25.47
N ARG A 522 12.34 -5.67 -24.23
CA ARG A 522 11.57 -6.74 -23.61
C ARG A 522 10.33 -7.19 -24.39
N PRO A 523 9.44 -6.32 -24.86
CA PRO A 523 8.11 -6.81 -25.25
C PRO A 523 8.14 -7.87 -26.34
N VAL A 524 9.02 -7.73 -27.32
CA VAL A 524 9.05 -8.71 -28.40
C VAL A 524 9.69 -10.02 -27.95
N ARG A 525 10.64 -9.98 -27.01
CA ARG A 525 11.47 -11.15 -26.74
C ARG A 525 11.43 -11.60 -25.29
N GLU A 526 10.28 -11.52 -24.63
CA GLU A 526 10.12 -12.08 -23.29
C GLU A 526 8.92 -13.01 -23.18
N GLN A 527 8.23 -13.30 -24.29
CA GLN A 527 7.17 -14.30 -24.23
C GLN A 527 7.75 -15.70 -24.04
N SER A 528 9.03 -15.88 -24.37
CA SER A 528 9.73 -17.15 -24.17
C SER A 528 10.41 -17.21 -22.80
N SER A 529 10.22 -16.19 -21.96
CA SER A 529 10.83 -16.19 -20.64
C SER A 529 10.26 -17.30 -19.77
N VAL A 530 8.97 -17.60 -19.92
CA VAL A 530 8.30 -18.54 -19.03
C VAL A 530 8.92 -19.93 -19.15
N ASP A 531 9.50 -20.25 -20.30
CA ASP A 531 10.12 -21.56 -20.48
C ASP A 531 11.62 -21.53 -20.24
N ARG A 532 12.27 -20.45 -20.67
CA ARG A 532 13.68 -20.26 -20.36
C ARG A 532 13.90 -20.28 -18.85
N ILE A 533 12.86 -19.95 -18.09
CA ILE A 533 12.92 -20.10 -16.64
C ILE A 533 13.31 -21.52 -16.26
N GLU A 534 12.47 -22.50 -16.61
CA GLU A 534 12.75 -23.85 -16.13
C GLU A 534 13.93 -24.47 -16.84
N ARG A 535 14.25 -23.99 -18.04
CA ARG A 535 15.51 -24.43 -18.64
C ARG A 535 16.71 -23.99 -17.79
N LEU A 536 16.68 -22.74 -17.31
CA LEU A 536 17.73 -22.27 -16.41
C LEU A 536 17.68 -23.05 -15.09
N LEU A 537 16.48 -23.39 -14.62
CA LEU A 537 16.39 -24.20 -13.40
C LEU A 537 17.05 -25.55 -13.56
N ARG A 538 16.79 -26.24 -14.68
CA ARG A 538 17.44 -27.53 -14.86
C ARG A 538 18.94 -27.38 -15.07
N SER A 539 19.36 -26.25 -15.65
CA SER A 539 20.80 -25.99 -15.74
C SER A 539 21.42 -25.80 -14.35
N TYR A 540 20.69 -25.10 -13.47
CA TYR A 540 21.25 -24.81 -12.15
C TYR A 540 21.24 -25.97 -11.24
N THR A 541 20.13 -26.63 -11.16
CA THR A 541 19.98 -27.76 -10.26
C THR A 541 20.81 -28.96 -10.70
N SER A 542 21.37 -28.94 -11.89
CA SER A 542 22.18 -30.05 -12.36
C SER A 542 23.44 -30.17 -11.51
N PRO A 543 23.73 -31.33 -10.95
CA PRO A 543 24.87 -31.48 -10.05
C PRO A 543 26.20 -31.41 -10.80
N SER A 544 27.31 -31.25 -10.01
CA SER A 544 28.70 -31.08 -10.41
C SER A 544 29.29 -32.39 -10.91
N PRO A 545 30.35 -32.30 -11.73
CA PRO A 545 31.14 -33.53 -12.01
C PRO A 545 31.78 -34.12 -10.77
N LEU A 546 32.16 -33.29 -9.79
CA LEU A 546 32.82 -33.74 -8.57
C LEU A 546 31.93 -33.36 -7.39
N GLU A 547 31.79 -34.28 -6.44
CA GLU A 547 30.86 -34.09 -5.33
C GLU A 547 31.57 -33.52 -4.11
N GLN A 548 30.94 -32.53 -3.47
CA GLN A 548 31.44 -31.90 -2.26
C GLN A 548 30.34 -31.93 -1.20
N THR A 549 30.46 -32.83 -0.23
CA THR A 549 29.48 -32.92 0.82
C THR A 549 29.68 -31.78 1.83
N ASN A 550 28.78 -31.71 2.81
CA ASN A 550 28.81 -30.64 3.80
C ASN A 550 30.14 -30.59 4.52
N THR A 551 30.46 -31.66 5.25
CA THR A 551 31.64 -31.70 6.10
C THR A 551 32.90 -32.10 5.35
N TYR A 552 32.86 -32.12 4.01
CA TYR A 552 33.90 -32.78 3.23
C TYR A 552 35.31 -32.33 3.65
N GLY A 553 35.48 -31.03 3.85
CA GLY A 553 36.76 -30.53 4.34
C GLY A 553 37.12 -31.09 5.71
N GLN A 554 36.11 -31.32 6.55
CA GLN A 554 36.37 -31.82 7.90
C GLN A 554 36.98 -33.22 7.88
N GLU A 555 36.48 -34.12 7.01
CA GLU A 555 37.02 -35.47 7.04
C GLU A 555 38.22 -35.64 6.12
N ARG A 556 38.33 -34.84 5.05
CA ARG A 556 39.55 -34.97 4.25
C ARG A 556 40.76 -34.52 5.04
N VAL A 557 40.64 -33.39 5.75
CA VAL A 557 41.57 -33.11 6.84
C VAL A 557 41.37 -34.19 7.90
N GLN A 558 42.46 -34.60 8.54
CA GLN A 558 42.42 -35.78 9.38
C GLN A 558 41.45 -35.63 10.55
N ALA A 559 41.04 -34.41 10.89
CA ALA A 559 40.19 -34.15 12.04
C ALA A 559 38.83 -33.61 11.58
N ASN A 560 37.79 -34.41 11.79
CA ASN A 560 36.42 -34.02 11.49
C ASN A 560 35.62 -33.73 12.76
N ALA A 561 35.60 -34.69 13.69
CA ALA A 561 34.69 -34.61 14.82
C ALA A 561 35.03 -33.44 15.73
N VAL A 562 36.30 -33.02 15.75
CA VAL A 562 36.70 -31.91 16.63
C VAL A 562 35.95 -30.64 16.24
N LEU A 563 35.69 -30.47 14.94
CA LEU A 563 34.87 -29.35 14.51
C LEU A 563 33.42 -29.54 14.91
N GLU A 564 33.01 -30.79 15.15
CA GLU A 564 31.63 -31.04 15.56
C GLU A 564 31.52 -31.23 17.07
N THR A 565 32.50 -31.90 17.69
CA THR A 565 32.45 -32.11 19.12
C THR A 565 32.58 -30.79 19.85
N PRO A 566 31.65 -30.45 20.74
CA PRO A 566 31.63 -29.13 21.34
C PRO A 566 32.61 -29.00 22.50
N GLN A 567 32.76 -27.77 22.96
CA GLN A 567 33.46 -27.52 24.22
C GLN A 567 32.58 -27.97 25.39
N VAL A 568 33.16 -27.98 26.59
CA VAL A 568 32.45 -28.36 27.80
C VAL A 568 32.67 -27.28 28.84
N THR A 569 31.61 -26.93 29.57
CA THR A 569 31.69 -25.99 30.67
C THR A 569 31.02 -26.60 31.89
N LEU A 570 31.52 -26.21 33.07
CA LEU A 570 31.07 -26.76 34.34
C LEU A 570 30.77 -25.58 35.26
N ARG A 571 29.50 -25.21 35.37
CA ARG A 571 29.12 -23.90 35.88
C ARG A 571 28.45 -23.96 37.25
N ALA A 572 27.41 -24.77 37.41
CA ALA A 572 26.57 -24.79 38.59
C ALA A 572 26.62 -26.19 39.19
N PRO A 573 26.44 -26.31 40.50
CA PRO A 573 26.55 -27.63 41.15
C PRO A 573 25.78 -28.70 40.40
N PHE A 574 26.40 -29.86 40.26
CA PHE A 574 25.95 -30.86 39.30
C PHE A 574 26.39 -32.25 39.72
N THR A 575 26.14 -33.22 38.84
CA THR A 575 26.15 -34.62 39.22
C THR A 575 27.43 -35.32 38.80
N GLU A 576 27.74 -36.42 39.49
CA GLU A 576 29.02 -37.10 39.32
C GLU A 576 29.21 -37.60 37.90
N GLU A 577 28.13 -37.98 37.23
CA GLU A 577 28.22 -38.58 35.90
C GLU A 577 28.99 -37.66 34.96
N GLN A 578 28.57 -36.40 34.84
CA GLN A 578 29.30 -35.57 33.90
C GLN A 578 30.44 -34.81 34.58
N PHE A 579 30.57 -34.89 35.92
CA PHE A 579 31.89 -34.72 36.51
C PHE A 579 32.93 -35.58 35.80
N GLN A 580 32.75 -36.90 35.86
CA GLN A 580 33.72 -37.80 35.25
C GLN A 580 33.76 -37.64 33.73
N GLY A 581 32.62 -37.35 33.13
CA GLY A 581 32.62 -37.10 31.69
C GLY A 581 33.51 -35.93 31.30
N ALA A 582 33.33 -34.80 31.97
CA ALA A 582 34.15 -33.63 31.68
C ALA A 582 35.60 -33.89 32.04
N LEU A 583 35.86 -34.62 33.12
CA LEU A 583 37.23 -34.94 33.48
C LEU A 583 37.91 -35.77 32.41
N TYR A 584 37.22 -36.78 31.88
CA TYR A 584 37.80 -37.57 30.80
C TYR A 584 38.04 -36.74 29.56
N ALA A 585 37.10 -35.84 29.26
CA ALA A 585 37.31 -34.93 28.13
C ALA A 585 38.56 -34.09 28.32
N ILE A 586 38.71 -33.50 29.50
CA ILE A 586 39.88 -32.66 29.80
C ILE A 586 41.16 -33.48 29.70
N TYR A 587 41.11 -34.70 30.23
CA TYR A 587 42.31 -35.54 30.25
C TYR A 587 42.76 -35.91 28.85
N LYS A 588 41.83 -36.39 28.02
CA LYS A 588 42.18 -36.67 26.63
C LYS A 588 42.64 -35.39 25.93
N GLN A 589 42.09 -34.25 26.34
CA GLN A 589 42.45 -32.97 25.73
C GLN A 589 43.89 -32.59 26.03
N VAL A 590 44.22 -32.43 27.31
CA VAL A 590 45.40 -31.67 27.69
C VAL A 590 46.67 -32.45 27.38
N PHE A 591 46.65 -33.77 27.50
CA PHE A 591 47.86 -34.57 27.39
C PHE A 591 48.00 -35.27 26.05
N GLY A 592 47.58 -34.63 24.96
CA GLY A 592 47.92 -35.10 23.62
C GLY A 592 47.55 -36.53 23.31
N ASN A 593 46.36 -36.94 23.75
CA ASN A 593 45.84 -38.28 23.49
C ASN A 593 46.72 -39.36 24.11
N THR A 594 47.44 -39.00 25.16
CA THR A 594 48.09 -39.99 26.01
C THR A 594 47.06 -40.48 27.02
N TYR A 595 47.03 -41.78 27.30
CA TYR A 595 46.06 -42.22 28.31
C TYR A 595 46.52 -41.81 29.69
N VAL A 596 45.66 -41.09 30.39
CA VAL A 596 45.91 -40.63 31.75
C VAL A 596 45.56 -41.77 32.69
N MET A 597 46.57 -42.40 33.27
CA MET A 597 46.31 -43.63 33.99
C MET A 597 45.65 -43.26 35.32
N GLU A 598 44.78 -44.14 35.83
CA GLU A 598 43.88 -43.73 36.91
C GLU A 598 44.62 -43.33 38.19
N SER A 599 45.69 -44.04 38.56
CA SER A 599 46.36 -43.73 39.81
C SER A 599 47.05 -42.37 39.77
N GLU A 600 47.24 -41.81 38.57
CA GLU A 600 48.02 -40.58 38.45
C GLU A 600 47.27 -39.37 38.96
N ARG A 601 45.94 -39.40 38.98
CA ARG A 601 45.18 -38.18 39.19
C ARG A 601 45.18 -37.76 40.66
N PRO A 602 45.21 -36.44 40.90
CA PRO A 602 45.08 -35.95 42.28
C PRO A 602 43.64 -35.84 42.73
N ALA A 603 43.26 -36.63 43.74
CA ALA A 603 41.89 -36.60 44.23
C ALA A 603 41.58 -35.26 44.91
N THR A 604 42.57 -34.67 45.58
CA THR A 604 42.33 -33.41 46.28
C THR A 604 42.00 -32.28 45.31
N ALA A 605 42.73 -32.20 44.19
CA ALA A 605 42.48 -31.13 43.24
C ALA A 605 41.11 -31.25 42.61
N GLU A 606 40.73 -32.46 42.18
CA GLU A 606 39.41 -32.63 41.59
C GLU A 606 38.31 -32.42 42.61
N SER A 607 38.53 -32.80 43.87
CA SER A 607 37.55 -32.53 44.91
C SER A 607 37.39 -31.03 45.13
N GLN A 608 38.48 -30.29 45.13
CA GLN A 608 38.40 -28.84 45.30
C GLN A 608 37.66 -28.19 44.13
N LEU A 609 37.95 -28.65 42.90
CA LEU A 609 37.20 -28.14 41.76
C LEU A 609 35.73 -28.52 41.87
N ARG A 610 35.45 -29.69 42.45
CA ARG A 610 34.07 -30.10 42.69
C ARG A 610 33.37 -29.12 43.63
N ASP A 611 34.06 -28.69 44.68
CA ASP A 611 33.51 -27.64 45.52
C ASP A 611 33.45 -26.31 44.78
N GLY A 612 34.41 -26.04 43.91
CA GLY A 612 34.35 -24.85 43.08
C GLY A 612 35.07 -23.63 43.63
N ARG A 613 35.95 -23.80 44.64
CA ARG A 613 36.75 -22.66 45.09
C ARG A 613 37.69 -22.18 44.01
N ILE A 614 37.94 -23.01 43.00
CA ILE A 614 38.74 -22.64 41.84
C ILE A 614 37.87 -22.74 40.60
N THR A 615 38.17 -21.93 39.59
CA THR A 615 37.59 -22.14 38.29
C THR A 615 38.21 -23.37 37.64
N VAL A 616 37.73 -23.71 36.45
CA VAL A 616 38.38 -24.80 35.72
C VAL A 616 39.79 -24.38 35.32
N ARG A 617 40.02 -23.09 35.12
CA ARG A 617 41.35 -22.60 34.75
C ARG A 617 42.36 -22.88 35.85
N GLY A 618 41.97 -22.67 37.11
CA GLY A 618 42.86 -23.00 38.21
C GLY A 618 43.19 -24.48 38.27
N PHE A 619 42.19 -25.33 38.02
CA PHE A 619 42.46 -26.76 37.99
C PHE A 619 43.39 -27.12 36.84
N ILE A 620 43.26 -26.44 35.70
CA ILE A 620 44.19 -26.66 34.61
C ILE A 620 45.60 -26.28 35.02
N ARG A 621 45.74 -25.16 35.73
CA ARG A 621 47.06 -24.77 36.23
C ARG A 621 47.63 -25.85 37.14
N LEU A 622 46.85 -26.30 38.12
CA LEU A 622 47.33 -27.30 39.05
C LEU A 622 47.67 -28.60 38.33
N LEU A 623 46.89 -28.96 37.32
CA LEU A 623 47.17 -30.15 36.54
C LEU A 623 48.46 -30.00 35.76
N ALA A 624 48.73 -28.79 35.27
CA ALA A 624 50.00 -28.54 34.61
C ALA A 624 51.17 -28.65 35.59
N LYS A 625 50.94 -28.27 36.86
CA LYS A 625 51.97 -28.45 37.86
C LYS A 625 52.18 -29.90 38.24
N SER A 626 51.33 -30.82 37.78
CA SER A 626 51.49 -32.22 38.11
C SER A 626 52.80 -32.77 37.56
N ASP A 627 53.45 -33.62 38.35
CA ASP A 627 54.71 -34.21 37.92
C ASP A 627 54.55 -35.05 36.66
N THR A 628 53.47 -35.82 36.56
CA THR A 628 53.28 -36.70 35.42
C THR A 628 53.14 -35.92 34.12
N TYR A 629 52.66 -34.68 34.18
CA TYR A 629 52.58 -33.85 32.99
C TYR A 629 53.97 -33.58 32.43
N LYS A 630 54.90 -33.15 33.30
CA LYS A 630 56.29 -32.98 32.89
C LYS A 630 56.88 -34.30 32.45
N ALA A 631 56.57 -35.38 33.17
CA ALA A 631 57.10 -36.70 32.81
C ALA A 631 56.70 -37.07 31.39
N ARG A 632 55.48 -36.75 30.99
CA ARG A 632 55.04 -37.06 29.64
C ARG A 632 55.65 -36.13 28.59
N PHE A 633 55.72 -34.82 28.86
CA PHE A 633 56.11 -33.87 27.82
C PHE A 633 57.42 -33.17 28.13
N PHE A 634 57.56 -32.51 29.27
CA PHE A 634 58.81 -31.86 29.65
C PHE A 634 59.98 -32.83 29.76
N ASN A 635 59.71 -34.09 30.08
CA ASN A 635 60.76 -35.05 30.41
C ASN A 635 61.43 -35.66 29.18
N PRO A 636 60.70 -36.12 28.17
CA PRO A 636 61.38 -36.78 27.05
C PRO A 636 61.63 -35.90 25.83
N ALA A 637 61.09 -34.68 25.81
CA ALA A 637 61.04 -33.89 24.59
C ALA A 637 61.86 -32.60 24.71
N THR A 638 62.35 -32.12 23.56
CA THR A 638 63.08 -30.87 23.51
C THR A 638 62.16 -29.70 23.85
N GLN A 639 62.78 -28.61 24.32
CA GLN A 639 62.00 -27.48 24.80
C GLN A 639 61.25 -26.78 23.67
N THR A 640 61.80 -26.80 22.45
CA THR A 640 61.05 -26.27 21.31
C THR A 640 59.86 -27.16 20.99
N ARG A 641 60.10 -28.48 20.90
CA ARG A 641 58.99 -29.41 20.75
C ARG A 641 58.06 -29.33 21.94
N PHE A 642 58.62 -29.12 23.14
CA PHE A 642 57.79 -28.88 24.31
C PHE A 642 56.84 -27.71 24.10
N ILE A 643 57.35 -26.60 23.56
CA ILE A 643 56.52 -25.42 23.39
C ILE A 643 55.47 -25.65 22.32
N GLU A 644 55.83 -26.36 21.25
CA GLU A 644 54.84 -26.68 20.22
C GLU A 644 53.71 -27.54 20.78
N LEU A 645 54.07 -28.60 21.52
CA LEU A 645 53.05 -29.43 22.14
C LEU A 645 52.22 -28.65 23.13
N ASN A 646 52.87 -27.76 23.89
CA ASN A 646 52.15 -26.95 24.87
C ASN A 646 51.16 -26.02 24.18
N HIS A 647 51.57 -25.42 23.06
CA HIS A 647 50.64 -24.63 22.26
C HIS A 647 49.44 -25.46 21.84
N LYS A 648 49.71 -26.64 21.26
CA LYS A 648 48.63 -27.49 20.80
C LYS A 648 47.67 -27.85 21.93
N LEU A 649 48.21 -28.11 23.11
CA LEU A 649 47.41 -28.73 24.16
C LEU A 649 46.78 -27.70 25.09
N LEU A 650 47.26 -26.46 25.06
CA LEU A 650 46.70 -25.45 25.95
C LEU A 650 45.95 -24.37 25.19
N LEU A 651 46.20 -24.24 23.89
CA LEU A 651 45.46 -23.27 23.08
C LEU A 651 44.73 -23.93 21.92
N GLY A 652 45.00 -25.20 21.66
CA GLY A 652 44.34 -25.88 20.56
C GLY A 652 44.90 -25.54 19.19
N ARG A 653 45.92 -24.71 19.13
CA ARG A 653 46.47 -24.25 17.86
C ARG A 653 47.99 -24.35 17.90
N ALA A 654 48.57 -24.44 16.72
CA ALA A 654 50.01 -24.30 16.62
C ALA A 654 50.41 -22.85 16.87
N PRO A 655 51.66 -22.61 17.28
CA PRO A 655 52.12 -21.23 17.44
C PRO A 655 52.11 -20.50 16.11
N TYR A 656 52.07 -19.17 16.19
CA TYR A 656 51.93 -18.38 14.97
C TYR A 656 53.24 -18.23 14.23
N ASP A 657 54.29 -17.73 14.89
CA ASP A 657 55.55 -17.46 14.22
C ASP A 657 56.72 -17.85 15.11
N GLN A 658 57.89 -18.02 14.48
CA GLN A 658 59.09 -18.35 15.22
C GLN A 658 59.47 -17.25 16.20
N ALA A 659 59.04 -16.02 15.95
CA ALA A 659 59.23 -14.97 16.95
C ALA A 659 58.53 -15.33 18.25
N GLU A 660 57.32 -15.88 18.17
CA GLU A 660 56.65 -16.38 19.36
C GLU A 660 57.48 -17.48 20.02
N ILE A 661 58.04 -18.39 19.21
CA ILE A 661 58.85 -19.46 19.77
C ILE A 661 60.02 -18.89 20.55
N SER A 662 60.74 -17.93 19.95
CA SER A 662 61.90 -17.35 20.60
C SER A 662 61.52 -16.61 21.87
N ARG A 663 60.45 -15.82 21.82
CA ARG A 663 60.02 -15.10 23.01
C ARG A 663 59.63 -16.06 24.12
N HIS A 664 58.93 -17.13 23.78
CA HIS A 664 58.46 -18.06 24.81
C HIS A 664 59.61 -18.86 25.40
N VAL A 665 60.59 -19.23 24.57
CA VAL A 665 61.79 -19.88 25.10
C VAL A 665 62.53 -18.92 26.01
N ALA A 666 62.57 -17.63 25.65
CA ALA A 666 63.21 -16.64 26.51
C ALA A 666 62.49 -16.54 27.84
N LEU A 667 61.16 -16.55 27.83
CA LEU A 667 60.40 -16.53 29.08
C LEU A 667 60.72 -17.76 29.93
N TYR A 668 60.76 -18.93 29.29
CA TYR A 668 61.09 -20.15 30.03
C TYR A 668 62.48 -20.06 30.64
N THR A 669 63.46 -19.64 29.85
CA THR A 669 64.83 -19.54 30.36
C THR A 669 64.90 -18.54 31.51
N SER A 670 64.16 -17.44 31.42
CA SER A 670 64.24 -16.41 32.44
C SER A 670 63.58 -16.83 33.73
N GLN A 671 62.39 -17.43 33.67
CA GLN A 671 61.62 -17.69 34.89
C GLN A 671 61.21 -19.15 35.05
N GLY A 672 62.03 -20.09 34.61
CA GLY A 672 61.79 -21.49 34.90
C GLY A 672 60.66 -22.09 34.09
N TYR A 673 60.26 -23.29 34.51
CA TYR A 673 59.23 -24.05 33.81
C TYR A 673 57.87 -23.40 33.94
N GLU A 674 57.36 -23.28 35.16
CA GLU A 674 55.95 -23.00 35.37
C GLU A 674 55.56 -21.61 34.92
N ALA A 675 56.53 -20.72 34.74
CA ALA A 675 56.20 -19.36 34.30
C ALA A 675 55.64 -19.35 32.88
N GLU A 676 56.17 -20.21 32.00
CA GLU A 676 55.65 -20.27 30.64
C GLU A 676 54.22 -20.79 30.61
N ILE A 677 53.93 -21.81 31.43
CA ILE A 677 52.57 -22.32 31.53
C ILE A 677 51.65 -21.24 32.07
N ASP A 678 52.10 -20.51 33.10
CA ASP A 678 51.30 -19.42 33.64
C ASP A 678 51.12 -18.32 32.60
N SER A 679 52.09 -18.17 31.69
CA SER A 679 51.94 -17.20 30.61
C SER A 679 50.84 -17.62 29.65
N TYR A 680 50.86 -18.88 29.22
CA TYR A 680 49.78 -19.39 28.38
C TYR A 680 48.42 -19.22 29.06
N LEU A 681 48.29 -19.72 30.29
CA LEU A 681 46.98 -19.71 30.94
C LEU A 681 46.59 -18.32 31.42
N ASP A 682 47.54 -17.38 31.46
CA ASP A 682 47.21 -15.99 31.72
C ASP A 682 47.12 -15.18 30.44
N SER A 683 47.51 -15.75 29.30
CA SER A 683 47.43 -15.04 28.04
C SER A 683 45.99 -14.64 27.76
N GLU A 684 45.81 -13.39 27.33
CA GLU A 684 44.46 -12.83 27.21
C GLU A 684 43.63 -13.56 26.17
N GLU A 685 44.23 -13.95 25.05
CA GLU A 685 43.45 -14.56 23.97
C GLU A 685 42.88 -15.90 24.40
N TYR A 686 43.64 -16.65 25.21
CA TYR A 686 43.10 -17.86 25.80
C TYR A 686 41.83 -17.58 26.60
N GLN A 687 41.91 -16.58 27.49
CA GLN A 687 40.76 -16.30 28.35
C GLN A 687 39.56 -15.83 27.54
N GLU A 688 39.74 -14.82 26.69
CA GLU A 688 38.60 -14.28 25.96
C GLU A 688 38.04 -15.30 24.98
N CYS A 689 38.91 -16.11 24.38
CA CYS A 689 38.42 -17.14 23.46
C CYS A 689 37.73 -18.28 24.21
N PHE A 690 38.29 -18.71 25.34
CA PHE A 690 37.74 -19.84 26.07
C PHE A 690 36.90 -19.40 27.26
N GLY A 691 37.48 -18.68 28.20
CA GLY A 691 36.78 -18.27 29.39
C GLY A 691 37.25 -19.01 30.63
N GLU A 692 36.92 -18.42 31.79
CA GLU A 692 37.34 -18.98 33.07
C GLU A 692 36.75 -20.37 33.31
N ASP A 693 35.66 -20.71 32.62
CA ASP A 693 34.91 -21.91 32.93
C ASP A 693 34.74 -22.83 31.73
N THR A 694 35.57 -22.69 30.71
CA THR A 694 35.46 -23.48 29.49
C THR A 694 36.66 -24.41 29.37
N VAL A 695 36.40 -25.65 28.99
CA VAL A 695 37.48 -26.61 28.77
C VAL A 695 38.22 -26.25 27.50
N PRO A 696 39.55 -26.15 27.52
CA PRO A 696 40.28 -25.89 26.29
C PRO A 696 40.02 -26.97 25.24
N PHE A 697 40.00 -26.56 23.98
CA PHE A 697 39.79 -27.48 22.87
C PHE A 697 40.71 -27.10 21.72
N PHE A 698 40.67 -27.91 20.66
CA PHE A 698 41.45 -27.63 19.47
C PHE A 698 40.72 -26.64 18.57
N ARG A 699 41.04 -25.36 18.74
CA ARG A 699 40.53 -24.31 17.88
C ARG A 699 41.25 -24.26 16.55
N GLY A 700 42.19 -25.17 16.31
CA GLY A 700 42.80 -25.29 15.01
C GLY A 700 41.81 -25.85 14.00
N PHE A 701 42.23 -25.82 12.74
CA PHE A 701 41.34 -26.04 11.61
C PHE A 701 40.22 -25.02 11.57
N THR A 702 40.37 -23.95 12.34
CA THR A 702 39.36 -22.90 12.45
C THR A 702 40.09 -21.57 12.57
N SER A 703 39.77 -20.64 11.67
CA SER A 703 40.44 -19.35 11.66
C SER A 703 40.11 -18.58 12.93
N GLN A 704 41.10 -18.26 13.67
CA GLN A 704 41.01 -17.45 14.87
C GLN A 704 41.15 -15.97 14.51
N PRO A 705 40.60 -15.07 15.32
CA PRO A 705 40.70 -13.65 14.99
C PRO A 705 42.15 -13.20 14.88
N GLY A 706 42.55 -12.84 13.66
CA GLY A 706 43.91 -12.40 13.40
C GLY A 706 44.96 -13.47 13.63
N GLN A 707 44.71 -14.67 13.11
CA GLN A 707 45.61 -15.80 13.30
C GLN A 707 46.41 -16.04 12.02
N SER A 708 47.62 -16.55 12.17
CA SER A 708 48.51 -16.76 11.05
C SER A 708 48.02 -17.89 10.15
N THR A 709 48.26 -17.75 8.84
CA THR A 709 47.93 -18.80 7.90
C THR A 709 48.72 -20.08 8.17
N GLU A 710 49.86 -19.95 8.87
CA GLU A 710 50.71 -21.11 9.15
C GLU A 710 50.16 -22.02 10.23
N ALA A 711 49.37 -21.48 11.16
CA ALA A 711 48.89 -22.30 12.27
C ALA A 711 48.00 -23.43 11.78
N PHE A 712 47.17 -23.17 10.78
CA PHE A 712 46.34 -24.22 10.20
C PHE A 712 47.19 -25.35 9.66
N ASN A 713 48.18 -25.03 8.81
CA ASN A 713 49.02 -26.07 8.23
C ASN A 713 49.76 -26.84 9.31
N ARG A 714 50.33 -26.13 10.29
CA ARG A 714 51.11 -26.81 11.31
C ARG A 714 50.24 -27.75 12.14
N MET A 715 49.05 -27.31 12.56
CA MET A 715 48.28 -28.20 13.41
C MET A 715 47.60 -29.29 12.59
N VAL A 716 47.42 -29.09 11.28
CA VAL A 716 47.06 -30.20 10.41
C VAL A 716 48.15 -31.26 10.43
N THR A 717 49.40 -30.82 10.27
CA THR A 717 50.52 -31.76 10.30
C THR A 717 50.69 -32.39 11.68
N LEU A 718 50.25 -31.71 12.73
CA LEU A 718 50.52 -32.13 14.09
C LEU A 718 49.41 -32.97 14.70
N TYR A 719 48.18 -32.88 14.18
CA TYR A 719 47.07 -33.59 14.79
C TYR A 719 47.07 -35.07 14.41
N ASP A 720 46.90 -35.38 13.13
CA ASP A 720 47.00 -36.72 12.57
C ASP A 720 46.04 -37.71 13.22
N GLY A 721 44.89 -37.27 13.71
CA GLY A 721 43.84 -38.15 14.18
C GLY A 721 43.73 -38.19 15.69
N TYR A 722 42.72 -38.95 16.15
CA TYR A 722 42.58 -39.19 17.58
C TYR A 722 43.75 -40.00 18.14
N ALA A 723 44.21 -40.99 17.38
CA ALA A 723 45.10 -42.00 17.93
C ALA A 723 46.46 -41.43 18.33
N THR A 724 46.85 -40.28 17.78
CA THR A 724 48.20 -39.78 17.99
C THR A 724 48.43 -39.39 19.45
N SER A 725 49.18 -40.24 20.15
CA SER A 725 49.59 -39.99 21.53
C SER A 725 50.97 -39.35 21.53
N ASP A 726 51.26 -38.60 22.59
CA ASP A 726 52.51 -37.87 22.71
C ASP A 726 53.31 -38.32 23.92
N SER A 727 53.36 -39.63 24.16
CA SER A 727 54.17 -40.19 25.24
C SER A 727 55.63 -40.23 24.81
N GLU A 728 56.50 -40.79 25.64
CA GLU A 728 57.90 -40.95 25.24
C GLU A 728 58.04 -41.99 24.13
N TRP A 729 56.99 -42.75 23.86
CA TRP A 729 56.97 -43.65 22.72
C TRP A 729 56.37 -42.93 21.52
N ASP A 730 56.45 -43.58 20.36
CA ASP A 730 55.98 -43.09 19.06
C ASP A 730 56.90 -41.99 18.53
N ARG A 731 57.82 -41.51 19.37
CA ARG A 731 58.95 -40.68 18.95
C ARG A 731 58.50 -39.40 18.25
N GLY A 732 57.19 -39.16 18.17
CA GLY A 732 56.66 -37.99 17.50
C GLY A 732 56.46 -36.83 18.44
N GLY A 733 56.25 -37.13 19.72
CA GLY A 733 56.17 -36.09 20.71
C GLY A 733 57.53 -35.58 21.16
N GLN A 734 58.61 -36.16 20.64
CA GLN A 734 59.95 -35.75 21.03
C GLN A 734 60.56 -34.80 20.02
N SER A 735 60.51 -35.15 18.73
CA SER A 735 61.06 -34.30 17.70
C SER A 735 60.11 -33.16 17.39
N ALA A 736 60.66 -31.96 17.26
CA ALA A 736 59.87 -30.76 16.98
C ALA A 736 59.53 -30.73 15.50
N ARG A 737 58.34 -31.25 15.17
CA ARG A 737 57.92 -31.28 13.77
C ARG A 737 57.75 -29.88 13.20
N LEU A 738 57.33 -28.94 14.04
CA LEU A 738 56.96 -27.60 13.58
C LEU A 738 58.16 -26.72 13.25
N THR A 739 59.34 -27.00 13.82
CA THR A 739 60.45 -26.06 13.75
C THR A 739 60.84 -25.74 12.31
N ASP A 740 60.77 -26.73 11.43
CA ASP A 740 61.12 -26.48 10.03
C ASP A 740 60.20 -25.45 9.40
N SER A 741 58.89 -25.59 9.63
CA SER A 741 57.94 -24.58 9.15
C SER A 741 58.16 -23.23 9.82
N LEU A 742 58.38 -23.24 11.14
CA LEU A 742 58.61 -21.99 11.87
C LEU A 742 59.83 -21.25 11.34
N ALA A 743 60.81 -21.98 10.80
CA ALA A 743 62.00 -21.35 10.27
C ALA A 743 61.67 -20.38 9.14
N ARG A 744 60.66 -20.69 8.34
CA ARG A 744 60.32 -19.85 7.20
C ARG A 744 59.64 -18.55 7.62
N SER A 745 59.04 -18.53 8.81
CA SER A 745 58.23 -17.40 9.23
C SER A 745 59.03 -16.11 9.44
N THR A 746 60.23 -16.20 10.00
CA THR A 746 61.00 -14.98 10.28
C THR A 746 61.38 -14.25 9.00
N MET A 747 61.83 -14.99 7.99
CA MET A 747 62.23 -14.40 6.72
C MET A 747 61.07 -14.45 5.74
N ASP A 748 61.36 -14.04 4.51
CA ASP A 748 60.37 -14.03 3.44
C ASP A 748 61.08 -14.02 2.09
N SER B 2 -79.20 20.35 27.05
CA SER B 2 -80.08 21.17 26.22
C SER B 2 -79.26 22.10 25.34
N ARG B 3 -79.72 22.32 24.11
CA ARG B 3 -79.00 23.15 23.15
C ARG B 3 -79.97 24.22 22.65
N THR B 4 -80.13 25.31 23.39
CA THR B 4 -80.97 26.42 22.97
C THR B 4 -80.13 27.39 22.14
N VAL B 5 -80.81 28.36 21.54
CA VAL B 5 -80.14 29.25 20.58
C VAL B 5 -78.97 29.96 21.24
N ILE B 6 -79.21 30.56 22.39
CA ILE B 6 -78.10 31.19 23.12
C ILE B 6 -77.12 30.13 23.62
N THR B 7 -77.63 28.95 24.01
CA THR B 7 -76.73 27.86 24.36
C THR B 7 -75.88 27.46 23.17
N GLU B 8 -76.48 27.43 21.97
CA GLU B 8 -75.67 27.27 20.77
C GLU B 8 -74.61 28.35 20.67
N VAL B 9 -74.96 29.58 21.04
CA VAL B 9 -74.01 30.69 20.92
C VAL B 9 -72.79 30.44 21.78
N ILE B 10 -72.99 30.18 23.07
CA ILE B 10 -71.86 29.92 23.96
C ILE B 10 -71.11 28.66 23.53
N ALA B 11 -71.84 27.62 23.11
CA ALA B 11 -71.16 26.38 22.71
C ALA B 11 -70.26 26.62 21.51
N THR B 12 -70.79 27.22 20.44
CA THR B 12 -70.02 27.44 19.23
C THR B 12 -68.98 28.53 19.42
N ALA B 13 -69.05 29.26 20.53
CA ALA B 13 -68.00 30.23 20.82
C ALA B 13 -66.84 29.60 21.58
N ASP B 14 -67.15 28.80 22.61
CA ASP B 14 -66.11 28.34 23.53
C ASP B 14 -65.14 27.41 22.83
N SER B 15 -65.56 26.78 21.74
CA SER B 15 -64.67 25.86 21.03
C SER B 15 -63.44 26.57 20.49
N GLN B 16 -63.60 27.76 19.95
CA GLN B 16 -62.51 28.50 19.35
C GLN B 16 -62.11 29.72 20.19
N GLY B 17 -61.05 30.40 19.76
CA GLY B 17 -60.43 31.41 20.59
C GLY B 17 -61.25 32.67 20.77
N ARG B 18 -61.77 33.22 19.68
CA ARG B 18 -62.27 34.59 19.71
C ARG B 18 -63.59 34.67 20.47
N PHE B 19 -63.99 35.90 20.77
CA PHE B 19 -65.20 36.15 21.54
C PHE B 19 -66.43 36.01 20.66
N LEU B 20 -67.56 36.47 21.18
CA LEU B 20 -68.83 36.43 20.46
C LEU B 20 -68.90 37.60 19.49
N ASN B 21 -68.75 37.31 18.22
CA ASN B 21 -68.70 38.32 17.18
C ASN B 21 -70.10 38.80 16.83
N SER B 22 -70.22 39.52 15.71
CA SER B 22 -71.50 40.11 15.33
C SER B 22 -72.56 39.04 15.07
N THR B 23 -72.17 37.91 14.46
CA THR B 23 -73.14 36.89 14.08
C THR B 23 -73.83 36.29 15.29
N GLU B 24 -73.07 35.94 16.31
CA GLU B 24 -73.65 35.34 17.51
C GLU B 24 -74.53 36.33 18.27
N LEU B 25 -74.09 37.58 18.39
CA LEU B 25 -74.92 38.61 19.02
C LEU B 25 -76.21 38.79 18.24
N GLN B 26 -76.13 38.75 16.91
CA GLN B 26 -77.30 38.89 16.07
C GLN B 26 -78.29 37.74 16.27
N ALA B 27 -77.79 36.50 16.32
CA ALA B 27 -78.66 35.35 16.55
C ALA B 27 -79.32 35.44 17.92
N ALA B 28 -78.54 35.75 18.96
CA ALA B 28 -79.13 35.93 20.28
C ALA B 28 -80.15 37.05 20.28
N PHE B 29 -79.89 38.11 19.52
CA PHE B 29 -80.81 39.23 19.41
C PHE B 29 -82.15 38.76 18.87
N GLY B 30 -82.12 38.08 17.73
CA GLY B 30 -83.35 37.59 17.13
C GLY B 30 -84.10 36.64 18.03
N ARG B 31 -83.39 35.79 18.74
CA ARG B 31 -84.04 34.92 19.72
C ARG B 31 -84.69 35.75 20.82
N PHE B 32 -84.06 36.84 21.24
CA PHE B 32 -84.62 37.65 22.31
C PHE B 32 -85.88 38.38 21.85
N GLU B 33 -85.94 38.83 20.60
CA GLU B 33 -87.26 39.28 20.14
C GLU B 33 -88.27 38.15 20.15
N ARG B 34 -88.04 37.08 19.39
CA ARG B 34 -89.09 36.09 19.19
C ARG B 34 -89.39 35.29 20.45
N ALA B 35 -88.65 35.50 21.53
CA ALA B 35 -88.94 34.78 22.77
C ALA B 35 -90.28 35.18 23.37
N VAL B 36 -90.54 36.48 23.50
CA VAL B 36 -91.77 36.93 24.15
C VAL B 36 -93.02 36.38 23.45
N PRO B 37 -93.16 36.46 22.13
CA PRO B 37 -94.28 35.76 21.48
C PRO B 37 -94.28 34.27 21.78
N ALA B 38 -93.11 33.65 21.87
CA ALA B 38 -93.04 32.25 22.27
C ALA B 38 -93.57 32.07 23.68
N ILE B 39 -93.29 33.03 24.57
CA ILE B 39 -93.81 32.92 25.94
C ILE B 39 -95.33 32.99 25.95
N GLU B 40 -95.92 33.93 25.21
CA GLU B 40 -97.38 33.99 25.22
C GLU B 40 -98.00 32.79 24.52
N ALA B 41 -97.35 32.27 23.48
CA ALA B 41 -97.84 31.05 22.84
C ALA B 41 -97.79 29.87 23.80
N ALA B 42 -96.71 29.75 24.58
CA ALA B 42 -96.63 28.70 25.58
C ALA B 42 -97.71 28.87 26.63
N ARG B 43 -98.00 30.12 27.03
CA ARG B 43 -99.08 30.35 27.98
C ARG B 43 -100.42 29.90 27.41
N ALA B 44 -100.70 30.27 26.15
CA ALA B 44 -101.95 29.88 25.51
C ALA B 44 -102.05 28.37 25.39
N LEU B 45 -100.92 27.71 25.18
CA LEU B 45 -100.90 26.25 25.14
C LEU B 45 -100.96 25.65 26.54
N THR B 46 -100.73 26.46 27.57
CA THR B 46 -100.71 25.97 28.94
C THR B 46 -102.11 25.94 29.54
N LYS B 47 -103.08 26.60 28.91
CA LYS B 47 -104.44 26.61 29.44
C LYS B 47 -105.23 25.36 29.08
N ASN B 48 -104.85 24.63 28.04
CA ASN B 48 -105.68 23.60 27.44
C ASN B 48 -105.02 22.22 27.47
N GLN B 49 -104.48 21.82 28.62
CA GLN B 49 -103.97 20.46 28.75
C GLN B 49 -105.04 19.41 28.48
N ASP B 50 -106.12 19.45 29.26
CA ASP B 50 -107.09 18.36 29.23
C ASP B 50 -107.76 18.24 27.87
N ALA B 51 -108.17 19.37 27.29
CA ALA B 51 -108.84 19.34 26.00
C ALA B 51 -107.93 18.74 24.92
N LEU B 52 -106.70 19.24 24.84
CA LEU B 52 -105.76 18.76 23.84
C LEU B 52 -105.48 17.27 24.03
N VAL B 53 -105.18 16.86 25.26
CA VAL B 53 -104.80 15.46 25.49
C VAL B 53 -105.97 14.53 25.20
N LYS B 54 -107.17 14.90 25.61
CA LYS B 54 -108.30 13.98 25.43
C LYS B 54 -108.73 13.94 23.97
N GLY B 55 -108.70 15.09 23.28
CA GLY B 55 -108.98 15.07 21.86
C GLY B 55 -107.99 14.23 21.08
N ALA B 56 -106.69 14.37 21.39
CA ALA B 56 -105.68 13.57 20.72
C ALA B 56 -105.85 12.08 21.03
N VAL B 57 -106.16 11.75 22.28
CA VAL B 57 -106.37 10.37 22.66
C VAL B 57 -107.52 9.78 21.87
N GLN B 58 -108.64 10.50 21.80
CA GLN B 58 -109.79 9.95 21.10
C GLN B 58 -109.54 9.88 19.60
N ALA B 59 -108.75 10.82 19.07
CA ALA B 59 -108.39 10.76 17.65
C ALA B 59 -107.55 9.53 17.33
N VAL B 60 -106.54 9.24 18.15
CA VAL B 60 -105.68 8.10 17.86
C VAL B 60 -106.42 6.79 18.10
N PHE B 61 -107.33 6.77 19.09
CA PHE B 61 -108.17 5.60 19.30
C PHE B 61 -109.12 5.37 18.12
N LYS B 62 -109.70 6.43 17.56
CA LYS B 62 -110.65 6.25 16.46
C LYS B 62 -109.94 5.90 15.17
N LYS B 63 -108.71 6.39 14.99
CA LYS B 63 -107.96 5.97 13.81
C LYS B 63 -107.55 4.50 13.90
N PHE B 64 -107.21 4.03 15.10
CA PHE B 64 -106.78 2.65 15.30
C PHE B 64 -107.82 1.93 16.14
N PRO B 65 -108.82 1.29 15.53
CA PRO B 65 -109.84 0.59 16.31
C PRO B 65 -109.34 -0.67 16.97
N TYR B 66 -108.24 -1.26 16.49
CA TYR B 66 -107.82 -2.56 17.00
C TYR B 66 -107.15 -2.44 18.36
N VAL B 67 -106.40 -1.37 18.61
CA VAL B 67 -105.71 -1.23 19.89
C VAL B 67 -106.72 -1.21 21.03
N THR B 68 -107.87 -0.57 20.82
CA THR B 68 -108.94 -0.61 21.81
C THR B 68 -109.44 -2.03 22.05
N GLN B 69 -109.56 -2.81 20.98
CA GLN B 69 -110.16 -4.13 21.07
C GLN B 69 -109.35 -5.04 21.98
N PRO B 70 -110.00 -6.02 22.61
CA PRO B 70 -109.28 -6.91 23.54
C PRO B 70 -108.16 -7.67 22.87
N GLY B 71 -107.14 -7.97 23.67
CA GLY B 71 -105.95 -8.64 23.19
C GLY B 71 -104.88 -7.73 22.63
N GLU B 72 -105.13 -6.43 22.57
CA GLU B 72 -104.17 -5.47 22.05
C GLU B 72 -103.74 -4.53 23.17
N LYS B 73 -102.56 -3.93 23.00
CA LYS B 73 -101.95 -3.15 24.07
C LYS B 73 -102.65 -1.82 24.32
N GLY B 74 -103.55 -1.40 23.44
CA GLY B 74 -104.34 -0.22 23.73
C GLY B 74 -105.45 -0.49 24.73
N TYR B 75 -105.83 -1.75 24.90
CA TYR B 75 -106.84 -2.12 25.87
C TYR B 75 -106.33 -1.87 27.29
N GLY B 76 -107.19 -1.33 28.15
CA GLY B 76 -106.87 -1.23 29.56
C GLY B 76 -107.15 0.11 30.20
N ASP B 77 -107.40 0.09 31.51
CA ASP B 77 -107.56 1.33 32.27
C ASP B 77 -106.20 1.99 32.49
N SER B 78 -105.25 1.24 33.05
CA SER B 78 -103.91 1.78 33.26
C SER B 78 -103.25 2.13 31.93
N ASN B 79 -103.52 1.34 30.89
CA ASN B 79 -102.97 1.64 29.57
C ASN B 79 -103.44 2.99 29.08
N GLN B 80 -104.73 3.28 29.17
CA GLN B 80 -105.24 4.56 28.71
C GLN B 80 -104.79 5.71 29.60
N ALA B 81 -104.67 5.45 30.91
CA ALA B 81 -104.14 6.48 31.81
C ALA B 81 -102.72 6.86 31.43
N LYS B 82 -101.89 5.87 31.11
CA LYS B 82 -100.53 6.20 30.70
C LYS B 82 -100.47 6.69 29.26
N CYS B 83 -101.48 6.39 28.42
CA CYS B 83 -101.62 7.11 27.17
C CYS B 83 -101.74 8.60 27.42
N ALA B 84 -102.64 8.96 28.34
CA ALA B 84 -102.82 10.37 28.70
C ALA B 84 -101.54 10.95 29.28
N ARG B 85 -100.84 10.19 30.13
CA ARG B 85 -99.60 10.70 30.69
C ARG B 85 -98.54 10.91 29.61
N ASP B 86 -98.46 10.01 28.63
CA ASP B 86 -97.50 10.18 27.53
C ASP B 86 -97.82 11.43 26.71
N ILE B 87 -99.09 11.64 26.39
CA ILE B 87 -99.44 12.80 25.59
C ILE B 87 -99.22 14.08 26.39
N GLY B 88 -99.48 14.04 27.69
CA GLY B 88 -99.13 15.17 28.54
C GLY B 88 -97.64 15.43 28.55
N TYR B 89 -96.83 14.37 28.51
CA TYR B 89 -95.38 14.53 28.44
C TYR B 89 -94.98 15.21 27.14
N TYR B 90 -95.55 14.76 26.02
CA TYR B 90 -95.25 15.41 24.75
C TYR B 90 -95.66 16.87 24.76
N LEU B 91 -96.83 17.17 25.34
CA LEU B 91 -97.29 18.55 25.43
C LEU B 91 -96.36 19.40 26.27
N ARG B 92 -95.96 18.90 27.45
CA ARG B 92 -95.11 19.71 28.32
C ARG B 92 -93.74 19.91 27.71
N PHE B 93 -93.23 18.93 26.97
CA PHE B 93 -91.92 19.11 26.37
C PHE B 93 -91.97 20.02 25.16
N ILE B 94 -93.09 20.01 24.41
CA ILE B 94 -93.28 21.03 23.38
C ILE B 94 -93.37 22.41 24.02
N THR B 95 -94.04 22.49 25.16
CA THR B 95 -94.11 23.75 25.90
C THR B 95 -92.72 24.21 26.32
N TYR B 96 -91.90 23.30 26.82
CA TYR B 96 -90.53 23.64 27.21
C TYR B 96 -89.75 24.16 26.02
N SER B 97 -89.87 23.48 24.88
CA SER B 97 -89.18 23.95 23.68
C SER B 97 -89.64 25.33 23.26
N LEU B 98 -90.95 25.58 23.31
CA LEU B 98 -91.48 26.90 22.97
C LEU B 98 -90.93 27.96 23.90
N VAL B 99 -90.87 27.67 25.20
CA VAL B 99 -90.35 28.62 26.17
C VAL B 99 -88.88 28.92 25.89
N ALA B 100 -88.08 27.88 25.68
CA ALA B 100 -86.65 28.04 25.50
C ALA B 100 -86.27 28.58 24.13
N SER B 101 -87.22 28.65 23.19
CA SER B 101 -86.94 29.05 21.81
C SER B 101 -85.89 28.15 21.17
N GLY B 102 -85.74 26.94 21.70
CA GLY B 102 -84.79 25.99 21.14
C GLY B 102 -85.28 24.57 21.36
N THR B 103 -84.91 23.71 20.43
CA THR B 103 -85.28 22.30 20.45
C THR B 103 -84.51 21.49 21.49
N GLY B 104 -83.77 22.17 22.36
CA GLY B 104 -83.00 21.52 23.39
C GLY B 104 -83.81 20.61 24.29
N PRO B 105 -84.86 21.14 24.92
CA PRO B 105 -85.67 20.27 25.80
C PRO B 105 -86.28 19.08 25.08
N LEU B 106 -86.74 19.27 23.84
CA LEU B 106 -87.30 18.15 23.09
C LEU B 106 -86.25 17.07 22.87
N ASP B 107 -85.12 17.43 22.23
CA ASP B 107 -84.07 16.47 21.96
C ASP B 107 -83.59 15.79 23.24
N ASP B 108 -83.57 16.53 24.34
CA ASP B 108 -83.11 15.97 25.61
C ASP B 108 -84.10 14.96 26.16
N TYR B 109 -85.39 15.30 26.15
CA TYR B 109 -86.33 14.60 27.02
C TYR B 109 -87.19 13.57 26.30
N VAL B 110 -87.40 13.72 24.99
CA VAL B 110 -88.18 12.72 24.26
C VAL B 110 -87.35 12.05 23.17
N ILE B 111 -86.73 12.84 22.28
CA ILE B 111 -86.18 12.28 21.05
C ILE B 111 -84.98 11.40 21.33
N ALA B 112 -84.19 11.75 22.34
CA ALA B 112 -83.03 10.94 22.70
C ALA B 112 -83.49 9.57 23.20
N GLY B 113 -83.10 8.53 22.47
CA GLY B 113 -83.50 7.17 22.83
C GLY B 113 -84.93 6.82 22.50
N LEU B 114 -85.56 7.55 21.58
CA LEU B 114 -86.94 7.25 21.20
C LEU B 114 -87.03 5.88 20.53
N ARG B 115 -86.16 5.63 19.55
CA ARG B 115 -86.26 4.40 18.77
C ARG B 115 -86.09 3.17 19.64
N GLU B 116 -85.06 3.13 20.49
CA GLU B 116 -84.76 1.93 21.25
C GLU B 116 -85.89 1.56 22.20
N VAL B 117 -86.49 2.56 22.85
CA VAL B 117 -87.55 2.28 23.79
C VAL B 117 -88.84 1.88 23.07
N ASN B 118 -89.11 2.51 21.92
CA ASN B 118 -90.25 2.08 21.11
C ASN B 118 -90.05 0.64 20.65
N ARG B 119 -88.79 0.26 20.39
CA ARG B 119 -88.43 -1.11 20.07
C ARG B 119 -88.78 -2.04 21.22
N ALA B 120 -88.27 -1.73 22.41
CA ALA B 120 -88.32 -2.70 23.51
C ALA B 120 -89.70 -2.81 24.12
N PHE B 121 -90.48 -1.72 24.09
CA PHE B 121 -91.81 -1.75 24.67
C PHE B 121 -92.90 -1.85 23.61
N ASN B 122 -92.55 -2.07 22.35
CA ASN B 122 -93.48 -2.42 21.29
C ASN B 122 -94.46 -1.28 20.98
N LEU B 123 -94.11 -0.05 21.38
CA LEU B 123 -94.95 1.09 21.05
C LEU B 123 -94.85 1.39 19.56
N ASN B 124 -95.91 1.93 19.00
CA ASN B 124 -95.88 2.29 17.58
C ASN B 124 -95.88 3.80 17.44
N PRO B 125 -94.92 4.37 16.70
CA PRO B 125 -94.89 5.83 16.52
C PRO B 125 -96.11 6.38 15.79
N LEU B 126 -96.88 5.55 15.10
CA LEU B 126 -98.06 6.05 14.40
C LEU B 126 -99.07 6.66 15.35
N TRP B 127 -99.27 6.05 16.52
CA TRP B 127 -100.20 6.58 17.49
C TRP B 127 -99.80 7.99 17.91
N TYR B 128 -98.55 8.14 18.33
CA TYR B 128 -98.08 9.45 18.78
C TYR B 128 -98.05 10.45 17.63
N ILE B 129 -97.80 9.99 16.40
CA ILE B 129 -97.72 10.93 15.30
C ILE B 129 -99.10 11.47 14.97
N GLU B 130 -100.13 10.62 15.03
CA GLU B 130 -101.49 11.11 14.84
C GLU B 130 -101.91 12.02 16.00
N ALA B 131 -101.47 11.71 17.22
CA ALA B 131 -101.74 12.61 18.33
C ALA B 131 -101.14 13.99 18.09
N LEU B 132 -99.91 14.03 17.60
CA LEU B 132 -99.25 15.30 17.31
C LEU B 132 -99.93 16.03 16.15
N ASN B 133 -100.45 15.29 15.18
CA ASN B 133 -101.22 15.92 14.11
C ASN B 133 -102.51 16.55 14.64
N TYR B 134 -103.18 15.87 15.56
CA TYR B 134 -104.37 16.46 16.16
C TYR B 134 -104.02 17.71 16.96
N ILE B 135 -102.91 17.67 17.69
CA ILE B 135 -102.46 18.86 18.42
C ILE B 135 -102.14 19.98 17.46
N LYS B 136 -101.53 19.66 16.31
CA LYS B 136 -101.36 20.64 15.25
C LYS B 136 -102.69 21.26 14.87
N GLY B 137 -103.71 20.41 14.70
CA GLY B 137 -105.01 20.91 14.32
C GLY B 137 -105.57 21.90 15.33
N GLU B 138 -105.50 21.58 16.62
CA GLU B 138 -106.07 22.49 17.61
C GLU B 138 -105.21 23.73 17.83
N THR B 139 -103.89 23.62 17.62
CA THR B 139 -103.08 24.84 17.61
C THR B 139 -103.41 25.72 16.42
N GLY B 140 -103.90 25.14 15.33
CA GLY B 140 -104.36 25.93 14.22
C GLY B 140 -105.48 26.88 14.60
N LYS B 141 -106.40 26.44 15.46
CA LYS B 141 -107.51 27.30 15.85
C LYS B 141 -107.13 28.18 17.05
N LEU B 142 -106.51 27.60 18.08
CA LEU B 142 -106.25 28.37 19.30
C LEU B 142 -105.26 29.50 19.05
N LEU B 143 -104.19 29.23 18.30
CA LEU B 143 -103.15 30.21 18.06
C LEU B 143 -103.32 30.79 16.66
N SER B 144 -102.91 32.05 16.51
CA SER B 144 -103.07 32.76 15.24
C SER B 144 -101.78 33.49 14.90
N GLY B 145 -101.49 33.57 13.60
CA GLY B 145 -100.38 34.40 13.16
C GLY B 145 -99.02 33.81 13.50
N GLN B 146 -98.09 34.69 13.86
CA GLN B 146 -96.71 34.27 14.12
C GLN B 146 -96.61 33.29 15.27
N SER B 147 -97.39 33.49 16.34
CA SER B 147 -97.37 32.56 17.46
C SER B 147 -97.74 31.17 16.99
N LYS B 148 -98.76 31.08 16.14
CA LYS B 148 -99.13 29.82 15.51
C LYS B 148 -97.96 29.22 14.75
N THR B 149 -97.21 30.05 14.02
CA THR B 149 -96.09 29.53 13.23
C THR B 149 -95.02 28.94 14.14
N GLU B 150 -94.65 29.68 15.19
CA GLU B 150 -93.57 29.19 16.04
C GLU B 150 -93.99 27.95 16.82
N ALA B 151 -95.24 27.90 17.26
CA ALA B 151 -95.73 26.68 17.91
C ALA B 151 -95.70 25.50 16.94
N LEU B 152 -96.24 25.70 15.72
CA LEU B 152 -96.29 24.61 14.75
C LEU B 152 -94.89 24.15 14.38
N LEU B 153 -93.90 25.05 14.44
CA LEU B 153 -92.56 24.65 14.03
C LEU B 153 -91.93 23.67 15.02
N TYR B 154 -92.09 23.93 16.33
CA TYR B 154 -91.62 22.95 17.30
C TYR B 154 -92.46 21.68 17.27
N ILE B 155 -93.76 21.83 17.01
CA ILE B 155 -94.60 20.65 16.92
C ILE B 155 -94.14 19.76 15.77
N ASP B 156 -94.09 20.30 14.55
CA ASP B 156 -93.68 19.44 13.43
C ASP B 156 -92.21 19.08 13.51
N HIS B 157 -91.41 19.75 14.34
CA HIS B 157 -90.11 19.18 14.70
C HIS B 157 -90.31 17.88 15.47
N ALA B 158 -91.27 17.86 16.40
CA ALA B 158 -91.56 16.62 17.12
C ALA B 158 -92.05 15.54 16.18
N ILE B 159 -92.92 15.89 15.22
CA ILE B 159 -93.26 14.97 14.12
C ILE B 159 -92.03 14.48 13.38
N ASN B 160 -91.14 15.38 12.97
CA ASN B 160 -89.95 14.93 12.24
C ASN B 160 -89.10 14.00 13.09
N ALA B 161 -89.15 14.18 14.42
CA ALA B 161 -88.42 13.28 15.32
C ALA B 161 -89.09 11.92 15.38
N LEU B 162 -90.43 11.89 15.44
CA LEU B 162 -91.14 10.62 15.47
C LEU B 162 -90.94 9.84 14.17
N SER B 163 -90.96 10.53 13.04
CA SER B 163 -90.75 9.89 11.75
C SER B 163 -89.25 9.73 11.46
N MET C 1 -66.26 31.22 0.00
CA MET C 1 -65.97 30.40 1.17
C MET C 1 -66.25 31.23 2.42
N SER C 2 -66.91 32.37 2.23
CA SER C 2 -67.04 33.37 3.29
C SER C 2 -67.96 32.86 4.40
N ARG C 3 -68.14 33.71 5.41
CA ARG C 3 -68.99 33.42 6.55
C ARG C 3 -70.11 34.46 6.66
N THR C 4 -71.33 33.96 6.84
CA THR C 4 -72.51 34.77 7.09
C THR C 4 -73.39 33.96 8.02
N VAL C 5 -74.44 34.59 8.54
CA VAL C 5 -75.43 33.83 9.30
C VAL C 5 -75.95 32.68 8.45
N ILE C 6 -76.30 32.98 7.19
CA ILE C 6 -76.76 31.96 6.26
C ILE C 6 -75.69 30.88 6.09
N THR C 7 -74.46 31.30 5.81
CA THR C 7 -73.41 30.35 5.52
C THR C 7 -73.01 29.55 6.74
N GLU C 8 -72.96 30.21 7.90
CA GLU C 8 -72.63 29.48 9.13
C GLU C 8 -73.69 28.43 9.45
N VAL C 9 -74.97 28.79 9.32
CA VAL C 9 -76.00 27.82 9.67
C VAL C 9 -76.03 26.68 8.65
N ILE C 10 -75.84 26.98 7.37
CA ILE C 10 -75.77 25.91 6.37
C ILE C 10 -74.62 24.99 6.66
N ALA C 11 -73.44 25.54 6.99
CA ALA C 11 -72.27 24.72 7.25
C ALA C 11 -72.44 23.86 8.49
N THR C 12 -73.00 24.43 9.57
CA THR C 12 -73.17 23.64 10.78
C THR C 12 -74.25 22.58 10.61
N ALA C 13 -75.28 22.86 9.82
CA ALA C 13 -76.28 21.85 9.53
C ALA C 13 -75.70 20.74 8.66
N ASP C 14 -74.86 21.11 7.70
CA ASP C 14 -74.22 20.11 6.84
C ASP C 14 -73.30 19.22 7.65
N SER C 15 -72.54 19.79 8.58
CA SER C 15 -71.57 19.01 9.33
C SER C 15 -72.24 17.88 10.10
N GLN C 16 -73.36 18.16 10.77
CA GLN C 16 -74.16 17.08 11.34
C GLN C 16 -74.99 16.33 10.30
N GLY C 17 -75.04 16.82 9.06
CA GLY C 17 -75.82 16.14 8.04
C GLY C 17 -77.29 16.08 8.39
N ARG C 18 -77.95 17.24 8.42
CA ARG C 18 -79.34 17.32 8.80
C ARG C 18 -79.98 18.50 8.10
N PHE C 19 -81.30 18.58 8.21
CA PHE C 19 -82.01 19.74 7.71
C PHE C 19 -81.93 20.87 8.73
N LEU C 20 -82.32 22.06 8.29
CA LEU C 20 -82.27 23.23 9.15
C LEU C 20 -83.52 23.24 10.02
N ASN C 21 -83.35 22.98 11.32
CA ASN C 21 -84.48 23.09 12.21
C ASN C 21 -84.69 24.56 12.58
N SER C 22 -85.48 24.80 13.63
CA SER C 22 -85.96 26.15 13.90
C SER C 22 -84.85 27.17 14.09
N THR C 23 -83.74 26.76 14.70
CA THR C 23 -82.71 27.72 15.09
C THR C 23 -82.08 28.38 13.86
N GLU C 24 -81.73 27.60 12.85
CA GLU C 24 -81.09 28.15 11.67
C GLU C 24 -82.01 29.12 10.95
N LEU C 25 -83.28 28.74 10.78
CA LEU C 25 -84.22 29.64 10.11
C LEU C 25 -84.46 30.90 10.93
N GLN C 26 -84.46 30.76 12.25
CA GLN C 26 -84.58 31.92 13.13
C GLN C 26 -83.40 32.88 12.91
N ALA C 27 -82.19 32.36 12.90
CA ALA C 27 -81.02 33.19 12.68
C ALA C 27 -81.04 33.82 11.29
N ALA C 28 -81.49 33.06 10.29
CA ALA C 28 -81.62 33.61 8.95
C ALA C 28 -82.63 34.75 8.91
N PHE C 29 -83.72 34.61 9.66
CA PHE C 29 -84.68 35.71 9.75
C PHE C 29 -84.06 36.92 10.40
N GLY C 30 -83.24 36.71 11.43
CA GLY C 30 -82.51 37.82 12.00
C GLY C 30 -81.65 38.54 10.99
N ARG C 31 -80.90 37.78 10.20
CA ARG C 31 -80.06 38.38 9.17
C ARG C 31 -80.88 39.15 8.14
N PHE C 32 -81.99 38.55 7.70
CA PHE C 32 -82.78 39.16 6.64
C PHE C 32 -83.50 40.41 7.12
N GLU C 33 -83.85 40.45 8.41
CA GLU C 33 -84.37 41.67 9.00
C GLU C 33 -83.28 42.70 9.21
N ARG C 34 -82.06 42.25 9.49
CA ARG C 34 -80.97 43.18 9.72
C ARG C 34 -80.54 43.88 8.44
N ALA C 35 -80.71 43.21 7.30
CA ALA C 35 -80.05 43.71 6.11
C ALA C 35 -80.56 45.07 5.63
N VAL C 36 -81.55 45.69 6.25
CA VAL C 36 -81.94 47.03 5.79
C VAL C 36 -80.99 48.09 6.35
N PRO C 37 -80.80 48.19 7.69
CA PRO C 37 -79.81 49.16 8.18
C PRO C 37 -78.43 48.93 7.63
N ALA C 38 -78.00 47.68 7.55
CA ALA C 38 -76.66 47.38 7.06
C ALA C 38 -76.49 47.82 5.61
N ILE C 39 -77.48 47.51 4.76
CA ILE C 39 -77.32 47.85 3.35
C ILE C 39 -77.40 49.35 3.14
N GLU C 40 -78.27 50.05 3.88
CA GLU C 40 -78.31 51.48 3.64
C GLU C 40 -77.13 52.19 4.28
N ALA C 41 -76.52 51.58 5.30
CA ALA C 41 -75.24 52.08 5.81
C ALA C 41 -74.13 51.89 4.78
N ALA C 42 -74.10 50.73 4.14
CA ALA C 42 -73.16 50.51 3.04
C ALA C 42 -73.36 51.53 1.93
N ARG C 43 -74.62 51.90 1.65
CA ARG C 43 -74.91 52.92 0.64
C ARG C 43 -74.40 54.29 1.07
N ALA C 44 -74.68 54.68 2.32
CA ALA C 44 -74.24 55.98 2.80
C ALA C 44 -72.72 56.06 2.89
N LEU C 45 -72.07 54.93 3.13
CA LEU C 45 -70.63 54.88 3.24
C LEU C 45 -69.96 54.79 1.88
N THR C 46 -70.67 54.24 0.89
CA THR C 46 -70.20 54.27 -0.49
C THR C 46 -70.27 55.68 -1.07
N LYS C 47 -71.34 56.42 -0.77
CA LYS C 47 -71.45 57.79 -1.29
C LYS C 47 -70.34 58.69 -0.77
N ASN C 48 -69.67 58.32 0.32
CA ASN C 48 -68.67 59.16 0.95
C ASN C 48 -67.27 58.59 0.75
N GLN C 49 -67.02 58.06 -0.45
CA GLN C 49 -65.72 57.59 -0.87
C GLN C 49 -64.59 58.57 -0.58
N ASP C 50 -64.60 59.69 -1.30
CA ASP C 50 -63.41 60.54 -1.35
C ASP C 50 -63.23 61.32 -0.06
N ALA C 51 -64.31 61.88 0.49
CA ALA C 51 -64.16 62.60 1.75
C ALA C 51 -63.55 61.70 2.82
N LEU C 52 -64.05 60.47 2.92
CA LEU C 52 -63.55 59.57 3.95
C LEU C 52 -62.10 59.18 3.71
N VAL C 53 -61.77 58.75 2.50
CA VAL C 53 -60.40 58.31 2.25
C VAL C 53 -59.41 59.46 2.39
N LYS C 54 -59.72 60.62 1.81
CA LYS C 54 -58.81 61.75 1.91
C LYS C 54 -58.64 62.21 3.35
N GLY C 55 -59.73 62.32 4.10
CA GLY C 55 -59.60 62.68 5.50
C GLY C 55 -58.77 61.68 6.28
N ALA C 56 -58.94 60.39 5.98
CA ALA C 56 -58.18 59.38 6.71
C ALA C 56 -56.70 59.46 6.40
N VAL C 57 -56.34 59.68 5.14
CA VAL C 57 -54.94 59.87 4.78
C VAL C 57 -54.37 61.08 5.50
N GLN C 58 -55.10 62.19 5.47
CA GLN C 58 -54.60 63.39 6.14
C GLN C 58 -54.48 63.18 7.63
N ALA C 59 -55.35 62.36 8.21
CA ALA C 59 -55.28 62.10 9.64
C ALA C 59 -54.08 61.22 9.98
N VAL C 60 -53.80 60.22 9.14
CA VAL C 60 -52.58 59.44 9.32
C VAL C 60 -51.36 60.35 9.31
N PHE C 61 -51.31 61.28 8.36
CA PHE C 61 -50.17 62.20 8.31
C PHE C 61 -50.13 63.10 9.54
N LYS C 62 -51.30 63.58 9.99
CA LYS C 62 -51.31 64.49 11.13
C LYS C 62 -50.82 63.79 12.39
N LYS C 63 -51.20 62.53 12.59
CA LYS C 63 -50.81 61.84 13.81
C LYS C 63 -49.39 61.27 13.71
N PHE C 64 -48.94 60.96 12.50
CA PHE C 64 -47.61 60.45 12.27
C PHE C 64 -46.88 61.39 11.33
N PRO C 65 -46.54 62.59 11.79
CA PRO C 65 -46.01 63.61 10.86
C PRO C 65 -44.73 63.20 10.18
N TYR C 66 -43.89 62.41 10.85
CA TYR C 66 -42.55 62.11 10.34
C TYR C 66 -42.57 61.23 9.10
N VAL C 67 -43.75 60.77 8.67
CA VAL C 67 -43.79 59.84 7.55
C VAL C 67 -43.67 60.58 6.23
N THR C 68 -44.02 61.86 6.18
CA THR C 68 -44.15 62.54 4.91
C THR C 68 -42.80 62.94 4.31
N GLN C 69 -41.79 63.17 5.15
CA GLN C 69 -40.54 63.72 4.67
C GLN C 69 -39.73 62.67 3.90
N PRO C 70 -38.73 63.11 3.15
CA PRO C 70 -37.81 62.15 2.51
C PRO C 70 -37.10 61.29 3.54
N GLY C 71 -36.79 60.06 3.12
CA GLY C 71 -36.19 59.08 3.99
C GLY C 71 -37.16 58.27 4.81
N GLU C 72 -38.47 58.42 4.59
CA GLU C 72 -39.49 57.66 5.29
C GLU C 72 -40.51 57.14 4.28
N LYS C 73 -41.43 56.30 4.77
CA LYS C 73 -42.36 55.60 3.89
C LYS C 73 -43.24 56.56 3.11
N GLY C 74 -43.78 57.57 3.77
CA GLY C 74 -44.78 58.41 3.15
C GLY C 74 -44.23 59.46 2.21
N TYR C 75 -42.95 59.41 1.89
CA TYR C 75 -42.40 60.29 0.88
C TYR C 75 -42.91 59.92 -0.51
N GLY C 76 -43.11 60.93 -1.33
CA GLY C 76 -43.34 60.72 -2.75
C GLY C 76 -44.81 60.59 -3.09
N ASP C 77 -45.14 60.94 -4.33
CA ASP C 77 -46.53 60.88 -4.78
C ASP C 77 -47.04 59.44 -4.79
N SER C 78 -46.21 58.49 -5.18
CA SER C 78 -46.67 57.11 -5.29
C SER C 78 -47.07 56.55 -3.94
N ASN C 79 -46.24 56.76 -2.91
CA ASN C 79 -46.54 56.21 -1.60
C ASN C 79 -47.79 56.82 -1.01
N GLN C 80 -47.98 58.13 -1.18
CA GLN C 80 -49.17 58.77 -0.61
C GLN C 80 -50.43 58.38 -1.37
N ALA C 81 -50.37 58.38 -2.70
CA ALA C 81 -51.52 57.95 -3.48
C ALA C 81 -51.85 56.50 -3.19
N LYS C 82 -50.85 55.69 -2.85
CA LYS C 82 -51.14 54.31 -2.58
C LYS C 82 -51.55 54.09 -1.13
N CYS C 83 -51.23 55.02 -0.24
CA CYS C 83 -51.94 55.11 1.02
C CYS C 83 -53.43 55.34 0.80
N ALA C 84 -53.75 56.26 -0.12
CA ALA C 84 -55.16 56.47 -0.46
C ALA C 84 -55.79 55.18 -0.96
N ARG C 85 -55.05 54.46 -1.81
CA ARG C 85 -55.54 53.17 -2.31
C ARG C 85 -55.79 52.18 -1.17
N ASP C 86 -54.87 52.08 -0.21
CA ASP C 86 -55.01 51.13 0.87
C ASP C 86 -56.19 51.46 1.77
N ILE C 87 -56.35 52.73 2.11
CA ILE C 87 -57.50 53.14 2.91
C ILE C 87 -58.80 52.87 2.15
N GLY C 88 -58.78 53.09 0.84
CA GLY C 88 -59.93 52.72 0.03
C GLY C 88 -60.24 51.25 0.13
N TYR C 89 -59.22 50.41 0.12
CA TYR C 89 -59.45 48.98 0.28
C TYR C 89 -60.12 48.68 1.61
N TYR C 90 -59.61 49.27 2.68
CA TYR C 90 -60.19 49.00 4.00
C TYR C 90 -61.66 49.42 4.05
N LEU C 91 -61.96 50.63 3.57
CA LEU C 91 -63.34 51.09 3.59
C LEU C 91 -64.23 50.22 2.72
N ARG C 92 -63.72 49.81 1.57
CA ARG C 92 -64.49 48.96 0.67
C ARG C 92 -64.85 47.64 1.31
N PHE C 93 -63.89 47.01 1.97
CA PHE C 93 -64.23 45.73 2.60
C PHE C 93 -65.08 45.93 3.84
N ILE C 94 -65.06 47.13 4.41
CA ILE C 94 -65.99 47.42 5.49
C ILE C 94 -67.41 47.46 4.96
N THR C 95 -67.62 48.08 3.80
CA THR C 95 -68.97 48.10 3.23
C THR C 95 -69.37 46.71 2.73
N TYR C 96 -68.39 45.92 2.26
CA TYR C 96 -68.67 44.53 1.92
C TYR C 96 -69.14 43.76 3.14
N SER C 97 -68.52 44.00 4.30
CA SER C 97 -68.95 43.29 5.50
C SER C 97 -70.31 43.79 5.98
N LEU C 98 -70.63 45.06 5.73
CA LEU C 98 -72.00 45.52 5.99
C LEU C 98 -72.99 44.76 5.12
N VAL C 99 -72.82 44.85 3.80
CA VAL C 99 -73.76 44.21 2.89
C VAL C 99 -73.88 42.73 3.20
N ALA C 100 -72.75 42.04 3.34
CA ALA C 100 -72.76 40.63 3.69
C ALA C 100 -73.24 40.38 5.11
N SER C 101 -73.36 41.42 5.93
CA SER C 101 -73.82 41.29 7.32
C SER C 101 -73.00 40.26 8.06
N GLY C 102 -71.69 40.26 7.82
CA GLY C 102 -70.77 39.36 8.48
C GLY C 102 -69.35 39.73 8.17
N THR C 103 -68.45 39.33 9.06
CA THR C 103 -67.04 39.68 8.95
C THR C 103 -66.29 38.80 7.98
N GLY C 104 -67.00 38.05 7.14
CA GLY C 104 -66.38 37.17 6.19
C GLY C 104 -65.52 37.89 5.17
N PRO C 105 -66.05 38.97 4.58
CA PRO C 105 -65.20 39.77 3.69
C PRO C 105 -63.97 40.33 4.37
N LEU C 106 -64.12 41.00 5.51
CA LEU C 106 -62.96 41.51 6.22
C LEU C 106 -61.95 40.41 6.50
N ASP C 107 -62.40 39.33 7.12
CA ASP C 107 -61.49 38.24 7.43
C ASP C 107 -60.77 37.75 6.19
N ASP C 108 -61.53 37.21 5.24
CA ASP C 108 -60.93 36.55 4.08
C ASP C 108 -60.02 37.49 3.30
N TYR C 109 -60.47 38.72 3.07
CA TYR C 109 -59.78 39.60 2.15
C TYR C 109 -58.70 40.45 2.79
N VAL C 110 -58.81 40.78 4.08
CA VAL C 110 -57.87 41.67 4.73
C VAL C 110 -57.23 40.98 5.92
N ILE C 111 -58.04 40.37 6.77
CA ILE C 111 -57.56 39.99 8.09
C ILE C 111 -56.67 38.75 8.01
N ALA C 112 -56.93 37.87 7.05
CA ALA C 112 -56.09 36.69 6.89
C ALA C 112 -54.83 37.06 6.12
N GLY C 113 -53.68 36.80 6.72
CA GLY C 113 -52.43 37.22 6.14
C GLY C 113 -52.09 38.67 6.37
N LEU C 114 -52.75 39.32 7.33
CA LEU C 114 -52.51 40.74 7.56
C LEU C 114 -51.14 40.99 8.13
N ARG C 115 -50.77 40.23 9.15
CA ARG C 115 -49.61 40.56 9.96
C ARG C 115 -48.33 40.29 9.18
N GLU C 116 -48.28 39.17 8.46
CA GLU C 116 -47.13 38.85 7.63
C GLU C 116 -46.91 39.89 6.54
N VAL C 117 -47.99 40.32 5.88
CA VAL C 117 -47.84 41.28 4.79
C VAL C 117 -47.53 42.66 5.35
N ASN C 118 -47.85 42.91 6.62
CA ASN C 118 -47.44 44.16 7.23
C ASN C 118 -45.95 44.13 7.55
N ARG C 119 -45.47 43.01 8.10
CA ARG C 119 -44.04 42.90 8.40
C ARG C 119 -43.19 42.92 7.14
N ALA C 120 -43.52 42.09 6.15
CA ALA C 120 -42.63 41.87 5.03
C ALA C 120 -42.56 43.07 4.10
N PHE C 121 -43.45 44.04 4.27
CA PHE C 121 -43.36 45.30 3.56
C PHE C 121 -43.12 46.47 4.51
N ASN C 122 -43.01 46.21 5.80
CA ASN C 122 -42.78 47.24 6.81
C ASN C 122 -43.91 48.27 6.79
N LEU C 123 -45.12 47.80 7.07
CA LEU C 123 -46.29 48.65 7.19
C LEU C 123 -46.72 48.65 8.65
N ASN C 124 -46.95 49.82 9.20
CA ASN C 124 -47.23 49.89 10.62
C ASN C 124 -48.74 49.84 10.86
N PRO C 125 -49.22 48.86 11.63
CA PRO C 125 -50.67 48.81 11.92
C PRO C 125 -51.20 50.04 12.60
N LEU C 126 -50.35 50.88 13.20
CA LEU C 126 -50.85 52.09 13.85
C LEU C 126 -51.32 53.10 12.82
N TRP C 127 -50.69 53.13 11.66
CA TRP C 127 -51.12 54.00 10.57
C TRP C 127 -52.56 53.70 10.21
N TYR C 128 -52.83 52.42 9.99
CA TYR C 128 -54.15 51.97 9.59
C TYR C 128 -55.15 52.10 10.72
N ILE C 129 -54.74 51.90 11.97
CA ILE C 129 -55.66 52.08 13.07
C ILE C 129 -56.05 53.54 13.20
N GLU C 130 -55.12 54.46 12.96
CA GLU C 130 -55.48 55.87 13.03
C GLU C 130 -56.43 56.25 11.90
N ALA C 131 -56.17 55.77 10.69
CA ALA C 131 -57.10 56.03 9.60
C ALA C 131 -58.47 55.44 9.87
N LEU C 132 -58.52 54.21 10.39
CA LEU C 132 -59.79 53.59 10.73
C LEU C 132 -60.52 54.37 11.81
N ASN C 133 -59.79 54.88 12.80
CA ASN C 133 -60.44 55.64 13.85
C ASN C 133 -61.00 56.95 13.31
N TYR C 134 -60.33 57.54 12.33
CA TYR C 134 -60.91 58.73 11.70
C TYR C 134 -62.19 58.39 10.94
N ILE C 135 -62.15 57.31 10.15
CA ILE C 135 -63.33 56.87 9.44
C ILE C 135 -64.47 56.60 10.42
N LYS C 136 -64.15 55.99 11.55
CA LYS C 136 -65.13 55.73 12.60
C LYS C 136 -65.73 57.02 13.11
N GLY C 137 -64.87 58.02 13.38
CA GLY C 137 -65.37 59.30 13.84
C GLY C 137 -66.30 59.96 12.84
N GLU C 138 -66.05 59.76 11.55
CA GLU C 138 -66.88 60.44 10.56
C GLU C 138 -68.14 59.65 10.22
N THR C 139 -68.10 58.33 10.34
CA THR C 139 -69.36 57.60 10.32
C THR C 139 -70.23 57.97 11.50
N GLY C 140 -69.62 58.40 12.60
CA GLY C 140 -70.40 58.94 13.70
C GLY C 140 -71.36 60.04 13.28
N LYS C 141 -70.98 60.85 12.28
CA LYS C 141 -71.83 61.94 11.83
C LYS C 141 -72.54 61.67 10.52
N LEU C 142 -72.11 60.66 9.75
CA LEU C 142 -72.90 60.28 8.58
C LEU C 142 -74.12 59.48 8.97
N LEU C 143 -73.92 58.37 9.67
CA LEU C 143 -74.97 57.39 9.92
C LEU C 143 -75.65 57.68 11.24
N SER C 144 -76.94 57.40 11.30
CA SER C 144 -77.70 57.53 12.53
C SER C 144 -78.44 56.22 12.80
N GLY C 145 -78.74 55.97 14.06
CA GLY C 145 -79.49 54.78 14.39
C GLY C 145 -78.59 53.55 14.34
N GLN C 146 -79.20 52.41 14.06
CA GLN C 146 -78.47 51.14 14.16
C GLN C 146 -77.46 50.99 13.02
N SER C 147 -77.66 51.73 11.93
CA SER C 147 -76.69 51.72 10.83
C SER C 147 -75.32 52.15 11.34
N LYS C 148 -75.28 53.24 12.09
CA LYS C 148 -74.02 53.69 12.69
C LYS C 148 -73.49 52.62 13.62
N THR C 149 -74.37 51.96 14.37
CA THR C 149 -73.91 50.96 15.32
C THR C 149 -73.17 49.83 14.61
N GLU C 150 -73.71 49.36 13.48
CA GLU C 150 -73.05 48.24 12.83
C GLU C 150 -71.86 48.66 11.97
N ALA C 151 -71.90 49.86 11.39
CA ALA C 151 -70.68 50.36 10.78
C ALA C 151 -69.56 50.44 11.80
N LEU C 152 -69.87 50.94 13.00
CA LEU C 152 -68.85 51.02 14.04
C LEU C 152 -68.42 49.65 14.49
N LEU C 153 -69.34 48.69 14.52
CA LEU C 153 -68.95 47.34 14.93
C LEU C 153 -67.95 46.75 13.95
N TYR C 154 -68.17 46.92 12.64
CA TYR C 154 -67.23 46.35 11.69
C TYR C 154 -65.91 47.11 11.68
N ILE C 155 -65.96 48.44 11.82
CA ILE C 155 -64.72 49.21 11.91
C ILE C 155 -63.93 48.79 13.14
N ASP C 156 -64.62 48.50 14.24
CA ASP C 156 -63.94 48.06 15.45
C ASP C 156 -63.39 46.66 15.31
N HIS C 157 -64.08 45.79 14.57
CA HIS C 157 -63.51 44.47 14.31
C HIS C 157 -62.21 44.58 13.52
N ALA C 158 -62.20 45.45 12.51
CA ALA C 158 -60.96 45.64 11.75
C ALA C 158 -59.87 46.22 12.65
N ILE C 159 -60.21 47.18 13.50
CA ILE C 159 -59.21 47.78 14.38
C ILE C 159 -58.66 46.75 15.36
N ASN C 160 -59.53 45.90 15.91
CA ASN C 160 -59.06 44.85 16.80
C ASN C 160 -58.13 43.91 16.07
N ALA C 161 -58.44 43.58 14.82
CA ALA C 161 -57.57 42.68 14.06
C ALA C 161 -56.22 43.33 13.79
N LEU C 162 -56.19 44.66 13.63
CA LEU C 162 -54.90 45.33 13.48
C LEU C 162 -54.14 45.37 14.80
N SER C 163 -54.85 45.51 15.91
CA SER C 163 -54.20 45.58 17.21
C SER C 163 -54.20 44.21 17.88
N SER D 2 -34.03 23.64 28.64
CA SER D 2 -33.73 24.38 27.44
C SER D 2 -33.35 23.44 26.30
N ARG D 3 -32.67 23.98 25.29
CA ARG D 3 -32.34 23.24 24.08
C ARG D 3 -30.90 23.49 23.68
N THR D 4 -29.98 22.67 24.18
CA THR D 4 -28.57 22.74 23.83
C THR D 4 -28.22 21.55 22.96
N VAL D 5 -27.03 21.56 22.36
CA VAL D 5 -26.67 20.51 21.41
C VAL D 5 -26.82 19.13 22.05
N ILE D 6 -26.37 19.01 23.30
CA ILE D 6 -26.60 17.78 24.06
C ILE D 6 -28.09 17.48 24.16
N THR D 7 -28.91 18.53 24.31
CA THR D 7 -30.35 18.31 24.45
C THR D 7 -30.95 17.69 23.20
N GLU D 8 -30.67 18.25 22.01
CA GLU D 8 -31.21 17.60 20.82
C GLU D 8 -30.61 16.22 20.61
N VAL D 9 -29.32 16.05 20.92
CA VAL D 9 -28.70 14.73 20.75
C VAL D 9 -29.44 13.68 21.58
N ILE D 10 -29.65 13.99 22.86
CA ILE D 10 -30.33 13.04 23.75
C ILE D 10 -31.78 12.84 23.33
N ALA D 11 -32.46 13.92 22.95
CA ALA D 11 -33.86 13.80 22.55
C ALA D 11 -34.02 12.92 21.32
N THR D 12 -33.22 13.18 20.28
CA THR D 12 -33.27 12.35 19.08
C THR D 12 -32.89 10.91 19.36
N ALA D 13 -31.86 10.67 20.19
CA ALA D 13 -31.50 9.31 20.53
C ALA D 13 -32.60 8.59 21.28
N ASP D 14 -33.28 9.27 22.20
CA ASP D 14 -34.34 8.64 22.99
C ASP D 14 -35.59 8.43 22.15
N SER D 15 -35.78 9.27 21.12
CA SER D 15 -36.97 9.14 20.28
C SER D 15 -37.04 7.79 19.60
N GLN D 16 -35.95 7.36 18.97
CA GLN D 16 -35.90 6.01 18.41
C GLN D 16 -35.72 4.93 19.47
N GLY D 17 -35.54 5.32 20.73
CA GLY D 17 -35.35 4.35 21.79
C GLY D 17 -34.09 3.53 21.65
N ARG D 18 -33.02 4.13 21.13
CA ARG D 18 -31.77 3.43 20.89
C ARG D 18 -30.61 4.27 21.40
N PHE D 19 -29.49 3.60 21.62
CA PHE D 19 -28.31 4.25 22.18
C PHE D 19 -27.79 5.32 21.25
N LEU D 20 -26.86 6.13 21.77
CA LEU D 20 -26.25 7.19 20.98
C LEU D 20 -25.20 6.58 20.07
N ASN D 21 -25.40 6.70 18.77
CA ASN D 21 -24.47 6.16 17.79
C ASN D 21 -23.43 7.20 17.42
N SER D 22 -22.71 6.96 16.32
CA SER D 22 -21.61 7.81 15.93
C SER D 22 -22.06 9.27 15.74
N THR D 23 -23.18 9.48 15.06
CA THR D 23 -23.58 10.83 14.69
C THR D 23 -23.83 11.70 15.93
N GLU D 24 -24.49 11.15 16.93
CA GLU D 24 -24.78 11.91 18.14
C GLU D 24 -23.50 12.28 18.88
N LEU D 25 -22.57 11.32 18.98
CA LEU D 25 -21.30 11.61 19.64
C LEU D 25 -20.52 12.65 18.86
N GLN D 26 -20.55 12.58 17.53
CA GLN D 26 -19.87 13.59 16.72
C GLN D 26 -20.47 14.98 16.93
N ALA D 27 -21.80 15.05 17.03
CA ALA D 27 -22.44 16.33 17.30
C ALA D 27 -22.04 16.87 18.67
N ALA D 28 -22.02 16.00 19.68
CA ALA D 28 -21.61 16.42 21.01
C ALA D 28 -20.16 16.88 21.01
N PHE D 29 -19.29 16.19 20.27
CA PHE D 29 -17.90 16.61 20.14
C PHE D 29 -17.78 17.96 19.44
N GLY D 30 -18.57 18.17 18.38
CA GLY D 30 -18.54 19.45 17.71
C GLY D 30 -18.98 20.59 18.60
N ARG D 31 -19.95 20.33 19.48
CA ARG D 31 -20.32 21.33 20.49
C ARG D 31 -19.20 21.52 21.51
N PHE D 32 -18.61 20.42 21.97
CA PHE D 32 -17.63 20.50 23.04
C PHE D 32 -16.36 21.24 22.62
N GLU D 33 -15.83 20.94 21.43
CA GLU D 33 -14.52 21.47 21.07
C GLU D 33 -14.52 23.00 20.96
N ARG D 34 -15.57 23.60 20.41
CA ARG D 34 -15.68 25.04 20.48
C ARG D 34 -16.68 25.51 21.52
N ALA D 35 -16.69 24.90 22.70
CA ALA D 35 -17.35 25.53 23.84
C ALA D 35 -16.54 26.72 24.33
N VAL D 36 -15.24 26.74 24.02
CA VAL D 36 -14.35 27.77 24.55
C VAL D 36 -14.49 29.11 23.85
N PRO D 37 -14.64 29.22 22.52
CA PRO D 37 -14.95 30.56 21.99
C PRO D 37 -16.27 31.09 22.49
N ALA D 38 -17.26 30.22 22.66
CA ALA D 38 -18.55 30.67 23.19
C ALA D 38 -18.41 31.19 24.63
N ILE D 39 -17.70 30.45 25.48
CA ILE D 39 -17.60 30.88 26.87
C ILE D 39 -16.75 32.14 26.98
N GLU D 40 -15.67 32.24 26.20
CA GLU D 40 -14.85 33.45 26.27
C GLU D 40 -15.59 34.64 25.69
N ALA D 41 -16.44 34.42 24.68
CA ALA D 41 -17.27 35.52 24.17
C ALA D 41 -18.29 35.97 25.20
N ALA D 42 -18.92 35.02 25.90
CA ALA D 42 -19.86 35.39 26.95
C ALA D 42 -19.16 36.13 28.08
N ARG D 43 -17.93 35.70 28.42
CA ARG D 43 -17.13 36.41 29.40
C ARG D 43 -16.79 37.81 28.93
N ALA D 44 -16.44 37.96 27.65
CA ALA D 44 -16.06 39.27 27.13
C ALA D 44 -17.25 40.23 27.11
N LEU D 45 -18.46 39.72 26.85
CA LEU D 45 -19.62 40.59 26.80
C LEU D 45 -20.47 40.51 28.07
N THR D 46 -19.95 39.91 29.13
CA THR D 46 -20.58 40.05 30.45
C THR D 46 -19.91 41.11 31.31
N LYS D 47 -18.67 41.48 31.00
CA LYS D 47 -18.02 42.59 31.68
C LYS D 47 -18.53 43.94 31.23
N ASN D 48 -19.00 44.04 29.98
CA ASN D 48 -19.37 45.30 29.35
C ASN D 48 -20.87 45.50 29.33
N GLN D 49 -21.59 44.78 30.20
CA GLN D 49 -23.05 44.77 30.14
C GLN D 49 -23.64 46.16 30.38
N ASP D 50 -23.04 46.93 31.28
CA ASP D 50 -23.53 48.28 31.52
C ASP D 50 -23.36 49.16 30.28
N ALA D 51 -22.17 49.16 29.70
CA ALA D 51 -21.95 49.89 28.46
C ALA D 51 -22.90 49.39 27.38
N LEU D 52 -23.10 48.09 27.29
CA LEU D 52 -24.00 47.52 26.29
C LEU D 52 -25.42 48.05 26.47
N VAL D 53 -25.95 48.03 27.69
CA VAL D 53 -27.35 48.40 27.89
C VAL D 53 -27.56 49.88 27.66
N LYS D 54 -26.67 50.73 28.22
CA LYS D 54 -26.83 52.16 27.98
C LYS D 54 -26.66 52.50 26.51
N GLY D 55 -25.70 51.89 25.82
CA GLY D 55 -25.53 52.14 24.41
C GLY D 55 -26.75 51.73 23.60
N ALA D 56 -27.32 50.56 23.89
CA ALA D 56 -28.50 50.11 23.17
C ALA D 56 -29.68 51.03 23.41
N VAL D 57 -29.89 51.46 24.66
CA VAL D 57 -31.02 52.33 24.96
C VAL D 57 -30.86 53.68 24.26
N GLN D 58 -29.65 54.25 24.32
CA GLN D 58 -29.44 55.53 23.67
C GLN D 58 -29.52 55.43 22.16
N ALA D 59 -29.07 54.31 21.58
CA ALA D 59 -29.18 54.13 20.14
C ALA D 59 -30.64 53.96 19.72
N VAL D 60 -31.44 53.28 20.52
CA VAL D 60 -32.87 53.18 20.25
C VAL D 60 -33.51 54.54 20.29
N PHE D 61 -33.15 55.35 21.30
CA PHE D 61 -33.67 56.72 21.37
C PHE D 61 -33.27 57.52 20.14
N LYS D 62 -32.01 57.40 19.71
CA LYS D 62 -31.53 58.15 18.56
C LYS D 62 -32.25 57.74 17.28
N LYS D 63 -32.29 56.44 16.99
CA LYS D 63 -32.87 55.97 15.74
C LYS D 63 -34.35 56.32 15.62
N PHE D 64 -35.07 56.34 16.74
CA PHE D 64 -36.51 56.61 16.76
C PHE D 64 -36.75 57.84 17.61
N PRO D 65 -36.68 59.03 17.05
CA PRO D 65 -36.91 60.25 17.85
C PRO D 65 -38.28 60.30 18.49
N TYR D 66 -39.28 59.66 17.87
CA TYR D 66 -40.66 59.76 18.36
C TYR D 66 -40.87 59.00 19.67
N VAL D 67 -39.90 58.20 20.11
CA VAL D 67 -40.08 57.41 21.32
C VAL D 67 -39.36 58.09 22.48
N THR D 68 -39.12 59.40 22.35
CA THR D 68 -38.41 60.16 23.36
C THR D 68 -39.27 61.22 24.05
N GLN D 69 -39.99 62.04 23.27
CA GLN D 69 -40.77 63.13 23.84
C GLN D 69 -41.97 62.58 24.60
N PRO D 70 -42.56 63.39 25.49
CA PRO D 70 -43.72 62.91 26.26
C PRO D 70 -44.89 62.55 25.35
N GLY D 71 -45.84 61.83 25.94
CA GLY D 71 -46.99 61.33 25.23
C GLY D 71 -46.83 59.96 24.62
N GLU D 72 -45.85 59.18 25.07
CA GLU D 72 -45.59 57.85 24.53
C GLU D 72 -44.84 57.03 25.58
N LYS D 73 -44.60 55.76 25.25
CA LYS D 73 -44.08 54.84 26.25
C LYS D 73 -42.60 55.06 26.54
N GLY D 74 -41.83 55.51 25.54
CA GLY D 74 -40.41 55.71 25.75
C GLY D 74 -40.11 56.75 26.82
N TYR D 75 -40.90 57.83 26.84
CA TYR D 75 -40.78 58.81 27.91
C TYR D 75 -41.13 58.18 29.25
N GLY D 76 -40.44 58.62 30.30
CA GLY D 76 -40.75 58.16 31.64
C GLY D 76 -39.56 57.57 32.36
N ASP D 77 -39.40 57.94 33.64
CA ASP D 77 -38.28 57.41 34.42
C ASP D 77 -38.44 55.92 34.68
N SER D 78 -39.62 55.50 35.14
CA SER D 78 -39.87 54.08 35.34
C SER D 78 -39.86 53.34 34.01
N ASN D 79 -40.36 53.97 32.95
CA ASN D 79 -40.36 53.33 31.64
C ASN D 79 -38.94 53.16 31.11
N GLN D 80 -38.06 54.13 31.34
CA GLN D 80 -36.67 53.97 30.91
C GLN D 80 -35.93 52.96 31.78
N ALA D 81 -36.27 52.87 33.07
CA ALA D 81 -35.76 51.78 33.89
C ALA D 81 -36.20 50.44 33.34
N LYS D 82 -37.46 50.35 32.89
CA LYS D 82 -37.96 49.14 32.25
C LYS D 82 -37.20 48.84 30.97
N CYS D 83 -36.89 49.85 30.17
CA CYS D 83 -36.10 49.65 28.97
C CYS D 83 -34.72 49.09 29.28
N ALA D 84 -34.05 49.66 30.28
CA ALA D 84 -32.73 49.17 30.68
C ALA D 84 -32.82 47.73 31.18
N ARG D 85 -33.85 47.44 31.98
CA ARG D 85 -34.05 46.08 32.48
C ARG D 85 -34.31 45.11 31.33
N ASP D 86 -35.07 45.54 30.32
CA ASP D 86 -35.33 44.71 29.15
C ASP D 86 -34.04 44.38 28.41
N ILE D 87 -33.20 45.40 28.20
CA ILE D 87 -31.95 45.18 27.47
C ILE D 87 -31.02 44.28 28.28
N GLY D 88 -31.00 44.48 29.60
CA GLY D 88 -30.21 43.59 30.45
C GLY D 88 -30.69 42.14 30.36
N TYR D 89 -32.01 41.95 30.34
CA TYR D 89 -32.55 40.60 30.21
C TYR D 89 -32.15 39.97 28.88
N TYR D 90 -32.29 40.72 27.78
CA TYR D 90 -31.88 40.19 26.48
C TYR D 90 -30.40 39.82 26.48
N LEU D 91 -29.55 40.69 27.01
CA LEU D 91 -28.11 40.40 27.00
C LEU D 91 -27.79 39.19 27.86
N ARG D 92 -28.46 39.07 29.01
CA ARG D 92 -28.24 37.91 29.86
C ARG D 92 -28.65 36.62 29.16
N PHE D 93 -29.74 36.67 28.41
CA PHE D 93 -30.16 35.45 27.71
C PHE D 93 -29.27 35.16 26.51
N ILE D 94 -28.67 36.18 25.90
CA ILE D 94 -27.64 35.92 24.90
C ILE D 94 -26.45 35.23 25.55
N THR D 95 -26.06 35.67 26.75
CA THR D 95 -24.98 34.99 27.47
C THR D 95 -25.34 33.55 27.77
N TYR D 96 -26.59 33.31 28.17
CA TYR D 96 -27.04 31.95 28.44
C TYR D 96 -27.00 31.09 27.18
N SER D 97 -27.42 31.65 26.05
CA SER D 97 -27.32 30.94 24.79
C SER D 97 -25.87 30.62 24.46
N LEU D 98 -24.96 31.56 24.73
CA LEU D 98 -23.54 31.33 24.46
C LEU D 98 -23.00 30.19 25.31
N VAL D 99 -23.25 30.24 26.63
CA VAL D 99 -22.70 29.22 27.52
C VAL D 99 -23.33 27.86 27.23
N ALA D 100 -24.60 27.84 26.84
CA ALA D 100 -25.24 26.58 26.45
C ALA D 100 -24.73 26.05 25.13
N SER D 101 -24.00 26.87 24.36
CA SER D 101 -23.55 26.53 23.00
C SER D 101 -24.73 26.20 22.10
N GLY D 102 -25.90 26.77 22.38
CA GLY D 102 -27.06 26.57 21.56
C GLY D 102 -28.03 27.72 21.73
N THR D 103 -29.16 27.61 21.04
CA THR D 103 -30.19 28.64 21.08
C THR D 103 -31.26 28.38 22.11
N GLY D 104 -31.09 27.34 22.94
CA GLY D 104 -32.12 26.88 23.83
C GLY D 104 -32.61 27.90 24.82
N PRO D 105 -31.73 28.35 25.72
CA PRO D 105 -32.11 29.42 26.64
C PRO D 105 -32.60 30.66 25.91
N LEU D 106 -31.95 31.04 24.82
CA LEU D 106 -32.45 32.15 24.01
C LEU D 106 -33.88 31.87 23.55
N ASP D 107 -34.12 30.68 23.00
CA ASP D 107 -35.46 30.32 22.53
C ASP D 107 -36.48 30.46 23.65
N ASP D 108 -36.37 29.61 24.67
CA ASP D 108 -37.38 29.55 25.73
C ASP D 108 -37.19 30.62 26.79
N TYR D 109 -36.49 31.71 26.48
CA TYR D 109 -36.63 32.90 27.32
C TYR D 109 -37.07 34.12 26.53
N VAL D 110 -36.52 34.34 25.34
CA VAL D 110 -36.95 35.47 24.53
C VAL D 110 -37.98 35.02 23.49
N ILE D 111 -37.60 34.07 22.63
CA ILE D 111 -38.28 33.91 21.33
C ILE D 111 -39.68 33.34 21.51
N ALA D 112 -39.84 32.31 22.34
CA ALA D 112 -41.13 31.68 22.55
C ALA D 112 -42.13 32.68 23.10
N GLY D 113 -43.32 32.77 22.49
CA GLY D 113 -44.34 33.69 22.93
C GLY D 113 -43.92 35.13 22.92
N LEU D 114 -43.17 35.56 21.90
CA LEU D 114 -42.66 36.92 21.86
C LEU D 114 -43.66 37.87 21.22
N ARG D 115 -44.31 37.41 20.14
CA ARG D 115 -45.17 38.29 19.35
C ARG D 115 -46.35 38.80 20.18
N GLU D 116 -47.08 37.90 20.81
CA GLU D 116 -48.31 38.31 21.49
C GLU D 116 -48.02 39.01 22.80
N VAL D 117 -46.96 38.60 23.50
CA VAL D 117 -46.53 39.33 24.69
C VAL D 117 -46.14 40.74 24.33
N ASN D 118 -45.38 40.90 23.26
CA ASN D 118 -45.00 42.24 22.81
C ASN D 118 -46.23 43.05 22.42
N ARG D 119 -47.18 42.40 21.76
CA ARG D 119 -48.31 43.10 21.16
C ARG D 119 -49.32 43.53 22.21
N ALA D 120 -49.58 42.69 23.21
CA ALA D 120 -50.60 43.00 24.20
C ALA D 120 -50.20 44.18 25.07
N PHE D 121 -48.94 44.61 25.01
CA PHE D 121 -48.47 45.75 25.77
C PHE D 121 -48.09 46.93 24.88
N ASN D 122 -48.31 46.83 23.57
CA ASN D 122 -48.10 47.94 22.64
C ASN D 122 -46.64 48.39 22.62
N LEU D 123 -45.75 47.48 22.21
CA LEU D 123 -44.33 47.79 22.06
C LEU D 123 -43.89 47.46 20.64
N ASN D 124 -43.20 48.40 20.02
CA ASN D 124 -42.75 48.20 18.64
C ASN D 124 -41.61 47.20 18.60
N PRO D 125 -41.73 46.12 17.81
CA PRO D 125 -40.60 45.19 17.69
C PRO D 125 -39.34 45.86 17.13
N LEU D 126 -39.49 46.85 16.26
CA LEU D 126 -38.33 47.52 15.69
C LEU D 126 -37.48 48.18 16.75
N TRP D 127 -38.09 48.56 17.88
CA TRP D 127 -37.33 49.10 19.01
C TRP D 127 -36.25 48.13 19.44
N TYR D 128 -36.65 46.93 19.89
CA TYR D 128 -35.68 45.94 20.35
C TYR D 128 -34.82 45.43 19.21
N ILE D 129 -35.34 45.42 17.98
CA ILE D 129 -34.52 45.03 16.84
C ILE D 129 -33.34 45.99 16.67
N GLU D 130 -33.61 47.29 16.80
CA GLU D 130 -32.54 48.28 16.69
C GLU D 130 -31.58 48.18 17.87
N ALA D 131 -32.11 47.94 19.07
CA ALA D 131 -31.23 47.75 20.22
C ALA D 131 -30.27 46.58 20.00
N LEU D 132 -30.80 45.44 19.57
CA LEU D 132 -29.95 44.30 19.29
C LEU D 132 -29.03 44.56 18.11
N ASN D 133 -29.44 45.42 17.16
CA ASN D 133 -28.55 45.79 16.07
C ASN D 133 -27.35 46.57 16.59
N TYR D 134 -27.57 47.47 17.54
CA TYR D 134 -26.43 48.17 18.15
C TYR D 134 -25.55 47.20 18.92
N ILE D 135 -26.17 46.24 19.63
CA ILE D 135 -25.39 45.25 20.36
C ILE D 135 -24.53 44.45 19.38
N LYS D 136 -25.11 44.08 18.23
CA LYS D 136 -24.35 43.49 17.14
C LYS D 136 -23.18 44.36 16.73
N GLY D 137 -23.45 45.65 16.52
CA GLY D 137 -22.40 46.55 16.05
C GLY D 137 -21.22 46.63 16.99
N GLU D 138 -21.48 46.71 18.29
CA GLU D 138 -20.35 46.88 19.20
C GLU D 138 -19.72 45.54 19.59
N THR D 139 -20.49 44.45 19.58
CA THR D 139 -19.89 43.14 19.81
C THR D 139 -19.08 42.67 18.61
N GLY D 140 -19.27 43.28 17.44
CA GLY D 140 -18.39 43.01 16.33
C GLY D 140 -16.96 43.45 16.60
N LYS D 141 -16.79 44.49 17.42
CA LYS D 141 -15.46 45.00 17.73
C LYS D 141 -14.95 44.52 19.08
N LEU D 142 -15.82 44.35 20.08
CA LEU D 142 -15.36 43.85 21.37
C LEU D 142 -14.88 42.41 21.25
N LEU D 143 -15.40 41.66 20.28
CA LEU D 143 -15.00 40.28 20.05
C LEU D 143 -14.39 40.16 18.67
N SER D 144 -13.37 39.30 18.55
CA SER D 144 -12.67 39.11 17.29
C SER D 144 -12.56 37.63 16.98
N GLY D 145 -12.77 37.30 15.71
CA GLY D 145 -12.62 35.94 15.25
C GLY D 145 -13.78 35.03 15.59
N GLN D 146 -13.46 33.85 16.14
CA GLN D 146 -14.49 32.84 16.37
C GLN D 146 -15.50 33.29 17.40
N SER D 147 -15.03 33.91 18.49
CA SER D 147 -15.94 34.44 19.49
C SER D 147 -16.87 35.48 18.87
N LYS D 148 -16.31 36.33 18.01
CA LYS D 148 -17.10 37.30 17.27
C LYS D 148 -18.13 36.59 16.38
N THR D 149 -17.72 35.50 15.73
CA THR D 149 -18.67 34.75 14.91
C THR D 149 -19.83 34.22 15.74
N GLU D 150 -19.54 33.62 16.89
CA GLU D 150 -20.60 33.08 17.74
C GLU D 150 -21.53 34.20 18.22
N ALA D 151 -20.95 35.32 18.65
CA ALA D 151 -21.77 36.45 19.07
C ALA D 151 -22.69 36.88 17.95
N LEU D 152 -22.11 37.41 16.86
CA LEU D 152 -22.90 37.79 15.67
C LEU D 152 -24.01 36.81 15.39
N LEU D 153 -23.71 35.51 15.36
CA LEU D 153 -24.73 34.53 15.00
C LEU D 153 -25.87 34.50 16.02
N TYR D 154 -25.55 34.52 17.32
CA TYR D 154 -26.60 34.38 18.33
C TYR D 154 -27.45 35.64 18.45
N ILE D 155 -26.80 36.81 18.49
CA ILE D 155 -27.56 38.05 18.51
C ILE D 155 -28.41 38.21 17.25
N ASP D 156 -27.89 37.78 16.10
CA ASP D 156 -28.71 37.90 14.89
C ASP D 156 -29.86 36.91 14.90
N HIS D 157 -29.66 35.73 15.49
CA HIS D 157 -30.79 34.80 15.65
C HIS D 157 -31.88 35.44 16.50
N ALA D 158 -31.47 36.13 17.57
CA ALA D 158 -32.43 36.88 18.38
C ALA D 158 -33.13 37.95 17.56
N ILE D 159 -32.38 38.67 16.72
CA ILE D 159 -32.98 39.71 15.89
C ILE D 159 -34.01 39.12 14.94
N ASN D 160 -33.63 38.06 14.22
CA ASN D 160 -34.54 37.41 13.29
C ASN D 160 -35.79 36.90 14.01
N ALA D 161 -35.64 36.44 15.25
CA ALA D 161 -36.81 36.10 16.04
C ALA D 161 -37.69 37.32 16.27
N LEU D 162 -37.08 38.45 16.64
CA LEU D 162 -37.85 39.67 16.83
C LEU D 162 -38.44 40.17 15.51
N SER D 163 -37.67 40.10 14.44
CA SER D 163 -38.14 40.55 13.13
C SER D 163 -38.79 39.42 12.36
N SER E 2 -29.97 8.98 3.42
CA SER E 2 -29.31 8.28 4.52
C SER E 2 -29.11 9.21 5.70
N ARG E 3 -29.09 8.65 6.90
CA ARG E 3 -28.98 9.44 8.13
C ARG E 3 -27.51 9.73 8.39
N THR E 4 -27.12 10.99 8.21
CA THR E 4 -25.77 11.45 8.52
C THR E 4 -25.90 12.62 9.46
N VAL E 5 -24.81 13.36 9.68
CA VAL E 5 -24.91 14.57 10.48
C VAL E 5 -25.57 15.68 9.67
N ILE E 6 -25.11 15.89 8.43
CA ILE E 6 -25.67 16.94 7.58
C ILE E 6 -27.14 16.68 7.31
N THR E 7 -27.47 15.46 6.90
CA THR E 7 -28.85 15.14 6.55
C THR E 7 -29.76 15.21 7.77
N GLU E 8 -29.29 14.72 8.91
CA GLU E 8 -30.13 14.80 10.11
C GLU E 8 -30.36 16.25 10.52
N VAL E 9 -29.33 17.08 10.42
CA VAL E 9 -29.48 18.51 10.66
C VAL E 9 -30.56 19.10 9.76
N ILE E 10 -30.47 18.80 8.46
CA ILE E 10 -31.41 19.40 7.51
C ILE E 10 -32.81 18.90 7.76
N ALA E 11 -32.97 17.61 8.03
CA ALA E 11 -34.30 17.06 8.28
C ALA E 11 -34.90 17.61 9.56
N THR E 12 -34.08 17.85 10.57
CA THR E 12 -34.59 18.42 11.81
C THR E 12 -34.99 19.88 11.62
N ALA E 13 -34.20 20.65 10.86
CA ALA E 13 -34.55 22.03 10.61
C ALA E 13 -35.64 22.17 9.57
N ASP E 14 -35.94 21.08 8.86
CA ASP E 14 -36.95 21.02 7.81
C ASP E 14 -38.31 20.66 8.37
N SER E 15 -38.36 19.61 9.20
CA SER E 15 -39.62 19.19 9.80
C SER E 15 -40.20 20.28 10.69
N GLN E 16 -39.34 21.12 11.25
CA GLN E 16 -39.82 22.21 12.08
C GLN E 16 -40.17 23.46 11.29
N GLY E 17 -39.95 23.46 9.98
CA GLY E 17 -40.23 24.61 9.15
C GLY E 17 -39.48 25.84 9.58
N ARG E 18 -38.16 25.80 9.51
CA ARG E 18 -37.32 26.92 9.92
C ARG E 18 -36.00 26.85 9.19
N PHE E 19 -35.27 27.96 9.23
CA PHE E 19 -33.94 27.98 8.67
C PHE E 19 -32.97 27.23 9.58
N LEU E 20 -31.73 27.15 9.16
CA LEU E 20 -30.69 26.49 9.94
C LEU E 20 -30.09 27.50 10.91
N ASN E 21 -30.32 27.30 12.20
CA ASN E 21 -29.78 28.21 13.20
C ASN E 21 -28.41 27.73 13.66
N SER E 22 -27.93 28.30 14.77
CA SER E 22 -26.53 28.13 15.16
C SER E 22 -26.19 26.69 15.45
N THR E 23 -27.05 25.99 16.20
CA THR E 23 -26.72 24.62 16.61
C THR E 23 -26.53 23.72 15.40
N GLU E 24 -27.32 23.94 14.36
CA GLU E 24 -27.27 23.09 13.19
C GLU E 24 -25.94 23.26 12.44
N LEU E 25 -25.53 24.50 12.24
CA LEU E 25 -24.24 24.74 11.61
C LEU E 25 -23.09 24.30 12.51
N GLN E 26 -23.30 24.35 13.83
CA GLN E 26 -22.33 23.81 14.78
C GLN E 26 -22.08 22.33 14.51
N ALA E 27 -23.15 21.54 14.44
CA ALA E 27 -23.01 20.11 14.15
C ALA E 27 -22.42 19.89 12.76
N ALA E 28 -22.84 20.69 11.78
CA ALA E 28 -22.28 20.55 10.44
C ALA E 28 -20.78 20.78 10.44
N PHE E 29 -20.31 21.79 11.17
CA PHE E 29 -18.88 22.06 11.22
C PHE E 29 -18.13 20.92 11.89
N GLY E 30 -18.71 20.39 12.98
CA GLY E 30 -18.11 19.24 13.60
C GLY E 30 -17.93 18.09 12.63
N ARG E 31 -18.96 17.83 11.82
CA ARG E 31 -18.84 16.81 10.78
C ARG E 31 -17.73 17.15 9.79
N PHE E 32 -17.71 18.39 9.31
CA PHE E 32 -16.78 18.73 8.24
C PHE E 32 -15.34 18.56 8.67
N GLU E 33 -15.01 18.97 9.89
CA GLU E 33 -13.63 18.78 10.31
C GLU E 33 -13.36 17.39 10.88
N ARG E 34 -14.39 16.66 11.30
CA ARG E 34 -14.20 15.26 11.64
C ARG E 34 -13.99 14.40 10.41
N ALA E 35 -14.24 14.93 9.22
CA ALA E 35 -14.17 14.12 8.01
C ALA E 35 -12.78 13.54 7.75
N VAL E 36 -11.71 14.30 7.95
CA VAL E 36 -10.40 13.91 7.45
C VAL E 36 -9.90 12.60 8.05
N PRO E 37 -9.93 12.41 9.38
CA PRO E 37 -9.60 11.08 9.91
C PRO E 37 -10.44 9.98 9.30
N ALA E 38 -11.75 10.22 9.13
CA ALA E 38 -12.62 9.20 8.56
C ALA E 38 -12.23 8.88 7.13
N ILE E 39 -11.93 9.91 6.33
CA ILE E 39 -11.54 9.67 4.95
C ILE E 39 -10.26 8.86 4.89
N GLU E 40 -9.30 9.16 5.78
CA GLU E 40 -8.08 8.36 5.82
C GLU E 40 -8.34 6.92 6.23
N ALA E 41 -9.22 6.72 7.20
CA ALA E 41 -9.58 5.36 7.60
C ALA E 41 -10.20 4.60 6.43
N ALA E 42 -11.06 5.27 5.67
CA ALA E 42 -11.66 4.64 4.50
C ALA E 42 -10.59 4.28 3.46
N ARG E 43 -9.63 5.17 3.24
CA ARG E 43 -8.57 4.88 2.28
C ARG E 43 -7.78 3.66 2.71
N ALA E 44 -7.50 3.56 4.01
CA ALA E 44 -6.70 2.44 4.50
C ALA E 44 -7.47 1.14 4.40
N LEU E 45 -8.72 1.13 4.83
CA LEU E 45 -9.53 -0.07 4.75
C LEU E 45 -9.71 -0.52 3.31
N THR E 46 -9.92 0.44 2.40
CA THR E 46 -10.05 0.11 0.99
C THR E 46 -8.77 -0.46 0.42
N LYS E 47 -7.62 0.10 0.78
CA LYS E 47 -6.35 -0.42 0.29
C LYS E 47 -6.11 -1.84 0.79
N ASN E 48 -6.45 -2.10 2.06
CA ASN E 48 -6.22 -3.38 2.70
C ASN E 48 -7.47 -4.25 2.72
N GLN E 49 -8.26 -4.19 1.64
CA GLN E 49 -9.57 -4.83 1.60
C GLN E 49 -9.44 -6.35 1.52
N ASP E 50 -8.76 -6.85 0.50
CA ASP E 50 -8.73 -8.29 0.25
C ASP E 50 -8.06 -9.04 1.40
N ALA E 51 -6.98 -8.49 1.94
CA ALA E 51 -6.33 -9.12 3.08
C ALA E 51 -7.27 -9.20 4.26
N LEU E 52 -8.01 -8.13 4.52
CA LEU E 52 -8.96 -8.13 5.64
C LEU E 52 -10.05 -9.18 5.42
N VAL E 53 -10.55 -9.30 4.19
CA VAL E 53 -11.60 -10.26 3.93
C VAL E 53 -11.09 -11.69 4.11
N LYS E 54 -9.90 -11.98 3.56
CA LYS E 54 -9.31 -13.30 3.75
C LYS E 54 -9.13 -13.61 5.23
N GLY E 55 -8.64 -12.64 5.99
CA GLY E 55 -8.45 -12.84 7.41
C GLY E 55 -9.75 -13.12 8.12
N ALA E 56 -10.80 -12.36 7.80
CA ALA E 56 -12.08 -12.55 8.48
C ALA E 56 -12.70 -13.89 8.11
N VAL E 57 -12.57 -14.31 6.85
CA VAL E 57 -13.08 -15.62 6.44
C VAL E 57 -12.38 -16.73 7.20
N GLN E 58 -11.05 -16.69 7.24
CA GLN E 58 -10.35 -17.75 7.94
C GLN E 58 -10.58 -17.67 9.45
N ALA E 59 -10.90 -16.49 9.97
CA ALA E 59 -11.28 -16.41 11.38
C ALA E 59 -12.62 -17.07 11.62
N VAL E 60 -13.58 -16.88 10.71
CA VAL E 60 -14.85 -17.58 10.80
C VAL E 60 -14.61 -19.08 10.84
N PHE E 61 -13.76 -19.58 9.95
CA PHE E 61 -13.54 -21.01 9.89
C PHE E 61 -12.77 -21.54 11.08
N LYS E 62 -11.81 -20.78 11.59
CA LYS E 62 -11.03 -21.24 12.74
C LYS E 62 -11.89 -21.27 14.01
N LYS E 63 -12.71 -20.24 14.22
CA LYS E 63 -13.51 -20.21 15.43
C LYS E 63 -14.70 -21.16 15.34
N PHE E 64 -15.24 -21.36 14.13
CA PHE E 64 -16.40 -22.22 13.89
C PHE E 64 -15.94 -23.41 13.04
N PRO E 65 -15.13 -24.29 13.60
CA PRO E 65 -14.49 -25.32 12.77
C PRO E 65 -15.47 -26.25 12.10
N TYR E 66 -16.61 -26.52 12.75
CA TYR E 66 -17.55 -27.49 12.21
C TYR E 66 -18.21 -27.00 10.93
N VAL E 67 -18.26 -25.68 10.75
CA VAL E 67 -19.03 -25.09 9.65
C VAL E 67 -18.51 -25.57 8.30
N THR E 68 -17.20 -25.79 8.19
CA THR E 68 -16.66 -26.27 6.93
C THR E 68 -16.77 -27.78 6.77
N GLN E 69 -17.22 -28.50 7.79
CA GLN E 69 -17.37 -29.94 7.68
C GLN E 69 -18.53 -30.27 6.74
N PRO E 70 -18.46 -31.41 6.05
CA PRO E 70 -19.47 -31.71 5.03
C PRO E 70 -20.87 -31.81 5.62
N GLY E 71 -21.86 -31.43 4.82
CA GLY E 71 -23.25 -31.52 5.21
C GLY E 71 -23.87 -30.24 5.72
N GLU E 72 -23.09 -29.20 5.99
CA GLU E 72 -23.64 -27.95 6.49
C GLU E 72 -23.02 -26.73 5.82
N LYS E 73 -23.22 -25.57 6.44
CA LYS E 73 -23.23 -24.31 5.70
C LYS E 73 -21.91 -24.04 4.97
N GLY E 74 -20.78 -24.13 5.67
CA GLY E 74 -19.53 -23.70 5.06
C GLY E 74 -18.94 -24.67 4.08
N TYR E 75 -19.52 -25.86 3.97
CA TYR E 75 -19.01 -26.85 3.03
C TYR E 75 -19.18 -26.37 1.59
N GLY E 76 -18.16 -26.59 0.78
CA GLY E 76 -18.24 -26.34 -0.65
C GLY E 76 -17.76 -24.97 -1.07
N ASP E 77 -17.26 -24.88 -2.30
CA ASP E 77 -16.54 -23.69 -2.75
C ASP E 77 -17.45 -22.48 -2.87
N SER E 78 -18.69 -22.68 -3.31
CA SER E 78 -19.59 -21.55 -3.49
C SER E 78 -19.82 -20.83 -2.18
N ASN E 79 -20.02 -21.57 -1.09
CA ASN E 79 -20.33 -20.94 0.17
C ASN E 79 -19.13 -20.18 0.72
N GLN E 80 -17.90 -20.65 0.44
CA GLN E 80 -16.74 -19.87 0.86
C GLN E 80 -16.59 -18.60 0.02
N ALA E 81 -16.73 -18.73 -1.30
CA ALA E 81 -16.59 -17.56 -2.16
C ALA E 81 -17.63 -16.51 -1.81
N LYS E 82 -18.79 -16.96 -1.35
CA LYS E 82 -19.87 -16.03 -1.10
C LYS E 82 -19.91 -15.60 0.36
N CYS E 83 -19.21 -16.33 1.22
CA CYS E 83 -18.76 -15.75 2.49
C CYS E 83 -17.84 -14.57 2.27
N ALA E 84 -16.86 -14.74 1.39
CA ALA E 84 -15.98 -13.64 1.03
C ALA E 84 -16.80 -12.47 0.51
N ARG E 85 -17.80 -12.77 -0.33
CA ARG E 85 -18.69 -11.72 -0.82
C ARG E 85 -19.37 -10.98 0.32
N ASP E 86 -19.93 -11.72 1.30
CA ASP E 86 -20.64 -11.05 2.40
C ASP E 86 -19.71 -10.20 3.24
N ILE E 87 -18.52 -10.69 3.54
CA ILE E 87 -17.58 -9.88 4.32
C ILE E 87 -17.16 -8.66 3.53
N GLY E 88 -17.00 -8.81 2.21
CA GLY E 88 -16.72 -7.65 1.39
C GLY E 88 -17.82 -6.62 1.44
N TYR E 89 -19.07 -7.08 1.47
CA TYR E 89 -20.20 -6.17 1.61
C TYR E 89 -20.14 -5.41 2.92
N TYR E 90 -19.93 -6.13 4.02
CA TYR E 90 -19.87 -5.47 5.32
C TYR E 90 -18.74 -4.45 5.35
N LEU E 91 -17.58 -4.82 4.85
CA LEU E 91 -16.44 -3.91 4.85
C LEU E 91 -16.73 -2.68 4.00
N ARG E 92 -17.32 -2.89 2.83
CA ARG E 92 -17.64 -1.78 1.94
C ARG E 92 -18.59 -0.81 2.60
N PHE E 93 -19.60 -1.32 3.30
CA PHE E 93 -20.55 -0.42 3.93
C PHE E 93 -20.00 0.24 5.18
N ILE E 94 -19.06 -0.40 5.87
CA ILE E 94 -18.36 0.31 6.94
C ILE E 94 -17.57 1.48 6.39
N THR E 95 -16.88 1.28 5.26
CA THR E 95 -16.16 2.41 4.69
C THR E 95 -17.11 3.48 4.17
N TYR E 96 -18.25 3.08 3.61
CA TYR E 96 -19.26 4.05 3.19
C TYR E 96 -19.71 4.89 4.37
N SER E 97 -19.94 4.24 5.50
CA SER E 97 -20.40 4.96 6.68
C SER E 97 -19.30 5.84 7.26
N LEU E 98 -18.04 5.45 7.08
CA LEU E 98 -16.94 6.31 7.48
C LEU E 98 -16.89 7.57 6.65
N VAL E 99 -16.96 7.42 5.33
CA VAL E 99 -16.89 8.59 4.44
C VAL E 99 -18.04 9.54 4.72
N ALA E 100 -19.26 9.03 4.81
CA ALA E 100 -20.42 9.85 5.13
C ALA E 100 -20.44 10.31 6.58
N SER E 101 -19.54 9.81 7.41
CA SER E 101 -19.49 10.15 8.84
C SER E 101 -20.86 9.99 9.49
N GLY E 102 -21.52 8.90 9.17
CA GLY E 102 -22.78 8.59 9.81
C GLY E 102 -23.10 7.14 9.57
N THR E 103 -24.06 6.64 10.33
CA THR E 103 -24.46 5.24 10.21
C THR E 103 -25.60 5.09 9.20
N GLY E 104 -25.64 5.96 8.22
CA GLY E 104 -26.62 5.87 7.16
C GLY E 104 -26.48 4.58 6.37
N PRO E 105 -25.37 4.43 5.66
CA PRO E 105 -25.21 3.24 4.80
C PRO E 105 -25.34 1.91 5.53
N LEU E 106 -24.83 1.81 6.77
CA LEU E 106 -25.02 0.58 7.51
C LEU E 106 -26.49 0.33 7.81
N ASP E 107 -27.18 1.33 8.35
CA ASP E 107 -28.57 1.17 8.73
C ASP E 107 -29.48 1.01 7.53
N ASP E 108 -29.02 1.33 6.33
CA ASP E 108 -29.86 1.18 5.15
C ASP E 108 -29.59 -0.12 4.41
N TYR E 109 -28.34 -0.33 3.98
CA TYR E 109 -28.06 -1.47 3.13
C TYR E 109 -27.78 -2.76 3.90
N VAL E 110 -27.52 -2.71 5.20
CA VAL E 110 -27.26 -3.94 5.94
C VAL E 110 -28.22 -4.09 7.10
N ILE E 111 -28.21 -3.13 8.02
CA ILE E 111 -28.89 -3.32 9.29
C ILE E 111 -30.40 -3.42 9.10
N ALA E 112 -30.96 -2.67 8.16
CA ALA E 112 -32.40 -2.71 7.92
C ALA E 112 -32.73 -3.98 7.14
N GLY E 113 -33.43 -4.90 7.79
CA GLY E 113 -33.80 -6.15 7.14
C GLY E 113 -32.84 -7.27 7.40
N LEU E 114 -32.01 -7.16 8.43
CA LEU E 114 -30.93 -8.12 8.65
C LEU E 114 -31.44 -9.38 9.32
N ARG E 115 -32.23 -9.22 10.37
CA ARG E 115 -32.68 -10.38 11.13
C ARG E 115 -33.58 -11.28 10.30
N GLU E 116 -34.43 -10.69 9.45
CA GLU E 116 -35.32 -11.50 8.63
C GLU E 116 -34.54 -12.37 7.65
N VAL E 117 -33.56 -11.79 6.97
CA VAL E 117 -32.84 -12.55 5.96
C VAL E 117 -31.84 -13.51 6.61
N ASN E 118 -31.35 -13.19 7.80
CA ASN E 118 -30.51 -14.16 8.50
C ASN E 118 -31.34 -15.33 8.99
N ARG E 119 -32.55 -15.05 9.48
CA ARG E 119 -33.46 -16.09 9.93
C ARG E 119 -33.89 -16.99 8.78
N ALA E 120 -34.18 -16.40 7.62
CA ALA E 120 -34.75 -17.17 6.52
C ALA E 120 -33.69 -17.99 5.80
N PHE E 121 -32.42 -17.67 6.00
CA PHE E 121 -31.34 -18.45 5.42
C PHE E 121 -30.53 -19.21 6.46
N ASN E 122 -30.91 -19.13 7.72
CA ASN E 122 -30.23 -19.79 8.83
C ASN E 122 -28.79 -19.32 9.02
N LEU E 123 -28.39 -18.27 8.33
CA LEU E 123 -27.07 -17.69 8.58
C LEU E 123 -26.95 -17.29 10.04
N ASN E 124 -26.05 -17.95 10.75
CA ASN E 124 -25.78 -17.62 12.13
C ASN E 124 -25.19 -16.23 12.17
N PRO E 125 -25.72 -15.30 12.96
CA PRO E 125 -25.07 -14.00 13.09
C PRO E 125 -23.67 -14.08 13.66
N LEU E 126 -23.39 -15.06 14.52
CA LEU E 126 -22.11 -15.13 15.20
C LEU E 126 -20.94 -15.17 14.22
N TRP E 127 -21.12 -15.84 13.08
CA TRP E 127 -20.08 -15.82 12.06
C TRP E 127 -19.70 -14.39 11.72
N TYR E 128 -20.70 -13.57 11.42
CA TYR E 128 -20.42 -12.20 11.05
C TYR E 128 -19.95 -11.37 12.23
N ILE E 129 -20.49 -11.61 13.42
CA ILE E 129 -20.08 -10.86 14.60
C ILE E 129 -18.59 -11.03 14.84
N GLU E 130 -18.11 -12.26 14.75
CA GLU E 130 -16.69 -12.45 15.05
C GLU E 130 -15.80 -12.18 13.85
N ALA E 131 -16.31 -12.26 12.62
CA ALA E 131 -15.53 -11.73 11.50
C ALA E 131 -15.33 -10.22 11.64
N LEU E 132 -16.37 -9.52 12.04
CA LEU E 132 -16.24 -8.10 12.35
C LEU E 132 -15.34 -7.88 13.54
N ASN E 133 -15.31 -8.82 14.49
CA ASN E 133 -14.36 -8.71 15.58
C ASN E 133 -12.93 -8.84 15.10
N TYR E 134 -12.69 -9.72 14.14
CA TYR E 134 -11.35 -9.83 13.56
C TYR E 134 -10.96 -8.55 12.85
N ILE E 135 -11.88 -7.97 12.09
CA ILE E 135 -11.57 -6.71 11.41
C ILE E 135 -11.36 -5.60 12.42
N LYS E 136 -12.15 -5.61 13.49
CA LYS E 136 -12.00 -4.66 14.58
C LYS E 136 -10.60 -4.72 15.17
N GLY E 137 -10.10 -5.94 15.41
CA GLY E 137 -8.74 -6.10 15.88
C GLY E 137 -7.72 -5.65 14.84
N GLU E 138 -7.89 -6.08 13.59
CA GLU E 138 -6.90 -5.79 12.56
C GLU E 138 -6.77 -4.30 12.27
N THR E 139 -7.83 -3.52 12.49
CA THR E 139 -7.65 -2.08 12.34
C THR E 139 -6.76 -1.49 13.42
N GLY E 140 -6.58 -2.18 14.53
CA GLY E 140 -5.66 -1.70 15.55
C GLY E 140 -4.24 -1.57 15.06
N LYS E 141 -3.80 -2.53 14.24
CA LYS E 141 -2.48 -2.46 13.65
C LYS E 141 -2.52 -2.00 12.19
N LEU E 142 -3.72 -1.75 11.67
CA LEU E 142 -3.82 -1.19 10.33
C LEU E 142 -3.96 0.32 10.38
N LEU E 143 -4.77 0.82 11.30
CA LEU E 143 -4.91 2.24 11.57
C LEU E 143 -4.35 2.53 12.95
N SER E 144 -4.15 3.80 13.23
CA SER E 144 -3.74 4.24 14.56
C SER E 144 -3.98 5.72 14.68
N GLY E 145 -4.21 6.17 15.91
CA GLY E 145 -4.37 7.59 16.14
C GLY E 145 -5.83 7.94 16.24
N GLN E 146 -6.24 8.93 15.45
CA GLN E 146 -7.59 9.48 15.59
C GLN E 146 -8.60 8.63 14.82
N SER E 147 -8.29 8.33 13.56
CA SER E 147 -9.20 7.59 12.70
C SER E 147 -9.48 6.19 13.20
N LYS E 148 -8.60 5.66 14.05
CA LYS E 148 -8.85 4.35 14.64
C LYS E 148 -10.13 4.36 15.47
N THR E 149 -10.37 5.44 16.21
CA THR E 149 -11.60 5.51 17.00
C THR E 149 -12.84 5.48 16.09
N GLU E 150 -12.79 6.19 14.97
CA GLU E 150 -13.93 6.19 14.05
C GLU E 150 -14.16 4.81 13.44
N ALA E 151 -13.09 4.20 12.94
CA ALA E 151 -13.23 2.88 12.32
C ALA E 151 -13.73 1.86 13.34
N LEU E 152 -13.17 1.88 14.54
CA LEU E 152 -13.65 1.02 15.61
C LEU E 152 -15.12 1.29 15.93
N LEU E 153 -15.52 2.56 15.90
CA LEU E 153 -16.89 2.93 16.20
C LEU E 153 -17.87 2.31 15.20
N TYR E 154 -17.51 2.32 13.93
CA TYR E 154 -18.44 1.75 12.94
C TYR E 154 -18.38 0.22 12.92
N ILE E 155 -17.20 -0.38 13.06
CA ILE E 155 -17.13 -1.83 13.20
C ILE E 155 -18.00 -2.26 14.37
N ASP E 156 -17.93 -1.51 15.44
CA ASP E 156 -18.68 -1.69 16.67
C ASP E 156 -20.18 -1.59 16.44
N HIS E 157 -20.65 -0.56 15.72
CA HIS E 157 -22.07 -0.46 15.46
C HIS E 157 -22.57 -1.66 14.66
N ALA E 158 -21.78 -2.10 13.69
CA ALA E 158 -22.18 -3.28 12.93
C ALA E 158 -22.29 -4.50 13.83
N ILE E 159 -21.32 -4.67 14.75
CA ILE E 159 -21.36 -5.80 15.66
C ILE E 159 -22.56 -5.74 16.57
N ASN E 160 -22.89 -4.55 17.08
CA ASN E 160 -24.04 -4.42 17.96
C ASN E 160 -25.33 -4.73 17.22
N ALA E 161 -25.46 -4.24 15.98
CA ALA E 161 -26.67 -4.52 15.23
C ALA E 161 -26.81 -6.00 14.94
N LEU E 162 -25.71 -6.68 14.65
CA LEU E 162 -25.78 -8.14 14.50
C LEU E 162 -26.14 -8.82 15.82
N SER E 163 -26.04 -8.11 16.93
CA SER E 163 -26.31 -8.71 18.24
C SER E 163 -27.16 -7.80 19.12
N SER F 2 -56.18 -17.56 28.74
CA SER F 2 -55.26 -17.58 27.60
C SER F 2 -56.03 -17.48 26.30
N ARG F 3 -56.03 -18.57 25.54
CA ARG F 3 -56.72 -18.62 24.26
C ARG F 3 -57.06 -20.05 23.90
N THR F 4 -58.36 -20.35 23.86
CA THR F 4 -58.89 -21.59 23.33
C THR F 4 -59.91 -21.21 22.26
N VAL F 5 -60.65 -22.22 21.77
CA VAL F 5 -61.74 -21.92 20.85
C VAL F 5 -62.82 -21.12 21.57
N ILE F 6 -63.17 -21.53 22.79
CA ILE F 6 -64.16 -20.81 23.58
C ILE F 6 -63.71 -19.37 23.83
N THR F 7 -62.45 -19.18 24.18
CA THR F 7 -61.96 -17.84 24.47
C THR F 7 -62.00 -16.95 23.23
N GLU F 8 -61.60 -17.49 22.09
CA GLU F 8 -61.65 -16.71 20.85
C GLU F 8 -63.10 -16.41 20.46
N VAL F 9 -63.99 -17.38 20.64
CA VAL F 9 -65.44 -17.16 20.52
C VAL F 9 -65.87 -15.94 21.32
N ILE F 10 -65.61 -15.95 22.62
CA ILE F 10 -66.07 -14.87 23.48
C ILE F 10 -65.45 -13.55 23.06
N ALA F 11 -64.17 -13.57 22.70
CA ALA F 11 -63.48 -12.34 22.32
C ALA F 11 -64.09 -11.74 21.06
N THR F 12 -64.26 -12.54 20.02
CA THR F 12 -64.81 -12.03 18.77
C THR F 12 -66.26 -11.57 18.95
N ALA F 13 -67.05 -12.32 19.73
CA ALA F 13 -68.43 -11.91 19.96
C ALA F 13 -68.49 -10.59 20.72
N ASP F 14 -67.64 -10.42 21.73
CA ASP F 14 -67.69 -9.19 22.53
C ASP F 14 -67.09 -8.01 21.79
N SER F 15 -66.15 -8.25 20.88
CA SER F 15 -65.51 -7.15 20.15
C SER F 15 -66.51 -6.39 19.32
N GLN F 16 -67.40 -7.09 18.61
CA GLN F 16 -68.44 -6.43 17.83
C GLN F 16 -69.62 -5.98 18.67
N GLY F 17 -69.60 -6.23 19.98
CA GLY F 17 -70.69 -5.80 20.83
C GLY F 17 -72.02 -6.45 20.51
N ARG F 18 -72.02 -7.77 20.26
CA ARG F 18 -73.22 -8.47 19.88
C ARG F 18 -73.29 -9.80 20.63
N PHE F 19 -74.51 -10.34 20.71
CA PHE F 19 -74.74 -11.62 21.36
C PHE F 19 -74.03 -12.75 20.61
N LEU F 20 -74.17 -13.94 21.18
CA LEU F 20 -73.31 -15.08 20.87
C LEU F 20 -74.06 -15.95 19.87
N ASN F 21 -73.91 -15.64 18.58
CA ASN F 21 -74.79 -16.20 17.56
C ASN F 21 -74.25 -17.55 17.06
N SER F 22 -74.81 -18.02 15.95
CA SER F 22 -74.64 -19.42 15.54
C SER F 22 -73.22 -19.76 15.13
N THR F 23 -72.49 -18.82 14.53
CA THR F 23 -71.16 -19.15 13.99
C THR F 23 -70.19 -19.53 15.10
N GLU F 24 -70.14 -18.72 16.16
CA GLU F 24 -69.25 -19.04 17.26
C GLU F 24 -69.76 -20.19 18.11
N LEU F 25 -71.08 -20.37 18.22
CA LEU F 25 -71.59 -21.63 18.76
C LEU F 25 -71.09 -22.82 17.95
N GLN F 26 -70.98 -22.63 16.64
CA GLN F 26 -70.49 -23.69 15.76
C GLN F 26 -69.04 -24.02 16.04
N ALA F 27 -68.19 -22.99 16.16
CA ALA F 27 -66.79 -23.22 16.53
C ALA F 27 -66.70 -23.90 17.89
N ALA F 28 -67.51 -23.46 18.85
CA ALA F 28 -67.51 -24.06 20.18
C ALA F 28 -67.90 -25.53 20.12
N PHE F 29 -68.90 -25.87 19.30
CA PHE F 29 -69.35 -27.26 19.20
C PHE F 29 -68.28 -28.13 18.56
N GLY F 30 -67.62 -27.63 17.52
CA GLY F 30 -66.54 -28.38 16.91
C GLY F 30 -65.42 -28.67 17.90
N ARG F 31 -65.00 -27.66 18.66
CA ARG F 31 -63.96 -27.86 19.65
C ARG F 31 -64.43 -28.82 20.74
N PHE F 32 -65.70 -28.70 21.14
CA PHE F 32 -66.25 -29.55 22.18
C PHE F 32 -66.27 -31.01 21.75
N GLU F 33 -66.61 -31.26 20.48
CA GLU F 33 -66.57 -32.63 19.98
C GLU F 33 -65.15 -33.15 19.90
N ARG F 34 -64.21 -32.30 19.47
CA ARG F 34 -62.82 -32.75 19.37
C ARG F 34 -62.12 -32.87 20.74
N ALA F 35 -62.76 -32.40 21.81
CA ALA F 35 -62.16 -32.45 23.14
C ALA F 35 -61.52 -33.78 23.50
N VAL F 36 -62.27 -34.87 23.49
CA VAL F 36 -61.86 -36.14 24.10
C VAL F 36 -60.58 -36.69 23.47
N PRO F 37 -60.44 -36.74 22.14
CA PRO F 37 -59.17 -37.23 21.57
C PRO F 37 -57.96 -36.42 22.00
N ALA F 38 -58.09 -35.08 22.09
CA ALA F 38 -56.98 -34.27 22.56
C ALA F 38 -56.68 -34.55 24.02
N ILE F 39 -57.73 -34.78 24.82
CA ILE F 39 -57.53 -35.18 26.21
C ILE F 39 -56.69 -36.43 26.29
N GLU F 40 -57.05 -37.45 25.51
CA GLU F 40 -56.31 -38.71 25.56
C GLU F 40 -54.88 -38.51 25.06
N ALA F 41 -54.70 -37.67 24.04
CA ALA F 41 -53.36 -37.41 23.52
C ALA F 41 -52.48 -36.76 24.58
N ALA F 42 -52.98 -35.72 25.24
CA ALA F 42 -52.21 -35.06 26.28
C ALA F 42 -51.94 -36.00 27.44
N ARG F 43 -52.90 -36.87 27.76
CA ARG F 43 -52.67 -37.88 28.79
C ARG F 43 -51.53 -38.81 28.43
N ALA F 44 -51.51 -39.27 27.17
CA ALA F 44 -50.43 -40.13 26.71
C ALA F 44 -49.09 -39.42 26.76
N LEU F 45 -49.06 -38.15 26.36
CA LEU F 45 -47.82 -37.38 26.43
C LEU F 45 -47.34 -37.24 27.87
N THR F 46 -48.26 -36.98 28.80
CA THR F 46 -47.88 -36.91 30.21
C THR F 46 -47.33 -38.24 30.71
N LYS F 47 -47.83 -39.36 30.18
CA LYS F 47 -47.29 -40.65 30.60
C LYS F 47 -45.82 -40.81 30.20
N ASN F 48 -45.36 -40.02 29.24
CA ASN F 48 -44.02 -40.22 28.68
C ASN F 48 -43.16 -38.96 28.78
N GLN F 49 -43.18 -38.27 29.92
CA GLN F 49 -42.38 -37.06 30.08
C GLN F 49 -40.89 -37.37 29.96
N ASP F 50 -40.39 -38.20 30.87
CA ASP F 50 -38.95 -38.41 30.99
C ASP F 50 -38.37 -39.06 29.74
N ALA F 51 -39.05 -40.07 29.20
CA ALA F 51 -38.55 -40.73 28.00
C ALA F 51 -38.41 -39.73 26.86
N LEU F 52 -39.45 -38.92 26.64
CA LEU F 52 -39.42 -37.95 25.55
C LEU F 52 -38.31 -36.93 25.73
N VAL F 53 -38.14 -36.40 26.95
CA VAL F 53 -37.15 -35.34 27.12
C VAL F 53 -35.73 -35.90 26.99
N LYS F 54 -35.49 -37.09 27.57
CA LYS F 54 -34.18 -37.71 27.43
C LYS F 54 -33.86 -38.00 25.98
N GLY F 55 -34.82 -38.57 25.24
CA GLY F 55 -34.59 -38.82 23.83
C GLY F 55 -34.33 -37.55 23.05
N ALA F 56 -35.04 -36.47 23.39
CA ALA F 56 -34.84 -35.22 22.68
C ALA F 56 -33.44 -34.66 22.89
N VAL F 57 -32.94 -34.70 24.13
CA VAL F 57 -31.60 -34.17 24.35
C VAL F 57 -30.56 -35.07 23.69
N GLN F 58 -30.80 -36.39 23.67
CA GLN F 58 -29.89 -37.25 22.92
C GLN F 58 -29.92 -36.91 21.44
N ALA F 59 -31.10 -36.58 20.90
CA ALA F 59 -31.21 -36.21 19.50
C ALA F 59 -30.43 -34.94 19.20
N VAL F 60 -30.54 -33.93 20.08
CA VAL F 60 -29.81 -32.69 19.84
C VAL F 60 -28.31 -32.94 19.94
N PHE F 61 -27.89 -33.85 20.82
CA PHE F 61 -26.47 -34.13 20.94
C PHE F 61 -25.95 -34.88 19.72
N LYS F 62 -26.74 -35.80 19.18
CA LYS F 62 -26.31 -36.53 17.99
C LYS F 62 -26.31 -35.64 16.75
N LYS F 63 -27.23 -34.68 16.68
CA LYS F 63 -27.27 -33.81 15.51
C LYS F 63 -26.36 -32.60 15.67
N PHE F 64 -25.99 -32.24 16.90
CA PHE F 64 -25.10 -31.12 17.17
C PHE F 64 -23.97 -31.61 18.07
N PRO F 65 -23.08 -32.46 17.54
CA PRO F 65 -22.05 -33.06 18.40
C PRO F 65 -21.10 -32.04 19.00
N TYR F 66 -20.77 -30.97 18.28
CA TYR F 66 -19.82 -30.00 18.78
C TYR F 66 -20.33 -29.27 20.01
N VAL F 67 -21.65 -29.23 20.20
CA VAL F 67 -22.24 -28.60 21.38
C VAL F 67 -21.69 -29.21 22.65
N THR F 68 -21.40 -30.51 22.64
CA THR F 68 -21.00 -31.21 23.85
C THR F 68 -19.57 -30.86 24.27
N GLN F 69 -18.76 -30.34 23.37
CA GLN F 69 -17.36 -30.11 23.67
C GLN F 69 -17.20 -29.00 24.71
N PRO F 70 -16.11 -29.02 25.48
CA PRO F 70 -15.88 -27.94 26.43
C PRO F 70 -15.74 -26.59 25.74
N GLY F 71 -16.15 -25.54 26.44
CA GLY F 71 -16.14 -24.21 25.89
C GLY F 71 -17.36 -23.85 25.07
N GLU F 72 -18.27 -24.80 24.87
CA GLU F 72 -19.50 -24.59 24.12
C GLU F 72 -20.65 -24.38 25.10
N LYS F 73 -21.86 -24.19 24.55
CA LYS F 73 -23.03 -24.00 25.40
C LYS F 73 -23.41 -25.30 26.10
N GLY F 74 -23.28 -26.44 25.40
CA GLY F 74 -23.73 -27.69 25.96
C GLY F 74 -22.76 -28.39 26.88
N TYR F 75 -21.58 -27.84 27.08
CA TYR F 75 -20.65 -28.42 28.05
C TYR F 75 -21.12 -28.14 29.47
N GLY F 76 -20.90 -29.11 30.35
CA GLY F 76 -21.26 -28.96 31.74
C GLY F 76 -22.60 -29.58 32.05
N ASP F 77 -22.64 -30.31 33.17
CA ASP F 77 -23.85 -31.01 33.56
C ASP F 77 -24.99 -30.03 33.87
N SER F 78 -24.65 -28.81 34.30
CA SER F 78 -25.69 -27.81 34.51
C SER F 78 -26.43 -27.51 33.22
N ASN F 79 -25.69 -27.33 32.12
CA ASN F 79 -26.34 -27.10 30.84
C ASN F 79 -27.04 -28.34 30.35
N GLN F 80 -26.61 -29.52 30.81
CA GLN F 80 -27.34 -30.74 30.50
C GLN F 80 -28.72 -30.74 31.15
N ALA F 81 -28.77 -30.38 32.43
CA ALA F 81 -30.05 -30.26 33.12
C ALA F 81 -30.90 -29.14 32.51
N LYS F 82 -30.25 -28.09 32.03
CA LYS F 82 -31.00 -27.03 31.35
C LYS F 82 -31.58 -27.51 30.02
N CYS F 83 -30.85 -28.37 29.30
CA CYS F 83 -31.42 -29.06 28.16
C CYS F 83 -32.69 -29.78 28.55
N ALA F 84 -32.60 -30.59 29.60
CA ALA F 84 -33.76 -31.38 30.03
C ALA F 84 -34.91 -30.47 30.42
N ARG F 85 -34.62 -29.38 31.13
CA ARG F 85 -35.65 -28.48 31.61
C ARG F 85 -36.35 -27.77 30.47
N ASP F 86 -35.59 -27.29 29.49
CA ASP F 86 -36.19 -26.62 28.34
C ASP F 86 -37.06 -27.58 27.54
N ILE F 87 -36.56 -28.80 27.30
CA ILE F 87 -37.36 -29.76 26.55
C ILE F 87 -38.62 -30.11 27.31
N GLY F 88 -38.51 -30.28 28.64
CA GLY F 88 -39.69 -30.55 29.44
C GLY F 88 -40.68 -29.41 29.41
N TYR F 89 -40.19 -28.17 29.38
CA TYR F 89 -41.08 -27.02 29.31
C TYR F 89 -41.83 -27.02 27.98
N TYR F 90 -41.12 -27.27 26.88
CA TYR F 90 -41.79 -27.35 25.58
C TYR F 90 -42.83 -28.46 25.57
N LEU F 91 -42.47 -29.65 26.06
CA LEU F 91 -43.41 -30.76 26.09
C LEU F 91 -44.62 -30.44 26.94
N ARG F 92 -44.39 -29.83 28.11
CA ARG F 92 -45.48 -29.52 29.01
C ARG F 92 -46.43 -28.54 28.39
N PHE F 93 -45.89 -27.57 27.64
CA PHE F 93 -46.79 -26.60 27.04
C PHE F 93 -47.48 -27.18 25.80
N ILE F 94 -46.88 -28.17 25.14
CA ILE F 94 -47.62 -28.92 24.13
C ILE F 94 -48.81 -29.64 24.76
N THR F 95 -48.60 -30.30 25.89
CA THR F 95 -49.72 -30.97 26.54
C THR F 95 -50.77 -29.97 27.01
N TYR F 96 -50.34 -28.81 27.50
CA TYR F 96 -51.29 -27.77 27.87
C TYR F 96 -52.12 -27.33 26.67
N SER F 97 -51.47 -27.16 25.52
CA SER F 97 -52.22 -26.80 24.32
C SER F 97 -53.19 -27.91 23.93
N LEU F 98 -52.77 -29.17 24.06
CA LEU F 98 -53.65 -30.28 23.75
C LEU F 98 -54.90 -30.26 24.62
N VAL F 99 -54.71 -30.10 25.92
CA VAL F 99 -55.86 -30.04 26.83
C VAL F 99 -56.75 -28.86 26.48
N ALA F 100 -56.16 -27.67 26.36
CA ALA F 100 -56.92 -26.47 26.05
C ALA F 100 -57.46 -26.46 24.63
N SER F 101 -57.01 -27.39 23.79
CA SER F 101 -57.46 -27.50 22.40
C SER F 101 -57.19 -26.22 21.62
N GLY F 102 -56.20 -25.44 22.06
CA GLY F 102 -55.79 -24.26 21.33
C GLY F 102 -54.31 -24.02 21.51
N THR F 103 -53.75 -23.23 20.59
CA THR F 103 -52.34 -22.87 20.67
C THR F 103 -52.09 -21.82 21.74
N GLY F 104 -53.08 -21.50 22.56
CA GLY F 104 -53.00 -20.41 23.50
C GLY F 104 -51.91 -20.55 24.54
N PRO F 105 -51.98 -21.60 25.37
CA PRO F 105 -50.90 -21.81 26.35
C PRO F 105 -49.53 -21.87 25.71
N LEU F 106 -49.41 -22.58 24.59
CA LEU F 106 -48.15 -22.61 23.88
C LEU F 106 -47.72 -21.21 23.48
N ASP F 107 -48.61 -20.45 22.84
CA ASP F 107 -48.26 -19.10 22.40
C ASP F 107 -47.76 -18.27 23.57
N ASP F 108 -48.62 -18.02 24.56
CA ASP F 108 -48.28 -17.07 25.60
C ASP F 108 -47.25 -17.57 26.60
N TYR F 109 -46.86 -18.84 26.54
CA TYR F 109 -45.79 -19.30 27.43
C TYR F 109 -44.45 -19.51 26.73
N VAL F 110 -44.43 -19.95 25.48
CA VAL F 110 -43.18 -20.18 24.77
C VAL F 110 -43.01 -19.12 23.68
N ILE F 111 -44.00 -19.01 22.78
CA ILE F 111 -43.83 -18.17 21.61
C ILE F 111 -43.74 -16.71 22.00
N ALA F 112 -44.46 -16.27 23.03
CA ALA F 112 -44.42 -14.89 23.45
C ALA F 112 -43.00 -14.50 23.87
N GLY F 113 -42.37 -13.63 23.08
CA GLY F 113 -41.00 -13.23 23.38
C GLY F 113 -39.98 -14.34 23.29
N LEU F 114 -40.01 -15.12 22.22
CA LEU F 114 -39.07 -16.23 22.09
C LEU F 114 -37.80 -15.81 21.37
N ARG F 115 -37.93 -15.05 20.29
CA ARG F 115 -36.76 -14.63 19.53
C ARG F 115 -35.83 -13.78 20.38
N GLU F 116 -36.39 -12.86 21.16
CA GLU F 116 -35.57 -11.98 21.98
C GLU F 116 -34.77 -12.78 23.01
N VAL F 117 -35.43 -13.73 23.68
CA VAL F 117 -34.74 -14.51 24.70
C VAL F 117 -33.68 -15.41 24.07
N ASN F 118 -34.01 -16.05 22.95
CA ASN F 118 -33.02 -16.89 22.28
C ASN F 118 -31.84 -16.08 21.78
N ARG F 119 -32.04 -14.82 21.42
CA ARG F 119 -30.92 -13.98 21.01
C ARG F 119 -30.11 -13.47 22.19
N ALA F 120 -30.76 -13.27 23.33
CA ALA F 120 -30.05 -12.75 24.49
C ALA F 120 -29.02 -13.74 25.02
N PHE F 121 -29.41 -14.99 25.20
CA PHE F 121 -28.50 -16.01 25.70
C PHE F 121 -27.93 -16.88 24.58
N ASN F 122 -28.09 -16.46 23.33
CA ASN F 122 -27.44 -17.12 22.19
C ASN F 122 -27.79 -18.61 22.13
N LEU F 123 -29.04 -18.93 22.47
CA LEU F 123 -29.55 -20.27 22.24
C LEU F 123 -29.87 -20.43 20.77
N ASN F 124 -29.77 -21.63 20.27
CA ASN F 124 -30.05 -21.78 18.86
C ASN F 124 -31.45 -22.34 18.67
N PRO F 125 -32.29 -21.71 17.83
CA PRO F 125 -33.62 -22.27 17.58
C PRO F 125 -33.57 -23.64 16.94
N LEU F 126 -32.54 -23.94 16.16
CA LEU F 126 -32.47 -25.24 15.48
C LEU F 126 -32.35 -26.39 16.48
N TRP F 127 -31.70 -26.15 17.62
CA TRP F 127 -31.65 -27.17 18.66
C TRP F 127 -33.05 -27.60 19.05
N TYR F 128 -33.90 -26.64 19.41
CA TYR F 128 -35.26 -26.97 19.82
C TYR F 128 -36.10 -27.45 18.65
N ILE F 129 -35.80 -26.98 17.44
CA ILE F 129 -36.54 -27.46 16.26
C ILE F 129 -36.30 -28.94 16.06
N GLU F 130 -35.03 -29.36 16.09
CA GLU F 130 -34.78 -30.78 15.85
C GLU F 130 -35.25 -31.60 17.05
N ALA F 131 -35.20 -31.03 18.26
CA ALA F 131 -35.71 -31.76 19.41
C ALA F 131 -37.20 -31.99 19.30
N LEU F 132 -37.93 -30.99 18.80
CA LEU F 132 -39.35 -31.16 18.56
C LEU F 132 -39.60 -32.15 17.42
N ASN F 133 -38.72 -32.19 16.42
CA ASN F 133 -38.82 -33.23 15.41
C ASN F 133 -38.64 -34.61 16.03
N TYR F 134 -37.72 -34.72 16.99
CA TYR F 134 -37.56 -35.99 17.69
C TYR F 134 -38.82 -36.36 18.47
N ILE F 135 -39.41 -35.38 19.16
CA ILE F 135 -40.64 -35.63 19.90
C ILE F 135 -41.75 -36.05 18.93
N LYS F 136 -41.76 -35.45 17.75
CA LYS F 136 -42.65 -35.85 16.68
C LYS F 136 -42.45 -37.33 16.33
N GLY F 137 -41.18 -37.71 16.16
CA GLY F 137 -40.88 -39.09 15.79
C GLY F 137 -41.28 -40.09 16.86
N GLU F 138 -41.10 -39.72 18.12
CA GLU F 138 -41.48 -40.65 19.18
C GLU F 138 -42.99 -40.68 19.42
N THR F 139 -43.68 -39.55 19.28
CA THR F 139 -45.13 -39.58 19.40
C THR F 139 -45.79 -40.22 18.19
N GLY F 140 -45.08 -40.34 17.07
CA GLY F 140 -45.61 -41.09 15.95
C GLY F 140 -45.83 -42.55 16.27
N LYS F 141 -45.17 -43.06 17.31
CA LYS F 141 -45.37 -44.44 17.75
C LYS F 141 -46.04 -44.52 19.12
N LEU F 142 -45.86 -43.51 19.97
CA LEU F 142 -46.45 -43.56 21.30
C LEU F 142 -47.96 -43.39 21.26
N LEU F 143 -48.50 -42.96 20.12
CA LEU F 143 -49.86 -42.49 20.04
C LEU F 143 -50.59 -43.18 18.88
N SER F 144 -51.89 -42.92 18.76
CA SER F 144 -52.70 -43.52 17.71
C SER F 144 -53.98 -42.71 17.45
N GLY F 145 -54.35 -42.60 16.18
CA GLY F 145 -55.65 -42.06 15.83
C GLY F 145 -55.60 -40.63 15.34
N GLN F 146 -56.74 -39.92 15.45
CA GLN F 146 -56.74 -38.48 15.24
C GLN F 146 -55.90 -37.77 16.29
N SER F 147 -55.68 -38.43 17.43
CA SER F 147 -54.73 -37.94 18.41
C SER F 147 -53.39 -37.64 17.75
N LYS F 148 -52.94 -38.51 16.84
CA LYS F 148 -51.74 -38.19 16.07
C LYS F 148 -51.87 -36.86 15.34
N THR F 149 -52.96 -36.66 14.59
CA THR F 149 -53.01 -35.46 13.77
C THR F 149 -53.01 -34.20 14.64
N GLU F 150 -53.75 -34.21 15.75
CA GLU F 150 -53.79 -33.00 16.58
C GLU F 150 -52.47 -32.77 17.31
N ALA F 151 -51.89 -33.83 17.88
CA ALA F 151 -50.61 -33.68 18.57
C ALA F 151 -49.52 -33.21 17.62
N LEU F 152 -49.49 -33.78 16.41
CA LEU F 152 -48.49 -33.40 15.45
C LEU F 152 -48.71 -31.98 14.96
N LEU F 153 -49.98 -31.55 14.86
CA LEU F 153 -50.24 -30.15 14.50
C LEU F 153 -49.71 -29.20 15.57
N TYR F 154 -49.90 -29.54 16.84
CA TYR F 154 -49.40 -28.65 17.90
C TYR F 154 -47.87 -28.62 17.92
N ILE F 155 -47.24 -29.79 17.78
CA ILE F 155 -45.78 -29.83 17.72
C ILE F 155 -45.28 -29.03 16.53
N ASP F 156 -45.94 -29.18 15.37
CA ASP F 156 -45.53 -28.43 14.18
C ASP F 156 -45.75 -26.94 14.37
N HIS F 157 -46.77 -26.54 15.11
CA HIS F 157 -46.96 -25.11 15.38
C HIS F 157 -45.81 -24.57 16.23
N ALA F 158 -45.42 -25.34 17.25
CA ALA F 158 -44.25 -24.91 18.05
C ALA F 158 -43.00 -24.82 17.17
N ILE F 159 -42.80 -25.81 16.31
CA ILE F 159 -41.65 -25.80 15.41
C ILE F 159 -41.67 -24.57 14.52
N ASN F 160 -42.84 -24.28 13.93
CA ASN F 160 -42.95 -23.14 13.02
C ASN F 160 -42.73 -21.83 13.76
N ALA F 161 -43.13 -21.78 15.03
CA ALA F 161 -42.80 -20.62 15.85
C ALA F 161 -41.30 -20.48 16.01
N LEU F 162 -40.60 -21.60 16.24
CA LEU F 162 -39.15 -21.55 16.34
C LEU F 162 -38.53 -21.15 15.01
N SER F 163 -39.06 -21.66 13.92
CA SER F 163 -38.50 -21.41 12.59
C SER F 163 -39.17 -20.23 11.90
N SER G 2 -69.51 -11.56 3.19
CA SER G 2 -70.22 -12.52 4.03
C SER G 2 -69.40 -12.92 5.24
N ARG G 3 -70.05 -13.53 6.23
CA ARG G 3 -69.38 -14.02 7.43
C ARG G 3 -69.80 -15.48 7.66
N THR G 4 -69.11 -16.37 6.95
CA THR G 4 -69.23 -17.80 7.13
C THR G 4 -68.36 -18.18 8.33
N VAL G 5 -68.14 -19.46 8.56
CA VAL G 5 -67.05 -19.86 9.44
C VAL G 5 -65.73 -19.72 8.71
N ILE G 6 -65.66 -20.23 7.48
CA ILE G 6 -64.42 -20.17 6.70
C ILE G 6 -64.01 -18.72 6.47
N THR G 7 -64.95 -17.89 6.05
CA THR G 7 -64.62 -16.51 5.71
C THR G 7 -64.21 -15.72 6.93
N GLU G 8 -64.91 -15.92 8.05
CA GLU G 8 -64.54 -15.21 9.27
C GLU G 8 -63.17 -15.65 9.76
N VAL G 9 -62.89 -16.95 9.69
CA VAL G 9 -61.55 -17.46 10.02
C VAL G 9 -60.49 -16.82 9.15
N ILE G 10 -60.73 -16.77 7.83
CA ILE G 10 -59.73 -16.21 6.94
C ILE G 10 -59.50 -14.74 7.25
N ALA G 11 -60.58 -14.00 7.50
CA ALA G 11 -60.43 -12.59 7.82
C ALA G 11 -59.66 -12.38 9.12
N THR G 12 -59.96 -13.19 10.13
CA THR G 12 -59.28 -12.98 11.41
C THR G 12 -57.83 -13.41 11.34
N ALA G 13 -57.48 -14.38 10.49
CA ALA G 13 -56.08 -14.74 10.32
C ALA G 13 -55.34 -13.73 9.47
N ASP G 14 -56.03 -13.12 8.51
CA ASP G 14 -55.39 -12.16 7.63
C ASP G 14 -55.15 -10.84 8.35
N SER G 15 -56.12 -10.40 9.15
CA SER G 15 -55.95 -9.15 9.88
C SER G 15 -54.74 -9.22 10.81
N GLN G 16 -54.47 -10.40 11.35
CA GLN G 16 -53.25 -10.62 12.10
C GLN G 16 -52.08 -11.03 11.22
N GLY G 17 -52.30 -11.14 9.92
CA GLY G 17 -51.22 -11.45 8.99
C GLY G 17 -50.52 -12.75 9.26
N ARG G 18 -51.27 -13.80 9.61
CA ARG G 18 -50.68 -15.08 9.94
C ARG G 18 -51.37 -16.17 9.14
N PHE G 19 -50.79 -17.37 9.21
CA PHE G 19 -51.42 -18.53 8.61
C PHE G 19 -52.52 -19.06 9.52
N LEU G 20 -53.27 -20.03 9.00
CA LEU G 20 -54.34 -20.65 9.75
C LEU G 20 -53.75 -21.68 10.71
N ASN G 21 -53.93 -21.46 12.00
CA ASN G 21 -53.40 -22.41 12.97
C ASN G 21 -54.48 -23.41 13.36
N SER G 22 -54.22 -24.18 14.41
CA SER G 22 -55.05 -25.35 14.71
C SER G 22 -56.46 -24.97 15.13
N THR G 23 -56.62 -23.84 15.83
CA THR G 23 -57.96 -23.43 16.25
C THR G 23 -58.83 -23.15 15.04
N GLU G 24 -58.29 -22.44 14.06
CA GLU G 24 -59.03 -22.12 12.85
C GLU G 24 -59.44 -23.39 12.11
N LEU G 25 -58.52 -24.33 11.96
CA LEU G 25 -58.84 -25.54 11.23
C LEU G 25 -59.81 -26.42 12.02
N GLN G 26 -59.77 -26.34 13.34
CA GLN G 26 -60.74 -27.08 14.15
C GLN G 26 -62.14 -26.50 13.96
N ALA G 27 -62.25 -25.17 13.94
CA ALA G 27 -63.54 -24.54 13.65
C ALA G 27 -64.03 -24.90 12.26
N ALA G 28 -63.14 -24.86 11.27
CA ALA G 28 -63.53 -25.23 9.92
C ALA G 28 -63.97 -26.69 9.85
N PHE G 29 -63.33 -27.55 10.64
CA PHE G 29 -63.73 -28.95 10.68
C PHE G 29 -65.14 -29.10 11.25
N GLY G 30 -65.45 -28.37 12.32
CA GLY G 30 -66.80 -28.40 12.83
C GLY G 30 -67.82 -27.91 11.81
N ARG G 31 -67.48 -26.84 11.09
CA ARG G 31 -68.38 -26.33 10.07
C ARG G 31 -68.63 -27.35 8.97
N PHE G 32 -67.57 -27.92 8.41
CA PHE G 32 -67.73 -28.98 7.43
C PHE G 32 -68.47 -30.17 8.00
N GLU G 33 -68.36 -30.38 9.32
CA GLU G 33 -68.95 -31.57 9.90
C GLU G 33 -70.46 -31.44 10.01
N ARG G 34 -70.97 -30.26 10.34
CA ARG G 34 -72.44 -30.22 10.26
C ARG G 34 -72.95 -29.54 9.00
N ALA G 35 -72.12 -29.36 7.97
CA ALA G 35 -72.68 -28.94 6.70
C ALA G 35 -73.82 -29.86 6.24
N VAL G 36 -73.75 -31.15 6.56
CA VAL G 36 -74.78 -32.07 6.07
C VAL G 36 -76.16 -31.80 6.67
N PRO G 37 -76.33 -31.71 8.00
CA PRO G 37 -77.65 -31.32 8.51
C PRO G 37 -78.14 -29.99 7.98
N ALA G 38 -77.23 -29.04 7.79
CA ALA G 38 -77.61 -27.74 7.25
C ALA G 38 -78.11 -27.87 5.82
N ILE G 39 -77.41 -28.62 4.98
CA ILE G 39 -77.84 -28.79 3.60
C ILE G 39 -79.16 -29.55 3.54
N GLU G 40 -79.37 -30.49 4.47
CA GLU G 40 -80.63 -31.21 4.47
C GLU G 40 -81.78 -30.32 4.89
N ALA G 41 -81.56 -29.45 5.87
CA ALA G 41 -82.59 -28.48 6.23
C ALA G 41 -82.86 -27.51 5.09
N ALA G 42 -81.82 -27.09 4.38
CA ALA G 42 -82.02 -26.23 3.22
C ALA G 42 -82.84 -26.94 2.15
N ARG G 43 -82.55 -28.22 1.92
CA ARG G 43 -83.29 -29.00 0.94
C ARG G 43 -84.76 -29.11 1.32
N ALA G 44 -85.06 -29.37 2.59
CA ALA G 44 -86.45 -29.41 3.00
C ALA G 44 -87.12 -28.05 2.84
N LEU G 45 -86.52 -26.99 3.38
CA LEU G 45 -87.15 -25.67 3.34
C LEU G 45 -87.24 -25.14 1.91
N THR G 46 -86.47 -25.72 1.00
CA THR G 46 -86.61 -25.37 -0.42
C THR G 46 -87.73 -26.16 -1.07
N LYS G 47 -87.81 -27.46 -0.77
CA LYS G 47 -88.86 -28.29 -1.35
C LYS G 47 -90.23 -27.81 -0.92
N ASN G 48 -90.41 -27.58 0.37
CA ASN G 48 -91.70 -27.14 0.91
C ASN G 48 -91.77 -25.62 0.91
N GLN G 49 -91.56 -25.07 -0.29
CA GLN G 49 -91.44 -23.63 -0.46
C GLN G 49 -92.79 -22.94 -0.43
N ASP G 50 -93.66 -23.30 -1.38
CA ASP G 50 -94.94 -22.61 -1.52
C ASP G 50 -95.80 -22.76 -0.29
N ALA G 51 -95.82 -23.95 0.30
CA ALA G 51 -96.60 -24.16 1.51
C ALA G 51 -96.15 -23.22 2.62
N LEU G 52 -94.84 -23.11 2.82
CA LEU G 52 -94.31 -22.24 3.86
C LEU G 52 -94.68 -20.78 3.59
N VAL G 53 -94.47 -20.32 2.36
CA VAL G 53 -94.73 -18.91 2.06
C VAL G 53 -96.21 -18.60 2.23
N LYS G 54 -97.08 -19.44 1.67
CA LYS G 54 -98.51 -19.15 1.72
C LYS G 54 -99.04 -19.21 3.15
N GLY G 55 -98.64 -20.22 3.90
CA GLY G 55 -99.06 -20.28 5.29
C GLY G 55 -98.58 -19.07 6.08
N ALA G 56 -97.36 -18.61 5.82
CA ALA G 56 -96.85 -17.45 6.51
C ALA G 56 -97.67 -16.21 6.19
N VAL G 57 -98.03 -16.03 4.92
CA VAL G 57 -98.84 -14.87 4.55
C VAL G 57 -100.21 -14.95 5.24
N GLN G 58 -100.82 -16.12 5.24
CA GLN G 58 -102.13 -16.25 5.89
C GLN G 58 -102.00 -16.01 7.38
N ALA G 59 -100.88 -16.38 7.98
CA ALA G 59 -100.69 -16.11 9.42
C ALA G 59 -100.54 -14.62 9.68
N VAL G 60 -99.86 -13.92 8.77
CA VAL G 60 -99.73 -12.47 8.91
C VAL G 60 -101.09 -11.82 8.88
N PHE G 61 -101.95 -12.23 7.94
CA PHE G 61 -103.28 -11.66 7.89
C PHE G 61 -104.12 -12.07 9.09
N LYS G 62 -104.02 -13.33 9.50
CA LYS G 62 -104.82 -13.80 10.62
C LYS G 62 -104.50 -13.04 11.90
N LYS G 63 -103.22 -12.81 12.19
CA LYS G 63 -102.88 -12.05 13.39
C LYS G 63 -103.06 -10.55 13.19
N PHE G 64 -103.11 -10.08 11.95
CA PHE G 64 -103.27 -8.67 11.63
C PHE G 64 -104.50 -8.53 10.76
N PRO G 65 -105.70 -8.53 11.35
CA PRO G 65 -106.90 -8.40 10.54
C PRO G 65 -106.95 -7.10 9.77
N TYR G 66 -106.63 -5.99 10.43
CA TYR G 66 -106.83 -4.68 9.82
C TYR G 66 -106.04 -4.52 8.54
N VAL G 67 -104.90 -5.21 8.43
CA VAL G 67 -104.06 -5.08 7.25
C VAL G 67 -104.79 -5.46 5.98
N THR G 68 -105.71 -6.41 6.05
CA THR G 68 -106.47 -6.79 4.85
C THR G 68 -107.56 -5.80 4.53
N GLN G 69 -107.95 -4.96 5.50
CA GLN G 69 -109.08 -4.06 5.29
C GLN G 69 -108.74 -3.01 4.23
N PRO G 70 -109.73 -2.58 3.46
CA PRO G 70 -109.47 -1.69 2.33
C PRO G 70 -108.98 -0.32 2.77
N GLY G 71 -108.43 0.41 1.79
CA GLY G 71 -108.03 1.78 2.01
C GLY G 71 -106.72 1.96 2.74
N GLU G 72 -105.90 0.91 2.86
CA GLU G 72 -104.66 1.03 3.60
C GLU G 72 -103.70 -0.08 3.14
N LYS G 73 -102.67 -0.32 3.96
CA LYS G 73 -101.40 -0.87 3.48
C LYS G 73 -101.57 -2.22 2.79
N GLY G 74 -102.23 -3.18 3.45
CA GLY G 74 -102.17 -4.55 2.96
C GLY G 74 -103.17 -4.87 1.85
N TYR G 75 -104.15 -4.01 1.63
CA TYR G 75 -105.18 -4.32 0.64
C TYR G 75 -104.63 -4.15 -0.77
N GLY G 76 -105.04 -5.06 -1.65
CA GLY G 76 -104.68 -4.98 -3.05
C GLY G 76 -103.78 -6.15 -3.42
N ASP G 77 -104.08 -6.76 -4.57
CA ASP G 77 -103.33 -7.95 -4.97
C ASP G 77 -101.86 -7.61 -5.22
N SER G 78 -101.55 -6.35 -5.53
CA SER G 78 -100.16 -5.94 -5.63
C SER G 78 -99.45 -6.12 -4.29
N ASN G 79 -100.04 -5.60 -3.22
CA ASN G 79 -99.46 -5.79 -1.90
C ASN G 79 -99.46 -7.26 -1.49
N GLN G 80 -100.44 -8.03 -1.94
CA GLN G 80 -100.47 -9.44 -1.64
C GLN G 80 -99.27 -10.16 -2.25
N ALA G 81 -99.05 -9.94 -3.54
CA ALA G 81 -97.94 -10.59 -4.23
C ALA G 81 -96.61 -10.07 -3.71
N LYS G 82 -96.58 -8.82 -3.29
CA LYS G 82 -95.36 -8.22 -2.78
C LYS G 82 -95.02 -8.75 -1.39
N CYS G 83 -96.03 -9.02 -0.57
CA CYS G 83 -95.82 -9.76 0.67
C CYS G 83 -95.28 -11.15 0.40
N ALA G 84 -95.86 -11.85 -0.57
CA ALA G 84 -95.37 -13.18 -0.88
C ALA G 84 -93.92 -13.12 -1.33
N ARG G 85 -93.57 -12.09 -2.10
CA ARG G 85 -92.18 -11.91 -2.53
C ARG G 85 -91.26 -11.66 -1.34
N ASP G 86 -91.68 -10.83 -0.39
CA ASP G 86 -90.87 -10.58 0.79
C ASP G 86 -90.63 -11.85 1.60
N ILE G 87 -91.68 -12.64 1.80
CA ILE G 87 -91.50 -13.86 2.58
C ILE G 87 -90.64 -14.86 1.83
N GLY G 88 -90.78 -14.92 0.50
CA GLY G 88 -89.87 -15.73 -0.28
C GLY G 88 -88.44 -15.28 -0.11
N TYR G 89 -88.21 -13.97 -0.04
CA TYR G 89 -86.88 -13.46 0.24
C TYR G 89 -86.37 -13.96 1.57
N TYR G 90 -87.17 -13.81 2.63
CA TYR G 90 -86.71 -14.21 3.96
C TYR G 90 -86.38 -15.69 4.02
N LEU G 91 -87.26 -16.53 3.48
CA LEU G 91 -86.99 -17.96 3.48
C LEU G 91 -85.79 -18.31 2.62
N ARG G 92 -85.64 -17.63 1.47
CA ARG G 92 -84.50 -17.82 0.62
C ARG G 92 -83.22 -17.58 1.39
N PHE G 93 -83.20 -16.51 2.17
CA PHE G 93 -81.97 -16.17 2.89
C PHE G 93 -81.77 -17.05 4.11
N ILE G 94 -82.84 -17.60 4.69
CA ILE G 94 -82.67 -18.60 5.72
C ILE G 94 -82.00 -19.85 5.15
N THR G 95 -82.43 -20.29 3.96
CA THR G 95 -81.78 -21.46 3.38
C THR G 95 -80.37 -21.14 2.91
N TYR G 96 -80.14 -19.91 2.44
CA TYR G 96 -78.79 -19.48 2.13
C TYR G 96 -77.90 -19.55 3.36
N SER G 97 -78.41 -19.10 4.51
CA SER G 97 -77.63 -19.16 5.73
C SER G 97 -77.37 -20.59 6.16
N LEU G 98 -78.37 -21.47 6.00
CA LEU G 98 -78.15 -22.88 6.29
C LEU G 98 -77.03 -23.44 5.45
N VAL G 99 -77.07 -23.20 4.14
CA VAL G 99 -76.03 -23.69 3.26
C VAL G 99 -74.67 -23.11 3.66
N ALA G 100 -74.61 -21.79 3.88
CA ALA G 100 -73.36 -21.14 4.23
C ALA G 100 -73.01 -21.28 5.71
N SER G 101 -73.71 -22.15 6.45
CA SER G 101 -73.35 -22.47 7.83
C SER G 101 -73.06 -21.23 8.68
N GLY G 102 -73.71 -20.12 8.36
CA GLY G 102 -73.48 -18.88 9.06
C GLY G 102 -74.51 -17.87 8.65
N THR G 103 -74.51 -16.74 9.36
CA THR G 103 -75.48 -15.68 9.11
C THR G 103 -74.98 -14.67 8.12
N GLY G 104 -74.13 -15.09 7.19
CA GLY G 104 -73.64 -14.23 6.16
C GLY G 104 -74.74 -13.66 5.29
N PRO G 105 -75.46 -14.53 4.57
CA PRO G 105 -76.50 -14.02 3.66
C PRO G 105 -77.58 -13.23 4.34
N LEU G 106 -78.07 -13.65 5.51
CA LEU G 106 -79.07 -12.85 6.20
C LEU G 106 -78.52 -11.46 6.52
N ASP G 107 -77.36 -11.40 7.16
CA ASP G 107 -76.82 -10.12 7.56
C ASP G 107 -76.53 -9.23 6.37
N ASP G 108 -76.04 -9.81 5.28
CA ASP G 108 -75.70 -9.01 4.10
C ASP G 108 -76.94 -8.47 3.41
N TYR G 109 -77.97 -9.30 3.23
CA TYR G 109 -79.12 -8.88 2.46
C TYR G 109 -80.24 -8.32 3.35
N VAL G 110 -80.79 -9.13 4.24
CA VAL G 110 -81.95 -8.71 5.01
C VAL G 110 -81.54 -7.79 6.14
N ILE G 111 -80.61 -8.25 6.99
CA ILE G 111 -80.47 -7.68 8.31
C ILE G 111 -79.88 -6.27 8.23
N ALA G 112 -78.88 -6.08 7.39
CA ALA G 112 -78.27 -4.77 7.23
C ALA G 112 -79.13 -3.87 6.36
N GLY G 113 -79.48 -2.69 6.86
CA GLY G 113 -80.37 -1.81 6.15
C GLY G 113 -81.83 -2.11 6.32
N LEU G 114 -82.17 -3.01 7.25
CA LEU G 114 -83.56 -3.43 7.45
C LEU G 114 -84.41 -2.29 7.97
N ARG G 115 -83.96 -1.66 9.04
CA ARG G 115 -84.84 -0.81 9.84
C ARG G 115 -85.06 0.55 9.18
N GLU G 116 -84.02 1.11 8.57
CA GLU G 116 -84.23 2.34 7.82
C GLU G 116 -85.20 2.15 6.67
N VAL G 117 -85.08 1.04 5.94
CA VAL G 117 -85.96 0.81 4.80
C VAL G 117 -87.39 0.55 5.26
N ASN G 118 -87.54 -0.20 6.36
CA ASN G 118 -88.89 -0.41 6.90
C ASN G 118 -89.52 0.91 7.31
N ARG G 119 -88.81 1.72 8.09
CA ARG G 119 -89.37 2.99 8.55
C ARG G 119 -89.65 3.92 7.38
N ALA G 120 -88.88 3.80 6.31
CA ALA G 120 -89.13 4.61 5.12
C ALA G 120 -90.38 4.16 4.37
N PHE G 121 -90.66 2.87 4.32
CA PHE G 121 -91.84 2.37 3.65
C PHE G 121 -93.00 2.07 4.60
N ASN G 122 -92.85 2.39 5.88
CA ASN G 122 -93.93 2.19 6.86
C ASN G 122 -94.32 0.73 6.98
N LEU G 123 -93.39 -0.17 6.69
CA LEU G 123 -93.62 -1.59 6.89
C LEU G 123 -93.45 -1.91 8.37
N ASN G 124 -94.31 -2.74 8.90
CA ASN G 124 -94.23 -3.07 10.31
C ASN G 124 -93.35 -4.30 10.50
N PRO G 125 -92.39 -4.27 11.41
CA PRO G 125 -91.62 -5.48 11.70
C PRO G 125 -92.47 -6.63 12.22
N LEU G 126 -93.54 -6.33 12.96
CA LEU G 126 -94.33 -7.38 13.58
C LEU G 126 -94.93 -8.32 12.55
N TRP G 127 -95.29 -7.81 11.37
CA TRP G 127 -95.80 -8.69 10.32
C TRP G 127 -94.78 -9.76 9.98
N TYR G 128 -93.53 -9.34 9.76
CA TYR G 128 -92.50 -10.28 9.37
C TYR G 128 -92.12 -11.19 10.53
N ILE G 129 -92.17 -10.68 11.75
CA ILE G 129 -91.94 -11.53 12.92
C ILE G 129 -92.99 -12.62 12.99
N GLU G 130 -94.25 -12.28 12.71
CA GLU G 130 -95.30 -13.28 12.70
C GLU G 130 -95.09 -14.31 11.60
N ALA G 131 -94.69 -13.85 10.41
CA ALA G 131 -94.45 -14.80 9.33
C ALA G 131 -93.32 -15.76 9.69
N LEU G 132 -92.25 -15.24 10.31
CA LEU G 132 -91.15 -16.10 10.70
C LEU G 132 -91.51 -17.01 11.86
N ASN G 133 -92.38 -16.56 12.77
CA ASN G 133 -92.87 -17.48 13.79
C ASN G 133 -93.66 -18.62 13.18
N TYR G 134 -94.47 -18.30 12.17
CA TYR G 134 -95.21 -19.36 11.48
C TYR G 134 -94.25 -20.33 10.81
N ILE G 135 -93.22 -19.80 10.14
CA ILE G 135 -92.25 -20.67 9.49
C ILE G 135 -91.52 -21.50 10.53
N LYS G 136 -91.27 -20.94 11.71
CA LYS G 136 -90.69 -21.70 12.80
C LYS G 136 -91.57 -22.87 13.18
N GLY G 137 -92.86 -22.61 13.33
CA GLY G 137 -93.78 -23.68 13.70
C GLY G 137 -93.81 -24.79 12.66
N GLU G 138 -93.89 -24.43 11.38
CA GLU G 138 -93.97 -25.46 10.36
C GLU G 138 -92.65 -26.20 10.18
N THR G 139 -91.52 -25.50 10.18
CA THR G 139 -90.25 -26.18 10.06
C THR G 139 -89.91 -27.00 11.29
N GLY G 140 -90.58 -26.75 12.42
CA GLY G 140 -90.51 -27.71 13.51
C GLY G 140 -91.06 -29.06 13.10
N LYS G 141 -92.18 -29.07 12.37
CA LYS G 141 -92.76 -30.32 11.89
C LYS G 141 -91.91 -30.91 10.77
N LEU G 142 -91.50 -30.07 9.82
CA LEU G 142 -90.80 -30.54 8.63
C LEU G 142 -89.48 -31.22 8.99
N LEU G 143 -88.78 -30.69 10.00
CA LEU G 143 -87.43 -31.11 10.32
C LEU G 143 -87.38 -31.76 11.69
N SER G 144 -86.50 -32.74 11.83
CA SER G 144 -86.31 -33.42 13.10
C SER G 144 -84.82 -33.68 13.31
N GLY G 145 -84.38 -33.62 14.56
CA GLY G 145 -82.99 -33.85 14.88
C GLY G 145 -82.21 -32.56 14.87
N GLN G 146 -81.03 -32.59 14.26
CA GLN G 146 -80.17 -31.42 14.24
C GLN G 146 -80.65 -30.37 13.24
N SER G 147 -81.10 -30.81 12.06
CA SER G 147 -81.58 -29.87 11.05
C SER G 147 -82.63 -28.94 11.63
N LYS G 148 -83.52 -29.51 12.45
CA LYS G 148 -84.51 -28.71 13.15
C LYS G 148 -83.85 -27.58 13.93
N THR G 149 -82.85 -27.92 14.74
CA THR G 149 -82.24 -26.92 15.61
C THR G 149 -81.52 -25.86 14.82
N GLU G 150 -80.79 -26.25 13.78
CA GLU G 150 -80.01 -25.27 13.04
C GLU G 150 -80.92 -24.32 12.27
N ALA G 151 -81.93 -24.86 11.59
CA ALA G 151 -82.92 -24.00 10.97
C ALA G 151 -83.48 -23.03 12.00
N LEU G 152 -83.97 -23.55 13.14
CA LEU G 152 -84.58 -22.68 14.13
C LEU G 152 -83.63 -21.59 14.57
N LEU G 153 -82.33 -21.90 14.63
CA LEU G 153 -81.34 -20.87 14.94
C LEU G 153 -81.39 -19.73 13.94
N TYR G 154 -81.41 -20.06 12.65
CA TYR G 154 -81.43 -18.97 11.68
C TYR G 154 -82.76 -18.21 11.69
N ILE G 155 -83.88 -18.92 11.84
CA ILE G 155 -85.16 -18.21 11.96
C ILE G 155 -85.16 -17.24 13.12
N ASP G 156 -84.73 -17.66 14.32
CA ASP G 156 -84.89 -16.71 15.40
C ASP G 156 -83.80 -15.65 15.34
N HIS G 157 -82.67 -15.91 14.68
CA HIS G 157 -81.75 -14.83 14.40
C HIS G 157 -82.44 -13.74 13.59
N ALA G 158 -83.15 -14.13 12.53
CA ALA G 158 -83.90 -13.16 11.76
C ALA G 158 -84.96 -12.46 12.61
N ILE G 159 -85.65 -13.22 13.46
CA ILE G 159 -86.70 -12.65 14.30
C ILE G 159 -86.12 -11.62 15.26
N ASN G 160 -84.99 -11.95 15.88
CA ASN G 160 -84.33 -11.02 16.80
C ASN G 160 -83.92 -9.75 16.07
N ALA G 161 -83.35 -9.88 14.87
CA ALA G 161 -82.98 -8.69 14.14
C ALA G 161 -84.19 -7.84 13.81
N LEU G 162 -85.34 -8.48 13.54
CA LEU G 162 -86.58 -7.73 13.39
C LEU G 162 -87.02 -7.11 14.70
N SER G 163 -86.56 -7.64 15.82
CA SER G 163 -86.98 -7.14 17.12
C SER G 163 -85.89 -6.30 17.76
N MET H 1 -60.75 -12.20 31.51
CA MET H 1 -61.20 -13.16 30.53
C MET H 1 -60.37 -14.45 30.57
N ASN H 2 -61.04 -15.56 30.88
CA ASN H 2 -60.39 -16.84 31.06
C ASN H 2 -61.48 -17.89 31.23
N ASP H 3 -61.22 -19.11 30.79
CA ASP H 3 -62.19 -20.20 30.95
C ASP H 3 -61.63 -21.25 31.91
N VAL H 4 -62.48 -22.24 32.22
CA VAL H 4 -62.14 -23.22 33.25
C VAL H 4 -60.94 -24.06 32.83
N PHE H 5 -60.88 -24.47 31.56
CA PHE H 5 -59.73 -25.23 31.08
C PHE H 5 -58.45 -24.44 31.28
N THR H 6 -58.49 -23.14 30.98
CA THR H 6 -57.28 -22.34 31.17
C THR H 6 -57.05 -22.02 32.63
N ARG H 7 -58.07 -22.08 33.48
CA ARG H 7 -57.80 -22.04 34.92
C ARG H 7 -57.00 -23.26 35.36
N ALA H 8 -57.39 -24.44 34.89
CA ALA H 8 -56.60 -25.63 35.20
C ALA H 8 -55.19 -25.50 34.64
N ILE H 9 -55.07 -24.98 33.42
CA ILE H 9 -53.76 -24.80 32.79
C ILE H 9 -52.90 -23.83 33.60
N ALA H 10 -53.49 -22.71 34.02
CA ALA H 10 -52.74 -21.69 34.73
C ALA H 10 -52.29 -22.19 36.10
N GLN H 11 -53.17 -22.87 36.83
CA GLN H 11 -52.76 -23.39 38.13
C GLN H 11 -51.73 -24.51 37.97
N ALA H 12 -51.81 -25.29 36.89
CA ALA H 12 -50.80 -26.30 36.62
C ALA H 12 -49.45 -25.66 36.33
N ASP H 13 -49.45 -24.56 35.58
CA ASP H 13 -48.20 -23.84 35.35
C ASP H 13 -47.66 -23.27 36.65
N LEU H 14 -48.52 -22.68 37.47
CA LEU H 14 -48.08 -22.08 38.72
C LEU H 14 -47.42 -23.12 39.61
N LYS H 15 -48.07 -24.28 39.80
CA LYS H 15 -47.39 -25.33 40.55
C LYS H 15 -46.28 -25.99 39.75
N GLY H 16 -46.16 -25.68 38.45
CA GLY H 16 -45.07 -26.16 37.65
C GLY H 16 -45.19 -27.57 37.15
N SER H 17 -46.30 -28.26 37.43
CA SER H 17 -46.42 -29.66 37.08
C SER H 17 -47.35 -29.85 35.88
N PHE H 18 -47.33 -31.06 35.35
CA PHE H 18 -48.26 -31.45 34.30
C PHE H 18 -49.67 -31.58 34.87
N LEU H 19 -50.66 -31.49 33.99
CA LEU H 19 -52.05 -31.61 34.43
C LEU H 19 -52.30 -32.99 35.01
N LEU H 20 -52.92 -33.02 36.19
CA LEU H 20 -53.16 -34.28 36.88
C LEU H 20 -54.40 -34.97 36.32
N GLU H 21 -54.45 -36.30 36.50
CA GLU H 21 -55.53 -37.09 35.95
C GLU H 21 -56.88 -36.73 36.58
N SER H 22 -56.88 -36.27 37.84
CA SER H 22 -58.13 -35.87 38.47
C SER H 22 -58.73 -34.65 37.77
N ASP H 23 -57.93 -33.59 37.61
CA ASP H 23 -58.41 -32.41 36.90
C ASP H 23 -58.69 -32.75 35.45
N LEU H 24 -57.95 -33.69 34.87
CA LEU H 24 -58.20 -34.08 33.49
C LEU H 24 -59.57 -34.75 33.36
N ASP H 25 -59.93 -35.59 34.34
CA ASP H 25 -61.27 -36.18 34.36
C ASP H 25 -62.33 -35.11 34.53
N LYS H 26 -62.08 -34.13 35.40
CA LYS H 26 -63.01 -33.02 35.54
C LYS H 26 -63.22 -32.31 34.21
N LEU H 27 -62.13 -32.08 33.47
CA LEU H 27 -62.22 -31.38 32.20
C LEU H 27 -62.94 -32.23 31.16
N ALA H 28 -62.76 -33.55 31.19
CA ALA H 28 -63.51 -34.42 30.30
C ALA H 28 -65.01 -34.35 30.61
N SER H 29 -65.36 -34.34 31.90
CA SER H 29 -66.76 -34.21 32.27
C SER H 29 -67.34 -32.89 31.78
N PHE H 30 -66.58 -31.80 31.95
CA PHE H 30 -67.04 -30.51 31.45
C PHE H 30 -67.19 -30.53 29.94
N ALA H 31 -66.26 -31.17 29.24
CA ALA H 31 -66.31 -31.19 27.79
C ALA H 31 -67.50 -32.00 27.27
N LYS H 32 -67.89 -33.07 27.97
CA LYS H 32 -69.06 -33.84 27.51
C LYS H 32 -70.36 -33.13 27.90
N GLU H 33 -70.38 -32.45 29.04
CA GLU H 33 -71.52 -31.62 29.43
C GLU H 33 -71.62 -30.35 28.60
N GLY H 34 -70.58 -30.02 27.84
CA GLY H 34 -70.62 -28.85 27.00
C GLY H 34 -71.71 -28.89 25.95
N VAL H 35 -72.20 -30.07 25.61
CA VAL H 35 -73.34 -30.16 24.69
C VAL H 35 -74.56 -29.52 25.30
N LYS H 36 -74.84 -29.81 26.57
CA LYS H 36 -75.94 -29.15 27.28
C LYS H 36 -75.62 -27.68 27.51
N ARG H 37 -74.35 -27.36 27.76
CA ARG H 37 -73.95 -25.98 27.98
C ARG H 37 -74.23 -25.11 26.75
N LEU H 38 -73.97 -25.65 25.56
CA LEU H 38 -74.22 -24.92 24.33
C LEU H 38 -75.70 -24.62 24.17
N ASP H 39 -76.57 -25.59 24.47
CA ASP H 39 -78.01 -25.34 24.41
C ASP H 39 -78.41 -24.30 25.44
N ALA H 40 -77.79 -24.30 26.62
CA ALA H 40 -78.12 -23.30 27.62
C ALA H 40 -77.80 -21.89 27.12
N VAL H 41 -76.58 -21.70 26.60
CA VAL H 41 -76.21 -20.37 26.12
C VAL H 41 -77.03 -20.00 24.89
N ALA H 42 -77.38 -20.98 24.06
CA ALA H 42 -78.21 -20.71 22.89
C ALA H 42 -79.60 -20.26 23.31
N ALA H 43 -80.17 -20.90 24.34
CA ALA H 43 -81.46 -20.45 24.86
C ALA H 43 -81.37 -19.02 25.36
N LEU H 44 -80.31 -18.71 26.11
CA LEU H 44 -80.13 -17.34 26.59
C LEU H 44 -80.11 -16.35 25.44
N THR H 45 -79.27 -16.59 24.44
CA THR H 45 -79.14 -15.65 23.33
C THR H 45 -80.43 -15.56 22.52
N ASN H 46 -81.09 -16.71 22.32
CA ASN H 46 -82.33 -16.75 21.56
C ASN H 46 -83.41 -15.93 22.22
N ASN H 47 -83.57 -16.07 23.54
CA ASN H 47 -84.66 -15.45 24.26
C ASN H 47 -84.29 -14.10 24.87
N ALA H 48 -83.07 -13.62 24.65
CA ALA H 48 -82.63 -12.35 25.23
C ALA H 48 -83.61 -11.20 25.08
N PRO H 49 -84.16 -10.90 23.89
CA PRO H 49 -85.10 -9.76 23.83
C PRO H 49 -86.36 -9.99 24.63
N ALA H 50 -86.93 -11.20 24.56
CA ALA H 50 -88.10 -11.51 25.36
C ALA H 50 -87.79 -11.43 26.84
N ILE H 51 -86.63 -11.96 27.25
CA ILE H 51 -86.24 -11.94 28.65
C ILE H 51 -86.10 -10.50 29.15
N ILE H 52 -85.45 -9.65 28.36
CA ILE H 52 -85.22 -8.28 28.82
C ILE H 52 -86.52 -7.50 28.84
N SER H 53 -87.40 -7.68 27.85
CA SER H 53 -88.69 -7.00 27.89
C SER H 53 -89.51 -7.46 29.09
N ASP H 54 -89.50 -8.77 29.35
CA ASP H 54 -90.22 -9.30 30.51
C ASP H 54 -89.72 -8.68 31.80
N ALA H 55 -88.40 -8.69 32.01
CA ALA H 55 -87.85 -8.17 33.25
C ALA H 55 -88.04 -6.66 33.36
N ALA H 56 -88.03 -5.96 32.23
CA ALA H 56 -88.35 -4.53 32.26
C ALA H 56 -89.78 -4.30 32.72
N HIS H 57 -90.72 -5.10 32.22
CA HIS H 57 -92.11 -4.98 32.66
C HIS H 57 -92.23 -5.26 34.16
N LYS H 58 -91.63 -6.35 34.64
CA LYS H 58 -91.71 -6.65 36.06
C LYS H 58 -91.05 -5.58 36.92
N LEU H 59 -89.92 -5.05 36.47
CA LEU H 59 -89.23 -4.01 37.25
C LEU H 59 -90.06 -2.74 37.31
N PHE H 60 -90.52 -2.25 36.17
CA PHE H 60 -91.33 -1.04 36.15
C PHE H 60 -92.69 -1.26 36.82
N ALA H 61 -93.08 -2.51 37.05
CA ALA H 61 -94.26 -2.77 37.86
C ALA H 61 -93.93 -2.69 39.35
N GLU H 62 -92.84 -3.35 39.77
CA GLU H 62 -92.49 -3.38 41.18
C GLU H 62 -91.87 -2.06 41.63
N GLN H 63 -91.05 -1.44 40.79
CA GLN H 63 -90.45 -0.16 41.13
C GLN H 63 -91.03 0.92 40.22
N GLN H 64 -91.55 1.99 40.84
CA GLN H 64 -92.34 2.99 40.11
C GLN H 64 -91.64 4.33 40.00
N GLU H 65 -90.79 4.70 40.97
CA GLU H 65 -90.12 6.00 40.92
C GLU H 65 -89.31 6.20 39.65
N LEU H 66 -88.86 5.12 39.02
CA LEU H 66 -88.21 5.23 37.71
C LEU H 66 -89.15 5.76 36.64
N ILE H 67 -90.44 5.90 36.93
CA ILE H 67 -91.37 6.58 36.04
C ILE H 67 -91.49 8.06 36.37
N GLN H 68 -91.64 8.39 37.65
CA GLN H 68 -91.95 9.74 38.05
C GLN H 68 -90.82 10.70 37.69
N PRO H 69 -91.15 11.95 37.37
CA PRO H 69 -90.10 12.94 37.11
C PRO H 69 -89.19 13.09 38.31
N GLY H 70 -87.89 13.21 38.03
CA GLY H 70 -86.88 13.15 39.06
C GLY H 70 -86.39 11.75 39.35
N GLY H 71 -87.13 10.72 38.94
CA GLY H 71 -86.61 9.37 39.00
C GLY H 71 -85.55 9.15 37.94
N ASN H 72 -84.69 8.16 38.18
CA ASN H 72 -83.55 7.95 37.32
C ASN H 72 -83.98 7.64 35.88
N ALA H 73 -84.99 6.80 35.69
CA ALA H 73 -85.38 6.36 34.36
C ALA H 73 -86.43 7.26 33.72
N TYR H 74 -86.88 8.32 34.41
CA TYR H 74 -87.89 9.20 33.84
C TYR H 74 -87.47 9.84 32.52
N PRO H 75 -86.31 10.50 32.42
CA PRO H 75 -85.88 10.98 31.11
C PRO H 75 -85.70 9.81 30.15
N HIS H 76 -86.05 10.06 28.90
CA HIS H 76 -86.35 8.98 27.98
C HIS H 76 -85.08 8.19 27.64
N ARG H 77 -84.01 8.91 27.32
CA ARG H 77 -82.72 8.29 27.03
C ARG H 77 -82.17 7.53 28.23
N ARG H 78 -82.50 7.98 29.45
CA ARG H 78 -81.99 7.30 30.63
C ARG H 78 -82.56 5.89 30.74
N MET H 79 -83.85 5.71 30.50
CA MET H 79 -84.38 4.36 30.57
C MET H 79 -84.08 3.57 29.29
N ALA H 80 -83.81 4.25 28.18
CA ALA H 80 -83.16 3.58 27.06
C ALA H 80 -81.85 2.94 27.49
N ALA H 81 -81.03 3.70 28.23
CA ALA H 81 -79.80 3.15 28.78
C ALA H 81 -80.06 2.05 29.79
N CYS H 82 -81.15 2.15 30.55
CA CYS H 82 -81.54 1.04 31.42
C CYS H 82 -81.66 -0.26 30.64
N LEU H 83 -82.44 -0.23 29.55
CA LEU H 83 -82.61 -1.43 28.75
C LEU H 83 -81.28 -1.89 28.15
N ARG H 84 -80.48 -0.94 27.67
CA ARG H 84 -79.21 -1.30 27.04
C ARG H 84 -78.28 -1.99 28.04
N ASP H 85 -78.20 -1.47 29.26
CA ASP H 85 -77.32 -2.07 30.25
C ASP H 85 -77.84 -3.42 30.72
N MET H 86 -79.16 -3.58 30.81
CA MET H 86 -79.69 -4.91 31.08
C MET H 86 -79.25 -5.89 30.00
N GLU H 87 -79.35 -5.49 28.73
CA GLU H 87 -78.91 -6.35 27.65
C GLU H 87 -77.43 -6.68 27.76
N ILE H 88 -76.61 -5.70 28.14
CA ILE H 88 -75.17 -5.94 28.24
C ILE H 88 -74.88 -6.96 29.33
N ILE H 89 -75.51 -6.83 30.50
CA ILE H 89 -75.23 -7.79 31.56
C ILE H 89 -75.72 -9.17 31.17
N LEU H 90 -76.84 -9.29 30.44
CA LEU H 90 -77.25 -10.60 29.95
C LEU H 90 -76.23 -11.17 28.97
N ARG H 91 -75.68 -10.33 28.10
CA ARG H 91 -74.70 -10.83 27.16
C ARG H 91 -73.45 -11.35 27.88
N TYR H 92 -73.01 -10.62 28.89
CA TYR H 92 -71.83 -11.06 29.64
C TYR H 92 -72.14 -12.32 30.44
N VAL H 93 -73.36 -12.46 30.95
CA VAL H 93 -73.72 -13.69 31.66
C VAL H 93 -73.76 -14.87 30.69
N SER H 94 -74.22 -14.66 29.46
CA SER H 94 -74.14 -15.73 28.47
C SER H 94 -72.69 -16.11 28.18
N TYR H 95 -71.81 -15.10 28.08
CA TYR H 95 -70.39 -15.38 27.94
C TYR H 95 -69.88 -16.26 29.08
N ALA H 96 -70.20 -15.87 30.30
CA ALA H 96 -69.75 -16.62 31.47
C ALA H 96 -70.31 -18.04 31.47
N LEU H 97 -71.56 -18.21 31.07
CA LEU H 97 -72.15 -19.53 31.06
C LEU H 97 -71.46 -20.43 30.03
N LEU H 98 -71.13 -19.87 28.86
CA LEU H 98 -70.40 -20.65 27.87
C LEU H 98 -69.01 -21.00 28.38
N ALA H 99 -68.32 -20.04 29.01
CA ALA H 99 -66.96 -20.27 29.47
C ALA H 99 -66.91 -21.19 30.69
N GLY H 100 -67.86 -21.05 31.60
CA GLY H 100 -67.78 -21.73 32.87
C GLY H 100 -66.98 -20.99 33.92
N ASP H 101 -66.61 -19.73 33.66
CA ASP H 101 -65.84 -18.92 34.58
C ASP H 101 -66.57 -17.62 34.84
N ALA H 102 -66.71 -17.26 36.12
CA ALA H 102 -67.41 -16.04 36.51
C ALA H 102 -66.58 -14.78 36.33
N SER H 103 -65.26 -14.90 36.20
CA SER H 103 -64.41 -13.71 36.18
C SER H 103 -64.56 -12.93 34.87
N VAL H 104 -64.94 -13.63 33.79
CA VAL H 104 -65.07 -12.96 32.49
C VAL H 104 -66.05 -11.81 32.55
N LEU H 105 -67.00 -11.87 33.50
CA LEU H 105 -67.91 -10.75 33.74
C LEU H 105 -67.37 -9.83 34.83
N ASP H 106 -67.01 -10.42 35.98
CA ASP H 106 -66.62 -9.65 37.14
C ASP H 106 -65.39 -8.79 36.84
N ASP H 107 -64.25 -9.42 36.56
CA ASP H 107 -63.02 -8.69 36.33
C ASP H 107 -63.13 -7.76 35.12
N ARG H 108 -64.02 -8.09 34.18
CA ARG H 108 -64.20 -7.23 33.02
C ARG H 108 -64.88 -5.92 33.39
N CYS H 109 -65.97 -5.97 34.13
CA CYS H 109 -66.68 -4.69 34.25
C CYS H 109 -67.07 -4.32 35.68
N LEU H 110 -67.25 -5.30 36.57
CA LEU H 110 -67.84 -5.00 37.87
C LEU H 110 -66.94 -4.11 38.72
N ASN H 111 -65.65 -4.08 38.43
CA ASN H 111 -64.75 -3.20 39.16
C ASN H 111 -65.13 -1.73 38.96
N GLY H 112 -65.37 -1.35 37.71
CA GLY H 112 -65.75 0.01 37.38
C GLY H 112 -67.22 0.30 37.58
N LEU H 113 -68.06 -0.74 37.48
CA LEU H 113 -69.49 -0.52 37.64
C LEU H 113 -69.83 -0.06 39.05
N ARG H 114 -69.14 -0.59 40.05
CA ARG H 114 -69.39 -0.18 41.43
C ARG H 114 -69.19 1.32 41.60
N GLU H 115 -68.03 1.83 41.20
CA GLU H 115 -67.76 3.26 41.35
C GLU H 115 -68.65 4.09 40.44
N THR H 116 -68.97 3.59 39.25
CA THR H 116 -69.84 4.34 38.34
C THR H 116 -71.23 4.52 38.94
N TYR H 117 -71.81 3.44 39.47
CA TYR H 117 -73.15 3.54 40.02
C TYR H 117 -73.15 4.22 41.37
N ASN H 118 -72.00 4.26 42.05
CA ASN H 118 -71.88 5.08 43.25
C ASN H 118 -71.90 6.57 42.89
N ALA H 119 -71.12 6.96 41.88
CA ALA H 119 -71.05 8.37 41.51
C ALA H 119 -72.36 8.85 40.90
N LEU H 120 -72.97 8.04 40.02
CA LEU H 120 -74.16 8.47 39.29
C LEU H 120 -75.36 8.67 40.21
N GLY H 121 -75.32 8.14 41.44
CA GLY H 121 -76.42 8.31 42.35
C GLY H 121 -77.61 7.43 42.08
N THR H 122 -77.52 6.52 41.12
CA THR H 122 -78.62 5.63 40.83
C THR H 122 -78.88 4.72 42.02
N PRO H 123 -80.10 4.27 42.24
CA PRO H 123 -80.32 3.23 43.25
C PRO H 123 -79.71 1.93 42.78
N THR H 124 -78.58 1.55 43.37
CA THR H 124 -77.84 0.40 42.88
C THR H 124 -78.53 -0.90 43.28
N GLN H 125 -79.24 -0.90 44.41
CA GLN H 125 -80.05 -2.05 44.77
C GLN H 125 -81.12 -2.31 43.72
N SER H 126 -81.59 -1.27 43.04
CA SER H 126 -82.52 -1.47 41.93
C SER H 126 -81.85 -2.21 40.78
N VAL H 127 -80.57 -1.91 40.52
CA VAL H 127 -79.85 -2.65 39.49
C VAL H 127 -79.63 -4.10 39.91
N ALA H 128 -79.36 -4.33 41.20
CA ALA H 128 -79.23 -5.69 41.68
C ALA H 128 -80.55 -6.46 41.53
N ARG H 129 -81.66 -5.81 41.86
CA ARG H 129 -82.97 -6.41 41.65
C ARG H 129 -83.24 -6.64 40.17
N ALA H 130 -82.74 -5.76 39.32
CA ALA H 130 -82.85 -5.98 37.87
C ALA H 130 -82.11 -7.23 37.46
N VAL H 131 -80.91 -7.43 38.00
CA VAL H 131 -80.15 -8.66 37.73
C VAL H 131 -80.92 -9.88 38.22
N GLN H 132 -81.52 -9.77 39.39
CA GLN H 132 -82.30 -10.88 39.94
C GLN H 132 -83.49 -11.22 39.05
N LEU H 133 -84.20 -10.20 38.56
CA LEU H 133 -85.35 -10.43 37.68
C LEU H 133 -84.88 -10.97 36.34
N MET H 134 -83.73 -10.50 35.86
CA MET H 134 -83.13 -11.06 34.65
C MET H 134 -82.87 -12.54 34.84
N LYS H 135 -82.33 -12.91 35.99
CA LYS H 135 -82.07 -14.32 36.31
C LYS H 135 -83.35 -15.12 36.33
N ASP H 136 -84.40 -14.59 36.93
CA ASP H 136 -85.66 -15.33 36.98
C ASP H 136 -86.25 -15.52 35.59
N ALA H 137 -86.25 -14.47 34.77
CA ALA H 137 -86.82 -14.57 33.44
C ALA H 137 -86.00 -15.50 32.55
N ALA H 138 -84.68 -15.51 32.73
CA ALA H 138 -83.85 -16.47 32.00
C ALA H 138 -84.05 -17.89 32.51
N MET H 139 -84.25 -18.05 33.82
CA MET H 139 -84.54 -19.37 34.39
C MET H 139 -85.83 -19.94 33.82
N VAL H 140 -86.83 -19.08 33.61
CA VAL H 140 -88.08 -19.52 33.02
C VAL H 140 -87.84 -20.09 31.63
N HIS H 141 -87.00 -19.42 30.83
CA HIS H 141 -86.76 -19.86 29.46
C HIS H 141 -85.83 -21.08 29.40
N LEU H 142 -84.89 -21.19 30.32
CA LEU H 142 -83.93 -22.29 30.27
C LEU H 142 -84.56 -23.64 30.58
N LYS H 143 -85.70 -23.65 31.28
CA LYS H 143 -86.36 -24.91 31.57
C LYS H 143 -87.31 -25.35 30.47
N SER H 144 -87.20 -24.74 29.28
CA SER H 144 -88.05 -25.12 28.15
C SER H 144 -87.60 -26.44 27.55
N THR H 145 -88.26 -27.53 27.95
CA THR H 145 -87.91 -28.86 27.44
C THR H 145 -88.36 -29.08 26.01
N ALA H 146 -89.29 -28.27 25.50
CA ALA H 146 -89.65 -28.34 24.10
C ALA H 146 -88.48 -27.87 23.25
N ASN H 147 -88.44 -28.34 22.01
CA ASN H 147 -87.43 -28.00 21.01
C ASN H 147 -86.07 -28.64 21.28
N VAL H 148 -85.91 -29.32 22.41
CA VAL H 148 -84.60 -29.84 22.82
C VAL H 148 -84.77 -31.24 23.39
N THR H 149 -83.79 -32.09 23.08
CA THR H 149 -83.76 -33.43 23.66
C THR H 149 -83.65 -33.34 25.18
N VAL H 150 -84.51 -34.08 25.86
CA VAL H 150 -84.65 -33.99 27.31
C VAL H 150 -83.40 -34.54 27.97
N GLY H 151 -82.93 -33.85 29.00
CA GLY H 151 -81.78 -34.32 29.74
C GLY H 151 -81.74 -33.71 31.13
N ASP H 152 -80.60 -33.90 31.79
CA ASP H 152 -80.38 -33.41 33.14
C ASP H 152 -79.57 -32.12 33.07
N CYS H 153 -80.14 -31.03 33.58
CA CYS H 153 -79.49 -29.73 33.53
C CYS H 153 -79.65 -28.93 34.82
N SER H 154 -79.86 -29.60 35.95
CA SER H 154 -79.97 -28.88 37.21
C SER H 154 -78.69 -28.11 37.52
N SER H 155 -77.53 -28.71 37.21
CA SER H 155 -76.26 -28.04 37.44
C SER H 155 -76.14 -26.76 36.61
N LEU H 156 -76.68 -26.77 35.39
CA LEU H 156 -76.63 -25.56 34.57
C LEU H 156 -77.52 -24.47 35.14
N TYR H 157 -78.69 -24.83 35.66
CA TYR H 157 -79.55 -23.85 36.31
C TYR H 157 -78.87 -23.28 37.55
N SER H 158 -78.22 -24.13 38.34
CA SER H 158 -77.48 -23.64 39.50
C SER H 158 -76.36 -22.71 39.08
N GLU H 159 -75.64 -23.06 38.01
CA GLU H 159 -74.57 -22.20 37.51
C GLU H 159 -75.09 -20.84 37.10
N ALA H 160 -76.19 -20.81 36.35
CA ALA H 160 -76.76 -19.53 35.93
C ALA H 160 -77.23 -18.72 37.13
N ALA H 161 -77.89 -19.38 38.08
CA ALA H 161 -78.37 -18.67 39.27
C ALA H 161 -77.20 -18.07 40.05
N THR H 162 -76.14 -18.84 40.23
CA THR H 162 -74.97 -18.32 40.96
C THR H 162 -74.27 -17.22 40.19
N TYR H 163 -74.16 -17.33 38.86
CA TYR H 163 -73.56 -16.26 38.08
C TYR H 163 -74.33 -14.96 38.25
N PHE H 164 -75.66 -15.03 38.14
CA PHE H 164 -76.46 -13.83 38.31
C PHE H 164 -76.40 -13.32 39.74
N ASP H 165 -76.35 -14.22 40.72
CA ASP H 165 -76.22 -13.82 42.11
C ASP H 165 -74.93 -13.04 42.35
N LYS H 166 -73.82 -13.57 41.83
CA LYS H 166 -72.55 -12.87 41.98
C LYS H 166 -72.54 -11.53 41.25
N ALA H 167 -73.13 -11.49 40.04
CA ALA H 167 -73.22 -10.24 39.32
C ALA H 167 -74.00 -9.20 40.13
N ALA H 168 -75.14 -9.59 40.68
CA ALA H 168 -75.95 -8.66 41.46
C ALA H 168 -75.22 -8.23 42.74
N ALA H 169 -74.58 -9.18 43.43
CA ALA H 169 -73.90 -8.87 44.67
C ALA H 169 -72.74 -7.91 44.43
N SER H 170 -72.01 -8.11 43.34
CA SER H 170 -70.98 -7.15 42.95
C SER H 170 -71.59 -5.80 42.60
N ILE H 171 -72.74 -5.80 41.92
CA ILE H 171 -73.51 -4.56 41.77
C ILE H 171 -73.95 -4.04 43.13
N ALA H 172 -74.55 -4.91 43.95
CA ALA H 172 -75.04 -4.50 45.26
C ALA H 172 -73.91 -4.10 46.19
N MET I 1 -74.81 21.82 29.43
CA MET I 1 -74.70 23.23 29.80
C MET I 1 -76.09 23.83 29.94
N ASN I 2 -76.27 24.70 30.92
CA ASN I 2 -77.58 25.18 31.31
C ASN I 2 -77.60 26.70 31.40
N ASP I 3 -78.56 27.31 30.71
CA ASP I 3 -78.81 28.74 30.82
C ASP I 3 -79.93 28.98 31.82
N VAL I 4 -80.43 30.22 31.89
CA VAL I 4 -81.53 30.52 32.80
C VAL I 4 -82.82 29.86 32.32
N PHE I 5 -83.09 29.89 31.02
CA PHE I 5 -84.24 29.18 30.48
C PHE I 5 -84.10 27.69 30.71
N THR I 6 -82.91 27.15 30.44
CA THR I 6 -82.67 25.72 30.67
C THR I 6 -82.82 25.38 32.14
N ARG I 7 -82.34 26.25 33.03
CA ARG I 7 -82.50 26.03 34.46
C ARG I 7 -83.97 26.01 34.85
N ALA I 8 -84.75 26.96 34.35
CA ALA I 8 -86.17 27.02 34.68
C ALA I 8 -86.89 25.77 34.19
N ILE I 9 -86.57 25.32 32.98
CA ILE I 9 -87.12 24.08 32.47
C ILE I 9 -86.70 22.91 33.33
N ALA I 10 -85.46 22.93 33.83
CA ALA I 10 -84.98 21.87 34.71
C ALA I 10 -85.84 21.77 35.96
N GLN I 11 -86.08 22.90 36.63
CA GLN I 11 -86.97 22.85 37.79
C GLN I 11 -88.35 22.37 37.41
N ALA I 12 -88.94 22.96 36.36
CA ALA I 12 -90.31 22.62 35.98
C ALA I 12 -90.44 21.13 35.67
N ASP I 13 -89.41 20.53 35.09
CA ASP I 13 -89.45 19.11 34.76
C ASP I 13 -89.25 18.25 35.99
N LEU I 14 -88.28 18.60 36.84
CA LEU I 14 -88.00 17.76 38.00
C LEU I 14 -89.17 17.76 38.98
N LYS I 15 -89.87 18.89 39.08
CA LYS I 15 -91.12 18.88 39.85
C LYS I 15 -92.18 18.01 39.19
N GLY I 16 -92.26 18.03 37.86
CA GLY I 16 -93.26 17.26 37.14
C GLY I 16 -94.41 18.07 36.60
N SER I 17 -94.53 19.34 36.97
CA SER I 17 -95.58 20.21 36.45
C SER I 17 -95.05 20.98 35.24
N PHE I 18 -95.80 21.96 34.76
CA PHE I 18 -95.34 22.81 33.69
C PHE I 18 -94.62 24.01 34.31
N LEU I 19 -94.23 24.99 33.49
CA LEU I 19 -93.77 26.26 34.01
C LEU I 19 -94.95 27.07 34.53
N LEU I 20 -94.83 27.57 35.75
CA LEU I 20 -95.88 28.41 36.32
C LEU I 20 -95.88 29.77 35.65
N GLU I 21 -97.00 30.49 35.80
CA GLU I 21 -97.12 31.82 35.23
C GLU I 21 -96.01 32.75 35.73
N SER I 22 -95.56 32.54 36.96
CA SER I 22 -94.43 33.31 37.46
C SER I 22 -93.17 33.05 36.63
N ASP I 23 -92.94 31.79 36.26
CA ASP I 23 -91.79 31.46 35.42
C ASP I 23 -91.88 32.18 34.08
N LEU I 24 -93.05 32.16 33.45
CA LEU I 24 -93.21 32.81 32.16
C LEU I 24 -93.02 34.31 32.29
N ASP I 25 -93.51 34.91 33.38
CA ASP I 25 -93.33 36.35 33.57
C ASP I 25 -91.86 36.70 33.73
N LYS I 26 -91.13 35.92 34.55
CA LYS I 26 -89.71 36.16 34.71
C LYS I 26 -88.97 36.03 33.38
N LEU I 27 -89.31 35.01 32.61
CA LEU I 27 -88.58 34.77 31.36
C LEU I 27 -88.95 35.80 30.30
N ALA I 28 -90.19 36.32 30.35
CA ALA I 28 -90.56 37.43 29.48
C ALA I 28 -89.77 38.67 29.81
N SER I 29 -89.60 38.97 31.10
CA SER I 29 -88.73 40.08 31.50
C SER I 29 -87.31 39.87 30.97
N PHE I 30 -86.78 38.67 31.17
CA PHE I 30 -85.43 38.37 30.70
C PHE I 30 -85.30 38.60 29.21
N ALA I 31 -86.29 38.17 28.43
CA ALA I 31 -86.26 38.41 26.99
C ALA I 31 -86.41 39.89 26.68
N LYS I 32 -87.09 40.64 27.55
CA LYS I 32 -87.28 42.08 27.31
C LYS I 32 -85.96 42.83 27.40
N GLU I 33 -85.23 42.64 28.49
CA GLU I 33 -83.90 43.28 28.55
C GLU I 33 -82.76 42.40 28.03
N GLY I 34 -83.09 41.36 27.24
CA GLY I 34 -82.07 40.70 26.45
C GLY I 34 -81.30 41.68 25.57
N VAL I 35 -81.98 42.70 25.06
CA VAL I 35 -81.30 43.71 24.24
C VAL I 35 -80.23 44.42 25.05
N LYS I 36 -80.57 44.82 26.27
CA LYS I 36 -79.61 45.52 27.13
C LYS I 36 -78.44 44.61 27.48
N ARG I 37 -78.73 43.34 27.79
CA ARG I 37 -77.63 42.44 28.12
C ARG I 37 -76.75 42.15 26.91
N LEU I 38 -77.32 42.12 25.71
CA LEU I 38 -76.51 41.94 24.51
C LEU I 38 -75.65 43.17 24.22
N ASP I 39 -76.16 44.36 24.55
CA ASP I 39 -75.31 45.54 24.47
C ASP I 39 -74.15 45.45 25.46
N ALA I 40 -74.42 44.97 26.67
CA ALA I 40 -73.34 44.73 27.62
C ALA I 40 -72.33 43.74 27.07
N VAL I 41 -72.83 42.69 26.41
CA VAL I 41 -71.94 41.70 25.80
C VAL I 41 -71.09 42.32 24.71
N ALA I 42 -71.69 43.13 23.85
CA ALA I 42 -70.94 43.76 22.77
C ALA I 42 -69.86 44.68 23.33
N ALA I 43 -70.20 45.45 24.36
CA ALA I 43 -69.20 46.28 25.00
C ALA I 43 -68.06 45.45 25.57
N LEU I 44 -68.39 44.33 26.23
CA LEU I 44 -67.35 43.50 26.82
C LEU I 44 -66.45 42.89 25.74
N THR I 45 -67.03 42.40 24.66
CA THR I 45 -66.24 41.74 23.62
C THR I 45 -65.37 42.73 22.88
N ASN I 46 -65.94 43.86 22.46
CA ASN I 46 -65.15 44.82 21.68
C ASN I 46 -64.09 45.51 22.53
N ASN I 47 -64.40 45.82 23.79
CA ASN I 47 -63.46 46.47 24.68
C ASN I 47 -62.56 45.46 25.39
N ALA I 48 -62.69 44.18 25.08
CA ALA I 48 -61.90 43.16 25.76
C ALA I 48 -60.40 43.37 25.67
N PRO I 49 -59.79 43.60 24.49
CA PRO I 49 -58.33 43.76 24.48
C PRO I 49 -57.82 44.94 25.28
N ALA I 50 -58.54 46.07 25.24
CA ALA I 50 -58.16 47.21 26.07
C ALA I 50 -58.27 46.87 27.55
N ILE I 51 -59.34 46.16 27.92
CA ILE I 51 -59.48 45.71 29.30
C ILE I 51 -58.29 44.86 29.70
N ILE I 52 -57.88 43.93 28.83
CA ILE I 52 -56.77 43.04 29.16
C ILE I 52 -55.47 43.83 29.33
N SER I 53 -55.20 44.76 28.41
CA SER I 53 -53.94 45.51 28.48
C SER I 53 -53.88 46.39 29.72
N ASP I 54 -54.96 47.15 29.97
CA ASP I 54 -55.01 47.98 31.17
C ASP I 54 -54.95 47.12 32.43
N ALA I 55 -55.63 45.97 32.41
CA ALA I 55 -55.64 45.07 33.55
C ALA I 55 -54.23 44.58 33.86
N ALA I 56 -53.49 44.19 32.82
CA ALA I 56 -52.12 43.72 33.03
C ALA I 56 -51.24 44.84 33.56
N HIS I 57 -51.41 46.05 33.01
CA HIS I 57 -50.61 47.19 33.48
C HIS I 57 -50.84 47.44 34.97
N LYS I 58 -52.12 47.56 35.37
CA LYS I 58 -52.38 47.86 36.78
C LYS I 58 -52.02 46.68 37.67
N LEU I 59 -52.23 45.45 37.20
CA LEU I 59 -51.89 44.27 37.98
C LEU I 59 -50.40 44.23 38.29
N PHE I 60 -49.57 44.50 37.28
CA PHE I 60 -48.14 44.62 37.55
C PHE I 60 -47.85 45.86 38.38
N ALA I 61 -48.75 46.84 38.39
CA ALA I 61 -48.56 48.02 39.23
C ALA I 61 -48.68 47.67 40.72
N GLU I 62 -49.64 46.83 41.10
CA GLU I 62 -49.75 46.56 42.54
C GLU I 62 -48.60 45.70 43.04
N GLN I 63 -48.35 44.55 42.42
CA GLN I 63 -47.28 43.65 42.87
C GLN I 63 -46.25 43.51 41.76
N GLN I 64 -45.00 43.81 42.09
CA GLN I 64 -43.90 43.69 41.14
C GLN I 64 -43.19 42.35 41.23
N GLU I 65 -43.43 41.58 42.28
CA GLU I 65 -42.66 40.36 42.52
C GLU I 65 -42.95 39.27 41.49
N LEU I 66 -43.92 39.49 40.60
CA LEU I 66 -44.12 38.56 39.51
C LEU I 66 -43.17 38.85 38.35
N ILE I 67 -42.72 40.10 38.22
CA ILE I 67 -41.91 40.49 37.08
C ILE I 67 -40.43 40.18 37.32
N GLN I 68 -39.99 40.18 38.58
CA GLN I 68 -38.59 39.95 38.87
C GLN I 68 -38.17 38.56 38.40
N PRO I 69 -36.90 38.38 38.01
CA PRO I 69 -36.48 37.08 37.46
C PRO I 69 -36.76 35.93 38.41
N GLY I 70 -37.32 34.86 37.85
CA GLY I 70 -37.86 33.80 38.65
C GLY I 70 -39.23 34.09 39.23
N GLY I 71 -39.83 35.22 38.87
CA GLY I 71 -41.14 35.57 39.37
C GLY I 71 -42.24 34.78 38.70
N ASN I 72 -43.44 34.89 39.28
CA ASN I 72 -44.54 34.05 38.84
C ASN I 72 -45.00 34.43 37.43
N ALA I 73 -44.62 35.61 36.96
CA ALA I 73 -44.88 36.05 35.60
C ALA I 73 -43.62 36.51 34.88
N TYR I 74 -42.44 36.15 35.36
CA TYR I 74 -41.22 36.51 34.66
C TYR I 74 -41.05 35.91 33.27
N PRO I 75 -41.19 34.59 33.06
CA PRO I 75 -40.52 33.96 31.92
C PRO I 75 -40.97 34.42 30.55
N HIS I 76 -41.99 35.25 30.44
CA HIS I 76 -42.43 35.77 29.14
C HIS I 76 -43.18 34.68 28.34
N ARG I 77 -43.18 33.43 28.84
CA ARG I 77 -44.19 32.43 28.48
C ARG I 77 -45.13 32.15 29.63
N ARG I 78 -44.69 32.46 30.83
CA ARG I 78 -45.52 32.22 32.00
C ARG I 78 -46.35 33.47 32.28
N MET I 79 -45.82 34.66 31.98
CA MET I 79 -46.69 35.82 31.87
C MET I 79 -47.53 35.76 30.59
N ALA I 80 -47.03 35.12 29.53
CA ALA I 80 -47.85 34.88 28.36
C ALA I 80 -49.08 34.05 28.73
N ALA I 81 -48.87 32.97 29.48
CA ALA I 81 -50.00 32.18 29.97
C ALA I 81 -50.85 33.00 30.93
N CYS I 82 -50.24 33.91 31.69
CA CYS I 82 -51.01 34.83 32.51
C CYS I 82 -52.01 35.62 31.68
N LEU I 83 -51.52 36.27 30.61
CA LEU I 83 -52.39 37.07 29.77
C LEU I 83 -53.47 36.22 29.12
N ARG I 84 -53.10 35.03 28.64
CA ARG I 84 -54.08 34.16 28.00
C ARG I 84 -55.15 33.74 29.01
N ASP I 85 -54.76 33.49 30.26
CA ASP I 85 -55.72 33.15 31.29
C ASP I 85 -56.67 34.32 31.59
N MET I 86 -56.14 35.54 31.65
CA MET I 86 -57.04 36.69 31.84
C MET I 86 -58.01 36.80 30.68
N GLU I 87 -57.53 36.63 29.45
CA GLU I 87 -58.38 36.70 28.27
C GLU I 87 -59.50 35.68 28.33
N ILE I 88 -59.16 34.43 28.70
CA ILE I 88 -60.17 33.38 28.71
C ILE I 88 -61.14 33.55 29.88
N ILE I 89 -60.66 34.11 30.99
CA ILE I 89 -61.57 34.42 32.10
C ILE I 89 -62.59 35.46 31.67
N LEU I 90 -62.14 36.51 30.97
CA LEU I 90 -63.08 37.51 30.48
C LEU I 90 -64.07 36.89 29.51
N ARG I 91 -63.58 36.00 28.63
CA ARG I 91 -64.48 35.34 27.69
C ARG I 91 -65.51 34.48 28.41
N TYR I 92 -65.09 33.75 29.44
CA TYR I 92 -66.02 32.91 30.19
C TYR I 92 -67.07 33.76 30.90
N VAL I 93 -66.65 34.90 31.45
CA VAL I 93 -67.61 35.77 32.12
C VAL I 93 -68.59 36.36 31.10
N SER I 94 -68.12 36.65 29.89
CA SER I 94 -69.05 37.06 28.84
C SER I 94 -70.05 35.95 28.53
N TYR I 95 -69.58 34.71 28.50
CA TYR I 95 -70.47 33.57 28.28
C TYR I 95 -71.56 33.53 29.35
N ALA I 96 -71.15 33.71 30.61
CA ALA I 96 -72.13 33.76 31.70
C ALA I 96 -73.06 34.96 31.56
N LEU I 97 -72.52 36.08 31.06
CA LEU I 97 -73.34 37.27 30.84
C LEU I 97 -74.47 36.99 29.86
N LEU I 98 -74.17 36.27 28.78
CA LEU I 98 -75.25 35.82 27.91
C LEU I 98 -76.20 34.89 28.65
N ALA I 99 -75.64 33.85 29.28
CA ALA I 99 -76.48 32.79 29.83
C ALA I 99 -77.38 33.28 30.95
N GLY I 100 -76.95 34.31 31.67
CA GLY I 100 -77.70 34.73 32.84
C GLY I 100 -77.76 33.70 33.95
N ASP I 101 -77.00 32.61 33.82
CA ASP I 101 -77.00 31.52 34.78
C ASP I 101 -75.58 31.25 35.23
N ALA I 102 -75.40 31.04 36.54
CA ALA I 102 -74.07 30.72 37.08
C ALA I 102 -73.59 29.34 36.68
N SER I 103 -74.47 28.47 36.17
CA SER I 103 -74.10 27.10 35.88
C SER I 103 -73.08 26.99 34.76
N VAL I 104 -73.23 27.81 33.71
CA VAL I 104 -72.37 27.68 32.54
C VAL I 104 -70.92 27.96 32.91
N LEU I 105 -70.70 28.83 33.89
CA LEU I 105 -69.33 29.13 34.31
C LEU I 105 -68.76 28.00 35.16
N ASP I 106 -69.48 27.60 36.21
CA ASP I 106 -68.97 26.59 37.13
C ASP I 106 -68.73 25.26 36.42
N ASP I 107 -69.63 24.90 35.50
CA ASP I 107 -69.47 23.65 34.75
C ASP I 107 -68.24 23.72 33.84
N ARG I 108 -67.88 24.93 33.40
CA ARG I 108 -66.83 25.12 32.40
C ARG I 108 -65.54 25.54 33.10
N CYS I 109 -64.71 24.56 33.43
CA CYS I 109 -63.32 24.68 33.88
C CYS I 109 -63.17 25.14 35.32
N LEU I 110 -64.24 25.53 36.01
CA LEU I 110 -64.07 26.00 37.38
C LEU I 110 -64.02 24.85 38.38
N ASN I 111 -64.26 23.63 37.93
CA ASN I 111 -64.07 22.47 38.81
C ASN I 111 -62.59 22.18 39.04
N GLY I 112 -61.77 22.29 37.99
CA GLY I 112 -60.38 21.89 38.09
C GLY I 112 -59.37 23.01 37.94
N LEU I 113 -59.85 24.24 37.74
CA LEU I 113 -58.96 25.40 37.76
C LEU I 113 -58.22 25.49 39.09
N ARG I 114 -58.95 25.29 40.19
CA ARG I 114 -58.35 25.27 41.52
C ARG I 114 -57.20 24.28 41.58
N GLU I 115 -57.43 23.05 41.12
CA GLU I 115 -56.43 22.00 41.28
C GLU I 115 -55.27 22.16 40.32
N THR I 116 -55.51 22.64 39.10
CA THR I 116 -54.39 22.93 38.21
C THR I 116 -53.50 24.02 38.80
N TYR I 117 -54.11 25.07 39.38
CA TYR I 117 -53.31 26.08 40.05
C TYR I 117 -52.56 25.52 41.26
N ASN I 118 -53.20 24.63 42.03
CA ASN I 118 -52.54 24.08 43.21
C ASN I 118 -51.34 23.21 42.83
N ALA I 119 -51.53 22.28 41.90
CA ALA I 119 -50.44 21.42 41.48
C ALA I 119 -49.34 22.22 40.79
N LEU I 120 -49.73 23.13 39.90
CA LEU I 120 -48.79 24.02 39.25
C LEU I 120 -48.09 24.96 40.22
N GLY I 121 -48.73 25.29 41.35
CA GLY I 121 -48.19 26.25 42.29
C GLY I 121 -48.49 27.70 41.96
N THR I 122 -49.42 27.97 41.04
CA THR I 122 -49.80 29.35 40.75
C THR I 122 -50.43 29.98 41.97
N PRO I 123 -50.06 31.21 42.33
CA PRO I 123 -50.71 31.87 43.47
C PRO I 123 -52.13 32.27 43.12
N THR I 124 -53.09 31.61 43.77
CA THR I 124 -54.50 31.84 43.45
C THR I 124 -54.95 33.25 43.84
N GLN I 125 -54.35 33.83 44.88
CA GLN I 125 -54.73 35.17 45.30
C GLN I 125 -54.41 36.20 44.23
N SER I 126 -53.25 36.08 43.58
CA SER I 126 -52.92 36.99 42.49
C SER I 126 -53.91 36.86 41.35
N VAL I 127 -54.33 35.64 41.03
CA VAL I 127 -55.34 35.43 40.00
C VAL I 127 -56.63 36.13 40.40
N ALA I 128 -57.03 35.99 41.66
CA ALA I 128 -58.25 36.62 42.13
C ALA I 128 -58.17 38.13 42.01
N ARG I 129 -57.05 38.73 42.42
CA ARG I 129 -56.90 40.18 42.32
C ARG I 129 -56.95 40.64 40.87
N ALA I 130 -56.31 39.88 39.98
CA ALA I 130 -56.46 40.14 38.54
C ALA I 130 -57.93 40.12 38.15
N VAL I 131 -58.71 39.21 38.75
CA VAL I 131 -60.14 39.13 38.44
C VAL I 131 -60.85 40.41 38.88
N GLN I 132 -60.61 40.87 40.12
CA GLN I 132 -61.32 42.08 40.55
C GLN I 132 -60.92 43.30 39.72
N LEU I 133 -59.64 43.43 39.36
CA LEU I 133 -59.24 44.59 38.59
C LEU I 133 -59.79 44.51 37.16
N MET I 134 -59.88 43.30 36.59
CA MET I 134 -60.61 43.12 35.34
C MET I 134 -62.05 43.55 35.47
N LYS I 135 -62.71 43.17 36.57
CA LYS I 135 -64.10 43.55 36.78
C LYS I 135 -64.25 45.05 36.82
N ASP I 136 -63.33 45.74 37.51
CA ASP I 136 -63.40 47.20 37.57
C ASP I 136 -63.22 47.82 36.19
N ALA I 137 -62.23 47.34 35.42
CA ALA I 137 -62.03 47.88 34.08
C ALA I 137 -63.25 47.63 33.19
N ALA I 138 -63.82 46.42 33.26
CA ALA I 138 -65.00 46.09 32.47
C ALA I 138 -66.19 46.94 32.87
N MET I 139 -66.38 47.17 34.17
CA MET I 139 -67.47 48.02 34.62
C MET I 139 -67.30 49.44 34.09
N VAL I 140 -66.07 49.97 34.16
CA VAL I 140 -65.82 51.31 33.63
C VAL I 140 -66.13 51.37 32.14
N HIS I 141 -65.79 50.30 31.41
CA HIS I 141 -66.13 50.28 29.99
C HIS I 141 -67.62 50.20 29.75
N LEU I 142 -68.36 49.50 30.61
CA LEU I 142 -69.80 49.40 30.42
C LEU I 142 -70.55 50.63 30.95
N LYS I 143 -69.88 51.50 31.70
CA LYS I 143 -70.52 52.77 32.04
C LYS I 143 -70.68 53.67 30.83
N SER I 144 -69.71 53.63 29.90
CA SER I 144 -69.71 54.50 28.73
C SER I 144 -70.96 54.30 27.88
N THR I 145 -71.80 55.33 27.79
CA THR I 145 -73.01 55.28 26.99
C THR I 145 -72.83 55.87 25.60
N ALA I 146 -71.60 56.21 25.22
CA ALA I 146 -71.35 56.68 23.86
C ALA I 146 -71.72 55.59 22.86
N ASN I 147 -72.40 55.98 21.78
CA ASN I 147 -72.78 55.13 20.66
C ASN I 147 -73.91 54.16 21.01
N VAL I 148 -74.32 54.10 22.27
CA VAL I 148 -75.36 53.18 22.72
C VAL I 148 -76.41 53.99 23.47
N THR I 149 -77.68 53.79 23.10
CA THR I 149 -78.75 54.60 23.68
C THR I 149 -78.89 54.33 25.17
N VAL I 150 -79.17 55.40 25.92
CA VAL I 150 -79.13 55.38 27.38
C VAL I 150 -80.30 54.55 27.92
N GLY I 151 -80.13 54.03 29.13
CA GLY I 151 -81.20 53.31 29.80
C GLY I 151 -80.76 52.91 31.19
N ASP I 152 -81.70 52.28 31.90
CA ASP I 152 -81.46 51.78 33.25
C ASP I 152 -80.90 50.37 33.16
N CYS I 153 -79.64 50.20 33.58
CA CYS I 153 -78.91 48.96 33.35
C CYS I 153 -78.09 48.55 34.57
N SER I 154 -78.59 48.86 35.77
CA SER I 154 -77.87 48.50 36.98
C SER I 154 -77.84 46.98 37.18
N SER I 155 -78.89 46.29 36.73
CA SER I 155 -78.98 44.84 36.92
C SER I 155 -77.82 44.13 36.25
N LEU I 156 -77.46 44.56 35.03
CA LEU I 156 -76.35 43.92 34.32
C LEU I 156 -75.04 44.12 35.08
N TYR I 157 -74.81 45.32 35.60
CA TYR I 157 -73.60 45.58 36.37
C TYR I 157 -73.54 44.70 37.61
N SER I 158 -74.66 44.57 38.32
CA SER I 158 -74.69 43.69 39.49
C SER I 158 -74.42 42.25 39.10
N GLU I 159 -75.02 41.79 38.01
CA GLU I 159 -74.83 40.40 37.57
C GLU I 159 -73.38 40.15 37.18
N ALA I 160 -72.76 41.09 36.47
CA ALA I 160 -71.36 40.94 36.09
C ALA I 160 -70.44 40.95 37.32
N ALA I 161 -70.75 41.81 38.30
CA ALA I 161 -69.98 41.80 39.54
C ALA I 161 -70.08 40.46 40.23
N THR I 162 -71.29 39.89 40.28
CA THR I 162 -71.45 38.56 40.88
C THR I 162 -70.72 37.48 40.10
N TYR I 163 -70.70 37.59 38.77
CA TYR I 163 -69.95 36.63 37.95
C TYR I 163 -68.47 36.69 38.27
N PHE I 164 -67.88 37.88 38.26
CA PHE I 164 -66.47 37.98 38.56
C PHE I 164 -66.19 37.53 39.99
N ASP I 165 -67.14 37.77 40.90
CA ASP I 165 -66.98 37.34 42.28
C ASP I 165 -66.95 35.83 42.40
N LYS I 166 -67.86 35.13 41.70
CA LYS I 166 -67.80 33.68 41.75
C LYS I 166 -66.53 33.14 41.10
N ALA I 167 -66.07 33.79 40.02
CA ALA I 167 -64.83 33.35 39.40
C ALA I 167 -63.66 33.47 40.37
N ALA I 168 -63.58 34.60 41.07
CA ALA I 168 -62.52 34.78 42.06
C ALA I 168 -62.66 33.77 43.20
N ALA I 169 -63.89 33.55 43.67
CA ALA I 169 -64.10 32.63 44.79
C ALA I 169 -63.71 31.20 44.44
N SER I 170 -64.04 30.77 43.22
CA SER I 170 -63.65 29.43 42.79
C SER I 170 -62.14 29.34 42.59
N ILE I 171 -61.54 30.39 42.03
CA ILE I 171 -60.08 30.42 41.92
C ILE I 171 -59.44 30.54 43.30
N ALA I 172 -59.92 31.47 44.11
CA ALA I 172 -59.30 31.78 45.39
C ALA I 172 -60.31 32.19 46.45
N MET J 1 -35.73 17.75 30.59
CA MET J 1 -34.50 17.05 30.26
C MET J 1 -33.32 18.04 30.24
N ASN J 2 -32.61 18.09 31.36
CA ASN J 2 -31.61 19.12 31.61
C ASN J 2 -30.21 18.51 31.64
N ASP J 3 -29.25 19.29 31.15
CA ASP J 3 -27.84 19.00 31.36
C ASP J 3 -27.28 19.96 32.39
N VAL J 4 -25.97 19.87 32.63
CA VAL J 4 -25.33 20.77 33.58
C VAL J 4 -25.47 22.22 33.13
N PHE J 5 -25.32 22.47 31.83
CA PHE J 5 -25.42 23.84 31.32
C PHE J 5 -26.82 24.40 31.49
N THR J 6 -27.84 23.64 31.06
CA THR J 6 -29.21 24.11 31.21
C THR J 6 -29.58 24.26 32.67
N ARG J 7 -29.17 23.31 33.53
CA ARG J 7 -29.46 23.41 34.95
C ARG J 7 -28.83 24.68 35.55
N ALA J 8 -27.55 24.91 35.25
CA ALA J 8 -26.87 26.08 35.80
C ALA J 8 -27.51 27.37 35.30
N ILE J 9 -27.89 27.41 34.02
CA ILE J 9 -28.63 28.55 33.50
C ILE J 9 -29.95 28.72 34.25
N ALA J 10 -30.59 27.61 34.62
CA ALA J 10 -31.84 27.70 35.37
C ALA J 10 -31.62 28.35 36.73
N GLN J 11 -30.58 27.94 37.47
CA GLN J 11 -30.35 28.62 38.75
C GLN J 11 -29.92 30.06 38.55
N ALA J 12 -29.14 30.34 37.49
CA ALA J 12 -28.71 31.70 37.24
C ALA J 12 -29.90 32.62 36.95
N ASP J 13 -30.89 32.11 36.23
CA ASP J 13 -32.10 32.88 35.98
C ASP J 13 -33.01 32.92 37.20
N LEU J 14 -32.94 31.92 38.08
CA LEU J 14 -33.65 31.99 39.35
C LEU J 14 -33.11 33.13 40.19
N LYS J 15 -31.78 33.26 40.26
CA LYS J 15 -31.19 34.41 40.93
C LYS J 15 -31.47 35.70 40.18
N GLY J 16 -31.43 35.67 38.86
CA GLY J 16 -31.57 36.86 38.04
C GLY J 16 -30.27 37.56 37.72
N SER J 17 -29.15 37.11 38.28
CA SER J 17 -27.86 37.72 38.02
C SER J 17 -27.09 36.94 36.97
N PHE J 18 -26.11 37.59 36.37
CA PHE J 18 -25.29 36.96 35.34
C PHE J 18 -24.50 35.80 35.93
N LEU J 19 -23.97 34.96 35.03
CA LEU J 19 -23.17 33.83 35.46
C LEU J 19 -21.81 34.32 35.96
N LEU J 20 -21.31 33.70 37.02
CA LEU J 20 -20.08 34.17 37.66
C LEU J 20 -18.86 33.76 36.84
N GLU J 21 -17.69 34.00 37.43
CA GLU J 21 -16.43 33.57 36.80
C GLU J 21 -16.15 32.11 37.11
N SER J 22 -16.26 31.71 38.38
CA SER J 22 -15.87 30.37 38.79
C SER J 22 -16.76 29.29 38.17
N ASP J 23 -18.07 29.49 38.16
CA ASP J 23 -18.97 28.50 37.57
C ASP J 23 -18.74 28.38 36.07
N LEU J 24 -18.51 29.50 35.41
CA LEU J 24 -18.23 29.45 33.98
C LEU J 24 -16.91 28.73 33.71
N ASP J 25 -15.93 28.92 34.60
CA ASP J 25 -14.67 28.20 34.49
C ASP J 25 -14.86 26.70 34.67
N LYS J 26 -15.70 26.30 35.63
CA LYS J 26 -15.92 24.86 35.80
C LYS J 26 -16.73 24.28 34.64
N LEU J 27 -17.59 25.10 34.03
CA LEU J 27 -18.27 24.66 32.82
C LEU J 27 -17.28 24.47 31.66
N ALA J 28 -16.32 25.39 31.53
CA ALA J 28 -15.27 25.21 30.52
C ALA J 28 -14.47 23.95 30.79
N SER J 29 -14.16 23.68 32.07
CA SER J 29 -13.52 22.41 32.41
C SER J 29 -14.38 21.24 31.96
N PHE J 30 -15.66 21.24 32.36
CA PHE J 30 -16.59 20.20 31.92
C PHE J 30 -16.50 19.98 30.43
N ALA J 31 -16.42 21.07 29.65
CA ALA J 31 -16.22 20.93 28.21
C ALA J 31 -14.92 20.21 27.91
N LYS J 32 -13.84 20.55 28.61
CA LYS J 32 -12.54 19.94 28.33
C LYS J 32 -12.55 18.43 28.60
N GLU J 33 -13.06 18.02 29.76
CA GLU J 33 -13.28 16.59 30.02
C GLU J 33 -14.49 16.02 29.28
N GLY J 34 -15.15 16.83 28.45
CA GLY J 34 -16.23 16.31 27.63
C GLY J 34 -15.79 15.20 26.69
N VAL J 35 -14.53 15.23 26.24
CA VAL J 35 -14.06 14.17 25.35
C VAL J 35 -13.92 12.85 26.11
N LYS J 36 -13.37 12.89 27.32
CA LYS J 36 -13.35 11.69 28.14
C LYS J 36 -14.76 11.23 28.48
N ARG J 37 -15.68 12.18 28.68
CA ARG J 37 -17.08 11.81 28.88
C ARG J 37 -17.67 11.09 27.67
N LEU J 38 -17.36 11.59 26.46
CA LEU J 38 -17.87 10.96 25.26
C LEU J 38 -17.28 9.56 25.09
N ASP J 39 -16.02 9.38 25.45
CA ASP J 39 -15.46 8.04 25.42
C ASP J 39 -16.06 7.13 26.49
N ALA J 40 -16.43 7.70 27.64
CA ALA J 40 -17.11 6.91 28.65
C ALA J 40 -18.47 6.42 28.16
N VAL J 41 -19.28 7.33 27.61
CA VAL J 41 -20.59 6.93 27.11
C VAL J 41 -20.43 6.01 25.91
N ALA J 42 -19.38 6.20 25.12
CA ALA J 42 -19.13 5.27 24.02
C ALA J 42 -18.79 3.89 24.55
N ALA J 43 -17.98 3.80 25.60
CA ALA J 43 -17.68 2.48 26.16
C ALA J 43 -18.94 1.83 26.71
N LEU J 44 -19.86 2.64 27.24
CA LEU J 44 -21.12 2.08 27.73
C LEU J 44 -22.00 1.59 26.58
N THR J 45 -22.10 2.37 25.50
CA THR J 45 -22.94 2.00 24.37
C THR J 45 -22.38 0.78 23.64
N ASN J 46 -21.07 0.78 23.40
CA ASN J 46 -20.44 -0.23 22.56
C ASN J 46 -20.70 -1.63 23.08
N ASN J 47 -20.74 -1.79 24.39
CA ASN J 47 -20.79 -3.10 25.03
C ASN J 47 -22.15 -3.37 25.68
N ALA J 48 -23.18 -2.62 25.31
CA ALA J 48 -24.48 -2.77 25.96
C ALA J 48 -25.00 -4.20 25.93
N PRO J 49 -25.03 -4.91 24.79
CA PRO J 49 -25.52 -6.29 24.83
C PRO J 49 -24.71 -7.18 25.76
N ALA J 50 -23.39 -7.03 25.77
CA ALA J 50 -22.56 -7.85 26.64
C ALA J 50 -22.84 -7.56 28.11
N ILE J 51 -22.98 -6.28 28.46
CA ILE J 51 -23.28 -5.91 29.84
C ILE J 51 -24.63 -6.49 30.26
N ILE J 52 -25.63 -6.36 29.38
CA ILE J 52 -26.95 -6.90 29.70
C ILE J 52 -26.88 -8.41 29.89
N SER J 53 -26.17 -9.09 29.00
CA SER J 53 -26.12 -10.55 29.06
C SER J 53 -25.40 -11.03 30.31
N ASP J 54 -24.28 -10.40 30.66
CA ASP J 54 -23.54 -10.86 31.84
C ASP J 54 -24.28 -10.52 33.13
N ALA J 55 -24.84 -9.31 33.20
CA ALA J 55 -25.63 -8.95 34.37
C ALA J 55 -26.83 -9.86 34.53
N ALA J 56 -27.50 -10.19 33.43
CA ALA J 56 -28.62 -11.12 33.49
C ALA J 56 -28.17 -12.50 33.95
N HIS J 57 -27.05 -13.00 33.43
CA HIS J 57 -26.56 -14.29 33.86
C HIS J 57 -26.33 -14.30 35.36
N LYS J 58 -25.61 -13.30 35.86
CA LYS J 58 -25.32 -13.26 37.29
C LYS J 58 -26.59 -13.12 38.12
N LEU J 59 -27.50 -12.24 37.70
CA LEU J 59 -28.72 -12.03 38.46
C LEU J 59 -29.57 -13.29 38.53
N PHE J 60 -29.81 -13.93 37.38
CA PHE J 60 -30.62 -15.13 37.37
C PHE J 60 -29.93 -16.27 38.11
N ALA J 61 -28.59 -16.28 38.13
CA ALA J 61 -27.89 -17.27 38.93
C ALA J 61 -28.13 -17.04 40.42
N GLU J 62 -28.11 -15.77 40.86
CA GLU J 62 -28.19 -15.50 42.29
C GLU J 62 -29.60 -15.71 42.83
N GLN J 63 -30.62 -15.50 42.00
CA GLN J 63 -32.03 -15.69 42.40
C GLN J 63 -32.68 -16.67 41.43
N GLN J 64 -32.61 -17.97 41.77
CA GLN J 64 -33.18 -19.00 40.93
C GLN J 64 -34.70 -18.97 40.90
N GLU J 65 -35.33 -18.31 41.88
CA GLU J 65 -36.79 -18.26 41.89
C GLU J 65 -37.34 -17.43 40.73
N LEU J 66 -36.53 -16.51 40.20
CA LEU J 66 -36.95 -15.73 39.04
C LEU J 66 -37.19 -16.64 37.84
N ILE J 67 -36.36 -17.67 37.67
CA ILE J 67 -36.44 -18.51 36.48
C ILE J 67 -37.50 -19.59 36.65
N GLN J 68 -37.61 -20.14 37.86
CA GLN J 68 -38.47 -21.29 38.10
C GLN J 68 -39.94 -20.91 37.90
N PRO J 69 -40.79 -21.89 37.59
CA PRO J 69 -42.21 -21.58 37.32
C PRO J 69 -42.88 -20.93 38.51
N GLY J 70 -43.65 -19.89 38.23
CA GLY J 70 -44.20 -19.04 39.26
C GLY J 70 -43.36 -17.84 39.59
N GLY J 71 -42.11 -17.81 39.14
CA GLY J 71 -41.28 -16.65 39.33
C GLY J 71 -41.66 -15.52 38.40
N ASN J 72 -41.09 -14.35 38.69
CA ASN J 72 -41.51 -13.14 37.99
C ASN J 72 -40.88 -13.06 36.59
N ALA J 73 -39.89 -13.88 36.28
CA ALA J 73 -39.27 -13.87 34.96
C ALA J 73 -39.39 -15.22 34.26
N TYR J 74 -40.43 -15.99 34.59
CA TYR J 74 -40.49 -17.38 34.13
C TYR J 74 -40.70 -17.53 32.62
N PRO J 75 -41.83 -17.10 32.05
CA PRO J 75 -42.05 -17.36 30.62
C PRO J 75 -41.12 -16.50 29.77
N HIS J 76 -40.97 -16.91 28.51
CA HIS J 76 -40.14 -16.17 27.57
C HIS J 76 -40.55 -14.71 27.49
N ARG J 77 -41.85 -14.44 27.55
CA ARG J 77 -42.33 -13.06 27.50
C ARG J 77 -41.79 -12.23 28.65
N ARG J 78 -41.85 -12.77 29.87
CA ARG J 78 -41.38 -12.03 31.03
C ARG J 78 -39.86 -11.91 31.06
N MET J 79 -39.14 -12.93 30.59
CA MET J 79 -37.68 -12.79 30.47
C MET J 79 -37.33 -11.70 29.48
N ALA J 80 -38.01 -11.65 28.34
CA ALA J 80 -37.76 -10.60 27.37
C ALA J 80 -38.06 -9.23 27.94
N ALA J 81 -39.15 -9.12 28.71
CA ALA J 81 -39.47 -7.84 29.35
C ALA J 81 -38.38 -7.44 30.35
N CYS J 82 -37.88 -8.42 31.11
CA CYS J 82 -36.78 -8.14 32.05
C CYS J 82 -35.56 -7.60 31.33
N LEU J 83 -35.12 -8.29 30.28
CA LEU J 83 -33.92 -7.86 29.56
C LEU J 83 -34.13 -6.51 28.92
N ARG J 84 -35.36 -6.25 28.43
CA ARG J 84 -35.65 -4.95 27.83
C ARG J 84 -35.61 -3.84 28.86
N ASP J 85 -36.12 -4.10 30.07
CA ASP J 85 -36.02 -3.10 31.14
C ASP J 85 -34.57 -2.84 31.51
N MET J 86 -33.76 -3.89 31.59
CA MET J 86 -32.34 -3.71 31.87
C MET J 86 -31.69 -2.83 30.81
N GLU J 87 -31.97 -3.10 29.54
CA GLU J 87 -31.38 -2.30 28.48
C GLU J 87 -31.87 -0.86 28.51
N ILE J 88 -33.15 -0.64 28.82
CA ILE J 88 -33.67 0.72 28.90
C ILE J 88 -33.02 1.49 30.04
N ILE J 89 -32.84 0.84 31.19
CA ILE J 89 -32.16 1.48 32.30
C ILE J 89 -30.74 1.87 31.91
N LEU J 90 -30.01 0.95 31.27
CA LEU J 90 -28.64 1.29 30.85
C LEU J 90 -28.64 2.41 29.82
N ARG J 91 -29.63 2.41 28.94
CA ARG J 91 -29.72 3.45 27.91
C ARG J 91 -29.91 4.82 28.55
N TYR J 92 -30.79 4.92 29.55
CA TYR J 92 -30.98 6.20 30.22
C TYR J 92 -29.78 6.58 31.08
N VAL J 93 -29.07 5.58 31.62
CA VAL J 93 -27.84 5.89 32.35
C VAL J 93 -26.81 6.51 31.41
N SER J 94 -26.64 5.95 30.21
CA SER J 94 -25.71 6.54 29.25
C SER J 94 -26.18 7.93 28.81
N TYR J 95 -27.49 8.09 28.64
CA TYR J 95 -28.04 9.41 28.33
C TYR J 95 -27.65 10.43 29.39
N ALA J 96 -27.84 10.09 30.66
CA ALA J 96 -27.49 10.98 31.75
C ALA J 96 -25.99 11.26 31.79
N LEU J 97 -25.18 10.22 31.55
CA LEU J 97 -23.74 10.39 31.56
C LEU J 97 -23.29 11.39 30.50
N LEU J 98 -23.78 11.23 29.27
CA LEU J 98 -23.39 12.18 28.23
C LEU J 98 -23.92 13.58 28.53
N ALA J 99 -25.16 13.67 29.00
CA ALA J 99 -25.66 14.96 29.45
C ALA J 99 -24.91 15.49 30.65
N GLY J 100 -24.17 14.63 31.35
CA GLY J 100 -23.49 15.03 32.56
C GLY J 100 -24.41 15.37 33.70
N ASP J 101 -25.71 15.20 33.51
CA ASP J 101 -26.72 15.54 34.51
C ASP J 101 -27.65 14.37 34.69
N ALA J 102 -28.00 14.06 35.94
CA ALA J 102 -28.93 12.99 36.24
C ALA J 102 -30.36 13.34 35.86
N SER J 103 -30.60 14.55 35.35
CA SER J 103 -31.96 14.98 35.03
C SER J 103 -32.60 14.09 33.96
N VAL J 104 -31.81 13.71 32.95
CA VAL J 104 -32.36 12.89 31.85
C VAL J 104 -32.92 11.59 32.41
N LEU J 105 -32.20 10.96 33.33
CA LEU J 105 -32.67 9.71 33.92
C LEU J 105 -33.94 9.91 34.72
N ASP J 106 -33.93 10.87 35.66
CA ASP J 106 -35.01 10.98 36.63
C ASP J 106 -36.29 11.54 36.00
N ASP J 107 -36.16 12.39 34.99
CA ASP J 107 -37.32 13.10 34.47
C ASP J 107 -38.24 12.21 33.65
N ARG J 108 -37.72 11.16 33.04
CA ARG J 108 -38.60 10.31 32.23
C ARG J 108 -38.50 8.83 32.57
N CYS J 109 -37.36 8.36 33.07
CA CYS J 109 -37.19 6.93 33.27
C CYS J 109 -37.65 6.45 34.64
N LEU J 110 -37.83 7.34 35.61
CA LEU J 110 -38.01 6.94 37.00
C LEU J 110 -39.31 7.46 37.62
N ASN J 111 -40.16 8.14 36.85
CA ASN J 111 -41.31 8.80 37.46
C ASN J 111 -42.34 7.78 37.95
N GLY J 112 -42.92 7.03 37.03
CA GLY J 112 -43.93 6.04 37.40
C GLY J 112 -43.37 4.64 37.44
N LEU J 113 -42.05 4.52 37.25
CA LEU J 113 -41.42 3.21 37.19
C LEU J 113 -41.41 2.53 38.56
N ARG J 114 -41.30 3.32 39.63
CA ARG J 114 -41.20 2.75 40.96
C ARG J 114 -42.44 1.96 41.34
N GLU J 115 -43.62 2.46 40.99
CA GLU J 115 -44.86 1.85 41.44
C GLU J 115 -45.45 0.89 40.42
N THR J 116 -45.04 1.00 39.15
CA THR J 116 -45.53 0.05 38.14
C THR J 116 -45.11 -1.37 38.49
N TYR J 117 -43.88 -1.55 38.95
CA TYR J 117 -43.43 -2.88 39.35
C TYR J 117 -44.23 -3.41 40.53
N ASN J 118 -44.49 -2.56 41.53
CA ASN J 118 -45.29 -3.01 42.66
C ASN J 118 -46.68 -3.42 42.23
N ALA J 119 -47.32 -2.61 41.39
CA ALA J 119 -48.66 -2.96 40.89
C ALA J 119 -48.60 -4.23 40.06
N LEU J 120 -47.46 -4.50 39.43
CA LEU J 120 -47.26 -5.71 38.64
C LEU J 120 -46.90 -6.90 39.52
N GLY J 121 -46.57 -6.68 40.79
CA GLY J 121 -46.03 -7.73 41.61
C GLY J 121 -44.55 -7.98 41.41
N THR J 122 -43.88 -7.14 40.64
CA THR J 122 -42.46 -7.30 40.40
C THR J 122 -41.66 -6.92 41.64
N PRO J 123 -40.78 -7.80 42.15
CA PRO J 123 -39.90 -7.41 43.25
C PRO J 123 -38.87 -6.38 42.80
N THR J 124 -38.95 -5.18 43.37
CA THR J 124 -38.02 -4.13 42.98
C THR J 124 -36.62 -4.38 43.53
N GLN J 125 -36.51 -5.22 44.56
CA GLN J 125 -35.20 -5.59 45.08
C GLN J 125 -34.38 -6.31 44.02
N SER J 126 -35.03 -7.21 43.27
CA SER J 126 -34.36 -7.89 42.18
C SER J 126 -33.92 -6.91 41.10
N VAL J 127 -34.73 -5.88 40.84
CA VAL J 127 -34.33 -4.87 39.86
C VAL J 127 -33.11 -4.10 40.35
N ALA J 128 -33.08 -3.79 41.64
CA ALA J 128 -31.92 -3.11 42.22
C ALA J 128 -30.67 -3.98 42.08
N ARG J 129 -30.78 -5.27 42.36
CA ARG J 129 -29.65 -6.15 42.18
C ARG J 129 -29.23 -6.22 40.71
N ALA J 130 -30.20 -6.20 39.80
CA ALA J 130 -29.89 -6.24 38.38
C ALA J 130 -29.07 -5.02 37.99
N VAL J 131 -29.51 -3.83 38.38
CA VAL J 131 -28.79 -2.62 38.00
C VAL J 131 -27.44 -2.53 38.73
N GLN J 132 -27.34 -3.13 39.92
CA GLN J 132 -26.04 -3.19 40.59
C GLN J 132 -25.05 -4.04 39.81
N LEU J 133 -25.49 -5.22 39.35
CA LEU J 133 -24.61 -6.05 38.54
C LEU J 133 -24.28 -5.37 37.22
N MET J 134 -25.25 -4.65 36.66
CA MET J 134 -25.00 -3.83 35.49
C MET J 134 -23.92 -2.79 35.77
N LYS J 135 -23.98 -2.16 36.94
CA LYS J 135 -22.98 -1.17 37.32
C LYS J 135 -21.59 -1.81 37.40
N ASP J 136 -21.51 -3.00 38.00
CA ASP J 136 -20.22 -3.69 38.07
C ASP J 136 -19.66 -3.95 36.69
N ALA J 137 -20.49 -4.51 35.80
CA ALA J 137 -20.02 -4.81 34.44
C ALA J 137 -19.64 -3.54 33.70
N ALA J 138 -20.41 -2.47 33.87
CA ALA J 138 -20.10 -1.21 33.20
C ALA J 138 -18.78 -0.64 33.70
N MET J 139 -18.52 -0.74 35.00
CA MET J 139 -17.22 -0.32 35.52
C MET J 139 -16.10 -1.14 34.88
N VAL J 140 -16.29 -2.46 34.79
CA VAL J 140 -15.27 -3.30 34.18
C VAL J 140 -15.00 -2.87 32.75
N HIS J 141 -16.06 -2.58 31.99
CA HIS J 141 -15.88 -2.18 30.59
C HIS J 141 -15.42 -0.73 30.47
N LEU J 142 -15.51 0.05 31.55
CA LEU J 142 -15.06 1.44 31.50
C LEU J 142 -13.57 1.56 31.82
N LYS J 143 -13.07 0.76 32.75
CA LYS J 143 -11.65 0.83 33.07
C LYS J 143 -10.77 0.32 31.95
N SER J 144 -11.35 -0.32 30.92
CA SER J 144 -10.56 -0.85 29.82
C SER J 144 -9.80 0.26 29.12
N THR J 145 -8.50 0.04 28.93
CA THR J 145 -7.63 1.03 28.31
C THR J 145 -7.33 0.72 26.84
N ALA J 146 -7.88 -0.37 26.31
CA ALA J 146 -7.60 -0.75 24.94
C ALA J 146 -8.24 0.23 23.96
N ASN J 147 -7.52 0.53 22.88
CA ASN J 147 -7.98 1.33 21.74
C ASN J 147 -8.26 2.77 22.08
N VAL J 148 -7.84 3.26 23.25
CA VAL J 148 -8.08 4.64 23.64
C VAL J 148 -6.85 5.19 24.36
N THR J 149 -6.68 6.51 24.33
CA THR J 149 -5.57 7.14 25.00
C THR J 149 -5.82 7.25 26.49
N VAL J 150 -4.78 7.02 27.29
CA VAL J 150 -4.96 6.85 28.73
C VAL J 150 -4.89 8.18 29.46
N GLY J 151 -5.67 8.29 30.53
CA GLY J 151 -5.66 9.47 31.37
C GLY J 151 -6.54 9.26 32.57
N ASP J 152 -6.72 10.35 33.34
CA ASP J 152 -7.49 10.32 34.58
C ASP J 152 -8.97 10.50 34.24
N CYS J 153 -9.79 9.57 34.72
CA CYS J 153 -11.25 9.63 34.54
C CYS J 153 -11.96 9.17 35.79
N SER J 154 -11.34 9.33 36.95
CA SER J 154 -11.93 8.84 38.20
C SER J 154 -13.25 9.55 38.49
N SER J 155 -13.34 10.84 38.20
CA SER J 155 -14.60 11.55 38.36
C SER J 155 -15.70 10.93 37.50
N LEU J 156 -15.33 10.49 36.29
CA LEU J 156 -16.32 9.84 35.42
C LEU J 156 -16.84 8.54 36.03
N TYR J 157 -15.94 7.72 36.57
CA TYR J 157 -16.39 6.48 37.19
C TYR J 157 -17.27 6.75 38.40
N SER J 158 -16.89 7.74 39.22
CA SER J 158 -17.73 8.09 40.37
C SER J 158 -19.09 8.57 39.92
N GLU J 159 -19.15 9.40 38.88
CA GLU J 159 -20.42 9.93 38.39
C GLU J 159 -21.30 8.81 37.84
N ALA J 160 -20.71 7.89 37.07
CA ALA J 160 -21.47 6.77 36.54
C ALA J 160 -21.99 5.88 37.68
N ALA J 161 -21.16 5.65 38.69
CA ALA J 161 -21.60 4.86 39.84
C ALA J 161 -22.76 5.55 40.56
N THR J 162 -22.69 6.88 40.70
CA THR J 162 -23.79 7.60 41.31
C THR J 162 -25.07 7.47 40.48
N TYR J 163 -24.94 7.55 39.15
CA TYR J 163 -26.12 7.44 38.30
C TYR J 163 -26.76 6.06 38.44
N PHE J 164 -25.94 5.00 38.36
CA PHE J 164 -26.47 3.65 38.52
C PHE J 164 -27.10 3.47 39.89
N ASP J 165 -26.43 3.96 40.94
CA ASP J 165 -26.92 3.75 42.29
C ASP J 165 -28.20 4.51 42.56
N LYS J 166 -28.33 5.74 42.06
CA LYS J 166 -29.57 6.46 42.30
C LYS J 166 -30.70 5.92 41.44
N ALA J 167 -30.38 5.38 40.26
CA ALA J 167 -31.39 4.64 39.52
C ALA J 167 -31.90 3.44 40.32
N ALA J 168 -30.96 2.72 40.95
CA ALA J 168 -31.35 1.60 41.80
C ALA J 168 -32.23 2.06 42.96
N ALA J 169 -31.83 3.14 43.63
CA ALA J 169 -32.59 3.63 44.79
C ALA J 169 -33.97 4.10 44.37
N SER J 170 -34.05 4.85 43.27
CA SER J 170 -35.34 5.38 42.83
C SER J 170 -36.27 4.26 42.39
N ILE J 171 -35.74 3.24 41.70
CA ILE J 171 -36.57 2.09 41.34
C ILE J 171 -37.03 1.36 42.60
N ALA J 172 -36.11 1.13 43.53
CA ALA J 172 -36.42 0.38 44.74
C ALA J 172 -37.32 1.18 45.67
N MET K 1 -68.97 28.13 1.19
CA MET K 1 -69.84 28.33 0.04
C MET K 1 -70.40 29.76 -0.04
N ASN K 2 -71.19 30.01 -1.08
CA ASN K 2 -71.62 31.36 -1.42
C ASN K 2 -73.14 31.46 -1.42
N ASP K 3 -73.66 32.36 -0.60
CA ASP K 3 -75.02 32.85 -0.73
C ASP K 3 -75.02 33.93 -1.81
N VAL K 4 -76.08 34.72 -1.89
CA VAL K 4 -76.17 35.71 -2.95
C VAL K 4 -75.39 36.96 -2.60
N PHE K 5 -75.37 37.32 -1.31
CA PHE K 5 -74.58 38.48 -0.88
C PHE K 5 -73.11 38.25 -1.17
N THR K 6 -72.58 37.10 -0.75
CA THR K 6 -71.18 36.78 -0.99
C THR K 6 -70.88 36.72 -2.49
N ARG K 7 -71.80 36.18 -3.29
CA ARG K 7 -71.55 36.13 -4.72
C ARG K 7 -71.47 37.51 -5.33
N ALA K 8 -72.41 38.39 -4.99
CA ALA K 8 -72.37 39.74 -5.54
C ALA K 8 -71.13 40.47 -5.07
N ILE K 9 -70.69 40.20 -3.85
CA ILE K 9 -69.49 40.82 -3.32
C ILE K 9 -68.26 40.35 -4.10
N ALA K 10 -68.18 39.06 -4.39
CA ALA K 10 -67.07 38.54 -5.18
C ALA K 10 -67.04 39.18 -6.56
N GLN K 11 -68.20 39.29 -7.22
CA GLN K 11 -68.20 39.92 -8.53
C GLN K 11 -67.80 41.39 -8.43
N ALA K 12 -68.17 42.07 -7.35
CA ALA K 12 -67.75 43.45 -7.19
C ALA K 12 -66.24 43.55 -7.01
N ASP K 13 -65.69 42.66 -6.17
CA ASP K 13 -64.27 42.72 -5.88
C ASP K 13 -63.42 42.41 -7.09
N LEU K 14 -63.84 41.43 -7.91
CA LEU K 14 -63.09 41.09 -9.10
C LEU K 14 -62.96 42.30 -10.02
N LYS K 15 -64.01 43.12 -10.12
CA LYS K 15 -63.89 44.40 -10.78
C LYS K 15 -63.21 45.44 -9.92
N GLY K 16 -62.95 45.13 -8.64
CA GLY K 16 -62.24 46.05 -7.77
C GLY K 16 -62.95 47.34 -7.48
N SER K 17 -64.22 47.31 -7.14
CA SER K 17 -64.98 48.52 -6.86
C SER K 17 -66.06 48.25 -5.85
N PHE K 18 -66.60 49.33 -5.29
CA PHE K 18 -67.74 49.24 -4.40
C PHE K 18 -68.94 48.64 -5.13
N LEU K 19 -69.95 48.27 -4.35
CA LEU K 19 -71.17 47.71 -4.91
C LEU K 19 -72.03 48.84 -5.47
N LEU K 20 -72.54 48.65 -6.68
CA LEU K 20 -73.37 49.66 -7.30
C LEU K 20 -74.68 49.80 -6.53
N GLU K 21 -75.35 50.93 -6.73
CA GLU K 21 -76.65 51.13 -6.09
C GLU K 21 -77.66 50.14 -6.65
N SER K 22 -77.44 49.65 -7.87
CA SER K 22 -78.32 48.66 -8.46
C SER K 22 -78.21 47.32 -7.75
N ASP K 23 -76.98 46.87 -7.48
CA ASP K 23 -76.83 45.61 -6.75
C ASP K 23 -77.24 45.78 -5.30
N LEU K 24 -77.07 46.97 -4.75
CA LEU K 24 -77.61 47.23 -3.42
C LEU K 24 -79.12 47.07 -3.42
N ASP K 25 -79.79 47.56 -4.48
CA ASP K 25 -81.22 47.37 -4.58
C ASP K 25 -81.59 45.90 -4.72
N LYS K 26 -80.83 45.15 -5.54
CA LYS K 26 -81.11 43.73 -5.69
C LYS K 26 -81.00 43.01 -4.34
N LEU K 27 -79.96 43.30 -3.58
CA LEU K 27 -79.77 42.61 -2.31
C LEU K 27 -80.79 43.07 -1.28
N ALA K 28 -81.21 44.34 -1.33
CA ALA K 28 -82.27 44.80 -0.45
C ALA K 28 -83.57 44.06 -0.75
N SER K 29 -83.89 43.89 -2.03
CA SER K 29 -85.09 43.15 -2.41
C SER K 29 -85.00 41.70 -1.95
N PHE K 30 -83.83 41.08 -2.12
CA PHE K 30 -83.63 39.71 -1.66
C PHE K 30 -83.86 39.60 -0.16
N ALA K 31 -83.33 40.56 0.60
CA ALA K 31 -83.51 40.50 2.05
C ALA K 31 -84.96 40.72 2.44
N LYS K 32 -85.66 41.62 1.73
CA LYS K 32 -87.06 41.87 2.03
C LYS K 32 -87.91 40.64 1.75
N GLU K 33 -87.63 39.94 0.64
CA GLU K 33 -88.39 38.77 0.24
C GLU K 33 -87.73 37.46 0.64
N GLY K 34 -86.82 37.50 1.61
CA GLY K 34 -86.27 36.25 2.13
C GLY K 34 -87.12 35.59 3.19
N VAL K 35 -88.14 36.27 3.69
CA VAL K 35 -89.07 35.61 4.60
C VAL K 35 -89.82 34.49 3.87
N LYS K 36 -90.25 34.76 2.64
CA LYS K 36 -90.84 33.73 1.81
C LYS K 36 -89.87 32.59 1.57
N ARG K 37 -88.57 32.91 1.45
CA ARG K 37 -87.55 31.89 1.29
C ARG K 37 -87.44 31.02 2.53
N LEU K 38 -87.53 31.63 3.71
CA LEU K 38 -87.56 30.86 4.95
C LEU K 38 -88.74 29.90 4.95
N ASP K 39 -89.90 30.38 4.52
CA ASP K 39 -91.07 29.51 4.50
C ASP K 39 -90.88 28.34 3.54
N ALA K 40 -90.35 28.61 2.34
CA ALA K 40 -90.14 27.52 1.39
C ALA K 40 -89.14 26.50 1.90
N VAL K 41 -88.07 26.97 2.54
CA VAL K 41 -87.08 26.06 3.09
C VAL K 41 -87.70 25.22 4.20
N ALA K 42 -88.51 25.83 5.07
CA ALA K 42 -89.20 25.07 6.10
C ALA K 42 -90.12 24.03 5.48
N ALA K 43 -90.78 24.39 4.38
CA ALA K 43 -91.67 23.47 3.71
C ALA K 43 -90.92 22.25 3.19
N LEU K 44 -89.72 22.45 2.66
CA LEU K 44 -88.92 21.29 2.26
C LEU K 44 -88.44 20.49 3.45
N THR K 45 -88.02 21.15 4.53
CA THR K 45 -87.44 20.40 5.65
C THR K 45 -88.46 19.58 6.42
N ASN K 46 -89.61 20.17 6.76
CA ASN K 46 -90.61 19.41 7.52
C ASN K 46 -91.18 18.25 6.72
N ASN K 47 -91.25 18.39 5.40
CA ASN K 47 -91.93 17.43 4.55
C ASN K 47 -90.96 16.55 3.78
N ALA K 48 -89.70 16.50 4.21
CA ALA K 48 -88.70 15.70 3.49
C ALA K 48 -89.02 14.22 3.46
N PRO K 49 -89.39 13.57 4.57
CA PRO K 49 -89.71 12.13 4.47
C PRO K 49 -90.82 11.85 3.48
N ALA K 50 -91.84 12.71 3.42
CA ALA K 50 -92.90 12.52 2.46
C ALA K 50 -92.38 12.62 1.03
N ILE K 51 -91.52 13.59 0.76
CA ILE K 51 -91.01 13.75 -0.60
C ILE K 51 -90.18 12.54 -1.00
N ILE K 52 -89.33 12.07 -0.10
CA ILE K 52 -88.50 10.92 -0.43
C ILE K 52 -89.35 9.67 -0.60
N SER K 53 -90.37 9.49 0.25
CA SER K 53 -91.24 8.34 0.13
C SER K 53 -91.97 8.34 -1.21
N ASP K 54 -92.51 9.51 -1.60
CA ASP K 54 -93.24 9.57 -2.87
C ASP K 54 -92.30 9.34 -4.05
N ALA K 55 -91.12 9.97 -4.03
CA ALA K 55 -90.20 9.79 -5.14
C ALA K 55 -89.75 8.34 -5.24
N ALA K 56 -89.47 7.70 -4.11
CA ALA K 56 -89.08 6.30 -4.12
C ALA K 56 -90.19 5.42 -4.64
N HIS K 57 -91.42 5.63 -4.17
CA HIS K 57 -92.54 4.82 -4.62
C HIS K 57 -92.71 4.92 -6.13
N LYS K 58 -92.78 6.14 -6.66
CA LYS K 58 -92.98 6.28 -8.09
C LYS K 58 -91.78 5.80 -8.89
N LEU K 59 -90.57 5.90 -8.34
CA LEU K 59 -89.39 5.49 -9.09
C LEU K 59 -89.33 3.97 -9.20
N PHE K 60 -89.58 3.27 -8.10
CA PHE K 60 -89.52 1.82 -8.14
C PHE K 60 -90.77 1.19 -8.73
N ALA K 61 -91.91 1.87 -8.70
CA ALA K 61 -93.04 1.43 -9.51
C ALA K 61 -92.74 1.60 -10.98
N GLU K 62 -92.20 2.76 -11.35
CA GLU K 62 -91.86 3.00 -12.75
C GLU K 62 -90.77 2.06 -13.22
N GLN K 63 -89.82 1.72 -12.34
CA GLN K 63 -88.70 0.86 -12.68
C GLN K 63 -88.68 -0.32 -11.72
N GLN K 64 -89.19 -1.46 -12.18
CA GLN K 64 -88.92 -2.71 -11.48
C GLN K 64 -87.46 -3.10 -11.56
N GLU K 65 -86.74 -2.52 -12.53
CA GLU K 65 -85.33 -2.82 -12.71
C GLU K 65 -84.52 -2.60 -11.44
N LEU K 66 -84.89 -1.65 -10.61
CA LEU K 66 -84.08 -1.32 -9.44
C LEU K 66 -84.27 -2.34 -8.33
N ILE K 67 -85.52 -2.81 -8.14
CA ILE K 67 -85.81 -3.60 -6.96
C ILE K 67 -85.84 -5.10 -7.24
N GLN K 68 -85.75 -5.52 -8.49
CA GLN K 68 -85.70 -6.95 -8.76
C GLN K 68 -84.37 -7.52 -8.28
N PRO K 69 -84.31 -8.80 -7.94
CA PRO K 69 -83.03 -9.39 -7.54
C PRO K 69 -82.00 -9.26 -8.65
N GLY K 70 -80.80 -8.85 -8.26
CA GLY K 70 -79.78 -8.48 -9.20
C GLY K 70 -79.85 -7.04 -9.64
N GLY K 71 -80.92 -6.33 -9.31
CA GLY K 71 -81.03 -4.92 -9.61
C GLY K 71 -80.14 -4.11 -8.71
N ASN K 72 -80.13 -2.80 -8.96
CA ASN K 72 -79.13 -1.96 -8.31
C ASN K 72 -79.62 -1.43 -6.96
N ALA K 73 -80.92 -1.50 -6.69
CA ALA K 73 -81.46 -1.13 -5.40
C ALA K 73 -82.01 -2.32 -4.64
N TYR K 74 -81.70 -3.52 -5.07
CA TYR K 74 -82.33 -4.72 -4.52
C TYR K 74 -81.89 -5.03 -3.10
N PRO K 75 -80.62 -5.32 -2.84
CA PRO K 75 -80.27 -6.22 -1.73
C PRO K 75 -80.67 -5.76 -0.34
N HIS K 76 -81.42 -4.67 -0.19
CA HIS K 76 -81.92 -4.13 1.06
C HIS K 76 -80.84 -3.38 1.82
N ARG K 77 -79.61 -3.36 1.31
CA ARG K 77 -78.57 -2.46 1.77
C ARG K 77 -78.35 -1.35 0.76
N ARG K 78 -78.35 -1.70 -0.53
CA ARG K 78 -78.33 -0.69 -1.58
C ARG K 78 -79.60 0.13 -1.56
N MET K 79 -80.67 -0.42 -1.00
CA MET K 79 -81.92 0.31 -0.87
C MET K 79 -81.80 1.46 0.13
N ALA K 80 -81.21 1.18 1.29
CA ALA K 80 -80.96 2.24 2.24
C ALA K 80 -80.03 3.29 1.67
N ALA K 81 -79.06 2.86 0.85
CA ALA K 81 -78.19 3.81 0.16
C ALA K 81 -78.99 4.68 -0.79
N CYS K 82 -79.95 4.11 -1.51
CA CYS K 82 -80.80 4.90 -2.40
C CYS K 82 -81.54 5.98 -1.63
N LEU K 83 -82.21 5.57 -0.55
CA LEU K 83 -82.99 6.55 0.20
C LEU K 83 -82.08 7.60 0.84
N ARG K 84 -80.88 7.18 1.25
CA ARG K 84 -79.91 8.11 1.81
C ARG K 84 -79.46 9.13 0.79
N ASP K 85 -79.22 8.69 -0.45
CA ASP K 85 -78.85 9.63 -1.50
C ASP K 85 -79.95 10.63 -1.76
N MET K 86 -81.20 10.16 -1.79
CA MET K 86 -82.31 11.09 -1.94
C MET K 86 -82.34 12.10 -0.81
N GLU K 87 -82.14 11.64 0.41
CA GLU K 87 -82.08 12.52 1.56
C GLU K 87 -81.01 13.59 1.37
N ILE K 88 -79.82 13.16 0.96
CA ILE K 88 -78.68 14.07 0.85
C ILE K 88 -78.96 15.14 -0.20
N ILE K 89 -79.48 14.73 -1.35
CA ILE K 89 -79.69 15.68 -2.42
C ILE K 89 -80.80 16.66 -2.08
N LEU K 90 -81.88 16.18 -1.43
CA LEU K 90 -82.93 17.11 -1.06
C LEU K 90 -82.44 18.07 0.01
N ARG K 91 -81.60 17.58 0.91
CA ARG K 91 -80.96 18.43 1.91
C ARG K 91 -80.17 19.54 1.24
N TYR K 92 -79.38 19.19 0.23
CA TYR K 92 -78.55 20.18 -0.42
C TYR K 92 -79.37 21.16 -1.26
N VAL K 93 -80.50 20.73 -1.80
CA VAL K 93 -81.36 21.70 -2.47
C VAL K 93 -81.99 22.65 -1.46
N SER K 94 -82.33 22.14 -0.27
CA SER K 94 -82.82 23.05 0.77
C SER K 94 -81.77 24.06 1.17
N TYR K 95 -80.51 23.62 1.27
CA TYR K 95 -79.42 24.55 1.56
C TYR K 95 -79.30 25.60 0.47
N ALA K 96 -79.30 25.18 -0.79
CA ALA K 96 -79.13 26.13 -1.88
C ALA K 96 -80.35 27.00 -2.05
N LEU K 97 -81.48 26.62 -1.45
CA LEU K 97 -82.66 27.46 -1.48
C LEU K 97 -82.57 28.53 -0.39
N LEU K 98 -82.14 28.15 0.81
CA LEU K 98 -81.98 29.17 1.85
C LEU K 98 -80.89 30.16 1.47
N ALA K 99 -79.75 29.66 0.97
CA ALA K 99 -78.67 30.55 0.58
C ALA K 99 -79.10 31.50 -0.52
N GLY K 100 -79.58 30.97 -1.62
CA GLY K 100 -79.93 31.78 -2.75
C GLY K 100 -79.09 31.53 -3.97
N ASP K 101 -78.09 30.65 -3.86
CA ASP K 101 -77.16 30.37 -4.94
C ASP K 101 -76.91 28.87 -5.02
N ALA K 102 -76.72 28.39 -6.24
CA ALA K 102 -76.46 26.99 -6.48
C ALA K 102 -75.04 26.58 -6.13
N SER K 103 -74.24 27.51 -5.60
CA SER K 103 -72.85 27.18 -5.28
C SER K 103 -72.78 26.10 -4.21
N VAL K 104 -73.67 26.17 -3.21
CA VAL K 104 -73.69 25.14 -2.18
C VAL K 104 -73.87 23.77 -2.82
N LEU K 105 -74.88 23.65 -3.67
CA LEU K 105 -75.20 22.38 -4.29
C LEU K 105 -74.04 21.88 -5.14
N ASP K 106 -73.67 22.61 -6.19
CA ASP K 106 -72.71 22.10 -7.14
C ASP K 106 -71.27 22.12 -6.63
N ASP K 107 -71.02 22.64 -5.43
CA ASP K 107 -69.69 22.58 -4.85
C ASP K 107 -69.59 21.52 -3.76
N ARG K 108 -70.43 21.63 -2.72
CA ARG K 108 -70.32 20.72 -1.58
C ARG K 108 -71.00 19.39 -1.91
N CYS K 109 -71.78 19.34 -2.98
CA CYS K 109 -72.72 18.25 -3.23
C CYS K 109 -72.41 17.41 -4.46
N LEU K 110 -72.19 18.03 -5.60
CA LEU K 110 -72.32 17.30 -6.86
C LEU K 110 -71.24 17.64 -7.88
N ASN K 111 -69.99 17.79 -7.45
CA ASN K 111 -68.89 17.69 -8.41
C ASN K 111 -68.67 16.25 -8.84
N GLY K 112 -68.65 15.32 -7.87
CA GLY K 112 -68.22 13.96 -8.15
C GLY K 112 -69.26 12.88 -8.24
N LEU K 113 -70.55 13.22 -8.31
CA LEU K 113 -71.58 12.18 -8.29
C LEU K 113 -71.60 11.35 -9.57
N ARG K 114 -71.46 11.97 -10.74
CA ARG K 114 -71.50 11.20 -11.98
C ARG K 114 -70.50 10.06 -11.94
N GLU K 115 -69.24 10.36 -11.61
CA GLU K 115 -68.23 9.33 -11.66
C GLU K 115 -68.20 8.47 -10.40
N THR K 116 -68.73 8.97 -9.28
CA THR K 116 -68.96 8.08 -8.14
C THR K 116 -69.93 6.97 -8.51
N TYR K 117 -71.06 7.34 -9.11
CA TYR K 117 -72.05 6.36 -9.49
C TYR K 117 -71.58 5.49 -10.64
N ASN K 118 -70.73 6.05 -11.51
CA ASN K 118 -70.13 5.23 -12.56
C ASN K 118 -69.15 4.22 -11.98
N ALA K 119 -68.41 4.60 -10.95
CA ALA K 119 -67.50 3.69 -10.28
C ALA K 119 -68.26 2.60 -9.53
N LEU K 120 -69.44 2.94 -9.02
CA LEU K 120 -70.27 1.92 -8.39
C LEU K 120 -71.17 1.20 -9.38
N GLY K 121 -71.17 1.61 -10.64
CA GLY K 121 -71.97 0.97 -11.65
C GLY K 121 -73.45 1.28 -11.59
N THR K 122 -73.88 2.09 -10.63
CA THR K 122 -75.30 2.39 -10.51
C THR K 122 -75.76 3.25 -11.69
N PRO K 123 -77.02 3.12 -12.11
CA PRO K 123 -77.49 3.95 -13.22
C PRO K 123 -77.67 5.40 -12.79
N THR K 124 -76.93 6.31 -13.41
CA THR K 124 -77.09 7.72 -13.11
C THR K 124 -78.39 8.25 -13.69
N GLN K 125 -78.87 7.66 -14.78
CA GLN K 125 -80.16 8.06 -15.33
C GLN K 125 -81.26 7.89 -14.31
N SER K 126 -81.27 6.77 -13.60
CA SER K 126 -82.26 6.55 -12.56
C SER K 126 -82.11 7.55 -11.43
N VAL K 127 -80.89 8.00 -11.15
CA VAL K 127 -80.72 8.99 -10.09
C VAL K 127 -81.29 10.34 -10.52
N ALA K 128 -81.08 10.71 -11.78
CA ALA K 128 -81.68 11.94 -12.29
C ALA K 128 -83.20 11.84 -12.28
N ARG K 129 -83.74 10.67 -12.64
CA ARG K 129 -85.18 10.49 -12.58
C ARG K 129 -85.69 10.57 -11.15
N ALA K 130 -84.92 10.05 -10.20
CA ALA K 130 -85.28 10.18 -8.79
C ALA K 130 -85.32 11.63 -8.36
N VAL K 131 -84.36 12.43 -8.83
CA VAL K 131 -84.32 13.84 -8.45
C VAL K 131 -85.50 14.59 -9.06
N GLN K 132 -85.85 14.26 -10.30
CA GLN K 132 -87.03 14.87 -10.91
C GLN K 132 -88.31 14.50 -10.15
N LEU K 133 -88.41 13.24 -9.74
CA LEU K 133 -89.54 12.81 -8.91
C LEU K 133 -89.57 13.56 -7.60
N MET K 134 -88.40 13.77 -6.99
CA MET K 134 -88.34 14.57 -5.77
C MET K 134 -88.87 15.96 -6.03
N LYS K 135 -88.49 16.55 -7.16
CA LYS K 135 -88.96 17.88 -7.50
C LYS K 135 -90.47 17.93 -7.57
N ASP K 136 -91.06 17.00 -8.32
CA ASP K 136 -92.51 16.99 -8.47
C ASP K 136 -93.20 16.75 -7.14
N ALA K 137 -92.66 15.83 -6.33
CA ALA K 137 -93.28 15.55 -5.04
C ALA K 137 -93.05 16.66 -4.05
N ALA K 138 -92.10 17.55 -4.32
CA ALA K 138 -91.78 18.63 -3.40
C ALA K 138 -92.56 19.89 -3.70
N MET K 139 -92.74 20.24 -4.97
CA MET K 139 -93.48 21.46 -5.29
C MET K 139 -94.89 21.43 -4.68
N VAL K 140 -95.51 20.25 -4.65
CA VAL K 140 -96.86 20.18 -4.10
C VAL K 140 -96.85 20.47 -2.61
N HIS K 141 -95.77 20.12 -1.91
CA HIS K 141 -95.62 20.55 -0.53
C HIS K 141 -95.23 22.01 -0.46
N LEU K 142 -94.72 22.56 -1.56
CA LEU K 142 -94.10 23.87 -1.53
C LEU K 142 -95.11 24.96 -1.86
N LYS K 143 -96.20 24.61 -2.53
CA LYS K 143 -97.23 25.57 -2.88
C LYS K 143 -98.36 25.66 -1.87
N SER K 144 -98.36 24.81 -0.84
CA SER K 144 -99.52 24.67 0.03
C SER K 144 -99.76 25.94 0.84
N THR K 145 -100.93 26.54 0.67
CA THR K 145 -101.32 27.73 1.42
C THR K 145 -101.85 27.39 2.81
N ALA K 146 -101.95 26.12 3.15
CA ALA K 146 -102.30 25.74 4.50
C ALA K 146 -101.26 26.28 5.46
N ASN K 147 -101.74 26.73 6.62
CA ASN K 147 -100.97 27.25 7.76
C ASN K 147 -99.76 28.08 7.36
N VAL K 148 -99.87 28.85 6.28
CA VAL K 148 -98.84 29.80 5.84
C VAL K 148 -99.55 31.00 5.23
N THR K 149 -99.11 32.20 5.60
CA THR K 149 -99.75 33.42 5.11
C THR K 149 -99.75 33.45 3.59
N VAL K 150 -100.88 33.85 3.02
CA VAL K 150 -101.05 33.78 1.57
C VAL K 150 -100.25 34.88 0.91
N GLY K 151 -99.66 34.55 -0.25
CA GLY K 151 -98.88 35.50 -1.01
C GLY K 151 -98.41 34.88 -2.30
N ASP K 152 -97.69 35.66 -3.09
CA ASP K 152 -97.18 35.21 -4.37
C ASP K 152 -95.71 34.88 -4.25
N CYS K 153 -95.32 33.70 -4.74
CA CYS K 153 -93.97 33.20 -4.53
C CYS K 153 -93.45 32.49 -5.78
N SER K 154 -93.96 32.87 -6.95
CA SER K 154 -93.62 32.14 -8.16
C SER K 154 -92.11 32.14 -8.41
N SER K 155 -91.43 33.21 -7.99
CA SER K 155 -89.98 33.25 -8.15
C SER K 155 -89.31 32.14 -7.35
N LEU K 156 -89.79 31.87 -6.15
CA LEU K 156 -89.20 30.81 -5.34
C LEU K 156 -89.50 29.44 -5.93
N TYR K 157 -90.67 29.26 -6.55
CA TYR K 157 -90.94 28.01 -7.23
C TYR K 157 -89.99 27.80 -8.40
N SER K 158 -89.76 28.86 -9.18
CA SER K 158 -88.79 28.75 -10.26
C SER K 158 -87.39 28.46 -9.73
N GLU K 159 -87.03 29.07 -8.61
CA GLU K 159 -85.71 28.83 -8.01
C GLU K 159 -85.55 27.39 -7.59
N ALA K 160 -86.52 26.85 -6.86
CA ALA K 160 -86.44 25.45 -6.45
C ALA K 160 -86.42 24.53 -7.65
N ALA K 161 -87.20 24.86 -8.67
CA ALA K 161 -87.20 24.05 -9.89
C ALA K 161 -85.85 24.05 -10.56
N THR K 162 -85.18 25.21 -10.60
CA THR K 162 -83.89 25.25 -11.28
C THR K 162 -82.81 24.57 -10.45
N TYR K 163 -82.93 24.60 -9.11
CA TYR K 163 -81.96 23.86 -8.31
C TYR K 163 -82.12 22.36 -8.51
N PHE K 164 -83.36 21.87 -8.50
CA PHE K 164 -83.60 20.45 -8.74
C PHE K 164 -83.15 20.06 -10.15
N ASP K 165 -83.41 20.93 -11.13
CA ASP K 165 -82.99 20.65 -12.50
C ASP K 165 -81.47 20.62 -12.62
N LYS K 166 -80.78 21.52 -11.91
CA LYS K 166 -79.31 21.50 -11.94
C LYS K 166 -78.78 20.21 -11.35
N ALA K 167 -79.30 19.81 -10.20
CA ALA K 167 -78.85 18.56 -9.60
C ALA K 167 -79.10 17.39 -10.55
N ALA K 168 -80.29 17.32 -11.12
CA ALA K 168 -80.63 16.21 -12.00
C ALA K 168 -79.74 16.19 -13.25
N ALA K 169 -79.49 17.36 -13.84
CA ALA K 169 -78.70 17.41 -15.06
C ALA K 169 -77.24 17.10 -14.80
N SER K 170 -76.74 17.48 -13.63
CA SER K 170 -75.36 17.14 -13.31
C SER K 170 -75.21 15.64 -13.05
N ILE K 171 -76.13 15.06 -12.27
CA ILE K 171 -76.00 13.65 -11.96
C ILE K 171 -76.17 12.80 -13.21
N ALA K 172 -77.05 13.21 -14.12
CA ALA K 172 -77.34 12.43 -15.31
C ALA K 172 -76.12 12.27 -16.20
N MET L 1 -33.55 11.93 0.80
CA MET L 1 -32.66 13.06 1.02
C MET L 1 -31.22 12.63 0.79
N ASN L 2 -30.38 13.56 0.34
CA ASN L 2 -29.02 13.24 -0.01
C ASN L 2 -28.12 14.42 0.31
N ASP L 3 -26.81 14.18 0.19
CA ASP L 3 -25.79 15.19 0.09
C ASP L 3 -24.71 14.68 -0.85
N VAL L 4 -23.57 15.37 -0.88
CA VAL L 4 -22.54 14.98 -1.85
C VAL L 4 -21.96 13.63 -1.48
N PHE L 5 -21.67 13.43 -0.19
CA PHE L 5 -21.10 12.16 0.26
C PHE L 5 -22.04 11.01 -0.04
N THR L 6 -23.31 11.14 0.31
CA THR L 6 -24.25 10.05 0.08
C THR L 6 -24.51 9.84 -1.40
N ARG L 7 -24.40 10.89 -2.22
CA ARG L 7 -24.55 10.70 -3.65
C ARG L 7 -23.40 9.88 -4.21
N ALA L 8 -22.17 10.21 -3.83
CA ALA L 8 -21.03 9.43 -4.29
C ALA L 8 -21.14 7.99 -3.81
N ILE L 9 -21.57 7.82 -2.56
CA ILE L 9 -21.72 6.49 -1.99
C ILE L 9 -22.75 5.69 -2.75
N ALA L 10 -23.89 6.31 -3.06
CA ALA L 10 -24.94 5.61 -3.79
C ALA L 10 -24.49 5.22 -5.18
N GLN L 11 -23.79 6.11 -5.88
CA GLN L 11 -23.25 5.73 -7.19
C GLN L 11 -22.33 4.53 -7.06
N ALA L 12 -21.42 4.57 -6.08
CA ALA L 12 -20.46 3.48 -5.92
C ALA L 12 -21.17 2.18 -5.57
N ASP L 13 -22.20 2.24 -4.75
CA ASP L 13 -22.89 1.03 -4.34
C ASP L 13 -23.69 0.44 -5.50
N LEU L 14 -24.47 1.28 -6.19
CA LEU L 14 -25.17 0.80 -7.38
C LEU L 14 -24.19 0.15 -8.35
N LYS L 15 -22.97 0.68 -8.42
CA LYS L 15 -21.96 0.00 -9.23
C LYS L 15 -21.40 -1.22 -8.50
N GLY L 16 -21.38 -1.18 -7.18
CA GLY L 16 -20.94 -2.32 -6.39
C GLY L 16 -19.53 -2.25 -5.86
N SER L 17 -18.86 -1.10 -5.98
CA SER L 17 -17.45 -0.99 -5.66
C SER L 17 -17.21 0.03 -4.55
N PHE L 18 -16.10 -0.17 -3.84
CA PHE L 18 -15.61 0.81 -2.89
C PHE L 18 -15.44 2.17 -3.57
N LEU L 19 -15.34 3.21 -2.76
CA LEU L 19 -15.13 4.54 -3.31
C LEU L 19 -13.69 4.66 -3.79
N LEU L 20 -13.52 5.09 -5.03
CA LEU L 20 -12.19 5.19 -5.60
C LEU L 20 -11.40 6.32 -4.94
N GLU L 21 -10.10 6.35 -5.24
CA GLU L 21 -9.23 7.35 -4.64
C GLU L 21 -9.60 8.76 -5.08
N SER L 22 -9.94 8.94 -6.37
CA SER L 22 -10.28 10.26 -6.86
C SER L 22 -11.54 10.79 -6.20
N ASP L 23 -12.54 9.94 -6.00
CA ASP L 23 -13.78 10.39 -5.39
C ASP L 23 -13.56 10.72 -3.93
N LEU L 24 -12.70 9.94 -3.26
CA LEU L 24 -12.32 10.29 -1.90
C LEU L 24 -11.60 11.63 -1.86
N ASP L 25 -10.75 11.91 -2.86
CA ASP L 25 -10.11 13.22 -2.94
C ASP L 25 -11.15 14.33 -3.07
N LYS L 26 -12.15 14.12 -3.93
CA LYS L 26 -13.19 15.14 -4.13
C LYS L 26 -13.96 15.40 -2.84
N LEU L 27 -14.35 14.33 -2.13
CA LEU L 27 -15.09 14.52 -0.90
C LEU L 27 -14.23 15.14 0.19
N ALA L 28 -12.95 14.80 0.22
CA ALA L 28 -12.05 15.43 1.18
C ALA L 28 -11.91 16.91 0.92
N SER L 29 -11.77 17.30 -0.35
CA SER L 29 -11.71 18.73 -0.68
C SER L 29 -13.00 19.43 -0.29
N PHE L 30 -14.14 18.80 -0.57
CA PHE L 30 -15.43 19.37 -0.18
C PHE L 30 -15.49 19.62 1.32
N ALA L 31 -15.15 18.60 2.12
CA ALA L 31 -15.19 18.76 3.56
C ALA L 31 -14.20 19.81 4.04
N LYS L 32 -13.04 19.89 3.39
CA LYS L 32 -12.02 20.86 3.80
C LYS L 32 -12.50 22.28 3.56
N GLU L 33 -13.16 22.52 2.44
CA GLU L 33 -13.62 23.87 2.11
C GLU L 33 -15.05 24.14 2.57
N GLY L 34 -15.67 23.20 3.29
CA GLY L 34 -17.03 23.40 3.77
C GLY L 34 -17.23 24.51 4.78
N VAL L 35 -16.15 25.10 5.30
CA VAL L 35 -16.34 26.21 6.23
C VAL L 35 -16.88 27.43 5.50
N LYS L 36 -16.37 27.68 4.30
CA LYS L 36 -16.93 28.71 3.44
C LYS L 36 -18.41 28.42 3.16
N ARG L 37 -18.75 27.15 2.99
CA ARG L 37 -20.14 26.75 2.78
C ARG L 37 -20.99 27.11 3.98
N LEU L 38 -20.48 26.88 5.18
CA LEU L 38 -21.21 27.27 6.38
C LEU L 38 -21.41 28.77 6.44
N ASP L 39 -20.40 29.54 6.05
CA ASP L 39 -20.57 30.99 6.00
C ASP L 39 -21.63 31.40 4.99
N ALA L 40 -21.66 30.76 3.82
CA ALA L 40 -22.68 31.10 2.84
C ALA L 40 -24.07 30.77 3.34
N VAL L 41 -24.24 29.57 3.90
CA VAL L 41 -25.54 29.18 4.42
C VAL L 41 -25.97 30.13 5.53
N ALA L 42 -25.04 30.56 6.37
CA ALA L 42 -25.37 31.56 7.37
C ALA L 42 -25.75 32.88 6.73
N ALA L 43 -25.08 33.27 5.65
CA ALA L 43 -25.43 34.52 4.99
C ALA L 43 -26.86 34.47 4.45
N LEU L 44 -27.27 33.31 3.95
CA LEU L 44 -28.65 33.16 3.49
C LEU L 44 -29.62 33.14 4.68
N THR L 45 -29.29 32.40 5.73
CA THR L 45 -30.19 32.26 6.86
C THR L 45 -30.41 33.58 7.59
N ASN L 46 -29.34 34.36 7.75
CA ASN L 46 -29.39 35.50 8.65
C ASN L 46 -30.02 36.71 7.98
N ASN L 47 -29.88 36.83 6.66
CA ASN L 47 -30.43 37.97 5.95
C ASN L 47 -31.75 37.67 5.25
N ALA L 48 -32.30 36.47 5.42
CA ALA L 48 -33.44 36.02 4.62
C ALA L 48 -34.59 37.02 4.56
N PRO L 49 -34.99 37.67 5.66
CA PRO L 49 -36.01 38.73 5.52
C PRO L 49 -35.63 39.80 4.51
N ALA L 50 -34.37 40.20 4.47
CA ALA L 50 -33.95 41.21 3.51
C ALA L 50 -34.10 40.71 2.08
N ILE L 51 -33.69 39.47 1.81
CA ILE L 51 -33.87 38.93 0.46
C ILE L 51 -35.33 38.91 0.07
N ILE L 52 -36.17 38.37 0.95
CA ILE L 52 -37.58 38.22 0.61
C ILE L 52 -38.21 39.59 0.38
N SER L 53 -37.90 40.55 1.23
CA SER L 53 -38.51 41.88 1.11
C SER L 53 -38.04 42.60 -0.16
N ASP L 54 -36.75 42.55 -0.46
CA ASP L 54 -36.26 43.21 -1.68
C ASP L 54 -36.83 42.55 -2.92
N ALA L 55 -36.88 41.22 -2.95
CA ALA L 55 -37.45 40.52 -4.10
C ALA L 55 -38.92 40.86 -4.27
N ALA L 56 -39.67 40.91 -3.17
CA ALA L 56 -41.08 41.26 -3.25
C ALA L 56 -41.27 42.68 -3.75
N HIS L 57 -40.50 43.63 -3.21
CA HIS L 57 -40.56 45.01 -3.67
C HIS L 57 -40.33 45.09 -5.17
N LYS L 58 -39.29 44.43 -5.66
CA LYS L 58 -38.98 44.54 -7.08
C LYS L 58 -40.04 43.85 -7.94
N LEU L 59 -40.48 42.66 -7.51
CA LEU L 59 -41.46 41.92 -8.29
C LEU L 59 -42.75 42.70 -8.43
N PHE L 60 -43.20 43.32 -7.34
CA PHE L 60 -44.46 44.04 -7.38
C PHE L 60 -44.30 45.47 -7.85
N ALA L 61 -43.06 45.91 -8.06
CA ALA L 61 -42.86 47.21 -8.69
C ALA L 61 -42.64 47.05 -10.19
N GLU L 62 -42.39 45.83 -10.65
CA GLU L 62 -42.26 45.64 -12.09
C GLU L 62 -43.50 44.95 -12.67
N GLN L 63 -44.09 44.03 -11.92
CA GLN L 63 -45.29 43.32 -12.35
C GLN L 63 -46.46 43.80 -11.48
N GLN L 64 -47.07 44.90 -11.89
CA GLN L 64 -48.19 45.46 -11.16
C GLN L 64 -49.41 44.57 -11.20
N GLU L 65 -49.61 43.84 -12.30
CA GLU L 65 -50.87 43.14 -12.50
C GLU L 65 -51.01 41.94 -11.57
N LEU L 66 -50.09 41.77 -10.61
CA LEU L 66 -50.29 40.78 -9.57
C LEU L 66 -51.07 41.36 -8.40
N ILE L 67 -50.77 42.60 -8.04
CA ILE L 67 -51.35 43.21 -6.86
C ILE L 67 -52.65 43.93 -7.20
N GLN L 68 -52.98 44.02 -8.47
CA GLN L 68 -54.27 44.59 -8.82
C GLN L 68 -55.38 43.67 -8.36
N PRO L 69 -56.58 44.21 -8.13
CA PRO L 69 -57.74 43.35 -7.92
C PRO L 69 -57.90 42.43 -9.12
N GLY L 70 -58.20 41.17 -8.84
CA GLY L 70 -58.18 40.15 -9.87
C GLY L 70 -56.82 39.62 -10.19
N GLY L 71 -55.75 40.36 -9.90
CA GLY L 71 -54.43 39.78 -9.91
C GLY L 71 -54.34 38.69 -8.89
N ASN L 72 -53.33 37.84 -9.04
CA ASN L 72 -53.37 36.58 -8.32
C ASN L 72 -52.55 36.70 -7.03
N ALA L 73 -52.18 37.92 -6.66
CA ALA L 73 -51.63 38.19 -5.34
C ALA L 73 -52.37 39.33 -4.65
N TYR L 74 -53.69 39.45 -4.91
CA TYR L 74 -54.37 40.67 -4.51
C TYR L 74 -54.62 40.74 -3.00
N PRO L 75 -55.40 39.86 -2.39
CA PRO L 75 -55.71 40.04 -0.97
C PRO L 75 -54.50 39.69 -0.10
N HIS L 76 -54.64 39.94 1.20
CA HIS L 76 -53.56 39.59 2.10
C HIS L 76 -53.33 38.09 2.17
N ARG L 77 -54.35 37.27 1.96
CA ARG L 77 -54.07 35.84 2.02
C ARG L 77 -53.20 35.41 0.85
N ARG L 78 -53.44 35.97 -0.34
CA ARG L 78 -52.62 35.59 -1.48
C ARG L 78 -51.25 36.24 -1.42
N MET L 79 -51.15 37.48 -0.94
CA MET L 79 -49.84 38.08 -0.77
C MET L 79 -49.02 37.36 0.29
N ALA L 80 -49.67 36.97 1.40
CA ALA L 80 -48.98 36.21 2.43
C ALA L 80 -48.52 34.86 1.89
N ALA L 81 -49.35 34.21 1.06
CA ALA L 81 -48.92 32.95 0.46
C ALA L 81 -47.76 33.15 -0.51
N CYS L 82 -47.77 34.25 -1.26
CA CYS L 82 -46.64 34.61 -2.11
C CYS L 82 -45.35 34.69 -1.30
N LEU L 83 -45.38 35.48 -0.22
CA LEU L 83 -44.17 35.67 0.57
C LEU L 83 -43.75 34.38 1.25
N ARG L 84 -44.73 33.57 1.67
CA ARG L 84 -44.43 32.29 2.29
C ARG L 84 -43.76 31.34 1.31
N ASP L 85 -44.23 31.30 0.06
CA ASP L 85 -43.58 30.48 -0.95
C ASP L 85 -42.17 30.97 -1.23
N MET L 86 -41.98 32.28 -1.30
CA MET L 86 -40.64 32.83 -1.49
C MET L 86 -39.70 32.38 -0.38
N GLU L 87 -40.15 32.51 0.86
CA GLU L 87 -39.33 32.11 1.99
C GLU L 87 -39.04 30.61 1.96
N ILE L 88 -40.03 29.80 1.60
CA ILE L 88 -39.83 28.35 1.58
C ILE L 88 -38.82 27.96 0.53
N ILE L 89 -38.91 28.56 -0.66
CA ILE L 89 -37.94 28.24 -1.71
C ILE L 89 -36.55 28.66 -1.29
N LEU L 90 -36.43 29.84 -0.68
CA LEU L 90 -35.12 30.28 -0.18
C LEU L 90 -34.61 29.34 0.90
N ARG L 91 -35.52 28.83 1.72
CA ARG L 91 -35.14 27.90 2.78
C ARG L 91 -34.57 26.63 2.19
N TYR L 92 -35.22 26.08 1.18
CA TYR L 92 -34.73 24.83 0.60
C TYR L 92 -33.47 25.06 -0.22
N VAL L 93 -33.27 26.27 -0.72
CA VAL L 93 -31.99 26.58 -1.36
C VAL L 93 -30.88 26.62 -0.34
N SER L 94 -31.11 27.22 0.83
CA SER L 94 -30.09 27.22 1.87
C SER L 94 -29.81 25.80 2.36
N TYR L 95 -30.86 25.00 2.54
CA TYR L 95 -30.68 23.58 2.83
C TYR L 95 -29.76 22.93 1.81
N ALA L 96 -30.12 22.97 0.54
CA ALA L 96 -29.33 22.31 -0.49
C ALA L 96 -27.93 22.89 -0.56
N LEU L 97 -27.74 24.14 -0.17
CA LEU L 97 -26.41 24.71 -0.14
C LEU L 97 -25.57 24.08 0.96
N LEU L 98 -26.15 23.93 2.14
CA LEU L 98 -25.45 23.25 3.23
C LEU L 98 -25.12 21.82 2.85
N ALA L 99 -26.10 21.09 2.33
CA ALA L 99 -25.89 19.71 1.94
C ALA L 99 -24.93 19.58 0.77
N GLY L 100 -24.84 20.59 -0.09
CA GLY L 100 -24.06 20.44 -1.29
C GLY L 100 -24.75 19.71 -2.40
N ASP L 101 -26.00 19.29 -2.20
CA ASP L 101 -26.76 18.55 -3.18
C ASP L 101 -28.18 19.08 -3.23
N ALA L 102 -28.73 19.18 -4.44
CA ALA L 102 -30.05 19.74 -4.66
C ALA L 102 -31.16 18.70 -4.57
N SER L 103 -30.93 17.59 -3.87
CA SER L 103 -31.94 16.55 -3.83
C SER L 103 -33.07 16.93 -2.87
N VAL L 104 -32.75 17.56 -1.75
CA VAL L 104 -33.79 17.97 -0.81
C VAL L 104 -34.72 18.98 -1.45
N LEU L 105 -34.16 19.89 -2.22
CA LEU L 105 -34.95 20.87 -2.95
C LEU L 105 -35.88 20.19 -3.95
N ASP L 106 -35.31 19.33 -4.81
CA ASP L 106 -36.09 18.65 -5.83
C ASP L 106 -37.10 17.67 -5.27
N ASP L 107 -36.96 17.26 -4.01
CA ASP L 107 -37.90 16.31 -3.43
C ASP L 107 -38.94 16.94 -2.54
N ARG L 108 -38.69 18.11 -1.97
CA ARG L 108 -39.66 18.70 -1.06
C ARG L 108 -40.29 19.98 -1.58
N CYS L 109 -39.65 20.69 -2.50
CA CYS L 109 -40.22 21.94 -2.97
C CYS L 109 -40.60 21.91 -4.44
N LEU L 110 -39.93 21.09 -5.23
CA LEU L 110 -39.96 21.24 -6.67
C LEU L 110 -40.59 20.06 -7.40
N ASN L 111 -40.94 18.97 -6.71
CA ASN L 111 -41.41 17.80 -7.44
C ASN L 111 -42.89 17.91 -7.81
N GLY L 112 -43.61 18.84 -7.20
CA GLY L 112 -44.99 19.04 -7.58
C GLY L 112 -45.40 20.50 -7.60
N LEU L 113 -44.45 21.40 -7.86
CA LEU L 113 -44.75 22.82 -7.72
C LEU L 113 -45.29 23.43 -9.00
N ARG L 114 -44.75 23.06 -10.16
CA ARG L 114 -45.28 23.58 -11.41
C ARG L 114 -46.73 23.17 -11.59
N GLU L 115 -47.04 21.92 -11.26
CA GLU L 115 -48.42 21.45 -11.38
C GLU L 115 -49.33 22.17 -10.40
N THR L 116 -48.87 22.38 -9.17
CA THR L 116 -49.68 23.10 -8.19
C THR L 116 -49.94 24.53 -8.63
N TYR L 117 -48.91 25.19 -9.14
CA TYR L 117 -49.06 26.58 -9.56
C TYR L 117 -49.93 26.69 -10.80
N ASN L 118 -49.89 25.69 -11.67
CA ASN L 118 -50.78 25.69 -12.82
C ASN L 118 -52.22 25.44 -12.39
N ALA L 119 -52.41 24.50 -11.48
CA ALA L 119 -53.74 24.18 -10.98
C ALA L 119 -54.31 25.32 -10.15
N LEU L 120 -53.47 26.23 -9.65
CA LEU L 120 -53.97 27.40 -8.97
C LEU L 120 -54.02 28.63 -9.85
N GLY L 121 -53.54 28.53 -11.09
CA GLY L 121 -53.53 29.66 -11.99
C GLY L 121 -52.42 30.65 -11.78
N THR L 122 -51.55 30.45 -10.79
CA THR L 122 -50.47 31.40 -10.55
C THR L 122 -49.49 31.35 -11.72
N PRO L 123 -49.10 32.50 -12.25
CA PRO L 123 -48.20 32.49 -13.40
C PRO L 123 -46.80 32.05 -13.02
N THR L 124 -46.42 30.83 -13.42
CA THR L 124 -45.13 30.28 -13.01
C THR L 124 -43.98 31.10 -13.55
N GLN L 125 -44.19 31.87 -14.62
CA GLN L 125 -43.16 32.78 -15.09
C GLN L 125 -42.86 33.83 -14.02
N SER L 126 -43.89 34.38 -13.38
CA SER L 126 -43.66 35.36 -12.33
C SER L 126 -43.04 34.72 -11.10
N VAL L 127 -43.35 33.46 -10.82
CA VAL L 127 -42.70 32.78 -9.71
C VAL L 127 -41.20 32.59 -9.99
N ALA L 128 -40.86 32.21 -11.22
CA ALA L 128 -39.45 32.09 -11.57
C ALA L 128 -38.76 33.45 -11.51
N ARG L 129 -39.46 34.51 -11.92
CA ARG L 129 -38.88 35.84 -11.82
C ARG L 129 -38.64 36.22 -10.37
N ALA L 130 -39.56 35.84 -9.49
CA ALA L 130 -39.36 36.09 -8.06
C ALA L 130 -38.15 35.33 -7.54
N VAL L 131 -37.97 34.10 -8.00
CA VAL L 131 -36.82 33.31 -7.58
C VAL L 131 -35.52 33.96 -8.05
N GLN L 132 -35.50 34.45 -9.29
CA GLN L 132 -34.29 35.11 -9.78
C GLN L 132 -34.01 36.40 -9.02
N LEU L 133 -35.06 37.15 -8.67
CA LEU L 133 -34.86 38.35 -7.87
C LEU L 133 -34.31 38.00 -6.49
N MET L 134 -34.82 36.92 -5.88
CA MET L 134 -34.23 36.46 -4.63
C MET L 134 -32.78 36.08 -4.81
N LYS L 135 -32.44 35.47 -5.94
CA LYS L 135 -31.05 35.13 -6.21
C LYS L 135 -30.18 36.37 -6.22
N ASP L 136 -30.65 37.42 -6.88
CA ASP L 136 -29.88 38.66 -6.95
C ASP L 136 -29.69 39.26 -5.56
N ALA L 137 -30.78 39.36 -4.80
CA ALA L 137 -30.70 39.90 -3.45
C ALA L 137 -29.78 39.08 -2.57
N ALA L 138 -29.81 37.76 -2.71
CA ALA L 138 -28.93 36.90 -1.94
C ALA L 138 -27.48 37.06 -2.34
N MET L 139 -27.17 37.09 -3.64
CA MET L 139 -25.79 37.27 -4.06
C MET L 139 -25.23 38.58 -3.54
N VAL L 140 -26.09 39.59 -3.38
CA VAL L 140 -25.63 40.80 -2.69
C VAL L 140 -25.21 40.49 -1.26
N HIS L 141 -25.69 39.39 -0.69
CA HIS L 141 -25.46 39.08 0.72
C HIS L 141 -24.39 38.01 0.94
N LEU L 142 -24.20 37.13 -0.04
CA LEU L 142 -23.17 36.09 0.10
C LEU L 142 -21.79 36.66 -0.17
N LYS L 143 -21.71 37.77 -0.91
CA LYS L 143 -20.43 38.40 -1.17
C LYS L 143 -20.05 39.40 -0.10
N SER L 144 -20.82 39.50 0.97
CA SER L 144 -20.47 40.42 2.05
C SER L 144 -19.22 39.96 2.76
N THR L 145 -18.28 40.88 2.94
CA THR L 145 -17.01 40.60 3.59
C THR L 145 -17.00 41.00 5.06
N ALA L 146 -18.04 41.67 5.52
CA ALA L 146 -18.11 42.04 6.93
C ALA L 146 -18.27 40.79 7.79
N ASN L 147 -17.60 40.80 8.95
CA ASN L 147 -17.69 39.79 10.00
C ASN L 147 -17.14 38.43 9.59
N VAL L 148 -16.53 38.30 8.41
CA VAL L 148 -15.92 37.06 7.98
C VAL L 148 -14.54 37.34 7.42
N THR L 149 -13.69 36.32 7.46
CA THR L 149 -12.33 36.44 6.95
C THR L 149 -12.35 36.51 5.44
N VAL L 150 -11.40 37.26 4.87
CA VAL L 150 -11.35 37.42 3.43
C VAL L 150 -10.98 36.10 2.77
N GLY L 151 -11.46 35.90 1.56
CA GLY L 151 -11.14 34.69 0.81
C GLY L 151 -11.91 34.66 -0.50
N ASP L 152 -11.72 33.58 -1.24
CA ASP L 152 -12.39 33.39 -2.51
C ASP L 152 -13.47 32.32 -2.35
N CYS L 153 -14.66 32.61 -2.82
CA CYS L 153 -15.78 31.69 -2.79
C CYS L 153 -16.56 31.75 -4.09
N SER L 154 -15.86 31.83 -5.22
CA SER L 154 -16.55 31.83 -6.50
C SER L 154 -17.31 30.53 -6.71
N SER L 155 -16.75 29.42 -6.22
CA SER L 155 -17.42 28.13 -6.36
C SER L 155 -18.77 28.14 -5.66
N LEU L 156 -18.84 28.72 -4.46
CA LEU L 156 -20.10 28.73 -3.74
C LEU L 156 -21.09 29.68 -4.40
N TYR L 157 -20.61 30.78 -4.96
CA TYR L 157 -21.51 31.66 -5.70
C TYR L 157 -22.12 30.93 -6.89
N SER L 158 -21.30 30.22 -7.65
CA SER L 158 -21.82 29.46 -8.77
C SER L 158 -22.79 28.39 -8.32
N GLU L 159 -22.47 27.68 -7.23
CA GLU L 159 -23.35 26.62 -6.75
C GLU L 159 -24.70 27.17 -6.31
N ALA L 160 -24.71 28.26 -5.56
CA ALA L 160 -25.98 28.85 -5.12
C ALA L 160 -26.77 29.37 -6.30
N ALA L 161 -26.09 29.98 -7.28
CA ALA L 161 -26.79 30.43 -8.47
C ALA L 161 -27.44 29.26 -9.19
N THR L 162 -26.75 28.13 -9.27
CA THR L 162 -27.36 26.97 -9.93
C THR L 162 -28.53 26.42 -9.14
N TYR L 163 -28.51 26.51 -7.81
CA TYR L 163 -29.68 26.07 -7.05
C TYR L 163 -30.88 26.98 -7.31
N PHE L 164 -30.66 28.30 -7.33
CA PHE L 164 -31.75 29.21 -7.65
C PHE L 164 -32.24 28.98 -9.07
N ASP L 165 -31.33 28.70 -10.00
CA ASP L 165 -31.75 28.43 -11.37
C ASP L 165 -32.48 27.11 -11.49
N LYS L 166 -32.12 26.12 -10.67
CA LYS L 166 -32.89 24.88 -10.65
C LYS L 166 -34.31 25.13 -10.18
N ALA L 167 -34.47 25.92 -9.12
CA ALA L 167 -35.82 26.24 -8.66
C ALA L 167 -36.59 26.98 -9.74
N ALA L 168 -35.96 27.96 -10.38
CA ALA L 168 -36.62 28.73 -11.42
C ALA L 168 -37.01 27.86 -12.60
N ALA L 169 -36.09 27.01 -13.07
CA ALA L 169 -36.34 26.19 -14.24
C ALA L 169 -37.26 25.02 -13.95
N SER L 170 -37.45 24.67 -12.68
CA SER L 170 -38.41 23.64 -12.35
C SER L 170 -39.74 24.18 -11.88
N ILE L 171 -39.87 25.51 -11.77
CA ILE L 171 -41.18 26.12 -11.63
C ILE L 171 -41.66 26.68 -12.96
N ALA L 172 -40.77 27.34 -13.70
CA ALA L 172 -41.16 27.94 -14.96
C ALA L 172 -41.43 26.88 -16.00
N MET M 1 -65.02 -11.48 0.63
CA MET M 1 -64.48 -12.65 -0.05
C MET M 1 -65.47 -13.79 0.00
N ASN M 2 -65.38 -14.66 -1.00
CA ASN M 2 -66.32 -15.76 -1.17
C ASN M 2 -65.60 -17.08 -0.97
N ASP M 3 -66.19 -17.95 -0.15
CA ASP M 3 -65.87 -19.35 -0.21
C ASP M 3 -66.65 -19.96 -1.38
N VAL M 4 -66.66 -21.28 -1.50
CA VAL M 4 -67.46 -21.86 -2.57
C VAL M 4 -68.95 -21.70 -2.27
N PHE M 5 -69.31 -21.79 -0.98
CA PHE M 5 -70.70 -21.66 -0.59
C PHE M 5 -71.25 -20.28 -0.92
N THR M 6 -70.54 -19.23 -0.51
CA THR M 6 -71.02 -17.88 -0.76
C THR M 6 -71.02 -17.55 -2.24
N ARG M 7 -70.08 -18.11 -3.01
CA ARG M 7 -70.11 -17.93 -4.45
C ARG M 7 -71.37 -18.55 -5.05
N ALA M 8 -71.71 -19.78 -4.65
CA ALA M 8 -72.91 -20.41 -5.17
C ALA M 8 -74.15 -19.66 -4.72
N ILE M 9 -74.12 -19.11 -3.51
CA ILE M 9 -75.24 -18.31 -3.02
C ILE M 9 -75.44 -17.08 -3.88
N ALA M 10 -74.36 -16.38 -4.21
CA ALA M 10 -74.47 -15.21 -5.06
C ALA M 10 -75.00 -15.58 -6.43
N GLN M 11 -74.50 -16.67 -7.00
CA GLN M 11 -75.01 -17.10 -8.30
C GLN M 11 -76.50 -17.40 -8.25
N ALA M 12 -76.95 -18.09 -7.21
CA ALA M 12 -78.37 -18.36 -7.06
C ALA M 12 -79.16 -17.08 -6.92
N ASP M 13 -78.65 -16.12 -6.14
CA ASP M 13 -79.39 -14.89 -5.86
C ASP M 13 -79.56 -14.06 -7.13
N LEU M 14 -78.50 -13.89 -7.91
CA LEU M 14 -78.64 -13.14 -9.16
C LEU M 14 -79.71 -13.72 -10.05
N LYS M 15 -79.91 -15.04 -10.00
CA LYS M 15 -81.02 -15.64 -10.71
C LYS M 15 -82.33 -15.54 -9.94
N GLY M 16 -82.30 -14.96 -8.74
CA GLY M 16 -83.51 -14.77 -7.98
C GLY M 16 -84.19 -16.06 -7.57
N SER M 17 -83.41 -17.09 -7.26
CA SER M 17 -83.97 -18.39 -6.96
C SER M 17 -83.35 -18.96 -5.69
N PHE M 18 -83.95 -20.03 -5.19
CA PHE M 18 -83.29 -20.85 -4.20
C PHE M 18 -82.17 -21.64 -4.85
N LEU M 19 -81.42 -22.35 -4.01
CA LEU M 19 -80.33 -23.17 -4.52
C LEU M 19 -80.88 -24.46 -5.10
N LEU M 20 -80.47 -24.79 -6.32
CA LEU M 20 -80.97 -25.99 -6.97
C LEU M 20 -80.44 -27.22 -6.25
N GLU M 21 -80.86 -28.39 -6.74
CA GLU M 21 -80.49 -29.63 -6.07
C GLU M 21 -79.12 -30.10 -6.50
N SER M 22 -78.73 -29.82 -7.75
CA SER M 22 -77.37 -30.11 -8.19
C SER M 22 -76.36 -29.27 -7.43
N ASP M 23 -76.68 -27.99 -7.21
CA ASP M 23 -75.80 -27.13 -6.43
C ASP M 23 -75.61 -27.66 -5.01
N LEU M 24 -76.69 -28.10 -4.38
CA LEU M 24 -76.57 -28.63 -3.03
C LEU M 24 -75.82 -29.96 -3.02
N ASP M 25 -75.96 -30.75 -4.09
CA ASP M 25 -75.14 -31.95 -4.21
C ASP M 25 -73.66 -31.60 -4.25
N LYS M 26 -73.32 -30.60 -5.07
CA LYS M 26 -71.91 -30.20 -5.18
C LYS M 26 -71.38 -29.67 -3.86
N LEU M 27 -72.18 -28.87 -3.15
CA LEU M 27 -71.71 -28.31 -1.89
C LEU M 27 -71.60 -29.38 -0.81
N ALA M 28 -72.49 -30.38 -0.84
CA ALA M 28 -72.35 -31.51 0.07
C ALA M 28 -71.08 -32.28 -0.22
N SER M 29 -70.75 -32.46 -1.50
CA SER M 29 -69.47 -33.07 -1.84
C SER M 29 -68.32 -32.23 -1.26
N PHE M 30 -68.31 -30.94 -1.55
CA PHE M 30 -67.22 -30.09 -1.09
C PHE M 30 -67.05 -30.15 0.42
N ALA M 31 -68.14 -30.24 1.16
CA ALA M 31 -68.03 -30.42 2.59
C ALA M 31 -67.63 -31.85 2.97
N LYS M 32 -67.74 -32.80 2.04
CA LYS M 32 -67.34 -34.17 2.36
C LYS M 32 -65.84 -34.40 2.12
N GLU M 33 -65.27 -33.67 1.15
CA GLU M 33 -63.81 -33.59 1.02
C GLU M 33 -63.19 -32.45 1.84
N GLY M 34 -63.94 -31.89 2.79
CA GLY M 34 -63.39 -30.81 3.59
C GLY M 34 -62.24 -31.24 4.48
N VAL M 35 -62.23 -32.50 4.91
CA VAL M 35 -61.15 -32.96 5.77
C VAL M 35 -59.85 -33.10 4.98
N LYS M 36 -59.93 -33.61 3.76
CA LYS M 36 -58.76 -33.65 2.90
C LYS M 36 -58.28 -32.25 2.59
N ARG M 37 -59.21 -31.33 2.35
CA ARG M 37 -58.84 -29.94 2.13
C ARG M 37 -58.12 -29.37 3.33
N LEU M 38 -58.58 -29.73 4.54
CA LEU M 38 -57.92 -29.26 5.75
C LEU M 38 -56.50 -29.80 5.86
N ASP M 39 -56.29 -31.07 5.53
CA ASP M 39 -54.92 -31.58 5.51
C ASP M 39 -54.04 -30.85 4.51
N ALA M 40 -54.56 -30.57 3.32
CA ALA M 40 -53.75 -29.84 2.35
C ALA M 40 -53.37 -28.46 2.87
N VAL M 41 -54.34 -27.77 3.48
CA VAL M 41 -54.07 -26.44 4.00
C VAL M 41 -53.07 -26.50 5.16
N ALA M 42 -53.17 -27.55 5.98
CA ALA M 42 -52.26 -27.65 7.12
C ALA M 42 -50.86 -28.05 6.69
N ALA M 43 -50.75 -28.75 5.57
CA ALA M 43 -49.43 -29.08 5.04
C ALA M 43 -48.79 -27.86 4.39
N LEU M 44 -49.61 -26.98 3.80
CA LEU M 44 -49.09 -25.70 3.35
C LEU M 44 -48.65 -24.84 4.52
N THR M 45 -49.44 -24.82 5.60
CA THR M 45 -49.15 -23.96 6.73
C THR M 45 -47.93 -24.43 7.52
N ASN M 46 -47.85 -25.72 7.82
CA ASN M 46 -46.73 -26.23 8.61
C ASN M 46 -45.42 -26.07 7.85
N ASN M 47 -45.42 -26.37 6.56
CA ASN M 47 -44.19 -26.36 5.77
C ASN M 47 -43.94 -25.03 5.10
N ALA M 48 -44.48 -23.94 5.64
CA ALA M 48 -44.31 -22.64 4.99
C ALA M 48 -42.87 -22.16 4.98
N PRO M 49 -42.14 -22.12 6.11
CA PRO M 49 -40.74 -21.69 6.03
C PRO M 49 -39.89 -22.54 5.09
N ALA M 50 -40.11 -23.84 5.09
CA ALA M 50 -39.33 -24.71 4.22
C ALA M 50 -39.60 -24.39 2.76
N ILE M 51 -40.86 -24.14 2.42
CA ILE M 51 -41.20 -23.82 1.03
C ILE M 51 -40.58 -22.49 0.64
N ILE M 52 -40.68 -21.49 1.50
CA ILE M 52 -40.11 -20.18 1.18
C ILE M 52 -38.62 -20.30 0.98
N SER M 53 -37.93 -21.01 1.88
CA SER M 53 -36.49 -21.13 1.78
C SER M 53 -36.07 -21.91 0.54
N ASP M 54 -36.77 -23.00 0.22
CA ASP M 54 -36.47 -23.76 -0.98
C ASP M 54 -36.65 -22.91 -2.22
N ALA M 55 -37.77 -22.19 -2.31
CA ALA M 55 -38.03 -21.35 -3.47
C ALA M 55 -36.99 -20.25 -3.60
N ALA M 56 -36.61 -19.63 -2.48
CA ALA M 56 -35.62 -18.57 -2.53
C ALA M 56 -34.27 -19.09 -3.00
N HIS M 57 -33.83 -20.22 -2.43
CA HIS M 57 -32.56 -20.80 -2.83
C HIS M 57 -32.54 -21.08 -4.32
N LYS M 58 -33.60 -21.72 -4.82
CA LYS M 58 -33.61 -22.09 -6.24
C LYS M 58 -33.76 -20.86 -7.12
N LEU M 59 -34.49 -19.85 -6.66
CA LEU M 59 -34.70 -18.66 -7.49
C LEU M 59 -33.41 -17.88 -7.64
N PHE M 60 -32.64 -17.75 -6.56
CA PHE M 60 -31.40 -16.99 -6.65
C PHE M 60 -30.25 -17.79 -7.23
N ALA M 61 -30.27 -19.12 -7.12
CA ALA M 61 -29.37 -19.90 -7.96
C ALA M 61 -29.70 -19.71 -9.43
N GLU M 62 -30.98 -19.73 -9.79
CA GLU M 62 -31.38 -19.52 -11.17
C GLU M 62 -31.04 -18.12 -11.65
N GLN M 63 -31.68 -17.12 -11.06
CA GLN M 63 -31.54 -15.72 -11.49
C GLN M 63 -30.56 -15.05 -10.55
N GLN M 64 -29.29 -15.08 -10.91
CA GLN M 64 -28.24 -14.54 -10.06
C GLN M 64 -28.20 -13.02 -10.09
N GLU M 65 -28.77 -12.39 -11.12
CA GLU M 65 -28.73 -10.94 -11.21
C GLU M 65 -29.60 -10.27 -10.16
N LEU M 66 -30.50 -11.01 -9.53
CA LEU M 66 -31.33 -10.40 -8.50
C LEU M 66 -30.52 -9.95 -7.31
N ILE M 67 -29.38 -10.62 -7.05
CA ILE M 67 -28.61 -10.33 -5.86
C ILE M 67 -27.25 -9.71 -6.15
N GLN M 68 -26.97 -9.38 -7.40
CA GLN M 68 -25.84 -8.51 -7.67
C GLN M 68 -26.18 -7.09 -7.23
N PRO M 69 -25.18 -6.30 -6.84
CA PRO M 69 -25.46 -4.91 -6.49
C PRO M 69 -26.03 -4.18 -7.69
N GLY M 70 -27.16 -3.53 -7.48
CA GLY M 70 -27.95 -2.98 -8.55
C GLY M 70 -29.12 -3.85 -8.97
N GLY M 71 -29.08 -5.14 -8.68
CA GLY M 71 -30.24 -5.98 -8.87
C GLY M 71 -31.34 -5.60 -7.90
N ASN M 72 -32.53 -6.12 -8.15
CA ASN M 72 -33.69 -5.71 -7.37
C ASN M 72 -33.97 -6.67 -6.22
N ALA M 73 -32.92 -7.26 -5.67
CA ALA M 73 -33.01 -7.93 -4.36
C ALA M 73 -31.72 -7.76 -3.58
N TYR M 74 -30.94 -6.70 -3.85
CA TYR M 74 -29.55 -6.67 -3.42
C TYR M 74 -29.40 -6.45 -1.92
N PRO M 75 -29.80 -5.32 -1.34
CA PRO M 75 -29.55 -5.12 0.09
C PRO M 75 -30.40 -6.07 0.91
N HIS M 76 -30.28 -5.96 2.23
CA HIS M 76 -31.13 -6.76 3.08
C HIS M 76 -32.58 -6.28 3.06
N ARG M 77 -32.79 -4.98 2.83
CA ARG M 77 -34.16 -4.48 2.87
C ARG M 77 -35.02 -5.14 1.80
N ARG M 78 -34.53 -5.13 0.56
CA ARG M 78 -35.38 -5.69 -0.48
C ARG M 78 -35.26 -7.21 -0.58
N MET M 79 -34.25 -7.81 0.03
CA MET M 79 -34.28 -9.25 0.22
C MET M 79 -35.34 -9.68 1.23
N ALA M 80 -35.43 -8.96 2.34
CA ALA M 80 -36.53 -9.19 3.27
C ALA M 80 -37.86 -8.95 2.60
N ALA M 81 -37.91 -7.99 1.68
CA ALA M 81 -39.13 -7.77 0.91
C ALA M 81 -39.46 -8.96 0.00
N CYS M 82 -38.45 -9.54 -0.64
CA CYS M 82 -38.66 -10.79 -1.39
C CYS M 82 -39.28 -11.85 -0.51
N LEU M 83 -38.66 -12.11 0.62
CA LEU M 83 -39.12 -13.20 1.48
C LEU M 83 -40.52 -12.90 2.00
N ARG M 84 -40.80 -11.63 2.26
CA ARG M 84 -42.11 -11.25 2.76
C ARG M 84 -43.18 -11.45 1.70
N ASP M 85 -42.90 -11.02 0.47
CA ASP M 85 -43.85 -11.23 -0.63
C ASP M 85 -44.13 -12.71 -0.83
N MET M 86 -43.08 -13.54 -0.83
CA MET M 86 -43.30 -14.96 -1.02
C MET M 86 -44.13 -15.56 0.11
N GLU M 87 -43.85 -15.19 1.35
CA GLU M 87 -44.63 -15.70 2.46
C GLU M 87 -46.08 -15.27 2.35
N ILE M 88 -46.32 -14.02 1.97
CA ILE M 88 -47.69 -13.53 1.81
C ILE M 88 -48.42 -14.29 0.71
N ILE M 89 -47.76 -14.54 -0.41
CA ILE M 89 -48.43 -15.23 -1.50
C ILE M 89 -48.78 -16.65 -1.10
N LEU M 90 -47.88 -17.35 -0.39
CA LEU M 90 -48.23 -18.68 0.09
C LEU M 90 -49.38 -18.61 1.08
N ARG M 91 -49.40 -17.57 1.90
CA ARG M 91 -50.47 -17.39 2.86
C ARG M 91 -51.80 -17.28 2.15
N TYR M 92 -51.86 -16.47 1.11
CA TYR M 92 -53.12 -16.27 0.40
C TYR M 92 -53.50 -17.50 -0.41
N VAL M 93 -52.53 -18.23 -0.94
CA VAL M 93 -52.83 -19.47 -1.62
C VAL M 93 -53.44 -20.48 -0.64
N SER M 94 -52.90 -20.57 0.58
CA SER M 94 -53.47 -21.48 1.56
C SER M 94 -54.85 -21.00 2.00
N TYR M 95 -55.05 -19.69 2.07
CA TYR M 95 -56.37 -19.14 2.38
C TYR M 95 -57.38 -19.58 1.33
N ALA M 96 -57.05 -19.40 0.06
CA ALA M 96 -57.96 -19.78 -1.01
C ALA M 96 -58.14 -21.28 -1.09
N LEU M 97 -57.13 -22.04 -0.68
CA LEU M 97 -57.27 -23.50 -0.65
C LEU M 97 -58.23 -23.94 0.43
N LEU M 98 -58.21 -23.26 1.58
CA LEU M 98 -59.21 -23.55 2.61
C LEU M 98 -60.59 -23.16 2.12
N ALA M 99 -60.73 -21.95 1.61
CA ALA M 99 -62.03 -21.48 1.16
C ALA M 99 -62.58 -22.28 -0.02
N GLY M 100 -61.72 -22.75 -0.91
CA GLY M 100 -62.17 -23.41 -2.11
C GLY M 100 -62.46 -22.48 -3.25
N ASP M 101 -62.28 -21.18 -3.06
CA ASP M 101 -62.60 -20.16 -4.06
C ASP M 101 -61.44 -19.19 -4.16
N ALA M 102 -61.07 -18.84 -5.38
CA ALA M 102 -59.95 -17.94 -5.62
C ALA M 102 -60.33 -16.47 -5.44
N SER M 103 -61.43 -16.19 -4.76
CA SER M 103 -61.86 -14.80 -4.61
C SER M 103 -60.94 -14.01 -3.69
N VAL M 104 -60.31 -14.68 -2.72
CA VAL M 104 -59.45 -13.95 -1.79
C VAL M 104 -58.22 -13.43 -2.51
N LEU M 105 -57.70 -14.18 -3.49
CA LEU M 105 -56.53 -13.74 -4.22
C LEU M 105 -56.81 -12.44 -4.96
N ASP M 106 -57.88 -12.42 -5.75
CA ASP M 106 -58.24 -11.20 -6.49
C ASP M 106 -58.62 -10.07 -5.55
N ASP M 107 -59.39 -10.38 -4.51
CA ASP M 107 -59.82 -9.36 -3.57
C ASP M 107 -58.65 -8.67 -2.90
N ARG M 108 -57.72 -9.45 -2.35
CA ARG M 108 -56.67 -8.92 -1.50
C ARG M 108 -55.28 -9.10 -2.08
N CYS M 109 -54.88 -10.34 -2.39
CA CYS M 109 -53.48 -10.60 -2.69
C CYS M 109 -53.05 -9.91 -3.97
N LEU M 110 -53.87 -10.00 -5.01
CA LEU M 110 -53.49 -9.52 -6.34
C LEU M 110 -54.25 -8.27 -6.72
N ASN M 111 -54.70 -7.49 -5.74
CA ASN M 111 -55.57 -6.36 -6.04
C ASN M 111 -54.81 -5.27 -6.81
N GLY M 112 -53.58 -4.99 -6.42
CA GLY M 112 -52.81 -3.97 -7.10
C GLY M 112 -51.37 -4.34 -7.32
N LEU M 113 -51.09 -5.64 -7.26
CA LEU M 113 -49.70 -6.10 -7.24
C LEU M 113 -48.96 -5.72 -8.52
N ARG M 114 -49.60 -5.87 -9.67
CA ARG M 114 -48.96 -5.48 -10.92
C ARG M 114 -48.55 -4.01 -10.87
N GLU M 115 -49.43 -3.16 -10.36
CA GLU M 115 -49.11 -1.74 -10.29
C GLU M 115 -47.95 -1.48 -9.34
N THR M 116 -47.94 -2.16 -8.19
CA THR M 116 -46.84 -2.00 -7.24
C THR M 116 -45.51 -2.39 -7.88
N TYR M 117 -45.49 -3.52 -8.59
CA TYR M 117 -44.23 -3.98 -9.14
C TYR M 117 -43.79 -3.17 -10.35
N ASN M 118 -44.72 -2.68 -11.16
CA ASN M 118 -44.31 -1.78 -12.24
C ASN M 118 -43.81 -0.45 -11.69
N ALA M 119 -44.43 0.07 -10.63
CA ALA M 119 -43.94 1.30 -10.02
C ALA M 119 -42.57 1.10 -9.42
N LEU M 120 -42.32 -0.03 -8.78
CA LEU M 120 -41.06 -0.28 -8.09
C LEU M 120 -39.95 -0.71 -9.03
N GLY M 121 -40.25 -1.01 -10.27
CA GLY M 121 -39.25 -1.57 -11.15
C GLY M 121 -38.94 -3.03 -10.90
N THR M 122 -39.71 -3.68 -10.02
CA THR M 122 -39.51 -5.09 -9.75
C THR M 122 -39.78 -5.91 -11.00
N PRO M 123 -38.92 -6.86 -11.35
CA PRO M 123 -39.19 -7.67 -12.54
C PRO M 123 -40.29 -8.67 -12.26
N THR M 124 -41.48 -8.43 -12.82
CA THR M 124 -42.61 -9.31 -12.58
C THR M 124 -42.35 -10.71 -13.13
N GLN M 125 -41.52 -10.82 -14.16
CA GLN M 125 -41.09 -12.14 -14.61
C GLN M 125 -40.45 -12.93 -13.48
N SER M 126 -39.56 -12.30 -12.73
CA SER M 126 -38.88 -12.98 -11.65
C SER M 126 -39.85 -13.33 -10.52
N VAL M 127 -40.83 -12.46 -10.26
CA VAL M 127 -41.79 -12.75 -9.20
C VAL M 127 -42.65 -13.95 -9.60
N ALA M 128 -43.09 -14.00 -10.85
CA ALA M 128 -43.84 -15.16 -11.31
C ALA M 128 -42.98 -16.42 -11.26
N ARG M 129 -41.69 -16.30 -11.57
CA ARG M 129 -40.82 -17.46 -11.46
C ARG M 129 -40.69 -17.91 -10.01
N ALA M 130 -40.65 -16.96 -9.08
CA ALA M 130 -40.65 -17.31 -7.66
C ALA M 130 -41.91 -18.07 -7.29
N VAL M 131 -43.07 -17.61 -7.78
CA VAL M 131 -44.32 -18.27 -7.45
C VAL M 131 -44.36 -19.68 -8.01
N GLN M 132 -43.82 -19.86 -9.23
CA GLN M 132 -43.81 -21.20 -9.82
C GLN M 132 -42.88 -22.13 -9.05
N LEU M 133 -41.71 -21.63 -8.66
CA LEU M 133 -40.82 -22.43 -7.81
C LEU M 133 -41.49 -22.76 -6.49
N MET M 134 -42.29 -21.84 -5.97
CA MET M 134 -43.02 -22.07 -4.75
C MET M 134 -44.05 -23.18 -4.93
N LYS M 135 -44.72 -23.19 -6.09
CA LYS M 135 -45.67 -24.26 -6.39
C LYS M 135 -44.97 -25.60 -6.42
N ASP M 136 -43.82 -25.67 -7.09
CA ASP M 136 -43.08 -26.92 -7.16
C ASP M 136 -42.66 -27.38 -5.78
N ALA M 137 -42.19 -26.47 -4.93
CA ALA M 137 -41.83 -26.83 -3.57
C ALA M 137 -43.03 -27.29 -2.76
N ALA M 138 -44.16 -26.59 -2.89
CA ALA M 138 -45.34 -26.91 -2.08
C ALA M 138 -45.91 -28.27 -2.42
N MET M 139 -45.97 -28.62 -3.70
CA MET M 139 -46.55 -29.91 -4.06
C MET M 139 -45.83 -31.07 -3.40
N VAL M 140 -44.52 -30.91 -3.14
CA VAL M 140 -43.78 -31.97 -2.48
C VAL M 140 -44.34 -32.23 -1.09
N HIS M 141 -44.65 -31.15 -0.36
CA HIS M 141 -45.22 -31.31 0.98
C HIS M 141 -46.69 -31.70 0.92
N LEU M 142 -47.40 -31.29 -0.13
CA LEU M 142 -48.80 -31.66 -0.26
C LEU M 142 -48.96 -33.15 -0.51
N LYS M 143 -48.17 -33.70 -1.43
CA LYS M 143 -48.26 -35.11 -1.80
C LYS M 143 -47.61 -36.03 -0.77
N SER M 144 -47.34 -35.57 0.44
CA SER M 144 -46.65 -36.38 1.43
C SER M 144 -47.64 -37.27 2.15
N THR M 145 -47.73 -38.53 1.75
CA THR M 145 -48.62 -39.50 2.37
C THR M 145 -48.28 -39.76 3.83
N ALA M 146 -47.13 -39.29 4.30
CA ALA M 146 -46.76 -39.47 5.69
C ALA M 146 -47.70 -38.68 6.60
N ASN M 147 -48.16 -39.34 7.66
CA ASN M 147 -48.92 -38.78 8.77
C ASN M 147 -50.37 -38.48 8.43
N VAL M 148 -50.84 -38.85 7.24
CA VAL M 148 -52.24 -38.69 6.87
C VAL M 148 -52.73 -39.98 6.22
N THR M 149 -53.93 -40.40 6.61
CA THR M 149 -54.47 -41.65 6.11
C THR M 149 -54.66 -41.58 4.60
N VAL M 150 -54.02 -42.51 3.90
CA VAL M 150 -53.85 -42.42 2.45
C VAL M 150 -55.20 -42.35 1.76
N GLY M 151 -55.20 -41.76 0.57
CA GLY M 151 -56.40 -41.63 -0.24
C GLY M 151 -56.10 -40.88 -1.52
N ASP M 152 -57.11 -40.64 -2.34
CA ASP M 152 -56.92 -39.86 -3.55
C ASP M 152 -57.32 -38.42 -3.30
N CYS M 153 -56.43 -37.49 -3.65
CA CYS M 153 -56.67 -36.07 -3.42
C CYS M 153 -56.18 -35.22 -4.58
N SER M 154 -56.01 -35.84 -5.75
CA SER M 154 -55.46 -35.14 -6.91
C SER M 154 -56.23 -33.88 -7.24
N SER M 155 -57.54 -33.86 -6.92
CA SER M 155 -58.31 -32.64 -7.10
C SER M 155 -57.71 -31.49 -6.31
N LEU M 156 -57.25 -31.75 -5.09
CA LEU M 156 -56.68 -30.69 -4.28
C LEU M 156 -55.36 -30.21 -4.83
N TYR M 157 -54.53 -31.11 -5.36
CA TYR M 157 -53.30 -30.69 -6.00
C TYR M 157 -53.59 -29.81 -7.20
N SER M 158 -54.58 -30.20 -8.01
CA SER M 158 -54.96 -29.37 -9.16
C SER M 158 -55.44 -28.00 -8.71
N GLU M 159 -56.25 -27.94 -7.65
CA GLU M 159 -56.74 -26.67 -7.15
C GLU M 159 -55.61 -25.77 -6.67
N ALA M 160 -54.67 -26.34 -5.90
CA ALA M 160 -53.54 -25.55 -5.43
C ALA M 160 -52.67 -25.08 -6.60
N ALA M 161 -52.46 -25.96 -7.58
CA ALA M 161 -51.70 -25.58 -8.74
C ALA M 161 -52.35 -24.42 -9.46
N THR M 162 -53.66 -24.47 -9.66
CA THR M 162 -54.31 -23.41 -10.41
C THR M 162 -54.34 -22.11 -9.62
N TYR M 163 -54.32 -22.19 -8.28
CA TYR M 163 -54.16 -20.97 -7.49
C TYR M 163 -52.79 -20.35 -7.71
N PHE M 164 -51.74 -21.18 -7.69
CA PHE M 164 -50.40 -20.64 -7.94
C PHE M 164 -50.30 -20.05 -9.33
N ASP M 165 -50.86 -20.73 -10.34
CA ASP M 165 -50.83 -20.16 -11.69
C ASP M 165 -51.64 -18.87 -11.78
N LYS M 166 -52.76 -18.79 -11.07
CA LYS M 166 -53.53 -17.55 -11.05
C LYS M 166 -52.68 -16.39 -10.55
N ALA M 167 -52.02 -16.59 -9.41
CA ALA M 167 -51.18 -15.53 -8.87
C ALA M 167 -50.03 -15.19 -9.81
N ALA M 168 -49.39 -16.21 -10.38
CA ALA M 168 -48.24 -15.98 -11.26
C ALA M 168 -48.65 -15.22 -12.52
N ALA M 169 -49.81 -15.55 -13.07
CA ALA M 169 -50.27 -14.85 -14.26
C ALA M 169 -50.73 -13.44 -13.95
N SER M 170 -51.31 -13.22 -12.77
CA SER M 170 -51.67 -11.87 -12.38
C SER M 170 -50.43 -10.99 -12.24
N ILE M 171 -49.37 -11.51 -11.62
CA ILE M 171 -48.17 -10.70 -11.46
C ILE M 171 -47.47 -10.48 -12.81
N ALA M 172 -47.12 -11.56 -13.49
CA ALA M 172 -46.31 -11.48 -14.70
C ALA M 172 -46.99 -10.67 -15.79
N ALA N 10 -40.95 18.62 22.48
CA ALA N 10 -40.65 18.40 23.89
C ALA N 10 -39.15 18.46 24.15
N ILE N 11 -38.43 19.16 23.27
CA ILE N 11 -36.99 19.27 23.42
C ILE N 11 -36.63 20.23 24.56
N THR N 12 -37.26 21.40 24.61
CA THR N 12 -36.97 22.39 25.62
C THR N 12 -37.53 21.94 26.98
N THR N 13 -37.10 22.65 28.03
CA THR N 13 -37.55 22.32 29.39
C THR N 13 -39.06 22.50 29.54
N GLN N 14 -39.61 23.54 28.92
CA GLN N 14 -41.04 23.83 29.08
C GLN N 14 -41.90 22.71 28.51
N GLY N 15 -41.37 21.93 27.55
CA GLY N 15 -42.13 20.82 27.01
C GLY N 15 -42.38 19.73 28.03
N LYS N 16 -41.38 19.40 28.84
CA LYS N 16 -41.52 18.41 29.89
C LYS N 16 -42.19 19.05 31.11
N ARG N 17 -42.15 18.37 32.25
CA ARG N 17 -42.99 18.66 33.41
C ARG N 17 -44.47 18.44 33.06
N ILE N 18 -44.76 17.19 32.69
CA ILE N 18 -46.11 16.84 32.25
C ILE N 18 -47.02 16.61 33.46
N TYR N 19 -48.32 16.57 33.19
CA TYR N 19 -49.32 16.48 34.24
C TYR N 19 -50.26 15.32 33.98
N LYS N 20 -50.77 14.72 35.07
CA LYS N 20 -51.71 13.63 35.02
C LYS N 20 -53.06 14.10 35.55
N ILE N 21 -54.12 13.80 34.82
CA ILE N 21 -55.46 14.28 35.13
C ILE N 21 -56.36 13.08 35.43
N THR N 22 -57.01 13.11 36.59
CA THR N 22 -58.02 12.12 36.96
C THR N 22 -59.38 12.68 36.58
N VAL N 23 -60.06 11.99 35.66
CA VAL N 23 -61.28 12.48 35.05
C VAL N 23 -62.44 11.57 35.45
N SER N 24 -63.53 12.17 35.90
CA SER N 24 -64.76 11.45 36.20
C SER N 24 -65.76 11.65 35.07
N GLU N 25 -66.67 10.70 34.93
CA GLU N 25 -67.62 10.68 33.81
C GLU N 25 -69.05 10.94 34.29
N ALA N 26 -69.24 11.95 35.15
CA ALA N 26 -70.57 12.42 35.49
C ALA N 26 -71.41 12.60 34.24
N GLY N 27 -72.70 12.31 34.32
CA GLY N 27 -73.58 12.13 33.17
C GLY N 27 -73.63 13.30 32.21
N ALA N 28 -72.94 14.40 32.49
CA ALA N 28 -73.06 15.60 31.66
C ALA N 28 -72.47 15.42 30.26
N TYR N 29 -71.67 14.38 30.04
CA TYR N 29 -71.16 14.11 28.69
C TYR N 29 -71.92 12.97 28.02
N ALA N 30 -72.30 11.96 28.80
CA ALA N 30 -73.14 10.89 28.27
C ALA N 30 -74.50 11.41 27.84
N THR N 31 -74.98 12.50 28.46
CA THR N 31 -76.26 13.06 28.03
C THR N 31 -76.18 13.62 26.61
N ASN N 32 -75.06 14.23 26.24
CA ASN N 32 -74.89 14.67 24.86
C ASN N 32 -74.59 13.50 23.93
N LYS N 33 -73.78 12.53 24.39
CA LYS N 33 -73.44 11.42 23.51
C LYS N 33 -74.63 10.49 23.25
N HIS N 34 -75.64 10.50 24.13
CA HIS N 34 -76.90 9.85 23.81
C HIS N 34 -77.45 10.37 22.48
N ARG N 35 -77.27 11.68 22.23
CA ARG N 35 -77.73 12.27 20.98
C ARG N 35 -76.71 12.10 19.87
N THR N 36 -75.42 12.22 20.17
CA THR N 36 -74.40 12.09 19.12
C THR N 36 -74.31 10.65 18.63
N GLY N 37 -74.32 9.68 19.53
CA GLY N 37 -74.31 8.29 19.14
C GLY N 37 -73.03 7.58 19.59
N TYR N 38 -73.19 6.29 19.90
CA TYR N 38 -72.08 5.45 20.36
C TYR N 38 -71.49 4.66 19.20
N ARG N 39 -70.93 5.37 18.21
CA ARG N 39 -70.36 4.70 17.05
C ARG N 39 -68.94 4.18 17.29
N ALA N 40 -68.54 4.08 18.56
CA ALA N 40 -67.34 3.38 18.98
C ALA N 40 -67.67 2.57 20.23
N PRO N 41 -66.95 1.48 20.49
CA PRO N 41 -67.23 0.69 21.70
C PRO N 41 -67.05 1.53 22.96
N ILE N 42 -67.91 1.24 23.94
CA ILE N 42 -67.99 2.09 25.12
C ILE N 42 -67.02 1.60 26.19
N ARG N 43 -66.71 2.49 27.13
CA ARG N 43 -65.81 2.20 28.23
C ARG N 43 -66.46 2.64 29.54
N GLN N 44 -65.80 2.32 30.65
CA GLN N 44 -66.33 2.66 31.96
C GLN N 44 -66.26 4.16 32.21
N SER N 45 -66.71 4.56 33.40
CA SER N 45 -66.84 5.98 33.71
C SER N 45 -65.48 6.61 34.01
N ASN N 46 -64.81 6.16 35.06
CA ASN N 46 -63.61 6.82 35.53
C ASN N 46 -62.40 6.34 34.73
N TYR N 47 -61.61 7.29 34.23
CA TYR N 47 -60.36 6.98 33.55
C TYR N 47 -59.41 8.14 33.75
N THR N 48 -58.12 7.85 33.65
CA THR N 48 -57.06 8.82 33.89
C THR N 48 -56.22 8.99 32.65
N LEU N 49 -55.98 10.24 32.25
CA LEU N 49 -55.13 10.58 31.13
C LEU N 49 -53.93 11.37 31.61
N THR N 50 -52.80 11.16 30.95
CA THR N 50 -51.57 11.89 31.22
C THR N 50 -51.22 12.73 30.01
N VAL N 51 -51.11 14.04 30.20
CA VAL N 51 -50.91 14.98 29.10
C VAL N 51 -49.65 15.80 29.33
N PRO N 52 -48.84 16.03 28.31
CA PRO N 52 -47.70 16.94 28.44
C PRO N 52 -48.15 18.39 28.52
N TYR N 53 -47.26 19.22 29.07
CA TYR N 53 -47.57 20.64 29.26
C TYR N 53 -47.82 21.34 27.93
N ASP N 54 -47.12 20.93 26.87
CA ASP N 54 -47.20 21.66 25.61
C ASP N 54 -48.61 21.63 25.03
N ARG N 55 -49.46 20.71 25.50
CA ARG N 55 -50.84 20.65 25.07
C ARG N 55 -51.79 20.35 26.23
N PHE N 56 -51.39 20.66 27.47
CA PHE N 56 -52.31 20.52 28.61
C PHE N 56 -53.59 21.32 28.37
N LEU N 57 -53.45 22.60 28.04
CA LEU N 57 -54.62 23.46 27.89
C LEU N 57 -55.57 22.97 26.80
N PRO N 58 -55.12 22.75 25.55
CA PRO N 58 -56.06 22.24 24.55
C PRO N 58 -56.63 20.89 24.89
N GLU N 59 -55.86 20.04 25.60
CA GLU N 59 -56.39 18.76 26.04
C GLU N 59 -57.60 18.94 26.95
N MET N 60 -57.43 19.64 28.06
CA MET N 60 -58.57 19.77 28.99
C MET N 60 -59.66 20.63 28.38
N ILE N 61 -59.31 21.53 27.45
CA ILE N 61 -60.31 22.31 26.73
C ILE N 61 -61.19 21.39 25.89
N ARG N 62 -60.58 20.43 25.19
CA ARG N 62 -61.36 19.46 24.44
C ARG N 62 -62.22 18.62 25.36
N LEU N 63 -61.67 18.21 26.51
CA LEU N 63 -62.47 17.45 27.46
C LEU N 63 -63.70 18.23 27.92
N HIS N 64 -63.54 19.52 28.19
CA HIS N 64 -64.67 20.30 28.68
C HIS N 64 -65.65 20.65 27.55
N GLN N 65 -65.16 20.87 26.34
CA GLN N 65 -66.04 20.96 25.17
C GLN N 65 -66.90 19.71 25.06
N SER N 66 -66.29 18.54 25.24
CA SER N 66 -67.05 17.31 25.34
C SER N 66 -67.98 17.35 26.55
N GLY N 67 -67.47 17.83 27.68
CA GLY N 67 -68.24 17.90 28.91
C GLY N 67 -67.68 17.08 30.06
N ALA N 68 -66.37 16.85 30.10
CA ALA N 68 -65.78 16.00 31.12
C ALA N 68 -65.71 16.72 32.47
N LYS N 69 -65.82 15.93 33.54
CA LYS N 69 -65.68 16.42 34.90
C LYS N 69 -64.42 15.83 35.51
N ILE N 70 -63.52 16.68 35.94
CA ILE N 70 -62.24 16.24 36.47
C ILE N 70 -62.24 16.33 37.99
N VAL N 71 -61.87 15.24 38.65
CA VAL N 71 -61.84 15.21 40.11
C VAL N 71 -60.56 15.85 40.61
N ASN N 72 -59.41 15.45 40.07
CA ASN N 72 -58.14 15.97 40.52
C ASN N 72 -57.16 15.98 39.35
N VAL N 73 -56.17 16.86 39.44
CA VAL N 73 -55.09 16.94 38.48
C VAL N 73 -53.77 16.88 39.26
N THR N 74 -52.85 16.03 38.80
CA THR N 74 -51.59 15.81 39.48
C THR N 74 -50.43 16.12 38.55
N SER N 75 -49.32 16.57 39.13
CA SER N 75 -48.11 16.88 38.37
C SER N 75 -47.24 15.63 38.33
N VAL N 76 -46.98 15.12 37.13
CA VAL N 76 -46.21 13.89 36.97
C VAL N 76 -44.77 14.12 37.39
N ILE N 77 -44.18 15.22 36.93
CA ILE N 77 -42.78 15.54 37.23
C ILE N 77 -42.79 16.58 38.36
N SER N 78 -42.23 16.21 39.50
CA SER N 78 -42.14 17.07 40.68
C SER N 78 -43.51 17.59 41.10
N SER O 2 -7.68 2.87 -58.90
CA SER O 2 -7.55 1.45 -59.16
C SER O 2 -6.89 0.72 -58.01
N ARG O 3 -7.70 0.04 -57.20
CA ARG O 3 -7.16 -0.77 -56.09
C ARG O 3 -8.09 -1.96 -55.92
N THR O 4 -7.74 -3.07 -56.56
CA THR O 4 -8.43 -4.33 -56.39
C THR O 4 -7.47 -5.32 -55.75
N VAL O 5 -7.96 -6.54 -55.49
CA VAL O 5 -7.12 -7.56 -54.87
C VAL O 5 -5.89 -7.81 -55.74
N ILE O 6 -6.10 -8.02 -57.03
CA ILE O 6 -4.98 -8.25 -57.95
C ILE O 6 -4.13 -6.99 -58.06
N THR O 7 -4.76 -5.82 -58.05
CA THR O 7 -4.00 -4.57 -58.12
C THR O 7 -3.12 -4.39 -56.89
N GLU O 8 -3.66 -4.66 -55.70
CA GLU O 8 -2.85 -4.60 -54.49
C GLU O 8 -1.72 -5.63 -54.54
N VAL O 9 -2.00 -6.83 -55.03
CA VAL O 9 -0.96 -7.85 -55.17
C VAL O 9 0.18 -7.33 -56.02
N ILE O 10 -0.13 -6.81 -57.20
CA ILE O 10 0.94 -6.36 -58.09
C ILE O 10 1.67 -5.15 -57.51
N ALA O 11 0.92 -4.25 -56.86
CA ALA O 11 1.54 -3.07 -56.27
C ALA O 11 2.54 -3.44 -55.19
N THR O 12 2.14 -4.31 -54.27
CA THR O 12 3.07 -4.76 -53.24
C THR O 12 4.23 -5.56 -53.82
N ALA O 13 3.96 -6.48 -54.75
CA ALA O 13 5.03 -7.26 -55.36
C ALA O 13 6.00 -6.40 -56.15
N ASP O 14 5.60 -5.22 -56.61
CA ASP O 14 6.54 -4.32 -57.26
C ASP O 14 7.14 -3.32 -56.29
N SER O 15 6.56 -3.16 -55.10
CA SER O 15 7.21 -2.38 -54.07
C SER O 15 8.51 -3.05 -53.63
N GLN O 16 8.49 -4.36 -53.46
CA GLN O 16 9.69 -5.15 -53.25
C GLN O 16 10.24 -5.63 -54.59
N GLY O 17 11.41 -6.25 -54.55
CA GLY O 17 12.07 -6.71 -55.76
C GLY O 17 11.71 -8.12 -56.18
N ARG O 18 10.94 -8.84 -55.36
CA ARG O 18 10.73 -10.26 -55.62
C ARG O 18 9.44 -10.51 -56.39
N PHE O 19 9.35 -11.69 -56.99
CA PHE O 19 8.18 -12.09 -57.75
C PHE O 19 7.01 -12.38 -56.80
N LEU O 20 5.92 -12.87 -57.36
CA LEU O 20 4.74 -13.15 -56.56
C LEU O 20 4.93 -14.46 -55.79
N ASN O 21 4.83 -14.37 -54.48
CA ASN O 21 5.02 -15.52 -53.61
C ASN O 21 3.74 -16.34 -53.58
N SER O 22 3.66 -17.26 -52.62
CA SER O 22 2.44 -18.04 -52.44
C SER O 22 1.24 -17.13 -52.21
N THR O 23 1.25 -16.39 -51.09
CA THR O 23 0.04 -15.70 -50.62
C THR O 23 -0.52 -14.74 -51.67
N GLU O 24 0.32 -14.18 -52.52
CA GLU O 24 -0.17 -13.26 -53.55
C GLU O 24 -0.97 -14.00 -54.62
N LEU O 25 -0.43 -15.11 -55.13
CA LEU O 25 -1.21 -15.95 -56.02
C LEU O 25 -2.45 -16.49 -55.34
N GLN O 26 -2.37 -16.77 -54.03
CA GLN O 26 -3.53 -17.22 -53.29
C GLN O 26 -4.63 -16.16 -53.27
N ALA O 27 -4.24 -14.91 -53.06
CA ALA O 27 -5.21 -13.81 -53.05
C ALA O 27 -5.84 -13.64 -54.42
N ALA O 28 -5.04 -13.75 -55.48
CA ALA O 28 -5.60 -13.67 -56.83
C ALA O 28 -6.57 -14.83 -57.07
N PHE O 29 -6.25 -16.01 -56.55
CA PHE O 29 -7.15 -17.15 -56.65
C PHE O 29 -8.46 -16.90 -55.93
N GLY O 30 -8.38 -16.34 -54.73
CA GLY O 30 -9.60 -16.04 -53.99
C GLY O 30 -10.47 -15.03 -54.72
N ARG O 31 -9.84 -13.98 -55.27
CA ARG O 31 -10.56 -13.03 -56.11
C ARG O 31 -11.27 -13.73 -57.26
N PHE O 32 -10.52 -14.53 -58.02
CA PHE O 32 -11.07 -15.14 -59.23
C PHE O 32 -12.18 -16.12 -58.90
N GLU O 33 -12.03 -16.88 -57.83
CA GLU O 33 -13.07 -17.82 -57.43
C GLU O 33 -14.33 -17.08 -56.97
N ARG O 34 -14.19 -16.05 -56.13
CA ARG O 34 -15.38 -15.39 -55.62
C ARG O 34 -16.01 -14.42 -56.62
N ALA O 35 -15.37 -14.23 -57.77
CA ALA O 35 -15.95 -13.35 -58.77
C ALA O 35 -17.39 -13.72 -59.11
N VAL O 36 -17.70 -15.02 -59.21
CA VAL O 36 -18.98 -15.48 -59.75
C VAL O 36 -20.17 -15.03 -58.93
N PRO O 37 -20.23 -15.27 -57.61
CA PRO O 37 -21.35 -14.72 -56.84
C PRO O 37 -21.43 -13.22 -56.97
N ALA O 38 -20.27 -12.56 -56.93
CA ALA O 38 -20.23 -11.11 -57.03
C ALA O 38 -20.71 -10.63 -58.39
N ILE O 39 -20.31 -11.32 -59.46
CA ILE O 39 -20.65 -10.81 -60.79
C ILE O 39 -22.14 -11.00 -61.05
N GLU O 40 -22.70 -12.13 -60.60
CA GLU O 40 -24.15 -12.32 -60.77
C GLU O 40 -24.93 -11.37 -59.88
N ALA O 41 -24.42 -11.07 -58.68
CA ALA O 41 -25.02 -10.03 -57.85
C ALA O 41 -24.96 -8.68 -58.55
N ALA O 42 -23.90 -8.45 -59.31
CA ALA O 42 -23.84 -7.22 -60.11
C ALA O 42 -24.96 -7.18 -61.13
N ARG O 43 -25.19 -8.29 -61.83
CA ARG O 43 -26.36 -8.35 -62.70
C ARG O 43 -27.64 -8.04 -61.94
N ALA O 44 -27.81 -8.65 -60.77
CA ALA O 44 -29.02 -8.46 -59.98
C ALA O 44 -29.24 -6.99 -59.66
N LEU O 45 -28.22 -6.33 -59.11
CA LEU O 45 -28.37 -4.92 -58.76
C LEU O 45 -28.52 -4.05 -60.00
N THR O 46 -27.96 -4.47 -61.14
CA THR O 46 -28.18 -3.72 -62.37
C THR O 46 -29.65 -3.74 -62.77
N LYS O 47 -30.27 -4.93 -62.76
CA LYS O 47 -31.65 -5.04 -63.20
C LYS O 47 -32.59 -4.25 -62.29
N ASN O 48 -32.33 -4.27 -60.99
CA ASN O 48 -33.19 -3.62 -60.00
C ASN O 48 -32.88 -2.13 -59.86
N GLN O 49 -32.31 -1.52 -60.90
CA GLN O 49 -31.85 -0.13 -60.83
C GLN O 49 -32.96 0.82 -60.40
N ASP O 50 -33.98 0.99 -61.25
CA ASP O 50 -34.91 2.10 -61.08
C ASP O 50 -35.74 1.94 -59.80
N ALA O 51 -36.23 0.74 -59.54
CA ALA O 51 -36.94 0.49 -58.30
C ALA O 51 -36.10 0.94 -57.11
N LEU O 52 -34.84 0.53 -57.07
CA LEU O 52 -33.98 0.85 -55.95
C LEU O 52 -33.75 2.35 -55.83
N VAL O 53 -33.48 3.03 -56.95
CA VAL O 53 -33.11 4.43 -56.87
C VAL O 53 -34.29 5.29 -56.45
N LYS O 54 -35.47 5.10 -57.06
CA LYS O 54 -36.63 5.87 -56.61
C LYS O 54 -37.06 5.49 -55.19
N GLY O 55 -36.91 4.22 -54.83
CA GLY O 55 -37.21 3.84 -53.46
C GLY O 55 -36.30 4.53 -52.47
N ALA O 56 -35.01 4.65 -52.80
CA ALA O 56 -34.08 5.32 -51.92
C ALA O 56 -34.40 6.81 -51.82
N VAL O 57 -34.75 7.43 -52.95
CA VAL O 57 -35.15 8.83 -52.92
C VAL O 57 -36.32 9.02 -51.97
N GLN O 58 -37.40 8.28 -52.18
CA GLN O 58 -38.60 8.49 -51.38
C GLN O 58 -38.37 8.09 -49.94
N ALA O 59 -37.50 7.11 -49.69
CA ALA O 59 -37.13 6.77 -48.33
C ALA O 59 -36.40 7.91 -47.66
N VAL O 60 -35.53 8.60 -48.39
CA VAL O 60 -34.84 9.75 -47.84
C VAL O 60 -35.84 10.80 -47.40
N PHE O 61 -36.77 11.17 -48.29
CA PHE O 61 -37.75 12.18 -47.91
C PHE O 61 -38.69 11.68 -46.82
N LYS O 62 -38.82 10.35 -46.69
CA LYS O 62 -39.52 9.81 -45.52
C LYS O 62 -38.76 10.10 -44.24
N LYS O 63 -37.46 9.80 -44.22
CA LYS O 63 -36.69 9.89 -42.98
C LYS O 63 -36.42 11.34 -42.61
N PHE O 64 -36.34 12.23 -43.60
CA PHE O 64 -36.13 13.65 -43.39
C PHE O 64 -37.30 14.38 -44.03
N PRO O 65 -38.47 14.40 -43.39
CA PRO O 65 -39.61 15.12 -43.99
C PRO O 65 -39.31 16.58 -44.20
N TYR O 66 -38.48 17.17 -43.34
CA TYR O 66 -38.35 18.62 -43.31
C TYR O 66 -37.67 19.16 -44.56
N VAL O 67 -36.98 18.32 -45.32
CA VAL O 67 -36.17 18.82 -46.44
C VAL O 67 -37.05 19.21 -47.63
N THR O 68 -38.27 18.71 -47.69
CA THR O 68 -39.10 18.93 -48.88
C THR O 68 -39.56 20.38 -48.98
N GLN O 69 -39.78 21.03 -47.85
CA GLN O 69 -40.51 22.28 -47.82
C GLN O 69 -39.76 23.40 -48.54
N PRO O 70 -40.46 24.43 -49.01
CA PRO O 70 -39.78 25.52 -49.72
C PRO O 70 -38.78 26.25 -48.84
N GLY O 71 -37.79 26.85 -49.50
CA GLY O 71 -36.77 27.61 -48.82
C GLY O 71 -35.50 26.85 -48.50
N GLU O 72 -35.22 25.76 -49.21
CA GLU O 72 -34.16 24.84 -48.84
C GLU O 72 -33.90 23.85 -49.97
N LYS O 73 -32.96 22.93 -49.70
CA LYS O 73 -32.39 22.10 -50.75
C LYS O 73 -33.38 21.10 -51.34
N GLY O 74 -34.10 20.35 -50.51
CA GLY O 74 -34.99 19.33 -51.04
C GLY O 74 -36.10 19.91 -51.92
N TYR O 75 -36.46 21.17 -51.70
CA TYR O 75 -37.48 21.81 -52.50
C TYR O 75 -36.96 22.06 -53.91
N GLY O 76 -37.78 21.72 -54.90
CA GLY O 76 -37.44 21.93 -56.32
C GLY O 76 -37.25 20.62 -57.04
N ASP O 77 -37.90 20.52 -58.21
CA ASP O 77 -37.84 19.30 -59.00
C ASP O 77 -36.42 18.99 -59.45
N SER O 78 -35.63 20.03 -59.72
CA SER O 78 -34.25 19.83 -60.15
C SER O 78 -33.46 19.08 -59.09
N ASN O 79 -33.62 19.48 -57.83
CA ASN O 79 -32.93 18.78 -56.75
C ASN O 79 -33.45 17.36 -56.59
N GLN O 80 -34.72 17.12 -56.90
CA GLN O 80 -35.22 15.74 -56.89
C GLN O 80 -34.47 14.90 -57.93
N ALA O 81 -34.39 15.39 -59.17
CA ALA O 81 -33.70 14.64 -60.21
C ALA O 81 -32.22 14.49 -59.90
N LYS O 82 -31.65 15.48 -59.23
CA LYS O 82 -30.22 15.41 -58.90
C LYS O 82 -29.95 14.45 -57.75
N CYS O 83 -30.86 14.37 -56.77
CA CYS O 83 -30.81 13.27 -55.82
C CYS O 83 -30.94 11.93 -56.51
N ALA O 84 -31.80 11.86 -57.52
CA ALA O 84 -31.94 10.62 -58.29
C ALA O 84 -30.61 10.22 -58.91
N ARG O 85 -29.94 11.16 -59.57
CA ARG O 85 -28.65 10.82 -60.19
C ARG O 85 -27.60 10.50 -59.13
N ASP O 86 -27.67 11.11 -57.94
CA ASP O 86 -26.73 10.79 -56.87
C ASP O 86 -26.88 9.35 -56.43
N ILE O 87 -28.12 8.93 -56.14
CA ILE O 87 -28.31 7.55 -55.73
C ILE O 87 -27.96 6.61 -56.87
N GLY O 88 -28.24 7.01 -58.12
CA GLY O 88 -27.79 6.21 -59.25
C GLY O 88 -26.29 6.06 -59.28
N TYR O 89 -25.56 7.12 -58.92
CA TYR O 89 -24.11 7.07 -58.87
C TYR O 89 -23.63 6.09 -57.81
N TYR O 90 -24.18 6.18 -56.61
CA TYR O 90 -23.76 5.27 -55.56
C TYR O 90 -24.07 3.82 -55.93
N LEU O 91 -25.24 3.56 -56.51
CA LEU O 91 -25.56 2.19 -56.92
C LEU O 91 -24.65 1.72 -58.04
N ARG O 92 -24.42 2.58 -59.04
CA ARG O 92 -23.38 2.39 -60.03
C ARG O 92 -22.10 1.85 -59.43
N PHE O 93 -21.57 2.59 -58.45
CA PHE O 93 -20.25 2.26 -57.92
C PHE O 93 -20.27 1.04 -57.02
N ILE O 94 -21.39 0.75 -56.34
CA ILE O 94 -21.48 -0.53 -55.65
C ILE O 94 -21.43 -1.67 -56.66
N THR O 95 -22.09 -1.49 -57.80
CA THR O 95 -22.01 -2.48 -58.86
C THR O 95 -20.58 -2.62 -59.37
N TYR O 96 -19.90 -1.48 -59.57
CA TYR O 96 -18.51 -1.49 -60.01
C TYR O 96 -17.63 -2.26 -59.04
N SER O 97 -17.76 -1.96 -57.75
CA SER O 97 -16.97 -2.62 -56.74
C SER O 97 -17.27 -4.12 -56.68
N LEU O 98 -18.54 -4.49 -56.84
CA LEU O 98 -18.89 -5.90 -56.88
C LEU O 98 -18.21 -6.60 -58.05
N VAL O 99 -18.20 -5.96 -59.22
CA VAL O 99 -17.55 -6.55 -60.38
C VAL O 99 -16.06 -6.69 -60.11
N ALA O 100 -15.43 -5.65 -59.56
CA ALA O 100 -14.00 -5.69 -59.27
C ALA O 100 -13.68 -6.45 -58.00
N SER O 101 -14.70 -6.86 -57.23
CA SER O 101 -14.50 -7.60 -55.99
C SER O 101 -13.57 -6.86 -55.03
N GLY O 102 -13.66 -5.54 -55.02
CA GLY O 102 -12.87 -4.72 -54.12
C GLY O 102 -13.42 -3.32 -54.09
N THR O 103 -12.98 -2.55 -53.11
CA THR O 103 -13.48 -1.20 -52.92
C THR O 103 -12.84 -0.19 -53.86
N GLY O 104 -12.22 -0.66 -54.93
CA GLY O 104 -11.47 0.19 -55.82
C GLY O 104 -12.25 1.38 -56.34
N PRO O 105 -13.27 1.12 -57.17
CA PRO O 105 -14.03 2.22 -57.76
C PRO O 105 -14.69 3.12 -56.73
N LEU O 106 -15.14 2.57 -55.60
CA LEU O 106 -15.73 3.39 -54.55
C LEU O 106 -14.75 4.46 -54.08
N ASP O 107 -13.59 4.04 -53.56
CA ASP O 107 -12.60 5.00 -53.09
C ASP O 107 -12.13 5.91 -54.21
N ASP O 108 -11.96 5.35 -55.42
CA ASP O 108 -11.45 6.15 -56.53
C ASP O 108 -12.41 7.29 -56.88
N TYR O 109 -13.71 7.03 -56.83
CA TYR O 109 -14.63 8.02 -57.34
C TYR O 109 -15.34 8.81 -56.23
N VAL O 110 -16.06 8.13 -55.34
CA VAL O 110 -16.95 8.82 -54.41
C VAL O 110 -16.27 9.07 -53.07
N ILE O 111 -15.52 8.10 -52.55
CA ILE O 111 -14.98 8.25 -51.20
C ILE O 111 -13.91 9.32 -51.16
N ALA O 112 -13.06 9.37 -52.17
CA ALA O 112 -12.02 10.40 -52.24
C ALA O 112 -12.66 11.76 -52.47
N GLY O 113 -12.47 12.68 -51.53
CA GLY O 113 -13.02 14.00 -51.67
C GLY O 113 -14.43 14.15 -51.14
N LEU O 114 -14.89 13.17 -50.36
CA LEU O 114 -16.28 13.15 -49.91
C LEU O 114 -16.58 14.30 -48.97
N ARG O 115 -15.86 14.38 -47.85
CA ARG O 115 -16.17 15.37 -46.83
C ARG O 115 -16.01 16.78 -47.37
N GLU O 116 -14.99 17.02 -48.18
CA GLU O 116 -14.78 18.37 -48.72
C GLU O 116 -15.95 18.81 -49.58
N VAL O 117 -16.41 17.95 -50.49
CA VAL O 117 -17.50 18.34 -51.38
C VAL O 117 -18.80 18.48 -50.61
N ASN O 118 -19.06 17.57 -49.67
CA ASN O 118 -20.28 17.67 -48.87
C ASN O 118 -20.29 18.97 -48.07
N ARG O 119 -19.15 19.33 -47.49
CA ARG O 119 -19.06 20.59 -46.76
C ARG O 119 -19.24 21.79 -47.69
N ALA O 120 -18.63 21.73 -48.88
CA ALA O 120 -18.69 22.86 -49.80
C ALA O 120 -20.11 23.09 -50.30
N PHE O 121 -20.82 22.02 -50.65
CA PHE O 121 -22.17 22.14 -51.18
C PHE O 121 -23.23 21.98 -50.10
N ASN O 122 -22.83 21.95 -48.83
CA ASN O 122 -23.75 21.92 -47.70
C ASN O 122 -24.65 20.68 -47.70
N LEU O 123 -24.31 19.68 -48.51
CA LEU O 123 -25.06 18.44 -48.55
C LEU O 123 -24.78 17.66 -47.27
N ASN O 124 -25.84 17.26 -46.58
CA ASN O 124 -25.66 16.44 -45.40
C ASN O 124 -25.17 15.06 -45.80
N PRO O 125 -24.44 14.37 -44.92
CA PRO O 125 -24.12 12.98 -45.21
C PRO O 125 -25.22 12.02 -44.82
N LEU O 126 -26.02 12.33 -43.81
CA LEU O 126 -27.04 11.41 -43.33
C LEU O 126 -28.04 11.05 -44.41
N TRP O 127 -28.30 11.98 -45.34
CA TRP O 127 -29.19 11.68 -46.45
C TRP O 127 -28.71 10.45 -47.20
N TYR O 128 -27.44 10.45 -47.61
CA TYR O 128 -26.91 9.32 -48.34
C TYR O 128 -26.67 8.12 -47.43
N ILE O 129 -26.39 8.37 -46.15
CA ILE O 129 -26.26 7.26 -45.20
C ILE O 129 -27.52 6.42 -45.18
N GLU O 130 -28.67 7.07 -45.03
CA GLU O 130 -29.90 6.29 -44.87
C GLU O 130 -30.54 5.93 -46.22
N ALA O 131 -30.18 6.63 -47.30
CA ALA O 131 -30.49 6.09 -48.62
C ALA O 131 -29.76 4.78 -48.86
N LEU O 132 -28.47 4.74 -48.52
CA LEU O 132 -27.72 3.51 -48.62
C LEU O 132 -28.25 2.46 -47.65
N ASN O 133 -28.77 2.88 -46.50
CA ASN O 133 -29.42 1.93 -45.60
C ASN O 133 -30.69 1.36 -46.22
N TYR O 134 -31.46 2.18 -46.94
CA TYR O 134 -32.60 1.66 -47.67
C TYR O 134 -32.14 0.54 -48.60
N ILE O 135 -31.22 0.87 -49.50
CA ILE O 135 -30.73 -0.11 -50.46
C ILE O 135 -30.12 -1.31 -49.75
N LYS O 136 -29.51 -1.07 -48.59
CA LYS O 136 -29.06 -2.14 -47.70
C LYS O 136 -30.19 -3.06 -47.32
N GLY O 137 -31.37 -2.49 -47.05
CA GLY O 137 -32.52 -3.33 -46.72
C GLY O 137 -32.99 -4.14 -47.90
N GLU O 138 -33.43 -3.48 -48.98
CA GLU O 138 -34.00 -4.23 -50.10
C GLU O 138 -33.00 -5.10 -50.85
N THR O 139 -31.69 -4.86 -50.78
CA THR O 139 -30.79 -5.87 -51.30
C THR O 139 -30.84 -7.13 -50.45
N GLY O 140 -31.38 -7.03 -49.24
CA GLY O 140 -31.61 -8.22 -48.45
C GLY O 140 -32.60 -9.17 -49.08
N LYS O 141 -33.66 -8.63 -49.70
CA LYS O 141 -34.64 -9.48 -50.36
C LYS O 141 -34.22 -9.80 -51.79
N LEU O 142 -33.67 -8.81 -52.51
CA LEU O 142 -33.35 -9.04 -53.91
C LEU O 142 -32.24 -10.06 -54.10
N LEU O 143 -31.46 -10.33 -53.04
CA LEU O 143 -30.39 -11.31 -53.10
C LEU O 143 -30.44 -12.20 -51.86
N SER O 144 -29.81 -13.36 -51.96
CA SER O 144 -29.66 -14.25 -50.82
C SER O 144 -28.43 -15.10 -51.04
N GLY O 145 -27.87 -15.59 -49.93
CA GLY O 145 -26.68 -16.42 -50.02
C GLY O 145 -25.41 -15.61 -49.88
N GLN O 146 -24.39 -16.01 -50.65
CA GLN O 146 -23.12 -15.31 -50.61
C GLN O 146 -23.24 -13.91 -51.22
N SER O 147 -23.78 -13.83 -52.45
CA SER O 147 -23.90 -12.54 -53.12
C SER O 147 -24.61 -11.52 -52.25
N LYS O 148 -25.60 -11.97 -51.49
CA LYS O 148 -26.14 -11.19 -50.40
C LYS O 148 -25.01 -10.60 -49.57
N THR O 149 -24.06 -11.44 -49.15
CA THR O 149 -23.02 -10.99 -48.24
C THR O 149 -22.14 -9.93 -48.87
N GLU O 150 -21.68 -10.16 -50.12
CA GLU O 150 -20.80 -9.13 -50.71
C GLU O 150 -21.54 -7.84 -50.98
N ALA O 151 -22.80 -7.91 -51.41
CA ALA O 151 -23.57 -6.69 -51.59
C ALA O 151 -23.69 -5.94 -50.28
N LEU O 152 -24.00 -6.67 -49.20
CA LEU O 152 -24.15 -6.00 -47.90
C LEU O 152 -22.83 -5.38 -47.46
N LEU O 153 -21.71 -6.07 -47.70
CA LEU O 153 -20.41 -5.55 -47.33
C LEU O 153 -20.10 -4.25 -48.06
N TYR O 154 -20.39 -4.20 -49.36
CA TYR O 154 -20.08 -2.98 -50.10
C TYR O 154 -21.00 -1.83 -49.71
N ILE O 155 -22.30 -2.09 -49.48
CA ILE O 155 -23.15 -1.04 -48.94
C ILE O 155 -22.59 -0.56 -47.61
N ASP O 156 -22.19 -1.48 -46.74
CA ASP O 156 -21.68 -1.10 -45.43
C ASP O 156 -20.42 -0.26 -45.55
N HIS O 157 -19.55 -0.60 -46.49
CA HIS O 157 -18.35 0.20 -46.70
C HIS O 157 -18.72 1.62 -47.12
N ALA O 158 -19.71 1.74 -48.01
CA ALA O 158 -20.16 3.06 -48.41
C ALA O 158 -20.71 3.85 -47.23
N ILE O 159 -21.52 3.20 -46.39
CA ILE O 159 -22.07 3.89 -45.24
C ILE O 159 -20.98 4.33 -44.27
N ASN O 160 -20.02 3.44 -43.99
CA ASN O 160 -18.92 3.80 -43.10
C ASN O 160 -18.13 4.97 -43.64
N ALA O 161 -17.94 5.03 -44.97
CA ALA O 161 -17.32 6.21 -45.55
C ALA O 161 -18.17 7.44 -45.30
N LEU O 162 -19.48 7.34 -45.51
CA LEU O 162 -20.36 8.48 -45.24
C LEU O 162 -20.52 8.74 -43.76
N SER O 163 -20.36 7.71 -42.93
CA SER O 163 -20.59 7.82 -41.50
C SER O 163 -19.76 8.93 -40.86
N MET P 1 6.49 -13.07 -34.40
CA MET P 1 6.12 -12.11 -35.43
C MET P 1 6.08 -12.84 -36.78
N SER P 2 5.65 -14.10 -36.73
CA SER P 2 5.50 -14.89 -37.95
C SER P 2 4.46 -14.24 -38.86
N ARG P 3 4.64 -14.40 -40.16
CA ARG P 3 3.84 -13.67 -41.13
C ARG P 3 2.95 -14.63 -41.92
N THR P 4 1.68 -14.69 -41.54
CA THR P 4 0.69 -15.52 -42.23
C THR P 4 -0.48 -14.63 -42.60
N VAL P 5 -1.31 -15.09 -43.53
CA VAL P 5 -2.23 -14.21 -44.25
C VAL P 5 -2.99 -13.31 -43.27
N ILE P 6 -3.48 -13.90 -42.17
CA ILE P 6 -4.12 -13.09 -41.13
C ILE P 6 -3.14 -12.05 -40.61
N THR P 7 -1.88 -12.41 -40.47
CA THR P 7 -0.91 -11.49 -39.88
C THR P 7 -0.57 -10.36 -40.84
N GLU P 8 -0.40 -10.63 -42.14
CA GLU P 8 -0.16 -9.51 -43.04
C GLU P 8 -1.39 -8.61 -43.15
N VAL P 9 -2.60 -9.18 -43.13
CA VAL P 9 -3.76 -8.32 -43.29
C VAL P 9 -3.96 -7.46 -42.04
N ILE P 10 -3.76 -8.03 -40.85
CA ILE P 10 -3.84 -7.23 -39.65
C ILE P 10 -2.74 -6.17 -39.64
N ALA P 11 -1.54 -6.52 -40.12
CA ALA P 11 -0.45 -5.55 -40.15
C ALA P 11 -0.76 -4.40 -41.10
N THR P 12 -1.26 -4.71 -42.29
CA THR P 12 -1.54 -3.65 -43.25
C THR P 12 -2.71 -2.78 -42.83
N ALA P 13 -3.68 -3.34 -42.12
CA ALA P 13 -4.75 -2.51 -41.59
C ALA P 13 -4.30 -1.68 -40.39
N ASP P 14 -3.38 -2.21 -39.58
CA ASP P 14 -2.86 -1.46 -38.45
C ASP P 14 -2.00 -0.31 -38.93
N SER P 15 -1.21 -0.53 -39.99
CA SER P 15 -0.34 0.51 -40.51
C SER P 15 -1.15 1.70 -41.00
N GLN P 16 -2.27 1.46 -41.65
CA GLN P 16 -3.12 2.53 -42.15
C GLN P 16 -4.13 3.02 -41.13
N GLY P 17 -4.15 2.44 -39.93
CA GLY P 17 -5.07 2.89 -38.91
C GLY P 17 -6.52 2.75 -39.28
N ARG P 18 -6.89 1.63 -39.88
CA ARG P 18 -8.25 1.40 -40.34
C ARG P 18 -8.69 0.00 -39.93
N PHE P 19 -10.00 -0.20 -39.90
CA PHE P 19 -10.55 -1.51 -39.65
C PHE P 19 -10.33 -2.42 -40.85
N LEU P 20 -10.60 -3.70 -40.65
CA LEU P 20 -10.43 -4.67 -41.72
C LEU P 20 -11.56 -4.56 -42.73
N ASN P 21 -11.27 -3.99 -43.90
CA ASN P 21 -12.30 -3.84 -44.93
C ASN P 21 -12.36 -5.10 -45.78
N SER P 22 -13.13 -5.04 -46.87
CA SER P 22 -13.62 -6.26 -47.52
C SER P 22 -12.49 -7.09 -48.13
N THR P 23 -11.42 -6.45 -48.59
CA THR P 23 -10.38 -7.17 -49.32
C THR P 23 -9.63 -8.16 -48.41
N GLU P 24 -9.24 -7.73 -47.23
CA GLU P 24 -8.56 -8.66 -46.34
C GLU P 24 -9.51 -9.68 -45.73
N LEU P 25 -10.81 -9.39 -45.67
CA LEU P 25 -11.77 -10.46 -45.39
C LEU P 25 -11.82 -11.46 -46.54
N GLN P 26 -11.71 -11.00 -47.78
CA GLN P 26 -11.53 -11.89 -48.92
C GLN P 26 -10.36 -12.84 -48.70
N ALA P 27 -9.20 -12.27 -48.41
CA ALA P 27 -8.02 -13.09 -48.18
C ALA P 27 -8.21 -14.03 -47.01
N ALA P 28 -8.76 -13.53 -45.90
CA ALA P 28 -8.94 -14.35 -44.72
C ALA P 28 -9.88 -15.53 -44.98
N PHE P 29 -11.00 -15.27 -45.65
CA PHE P 29 -11.95 -16.35 -45.90
C PHE P 29 -11.37 -17.39 -46.84
N GLY P 30 -10.76 -16.94 -47.95
CA GLY P 30 -10.13 -17.89 -48.85
C GLY P 30 -9.08 -18.71 -48.15
N ARG P 31 -8.33 -18.07 -47.25
CA ARG P 31 -7.24 -18.76 -46.56
C ARG P 31 -7.79 -19.78 -45.58
N PHE P 32 -8.83 -19.40 -44.83
CA PHE P 32 -9.49 -20.36 -43.94
C PHE P 32 -10.01 -21.57 -44.70
N GLU P 33 -10.67 -21.34 -45.84
CA GLU P 33 -11.23 -22.47 -46.56
C GLU P 33 -10.13 -23.31 -47.21
N ARG P 34 -8.96 -22.70 -47.44
CA ARG P 34 -7.80 -23.43 -47.93
C ARG P 34 -7.04 -24.15 -46.83
N ALA P 35 -7.33 -23.84 -45.57
CA ALA P 35 -6.61 -24.46 -44.46
C ALA P 35 -6.68 -25.98 -44.49
N VAL P 36 -7.83 -26.55 -44.90
CA VAL P 36 -8.05 -27.98 -44.74
C VAL P 36 -7.05 -28.82 -45.52
N PRO P 37 -6.84 -28.61 -46.83
CA PRO P 37 -5.79 -29.40 -47.51
C PRO P 37 -4.42 -29.19 -46.90
N ALA P 38 -4.13 -27.98 -46.45
CA ALA P 38 -2.84 -27.70 -45.84
C ALA P 38 -2.62 -28.55 -44.60
N ILE P 39 -3.60 -28.58 -43.70
CA ILE P 39 -3.45 -29.37 -42.48
C ILE P 39 -3.39 -30.85 -42.81
N GLU P 40 -4.14 -31.28 -43.83
CA GLU P 40 -4.07 -32.68 -44.24
C GLU P 40 -2.66 -33.06 -44.68
N ALA P 41 -2.06 -32.23 -45.55
CA ALA P 41 -0.70 -32.49 -46.00
C ALA P 41 0.29 -32.41 -44.84
N ALA P 42 0.09 -31.46 -43.94
CA ALA P 42 0.99 -31.31 -42.80
C ALA P 42 0.99 -32.57 -41.94
N ARG P 43 -0.19 -33.11 -41.63
CA ARG P 43 -0.23 -34.30 -40.81
C ARG P 43 0.31 -35.51 -41.57
N ALA P 44 0.06 -35.56 -42.89
CA ALA P 44 0.62 -36.64 -43.69
C ALA P 44 2.14 -36.66 -43.60
N LEU P 45 2.77 -35.49 -43.75
CA LEU P 45 4.21 -35.41 -43.59
C LEU P 45 4.64 -35.74 -42.17
N THR P 46 3.87 -35.27 -41.19
CA THR P 46 4.21 -35.49 -39.80
C THR P 46 4.31 -36.98 -39.48
N LYS P 47 3.42 -37.80 -40.03
CA LYS P 47 3.56 -39.25 -39.85
C LYS P 47 4.89 -39.76 -40.40
N ASN P 48 5.42 -39.09 -41.42
CA ASN P 48 6.50 -39.62 -42.22
C ASN P 48 7.87 -39.06 -41.84
N GLN P 49 8.10 -38.90 -40.53
CA GLN P 49 9.43 -38.55 -40.03
C GLN P 49 10.51 -39.35 -40.74
N ASP P 50 10.51 -40.66 -40.48
CA ASP P 50 11.68 -41.48 -40.75
C ASP P 50 11.90 -41.68 -42.24
N ALA P 51 10.83 -42.00 -42.98
CA ALA P 51 10.99 -42.28 -44.40
C ALA P 51 11.63 -41.10 -45.11
N LEU P 52 11.13 -39.90 -44.86
CA LEU P 52 11.67 -38.73 -45.55
C LEU P 52 13.07 -38.36 -45.07
N VAL P 53 13.31 -38.34 -43.76
CA VAL P 53 14.66 -37.94 -43.33
C VAL P 53 15.70 -38.93 -43.84
N LYS P 54 15.42 -40.24 -43.70
CA LYS P 54 16.39 -41.25 -44.11
C LYS P 54 16.57 -41.24 -45.63
N GLY P 55 15.48 -41.15 -46.39
CA GLY P 55 15.60 -41.10 -47.82
C GLY P 55 16.36 -39.86 -48.29
N ALA P 56 16.16 -38.74 -47.59
CA ALA P 56 16.87 -37.53 -47.98
C ALA P 56 18.37 -37.65 -47.71
N VAL P 57 18.75 -38.21 -46.56
CA VAL P 57 20.17 -38.34 -46.29
C VAL P 57 20.81 -39.35 -47.24
N GLN P 58 20.11 -40.44 -47.55
CA GLN P 58 20.66 -41.41 -48.51
C GLN P 58 20.76 -40.81 -49.90
N ALA P 59 19.78 -40.01 -50.32
CA ALA P 59 19.85 -39.36 -51.61
C ALA P 59 20.95 -38.32 -51.67
N VAL P 60 21.21 -37.63 -50.55
CA VAL P 60 22.34 -36.71 -50.49
C VAL P 60 23.64 -37.47 -50.67
N PHE P 61 23.81 -38.58 -49.96
CA PHE P 61 25.02 -39.38 -50.11
C PHE P 61 25.17 -39.87 -51.54
N LYS P 62 24.06 -40.30 -52.15
CA LYS P 62 24.10 -40.77 -53.53
C LYS P 62 24.53 -39.66 -54.48
N LYS P 63 23.98 -38.46 -54.30
CA LYS P 63 24.27 -37.37 -55.22
C LYS P 63 25.65 -36.75 -54.96
N PHE P 64 26.13 -36.81 -53.72
CA PHE P 64 27.43 -36.25 -53.35
C PHE P 64 28.25 -37.35 -52.69
N PRO P 65 28.64 -38.37 -53.45
CA PRO P 65 29.42 -39.47 -52.84
C PRO P 65 30.76 -39.02 -52.30
N TYR P 66 31.39 -38.02 -52.92
CA TYR P 66 32.69 -37.55 -52.46
C TYR P 66 32.62 -36.98 -51.05
N VAL P 67 31.44 -36.58 -50.60
CA VAL P 67 31.27 -36.10 -49.23
C VAL P 67 31.49 -37.23 -48.24
N THR P 68 31.06 -38.45 -48.60
CA THR P 68 31.06 -39.56 -47.66
C THR P 68 32.48 -39.92 -47.22
N GLN P 69 33.45 -39.85 -48.13
CA GLN P 69 34.79 -40.33 -47.82
C GLN P 69 35.43 -39.48 -46.73
N PRO P 70 36.39 -40.04 -45.99
CA PRO P 70 37.05 -39.28 -44.92
C PRO P 70 37.74 -38.03 -45.45
N GLY P 71 38.07 -37.14 -44.52
CA GLY P 71 38.66 -35.87 -44.87
C GLY P 71 37.69 -34.83 -45.42
N GLU P 72 36.40 -35.09 -45.34
CA GLU P 72 35.38 -34.16 -45.79
C GLU P 72 34.36 -33.96 -44.68
N LYS P 73 33.33 -33.16 -45.00
CA LYS P 73 32.29 -32.88 -44.01
C LYS P 73 31.53 -34.14 -43.62
N GLY P 74 31.18 -34.98 -44.59
CA GLY P 74 30.28 -36.08 -44.32
C GLY P 74 30.85 -37.14 -43.40
N TYR P 75 32.17 -37.23 -43.30
CA TYR P 75 32.78 -38.26 -42.48
C TYR P 75 32.49 -38.00 -41.00
N GLY P 76 32.23 -39.07 -40.26
CA GLY P 76 31.93 -38.98 -38.83
C GLY P 76 30.48 -39.35 -38.57
N ASP P 77 30.27 -40.32 -37.68
CA ASP P 77 28.93 -40.85 -37.45
C ASP P 77 27.98 -39.78 -36.93
N SER P 78 28.37 -39.09 -35.86
CA SER P 78 27.53 -38.02 -35.32
C SER P 78 27.32 -36.93 -36.37
N ASN P 79 28.26 -36.79 -37.29
CA ASN P 79 28.11 -35.81 -38.36
C ASN P 79 26.86 -36.10 -39.18
N GLN P 80 26.79 -37.27 -39.83
CA GLN P 80 25.59 -37.59 -40.58
C GLN P 80 24.36 -37.69 -39.69
N ALA P 81 24.53 -38.04 -38.42
CA ALA P 81 23.38 -38.05 -37.51
C ALA P 81 22.76 -36.65 -37.43
N LYS P 82 23.57 -35.62 -37.25
CA LYS P 82 22.98 -34.31 -37.11
C LYS P 82 22.72 -33.67 -38.48
N CYS P 83 23.24 -34.28 -39.55
CA CYS P 83 22.72 -33.96 -40.88
C CYS P 83 21.27 -34.43 -41.02
N ALA P 84 20.98 -35.64 -40.56
CA ALA P 84 19.60 -36.08 -40.47
C ALA P 84 18.80 -35.13 -39.61
N ARG P 85 19.42 -34.60 -38.55
CA ARG P 85 18.75 -33.58 -37.75
C ARG P 85 18.42 -32.32 -38.56
N ASP P 86 19.35 -31.87 -39.40
CA ASP P 86 19.08 -30.70 -40.24
C ASP P 86 17.93 -30.98 -41.20
N ILE P 87 17.90 -32.17 -41.78
CA ILE P 87 16.82 -32.53 -42.68
C ILE P 87 15.50 -32.58 -41.91
N GLY P 88 15.51 -33.09 -40.69
CA GLY P 88 14.32 -33.03 -39.87
C GLY P 88 13.86 -31.62 -39.62
N TYR P 89 14.81 -30.71 -39.37
CA TYR P 89 14.46 -29.30 -39.23
C TYR P 89 13.73 -28.79 -40.47
N TYR P 90 14.29 -29.06 -41.64
CA TYR P 90 13.68 -28.57 -42.87
C TYR P 90 12.28 -29.13 -43.05
N LEU P 91 12.11 -30.43 -42.81
CA LEU P 91 10.79 -31.04 -42.94
C LEU P 91 9.81 -30.42 -41.95
N ARG P 92 10.27 -30.22 -40.71
CA ARG P 92 9.42 -29.64 -39.69
C ARG P 92 8.95 -28.25 -40.08
N PHE P 93 9.83 -27.46 -40.66
CA PHE P 93 9.43 -26.12 -41.04
C PHE P 93 8.56 -26.12 -42.28
N ILE P 94 8.69 -27.13 -43.14
CA ILE P 94 7.74 -27.27 -44.23
C ILE P 94 6.35 -27.55 -43.69
N THR P 95 6.25 -28.46 -42.72
CA THR P 95 4.96 -28.76 -42.12
C THR P 95 4.40 -27.54 -41.40
N TYR P 96 5.26 -26.79 -40.71
CA TYR P 96 4.82 -25.57 -40.04
C TYR P 96 4.27 -24.57 -41.05
N SER P 97 4.97 -24.39 -42.17
CA SER P 97 4.48 -23.45 -43.17
C SER P 97 3.17 -23.92 -43.80
N LEU P 98 2.98 -25.22 -43.97
CA LEU P 98 1.69 -25.72 -44.40
C LEU P 98 0.60 -25.35 -43.41
N VAL P 99 0.81 -25.68 -42.13
CA VAL P 99 -0.19 -25.41 -41.11
C VAL P 99 -0.55 -23.94 -41.07
N ALA P 100 0.46 -23.07 -41.04
CA ALA P 100 0.20 -21.64 -41.02
C ALA P 100 -0.35 -21.12 -42.34
N SER P 101 -0.25 -21.90 -43.41
CA SER P 101 -0.64 -21.44 -44.74
C SER P 101 0.04 -20.12 -45.09
N GLY P 102 1.32 -20.03 -44.72
CA GLY P 102 2.13 -18.89 -45.06
C GLY P 102 3.59 -19.24 -44.87
N THR P 103 4.45 -18.50 -45.56
CA THR P 103 5.88 -18.72 -45.47
C THR P 103 6.50 -18.07 -44.25
N GLY P 104 5.69 -17.62 -43.30
CA GLY P 104 6.18 -17.00 -42.10
C GLY P 104 7.15 -17.86 -41.32
N PRO P 105 6.75 -19.07 -40.95
CA PRO P 105 7.68 -19.91 -40.16
C PRO P 105 8.90 -20.32 -40.95
N LEU P 106 8.73 -20.71 -42.22
CA LEU P 106 9.89 -21.04 -43.05
C LEU P 106 10.87 -19.89 -43.11
N ASP P 107 10.38 -18.70 -43.45
CA ASP P 107 11.25 -17.52 -43.52
C ASP P 107 11.95 -17.29 -42.19
N ASP P 108 11.17 -17.00 -41.14
CA ASP P 108 11.75 -16.51 -39.90
C ASP P 108 12.60 -17.57 -39.22
N TYR P 109 12.43 -18.84 -39.58
CA TYR P 109 13.14 -19.88 -38.85
C TYR P 109 14.27 -20.52 -39.65
N VAL P 110 14.28 -20.38 -40.97
CA VAL P 110 15.37 -20.94 -41.76
C VAL P 110 15.96 -19.87 -42.66
N ILE P 111 15.10 -19.19 -43.42
CA ILE P 111 15.59 -18.45 -44.57
C ILE P 111 16.26 -17.15 -44.12
N ALA P 112 15.85 -16.61 -42.99
CA ALA P 112 16.47 -15.41 -42.45
C ALA P 112 17.90 -15.72 -42.03
N GLY P 113 18.85 -15.05 -42.65
CA GLY P 113 20.25 -15.31 -42.36
C GLY P 113 20.69 -16.71 -42.72
N LEU P 114 20.21 -17.23 -43.85
CA LEU P 114 20.56 -18.60 -44.22
C LEU P 114 21.89 -18.65 -44.96
N ARG P 115 22.14 -17.69 -45.84
CA ARG P 115 23.39 -17.68 -46.59
C ARG P 115 24.59 -17.54 -45.66
N GLU P 116 24.50 -16.66 -44.67
CA GLU P 116 25.62 -16.45 -43.76
C GLU P 116 25.92 -17.71 -42.96
N VAL P 117 24.89 -18.36 -42.41
CA VAL P 117 25.13 -19.55 -41.61
C VAL P 117 25.61 -20.70 -42.49
N ASN P 118 25.21 -20.71 -43.76
CA ASN P 118 25.69 -21.74 -44.66
C ASN P 118 27.16 -21.52 -44.98
N ARG P 119 27.55 -20.28 -45.26
CA ARG P 119 28.92 -20.00 -45.67
C ARG P 119 29.88 -20.11 -44.51
N ALA P 120 29.46 -19.69 -43.31
CA ALA P 120 30.36 -19.59 -42.19
C ALA P 120 30.65 -20.94 -41.53
N PHE P 121 29.81 -21.94 -41.79
CA PHE P 121 30.17 -23.33 -41.51
C PHE P 121 30.52 -24.06 -42.78
N ASN P 122 30.56 -23.35 -43.91
CA ASN P 122 30.87 -23.91 -45.22
C ASN P 122 29.93 -25.06 -45.58
N LEU P 123 28.65 -24.75 -45.69
CA LEU P 123 27.65 -25.74 -46.08
C LEU P 123 27.25 -25.49 -47.54
N ASN P 124 27.19 -26.56 -48.31
CA ASN P 124 26.87 -26.43 -49.72
C ASN P 124 25.36 -26.41 -49.88
N PRO P 125 24.79 -25.36 -50.47
CA PRO P 125 23.34 -25.33 -50.69
C PRO P 125 22.82 -26.48 -51.53
N LEU P 126 23.60 -26.94 -52.52
CA LEU P 126 23.12 -27.99 -53.41
C LEU P 126 22.86 -29.29 -52.65
N TRP P 127 23.55 -29.50 -51.53
CA TRP P 127 23.23 -30.60 -50.64
C TRP P 127 21.75 -30.59 -50.30
N TYR P 128 21.30 -29.48 -49.72
CA TYR P 128 19.92 -29.35 -49.28
C TYR P 128 18.95 -29.26 -50.46
N ILE P 129 19.39 -28.69 -51.59
CA ILE P 129 18.56 -28.68 -52.78
C ILE P 129 18.27 -30.10 -53.26
N GLU P 130 19.29 -30.96 -53.27
CA GLU P 130 19.06 -32.33 -53.69
C GLU P 130 18.18 -33.06 -52.68
N ALA P 131 18.37 -32.78 -51.39
CA ALA P 131 17.48 -33.37 -50.40
C ALA P 131 16.03 -32.94 -50.64
N LEU P 132 15.82 -31.66 -50.93
CA LEU P 132 14.46 -31.18 -51.17
C LEU P 132 13.91 -31.70 -52.48
N ASN P 133 14.77 -32.00 -53.46
CA ASN P 133 14.30 -32.68 -54.66
C ASN P 133 13.83 -34.09 -54.35
N TYR P 134 14.55 -34.79 -53.48
CA TYR P 134 14.05 -36.08 -53.02
C TYR P 134 12.71 -35.91 -52.34
N ILE P 135 12.53 -34.82 -51.59
CA ILE P 135 11.26 -34.62 -50.89
C ILE P 135 10.14 -34.30 -51.88
N LYS P 136 10.43 -33.49 -52.90
CA LYS P 136 9.59 -33.43 -54.09
C LYS P 136 9.14 -34.82 -54.51
N GLY P 137 10.10 -35.72 -54.70
CA GLY P 137 9.77 -37.05 -55.16
C GLY P 137 8.84 -37.79 -54.22
N GLU P 138 9.08 -37.66 -52.92
CA GLU P 138 8.28 -38.42 -51.95
C GLU P 138 6.87 -37.85 -51.84
N THR P 139 6.74 -36.53 -51.81
CA THR P 139 5.42 -35.92 -51.76
C THR P 139 4.68 -36.00 -53.08
N GLY P 140 5.38 -36.32 -54.17
CA GLY P 140 4.68 -36.62 -55.41
C GLY P 140 3.78 -37.84 -55.29
N LYS P 141 4.17 -38.80 -54.46
CA LYS P 141 3.39 -40.02 -54.31
C LYS P 141 2.58 -40.05 -53.01
N LEU P 142 3.10 -39.48 -51.93
CA LEU P 142 2.42 -39.58 -50.64
C LEU P 142 1.12 -38.77 -50.64
N LEU P 143 1.12 -37.61 -51.29
CA LEU P 143 -0.02 -36.71 -51.27
C LEU P 143 -0.77 -36.75 -52.60
N SER P 144 -1.82 -35.95 -52.68
CA SER P 144 -2.64 -35.85 -53.88
C SER P 144 -3.50 -34.59 -53.78
N GLY P 145 -3.94 -34.12 -54.95
CA GLY P 145 -4.89 -33.02 -55.02
C GLY P 145 -4.33 -31.69 -54.59
N GLN P 146 -5.16 -30.90 -53.88
CA GLN P 146 -4.73 -29.59 -53.43
C GLN P 146 -3.61 -29.68 -52.41
N SER P 147 -3.62 -30.71 -51.56
CA SER P 147 -2.56 -30.88 -50.57
C SER P 147 -1.21 -31.04 -51.22
N LYS P 148 -1.13 -31.84 -52.28
CA LYS P 148 0.10 -31.96 -53.04
C LYS P 148 0.52 -30.60 -53.59
N THR P 149 -0.44 -29.84 -54.11
CA THR P 149 -0.11 -28.55 -54.68
C THR P 149 0.51 -27.63 -53.64
N GLU P 150 -0.09 -27.56 -52.44
CA GLU P 150 0.45 -26.71 -51.40
C GLU P 150 1.83 -27.17 -50.95
N ALA P 151 1.99 -28.48 -50.72
CA ALA P 151 3.26 -28.98 -50.23
C ALA P 151 4.38 -28.73 -51.23
N LEU P 152 4.15 -29.03 -52.51
CA LEU P 152 5.16 -28.75 -53.51
C LEU P 152 5.41 -27.25 -53.64
N LEU P 153 4.37 -26.43 -53.57
CA LEU P 153 4.61 -24.99 -53.68
C LEU P 153 5.56 -24.52 -52.57
N TYR P 154 5.32 -24.96 -51.35
CA TYR P 154 6.19 -24.56 -50.24
C TYR P 154 7.59 -25.10 -50.41
N ILE P 155 7.72 -26.36 -50.87
CA ILE P 155 9.05 -26.93 -51.01
C ILE P 155 9.82 -26.25 -52.13
N ASP P 156 9.15 -25.89 -53.23
CA ASP P 156 9.84 -25.11 -54.26
C ASP P 156 10.21 -23.73 -53.77
N HIS P 157 9.40 -23.13 -52.89
CA HIS P 157 9.84 -21.85 -52.31
C HIS P 157 11.12 -22.02 -51.51
N ALA P 158 11.18 -23.09 -50.69
CA ALA P 158 12.39 -23.34 -49.92
C ALA P 158 13.58 -23.58 -50.83
N ILE P 159 13.38 -24.36 -51.90
CA ILE P 159 14.45 -24.59 -52.86
C ILE P 159 14.90 -23.28 -53.49
N ASN P 160 13.95 -22.46 -53.93
CA ASN P 160 14.27 -21.17 -54.53
C ASN P 160 15.12 -20.33 -53.59
N ALA P 161 14.79 -20.35 -52.30
CA ALA P 161 15.61 -19.60 -51.35
C ALA P 161 17.01 -20.20 -51.22
N LEU P 162 17.10 -21.53 -51.08
CA LEU P 162 18.41 -22.15 -50.98
C LEU P 162 19.16 -22.11 -52.30
N SER P 163 18.51 -22.51 -53.40
CA SER P 163 19.18 -22.62 -54.69
C SER P 163 19.37 -21.25 -55.33
N SER Q 2 37.32 5.40 -60.65
CA SER Q 2 37.71 4.29 -59.80
C SER Q 2 38.10 4.78 -58.41
N ARG Q 3 38.75 3.92 -57.63
CA ARG Q 3 39.22 4.28 -56.30
C ARG Q 3 40.72 4.07 -56.21
N THR Q 4 41.44 5.13 -55.86
CA THR Q 4 42.83 5.00 -55.45
C THR Q 4 42.98 5.67 -54.09
N VAL Q 5 44.19 5.70 -53.55
CA VAL Q 5 44.42 6.54 -52.39
C VAL Q 5 44.20 8.00 -52.76
N ILE Q 6 44.60 8.39 -53.96
CA ILE Q 6 44.38 9.75 -54.44
C ILE Q 6 42.89 10.04 -54.52
N THR Q 7 42.08 9.05 -54.88
CA THR Q 7 40.65 9.25 -54.99
C THR Q 7 40.03 9.55 -53.62
N GLU Q 8 40.40 8.78 -52.60
CA GLU Q 8 39.87 9.07 -51.27
C GLU Q 8 40.42 10.39 -50.75
N VAL Q 9 41.65 10.75 -51.14
CA VAL Q 9 42.17 12.08 -50.85
C VAL Q 9 41.23 13.15 -51.36
N ILE Q 10 40.95 13.13 -52.66
CA ILE Q 10 40.17 14.18 -53.28
C ILE Q 10 38.74 14.17 -52.76
N ALA Q 11 38.19 12.98 -52.47
CA ALA Q 11 36.82 12.89 -51.97
C ALA Q 11 36.72 13.42 -50.55
N THR Q 12 37.44 12.82 -49.60
CA THR Q 12 37.40 13.26 -48.21
C THR Q 12 38.02 14.63 -48.02
N ALA Q 13 38.57 15.24 -49.07
CA ALA Q 13 38.85 16.67 -49.03
C ALA Q 13 37.73 17.47 -49.67
N ASP Q 14 36.91 16.84 -50.51
CA ASP Q 14 35.83 17.52 -51.21
C ASP Q 14 34.51 17.46 -50.46
N SER Q 15 34.21 16.34 -49.79
CA SER Q 15 32.96 16.23 -49.06
C SER Q 15 32.88 17.26 -47.94
N GLN Q 16 33.97 17.41 -47.18
CA GLN Q 16 34.05 18.44 -46.16
C GLN Q 16 34.04 19.84 -46.74
N GLY Q 17 34.25 20.00 -48.04
CA GLY Q 17 34.25 21.32 -48.63
C GLY Q 17 35.37 22.20 -48.14
N ARG Q 18 36.60 21.69 -48.10
CA ARG Q 18 37.76 22.47 -47.69
C ARG Q 18 38.98 22.08 -48.52
N PHE Q 19 39.95 22.99 -48.58
CA PHE Q 19 41.19 22.73 -49.30
C PHE Q 19 41.94 21.55 -48.70
N LEU Q 20 42.90 21.03 -49.46
CA LEU Q 20 43.63 19.87 -49.00
C LEU Q 20 44.56 20.25 -47.85
N ASN Q 21 44.34 19.64 -46.69
CA ASN Q 21 45.14 19.90 -45.52
C ASN Q 21 46.25 18.87 -45.46
N SER Q 22 46.95 18.78 -44.32
CA SER Q 22 48.15 17.98 -44.20
C SER Q 22 47.90 16.51 -44.56
N THR Q 23 46.91 15.90 -43.90
CA THR Q 23 46.80 14.45 -43.84
C THR Q 23 46.67 13.83 -45.24
N GLU Q 24 45.80 14.38 -46.07
CA GLU Q 24 45.56 13.80 -47.38
C GLU Q 24 46.73 14.01 -48.34
N LEU Q 25 47.36 15.19 -48.29
CA LEU Q 25 48.57 15.39 -49.09
C LEU Q 25 49.66 14.40 -48.71
N GLN Q 26 49.88 14.19 -47.41
CA GLN Q 26 50.96 13.31 -46.99
C GLN Q 26 50.61 11.85 -47.22
N ALA Q 27 49.33 11.50 -47.18
CA ALA Q 27 48.91 10.16 -47.59
C ALA Q 27 49.16 9.96 -49.08
N ALA Q 28 48.92 10.98 -49.89
CA ALA Q 28 49.28 10.92 -51.30
C ALA Q 28 50.77 10.72 -51.46
N PHE Q 29 51.57 11.40 -50.62
CA PHE Q 29 53.01 11.23 -50.67
C PHE Q 29 53.39 9.78 -50.40
N GLY Q 30 52.80 9.18 -49.36
CA GLY Q 30 53.05 7.78 -49.06
C GLY Q 30 52.67 6.86 -50.21
N ARG Q 31 51.53 7.14 -50.84
CA ARG Q 31 51.17 6.43 -52.06
C ARG Q 31 52.25 6.58 -53.11
N PHE Q 32 52.89 7.76 -53.15
CA PHE Q 32 53.91 7.98 -54.17
C PHE Q 32 55.17 7.15 -53.91
N GLU Q 33 55.59 7.04 -52.65
CA GLU Q 33 56.66 6.05 -52.41
C GLU Q 33 56.21 4.65 -52.80
N ARG Q 34 55.00 4.24 -52.41
CA ARG Q 34 54.57 2.88 -52.73
C ARG Q 34 54.34 2.66 -54.22
N ALA Q 35 54.29 3.74 -55.02
CA ALA Q 35 53.89 3.63 -56.42
C ALA Q 35 54.87 2.80 -57.23
N VAL Q 36 56.10 3.27 -57.41
CA VAL Q 36 57.02 2.65 -58.37
C VAL Q 36 57.36 1.20 -57.99
N PRO Q 37 57.65 0.84 -56.72
CA PRO Q 37 57.92 -0.58 -56.46
C PRO Q 37 56.74 -1.47 -56.81
N ALA Q 38 55.53 -0.96 -56.61
CA ALA Q 38 54.35 -1.65 -57.12
C ALA Q 38 54.38 -1.76 -58.63
N ILE Q 39 54.98 -0.77 -59.30
CA ILE Q 39 55.08 -0.84 -60.76
C ILE Q 39 56.03 -1.96 -61.19
N GLU Q 40 57.17 -2.11 -60.51
CA GLU Q 40 58.03 -3.25 -60.84
C GLU Q 40 57.38 -4.58 -60.47
N ALA Q 41 56.58 -4.60 -59.40
CA ALA Q 41 55.82 -5.82 -59.11
C ALA Q 41 54.82 -6.12 -60.23
N ALA Q 42 54.22 -5.07 -60.79
CA ALA Q 42 53.34 -5.24 -61.95
C ALA Q 42 54.11 -5.79 -63.14
N ARG Q 43 55.32 -5.30 -63.36
CA ARG Q 43 56.18 -5.89 -64.39
C ARG Q 43 56.35 -7.39 -64.16
N ALA Q 44 56.69 -7.76 -62.93
CA ALA Q 44 56.96 -9.15 -62.60
C ALA Q 44 55.75 -10.03 -62.86
N LEU Q 45 54.57 -9.59 -62.42
CA LEU Q 45 53.36 -10.35 -62.66
C LEU Q 45 52.87 -10.27 -64.10
N THR Q 46 53.35 -9.29 -64.88
CA THR Q 46 53.02 -9.19 -66.29
C THR Q 46 53.83 -10.16 -67.13
N LYS Q 47 55.11 -10.37 -66.79
CA LYS Q 47 55.95 -11.24 -67.61
C LYS Q 47 55.51 -12.70 -67.50
N ASN Q 48 54.82 -13.06 -66.43
CA ASN Q 48 54.50 -14.46 -66.13
C ASN Q 48 53.01 -14.75 -66.20
N GLN Q 49 52.26 -13.99 -66.99
CA GLN Q 49 50.82 -14.25 -67.13
C GLN Q 49 50.56 -15.57 -67.83
N ASP Q 50 51.34 -15.90 -68.87
CA ASP Q 50 51.11 -17.11 -69.64
C ASP Q 50 51.29 -18.35 -68.77
N ALA Q 51 52.34 -18.36 -67.94
CA ALA Q 51 52.52 -19.45 -67.01
C ALA Q 51 51.41 -19.49 -65.96
N LEU Q 52 50.99 -18.32 -65.47
CA LEU Q 52 50.08 -18.28 -64.33
C LEU Q 52 48.67 -18.70 -64.71
N VAL Q 53 48.22 -18.38 -65.92
CA VAL Q 53 46.88 -18.81 -66.32
C VAL Q 53 46.80 -20.33 -66.38
N LYS Q 54 47.81 -20.97 -66.95
CA LYS Q 54 47.83 -22.43 -67.01
C LYS Q 54 48.00 -23.04 -65.62
N GLY Q 55 48.84 -22.42 -64.78
CA GLY Q 55 48.98 -22.90 -63.42
C GLY Q 55 47.68 -22.84 -62.65
N ALA Q 56 46.93 -21.75 -62.80
CA ALA Q 56 45.67 -21.61 -62.09
C ALA Q 56 44.61 -22.59 -62.61
N VAL Q 57 44.51 -22.75 -63.93
CA VAL Q 57 43.51 -23.68 -64.46
C VAL Q 57 43.84 -25.10 -64.04
N GLN Q 58 45.12 -25.49 -64.09
CA GLN Q 58 45.49 -26.82 -63.66
C GLN Q 58 45.28 -27.00 -62.16
N ALA Q 59 45.50 -25.93 -61.38
CA ALA Q 59 45.20 -25.99 -59.96
C ALA Q 59 43.72 -26.28 -59.73
N VAL Q 60 42.86 -25.59 -60.47
CA VAL Q 60 41.42 -25.86 -60.40
C VAL Q 60 41.15 -27.32 -60.74
N PHE Q 61 41.84 -27.83 -61.76
CA PHE Q 61 41.59 -29.21 -62.18
C PHE Q 61 42.00 -30.22 -61.11
N LYS Q 62 43.18 -30.04 -60.50
CA LYS Q 62 43.67 -31.09 -59.61
C LYS Q 62 43.05 -31.00 -58.22
N LYS Q 63 42.95 -29.80 -57.64
CA LYS Q 63 42.38 -29.72 -56.30
C LYS Q 63 40.91 -30.14 -56.25
N PHE Q 64 40.17 -29.94 -57.35
CA PHE Q 64 38.81 -30.45 -57.43
C PHE Q 64 38.71 -31.48 -58.55
N PRO Q 65 38.72 -32.78 -58.24
CA PRO Q 65 38.57 -33.79 -59.30
C PRO Q 65 37.15 -33.87 -59.85
N TYR Q 66 36.13 -33.78 -58.99
CA TYR Q 66 34.77 -34.01 -59.42
C TYR Q 66 34.25 -32.91 -60.34
N VAL Q 67 34.84 -31.71 -60.29
CA VAL Q 67 34.45 -30.69 -61.26
C VAL Q 67 34.96 -31.05 -62.65
N THR Q 68 36.09 -31.75 -62.73
CA THR Q 68 36.71 -32.08 -64.01
C THR Q 68 35.97 -33.21 -64.72
N GLN Q 69 35.25 -34.06 -63.99
CA GLN Q 69 34.61 -35.21 -64.61
C GLN Q 69 33.47 -34.77 -65.52
N PRO Q 70 33.05 -35.61 -66.46
CA PRO Q 70 32.02 -35.19 -67.42
C PRO Q 70 30.70 -34.82 -66.75
N GLY Q 71 29.99 -33.91 -67.40
CA GLY Q 71 28.70 -33.46 -66.93
C GLY Q 71 28.74 -32.38 -65.87
N GLU Q 72 29.92 -31.86 -65.55
CA GLU Q 72 30.07 -30.89 -64.47
C GLU Q 72 30.57 -29.57 -65.05
N LYS Q 73 30.87 -28.63 -64.16
CA LYS Q 73 31.25 -27.29 -64.57
C LYS Q 73 32.63 -27.27 -65.22
N GLY Q 74 33.55 -28.11 -64.72
CA GLY Q 74 34.91 -28.08 -65.22
C GLY Q 74 35.12 -28.80 -66.52
N TYR Q 75 34.34 -29.84 -66.80
CA TYR Q 75 34.47 -30.55 -68.06
C TYR Q 75 33.99 -29.70 -69.22
N GLY Q 76 34.68 -29.82 -70.35
CA GLY Q 76 34.33 -29.11 -71.57
C GLY Q 76 35.46 -28.21 -72.03
N ASP Q 77 35.82 -28.34 -73.31
CA ASP Q 77 36.87 -27.51 -73.88
C ASP Q 77 36.49 -26.04 -73.82
N SER Q 78 35.24 -25.70 -74.18
CA SER Q 78 34.78 -24.32 -74.08
C SER Q 78 34.79 -23.84 -72.64
N ASN Q 79 34.37 -24.71 -71.71
CA ASN Q 79 34.40 -24.35 -70.30
C ASN Q 79 35.82 -24.04 -69.83
N GLN Q 80 36.80 -24.86 -70.23
CA GLN Q 80 38.17 -24.60 -69.82
C GLN Q 80 38.76 -23.37 -70.48
N ALA Q 81 38.38 -23.10 -71.74
CA ALA Q 81 38.79 -21.85 -72.38
C ALA Q 81 38.24 -20.66 -71.62
N LYS Q 82 36.99 -20.75 -71.17
CA LYS Q 82 36.42 -19.70 -70.33
C LYS Q 82 37.16 -19.59 -69.01
N CYS Q 83 37.55 -20.73 -68.41
CA CYS Q 83 38.36 -20.68 -67.20
C CYS Q 83 39.64 -19.88 -67.42
N ALA Q 84 40.37 -20.21 -68.49
CA ALA Q 84 41.64 -19.54 -68.76
C ALA Q 84 41.43 -18.05 -69.02
N ARG Q 85 40.45 -17.72 -69.84
CA ARG Q 85 40.15 -16.32 -70.13
C ARG Q 85 39.79 -15.57 -68.85
N ASP Q 86 39.00 -16.19 -67.97
CA ASP Q 86 38.50 -15.51 -66.80
C ASP Q 86 39.64 -15.30 -65.78
N ILE Q 87 40.51 -16.30 -65.62
CA ILE Q 87 41.65 -16.12 -64.74
C ILE Q 87 42.61 -15.07 -65.29
N GLY Q 88 42.76 -15.01 -66.62
CA GLY Q 88 43.51 -13.91 -67.20
C GLY Q 88 42.89 -12.57 -66.88
N TYR Q 89 41.56 -12.50 -66.89
CA TYR Q 89 40.86 -11.28 -66.51
C TYR Q 89 41.18 -10.89 -65.07
N TYR Q 90 41.06 -11.84 -64.14
CA TYR Q 90 41.44 -11.56 -62.75
C TYR Q 90 42.87 -11.03 -62.67
N LEU Q 91 43.81 -11.70 -63.31
CA LEU Q 91 45.21 -11.33 -63.13
C LEU Q 91 45.49 -9.96 -63.73
N ARG Q 92 44.84 -9.63 -64.84
CA ARG Q 92 44.98 -8.30 -65.40
C ARG Q 92 44.39 -7.25 -64.46
N PHE Q 93 43.27 -7.56 -63.81
CA PHE Q 93 42.76 -6.62 -62.81
C PHE Q 93 43.69 -6.52 -61.61
N ILE Q 94 44.40 -7.60 -61.28
CA ILE Q 94 45.40 -7.55 -60.22
C ILE Q 94 46.49 -6.55 -60.59
N THR Q 95 46.95 -6.63 -61.84
CA THR Q 95 47.95 -5.66 -62.31
C THR Q 95 47.40 -4.25 -62.28
N TYR Q 96 46.14 -4.06 -62.69
CA TYR Q 96 45.53 -2.74 -62.67
C TYR Q 96 45.48 -2.18 -61.25
N SER Q 97 45.03 -2.98 -60.29
CA SER Q 97 44.97 -2.52 -58.91
C SER Q 97 46.36 -2.22 -58.38
N LEU Q 98 47.34 -3.06 -58.74
CA LEU Q 98 48.70 -2.87 -58.26
C LEU Q 98 49.28 -1.56 -58.76
N VAL Q 99 49.15 -1.29 -60.07
CA VAL Q 99 49.67 -0.04 -60.60
C VAL Q 99 48.87 1.15 -60.06
N ALA Q 100 47.60 0.92 -59.71
CA ALA Q 100 46.77 1.98 -59.14
C ALA Q 100 47.08 2.25 -57.68
N SER Q 101 47.86 1.39 -57.02
CA SER Q 101 48.13 1.45 -55.59
C SER Q 101 46.87 1.30 -54.75
N GLY Q 102 45.75 0.93 -55.36
CA GLY Q 102 44.53 0.67 -54.63
C GLY Q 102 43.71 -0.38 -55.34
N THR Q 103 42.83 -1.02 -54.58
CA THR Q 103 41.98 -2.07 -55.14
C THR Q 103 40.86 -1.54 -56.01
N GLY Q 104 40.86 -0.24 -56.32
CA GLY Q 104 39.80 0.41 -57.03
C GLY Q 104 39.34 -0.30 -58.29
N PRO Q 105 40.22 -0.38 -59.30
CA PRO Q 105 39.83 -1.12 -60.52
C PRO Q 105 39.46 -2.55 -60.23
N LEU Q 106 40.20 -3.19 -59.31
CA LEU Q 106 39.85 -4.54 -58.91
C LEU Q 106 38.48 -4.56 -58.26
N ASP Q 107 38.21 -3.60 -57.38
CA ASP Q 107 36.94 -3.54 -56.68
C ASP Q 107 35.78 -3.40 -57.67
N ASP Q 108 35.86 -2.41 -58.55
CA ASP Q 108 34.74 -2.13 -59.45
C ASP Q 108 34.76 -3.00 -60.69
N TYR Q 109 35.69 -3.94 -60.81
CA TYR Q 109 35.61 -4.88 -61.92
C TYR Q 109 35.31 -6.30 -61.43
N VAL Q 110 35.47 -6.56 -60.14
CA VAL Q 110 35.15 -7.88 -59.60
C VAL Q 110 34.22 -7.79 -58.40
N ILE Q 111 34.63 -7.05 -57.36
CA ILE Q 111 34.08 -7.27 -56.01
C ILE Q 111 32.63 -6.79 -55.92
N ALA Q 112 32.36 -5.54 -56.30
CA ALA Q 112 31.11 -4.89 -55.92
C ALA Q 112 29.92 -5.67 -56.45
N GLY Q 113 29.21 -6.35 -55.54
CA GLY Q 113 28.12 -7.22 -55.93
C GLY Q 113 28.55 -8.45 -56.70
N LEU Q 114 29.68 -9.05 -56.35
CA LEU Q 114 30.19 -10.20 -57.09
C LEU Q 114 29.29 -11.41 -56.92
N ARG Q 115 28.77 -11.60 -55.71
CA ARG Q 115 28.31 -12.93 -55.29
C ARG Q 115 27.06 -13.35 -56.05
N GLU Q 116 26.17 -12.41 -56.38
CA GLU Q 116 25.00 -12.79 -57.16
C GLU Q 116 25.38 -13.14 -58.59
N VAL Q 117 26.47 -12.57 -59.11
CA VAL Q 117 26.96 -12.95 -60.43
C VAL Q 117 27.43 -14.41 -60.42
N ASN Q 118 28.20 -14.78 -59.40
CA ASN Q 118 28.61 -16.18 -59.26
C ASN Q 118 27.40 -17.09 -59.07
N ARG Q 119 26.39 -16.58 -58.36
CA ARG Q 119 25.22 -17.39 -58.01
C ARG Q 119 24.28 -17.58 -59.20
N ALA Q 120 24.26 -16.65 -60.14
CA ALA Q 120 23.32 -16.75 -61.26
C ALA Q 120 23.68 -17.89 -62.19
N PHE Q 121 24.95 -18.00 -62.58
CA PHE Q 121 25.42 -19.04 -63.49
C PHE Q 121 25.72 -20.35 -62.78
N ASN Q 122 25.51 -20.41 -61.47
CA ASN Q 122 25.94 -21.55 -60.65
C ASN Q 122 27.46 -21.73 -60.77
N LEU Q 123 28.20 -20.68 -60.47
CA LEU Q 123 29.66 -20.71 -60.45
C LEU Q 123 30.13 -20.58 -59.00
N ASN Q 124 30.85 -21.58 -58.52
CA ASN Q 124 31.29 -21.57 -57.13
C ASN Q 124 32.40 -20.55 -56.94
N PRO Q 125 32.53 -19.94 -55.76
CA PRO Q 125 33.67 -19.06 -55.50
C PRO Q 125 34.89 -19.80 -54.97
N LEU Q 126 34.71 -21.01 -54.44
CA LEU Q 126 35.85 -21.76 -53.91
C LEU Q 126 36.86 -22.09 -55.00
N TRP Q 127 36.38 -22.36 -56.21
CA TRP Q 127 37.28 -22.57 -57.34
C TRP Q 127 38.27 -21.41 -57.45
N TYR Q 128 37.75 -20.19 -57.45
CA TYR Q 128 38.61 -19.03 -57.66
C TYR Q 128 39.39 -18.69 -56.41
N ILE Q 129 38.85 -19.01 -55.23
CA ILE Q 129 39.62 -18.84 -53.99
C ILE Q 129 40.88 -19.67 -54.04
N GLU Q 130 40.76 -20.95 -54.39
CA GLU Q 130 41.95 -21.81 -54.43
C GLU Q 130 42.86 -21.47 -55.61
N ALA Q 131 42.29 -21.06 -56.76
CA ALA Q 131 43.14 -20.64 -57.87
C ALA Q 131 43.97 -19.42 -57.50
N LEU Q 132 43.34 -18.43 -56.86
CA LEU Q 132 44.09 -17.26 -56.39
C LEU Q 132 45.04 -17.64 -55.28
N ASN Q 133 44.75 -18.68 -54.51
CA ASN Q 133 45.73 -19.18 -53.54
C ASN Q 133 46.97 -19.72 -54.23
N TYR Q 134 46.78 -20.45 -55.34
CA TYR Q 134 47.92 -20.89 -56.13
C TYR Q 134 48.71 -19.71 -56.67
N ILE Q 135 47.99 -18.68 -57.15
CA ILE Q 135 48.69 -17.49 -57.65
C ILE Q 135 49.43 -16.79 -56.52
N LYS Q 136 48.86 -16.80 -55.31
CA LYS Q 136 49.57 -16.34 -54.12
C LYS Q 136 50.89 -17.07 -53.96
N GLY Q 137 50.83 -18.41 -53.98
CA GLY Q 137 52.05 -19.20 -53.80
C GLY Q 137 53.08 -18.91 -54.87
N GLU Q 138 52.63 -18.72 -56.11
CA GLU Q 138 53.56 -18.51 -57.22
C GLU Q 138 54.19 -17.11 -57.17
N THR Q 139 53.39 -16.08 -56.91
CA THR Q 139 53.97 -14.75 -56.76
C THR Q 139 54.79 -14.64 -55.47
N GLY Q 140 54.61 -15.56 -54.53
CA GLY Q 140 55.46 -15.59 -53.36
C GLY Q 140 56.90 -15.90 -53.71
N LYS Q 141 57.11 -16.72 -54.73
CA LYS Q 141 58.48 -17.01 -55.17
C LYS Q 141 58.93 -16.06 -56.27
N LEU Q 142 58.00 -15.55 -57.09
CA LEU Q 142 58.42 -14.57 -58.09
C LEU Q 142 58.93 -13.28 -57.44
N LEU Q 143 58.31 -12.85 -56.36
CA LEU Q 143 58.67 -11.60 -55.70
C LEU Q 143 59.01 -11.86 -54.24
N SER Q 144 59.86 -10.99 -53.68
CA SER Q 144 60.23 -11.06 -52.29
C SER Q 144 60.26 -9.65 -51.72
N GLY Q 145 60.08 -9.57 -50.40
CA GLY Q 145 60.10 -8.26 -49.76
C GLY Q 145 58.82 -7.49 -50.02
N GLN Q 146 58.97 -6.19 -50.26
CA GLN Q 146 57.81 -5.31 -50.37
C GLN Q 146 56.92 -5.68 -51.54
N SER Q 147 57.50 -6.05 -52.68
CA SER Q 147 56.69 -6.41 -53.84
C SER Q 147 55.86 -7.66 -53.57
N LYS Q 148 56.47 -8.65 -52.92
CA LYS Q 148 55.73 -9.83 -52.51
C LYS Q 148 54.59 -9.47 -51.57
N THR Q 149 54.86 -8.58 -50.61
CA THR Q 149 53.81 -8.19 -49.67
C THR Q 149 52.65 -7.50 -50.38
N GLU Q 150 52.96 -6.58 -51.31
CA GLU Q 150 51.87 -5.85 -51.95
C GLU Q 150 51.07 -6.76 -52.89
N ALA Q 151 51.74 -7.68 -53.58
CA ALA Q 151 50.99 -8.63 -54.42
C ALA Q 151 50.15 -9.58 -53.55
N LEU Q 152 50.71 -10.06 -52.45
CA LEU Q 152 50.00 -10.97 -51.57
C LEU Q 152 48.78 -10.31 -50.94
N LEU Q 153 48.91 -9.05 -50.52
CA LEU Q 153 47.77 -8.34 -49.96
C LEU Q 153 46.66 -8.17 -50.98
N TYR Q 154 47.00 -7.87 -52.24
CA TYR Q 154 45.97 -7.70 -53.24
C TYR Q 154 45.27 -9.02 -53.55
N ILE Q 155 46.03 -10.11 -53.66
CA ILE Q 155 45.39 -11.40 -53.89
C ILE Q 155 44.55 -11.81 -52.69
N ASP Q 156 45.00 -11.45 -51.47
CA ASP Q 156 44.23 -11.72 -50.27
C ASP Q 156 42.93 -10.93 -50.27
N HIS Q 157 42.97 -9.67 -50.70
CA HIS Q 157 41.77 -8.88 -50.79
C HIS Q 157 40.80 -9.50 -51.80
N ALA Q 158 41.34 -9.99 -52.92
CA ALA Q 158 40.50 -10.66 -53.91
C ALA Q 158 39.86 -11.92 -53.34
N ILE Q 159 40.64 -12.76 -52.64
CA ILE Q 159 40.07 -14.00 -52.12
C ILE Q 159 39.06 -13.70 -51.03
N ASN Q 160 39.30 -12.65 -50.23
CA ASN Q 160 38.30 -12.21 -49.27
C ASN Q 160 37.02 -11.79 -49.96
N ALA Q 161 37.13 -11.11 -51.11
CA ALA Q 161 35.95 -10.80 -51.91
C ALA Q 161 35.24 -12.06 -52.36
N LEU Q 162 35.99 -13.05 -52.84
CA LEU Q 162 35.37 -14.31 -53.26
C LEU Q 162 34.83 -15.09 -52.06
N SER Q 163 35.39 -14.89 -50.87
CA SER Q 163 34.96 -15.63 -49.69
C SER Q 163 33.63 -15.12 -49.16
N SER R 2 40.18 12.72 -31.02
CA SER R 2 40.68 13.61 -32.05
C SER R 2 40.57 12.95 -33.43
N ARG R 3 41.32 13.47 -34.40
CA ARG R 3 41.35 12.92 -35.75
C ARG R 3 42.78 12.91 -36.28
N THR R 4 43.49 11.82 -36.03
CA THR R 4 44.83 11.59 -36.54
C THR R 4 44.72 10.85 -37.87
N VAL R 5 45.85 10.34 -38.36
CA VAL R 5 45.81 9.45 -39.51
C VAL R 5 45.24 8.10 -39.11
N ILE R 6 45.74 7.55 -38.00
CA ILE R 6 45.22 6.29 -37.48
C ILE R 6 43.76 6.42 -37.13
N THR R 7 43.41 7.50 -36.44
CA THR R 7 42.04 7.69 -35.99
C THR R 7 41.09 7.87 -37.17
N GLU R 8 41.51 8.61 -38.20
CA GLU R 8 40.66 8.77 -39.36
C GLU R 8 40.51 7.47 -40.14
N VAL R 9 41.58 6.68 -40.20
CA VAL R 9 41.50 5.36 -40.84
C VAL R 9 40.51 4.47 -40.09
N ILE R 10 40.61 4.45 -38.76
CA ILE R 10 39.68 3.65 -37.98
C ILE R 10 38.24 4.13 -38.16
N ALA R 11 38.03 5.45 -38.18
CA ALA R 11 36.69 5.97 -38.37
C ALA R 11 36.11 5.57 -39.72
N THR R 12 36.93 5.67 -40.77
CA THR R 12 36.46 5.26 -42.09
C THR R 12 36.16 3.78 -42.15
N ALA R 13 36.99 2.95 -41.51
CA ALA R 13 36.74 1.51 -41.53
C ALA R 13 35.67 1.08 -40.55
N ASP R 14 35.23 1.97 -39.67
CA ASP R 14 34.15 1.70 -38.72
C ASP R 14 32.79 2.10 -39.27
N SER R 15 32.67 3.36 -39.70
CA SER R 15 31.39 3.80 -40.29
C SER R 15 30.99 2.91 -41.45
N GLN R 16 31.95 2.54 -42.29
CA GLN R 16 31.67 1.63 -43.40
C GLN R 16 31.45 0.21 -42.94
N GLY R 17 31.66 -0.09 -41.66
CA GLY R 17 31.35 -1.39 -41.12
C GLY R 17 32.13 -2.52 -41.78
N ARG R 18 33.44 -2.36 -41.92
CA ARG R 18 34.28 -3.38 -42.52
C ARG R 18 35.61 -3.46 -41.78
N PHE R 19 36.52 -4.24 -42.33
CA PHE R 19 37.86 -4.33 -41.76
C PHE R 19 38.78 -3.29 -42.42
N LEU R 20 40.02 -3.25 -41.95
CA LEU R 20 41.03 -2.38 -42.54
C LEU R 20 41.69 -3.10 -43.71
N ASN R 21 41.54 -2.55 -44.91
CA ASN R 21 42.13 -3.16 -46.09
C ASN R 21 43.57 -2.69 -46.27
N SER R 22 44.13 -2.99 -47.44
CA SER R 22 45.54 -2.71 -47.69
C SER R 22 45.83 -1.20 -47.65
N THR R 23 44.98 -0.41 -48.30
CA THR R 23 45.27 1.02 -48.45
C THR R 23 45.31 1.73 -47.11
N GLU R 24 44.39 1.38 -46.21
CA GLU R 24 44.38 2.00 -44.89
C GLU R 24 45.62 1.64 -44.11
N LEU R 25 46.07 0.38 -44.23
CA LEU R 25 47.32 -0.03 -43.60
C LEU R 25 48.51 0.71 -44.20
N GLN R 26 48.49 0.98 -45.52
CA GLN R 26 49.57 1.74 -46.12
C GLN R 26 49.58 3.18 -45.61
N ALA R 27 48.40 3.76 -45.39
CA ALA R 27 48.33 5.08 -44.79
C ALA R 27 48.93 5.06 -43.38
N ALA R 28 48.60 4.02 -42.61
CA ALA R 28 49.19 3.88 -41.27
C ALA R 28 50.71 3.73 -41.36
N PHE R 29 51.19 3.00 -42.36
CA PHE R 29 52.62 2.82 -42.55
C PHE R 29 53.31 4.14 -42.87
N GLY R 30 52.71 4.93 -43.76
CA GLY R 30 53.26 6.24 -44.05
C GLY R 30 53.29 7.13 -42.82
N ARG R 31 52.25 7.03 -41.99
CA ARG R 31 52.25 7.80 -40.75
C ARG R 31 53.41 7.35 -39.85
N PHE R 32 53.59 6.04 -39.71
CA PHE R 32 54.66 5.53 -38.87
C PHE R 32 56.02 5.97 -39.39
N GLU R 33 56.18 6.01 -40.71
CA GLU R 33 57.40 6.56 -41.28
C GLU R 33 57.62 8.01 -40.89
N ARG R 34 56.61 8.85 -41.09
CA ARG R 34 56.84 10.27 -40.86
C ARG R 34 56.83 10.65 -39.39
N ALA R 35 56.51 9.71 -38.50
CA ALA R 35 56.44 10.03 -37.07
C ALA R 35 57.77 10.57 -36.55
N VAL R 36 58.89 9.95 -36.90
CA VAL R 36 60.18 10.33 -36.33
C VAL R 36 60.57 11.76 -36.67
N PRO R 37 60.51 12.21 -37.93
CA PRO R 37 60.74 13.64 -38.17
C PRO R 37 59.81 14.53 -37.38
N ALA R 38 58.55 14.11 -37.24
CA ALA R 38 57.58 14.89 -36.47
C ALA R 38 57.97 14.95 -35.01
N ILE R 39 58.42 13.84 -34.43
CA ILE R 39 58.81 13.87 -33.02
C ILE R 39 60.05 14.72 -32.84
N GLU R 40 60.98 14.70 -33.81
CA GLU R 40 62.14 15.59 -33.74
C GLU R 40 61.72 17.05 -33.74
N ALA R 41 60.80 17.41 -34.64
CA ALA R 41 60.30 18.79 -34.69
C ALA R 41 59.60 19.15 -33.39
N ALA R 42 58.85 18.21 -32.81
CA ALA R 42 58.18 18.47 -31.55
C ALA R 42 59.19 18.75 -30.44
N ARG R 43 60.27 17.97 -30.37
CA ARG R 43 61.34 18.24 -29.41
C ARG R 43 61.90 19.64 -29.61
N ALA R 44 62.22 19.97 -30.87
CA ALA R 44 62.84 21.27 -31.16
C ALA R 44 61.96 22.42 -30.71
N LEU R 45 60.68 22.40 -31.09
CA LEU R 45 59.79 23.48 -30.69
C LEU R 45 59.48 23.45 -29.20
N THR R 46 59.58 22.28 -28.56
CA THR R 46 59.41 22.22 -27.12
C THR R 46 60.53 22.97 -26.41
N LYS R 47 61.77 22.77 -26.85
CA LYS R 47 62.90 23.40 -26.16
C LYS R 47 62.85 24.92 -26.25
N ASN R 48 62.54 25.45 -27.43
CA ASN R 48 62.55 26.89 -27.65
C ASN R 48 61.18 27.54 -27.46
N GLN R 49 60.36 27.01 -26.57
CA GLN R 49 59.02 27.58 -26.36
C GLN R 49 59.09 29.05 -25.96
N ASP R 50 59.93 29.37 -24.97
CA ASP R 50 59.93 30.72 -24.41
C ASP R 50 60.37 31.74 -25.45
N ALA R 51 61.46 31.46 -26.16
CA ALA R 51 61.96 32.41 -27.15
C ALA R 51 60.93 32.67 -28.23
N LEU R 52 60.30 31.60 -28.73
CA LEU R 52 59.27 31.77 -29.75
C LEU R 52 58.11 32.61 -29.22
N VAL R 53 57.65 32.31 -28.00
CA VAL R 53 56.50 33.02 -27.45
C VAL R 53 56.79 34.51 -27.32
N LYS R 54 57.92 34.86 -26.70
CA LYS R 54 58.22 36.28 -26.56
C LYS R 54 58.44 36.93 -27.92
N GLY R 55 59.30 36.35 -28.76
CA GLY R 55 59.58 36.96 -30.04
C GLY R 55 58.31 37.23 -30.83
N ALA R 56 57.36 36.29 -30.78
CA ALA R 56 56.07 36.52 -31.42
C ALA R 56 55.31 37.66 -30.75
N VAL R 57 55.38 37.74 -29.42
CA VAL R 57 54.66 38.80 -28.72
C VAL R 57 55.15 40.18 -29.17
N GLN R 58 56.45 40.41 -29.10
CA GLN R 58 56.97 41.71 -29.54
C GLN R 58 56.82 41.90 -31.05
N ALA R 59 56.87 40.82 -31.84
CA ALA R 59 56.62 40.97 -33.27
C ALA R 59 55.22 41.49 -33.53
N VAL R 60 54.24 40.97 -32.80
CA VAL R 60 52.86 41.40 -32.98
C VAL R 60 52.68 42.83 -32.52
N PHE R 61 53.26 43.18 -31.37
CA PHE R 61 53.18 44.57 -30.91
C PHE R 61 53.88 45.51 -31.88
N LYS R 62 54.90 45.01 -32.58
CA LYS R 62 55.65 45.86 -33.51
C LYS R 62 54.90 46.04 -34.82
N LYS R 63 54.17 45.01 -35.27
CA LYS R 63 53.46 45.14 -36.54
C LYS R 63 52.31 46.13 -36.45
N PHE R 64 51.57 46.12 -35.35
CA PHE R 64 50.49 47.07 -35.09
C PHE R 64 50.86 47.89 -33.86
N PRO R 65 51.73 48.89 -34.01
CA PRO R 65 52.12 49.69 -32.82
C PRO R 65 50.96 50.41 -32.18
N TYR R 66 49.88 50.66 -32.92
CA TYR R 66 48.73 51.33 -32.34
C TYR R 66 48.07 50.52 -31.24
N VAL R 67 48.37 49.21 -31.17
CA VAL R 67 47.73 48.35 -30.19
C VAL R 67 48.17 48.72 -28.77
N THR R 68 49.44 49.11 -28.63
CA THR R 68 50.07 49.19 -27.31
C THR R 68 49.49 50.27 -26.41
N GLN R 69 49.28 51.49 -26.92
CA GLN R 69 49.02 52.62 -26.05
C GLN R 69 47.68 52.46 -25.32
N PRO R 70 47.50 53.14 -24.19
CA PRO R 70 46.29 52.95 -23.37
C PRO R 70 45.00 53.13 -24.14
N GLY R 71 43.93 52.57 -23.59
CA GLY R 71 42.60 52.67 -24.16
C GLY R 71 42.24 51.60 -25.16
N GLU R 72 43.13 50.64 -25.42
CA GLU R 72 42.82 49.52 -26.31
C GLU R 72 43.37 48.23 -25.73
N LYS R 73 43.37 47.20 -26.59
CA LYS R 73 43.62 45.84 -26.13
C LYS R 73 45.04 45.66 -25.60
N GLY R 74 46.03 46.28 -26.26
CA GLY R 74 47.42 46.00 -25.93
C GLY R 74 47.82 46.47 -24.54
N TYR R 75 47.32 47.63 -24.13
CA TYR R 75 47.69 48.17 -22.83
C TYR R 75 47.21 47.27 -21.71
N GLY R 76 47.99 47.20 -20.64
CA GLY R 76 47.66 46.41 -19.47
C GLY R 76 48.56 45.21 -19.28
N ASP R 77 49.21 45.15 -18.12
CA ASP R 77 50.19 44.10 -17.87
C ASP R 77 49.55 42.71 -17.94
N SER R 78 48.37 42.57 -17.33
CA SER R 78 47.63 41.32 -17.44
C SER R 78 47.32 41.00 -18.90
N ASN R 79 47.01 42.04 -19.68
CA ASN R 79 46.69 41.82 -21.09
C ASN R 79 47.90 41.26 -21.85
N GLN R 80 49.09 41.83 -21.64
CA GLN R 80 50.26 41.27 -22.32
C GLN R 80 50.60 39.87 -21.83
N ALA R 81 50.48 39.61 -20.52
CA ALA R 81 50.69 38.26 -20.03
C ALA R 81 49.73 37.29 -20.70
N LYS R 82 48.50 37.74 -20.93
CA LYS R 82 47.49 36.96 -21.61
C LYS R 82 47.80 36.77 -23.08
N CYS R 83 48.41 37.77 -23.72
CA CYS R 83 48.94 37.60 -25.07
C CYS R 83 49.94 36.47 -25.11
N ALA R 84 50.88 36.49 -24.16
CA ALA R 84 51.88 35.43 -24.09
C ALA R 84 51.22 34.08 -23.88
N ARG R 85 50.18 34.04 -23.03
CA ARG R 85 49.50 32.78 -22.77
C ARG R 85 48.86 32.24 -24.04
N ASP R 86 48.20 33.12 -24.81
CA ASP R 86 47.58 32.71 -26.06
C ASP R 86 48.60 32.19 -27.07
N ILE R 87 49.71 32.92 -27.23
CA ILE R 87 50.69 32.50 -28.22
C ILE R 87 51.31 31.17 -27.81
N GLY R 88 51.54 30.99 -26.51
CA GLY R 88 51.96 29.68 -26.03
C GLY R 88 50.93 28.60 -26.30
N TYR R 89 49.65 28.97 -26.21
CA TYR R 89 48.60 28.00 -26.50
C TYR R 89 48.71 27.50 -27.92
N TYR R 90 48.77 28.42 -28.88
CA TYR R 90 48.93 28.01 -30.28
C TYR R 90 50.20 27.20 -30.49
N LEU R 91 51.30 27.60 -29.87
CA LEU R 91 52.53 26.85 -30.03
C LEU R 91 52.37 25.42 -29.51
N ARG R 92 51.77 25.28 -28.34
CA ARG R 92 51.59 23.96 -27.75
C ARG R 92 50.73 23.09 -28.63
N PHE R 93 49.67 23.65 -29.20
CA PHE R 93 48.78 22.83 -30.02
C PHE R 93 49.40 22.49 -31.37
N ILE R 94 50.27 23.35 -31.89
CA ILE R 94 51.03 22.98 -33.08
C ILE R 94 51.99 21.83 -32.78
N THR R 95 52.65 21.88 -31.63
CA THR R 95 53.48 20.75 -31.22
C THR R 95 52.64 19.48 -31.09
N TYR R 96 51.43 19.61 -30.55
CA TYR R 96 50.55 18.46 -30.42
C TYR R 96 50.21 17.87 -31.76
N SER R 97 49.85 18.72 -32.73
CA SER R 97 49.56 18.24 -34.08
C SER R 97 50.76 17.54 -34.66
N LEU R 98 51.95 18.07 -34.42
CA LEU R 98 53.17 17.42 -34.90
C LEU R 98 53.32 16.03 -34.29
N VAL R 99 53.11 15.92 -32.98
CA VAL R 99 53.24 14.63 -32.31
C VAL R 99 52.24 13.63 -32.89
N ALA R 100 50.97 14.03 -32.98
CA ALA R 100 49.94 13.14 -33.51
C ALA R 100 50.00 12.98 -35.01
N SER R 101 50.79 13.82 -35.71
CA SER R 101 50.89 13.78 -37.16
C SER R 101 49.51 13.94 -37.82
N GLY R 102 48.63 14.66 -37.13
CA GLY R 102 47.33 15.00 -37.68
C GLY R 102 46.88 16.33 -37.13
N THR R 103 46.06 17.02 -37.90
CA THR R 103 45.57 18.33 -37.50
C THR R 103 44.48 18.25 -36.46
N GLY R 104 44.29 17.08 -35.85
CA GLY R 104 43.26 16.86 -34.86
C GLY R 104 43.25 17.86 -33.74
N PRO R 105 44.33 17.90 -32.94
CA PRO R 105 44.31 18.77 -31.75
C PRO R 105 44.04 20.23 -32.04
N LEU R 106 44.56 20.75 -33.15
CA LEU R 106 44.22 22.13 -33.52
C LEU R 106 42.73 22.29 -33.72
N ASP R 107 42.14 21.45 -34.59
CA ASP R 107 40.72 21.55 -34.86
C ASP R 107 39.88 21.40 -33.61
N ASP R 108 40.31 20.52 -32.70
CA ASP R 108 39.58 20.30 -31.47
C ASP R 108 39.67 21.48 -30.51
N TYR R 109 40.86 22.04 -30.31
CA TYR R 109 41.08 22.95 -29.19
C TYR R 109 41.10 24.42 -29.56
N VAL R 110 41.44 24.79 -30.79
CA VAL R 110 41.51 26.19 -31.19
C VAL R 110 40.53 26.52 -32.31
N ILE R 111 40.52 25.73 -33.39
CA ILE R 111 39.74 26.10 -34.56
C ILE R 111 38.25 25.99 -34.28
N ALA R 112 37.83 24.92 -33.61
CA ALA R 112 36.43 24.77 -33.24
C ALA R 112 36.07 25.80 -32.18
N GLY R 113 35.42 26.87 -32.60
CA GLY R 113 35.12 27.98 -31.73
C GLY R 113 36.01 29.19 -31.90
N LEU R 114 36.92 29.17 -32.86
CA LEU R 114 37.89 30.26 -33.03
C LEU R 114 37.20 31.56 -33.39
N ARG R 115 36.37 31.53 -34.44
CA ARG R 115 35.77 32.76 -34.95
C ARG R 115 34.84 33.40 -33.94
N GLU R 116 34.06 32.60 -33.22
CA GLU R 116 33.03 33.16 -32.35
C GLU R 116 33.66 33.81 -31.14
N VAL R 117 34.70 33.17 -30.59
CA VAL R 117 35.41 33.76 -29.46
C VAL R 117 36.19 34.98 -29.90
N ASN R 118 36.76 34.94 -31.12
CA ASN R 118 37.47 36.10 -31.62
C ASN R 118 36.55 37.30 -31.75
N ARG R 119 35.35 37.08 -32.30
CA ARG R 119 34.41 38.18 -32.48
C ARG R 119 33.78 38.63 -31.18
N ALA R 120 33.62 37.72 -30.21
CA ALA R 120 32.94 38.08 -28.97
C ALA R 120 33.79 39.03 -28.13
N PHE R 121 35.08 38.76 -28.03
CA PHE R 121 35.99 39.57 -27.23
C PHE R 121 36.63 40.68 -28.02
N ASN R 122 36.21 40.91 -29.26
CA ASN R 122 36.81 41.88 -30.16
C ASN R 122 38.28 41.60 -30.41
N LEU R 123 38.71 40.35 -30.24
CA LEU R 123 40.05 39.99 -30.64
C LEU R 123 40.17 40.11 -32.17
N ASN R 124 41.40 40.03 -32.64
CA ASN R 124 41.68 40.18 -34.06
C ASN R 124 42.47 38.97 -34.52
N PRO R 125 42.06 38.30 -35.59
CA PRO R 125 42.93 37.26 -36.16
C PRO R 125 44.27 37.79 -36.58
N LEU R 126 44.32 39.00 -37.16
CA LEU R 126 45.55 39.49 -37.76
C LEU R 126 46.71 39.46 -36.79
N TRP R 127 46.44 39.72 -35.51
CA TRP R 127 47.48 39.57 -34.49
C TRP R 127 48.03 38.16 -34.47
N TYR R 128 47.15 37.17 -34.54
CA TYR R 128 47.61 35.79 -34.44
C TYR R 128 48.24 35.32 -35.74
N ILE R 129 47.79 35.80 -36.90
CA ILE R 129 48.55 35.52 -38.13
C ILE R 129 49.94 36.13 -38.05
N GLU R 130 50.06 37.33 -37.48
CA GLU R 130 51.39 37.93 -37.34
C GLU R 130 52.29 37.09 -36.44
N ALA R 131 51.77 36.66 -35.28
CA ALA R 131 52.56 35.83 -34.38
C ALA R 131 52.92 34.49 -35.01
N LEU R 132 51.96 33.87 -35.71
CA LEU R 132 52.23 32.61 -36.37
C LEU R 132 53.23 32.79 -37.51
N ASN R 133 53.24 33.95 -38.16
CA ASN R 133 54.23 34.24 -39.17
C ASN R 133 55.62 34.37 -38.54
N TYR R 134 55.70 34.99 -37.37
CA TYR R 134 56.98 35.05 -36.67
C TYR R 134 57.46 33.65 -36.32
N ILE R 135 56.56 32.81 -35.80
CA ILE R 135 56.95 31.44 -35.45
C ILE R 135 57.36 30.68 -36.70
N LYS R 136 56.67 30.94 -37.82
CA LYS R 136 57.07 30.37 -39.10
C LYS R 136 58.50 30.73 -39.44
N GLY R 137 58.82 32.03 -39.40
CA GLY R 137 60.17 32.45 -39.73
C GLY R 137 61.21 31.87 -38.79
N GLU R 138 60.92 31.87 -37.49
CA GLU R 138 61.90 31.38 -36.51
C GLU R 138 62.14 29.89 -36.66
N THR R 139 61.07 29.09 -36.80
CA THR R 139 61.25 27.66 -37.05
C THR R 139 61.86 27.39 -38.41
N GLY R 140 61.78 28.32 -39.35
CA GLY R 140 62.49 28.15 -40.60
C GLY R 140 63.98 27.96 -40.41
N LYS R 141 64.59 28.75 -39.54
CA LYS R 141 66.00 28.59 -39.23
C LYS R 141 66.24 27.53 -38.16
N LEU R 142 65.31 27.38 -37.21
CA LEU R 142 65.50 26.39 -36.16
C LEU R 142 65.49 24.97 -36.72
N LEU R 143 64.61 24.69 -37.66
CA LEU R 143 64.47 23.35 -38.23
C LEU R 143 65.13 23.29 -39.61
N SER R 144 65.32 22.07 -40.10
CA SER R 144 65.88 21.84 -41.41
C SER R 144 65.49 20.45 -41.87
N GLY R 145 65.34 20.30 -43.19
CA GLY R 145 65.00 19.02 -43.78
C GLY R 145 63.53 18.70 -43.77
N GLN R 146 63.18 17.48 -43.35
CA GLN R 146 61.79 17.01 -43.37
C GLN R 146 60.97 17.63 -42.25
N SER R 147 61.48 17.58 -41.01
CA SER R 147 60.79 18.20 -39.89
C SER R 147 60.51 19.68 -40.14
N LYS R 148 61.39 20.34 -40.91
CA LYS R 148 61.14 21.72 -41.32
C LYS R 148 59.76 21.85 -41.95
N THR R 149 59.58 21.25 -43.12
CA THR R 149 58.33 21.39 -43.83
C THR R 149 57.16 20.77 -43.06
N GLU R 150 57.44 19.75 -42.24
CA GLU R 150 56.36 19.15 -41.46
C GLU R 150 55.79 20.15 -40.47
N ALA R 151 56.66 20.90 -39.77
CA ALA R 151 56.16 21.92 -38.86
C ALA R 151 55.55 23.10 -39.62
N LEU R 152 56.20 23.52 -40.71
CA LEU R 152 55.68 24.62 -41.52
C LEU R 152 54.27 24.34 -42.00
N LEU R 153 53.98 23.08 -42.30
CA LEU R 153 52.66 22.70 -42.80
C LEU R 153 51.58 22.96 -41.76
N TYR R 154 51.84 22.63 -40.50
CA TYR R 154 50.85 22.89 -39.47
C TYR R 154 50.79 24.37 -39.13
N ILE R 155 51.94 25.07 -39.22
CA ILE R 155 51.95 26.50 -38.98
C ILE R 155 51.03 27.21 -39.98
N ASP R 156 51.20 26.94 -41.27
CA ASP R 156 50.37 27.65 -42.22
C ASP R 156 48.96 27.06 -42.34
N HIS R 157 48.74 25.83 -41.87
CA HIS R 157 47.36 25.39 -41.67
C HIS R 157 46.65 26.24 -40.63
N ALA R 158 47.32 26.49 -39.49
CA ALA R 158 46.73 27.35 -38.48
C ALA R 158 46.54 28.77 -39.01
N ILE R 159 47.48 29.24 -39.81
CA ILE R 159 47.35 30.57 -40.40
C ILE R 159 46.15 30.64 -41.34
N ASN R 160 45.96 29.60 -42.16
CA ASN R 160 44.78 29.54 -43.01
C ASN R 160 43.50 29.51 -42.19
N ALA R 161 43.49 28.78 -41.08
CA ALA R 161 42.31 28.74 -40.23
C ALA R 161 42.01 30.11 -39.65
N LEU R 162 43.04 30.84 -39.24
CA LEU R 162 42.82 32.17 -38.66
C LEU R 162 42.46 33.19 -39.73
N SER R 163 42.95 33.00 -40.95
CA SER R 163 42.72 33.97 -42.01
C SER R 163 41.40 33.72 -42.72
N SER S 2 13.79 41.04 -49.21
CA SER S 2 13.42 42.39 -48.81
C SER S 2 11.95 42.47 -48.42
N ARG S 3 11.54 41.64 -47.47
CA ARG S 3 10.14 41.62 -47.08
C ARG S 3 9.94 42.45 -45.83
N THR S 4 8.98 43.35 -45.88
CA THR S 4 8.52 44.14 -44.76
C THR S 4 7.58 43.29 -43.91
N VAL S 5 6.86 43.94 -43.00
CA VAL S 5 5.85 43.24 -42.22
C VAL S 5 4.79 42.66 -43.14
N ILE S 6 4.39 43.41 -44.16
CA ILE S 6 3.30 42.99 -45.04
C ILE S 6 3.67 41.69 -45.77
N THR S 7 4.85 41.65 -46.38
CA THR S 7 5.21 40.49 -47.17
C THR S 7 5.55 39.29 -46.30
N GLU S 8 6.10 39.50 -45.10
CA GLU S 8 6.28 38.36 -44.22
C GLU S 8 4.96 37.82 -43.73
N VAL S 9 3.96 38.69 -43.52
CA VAL S 9 2.59 38.22 -43.28
C VAL S 9 2.10 37.34 -44.42
N ILE S 10 2.25 37.82 -45.66
CA ILE S 10 1.81 37.03 -46.80
C ILE S 10 2.50 35.68 -46.80
N ALA S 11 3.82 35.67 -46.56
CA ALA S 11 4.60 34.44 -46.61
C ALA S 11 4.16 33.46 -45.53
N THR S 12 3.97 33.95 -44.30
CA THR S 12 3.60 33.04 -43.21
C THR S 12 2.17 32.54 -43.36
N ALA S 13 1.29 33.37 -43.93
CA ALA S 13 -0.08 32.93 -44.14
C ALA S 13 -0.15 31.88 -45.25
N ASP S 14 0.60 32.08 -46.34
CA ASP S 14 0.63 31.09 -47.40
C ASP S 14 1.41 29.85 -46.98
N SER S 15 2.24 29.97 -45.95
CA SER S 15 2.97 28.80 -45.44
C SER S 15 2.01 27.75 -44.91
N GLN S 16 0.98 28.18 -44.17
CA GLN S 16 0.00 27.27 -43.63
C GLN S 16 -1.14 26.97 -44.59
N GLY S 17 -1.08 27.51 -45.81
CA GLY S 17 -2.17 27.32 -46.76
C GLY S 17 -3.47 27.92 -46.28
N ARG S 18 -3.41 29.08 -45.62
CA ARG S 18 -4.57 29.68 -45.00
C ARG S 18 -4.67 31.15 -45.39
N PHE S 19 -5.86 31.70 -45.19
CA PHE S 19 -6.08 33.13 -45.40
C PHE S 19 -5.48 33.93 -44.25
N LEU S 20 -5.78 35.23 -44.24
CA LEU S 20 -5.22 36.12 -43.23
C LEU S 20 -6.26 36.40 -42.15
N ASN S 21 -5.96 36.02 -40.91
CA ASN S 21 -6.89 36.25 -39.82
C ASN S 21 -6.56 37.56 -39.12
N SER S 22 -7.11 37.76 -37.93
CA SER S 22 -7.10 39.07 -37.29
C SER S 22 -5.71 39.48 -36.81
N THR S 23 -4.88 38.51 -36.42
CA THR S 23 -3.59 38.87 -35.82
C THR S 23 -2.69 39.57 -36.83
N GLU S 24 -2.50 38.97 -38.01
CA GLU S 24 -1.60 39.54 -38.99
C GLU S 24 -2.19 40.75 -39.69
N LEU S 25 -3.52 40.78 -39.85
CA LEU S 25 -4.14 42.02 -40.33
C LEU S 25 -3.95 43.15 -39.32
N GLN S 26 -4.01 42.83 -38.04
CA GLN S 26 -3.77 43.81 -36.98
C GLN S 26 -2.34 44.33 -37.04
N ALA S 27 -1.37 43.42 -37.23
CA ALA S 27 0.02 43.83 -37.37
C ALA S 27 0.22 44.71 -38.60
N ALA S 28 -0.39 44.34 -39.73
CA ALA S 28 -0.31 45.16 -40.92
C ALA S 28 -0.97 46.51 -40.71
N PHE S 29 -2.02 46.56 -39.89
CA PHE S 29 -2.65 47.83 -39.56
C PHE S 29 -1.68 48.74 -38.81
N GLY S 30 -1.04 48.20 -37.78
CA GLY S 30 -0.05 48.98 -37.06
C GLY S 30 1.07 49.46 -37.95
N ARG S 31 1.52 48.59 -38.86
CA ARG S 31 2.59 48.96 -39.79
C ARG S 31 2.15 50.09 -40.72
N PHE S 32 0.93 50.01 -41.26
CA PHE S 32 0.42 51.10 -42.08
C PHE S 32 0.40 52.40 -41.30
N GLU S 33 -0.03 52.35 -40.04
CA GLU S 33 -0.10 53.59 -39.26
C GLU S 33 1.28 54.11 -38.92
N ARG S 34 2.28 53.22 -38.88
CA ARG S 34 3.65 53.67 -38.68
C ARG S 34 4.31 54.15 -39.96
N ALA S 35 3.72 53.85 -41.11
CA ALA S 35 4.34 54.30 -42.35
C ALA S 35 4.42 55.82 -42.47
N VAL S 36 3.71 56.57 -41.64
CA VAL S 36 3.77 58.04 -41.70
C VAL S 36 5.05 58.54 -41.02
N PRO S 37 5.28 58.27 -39.72
CA PRO S 37 6.52 58.76 -39.11
C PRO S 37 7.77 58.17 -39.73
N ALA S 38 7.68 56.94 -40.23
CA ALA S 38 8.80 56.35 -40.95
C ALA S 38 9.13 57.13 -42.22
N ILE S 39 8.12 57.52 -42.99
CA ILE S 39 8.36 58.29 -44.19
C ILE S 39 8.92 59.67 -43.84
N GLU S 40 8.41 60.28 -42.77
CA GLU S 40 8.97 61.55 -42.34
C GLU S 40 10.43 61.45 -41.93
N ALA S 41 10.79 60.42 -41.16
CA ALA S 41 12.18 60.25 -40.75
C ALA S 41 13.06 59.98 -41.96
N ALA S 42 12.58 59.16 -42.90
CA ALA S 42 13.37 58.89 -44.10
C ALA S 42 13.59 60.16 -44.91
N ARG S 43 12.57 61.00 -45.02
CA ARG S 43 12.74 62.28 -45.72
C ARG S 43 13.77 63.14 -45.00
N ALA S 44 13.72 63.14 -43.66
CA ALA S 44 14.68 63.93 -42.89
C ALA S 44 16.11 63.47 -43.14
N LEU S 45 16.36 62.16 -43.12
CA LEU S 45 17.71 61.67 -43.41
C LEU S 45 18.12 61.92 -44.86
N THR S 46 17.20 61.76 -45.81
CA THR S 46 17.56 62.05 -47.20
C THR S 46 17.89 63.53 -47.39
N LYS S 47 17.33 64.40 -46.54
CA LYS S 47 17.73 65.81 -46.57
C LYS S 47 19.20 65.97 -46.17
N ASN S 48 19.69 65.11 -45.27
CA ASN S 48 20.98 65.29 -44.63
C ASN S 48 21.95 64.15 -44.94
N GLN S 49 21.99 63.71 -46.20
CA GLN S 49 22.84 62.58 -46.55
C GLN S 49 24.32 62.96 -46.61
N ASP S 50 24.64 64.07 -47.29
CA ASP S 50 26.03 64.40 -47.56
C ASP S 50 26.76 64.84 -46.31
N ALA S 51 26.12 65.70 -45.52
CA ALA S 51 26.70 66.12 -44.25
C ALA S 51 26.99 64.91 -43.37
N LEU S 52 26.12 63.91 -43.42
CA LEU S 52 26.35 62.71 -42.62
C LEU S 52 27.46 61.84 -43.16
N VAL S 53 27.58 61.70 -44.48
CA VAL S 53 28.70 60.94 -45.02
C VAL S 53 30.02 61.58 -44.60
N LYS S 54 30.12 62.90 -44.74
CA LYS S 54 31.35 63.58 -44.33
C LYS S 54 31.58 63.50 -42.83
N GLY S 55 30.54 63.75 -42.02
CA GLY S 55 30.70 63.65 -40.59
C GLY S 55 31.13 62.27 -40.16
N ALA S 56 30.60 61.24 -40.82
CA ALA S 56 30.97 59.87 -40.48
C ALA S 56 32.41 59.58 -40.83
N VAL S 57 32.89 60.02 -41.99
CA VAL S 57 34.28 59.73 -42.34
C VAL S 57 35.22 60.49 -41.40
N GLN S 58 34.92 61.74 -41.08
CA GLN S 58 35.75 62.46 -40.11
C GLN S 58 35.68 61.84 -38.73
N ALA S 59 34.51 61.35 -38.31
CA ALA S 59 34.38 60.73 -37.00
C ALA S 59 35.18 59.43 -36.91
N VAL S 60 35.09 58.59 -37.94
CA VAL S 60 35.84 57.34 -37.91
C VAL S 60 37.33 57.62 -37.99
N PHE S 61 37.73 58.72 -38.66
CA PHE S 61 39.15 59.03 -38.72
C PHE S 61 39.67 59.57 -37.40
N LYS S 62 38.89 60.42 -36.74
CA LYS S 62 39.33 60.96 -35.45
C LYS S 62 39.31 59.87 -34.37
N LYS S 63 38.41 58.90 -34.49
CA LYS S 63 38.42 57.79 -33.55
C LYS S 63 39.57 56.82 -33.85
N PHE S 64 39.80 56.53 -35.13
CA PHE S 64 40.87 55.63 -35.55
C PHE S 64 41.97 56.45 -36.21
N PRO S 65 42.99 56.88 -35.46
CA PRO S 65 44.03 57.71 -36.07
C PRO S 65 45.01 56.92 -36.92
N TYR S 66 45.33 55.68 -36.53
CA TYR S 66 46.28 54.88 -37.30
C TYR S 66 45.80 54.63 -38.71
N VAL S 67 44.48 54.67 -38.94
CA VAL S 67 43.93 54.44 -40.26
C VAL S 67 44.40 55.51 -41.24
N THR S 68 44.52 56.75 -40.74
CA THR S 68 45.05 57.83 -41.59
C THR S 68 46.49 57.58 -42.00
N GLN S 69 47.30 57.05 -41.09
CA GLN S 69 48.71 56.84 -41.36
C GLN S 69 48.89 55.82 -42.49
N PRO S 70 49.87 56.05 -43.37
CA PRO S 70 50.19 55.05 -44.39
C PRO S 70 50.59 53.72 -43.77
N GLY S 71 50.52 52.67 -44.58
CA GLY S 71 50.66 51.32 -44.09
C GLY S 71 49.37 50.68 -43.62
N GLU S 72 48.27 51.44 -43.59
CA GLU S 72 46.96 50.94 -43.23
C GLU S 72 46.01 51.14 -44.40
N LYS S 73 44.80 50.61 -44.25
CA LYS S 73 43.83 50.63 -45.34
C LYS S 73 43.41 52.06 -45.70
N GLY S 74 43.27 52.92 -44.71
CA GLY S 74 42.68 54.23 -44.93
C GLY S 74 43.51 55.14 -45.82
N TYR S 75 44.83 55.02 -45.77
CA TYR S 75 45.69 55.95 -46.49
C TYR S 75 45.52 55.78 -48.00
N GLY S 76 45.22 56.88 -48.68
CA GLY S 76 44.98 56.91 -50.11
C GLY S 76 43.66 57.58 -50.39
N ASP S 77 43.66 58.49 -51.38
CA ASP S 77 42.46 59.27 -51.67
C ASP S 77 41.31 58.36 -52.08
N SER S 78 41.59 57.39 -52.94
CA SER S 78 40.57 56.41 -53.31
C SER S 78 40.04 55.68 -52.09
N ASN S 79 40.87 55.52 -51.06
CA ASN S 79 40.45 54.75 -49.90
C ASN S 79 39.43 55.51 -49.05
N GLN S 80 39.64 56.80 -48.80
CA GLN S 80 38.61 57.57 -48.11
C GLN S 80 37.40 57.78 -49.01
N ALA S 81 37.61 57.80 -50.34
CA ALA S 81 36.46 57.85 -51.24
C ALA S 81 35.60 56.59 -51.09
N LYS S 82 36.23 55.43 -51.00
CA LYS S 82 35.50 54.18 -50.79
C LYS S 82 34.85 54.17 -49.41
N CYS S 83 35.52 54.73 -48.41
CA CYS S 83 34.91 54.89 -47.09
C CYS S 83 33.60 55.67 -47.18
N ALA S 84 33.65 56.84 -47.82
CA ALA S 84 32.46 57.67 -47.95
C ALA S 84 31.38 56.95 -48.75
N ARG S 85 31.77 56.22 -49.79
CA ARG S 85 30.80 55.48 -50.58
C ARG S 85 30.13 54.39 -49.75
N ASP S 86 30.90 53.69 -48.92
CA ASP S 86 30.32 52.65 -48.07
C ASP S 86 29.37 53.24 -47.04
N ILE S 87 29.73 54.38 -46.45
CA ILE S 87 28.82 55.00 -45.50
C ILE S 87 27.56 55.49 -46.20
N GLY S 88 27.70 55.98 -47.44
CA GLY S 88 26.52 56.32 -48.22
C GLY S 88 25.64 55.11 -48.46
N TYR S 89 26.25 53.96 -48.75
CA TYR S 89 25.48 52.72 -48.90
C TYR S 89 24.71 52.41 -47.63
N TYR S 90 25.38 52.45 -46.48
CA TYR S 90 24.72 52.13 -45.22
C TYR S 90 23.58 53.10 -44.93
N LEU S 91 23.79 54.40 -45.15
CA LEU S 91 22.74 55.37 -44.91
C LEU S 91 21.57 55.16 -45.86
N ARG S 92 21.85 54.87 -47.13
CA ARG S 92 20.78 54.63 -48.09
C ARG S 92 19.95 53.43 -47.65
N PHE S 93 20.60 52.36 -47.21
CA PHE S 93 19.85 51.18 -46.79
C PHE S 93 19.08 51.43 -45.50
N ILE S 94 19.62 52.27 -44.60
CA ILE S 94 18.86 52.62 -43.40
C ILE S 94 17.61 53.39 -43.77
N THR S 95 17.72 54.35 -44.69
CA THR S 95 16.54 55.08 -45.14
C THR S 95 15.54 54.16 -45.84
N TYR S 96 16.05 53.20 -46.61
CA TYR S 96 15.19 52.23 -47.28
C TYR S 96 14.42 51.39 -46.26
N SER S 97 15.12 50.93 -45.22
CA SER S 97 14.45 50.16 -44.17
C SER S 97 13.43 51.01 -43.45
N LEU S 98 13.74 52.29 -43.23
CA LEU S 98 12.78 53.20 -42.61
C LEU S 98 11.51 53.30 -43.44
N VAL S 99 11.68 53.51 -44.76
CA VAL S 99 10.51 53.59 -45.63
C VAL S 99 9.72 52.29 -45.60
N ALA S 100 10.42 51.16 -45.71
CA ALA S 100 9.75 49.87 -45.79
C ALA S 100 9.28 49.35 -44.45
N SER S 101 9.60 50.03 -43.35
CA SER S 101 9.16 49.66 -42.00
C SER S 101 9.60 48.26 -41.61
N GLY S 102 10.59 47.71 -42.31
CA GLY S 102 11.10 46.39 -41.98
C GLY S 102 12.57 46.29 -42.32
N THR S 103 13.25 45.37 -41.65
CA THR S 103 14.67 45.17 -41.84
C THR S 103 15.00 44.40 -43.11
N GLY S 104 14.04 44.21 -44.00
CA GLY S 104 14.25 43.49 -45.23
C GLY S 104 15.38 44.04 -46.08
N PRO S 105 15.23 45.30 -46.53
CA PRO S 105 16.30 45.88 -47.37
C PRO S 105 17.65 45.87 -46.69
N LEU S 106 17.72 46.35 -45.45
CA LEU S 106 18.99 46.37 -44.73
C LEU S 106 19.59 44.98 -44.62
N ASP S 107 18.81 44.02 -44.12
CA ASP S 107 19.33 42.69 -43.87
C ASP S 107 19.83 42.04 -45.16
N ASP S 108 18.97 41.99 -46.19
CA ASP S 108 19.36 41.30 -47.41
C ASP S 108 20.44 42.04 -48.19
N TYR S 109 20.51 43.36 -48.11
CA TYR S 109 21.44 44.10 -48.93
C TYR S 109 22.77 44.39 -48.25
N VAL S 110 22.87 44.20 -46.94
CA VAL S 110 24.15 44.36 -46.26
C VAL S 110 24.48 43.11 -45.45
N ILE S 111 23.57 42.72 -44.56
CA ILE S 111 23.92 41.73 -43.54
C ILE S 111 24.13 40.37 -44.17
N ALA S 112 23.54 40.14 -45.35
CA ALA S 112 23.72 38.87 -46.04
C ALA S 112 25.16 38.75 -46.50
N GLY S 113 25.88 37.78 -45.94
CA GLY S 113 27.28 37.60 -46.28
C GLY S 113 28.15 38.80 -45.96
N LEU S 114 27.90 39.47 -44.84
CA LEU S 114 28.67 40.66 -44.47
C LEU S 114 29.99 40.31 -43.81
N ARG S 115 29.97 39.36 -42.88
CA ARG S 115 31.19 38.99 -42.15
C ARG S 115 32.24 38.42 -43.10
N GLU S 116 31.81 37.62 -44.07
CA GLU S 116 32.75 37.07 -45.04
C GLU S 116 33.39 38.16 -45.87
N VAL S 117 32.60 39.18 -46.25
CA VAL S 117 33.15 40.31 -46.98
C VAL S 117 34.17 41.06 -46.14
N ASN S 118 33.84 41.31 -44.87
CA ASN S 118 34.76 42.04 -44.01
C ASN S 118 36.07 41.29 -43.82
N ARG S 119 36.00 39.97 -43.66
CA ARG S 119 37.24 39.19 -43.52
C ARG S 119 38.03 39.17 -44.83
N ALA S 120 37.35 38.96 -45.96
CA ALA S 120 38.07 38.73 -47.21
C ALA S 120 38.69 40.01 -47.74
N PHE S 121 38.19 41.16 -47.30
CA PHE S 121 38.79 42.44 -47.64
C PHE S 121 39.40 43.15 -46.44
N ASN S 122 39.50 42.44 -45.31
CA ASN S 122 40.25 42.90 -44.14
C ASN S 122 39.75 44.24 -43.62
N LEU S 123 38.45 44.51 -43.80
CA LEU S 123 37.83 45.68 -43.22
C LEU S 123 37.47 45.40 -41.76
N ASN S 124 37.94 46.24 -40.86
CA ASN S 124 37.59 46.11 -39.46
C ASN S 124 36.17 46.62 -39.28
N PRO S 125 35.27 45.85 -38.67
CA PRO S 125 33.89 46.33 -38.50
C PRO S 125 33.77 47.54 -37.60
N LEU S 126 34.72 47.78 -36.69
CA LEU S 126 34.58 48.87 -35.74
C LEU S 126 34.57 50.23 -36.44
N TRP S 127 35.15 50.33 -37.64
CA TRP S 127 35.05 51.57 -38.39
C TRP S 127 33.60 51.91 -38.69
N TYR S 128 32.87 50.96 -39.28
CA TYR S 128 31.47 51.19 -39.59
C TYR S 128 30.64 51.31 -38.33
N ILE S 129 31.01 50.59 -37.27
CA ILE S 129 30.29 50.72 -36.01
C ILE S 129 30.39 52.15 -35.48
N GLU S 130 31.60 52.71 -35.48
CA GLU S 130 31.77 54.08 -34.99
C GLU S 130 31.06 55.08 -35.88
N ALA S 131 31.10 54.87 -37.20
CA ALA S 131 30.34 55.75 -38.09
C ALA S 131 28.85 55.71 -37.76
N LEU S 132 28.31 54.52 -37.53
CA LEU S 132 26.89 54.40 -37.21
C LEU S 132 26.56 54.99 -35.85
N ASN S 133 27.49 54.89 -34.88
CA ASN S 133 27.26 55.57 -33.61
C ASN S 133 27.24 57.08 -33.78
N TYR S 134 28.11 57.61 -34.64
CA TYR S 134 28.06 59.03 -34.95
C TYR S 134 26.72 59.42 -35.56
N ILE S 135 26.23 58.60 -36.50
CA ILE S 135 24.95 58.88 -37.13
C ILE S 135 23.83 58.84 -36.10
N LYS S 136 23.88 57.85 -35.19
CA LYS S 136 22.93 57.77 -34.09
C LYS S 136 22.92 59.05 -33.27
N GLY S 137 24.11 59.47 -32.82
CA GLY S 137 24.19 60.64 -31.97
C GLY S 137 23.65 61.89 -32.65
N GLU S 138 23.95 62.06 -33.94
CA GLU S 138 23.49 63.27 -34.60
C GLU S 138 22.01 63.22 -34.96
N THR S 139 21.48 62.05 -35.33
CA THR S 139 20.03 61.94 -35.53
C THR S 139 19.28 62.10 -34.22
N GLY S 140 19.95 61.92 -33.08
CA GLY S 140 19.31 62.18 -31.81
C GLY S 140 18.71 63.57 -31.72
N LYS S 141 19.24 64.53 -32.49
CA LYS S 141 18.72 65.88 -32.51
C LYS S 141 17.93 66.22 -33.76
N LEU S 142 18.25 65.63 -34.91
CA LEU S 142 17.50 65.91 -36.13
C LEU S 142 16.06 65.42 -36.01
N LEU S 143 15.87 64.25 -35.42
CA LEU S 143 14.56 63.62 -35.34
C LEU S 143 14.00 63.73 -33.93
N SER S 144 12.68 63.55 -33.84
CA SER S 144 11.98 63.63 -32.57
C SER S 144 10.88 62.59 -32.53
N GLY S 145 10.50 62.19 -31.31
CA GLY S 145 9.38 61.29 -31.11
C GLY S 145 9.55 59.93 -31.74
N GLN S 146 8.49 59.45 -32.41
CA GLN S 146 8.50 58.10 -32.96
C GLN S 146 9.55 57.95 -34.05
N SER S 147 9.69 58.96 -34.90
CA SER S 147 10.68 58.89 -35.97
C SER S 147 12.08 58.70 -35.40
N LYS S 148 12.42 59.46 -34.36
CA LYS S 148 13.74 59.35 -33.75
C LYS S 148 13.98 57.95 -33.21
N THR S 149 13.05 57.45 -32.39
CA THR S 149 13.27 56.16 -31.76
C THR S 149 13.33 55.03 -32.77
N GLU S 150 12.48 55.07 -33.81
CA GLU S 150 12.49 53.99 -34.78
C GLU S 150 13.76 54.03 -35.64
N ALA S 151 14.21 55.23 -36.03
CA ALA S 151 15.46 55.33 -36.78
C ALA S 151 16.63 54.86 -35.95
N LEU S 152 16.65 55.23 -34.67
CA LEU S 152 17.72 54.76 -33.80
C LEU S 152 17.68 53.25 -33.63
N LEU S 153 16.47 52.67 -33.56
CA LEU S 153 16.37 51.22 -33.48
C LEU S 153 16.94 50.56 -34.72
N TYR S 154 16.65 51.12 -35.90
CA TYR S 154 17.20 50.56 -37.13
C TYR S 154 18.72 50.65 -37.14
N ILE S 155 19.26 51.79 -36.70
CA ILE S 155 20.71 51.96 -36.63
C ILE S 155 21.32 50.96 -35.65
N ASP S 156 20.65 50.74 -34.52
CA ASP S 156 21.13 49.75 -33.56
C ASP S 156 21.12 48.35 -34.16
N HIS S 157 20.09 48.04 -34.94
CA HIS S 157 20.06 46.75 -35.62
C HIS S 157 21.25 46.60 -36.56
N ALA S 158 21.54 47.66 -37.33
CA ALA S 158 22.69 47.60 -38.23
C ALA S 158 23.98 47.40 -37.47
N ILE S 159 24.16 48.12 -36.35
CA ILE S 159 25.38 47.97 -35.56
C ILE S 159 25.50 46.56 -35.01
N ASN S 160 24.42 46.05 -34.40
CA ASN S 160 24.44 44.72 -33.83
C ASN S 160 24.78 43.68 -34.87
N ALA S 161 24.25 43.85 -36.08
CA ALA S 161 24.62 42.95 -37.17
C ALA S 161 26.08 43.12 -37.57
N LEU S 162 26.63 44.32 -37.37
CA LEU S 162 28.03 44.54 -37.70
C LEU S 162 28.96 43.93 -36.67
N SER S 163 28.63 44.07 -35.39
CA SER S 163 29.51 43.56 -34.33
C SER S 163 29.20 42.10 -34.01
N SER T 2 -0.91 28.98 -26.58
CA SER T 2 -1.89 29.66 -27.41
C SER T 2 -1.24 30.77 -28.22
N ARG T 3 -1.68 30.95 -29.46
CA ARG T 3 -1.12 32.01 -30.29
C ARG T 3 -1.81 33.34 -29.99
N THR T 4 -1.01 34.38 -29.91
CA THR T 4 -1.44 35.77 -29.88
C THR T 4 -0.49 36.54 -30.80
N VAL T 5 -0.53 37.86 -30.72
CA VAL T 5 0.50 38.63 -31.41
C VAL T 5 1.85 38.46 -30.69
N ILE T 6 1.84 38.58 -29.37
CA ILE T 6 3.07 38.42 -28.59
C ILE T 6 3.65 37.03 -28.78
N THR T 7 2.81 36.01 -28.64
CA THR T 7 3.31 34.64 -28.71
C THR T 7 3.77 34.28 -30.11
N GLU T 8 3.06 34.75 -31.13
CA GLU T 8 3.51 34.50 -32.50
C GLU T 8 4.85 35.18 -32.77
N VAL T 9 5.01 36.41 -32.28
CA VAL T 9 6.28 37.11 -32.38
C VAL T 9 7.40 36.30 -31.74
N ILE T 10 7.18 35.87 -30.50
CA ILE T 10 8.20 35.12 -29.77
C ILE T 10 8.51 33.81 -30.48
N ALA T 11 7.49 33.15 -31.02
CA ALA T 11 7.70 31.87 -31.69
C ALA T 11 8.52 32.03 -32.95
N THR T 12 8.20 33.04 -33.78
CA THR T 12 9.00 33.27 -34.97
C THR T 12 10.43 33.66 -34.60
N ALA T 13 10.60 34.47 -33.56
CA ALA T 13 11.93 34.88 -33.15
C ALA T 13 12.77 33.69 -32.67
N ASP T 14 12.17 32.81 -31.87
CA ASP T 14 12.92 31.68 -31.35
C ASP T 14 13.09 30.59 -32.40
N SER T 15 12.27 30.59 -33.46
CA SER T 15 12.51 29.65 -34.53
C SER T 15 13.70 30.07 -35.38
N GLN T 16 14.22 31.28 -35.15
CA GLN T 16 15.47 31.73 -35.75
C GLN T 16 16.50 32.09 -34.69
N GLY T 17 16.36 31.58 -33.48
CA GLY T 17 17.33 31.77 -32.41
C GLY T 17 17.75 33.20 -32.17
N ARG T 18 16.95 34.16 -32.64
CA ARG T 18 17.34 35.56 -32.65
C ARG T 18 16.52 36.37 -31.66
N PHE T 19 16.83 37.66 -31.59
CA PHE T 19 16.14 38.57 -30.71
C PHE T 19 14.96 39.21 -31.43
N LEU T 20 14.19 40.00 -30.70
CA LEU T 20 13.03 40.67 -31.27
C LEU T 20 13.46 41.88 -32.08
N ASN T 21 13.33 41.82 -33.40
CA ASN T 21 13.77 42.90 -34.26
C ASN T 21 12.74 44.03 -34.27
N SER T 22 12.89 44.97 -35.19
CA SER T 22 11.98 46.11 -35.25
C SER T 22 10.58 45.67 -35.64
N THR T 23 10.46 44.74 -36.58
CA THR T 23 9.15 44.30 -37.03
C THR T 23 8.36 43.61 -35.91
N GLU T 24 9.05 42.80 -35.11
CA GLU T 24 8.39 42.14 -33.99
C GLU T 24 7.81 43.17 -33.02
N LEU T 25 8.56 44.23 -32.75
CA LEU T 25 8.06 45.25 -31.85
C LEU T 25 6.96 46.08 -32.50
N GLN T 26 7.02 46.27 -33.81
CA GLN T 26 5.90 46.92 -34.52
C GLN T 26 4.61 46.15 -34.28
N ALA T 27 4.64 44.84 -34.54
CA ALA T 27 3.46 44.02 -34.35
C ALA T 27 3.01 44.03 -32.89
N ALA T 28 3.95 43.90 -31.96
CA ALA T 28 3.60 43.85 -30.55
C ALA T 28 2.96 45.14 -30.08
N PHE T 29 3.44 46.30 -30.57
CA PHE T 29 2.85 47.53 -30.10
C PHE T 29 1.52 47.77 -30.77
N GLY T 30 1.36 47.33 -32.02
CA GLY T 30 0.06 47.38 -32.65
C GLY T 30 -0.96 46.61 -31.83
N ARG T 31 -0.57 45.46 -31.31
CA ARG T 31 -1.45 44.72 -30.42
C ARG T 31 -1.73 45.49 -29.14
N PHE T 32 -0.69 46.05 -28.52
CA PHE T 32 -0.91 46.83 -27.31
C PHE T 32 -1.76 48.07 -27.56
N GLU T 33 -1.84 48.53 -28.80
CA GLU T 33 -2.65 49.70 -29.13
C GLU T 33 -4.09 49.33 -29.41
N ARG T 34 -4.32 48.19 -30.05
CA ARG T 34 -5.68 47.71 -30.28
C ARG T 34 -6.26 46.96 -29.09
N ALA T 35 -5.50 46.78 -28.01
CA ALA T 35 -6.04 46.04 -26.89
C ALA T 35 -6.98 46.88 -26.02
N VAL T 36 -7.15 48.16 -26.33
CA VAL T 36 -8.20 48.93 -25.66
C VAL T 36 -9.58 48.65 -26.25
N PRO T 37 -9.81 48.80 -27.57
CA PRO T 37 -11.14 48.43 -28.08
C PRO T 37 -11.50 46.98 -27.84
N ALA T 38 -10.53 46.08 -27.96
CA ALA T 38 -10.82 44.66 -27.78
C ALA T 38 -11.27 44.35 -26.37
N ILE T 39 -10.62 44.96 -25.37
CA ILE T 39 -11.08 44.76 -24.01
C ILE T 39 -12.42 45.42 -23.79
N GLU T 40 -12.70 46.53 -24.46
CA GLU T 40 -14.04 47.10 -24.38
C GLU T 40 -15.10 46.14 -24.91
N ALA T 41 -14.82 45.53 -26.06
CA ALA T 41 -15.75 44.57 -26.64
C ALA T 41 -15.93 43.36 -25.73
N ALA T 42 -14.84 42.87 -25.12
CA ALA T 42 -14.96 41.74 -24.22
C ALA T 42 -15.77 42.10 -22.99
N ARG T 43 -15.62 43.32 -22.49
CA ARG T 43 -16.42 43.76 -21.35
C ARG T 43 -17.89 43.82 -21.71
N ALA T 44 -18.22 44.36 -22.89
CA ALA T 44 -19.61 44.41 -23.32
C ALA T 44 -20.19 43.02 -23.48
N LEU T 45 -19.48 42.15 -24.19
CA LEU T 45 -19.93 40.77 -24.39
C LEU T 45 -19.92 39.97 -23.10
N THR T 46 -19.30 40.46 -22.05
CA THR T 46 -19.32 39.76 -20.77
C THR T 46 -20.46 40.26 -19.89
N LYS T 47 -20.79 41.54 -19.95
CA LYS T 47 -21.98 42.04 -19.26
C LYS T 47 -23.23 41.33 -19.75
N ASN T 48 -23.22 40.87 -21.00
CA ASN T 48 -24.43 40.42 -21.69
C ASN T 48 -24.34 38.97 -22.11
N GLN T 49 -23.80 38.09 -21.27
CA GLN T 49 -23.75 36.67 -21.63
C GLN T 49 -25.14 36.07 -21.69
N ASP T 50 -25.98 36.39 -20.70
CA ASP T 50 -27.31 35.78 -20.61
C ASP T 50 -28.17 36.16 -21.81
N ALA T 51 -28.24 37.44 -22.12
CA ALA T 51 -29.06 37.88 -23.22
C ALA T 51 -28.64 37.22 -24.52
N LEU T 52 -27.33 37.14 -24.76
CA LEU T 52 -26.85 36.59 -26.02
C LEU T 52 -27.07 35.09 -26.09
N VAL T 53 -26.87 34.38 -24.98
CA VAL T 53 -27.08 32.94 -24.99
C VAL T 53 -28.56 32.62 -25.23
N LYS T 54 -29.44 33.30 -24.51
CA LYS T 54 -30.87 33.06 -24.68
C LYS T 54 -31.30 33.38 -26.11
N GLY T 55 -30.93 34.55 -26.61
CA GLY T 55 -31.30 34.91 -27.97
C GLY T 55 -30.77 33.94 -29.00
N ALA T 56 -29.54 33.44 -28.80
CA ALA T 56 -28.98 32.52 -29.77
C ALA T 56 -29.70 31.18 -29.76
N VAL T 57 -30.06 30.70 -28.57
CA VAL T 57 -30.83 29.46 -28.49
C VAL T 57 -32.19 29.63 -29.17
N GLN T 58 -32.84 30.77 -28.91
CA GLN T 58 -34.12 31.06 -29.57
C GLN T 58 -33.97 31.09 -31.09
N ALA T 59 -32.91 31.74 -31.58
CA ALA T 59 -32.74 31.85 -33.02
C ALA T 59 -32.44 30.49 -33.65
N VAL T 60 -31.66 29.66 -32.96
CA VAL T 60 -31.41 28.31 -33.45
C VAL T 60 -32.72 27.55 -33.56
N PHE T 61 -33.54 27.60 -32.50
CA PHE T 61 -34.80 26.87 -32.51
C PHE T 61 -35.72 27.39 -33.62
N LYS T 62 -35.81 28.72 -33.77
CA LYS T 62 -36.67 29.28 -34.79
C LYS T 62 -36.24 28.86 -36.18
N LYS T 63 -34.93 28.89 -36.47
CA LYS T 63 -34.50 28.44 -37.78
C LYS T 63 -34.46 26.93 -37.89
N PHE T 64 -34.37 26.21 -36.77
CA PHE T 64 -34.38 24.75 -36.76
C PHE T 64 -35.46 24.29 -35.79
N PRO T 65 -36.74 24.35 -36.19
CA PRO T 65 -37.80 23.95 -35.27
C PRO T 65 -37.90 22.45 -35.12
N TYR T 66 -37.47 21.70 -36.13
CA TYR T 66 -37.70 20.27 -36.13
C TYR T 66 -36.84 19.53 -35.13
N VAL T 67 -35.85 20.18 -34.54
CA VAL T 67 -35.03 19.51 -33.53
C VAL T 67 -35.72 19.52 -32.18
N THR T 68 -36.56 20.52 -31.95
CA THR T 68 -37.30 20.59 -30.70
C THR T 68 -38.36 19.49 -30.59
N GLN T 69 -38.84 18.97 -31.71
CA GLN T 69 -39.88 17.96 -31.69
C GLN T 69 -39.33 16.63 -31.17
N PRO T 70 -40.20 15.73 -30.71
CA PRO T 70 -39.70 14.47 -30.13
C PRO T 70 -39.13 13.53 -31.17
N GLY T 71 -38.24 12.66 -30.69
CA GLY T 71 -37.62 11.64 -31.52
C GLY T 71 -36.32 12.05 -32.19
N GLU T 72 -35.80 13.24 -31.89
CA GLU T 72 -34.55 13.70 -32.46
C GLU T 72 -33.75 14.50 -31.42
N LYS T 73 -32.75 15.23 -31.93
CA LYS T 73 -31.60 15.60 -31.11
C LYS T 73 -31.96 16.64 -30.06
N GLY T 74 -32.73 17.67 -30.44
CA GLY T 74 -32.94 18.80 -29.55
C GLY T 74 -34.04 18.63 -28.52
N TYR T 75 -34.57 17.41 -28.36
CA TYR T 75 -35.59 17.19 -27.36
C TYR T 75 -35.01 16.95 -25.99
N GLY T 76 -35.65 17.53 -25.00
CA GLY T 76 -35.32 17.28 -23.61
C GLY T 76 -34.86 18.54 -22.93
N ASP T 77 -34.94 18.54 -21.60
CA ASP T 77 -34.32 19.61 -20.85
C ASP T 77 -32.81 19.53 -20.98
N SER T 78 -32.27 18.30 -20.98
CA SER T 78 -30.83 18.10 -21.00
C SER T 78 -30.21 18.59 -22.30
N ASN T 79 -30.78 18.25 -23.45
CA ASN T 79 -30.13 18.61 -24.70
C ASN T 79 -30.26 20.09 -25.01
N GLN T 80 -31.33 20.73 -24.58
CA GLN T 80 -31.38 22.18 -24.76
C GLN T 80 -30.49 22.89 -23.76
N ALA T 81 -30.33 22.34 -22.56
CA ALA T 81 -29.35 22.88 -21.64
C ALA T 81 -27.95 22.78 -22.24
N LYS T 82 -27.66 21.66 -22.90
CA LYS T 82 -26.39 21.54 -23.60
C LYS T 82 -26.26 22.52 -24.74
N CYS T 83 -27.37 22.83 -25.42
CA CYS T 83 -27.34 23.89 -26.43
C CYS T 83 -26.91 25.21 -25.83
N ALA T 84 -27.59 25.63 -24.76
CA ALA T 84 -27.26 26.92 -24.15
C ALA T 84 -25.84 26.91 -23.63
N ARG T 85 -25.37 25.77 -23.15
CA ARG T 85 -24.01 25.65 -22.65
C ARG T 85 -22.99 25.78 -23.78
N ASP T 86 -23.23 25.12 -24.91
CA ASP T 86 -22.34 25.28 -26.05
C ASP T 86 -22.28 26.71 -26.52
N ILE T 87 -23.43 27.40 -26.53
CA ILE T 87 -23.42 28.79 -26.98
C ILE T 87 -22.68 29.66 -25.96
N GLY T 88 -22.81 29.34 -24.67
CA GLY T 88 -22.01 30.03 -23.68
C GLY T 88 -20.52 29.79 -23.87
N TYR T 89 -20.15 28.56 -24.22
CA TYR T 89 -18.76 28.25 -24.53
C TYR T 89 -18.26 29.10 -25.68
N TYR T 90 -19.00 29.11 -26.79
CA TYR T 90 -18.56 29.87 -27.96
C TYR T 90 -18.44 31.35 -27.63
N LEU T 91 -19.42 31.91 -26.95
CA LEU T 91 -19.34 33.32 -26.60
C LEU T 91 -18.17 33.59 -25.67
N ARG T 92 -17.92 32.67 -24.74
CA ARG T 92 -16.84 32.84 -23.79
C ARG T 92 -15.50 32.88 -24.50
N PHE T 93 -15.30 31.97 -25.45
CA PHE T 93 -14.05 31.96 -26.21
C PHE T 93 -13.94 33.13 -27.15
N ILE T 94 -15.05 33.67 -27.66
CA ILE T 94 -14.97 34.92 -28.40
C ILE T 94 -14.46 36.05 -27.50
N THR T 95 -14.96 36.11 -26.26
CA THR T 95 -14.46 37.14 -25.36
C THR T 95 -12.99 36.93 -25.03
N TYR T 96 -12.58 35.67 -24.85
CA TYR T 96 -11.17 35.36 -24.67
C TYR T 96 -10.34 35.88 -25.84
N SER T 97 -10.74 35.53 -27.05
CA SER T 97 -9.97 35.95 -28.21
C SER T 97 -10.03 37.45 -28.42
N LEU T 98 -11.02 38.12 -27.85
CA LEU T 98 -10.97 39.58 -27.80
C LEU T 98 -9.90 40.05 -26.84
N VAL T 99 -9.83 39.45 -25.66
CA VAL T 99 -8.80 39.85 -24.70
C VAL T 99 -7.42 39.52 -25.24
N ALA T 100 -7.21 38.27 -25.65
CA ALA T 100 -5.90 37.89 -26.18
C ALA T 100 -5.64 38.44 -27.57
N SER T 101 -6.55 39.25 -28.11
CA SER T 101 -6.39 39.89 -29.42
C SER T 101 -5.85 38.93 -30.46
N GLY T 102 -6.29 37.68 -30.41
CA GLY T 102 -5.88 36.69 -31.38
C GLY T 102 -6.81 35.51 -31.32
N THR T 103 -6.75 34.69 -32.36
CA THR T 103 -7.60 33.52 -32.45
C THR T 103 -6.98 32.31 -31.78
N GLY T 104 -6.18 32.55 -30.76
CA GLY T 104 -5.57 31.49 -30.01
C GLY T 104 -6.59 30.64 -29.27
N PRO T 105 -7.38 31.26 -28.39
CA PRO T 105 -8.38 30.46 -27.65
C PRO T 105 -9.37 29.74 -28.53
N LEU T 106 -9.85 30.38 -29.60
CA LEU T 106 -10.73 29.69 -30.53
C LEU T 106 -10.05 28.47 -31.12
N ASP T 107 -8.94 28.68 -31.85
CA ASP T 107 -8.28 27.58 -32.55
C ASP T 107 -7.81 26.49 -31.60
N ASP T 108 -7.52 26.84 -30.36
CA ASP T 108 -7.08 25.82 -29.41
C ASP T 108 -8.25 25.01 -28.90
N TYR T 109 -9.29 25.68 -28.39
CA TYR T 109 -10.37 24.96 -27.75
C TYR T 109 -11.41 24.46 -28.74
N VAL T 110 -12.09 25.34 -29.46
CA VAL T 110 -13.25 24.87 -30.21
C VAL T 110 -12.87 24.43 -31.62
N ILE T 111 -12.03 25.19 -32.31
CA ILE T 111 -11.77 24.90 -33.71
C ILE T 111 -10.87 23.67 -33.88
N ALA T 112 -10.10 23.32 -32.86
CA ALA T 112 -9.29 22.10 -32.92
C ALA T 112 -10.12 20.91 -32.49
N GLY T 113 -10.18 19.88 -33.33
CA GLY T 113 -11.06 18.76 -33.05
C GLY T 113 -12.52 19.12 -33.14
N LEU T 114 -12.89 19.93 -34.13
CA LEU T 114 -14.28 20.37 -34.27
C LEU T 114 -15.07 19.41 -35.15
N ARG T 115 -14.57 19.15 -36.35
CA ARG T 115 -15.30 18.30 -37.28
C ARG T 115 -15.44 16.88 -36.75
N GLU T 116 -14.40 16.35 -36.12
CA GLU T 116 -14.45 14.98 -35.63
C GLU T 116 -15.49 14.83 -34.53
N VAL T 117 -15.57 15.80 -33.62
CA VAL T 117 -16.51 15.69 -32.52
C VAL T 117 -17.93 15.97 -32.98
N ASN T 118 -18.09 16.95 -33.87
CA ASN T 118 -19.42 17.20 -34.44
C ASN T 118 -19.86 16.07 -35.37
N ARG T 119 -18.93 15.21 -35.78
CA ARG T 119 -19.26 14.07 -36.62
C ARG T 119 -19.61 12.85 -35.77
N ALA T 120 -18.92 12.65 -34.65
CA ALA T 120 -19.17 11.47 -33.85
C ALA T 120 -20.38 11.63 -32.95
N PHE T 121 -20.74 12.86 -32.59
CA PHE T 121 -21.94 13.12 -31.82
C PHE T 121 -23.11 13.54 -32.69
N ASN T 122 -22.90 13.66 -34.00
CA ASN T 122 -23.91 13.98 -35.00
C ASN T 122 -24.46 15.40 -34.85
N LEU T 123 -23.82 16.25 -34.05
CA LEU T 123 -24.22 17.64 -34.00
C LEU T 123 -24.04 18.29 -35.37
N ASN T 124 -24.70 19.38 -35.57
CA ASN T 124 -24.66 19.91 -36.92
C ASN T 124 -23.95 21.25 -36.92
N PRO T 125 -23.11 21.54 -37.92
CA PRO T 125 -22.51 22.87 -37.99
C PRO T 125 -23.51 23.99 -38.10
N LEU T 126 -24.63 23.76 -38.79
CA LEU T 126 -25.53 24.85 -39.13
C LEU T 126 -26.22 25.41 -37.90
N TRP T 127 -26.47 24.57 -36.89
CA TRP T 127 -27.06 25.09 -35.65
C TRP T 127 -26.16 26.16 -35.05
N TYR T 128 -24.87 25.83 -34.88
CA TYR T 128 -23.96 26.79 -34.29
C TYR T 128 -23.72 27.97 -35.19
N ILE T 129 -23.74 27.77 -36.50
CA ILE T 129 -23.59 28.89 -37.42
C ILE T 129 -24.75 29.86 -37.25
N GLU T 130 -25.96 29.35 -37.08
CA GLU T 130 -27.10 30.25 -36.89
C GLU T 130 -27.04 30.95 -35.54
N ALA T 131 -26.64 30.23 -34.49
CA ALA T 131 -26.48 30.88 -33.20
C ALA T 131 -25.45 32.01 -33.29
N LEU T 132 -24.36 31.77 -34.02
CA LEU T 132 -23.31 32.78 -34.12
C LEU T 132 -23.73 33.92 -35.02
N ASN T 133 -24.57 33.66 -36.02
CA ASN T 133 -25.12 34.78 -36.79
C ASN T 133 -26.02 35.65 -35.94
N TYR T 134 -26.77 35.04 -35.03
CA TYR T 134 -27.56 35.86 -34.11
C TYR T 134 -26.66 36.67 -33.19
N ILE T 135 -25.59 36.04 -32.70
CA ILE T 135 -24.68 36.77 -31.81
C ILE T 135 -24.01 37.90 -32.57
N LYS T 136 -23.67 37.67 -33.83
CA LYS T 136 -23.13 38.74 -34.68
C LYS T 136 -24.14 39.87 -34.83
N GLY T 137 -25.39 39.54 -35.10
CA GLY T 137 -26.42 40.57 -35.18
C GLY T 137 -26.49 41.41 -33.93
N GLU T 138 -26.71 40.77 -32.79
CA GLU T 138 -26.75 41.48 -31.52
C GLU T 138 -25.49 42.25 -31.20
N THR T 139 -24.31 41.74 -31.60
CA THR T 139 -23.07 42.49 -31.42
C THR T 139 -23.08 43.78 -32.22
N GLY T 140 -23.63 43.73 -33.43
CA GLY T 140 -23.76 44.95 -34.21
C GLY T 140 -24.53 46.03 -33.49
N LYS T 141 -25.61 45.67 -32.82
CA LYS T 141 -26.41 46.66 -32.10
C LYS T 141 -25.82 46.99 -30.74
N LEU T 142 -24.97 46.11 -30.21
CA LEU T 142 -24.46 46.27 -28.85
C LEU T 142 -23.13 47.02 -28.84
N LEU T 143 -22.25 46.70 -29.79
CA LEU T 143 -20.97 47.35 -29.93
C LEU T 143 -21.01 48.30 -31.11
N SER T 144 -20.40 49.46 -30.96
CA SER T 144 -20.35 50.47 -32.02
C SER T 144 -18.90 50.83 -32.29
N GLY T 145 -18.57 51.02 -33.55
CA GLY T 145 -17.24 51.47 -33.93
C GLY T 145 -16.22 50.35 -34.06
N GLN T 146 -15.04 50.56 -33.46
CA GLN T 146 -13.91 49.66 -33.67
C GLN T 146 -14.16 48.31 -33.00
N SER T 147 -14.59 48.34 -31.73
CA SER T 147 -14.86 47.11 -31.00
C SER T 147 -15.82 46.23 -31.78
N LYS T 148 -16.84 46.83 -32.39
CA LYS T 148 -17.76 46.09 -33.23
C LYS T 148 -17.00 45.35 -34.32
N THR T 149 -16.10 46.06 -35.01
CA THR T 149 -15.40 45.45 -36.13
C THR T 149 -14.60 44.23 -35.67
N GLU T 150 -13.76 44.39 -34.65
CA GLU T 150 -12.89 43.28 -34.26
C GLU T 150 -13.70 42.12 -33.70
N ALA T 151 -14.75 42.41 -32.93
CA ALA T 151 -15.61 41.34 -32.46
C ALA T 151 -16.21 40.58 -33.62
N LEU T 152 -16.55 41.27 -34.69
CA LEU T 152 -17.09 40.58 -35.85
C LEU T 152 -16.01 39.77 -36.55
N LEU T 153 -14.76 40.23 -36.53
CA LEU T 153 -13.69 39.38 -37.07
C LEU T 153 -13.59 38.06 -36.30
N TYR T 154 -13.65 38.11 -34.98
CA TYR T 154 -13.55 36.83 -34.27
C TYR T 154 -14.80 35.98 -34.46
N ILE T 155 -15.97 36.61 -34.48
CA ILE T 155 -17.22 35.86 -34.64
C ILE T 155 -17.28 35.19 -36.00
N ASP T 156 -16.91 35.90 -37.08
CA ASP T 156 -17.00 35.25 -38.37
C ASP T 156 -15.80 34.34 -38.60
N HIS T 157 -14.71 34.50 -37.85
CA HIS T 157 -13.70 33.45 -37.82
C HIS T 157 -14.31 32.16 -37.29
N ALA T 158 -15.06 32.23 -36.20
CA ALA T 158 -15.72 31.04 -35.68
C ALA T 158 -16.70 30.48 -36.70
N ILE T 159 -17.46 31.36 -37.36
CA ILE T 159 -18.45 30.92 -38.33
C ILE T 159 -17.77 30.17 -39.48
N ASN T 160 -16.70 30.74 -40.03
CA ASN T 160 -15.97 30.06 -41.09
C ASN T 160 -15.31 28.79 -40.59
N ALA T 161 -14.96 28.73 -39.31
CA ALA T 161 -14.44 27.49 -38.76
C ALA T 161 -15.49 26.39 -38.80
N LEU T 162 -16.73 26.72 -38.44
CA LEU T 162 -17.80 25.73 -38.53
C LEU T 162 -18.15 25.42 -39.99
N SER T 163 -18.26 26.46 -40.81
CA SER T 163 -18.63 26.29 -42.21
C SER T 163 -17.46 25.74 -43.03
N MET U 1 7.38 37.91 -54.40
CA MET U 1 7.23 38.11 -52.97
C MET U 1 7.69 39.50 -52.54
N ASN U 2 7.17 40.51 -53.22
CA ASN U 2 7.48 41.90 -52.88
C ASN U 2 6.24 42.75 -53.07
N ASP U 3 6.11 43.77 -52.24
CA ASP U 3 4.99 44.70 -52.26
C ASP U 3 5.40 46.01 -52.93
N VAL U 4 4.53 47.01 -52.83
CA VAL U 4 4.78 48.29 -53.50
C VAL U 4 6.03 48.96 -52.96
N PHE U 5 6.19 48.96 -51.64
CA PHE U 5 7.36 49.58 -51.02
C PHE U 5 8.64 48.89 -51.50
N THR U 6 8.64 47.56 -51.48
CA THR U 6 9.83 46.83 -51.91
C THR U 6 10.10 47.02 -53.39
N ARG U 7 9.06 47.14 -54.23
CA ARG U 7 9.33 47.45 -55.63
C ARG U 7 9.98 48.81 -55.77
N ALA U 8 9.47 49.81 -55.04
CA ALA U 8 10.05 51.14 -55.12
C ALA U 8 11.51 51.12 -54.70
N ILE U 9 11.82 50.40 -53.63
CA ILE U 9 13.21 50.29 -53.18
C ILE U 9 14.05 49.55 -54.22
N ALA U 10 13.45 48.57 -54.90
CA ALA U 10 14.16 47.87 -55.96
C ALA U 10 14.57 48.81 -57.08
N GLN U 11 13.63 49.65 -57.55
CA GLN U 11 14.00 50.61 -58.58
C GLN U 11 15.02 51.60 -58.04
N ALA U 12 14.92 51.94 -56.75
CA ALA U 12 15.89 52.86 -56.15
C ALA U 12 17.30 52.29 -56.22
N ASP U 13 17.44 51.00 -55.93
CA ASP U 13 18.75 50.36 -56.04
C ASP U 13 19.21 50.24 -57.48
N LEU U 14 18.30 49.90 -58.41
CA LEU U 14 18.71 49.80 -59.81
C LEU U 14 19.19 51.14 -60.35
N LYS U 15 18.53 52.24 -60.00
CA LYS U 15 19.16 53.52 -60.31
C LYS U 15 20.21 53.92 -59.29
N GLY U 16 20.27 53.25 -58.15
CA GLY U 16 21.36 53.44 -57.20
C GLY U 16 21.25 54.65 -56.31
N SER U 17 20.36 55.59 -56.62
CA SER U 17 20.23 56.81 -55.84
C SER U 17 19.33 56.58 -54.64
N PHE U 18 19.11 57.63 -53.86
CA PHE U 18 18.16 57.56 -52.77
C PHE U 18 16.74 57.53 -53.32
N LEU U 19 15.77 57.48 -52.41
CA LEU U 19 14.37 57.56 -52.81
C LEU U 19 13.98 59.02 -52.99
N LEU U 20 13.40 59.32 -54.15
CA LEU U 20 13.12 60.70 -54.54
C LEU U 20 11.85 61.18 -53.84
N GLU U 21 11.35 62.35 -54.25
CA GLU U 21 10.24 62.97 -53.54
C GLU U 21 8.90 62.47 -54.05
N SER U 22 8.74 62.40 -55.38
CA SER U 22 7.48 61.92 -55.94
C SER U 22 7.22 60.46 -55.57
N ASP U 23 8.26 59.63 -55.60
CA ASP U 23 8.10 58.23 -55.21
C ASP U 23 7.63 58.13 -53.77
N LEU U 24 8.30 58.84 -52.86
CA LEU U 24 7.89 58.86 -51.46
C LEU U 24 6.50 59.43 -51.29
N ASP U 25 6.09 60.36 -52.16
CA ASP U 25 4.74 60.90 -52.07
C ASP U 25 3.69 59.87 -52.44
N LYS U 26 3.93 59.12 -53.53
CA LYS U 26 3.01 58.03 -53.88
C LYS U 26 2.97 56.98 -52.78
N LEU U 27 4.11 56.69 -52.17
CA LEU U 27 4.15 55.70 -51.10
C LEU U 27 3.39 56.18 -49.87
N ALA U 28 3.51 57.48 -49.55
CA ALA U 28 2.74 58.03 -48.45
C ALA U 28 1.24 58.00 -48.75
N SER U 29 0.86 58.30 -49.99
CA SER U 29 -0.54 58.21 -50.36
C SER U 29 -1.07 56.79 -50.21
N PHE U 30 -0.31 55.80 -50.68
CA PHE U 30 -0.68 54.41 -50.49
C PHE U 30 -0.83 54.07 -49.01
N ALA U 31 0.11 54.52 -48.17
CA ALA U 31 0.04 54.23 -46.75
C ALA U 31 -1.17 54.91 -46.11
N LYS U 32 -1.59 56.05 -46.65
CA LYS U 32 -2.77 56.72 -46.13
C LYS U 32 -4.01 55.86 -46.32
N GLU U 33 -4.11 55.20 -47.47
CA GLU U 33 -5.22 54.33 -47.81
C GLU U 33 -5.02 52.90 -47.34
N GLY U 34 -4.21 52.68 -46.31
CA GLY U 34 -3.92 51.34 -45.87
C GLY U 34 -5.12 50.64 -45.24
N VAL U 35 -5.89 51.37 -44.43
CA VAL U 35 -7.02 50.76 -43.76
C VAL U 35 -8.12 50.40 -44.75
N LYS U 36 -8.29 51.22 -45.79
CA LYS U 36 -9.20 50.85 -46.86
C LYS U 36 -8.80 49.51 -47.46
N ARG U 37 -7.51 49.31 -47.74
CA ARG U 37 -7.04 48.04 -48.27
C ARG U 37 -7.27 46.91 -47.29
N LEU U 38 -7.06 47.16 -46.00
CA LEU U 38 -7.29 46.14 -44.99
C LEU U 38 -8.76 45.71 -44.96
N ASP U 39 -9.68 46.66 -45.13
CA ASP U 39 -11.09 46.32 -45.11
C ASP U 39 -11.47 45.41 -46.27
N ALA U 40 -10.93 45.69 -47.47
CA ALA U 40 -11.18 44.80 -48.60
C ALA U 40 -10.57 43.42 -48.37
N VAL U 41 -9.38 43.37 -47.79
CA VAL U 41 -8.75 42.09 -47.49
C VAL U 41 -9.60 41.31 -46.49
N ALA U 42 -10.12 42.00 -45.47
CA ALA U 42 -10.97 41.36 -44.48
C ALA U 42 -12.25 40.84 -45.12
N ALA U 43 -12.86 41.62 -46.02
CA ALA U 43 -14.04 41.15 -46.72
C ALA U 43 -13.75 39.87 -47.47
N LEU U 44 -12.66 39.85 -48.25
CA LEU U 44 -12.31 38.66 -49.01
C LEU U 44 -12.08 37.46 -48.09
N THR U 45 -11.27 37.65 -47.05
CA THR U 45 -10.94 36.50 -46.19
C THR U 45 -12.14 36.02 -45.40
N ASN U 46 -13.07 36.90 -45.07
CA ASN U 46 -14.25 36.47 -44.33
C ASN U 46 -15.24 35.74 -45.22
N ASN U 47 -15.47 36.25 -46.42
CA ASN U 47 -16.48 35.67 -47.30
C ASN U 47 -15.91 34.66 -48.28
N ALA U 48 -14.64 34.29 -48.14
CA ALA U 48 -14.02 33.34 -49.06
C ALA U 48 -14.86 32.10 -49.36
N PRO U 49 -15.23 31.26 -48.39
CA PRO U 49 -15.99 30.04 -48.76
C PRO U 49 -17.32 30.35 -49.41
N ALA U 50 -17.98 31.44 -49.01
CA ALA U 50 -19.21 31.84 -49.69
C ALA U 50 -18.94 32.16 -51.15
N ILE U 51 -17.87 32.90 -51.43
CA ILE U 51 -17.53 33.25 -52.80
C ILE U 51 -17.22 31.99 -53.61
N ILE U 52 -16.47 31.07 -53.02
CA ILE U 52 -16.15 29.82 -53.72
C ILE U 52 -17.42 29.05 -54.03
N SER U 53 -18.31 28.93 -53.05
CA SER U 53 -19.54 28.16 -53.25
C SER U 53 -20.41 28.80 -54.33
N ASP U 54 -20.55 30.12 -54.30
CA ASP U 54 -21.35 30.80 -55.32
C ASP U 54 -20.75 30.63 -56.71
N ALA U 55 -19.44 30.82 -56.83
CA ALA U 55 -18.81 30.67 -58.13
C ALA U 55 -18.95 29.25 -58.66
N ALA U 56 -18.79 28.26 -57.77
CA ALA U 56 -18.93 26.87 -58.18
C ALA U 56 -20.35 26.59 -58.65
N HIS U 57 -21.34 27.05 -57.88
CA HIS U 57 -22.73 26.87 -58.26
C HIS U 57 -22.99 27.45 -59.64
N LYS U 58 -22.59 28.70 -59.85
CA LYS U 58 -22.83 29.34 -61.12
C LYS U 58 -22.16 28.56 -62.26
N LEU U 59 -20.85 28.32 -62.13
CA LEU U 59 -20.13 27.68 -63.23
C LEU U 59 -20.71 26.32 -63.57
N PHE U 60 -21.00 25.51 -62.55
CA PHE U 60 -21.65 24.24 -62.81
C PHE U 60 -23.04 24.44 -63.39
N ALA U 61 -23.64 25.61 -63.18
CA ALA U 61 -24.96 25.85 -63.77
C ALA U 61 -24.86 26.12 -65.27
N GLU U 62 -24.18 27.19 -65.69
CA GLU U 62 -24.26 27.55 -67.11
C GLU U 62 -23.61 26.47 -67.97
N GLN U 63 -22.58 25.83 -67.45
CA GLN U 63 -21.86 24.79 -68.17
C GLN U 63 -21.97 23.50 -67.35
N GLN U 64 -22.48 22.45 -67.99
CA GLN U 64 -22.76 21.19 -67.30
C GLN U 64 -21.89 20.03 -67.73
N GLU U 65 -21.10 20.18 -68.79
CA GLU U 65 -20.35 19.05 -69.32
C GLU U 65 -19.30 18.55 -68.34
N LEU U 66 -18.91 19.37 -67.37
CA LEU U 66 -17.99 18.89 -66.33
C LEU U 66 -18.62 17.79 -65.51
N ILE U 67 -19.89 17.93 -65.14
CA ILE U 67 -20.48 17.06 -64.13
C ILE U 67 -20.90 15.73 -64.74
N GLN U 68 -21.07 15.69 -66.06
CA GLN U 68 -21.43 14.44 -66.70
C GLN U 68 -20.28 13.45 -66.60
N PRO U 69 -20.58 12.16 -66.65
CA PRO U 69 -19.50 11.16 -66.70
C PRO U 69 -18.59 11.41 -67.89
N GLY U 70 -17.28 11.29 -67.65
CA GLY U 70 -16.30 11.69 -68.63
C GLY U 70 -15.95 13.16 -68.60
N GLY U 71 -16.73 13.97 -67.88
CA GLY U 71 -16.41 15.37 -67.74
C GLY U 71 -15.20 15.61 -66.87
N ASN U 72 -14.66 16.83 -66.95
CA ASN U 72 -13.41 17.11 -66.25
C ASN U 72 -13.60 17.00 -64.75
N ALA U 73 -14.61 17.66 -64.20
CA ALA U 73 -14.89 17.62 -62.77
C ALA U 73 -15.89 16.53 -62.40
N TYR U 74 -16.02 15.50 -63.24
CA TYR U 74 -17.00 14.45 -62.95
C TYR U 74 -16.77 13.77 -61.61
N PRO U 75 -15.69 13.03 -61.40
CA PRO U 75 -15.59 12.26 -60.16
C PRO U 75 -15.54 13.19 -58.96
N HIS U 76 -15.90 12.64 -57.82
CA HIS U 76 -16.17 13.45 -56.63
C HIS U 76 -14.88 14.12 -56.18
N ARG U 77 -13.76 13.39 -56.25
CA ARG U 77 -12.45 13.94 -55.90
C ARG U 77 -12.00 15.03 -56.86
N ARG U 78 -12.22 14.86 -58.16
CA ARG U 78 -11.72 15.84 -59.11
C ARG U 78 -12.39 17.19 -58.91
N MET U 79 -13.69 17.20 -58.65
CA MET U 79 -14.32 18.48 -58.39
C MET U 79 -13.98 19.00 -57.00
N ALA U 80 -13.68 18.11 -56.05
CA ALA U 80 -13.08 18.57 -54.80
C ALA U 80 -11.79 19.34 -55.07
N ALA U 81 -10.95 18.81 -55.95
CA ALA U 81 -9.72 19.51 -56.34
C ALA U 81 -10.02 20.81 -57.07
N CYS U 82 -11.09 20.84 -57.86
CA CYS U 82 -11.48 22.08 -58.53
C CYS U 82 -11.81 23.15 -57.50
N LEU U 83 -12.54 22.80 -56.45
CA LEU U 83 -12.81 23.77 -55.39
C LEU U 83 -11.55 24.13 -54.64
N ARG U 84 -10.61 23.17 -54.53
CA ARG U 84 -9.33 23.48 -53.91
C ARG U 84 -8.59 24.57 -54.69
N ASP U 85 -8.55 24.44 -56.03
CA ASP U 85 -7.92 25.46 -56.85
C ASP U 85 -8.69 26.77 -56.78
N MET U 86 -10.02 26.69 -56.79
CA MET U 86 -10.86 27.84 -56.51
C MET U 86 -10.28 28.64 -55.34
N GLU U 87 -10.19 27.98 -54.18
CA GLU U 87 -9.76 28.64 -52.97
C GLU U 87 -8.31 29.12 -53.06
N ILE U 88 -7.44 28.31 -53.67
CA ILE U 88 -6.03 28.69 -53.77
C ILE U 88 -5.88 29.99 -54.54
N ILE U 89 -6.49 30.07 -55.73
CA ILE U 89 -6.30 31.27 -56.55
C ILE U 89 -6.99 32.46 -55.91
N LEU U 90 -8.15 32.26 -55.27
CA LEU U 90 -8.78 33.39 -54.60
C LEU U 90 -7.93 33.90 -53.44
N ARG U 91 -7.31 32.97 -52.70
CA ARG U 91 -6.43 33.36 -51.61
C ARG U 91 -5.24 34.15 -52.12
N TYR U 92 -4.65 33.69 -53.23
CA TYR U 92 -3.49 34.40 -53.76
C TYR U 92 -3.89 35.77 -54.29
N VAL U 93 -5.12 35.90 -54.80
CA VAL U 93 -5.57 37.23 -55.22
C VAL U 93 -5.76 38.13 -54.01
N SER U 94 -6.26 37.58 -52.89
CA SER U 94 -6.32 38.37 -51.67
C SER U 94 -4.93 38.81 -51.23
N TYR U 95 -3.95 37.91 -51.35
CA TYR U 95 -2.57 38.25 -51.03
C TYR U 95 -2.09 39.41 -51.88
N ALA U 96 -2.22 39.28 -53.20
CA ALA U 96 -1.76 40.32 -54.10
C ALA U 96 -2.48 41.63 -53.86
N LEU U 97 -3.72 41.56 -53.36
CA LEU U 97 -4.44 42.78 -53.04
C LEU U 97 -3.85 43.44 -51.81
N LEU U 98 -3.55 42.65 -50.78
CA LEU U 98 -2.94 43.23 -49.58
C LEU U 98 -1.58 43.84 -49.90
N ALA U 99 -0.74 43.10 -50.63
CA ALA U 99 0.61 43.58 -50.92
C ALA U 99 0.57 44.83 -51.78
N GLY U 100 -0.18 44.80 -52.87
CA GLY U 100 -0.12 45.84 -53.87
C GLY U 100 0.57 45.41 -55.15
N ASP U 101 1.28 44.29 -55.15
CA ASP U 101 1.96 43.79 -56.34
C ASP U 101 1.41 42.43 -56.71
N ALA U 102 0.99 42.28 -57.95
CA ALA U 102 0.48 41.01 -58.45
C ALA U 102 1.57 39.97 -58.70
N SER U 103 2.84 40.39 -58.72
CA SER U 103 3.91 39.49 -59.12
C SER U 103 4.06 38.33 -58.16
N VAL U 104 3.66 38.51 -56.90
CA VAL U 104 3.70 37.42 -55.93
C VAL U 104 2.78 36.29 -56.35
N LEU U 105 1.61 36.64 -56.92
CA LEU U 105 0.80 35.65 -57.61
C LEU U 105 1.49 35.16 -58.88
N ASP U 106 2.01 36.09 -59.68
CA ASP U 106 2.44 35.80 -61.05
C ASP U 106 3.54 34.74 -61.05
N ASP U 107 4.72 35.11 -60.53
CA ASP U 107 5.87 34.21 -60.59
C ASP U 107 5.60 32.92 -59.85
N ARG U 108 4.86 32.99 -58.75
CA ARG U 108 4.61 31.79 -57.94
C ARG U 108 3.84 30.74 -58.73
N CYS U 109 2.72 31.12 -59.35
CA CYS U 109 1.89 30.04 -59.90
C CYS U 109 1.42 30.23 -61.34
N LEU U 110 1.30 31.47 -61.81
CA LEU U 110 0.68 31.69 -63.12
C LEU U 110 1.51 31.07 -64.23
N ASN U 111 2.84 31.13 -64.11
CA ASN U 111 3.69 30.52 -65.10
C ASN U 111 3.46 29.01 -65.20
N GLY U 112 3.38 28.33 -64.06
CA GLY U 112 3.36 26.88 -64.08
C GLY U 112 1.98 26.28 -64.30
N LEU U 113 0.93 27.02 -63.96
CA LEU U 113 -0.41 26.46 -64.06
C LEU U 113 -0.78 26.14 -65.50
N ARG U 114 -0.36 26.96 -66.45
CA ARG U 114 -0.61 26.65 -67.86
C ARG U 114 -0.17 25.23 -68.20
N GLU U 115 1.10 24.93 -67.97
CA GLU U 115 1.62 23.61 -68.30
C GLU U 115 0.96 22.52 -67.49
N THR U 116 0.74 22.73 -66.18
CA THR U 116 0.20 21.64 -65.39
C THR U 116 -1.24 21.32 -65.80
N TYR U 117 -2.03 22.33 -66.11
CA TYR U 117 -3.40 22.09 -66.58
C TYR U 117 -3.43 21.49 -67.98
N ASN U 118 -2.53 21.91 -68.87
CA ASN U 118 -2.47 21.24 -70.16
C ASN U 118 -2.10 19.78 -70.00
N ALA U 119 -1.24 19.47 -69.02
CA ALA U 119 -0.90 18.08 -68.75
C ALA U 119 -2.13 17.31 -68.23
N LEU U 120 -2.86 17.91 -67.29
CA LEU U 120 -4.01 17.24 -66.70
C LEU U 120 -5.17 17.06 -67.67
N GLY U 121 -5.21 17.81 -68.76
CA GLY U 121 -6.36 17.84 -69.63
C GLY U 121 -7.47 18.76 -69.18
N THR U 122 -7.27 19.49 -68.10
CA THR U 122 -8.26 20.46 -67.66
C THR U 122 -8.32 21.63 -68.63
N PRO U 123 -9.50 21.99 -69.13
CA PRO U 123 -9.58 23.14 -70.03
C PRO U 123 -9.58 24.47 -69.28
N THR U 124 -8.56 25.29 -69.57
CA THR U 124 -8.25 26.46 -68.78
C THR U 124 -9.20 27.63 -69.04
N GLN U 125 -9.83 27.70 -70.22
CA GLN U 125 -10.83 28.74 -70.44
C GLN U 125 -11.94 28.65 -69.40
N SER U 126 -12.28 27.43 -68.97
CA SER U 126 -13.21 27.27 -67.87
C SER U 126 -12.65 27.86 -66.58
N VAL U 127 -11.34 27.72 -66.37
CA VAL U 127 -10.72 28.32 -65.19
C VAL U 127 -10.83 29.84 -65.25
N ALA U 128 -10.62 30.42 -66.43
CA ALA U 128 -10.78 31.86 -66.58
C ALA U 128 -12.22 32.29 -66.30
N ARG U 129 -13.18 31.53 -66.82
CA ARG U 129 -14.59 31.82 -66.52
C ARG U 129 -14.85 31.75 -65.03
N ALA U 130 -14.25 30.78 -64.36
CA ALA U 130 -14.38 30.65 -62.91
C ALA U 130 -13.80 31.87 -62.20
N VAL U 131 -12.65 32.35 -62.65
CA VAL U 131 -12.03 33.51 -62.04
C VAL U 131 -12.93 34.73 -62.22
N GLN U 132 -13.55 34.86 -63.40
CA GLN U 132 -14.49 35.95 -63.62
C GLN U 132 -15.69 35.84 -62.68
N LEU U 133 -16.19 34.63 -62.48
CA LEU U 133 -17.27 34.44 -61.51
C LEU U 133 -16.83 34.86 -60.12
N MET U 134 -15.60 34.48 -59.73
CA MET U 134 -15.09 34.87 -58.43
C MET U 134 -14.97 36.38 -58.32
N LYS U 135 -14.53 37.05 -59.38
CA LYS U 135 -14.38 38.49 -59.32
C LYS U 135 -15.75 39.15 -59.18
N ASP U 136 -16.76 38.58 -59.85
CA ASP U 136 -18.11 39.10 -59.70
C ASP U 136 -18.58 38.98 -58.26
N ALA U 137 -18.45 37.79 -57.68
CA ALA U 137 -18.92 37.58 -56.32
C ALA U 137 -18.14 38.42 -55.31
N ALA U 138 -16.83 38.50 -55.47
CA ALA U 138 -15.99 39.29 -54.57
C ALA U 138 -16.29 40.77 -54.70
N MET U 139 -16.53 41.25 -55.93
CA MET U 139 -16.91 42.64 -56.11
C MET U 139 -18.25 42.91 -55.44
N VAL U 140 -19.17 41.96 -55.51
CA VAL U 140 -20.44 42.10 -54.81
C VAL U 140 -20.21 42.24 -53.31
N HIS U 141 -19.36 41.36 -52.75
CA HIS U 141 -19.11 41.42 -51.31
C HIS U 141 -18.38 42.69 -50.90
N LEU U 142 -17.48 43.18 -51.74
CA LEU U 142 -16.76 44.43 -51.44
C LEU U 142 -17.65 45.65 -51.60
N LYS U 143 -18.68 45.57 -52.44
CA LYS U 143 -19.67 46.64 -52.52
C LYS U 143 -20.37 46.87 -51.20
N SER U 144 -20.35 45.88 -50.29
CA SER U 144 -21.13 45.98 -49.07
C SER U 144 -20.72 47.17 -48.23
N THR U 145 -21.58 48.18 -48.17
CA THR U 145 -21.37 49.33 -47.30
C THR U 145 -21.74 49.02 -45.86
N ALA U 146 -22.35 47.87 -45.60
CA ALA U 146 -22.82 47.55 -44.26
C ALA U 146 -21.65 47.36 -43.31
N ASN U 147 -21.82 47.87 -42.10
CA ASN U 147 -21.01 47.54 -40.94
C ASN U 147 -19.58 48.07 -41.05
N VAL U 148 -19.38 49.21 -41.73
CA VAL U 148 -18.05 49.79 -41.86
C VAL U 148 -18.23 51.25 -42.25
N THR U 149 -17.25 52.08 -41.87
CA THR U 149 -17.28 53.49 -42.23
C THR U 149 -17.20 53.64 -43.75
N VAL U 150 -17.85 54.69 -44.26
CA VAL U 150 -18.06 54.81 -45.70
C VAL U 150 -17.02 55.74 -46.30
N GLY U 151 -16.63 55.42 -47.54
CA GLY U 151 -15.69 56.25 -48.28
C GLY U 151 -15.60 55.79 -49.71
N ASP U 152 -14.82 56.54 -50.49
CA ASP U 152 -14.61 56.26 -51.90
C ASP U 152 -13.47 55.26 -52.04
N CYS U 153 -13.80 54.03 -52.41
CA CYS U 153 -12.80 52.97 -52.56
C CYS U 153 -12.68 52.47 -53.99
N SER U 154 -13.00 53.31 -54.99
CA SER U 154 -13.02 52.85 -56.38
C SER U 154 -11.69 52.27 -56.82
N SER U 155 -10.58 52.79 -56.26
CA SER U 155 -9.27 52.29 -56.63
C SER U 155 -9.12 50.82 -56.25
N LEU U 156 -9.60 50.45 -55.06
CA LEU U 156 -9.55 49.05 -54.64
C LEU U 156 -10.40 48.17 -55.54
N TYR U 157 -11.61 48.63 -55.88
CA TYR U 157 -12.46 47.88 -56.80
C TYR U 157 -11.74 47.61 -58.11
N SER U 158 -11.19 48.67 -58.72
CA SER U 158 -10.51 48.51 -60.00
C SER U 158 -9.30 47.60 -59.87
N GLU U 159 -8.54 47.73 -58.78
CA GLU U 159 -7.31 46.97 -58.62
C GLU U 159 -7.60 45.47 -58.42
N ALA U 160 -8.62 45.15 -57.62
CA ALA U 160 -9.01 43.75 -57.47
C ALA U 160 -9.55 43.19 -58.78
N ALA U 161 -10.34 43.98 -59.51
CA ALA U 161 -10.78 43.55 -60.83
C ALA U 161 -9.59 43.24 -61.73
N THR U 162 -8.56 44.09 -61.69
CA THR U 162 -7.37 43.84 -62.48
C THR U 162 -6.67 42.55 -62.06
N TYR U 163 -6.55 42.31 -60.75
CA TYR U 163 -5.95 41.06 -60.29
C TYR U 163 -6.66 39.86 -60.88
N PHE U 164 -7.98 39.81 -60.71
CA PHE U 164 -8.72 38.65 -61.20
C PHE U 164 -8.66 38.55 -62.71
N ASP U 165 -8.79 39.68 -63.42
CA ASP U 165 -8.76 39.65 -64.88
C ASP U 165 -7.42 39.15 -65.39
N LYS U 166 -6.31 39.62 -64.80
CA LYS U 166 -5.01 39.21 -65.30
C LYS U 166 -4.74 37.75 -64.95
N ALA U 167 -5.19 37.30 -63.78
CA ALA U 167 -5.04 35.89 -63.45
C ALA U 167 -5.79 35.02 -64.44
N ALA U 168 -7.01 35.44 -64.80
CA ALA U 168 -7.77 34.70 -65.79
C ALA U 168 -7.07 34.69 -67.15
N ALA U 169 -6.63 35.87 -67.61
CA ALA U 169 -5.96 35.95 -68.90
C ALA U 169 -4.68 35.13 -68.92
N SER U 170 -3.99 35.07 -67.79
CA SER U 170 -2.80 34.24 -67.68
C SER U 170 -3.14 32.76 -67.76
N ILE U 171 -4.13 32.31 -66.99
CA ILE U 171 -4.50 30.90 -67.03
C ILE U 171 -5.17 30.57 -68.36
N ALA U 172 -5.84 31.53 -68.97
CA ALA U 172 -6.42 31.33 -70.29
C ALA U 172 -5.41 31.73 -71.37
N MET V 1 -2.45 2.09 -62.28
CA MET V 1 -2.28 0.77 -62.86
C MET V 1 -3.55 -0.04 -62.65
N ASN V 2 -4.03 -0.69 -63.72
CA ASN V 2 -5.35 -1.29 -63.68
C ASN V 2 -5.30 -2.69 -64.30
N ASP V 3 -6.30 -3.49 -63.94
CA ASP V 3 -6.46 -4.86 -64.42
C ASP V 3 -7.53 -4.88 -65.51
N VAL V 4 -7.91 -6.07 -65.94
CA VAL V 4 -8.99 -6.21 -66.92
C VAL V 4 -10.30 -5.71 -66.34
N PHE V 5 -10.59 -6.07 -65.09
CA PHE V 5 -11.82 -5.63 -64.45
C PHE V 5 -11.83 -4.11 -64.29
N THR V 6 -10.71 -3.54 -63.85
CA THR V 6 -10.66 -2.10 -63.65
C THR V 6 -10.70 -1.36 -64.99
N ARG V 7 -10.12 -1.94 -66.04
CA ARG V 7 -10.25 -1.33 -67.36
C ARG V 7 -11.69 -1.36 -67.87
N ALA V 8 -12.39 -2.48 -67.64
CA ALA V 8 -13.80 -2.55 -68.02
C ALA V 8 -14.61 -1.52 -67.27
N ILE V 9 -14.37 -1.40 -65.96
CA ILE V 9 -15.08 -0.40 -65.16
C ILE V 9 -14.73 0.99 -65.66
N ALA V 10 -13.47 1.21 -66.04
CA ALA V 10 -13.06 2.52 -66.51
C ALA V 10 -13.82 2.92 -67.76
N GLN V 11 -13.84 2.05 -68.77
CA GLN V 11 -14.54 2.41 -70.01
C GLN V 11 -16.05 2.46 -69.81
N ALA V 12 -16.59 1.62 -68.93
CA ALA V 12 -18.03 1.71 -68.64
C ALA V 12 -18.38 3.04 -68.01
N ASP V 13 -17.56 3.50 -67.07
CA ASP V 13 -17.80 4.81 -66.45
C ASP V 13 -17.61 5.93 -67.47
N LEU V 14 -16.60 5.81 -68.35
CA LEU V 14 -16.38 6.82 -69.35
C LEU V 14 -17.57 6.96 -70.29
N LYS V 15 -18.14 5.84 -70.74
CA LYS V 15 -19.30 5.92 -71.63
C LYS V 15 -20.51 6.51 -70.92
N GLY V 16 -20.64 6.27 -69.62
CA GLY V 16 -21.74 6.81 -68.86
C GLY V 16 -22.87 5.85 -68.57
N SER V 17 -22.59 4.58 -68.31
CA SER V 17 -23.60 3.58 -68.05
C SER V 17 -23.19 2.65 -66.91
N PHE V 18 -24.03 1.64 -66.68
CA PHE V 18 -23.62 0.46 -65.92
C PHE V 18 -22.87 -0.49 -66.84
N LEU V 19 -22.68 -1.73 -66.38
CA LEU V 19 -22.07 -2.76 -67.22
C LEU V 19 -23.13 -3.49 -68.02
N LEU V 20 -22.94 -3.51 -69.34
CA LEU V 20 -23.81 -4.26 -70.23
C LEU V 20 -23.51 -5.75 -70.10
N GLU V 21 -24.49 -6.57 -70.49
CA GLU V 21 -24.42 -8.00 -70.21
C GLU V 21 -23.22 -8.66 -70.87
N SER V 22 -22.79 -8.15 -72.02
CA SER V 22 -21.60 -8.69 -72.66
C SER V 22 -20.36 -8.49 -71.78
N ASP V 23 -20.23 -7.31 -71.18
CA ASP V 23 -19.14 -7.08 -70.24
C ASP V 23 -19.22 -8.05 -69.07
N LEU V 24 -20.43 -8.24 -68.54
CA LEU V 24 -20.64 -9.21 -67.47
C LEU V 24 -20.11 -10.58 -67.90
N ASP V 25 -20.45 -10.99 -69.11
CA ASP V 25 -20.09 -12.31 -69.60
C ASP V 25 -18.59 -12.46 -69.78
N LYS V 26 -17.93 -11.50 -70.43
CA LYS V 26 -16.49 -11.64 -70.63
C LYS V 26 -15.74 -11.62 -69.31
N LEU V 27 -16.13 -10.75 -68.38
CA LEU V 27 -15.46 -10.73 -67.08
C LEU V 27 -15.67 -12.06 -66.34
N ALA V 28 -16.88 -12.61 -66.40
CA ALA V 28 -17.13 -13.90 -65.75
C ALA V 28 -16.30 -15.01 -66.38
N SER V 29 -16.20 -15.02 -67.71
CA SER V 29 -15.40 -16.05 -68.37
C SER V 29 -13.94 -15.92 -67.99
N PHE V 30 -13.43 -14.69 -67.94
CA PHE V 30 -12.05 -14.46 -67.50
C PHE V 30 -11.85 -15.01 -66.10
N ALA V 31 -12.78 -14.71 -65.20
CA ALA V 31 -12.64 -15.14 -63.81
C ALA V 31 -12.66 -16.66 -63.70
N LYS V 32 -13.54 -17.32 -64.44
CA LYS V 32 -13.62 -18.78 -64.34
C LYS V 32 -12.38 -19.43 -64.95
N GLU V 33 -11.82 -18.86 -66.01
CA GLU V 33 -10.64 -19.45 -66.61
C GLU V 33 -9.34 -19.03 -65.93
N GLY V 34 -9.39 -18.07 -65.00
CA GLY V 34 -8.17 -17.50 -64.45
C GLY V 34 -7.33 -18.44 -63.61
N VAL V 35 -7.87 -19.59 -63.19
CA VAL V 35 -7.01 -20.56 -62.51
C VAL V 35 -5.91 -21.02 -63.44
N LYS V 36 -6.21 -21.14 -64.74
CA LYS V 36 -5.19 -21.50 -65.71
C LYS V 36 -4.08 -20.45 -65.77
N ARG V 37 -4.43 -19.16 -65.77
CA ARG V 37 -3.39 -18.14 -65.82
C ARG V 37 -2.65 -18.03 -64.49
N LEU V 38 -3.31 -18.35 -63.39
CA LEU V 38 -2.60 -18.43 -62.12
C LEU V 38 -1.54 -19.52 -62.15
N ASP V 39 -1.88 -20.68 -62.71
CA ASP V 39 -0.88 -21.72 -62.87
C ASP V 39 0.20 -21.31 -63.85
N ALA V 40 -0.15 -20.53 -64.87
CA ALA V 40 0.86 -20.01 -65.79
C ALA V 40 1.83 -19.08 -65.09
N VAL V 41 1.31 -18.18 -64.26
CA VAL V 41 2.16 -17.26 -63.51
C VAL V 41 3.03 -18.02 -62.53
N ALA V 42 2.48 -19.06 -61.88
CA ALA V 42 3.29 -19.88 -61.00
C ALA V 42 4.39 -20.60 -61.76
N ALA V 43 4.09 -21.09 -62.97
CA ALA V 43 5.11 -21.74 -63.79
C ALA V 43 6.18 -20.73 -64.21
N LEU V 44 5.81 -19.46 -64.32
CA LEU V 44 6.82 -18.43 -64.56
C LEU V 44 7.69 -18.21 -63.33
N THR V 45 7.06 -18.06 -62.16
CA THR V 45 7.79 -17.63 -60.97
C THR V 45 8.65 -18.75 -60.40
N ASN V 46 8.17 -20.00 -60.45
CA ASN V 46 9.01 -21.08 -59.94
C ASN V 46 10.21 -21.32 -60.83
N ASN V 47 10.07 -21.11 -62.14
CA ASN V 47 11.17 -21.19 -63.08
C ASN V 47 11.95 -19.89 -63.20
N ALA V 48 11.70 -18.92 -62.31
CA ALA V 48 12.36 -17.63 -62.42
C ALA V 48 13.88 -17.74 -62.39
N PRO V 49 14.51 -18.40 -61.42
CA PRO V 49 15.95 -18.64 -61.56
C PRO V 49 16.27 -19.42 -62.81
N ALA V 50 15.46 -20.42 -63.14
CA ALA V 50 15.71 -21.20 -64.35
C ALA V 50 15.59 -20.34 -65.60
N ILE V 51 14.54 -19.51 -65.68
CA ILE V 51 14.32 -18.73 -66.90
C ILE V 51 15.42 -17.71 -67.08
N ILE V 52 15.81 -17.04 -66.00
CA ILE V 52 16.89 -16.06 -66.12
C ILE V 52 18.19 -16.77 -66.46
N SER V 53 18.39 -17.99 -65.94
CA SER V 53 19.61 -18.72 -66.22
C SER V 53 19.74 -19.07 -67.70
N ASP V 54 18.71 -19.69 -68.29
CA ASP V 54 18.90 -20.13 -69.68
C ASP V 54 18.80 -18.94 -70.62
N ALA V 55 18.05 -17.90 -70.21
CA ALA V 55 18.05 -16.66 -70.97
C ALA V 55 19.44 -16.09 -71.07
N ALA V 56 20.14 -15.96 -69.94
CA ALA V 56 21.51 -15.45 -69.95
C ALA V 56 22.42 -16.37 -70.75
N HIS V 57 22.31 -17.69 -70.55
CA HIS V 57 23.22 -18.61 -71.21
C HIS V 57 23.10 -18.53 -72.72
N LYS V 58 21.88 -18.65 -73.25
CA LYS V 58 21.71 -18.63 -74.69
C LYS V 58 21.93 -17.24 -75.26
N LEU V 59 21.55 -16.19 -74.53
CA LEU V 59 21.82 -14.83 -74.97
C LEU V 59 23.33 -14.62 -75.16
N PHE V 60 24.12 -14.94 -74.14
CA PHE V 60 25.55 -14.70 -74.22
C PHE V 60 26.21 -15.71 -75.15
N ALA V 61 25.53 -16.80 -75.47
CA ALA V 61 26.01 -17.69 -76.53
C ALA V 61 25.87 -17.03 -77.90
N GLU V 62 24.70 -16.45 -78.20
CA GLU V 62 24.43 -16.03 -79.57
C GLU V 62 24.77 -14.56 -79.83
N GLN V 63 25.29 -13.83 -78.84
CA GLN V 63 26.16 -12.68 -79.10
C GLN V 63 27.21 -12.65 -78.00
N GLN V 64 28.41 -12.17 -78.32
CA GLN V 64 29.50 -12.08 -77.36
C GLN V 64 30.09 -10.68 -77.25
N GLU V 65 29.54 -9.71 -77.99
CA GLU V 65 30.12 -8.36 -78.00
C GLU V 65 30.14 -7.76 -76.61
N LEU V 66 29.09 -7.97 -75.82
CA LEU V 66 29.11 -7.47 -74.45
C LEU V 66 30.13 -8.23 -73.60
N ILE V 67 30.33 -9.51 -73.89
CA ILE V 67 31.32 -10.29 -73.14
C ILE V 67 32.73 -9.86 -73.48
N GLN V 68 33.00 -9.61 -74.76
CA GLN V 68 34.36 -9.35 -75.20
C GLN V 68 34.81 -7.97 -74.70
N PRO V 69 36.13 -7.75 -74.56
CA PRO V 69 36.62 -6.48 -74.01
C PRO V 69 36.13 -5.27 -74.79
N GLY V 70 35.77 -4.22 -74.05
CA GLY V 70 35.24 -3.02 -74.64
C GLY V 70 33.76 -3.06 -74.96
N GLY V 71 33.08 -4.16 -74.63
CA GLY V 71 31.66 -4.24 -74.91
C GLY V 71 30.82 -3.49 -73.90
N ASN V 72 29.50 -3.51 -74.14
CA ASN V 72 28.58 -2.77 -73.30
C ASN V 72 28.51 -3.38 -71.90
N ALA V 73 28.50 -4.71 -71.79
CA ALA V 73 28.43 -5.38 -70.49
C ALA V 73 29.72 -6.07 -70.10
N TYR V 74 30.86 -5.59 -70.58
CA TYR V 74 32.16 -6.20 -70.25
C TYR V 74 32.53 -6.17 -68.78
N PRO V 75 32.44 -5.04 -68.06
CA PRO V 75 33.21 -4.91 -66.81
C PRO V 75 32.86 -5.92 -65.72
N HIS V 76 31.99 -6.88 -66.03
CA HIS V 76 31.58 -7.93 -65.10
C HIS V 76 30.67 -7.32 -64.04
N ARG V 77 30.49 -6.00 -64.12
CA ARG V 77 29.51 -5.33 -63.30
C ARG V 77 28.28 -4.92 -64.09
N ARG V 78 28.39 -4.86 -65.41
CA ARG V 78 27.26 -4.48 -66.24
C ARG V 78 26.44 -5.68 -66.69
N MET V 79 27.04 -6.87 -66.76
CA MET V 79 26.25 -8.08 -66.99
C MET V 79 25.33 -8.35 -65.81
N ALA V 80 25.73 -7.92 -64.62
CA ALA V 80 24.82 -7.96 -63.48
C ALA V 80 23.61 -7.08 -63.74
N ALA V 81 23.84 -5.91 -64.35
CA ALA V 81 22.73 -5.07 -64.77
C ALA V 81 21.87 -5.77 -65.81
N CYS V 82 22.50 -6.51 -66.72
CA CYS V 82 21.76 -7.30 -67.70
C CYS V 82 20.81 -8.28 -67.02
N LEU V 83 21.34 -9.07 -66.08
CA LEU V 83 20.54 -10.07 -65.38
C LEU V 83 19.43 -9.40 -64.57
N ARG V 84 19.75 -8.30 -63.88
CA ARG V 84 18.73 -7.62 -63.09
C ARG V 84 17.63 -7.05 -63.97
N ASP V 85 18.00 -6.47 -65.10
CA ASP V 85 17.00 -5.89 -65.99
C ASP V 85 16.10 -6.97 -66.59
N MET V 86 16.67 -8.13 -66.92
CA MET V 86 15.84 -9.19 -67.47
C MET V 86 14.94 -9.80 -66.40
N GLU V 87 15.42 -9.86 -65.16
CA GLU V 87 14.52 -10.22 -64.06
C GLU V 87 13.38 -9.23 -63.95
N ILE V 88 13.67 -7.93 -64.12
CA ILE V 88 12.62 -6.92 -64.10
C ILE V 88 11.63 -7.13 -65.23
N ILE V 89 12.12 -7.47 -66.42
CA ILE V 89 11.22 -7.71 -67.54
C ILE V 89 10.29 -8.89 -67.25
N LEU V 90 10.83 -9.97 -66.69
CA LEU V 90 9.97 -11.10 -66.33
C LEU V 90 9.00 -10.71 -65.22
N ARG V 91 9.44 -9.87 -64.29
CA ARG V 91 8.53 -9.31 -63.29
C ARG V 91 7.36 -8.60 -63.98
N TYR V 92 7.68 -7.76 -64.96
CA TYR V 92 6.67 -6.96 -65.65
C TYR V 92 5.68 -7.86 -66.37
N VAL V 93 6.20 -8.88 -67.05
CA VAL V 93 5.34 -9.74 -67.85
C VAL V 93 4.49 -10.63 -66.95
N SER V 94 5.05 -11.12 -65.84
CA SER V 94 4.24 -11.85 -64.88
C SER V 94 3.12 -10.96 -64.34
N TYR V 95 3.45 -9.69 -64.07
CA TYR V 95 2.45 -8.75 -63.61
C TYR V 95 1.32 -8.62 -64.62
N ALA V 96 1.67 -8.43 -65.89
CA ALA V 96 0.65 -8.27 -66.93
C ALA V 96 -0.16 -9.55 -67.13
N LEU V 97 0.52 -10.70 -67.15
CA LEU V 97 -0.15 -11.97 -67.39
C LEU V 97 -1.12 -12.29 -66.26
N LEU V 98 -0.79 -11.89 -65.04
CA LEU V 98 -1.75 -12.00 -63.95
C LEU V 98 -2.89 -11.01 -64.14
N ALA V 99 -2.56 -9.75 -64.41
CA ALA V 99 -3.60 -8.72 -64.48
C ALA V 99 -4.47 -8.87 -65.72
N GLY V 100 -4.00 -9.60 -66.71
CA GLY V 100 -4.75 -9.71 -67.95
C GLY V 100 -4.77 -8.47 -68.80
N ASP V 101 -4.04 -7.43 -68.42
CA ASP V 101 -4.00 -6.18 -69.17
C ASP V 101 -2.56 -5.70 -69.29
N ALA V 102 -2.29 -4.99 -70.37
CA ALA V 102 -0.95 -4.49 -70.67
C ALA V 102 -0.58 -3.24 -69.89
N SER V 103 -1.56 -2.56 -69.27
CA SER V 103 -1.33 -1.22 -68.74
C SER V 103 -0.25 -1.19 -67.66
N VAL V 104 0.03 -2.35 -67.04
CA VAL V 104 0.99 -2.37 -65.94
C VAL V 104 2.34 -1.82 -66.39
N LEU V 105 2.88 -2.32 -67.49
CA LEU V 105 4.16 -1.79 -67.96
C LEU V 105 3.98 -0.48 -68.72
N ASP V 106 2.78 -0.24 -69.26
CA ASP V 106 2.55 1.02 -69.95
C ASP V 106 2.73 2.21 -69.02
N ASP V 107 2.22 2.12 -67.79
CA ASP V 107 2.51 3.20 -66.84
C ASP V 107 3.69 2.87 -65.93
N ARG V 108 4.23 1.65 -66.04
CA ARG V 108 5.36 1.19 -65.26
C ARG V 108 6.60 1.17 -66.14
N CYS V 109 7.25 2.33 -66.27
CA CYS V 109 8.60 2.50 -66.81
C CYS V 109 8.69 2.23 -68.32
N LEU V 110 7.55 2.18 -69.03
CA LEU V 110 7.58 1.97 -70.48
C LEU V 110 8.51 2.97 -71.17
N ASN V 111 8.17 4.25 -71.10
CA ASN V 111 8.99 5.27 -71.75
C ASN V 111 10.31 5.44 -71.02
N GLY V 112 10.35 5.11 -69.73
CA GLY V 112 11.58 5.22 -68.97
C GLY V 112 12.68 4.32 -69.48
N LEU V 113 12.34 3.06 -69.82
CA LEU V 113 13.36 2.14 -70.32
C LEU V 113 14.02 2.66 -71.59
N ARG V 114 13.22 3.12 -72.55
CA ARG V 114 13.77 3.60 -73.81
C ARG V 114 14.68 4.80 -73.58
N GLU V 115 14.20 5.78 -72.82
CA GLU V 115 14.99 6.99 -72.58
C GLU V 115 16.28 6.67 -71.83
N THR V 116 16.19 5.80 -70.83
CA THR V 116 17.38 5.45 -70.07
C THR V 116 18.41 4.73 -70.93
N TYR V 117 17.96 3.80 -71.78
CA TYR V 117 18.91 3.08 -72.62
C TYR V 117 19.45 3.95 -73.75
N ASN V 118 18.70 4.97 -74.15
CA ASN V 118 19.27 5.97 -75.06
C ASN V 118 20.35 6.78 -74.36
N ALA V 119 20.09 7.23 -73.14
CA ALA V 119 21.06 8.04 -72.42
C ALA V 119 22.33 7.24 -72.11
N LEU V 120 22.19 5.99 -71.70
CA LEU V 120 23.32 5.17 -71.33
C LEU V 120 24.04 4.55 -72.54
N GLY V 121 23.47 4.67 -73.74
CA GLY V 121 24.08 4.14 -74.93
C GLY V 121 23.89 2.65 -75.15
N THR V 122 23.05 2.00 -74.37
CA THR V 122 22.83 0.56 -74.53
C THR V 122 22.14 0.29 -75.86
N PRO V 123 22.67 -0.61 -76.69
CA PRO V 123 21.97 -1.00 -77.91
C PRO V 123 20.65 -1.69 -77.60
N THR V 124 19.65 -1.41 -78.44
CA THR V 124 18.30 -1.91 -78.19
C THR V 124 18.03 -3.25 -78.88
N GLN V 125 18.67 -3.49 -80.02
CA GLN V 125 18.40 -4.71 -80.79
C GLN V 125 18.76 -5.94 -79.99
N SER V 126 19.89 -5.90 -79.26
CA SER V 126 20.26 -7.05 -78.44
C SER V 126 19.26 -7.28 -77.32
N VAL V 127 18.73 -6.20 -76.73
CA VAL V 127 17.72 -6.35 -75.69
C VAL V 127 16.46 -6.98 -76.26
N ALA V 128 16.05 -6.55 -77.46
CA ALA V 128 14.89 -7.16 -78.09
C ALA V 128 15.12 -8.65 -78.35
N ARG V 129 16.28 -8.99 -78.92
CA ARG V 129 16.61 -10.39 -79.15
C ARG V 129 16.56 -11.19 -77.85
N ALA V 130 17.00 -10.58 -76.75
CA ALA V 130 16.82 -11.19 -75.45
C ALA V 130 15.36 -11.39 -75.14
N VAL V 131 14.51 -10.43 -75.53
CA VAL V 131 13.08 -10.54 -75.24
C VAL V 131 12.49 -11.76 -75.94
N GLN V 132 12.81 -11.97 -77.22
CA GLN V 132 12.24 -13.14 -77.89
C GLN V 132 12.89 -14.44 -77.44
N LEU V 133 14.16 -14.39 -77.03
CA LEU V 133 14.76 -15.61 -76.46
C LEU V 133 14.06 -15.99 -75.17
N MET V 134 13.75 -15.00 -74.34
CA MET V 134 12.98 -15.25 -73.12
C MET V 134 11.56 -15.70 -73.47
N LYS V 135 11.01 -15.19 -74.57
CA LYS V 135 9.77 -15.75 -75.11
C LYS V 135 9.88 -17.25 -75.28
N ASP V 136 10.90 -17.70 -76.00
CA ASP V 136 11.03 -19.11 -76.33
C ASP V 136 11.15 -19.94 -75.05
N ALA V 137 12.07 -19.53 -74.16
CA ALA V 137 12.30 -20.30 -72.95
C ALA V 137 11.08 -20.29 -72.04
N ALA V 138 10.40 -19.16 -71.94
CA ALA V 138 9.21 -19.08 -71.10
C ALA V 138 8.11 -19.98 -71.61
N MET V 139 7.88 -20.00 -72.93
CA MET V 139 6.91 -20.94 -73.48
C MET V 139 7.32 -22.38 -73.16
N VAL V 140 8.62 -22.68 -73.29
CA VAL V 140 9.10 -24.03 -72.98
C VAL V 140 8.71 -24.42 -71.55
N HIS V 141 8.93 -23.51 -70.60
CA HIS V 141 8.55 -23.81 -69.22
C HIS V 141 7.03 -23.86 -69.04
N LEU V 142 6.28 -23.11 -69.86
CA LEU V 142 4.82 -23.09 -69.69
C LEU V 142 4.16 -24.35 -70.22
N LYS V 143 4.64 -24.92 -71.32
CA LYS V 143 4.05 -26.16 -71.80
C LYS V 143 4.25 -27.31 -70.83
N SER V 144 5.16 -27.17 -69.87
CA SER V 144 5.39 -28.22 -68.88
C SER V 144 4.13 -28.47 -68.08
N THR V 145 3.78 -29.75 -67.91
CA THR V 145 2.54 -30.15 -67.25
C THR V 145 2.85 -30.93 -65.96
N ALA V 146 4.10 -30.89 -65.51
CA ALA V 146 4.49 -31.66 -64.33
C ALA V 146 3.69 -31.23 -63.11
N ASN V 147 3.13 -32.20 -62.40
CA ASN V 147 2.42 -31.99 -61.14
C ASN V 147 1.22 -31.05 -61.30
N VAL V 148 0.74 -30.88 -62.53
CA VAL V 148 -0.48 -30.12 -62.78
C VAL V 148 -1.36 -30.92 -63.71
N THR V 149 -2.67 -30.75 -63.57
CA THR V 149 -3.61 -31.47 -64.43
C THR V 149 -3.57 -30.89 -65.85
N VAL V 150 -3.93 -31.72 -66.82
CA VAL V 150 -3.81 -31.35 -68.22
C VAL V 150 -4.99 -30.49 -68.63
N GLY V 151 -4.71 -29.46 -69.43
CA GLY V 151 -5.73 -28.57 -69.95
C GLY V 151 -5.15 -27.72 -71.07
N ASP V 152 -6.03 -27.00 -71.75
CA ASP V 152 -5.66 -26.16 -72.88
C ASP V 152 -5.73 -24.70 -72.47
N CYS V 153 -4.69 -23.94 -72.85
CA CYS V 153 -4.57 -22.53 -72.49
C CYS V 153 -4.06 -21.72 -73.67
N SER V 154 -4.60 -21.99 -74.86
CA SER V 154 -4.10 -21.33 -76.07
C SER V 154 -4.26 -19.82 -75.99
N SER V 155 -5.37 -19.36 -75.41
CA SER V 155 -5.55 -17.92 -75.21
C SER V 155 -4.46 -17.35 -74.30
N LEU V 156 -4.10 -18.09 -73.25
CA LEU V 156 -3.02 -17.65 -72.36
C LEU V 156 -1.70 -17.56 -73.10
N TYR V 157 -1.40 -18.55 -73.94
CA TYR V 157 -0.16 -18.53 -74.69
C TYR V 157 -0.12 -17.35 -75.65
N SER V 158 -1.23 -17.07 -76.33
CA SER V 158 -1.30 -15.90 -77.19
C SER V 158 -1.11 -14.63 -76.39
N GLU V 159 -1.71 -14.57 -75.19
CA GLU V 159 -1.57 -13.38 -74.34
C GLU V 159 -0.11 -13.15 -73.96
N ALA V 160 0.59 -14.22 -73.56
CA ALA V 160 1.98 -14.09 -73.17
C ALA V 160 2.85 -13.69 -74.36
N ALA V 161 2.59 -14.28 -75.53
CA ALA V 161 3.35 -13.91 -76.72
C ALA V 161 3.15 -12.44 -77.07
N THR V 162 1.90 -11.97 -77.02
CA THR V 162 1.64 -10.56 -77.26
C THR V 162 2.31 -9.68 -76.23
N TYR V 163 2.32 -10.11 -74.96
CA TYR V 163 2.93 -9.30 -73.91
C TYR V 163 4.42 -9.14 -74.14
N PHE V 164 5.11 -10.23 -74.44
CA PHE V 164 6.52 -10.15 -74.81
C PHE V 164 6.72 -9.27 -76.04
N ASP V 165 5.88 -9.43 -77.06
CA ASP V 165 6.06 -8.66 -78.28
C ASP V 165 5.92 -7.16 -78.03
N LYS V 166 4.92 -6.76 -77.25
CA LYS V 166 4.71 -5.33 -77.01
C LYS V 166 5.74 -4.78 -76.01
N ALA V 167 6.24 -5.62 -75.11
CA ALA V 167 7.36 -5.19 -74.27
C ALA V 167 8.60 -4.91 -75.13
N ALA V 168 8.88 -5.80 -76.07
CA ALA V 168 9.99 -5.56 -76.99
C ALA V 168 9.77 -4.31 -77.82
N ALA V 169 8.55 -4.14 -78.33
CA ALA V 169 8.23 -2.94 -79.11
C ALA V 169 8.43 -1.68 -78.28
N SER V 170 8.13 -1.75 -76.98
CA SER V 170 8.44 -0.66 -76.08
C SER V 170 9.95 -0.41 -76.00
N ILE V 171 10.72 -1.47 -75.74
CA ILE V 171 12.16 -1.29 -75.57
C ILE V 171 12.83 -1.00 -76.90
N ALA V 172 12.50 -1.78 -77.93
CA ALA V 172 13.20 -1.68 -79.21
C ALA V 172 12.25 -1.72 -80.40
N MET W 1 36.77 8.41 -59.01
CA MET W 1 37.00 9.48 -59.97
C MET W 1 37.73 8.93 -61.19
N ASN W 2 38.29 9.84 -61.99
CA ASN W 2 39.28 9.48 -62.98
C ASN W 2 40.48 10.41 -62.82
N ASP W 3 41.67 9.82 -62.70
CA ASP W 3 42.92 10.58 -62.72
C ASP W 3 43.89 9.88 -63.67
N VAL W 4 45.13 10.39 -63.70
CA VAL W 4 46.10 9.94 -64.69
C VAL W 4 46.30 8.44 -64.62
N PHE W 5 46.54 7.91 -63.42
CA PHE W 5 46.71 6.47 -63.27
C PHE W 5 45.45 5.72 -63.67
N THR W 6 44.29 6.15 -63.14
CA THR W 6 43.03 5.54 -63.53
C THR W 6 42.69 5.80 -64.99
N ARG W 7 43.10 6.94 -65.56
CA ARG W 7 42.92 7.13 -67.00
C ARG W 7 43.65 6.05 -67.78
N ALA W 8 44.95 5.90 -67.53
CA ALA W 8 45.72 4.88 -68.23
C ALA W 8 45.13 3.50 -68.02
N ILE W 9 44.66 3.22 -66.81
CA ILE W 9 43.99 1.94 -66.56
C ILE W 9 42.72 1.83 -67.40
N ALA W 10 42.04 2.95 -67.62
CA ALA W 10 40.83 2.93 -68.44
C ALA W 10 41.14 2.57 -69.88
N GLN W 11 42.16 3.19 -70.47
CA GLN W 11 42.53 2.78 -71.83
C GLN W 11 42.98 1.32 -71.85
N ALA W 12 43.76 0.90 -70.85
CA ALA W 12 44.23 -0.49 -70.82
C ALA W 12 43.07 -1.46 -70.74
N ASP W 13 42.04 -1.16 -69.95
CA ASP W 13 40.92 -2.08 -69.79
C ASP W 13 40.00 -2.06 -71.00
N LEU W 14 39.78 -0.88 -71.60
CA LEU W 14 38.97 -0.85 -72.80
C LEU W 14 39.65 -1.60 -73.94
N LYS W 15 40.99 -1.54 -74.01
CA LYS W 15 41.70 -2.43 -74.92
C LYS W 15 41.72 -3.86 -74.42
N GLY W 16 41.43 -4.08 -73.13
CA GLY W 16 41.37 -5.42 -72.57
C GLY W 16 42.71 -6.08 -72.33
N SER W 17 43.81 -5.38 -72.57
CA SER W 17 45.15 -5.92 -72.42
C SER W 17 45.80 -5.37 -71.17
N PHE W 18 47.00 -5.87 -70.87
CA PHE W 18 47.78 -5.34 -69.77
C PHE W 18 48.37 -3.99 -70.15
N LEU W 19 48.96 -3.33 -69.15
CA LEU W 19 49.59 -2.04 -69.40
C LEU W 19 50.89 -2.22 -70.16
N LEU W 20 51.18 -1.27 -71.06
CA LEU W 20 52.39 -1.33 -71.85
C LEU W 20 53.58 -0.80 -71.06
N GLU W 21 54.77 -1.21 -71.46
CA GLU W 21 55.98 -0.83 -70.73
C GLU W 21 56.18 0.67 -70.75
N SER W 22 55.94 1.32 -71.89
CA SER W 22 56.07 2.78 -71.97
C SER W 22 55.09 3.46 -71.03
N ASP W 23 53.84 2.98 -70.98
CA ASP W 23 52.85 3.55 -70.09
C ASP W 23 53.28 3.41 -68.63
N LEU W 24 53.80 2.23 -68.27
CA LEU W 24 54.27 2.01 -66.90
C LEU W 24 55.44 2.92 -66.56
N ASP W 25 56.36 3.11 -67.51
CA ASP W 25 57.49 4.01 -67.28
C ASP W 25 57.00 5.44 -67.09
N LYS W 26 56.02 5.87 -67.90
CA LYS W 26 55.48 7.21 -67.75
C LYS W 26 54.78 7.38 -66.40
N LEU W 27 54.07 6.34 -65.95
CA LEU W 27 53.43 6.39 -64.65
C LEU W 27 54.47 6.45 -63.53
N ALA W 28 55.59 5.74 -63.69
CA ALA W 28 56.67 5.85 -62.71
C ALA W 28 57.28 7.24 -62.71
N SER W 29 57.38 7.85 -63.90
CA SER W 29 57.84 9.24 -63.98
C SER W 29 56.89 10.16 -63.23
N PHE W 30 55.58 9.94 -63.39
CA PHE W 30 54.60 10.69 -62.63
C PHE W 30 54.79 10.46 -61.12
N ALA W 31 55.07 9.22 -60.73
CA ALA W 31 55.24 8.91 -59.32
C ALA W 31 56.43 9.64 -58.73
N LYS W 32 57.56 9.68 -59.45
CA LYS W 32 58.71 10.41 -58.94
C LYS W 32 58.47 11.92 -58.96
N GLU W 33 57.75 12.42 -59.96
CA GLU W 33 57.33 13.82 -59.99
C GLU W 33 56.26 14.12 -58.95
N GLY W 34 55.74 13.09 -58.28
CA GLY W 34 54.69 13.29 -57.30
C GLY W 34 55.07 14.22 -56.16
N VAL W 35 56.32 14.15 -55.71
CA VAL W 35 56.75 15.04 -54.63
C VAL W 35 56.72 16.50 -55.11
N LYS W 36 57.21 16.74 -56.33
CA LYS W 36 57.13 18.06 -56.94
C LYS W 36 55.68 18.53 -57.03
N ARG W 37 54.79 17.64 -57.47
CA ARG W 37 53.38 18.00 -57.61
C ARG W 37 52.75 18.32 -56.27
N LEU W 38 53.07 17.53 -55.25
CA LEU W 38 52.54 17.78 -53.91
C LEU W 38 53.01 19.12 -53.38
N ASP W 39 54.29 19.45 -53.59
CA ASP W 39 54.78 20.75 -53.14
C ASP W 39 54.08 21.87 -53.90
N ALA W 40 53.85 21.69 -55.20
CA ALA W 40 53.17 22.72 -55.98
C ALA W 40 51.75 22.95 -55.46
N VAL W 41 51.00 21.88 -55.25
CA VAL W 41 49.61 22.05 -54.81
C VAL W 41 49.56 22.58 -53.39
N ALA W 42 50.48 22.16 -52.52
CA ALA W 42 50.52 22.70 -51.17
C ALA W 42 50.84 24.19 -51.18
N ALA W 43 51.77 24.61 -52.03
CA ALA W 43 52.06 26.04 -52.15
C ALA W 43 50.86 26.79 -52.69
N LEU W 44 50.13 26.19 -53.62
CA LEU W 44 48.92 26.83 -54.14
C LEU W 44 47.86 26.99 -53.06
N THR W 45 47.69 25.97 -52.22
CA THR W 45 46.56 25.98 -51.29
C THR W 45 46.86 26.75 -50.02
N ASN W 46 48.11 26.70 -49.53
CA ASN W 46 48.41 27.31 -48.24
C ASN W 46 48.36 28.82 -48.31
N ASN W 47 48.43 29.38 -49.51
CA ASN W 47 48.27 30.82 -49.71
C ASN W 47 47.05 31.15 -50.55
N ALA W 48 46.08 30.24 -50.62
CA ALA W 48 44.86 30.48 -51.39
C ALA W 48 44.12 31.74 -50.95
N PRO W 49 43.96 32.05 -49.65
CA PRO W 49 43.30 33.31 -49.31
C PRO W 49 43.99 34.53 -49.88
N ALA W 50 45.32 34.54 -49.94
CA ALA W 50 46.02 35.68 -50.53
C ALA W 50 45.75 35.77 -52.03
N ILE W 51 45.69 34.62 -52.70
CA ILE W 51 45.37 34.61 -54.13
C ILE W 51 43.98 35.18 -54.35
N ILE W 52 43.01 34.73 -53.56
CA ILE W 52 41.65 35.25 -53.68
C ILE W 52 41.65 36.76 -53.43
N SER W 53 42.35 37.20 -52.39
CA SER W 53 42.33 38.61 -52.01
C SER W 53 42.88 39.49 -53.14
N ASP W 54 44.09 39.17 -53.62
CA ASP W 54 44.69 40.08 -54.60
C ASP W 54 44.03 39.94 -55.97
N ALA W 55 43.54 38.75 -56.30
CA ALA W 55 42.79 38.60 -57.54
C ALA W 55 41.50 39.42 -57.50
N ALA W 56 40.80 39.40 -56.37
CA ALA W 56 39.61 40.23 -56.24
C ALA W 56 39.95 41.71 -56.30
N HIS W 57 41.05 42.11 -55.65
CA HIS W 57 41.47 43.50 -55.69
C HIS W 57 41.67 43.96 -57.13
N LYS W 58 42.47 43.23 -57.90
CA LYS W 58 42.76 43.66 -59.26
C LYS W 58 41.53 43.54 -60.16
N LEU W 59 40.69 42.53 -59.92
CA LEU W 59 39.49 42.34 -60.73
C LEU W 59 38.52 43.50 -60.56
N PHE W 60 38.21 43.84 -59.31
CA PHE W 60 37.27 44.92 -59.07
C PHE W 60 37.89 46.28 -59.34
N ALA W 61 39.23 46.35 -59.35
CA ALA W 61 39.88 47.59 -59.77
C ALA W 61 39.76 47.81 -61.26
N GLU W 62 39.97 46.76 -62.06
CA GLU W 62 39.91 46.93 -63.51
C GLU W 62 38.48 47.02 -64.03
N GLN W 63 37.53 46.41 -63.33
CA GLN W 63 36.12 46.48 -63.70
C GLN W 63 35.33 47.14 -62.58
N GLN W 64 34.87 48.36 -62.82
CA GLN W 64 34.12 49.12 -61.83
C GLN W 64 32.61 48.87 -61.88
N GLU W 65 32.13 48.13 -62.89
CA GLU W 65 30.69 47.92 -62.99
C GLU W 65 30.20 46.91 -61.94
N LEU W 66 30.99 45.87 -61.65
CA LEU W 66 30.55 44.86 -60.71
C LEU W 66 30.39 45.43 -59.31
N ILE W 67 31.17 46.44 -58.96
CA ILE W 67 31.15 46.98 -57.61
C ILE W 67 30.09 48.06 -57.46
N GLN W 68 29.63 48.64 -58.56
CA GLN W 68 28.71 49.76 -58.50
C GLN W 68 27.26 49.28 -58.48
N PRO W 69 26.34 50.13 -58.04
CA PRO W 69 24.91 49.77 -58.14
C PRO W 69 24.52 49.45 -59.57
N GLY W 70 23.72 48.40 -59.72
CA GLY W 70 23.38 47.86 -61.01
C GLY W 70 24.34 46.81 -61.52
N GLY W 71 25.44 46.57 -60.82
CA GLY W 71 26.36 45.53 -61.22
C GLY W 71 25.98 44.18 -60.67
N ASN W 72 26.67 43.15 -61.18
CA ASN W 72 26.39 41.78 -60.75
C ASN W 72 26.68 41.58 -59.27
N ALA W 73 27.80 42.10 -58.78
CA ALA W 73 28.26 41.86 -57.42
C ALA W 73 28.02 43.07 -56.52
N TYR W 74 26.96 43.81 -56.76
CA TYR W 74 26.72 45.06 -56.04
C TYR W 74 26.48 44.86 -54.54
N PRO W 75 25.61 43.93 -54.10
CA PRO W 75 25.38 43.79 -52.66
C PRO W 75 26.37 42.83 -52.03
N HIS W 76 26.46 42.91 -50.70
CA HIS W 76 27.36 42.05 -49.95
C HIS W 76 27.14 40.58 -50.29
N ARG W 77 25.87 40.16 -50.34
CA ARG W 77 25.56 38.77 -50.66
C ARG W 77 26.19 38.35 -51.98
N ARG W 78 25.99 39.15 -53.03
CA ARG W 78 26.42 38.71 -54.34
C ARG W 78 27.94 38.78 -54.52
N MET W 79 28.58 39.81 -53.97
CA MET W 79 30.03 39.85 -54.15
C MET W 79 30.73 38.84 -53.25
N ALA W 80 30.18 38.56 -52.07
CA ALA W 80 30.68 37.44 -51.27
C ALA W 80 30.48 36.12 -52.01
N ALA W 81 29.38 36.01 -52.75
CA ALA W 81 29.17 34.84 -53.61
C ALA W 81 30.26 34.77 -54.68
N CYS W 82 30.60 35.90 -55.27
CA CYS W 82 31.71 35.94 -56.23
C CYS W 82 33.00 35.45 -55.61
N LEU W 83 33.27 35.88 -54.37
CA LEU W 83 34.49 35.48 -53.70
C LEU W 83 34.52 33.98 -53.44
N ARG W 84 33.44 33.41 -52.90
CA ARG W 84 33.43 31.97 -52.68
C ARG W 84 33.45 31.19 -53.99
N ASP W 85 32.95 31.77 -55.08
CA ASP W 85 33.08 31.10 -56.37
C ASP W 85 34.53 31.08 -56.84
N MET W 86 35.23 32.20 -56.73
CA MET W 86 36.66 32.18 -57.04
C MET W 86 37.36 31.13 -56.19
N GLU W 87 36.96 31.03 -54.92
CA GLU W 87 37.48 29.98 -54.06
C GLU W 87 37.20 28.61 -54.62
N ILE W 88 35.99 28.38 -55.14
CA ILE W 88 35.63 27.02 -55.57
C ILE W 88 36.38 26.63 -56.84
N ILE W 89 36.52 27.55 -57.80
CA ILE W 89 37.33 27.23 -58.98
C ILE W 89 38.79 27.01 -58.59
N LEU W 90 39.34 27.84 -57.70
CA LEU W 90 40.72 27.63 -57.29
C LEU W 90 40.88 26.28 -56.59
N ARG W 91 39.90 25.92 -55.77
CA ARG W 91 39.94 24.65 -55.05
C ARG W 91 39.94 23.47 -56.03
N TYR W 92 39.06 23.53 -57.02
CA TYR W 92 38.92 22.40 -57.92
C TYR W 92 40.07 22.35 -58.93
N VAL W 93 40.67 23.49 -59.26
CA VAL W 93 41.86 23.45 -60.09
C VAL W 93 43.04 22.89 -59.31
N SER W 94 43.11 23.16 -57.99
CA SER W 94 44.13 22.51 -57.17
C SER W 94 43.91 21.00 -57.13
N TYR W 95 42.65 20.58 -56.99
CA TYR W 95 42.34 19.15 -57.01
C TYR W 95 42.78 18.52 -58.32
N ALA W 96 42.50 19.20 -59.44
CA ALA W 96 42.91 18.66 -60.74
C ALA W 96 44.42 18.61 -60.86
N LEU W 97 45.11 19.66 -60.40
CA LEU W 97 46.56 19.69 -60.51
C LEU W 97 47.20 18.56 -59.73
N LEU W 98 46.77 18.34 -58.48
CA LEU W 98 47.31 17.22 -57.72
C LEU W 98 46.95 15.90 -58.38
N ALA W 99 45.68 15.74 -58.79
CA ALA W 99 45.28 14.51 -59.46
C ALA W 99 45.90 14.41 -60.84
N GLY W 100 46.30 15.54 -61.43
CA GLY W 100 46.91 15.54 -62.72
C GLY W 100 45.97 15.32 -63.87
N ASP W 101 44.67 15.22 -63.61
CA ASP W 101 43.68 14.95 -64.64
C ASP W 101 42.56 15.98 -64.57
N ALA W 102 42.18 16.50 -65.74
CA ALA W 102 41.09 17.47 -65.80
C ALA W 102 39.72 16.81 -65.67
N SER W 103 39.67 15.47 -65.61
CA SER W 103 38.39 14.78 -65.54
C SER W 103 37.63 15.13 -64.27
N VAL W 104 38.34 15.16 -63.13
CA VAL W 104 37.69 15.50 -61.87
C VAL W 104 37.19 16.94 -61.89
N LEU W 105 37.92 17.83 -62.57
CA LEU W 105 37.51 19.21 -62.67
C LEU W 105 36.30 19.34 -63.59
N ASP W 106 36.21 18.49 -64.62
CA ASP W 106 35.10 18.55 -65.56
C ASP W 106 33.85 17.86 -65.03
N ASP W 107 33.99 16.91 -64.11
CA ASP W 107 32.85 16.06 -63.73
C ASP W 107 31.72 16.89 -63.13
N ARG W 108 32.01 17.71 -62.12
CA ARG W 108 30.98 18.46 -61.43
C ARG W 108 31.28 19.92 -61.21
N CYS W 109 32.56 20.34 -61.21
CA CYS W 109 32.86 21.77 -61.17
C CYS W 109 32.35 22.47 -62.41
N LEU W 110 32.56 21.88 -63.59
CA LEU W 110 32.34 22.55 -64.86
C LEU W 110 31.11 22.08 -65.59
N ASN W 111 30.41 21.06 -65.09
CA ASN W 111 29.25 20.53 -65.81
C ASN W 111 28.11 21.55 -65.83
N GLY W 112 27.81 22.16 -64.69
CA GLY W 112 26.59 22.94 -64.57
C GLY W 112 26.77 24.42 -64.30
N LEU W 113 28.02 24.89 -64.21
CA LEU W 113 28.24 26.29 -63.88
C LEU W 113 27.97 27.18 -65.10
N ARG W 114 28.24 26.66 -66.29
CA ARG W 114 27.90 27.36 -67.53
C ARG W 114 26.44 27.80 -67.56
N GLU W 115 25.52 26.85 -67.51
CA GLU W 115 24.10 27.21 -67.59
C GLU W 115 23.66 27.99 -66.36
N THR W 116 24.27 27.73 -65.20
CA THR W 116 23.90 28.47 -64.00
C THR W 116 24.18 29.97 -64.17
N TYR W 117 25.41 30.31 -64.57
CA TYR W 117 25.75 31.72 -64.75
C TYR W 117 25.03 32.32 -65.96
N ASN W 118 24.79 31.52 -66.99
CA ASN W 118 24.07 32.04 -68.15
C ASN W 118 22.63 32.41 -67.79
N ALA W 119 21.94 31.54 -67.05
CA ALA W 119 20.55 31.82 -66.68
C ALA W 119 20.48 32.93 -65.64
N LEU W 120 21.33 32.87 -64.62
CA LEU W 120 21.25 33.82 -63.52
C LEU W 120 21.60 35.25 -63.95
N GLY W 121 22.26 35.44 -65.08
CA GLY W 121 22.62 36.76 -65.55
C GLY W 121 24.04 37.18 -65.26
N THR W 122 24.87 36.29 -64.74
CA THR W 122 26.25 36.62 -64.48
C THR W 122 27.03 36.72 -65.79
N PRO W 123 27.68 37.85 -66.07
CA PRO W 123 28.53 37.92 -67.27
C PRO W 123 29.74 37.01 -67.11
N THR W 124 29.79 35.96 -67.92
CA THR W 124 30.79 34.92 -67.71
C THR W 124 32.19 35.36 -68.15
N GLN W 125 32.28 36.33 -69.06
CA GLN W 125 33.60 36.81 -69.47
C GLN W 125 34.30 37.55 -68.33
N SER W 126 33.53 38.19 -67.44
CA SER W 126 34.11 38.73 -66.22
C SER W 126 34.66 37.61 -65.36
N VAL W 127 33.98 36.47 -65.30
CA VAL W 127 34.50 35.31 -64.60
C VAL W 127 35.78 34.82 -65.25
N ALA W 128 35.85 34.92 -66.59
CA ALA W 128 37.06 34.51 -67.30
C ALA W 128 38.25 35.38 -66.93
N ARG W 129 38.06 36.71 -66.93
CA ARG W 129 39.15 37.58 -66.51
C ARG W 129 39.51 37.34 -65.05
N ALA W 130 38.50 37.11 -64.20
CA ALA W 130 38.79 36.82 -62.80
C ALA W 130 39.65 35.59 -62.65
N VAL W 131 39.31 34.50 -63.35
CA VAL W 131 40.06 33.26 -63.18
C VAL W 131 41.43 33.37 -63.82
N GLN W 132 41.59 34.18 -64.87
CA GLN W 132 42.94 34.33 -65.43
C GLN W 132 43.82 35.20 -64.54
N LEU W 133 43.24 36.21 -63.88
CA LEU W 133 43.99 36.94 -62.86
C LEU W 133 44.37 36.02 -61.72
N MET W 134 43.46 35.11 -61.34
CA MET W 134 43.78 34.10 -60.35
C MET W 134 44.93 33.22 -60.81
N LYS W 135 44.94 32.86 -62.09
CA LYS W 135 46.04 32.08 -62.65
C LYS W 135 47.37 32.83 -62.52
N ASP W 136 47.35 34.12 -62.83
CA ASP W 136 48.57 34.92 -62.73
C ASP W 136 49.06 34.98 -61.29
N ALA W 137 48.15 35.21 -60.33
CA ALA W 137 48.54 35.24 -58.93
C ALA W 137 49.06 33.88 -58.47
N ALA W 138 48.44 32.80 -58.93
CA ALA W 138 48.89 31.46 -58.57
C ALA W 138 50.29 31.19 -59.12
N MET W 139 50.57 31.63 -60.35
CA MET W 139 51.91 31.49 -60.89
C MET W 139 52.92 32.29 -60.07
N VAL W 140 52.56 33.53 -59.72
CA VAL W 140 53.47 34.37 -58.92
C VAL W 140 53.79 33.69 -57.61
N HIS W 141 52.79 33.11 -56.95
CA HIS W 141 53.03 32.41 -55.68
C HIS W 141 53.73 31.08 -55.87
N LEU W 142 53.59 30.44 -57.03
CA LEU W 142 54.23 29.15 -57.25
C LEU W 142 55.67 29.30 -57.68
N LYS W 143 56.08 30.49 -58.13
CA LYS W 143 57.47 30.71 -58.48
C LYS W 143 58.36 30.63 -57.25
N SER W 144 57.87 31.11 -56.12
CA SER W 144 58.69 31.19 -54.91
C SER W 144 59.16 29.80 -54.48
N THR W 145 60.45 29.69 -54.16
CA THR W 145 61.05 28.45 -53.73
C THR W 145 61.47 28.47 -52.27
N ALA W 146 61.01 29.45 -51.50
CA ALA W 146 61.36 29.50 -50.08
C ALA W 146 60.85 28.28 -49.35
N ASN W 147 61.64 27.80 -48.38
CA ASN W 147 61.28 26.69 -47.51
C ASN W 147 61.11 25.39 -48.30
N VAL W 148 61.71 25.29 -49.48
CA VAL W 148 61.64 24.07 -50.27
C VAL W 148 62.84 24.03 -51.20
N THR W 149 63.31 22.81 -51.48
CA THR W 149 64.46 22.62 -52.34
C THR W 149 64.13 23.01 -53.79
N VAL W 150 65.07 23.68 -54.44
CA VAL W 150 64.86 24.15 -55.80
C VAL W 150 64.92 22.98 -56.76
N GLY W 151 64.17 23.08 -57.86
CA GLY W 151 64.18 22.07 -58.90
C GLY W 151 63.49 22.59 -60.14
N ASP W 152 63.43 21.73 -61.15
CA ASP W 152 62.78 22.05 -62.42
C ASP W 152 61.29 21.77 -62.28
N CYS W 153 60.49 22.84 -62.23
CA CYS W 153 59.06 22.73 -62.01
C CYS W 153 58.27 23.45 -63.10
N SER W 154 58.90 23.69 -64.25
CA SER W 154 58.21 24.38 -65.34
C SER W 154 57.08 23.53 -65.92
N SER W 155 57.23 22.21 -65.90
CA SER W 155 56.15 21.34 -66.36
C SER W 155 54.89 21.53 -65.51
N LEU W 156 55.06 21.60 -64.19
CA LEU W 156 53.91 21.82 -63.32
C LEU W 156 53.29 23.19 -63.54
N TYR W 157 54.13 24.20 -63.77
CA TYR W 157 53.61 25.53 -64.05
C TYR W 157 52.78 25.54 -65.32
N SER W 158 53.28 24.89 -66.38
CA SER W 158 52.52 24.79 -67.61
C SER W 158 51.22 24.02 -67.40
N GLU W 159 51.27 22.94 -66.63
CA GLU W 159 50.06 22.16 -66.35
C GLU W 159 49.02 23.00 -65.62
N ALA W 160 49.45 23.74 -64.60
CA ALA W 160 48.51 24.58 -63.86
C ALA W 160 47.94 25.68 -64.76
N ALA W 161 48.77 26.27 -65.63
CA ALA W 161 48.25 27.26 -66.56
C ALA W 161 47.21 26.65 -67.48
N THR W 162 47.46 25.45 -68.00
CA THR W 162 46.48 24.79 -68.86
C THR W 162 45.21 24.46 -68.10
N TYR W 163 45.33 24.11 -66.82
CA TYR W 163 44.14 23.77 -66.04
C TYR W 163 43.28 25.00 -65.80
N PHE W 164 43.91 26.14 -65.47
CA PHE W 164 43.16 27.39 -65.39
C PHE W 164 42.56 27.77 -66.73
N ASP W 165 43.28 27.50 -67.82
CA ASP W 165 42.74 27.79 -69.15
C ASP W 165 41.50 26.95 -69.44
N LYS W 166 41.53 25.67 -69.08
CA LYS W 166 40.37 24.81 -69.29
C LYS W 166 39.19 25.27 -68.43
N ALA W 167 39.46 25.65 -67.19
CA ALA W 167 38.39 26.16 -66.34
C ALA W 167 37.79 27.43 -66.94
N ALA W 168 38.63 28.34 -67.42
CA ALA W 168 38.14 29.56 -68.04
C ALA W 168 37.31 29.26 -69.27
N ALA W 169 37.78 28.33 -70.10
CA ALA W 169 37.05 27.97 -71.31
C ALA W 169 35.70 27.37 -70.97
N SER W 170 35.63 26.55 -69.93
CA SER W 170 34.36 25.96 -69.54
C SER W 170 33.39 27.01 -69.02
N ILE W 171 33.83 27.85 -68.09
CA ILE W 171 32.94 28.87 -67.55
C ILE W 171 32.57 29.90 -68.62
N ALA W 172 33.54 30.32 -69.42
CA ALA W 172 33.27 31.28 -70.48
C ALA W 172 32.61 30.59 -71.67
N MET X 1 3.37 -10.34 -34.78
CA MET X 1 2.28 -10.72 -33.90
C MET X 1 1.96 -12.20 -34.08
N ASN X 2 1.20 -12.76 -33.16
CA ASN X 2 0.90 -14.18 -33.17
C ASN X 2 -0.60 -14.40 -33.16
N ASP X 3 -1.14 -14.94 -34.25
CA ASP X 3 -2.48 -15.49 -34.25
C ASP X 3 -2.39 -16.89 -33.65
N VAL X 4 -3.49 -17.65 -33.70
CA VAL X 4 -3.48 -18.93 -33.00
C VAL X 4 -2.64 -19.96 -33.74
N PHE X 5 -2.57 -19.88 -35.07
CA PHE X 5 -1.76 -20.85 -35.81
C PHE X 5 -0.28 -20.66 -35.53
N THR X 6 0.22 -19.42 -35.67
CA THR X 6 1.61 -19.15 -35.35
C THR X 6 1.90 -19.33 -33.86
N ARG X 7 0.92 -19.06 -33.00
CA ARG X 7 1.11 -19.35 -31.59
C ARG X 7 1.37 -20.83 -31.37
N ALA X 8 0.50 -21.68 -31.92
CA ALA X 8 0.67 -23.11 -31.74
C ALA X 8 1.98 -23.60 -32.34
N ILE X 9 2.36 -23.03 -33.49
CA ILE X 9 3.67 -23.33 -34.06
C ILE X 9 4.78 -22.97 -33.09
N ALA X 10 4.66 -21.81 -32.43
CA ALA X 10 5.68 -21.42 -31.47
C ALA X 10 5.79 -22.43 -30.33
N GLN X 11 4.68 -22.74 -29.65
CA GLN X 11 4.84 -23.71 -28.56
C GLN X 11 5.27 -25.08 -29.09
N ALA X 12 4.98 -25.40 -30.35
CA ALA X 12 5.47 -26.66 -30.90
C ALA X 12 6.98 -26.62 -31.09
N ASP X 13 7.51 -25.50 -31.54
CA ASP X 13 8.93 -25.43 -31.88
C ASP X 13 9.80 -25.26 -30.65
N LEU X 14 9.44 -24.35 -29.76
CA LEU X 14 10.26 -24.11 -28.57
C LEU X 14 10.47 -25.39 -27.75
N LYS X 15 9.60 -26.38 -27.87
CA LYS X 15 9.86 -27.67 -27.26
C LYS X 15 10.41 -28.68 -28.27
N GLY X 16 10.85 -28.21 -29.43
CA GLY X 16 11.50 -29.08 -30.38
C GLY X 16 10.66 -30.21 -30.92
N SER X 17 9.35 -30.01 -31.06
CA SER X 17 8.46 -31.05 -31.52
C SER X 17 7.71 -30.61 -32.77
N PHE X 18 7.25 -31.60 -33.54
CA PHE X 18 6.23 -31.35 -34.54
C PHE X 18 4.91 -31.02 -33.86
N LEU X 19 3.90 -30.74 -34.69
CA LEU X 19 2.58 -30.44 -34.15
C LEU X 19 1.83 -31.74 -33.91
N LEU X 20 1.45 -31.96 -32.65
CA LEU X 20 0.77 -33.20 -32.32
C LEU X 20 -0.61 -33.23 -32.97
N GLU X 21 -1.11 -34.45 -33.20
CA GLU X 21 -2.38 -34.61 -33.88
C GLU X 21 -3.49 -33.86 -33.17
N SER X 22 -3.46 -33.82 -31.84
CA SER X 22 -4.47 -33.08 -31.09
C SER X 22 -4.37 -31.58 -31.38
N ASP X 23 -3.15 -31.06 -31.49
CA ASP X 23 -2.98 -29.66 -31.84
C ASP X 23 -3.56 -29.37 -33.20
N LEU X 24 -3.29 -30.22 -34.18
CA LEU X 24 -3.88 -30.05 -35.49
C LEU X 24 -5.40 -30.11 -35.40
N ASP X 25 -5.94 -30.93 -34.50
CA ASP X 25 -7.37 -31.00 -34.32
C ASP X 25 -7.95 -29.66 -33.86
N LYS X 26 -7.39 -29.10 -32.78
CA LYS X 26 -7.90 -27.81 -32.31
C LYS X 26 -7.76 -26.75 -33.39
N LEU X 27 -6.64 -26.75 -34.11
CA LEU X 27 -6.39 -25.63 -34.99
C LEU X 27 -7.24 -25.75 -36.26
N ALA X 28 -7.50 -26.97 -36.73
CA ALA X 28 -8.45 -27.17 -37.81
C ALA X 28 -9.86 -26.80 -37.38
N SER X 29 -10.22 -27.10 -36.14
CA SER X 29 -11.47 -26.55 -35.59
C SER X 29 -11.50 -25.04 -35.78
N PHE X 30 -10.55 -24.34 -35.15
CA PHE X 30 -10.46 -22.90 -35.34
C PHE X 30 -10.65 -22.51 -36.80
N ALA X 31 -10.03 -23.26 -37.72
CA ALA X 31 -10.21 -22.96 -39.13
C ALA X 31 -11.67 -23.06 -39.55
N LYS X 32 -12.38 -24.09 -39.09
CA LYS X 32 -13.74 -24.29 -39.60
C LYS X 32 -14.72 -23.29 -39.00
N GLU X 33 -14.59 -22.99 -37.70
CA GLU X 33 -15.31 -21.82 -37.16
C GLU X 33 -14.72 -20.48 -37.60
N GLY X 34 -13.70 -20.50 -38.46
CA GLY X 34 -13.19 -19.27 -39.01
C GLY X 34 -14.24 -18.39 -39.68
N VAL X 35 -15.25 -18.99 -40.31
CA VAL X 35 -16.25 -18.18 -40.99
C VAL X 35 -17.13 -17.46 -39.97
N LYS X 36 -17.46 -18.12 -38.86
CA LYS X 36 -18.17 -17.45 -37.78
C LYS X 36 -17.32 -16.32 -37.21
N ARG X 37 -16.01 -16.57 -37.09
CA ARG X 37 -15.11 -15.53 -36.61
C ARG X 37 -15.08 -14.34 -37.56
N LEU X 38 -15.10 -14.61 -38.86
CA LEU X 38 -15.17 -13.54 -39.85
C LEU X 38 -16.45 -12.74 -39.72
N ASP X 39 -17.57 -13.42 -39.47
CA ASP X 39 -18.82 -12.70 -39.27
C ASP X 39 -18.75 -11.79 -38.05
N ALA X 40 -18.20 -12.30 -36.95
CA ALA X 40 -18.08 -11.47 -35.75
C ALA X 40 -17.19 -10.27 -35.99
N VAL X 41 -16.06 -10.47 -36.67
CA VAL X 41 -15.15 -9.37 -36.95
C VAL X 41 -15.81 -8.34 -37.85
N ALA X 42 -16.58 -8.79 -38.84
CA ALA X 42 -17.30 -7.84 -39.68
C ALA X 42 -18.34 -7.08 -38.89
N ALA X 43 -19.00 -7.73 -37.93
CA ALA X 43 -19.96 -7.05 -37.09
C ALA X 43 -19.29 -5.94 -36.29
N LEU X 44 -18.08 -6.22 -35.79
CA LEU X 44 -17.34 -5.20 -35.05
C LEU X 44 -16.87 -4.07 -35.96
N THR X 45 -16.48 -4.41 -37.18
CA THR X 45 -16.01 -3.40 -38.12
C THR X 45 -17.12 -2.45 -38.53
N ASN X 46 -18.29 -3.00 -38.89
CA ASN X 46 -19.33 -2.17 -39.50
C ASN X 46 -20.07 -1.33 -38.47
N ASN X 47 -20.24 -1.84 -37.26
CA ASN X 47 -20.95 -1.12 -36.21
C ASN X 47 -20.01 -0.29 -35.34
N ALA X 48 -18.80 -0.02 -35.83
CA ALA X 48 -17.82 0.69 -35.00
C ALA X 48 -18.28 2.08 -34.58
N PRO X 49 -18.74 2.96 -35.47
CA PRO X 49 -19.20 4.27 -35.00
C PRO X 49 -20.34 4.18 -34.00
N ALA X 50 -21.26 3.24 -34.20
CA ALA X 50 -22.38 3.11 -33.28
C ALA X 50 -21.90 2.68 -31.90
N ILE X 51 -21.00 1.70 -31.85
CA ILE X 51 -20.47 1.23 -30.56
C ILE X 51 -19.75 2.36 -29.85
N ILE X 52 -18.93 3.10 -30.59
CA ILE X 52 -18.15 4.17 -29.99
C ILE X 52 -19.07 5.28 -29.48
N SER X 53 -20.05 5.69 -30.28
CA SER X 53 -20.93 6.77 -29.85
C SER X 53 -21.79 6.35 -28.68
N ASP X 54 -22.24 5.09 -28.64
CA ASP X 54 -23.04 4.64 -27.52
C ASP X 54 -22.21 4.60 -26.24
N ALA X 55 -20.98 4.08 -26.33
CA ALA X 55 -20.10 4.07 -25.18
C ALA X 55 -19.78 5.49 -24.72
N ALA X 56 -19.59 6.42 -25.66
CA ALA X 56 -19.31 7.80 -25.30
C ALA X 56 -20.49 8.43 -24.58
N HIS X 57 -21.70 8.25 -25.12
CA HIS X 57 -22.89 8.79 -24.48
C HIS X 57 -23.02 8.27 -23.06
N LYS X 58 -22.91 6.95 -22.89
CA LYS X 58 -23.04 6.40 -21.54
C LYS X 58 -21.93 6.92 -20.62
N LEU X 59 -20.69 6.89 -21.10
CA LEU X 59 -19.55 7.25 -20.25
C LEU X 59 -19.65 8.69 -19.76
N PHE X 60 -19.98 9.61 -20.66
CA PHE X 60 -20.18 10.98 -20.22
C PHE X 60 -21.54 11.19 -19.58
N ALA X 61 -22.39 10.16 -19.56
CA ALA X 61 -23.58 10.22 -18.72
C ALA X 61 -23.22 10.01 -17.25
N GLU X 62 -22.51 8.92 -16.92
CA GLU X 62 -22.17 8.74 -15.51
C GLU X 62 -21.20 9.80 -15.02
N GLN X 63 -20.12 10.04 -15.75
CA GLN X 63 -19.12 11.03 -15.35
C GLN X 63 -19.24 12.26 -16.24
N GLN X 64 -20.13 13.18 -15.86
CA GLN X 64 -20.13 14.49 -16.48
C GLN X 64 -18.88 15.27 -16.10
N GLU X 65 -18.18 14.83 -15.05
CA GLU X 65 -16.98 15.49 -14.57
C GLU X 65 -15.95 15.68 -15.69
N LEU X 66 -15.85 14.73 -16.61
CA LEU X 66 -14.86 14.82 -17.68
C LEU X 66 -15.15 16.01 -18.60
N ILE X 67 -16.42 16.26 -18.90
CA ILE X 67 -16.74 17.26 -19.91
C ILE X 67 -16.97 18.64 -19.33
N GLN X 68 -16.81 18.81 -18.02
CA GLN X 68 -16.89 20.14 -17.46
C GLN X 68 -15.56 20.87 -17.65
N PRO X 69 -15.57 22.19 -17.59
CA PRO X 69 -14.30 22.92 -17.68
C PRO X 69 -13.32 22.47 -16.60
N GLY X 70 -12.09 22.20 -17.02
CA GLY X 70 -11.11 21.62 -16.15
C GLY X 70 -11.10 20.11 -16.14
N GLY X 71 -12.04 19.47 -16.81
CA GLY X 71 -12.06 18.03 -16.92
C GLY X 71 -11.25 17.59 -18.11
N ASN X 72 -10.89 16.31 -18.12
CA ASN X 72 -9.94 15.83 -19.11
C ASN X 72 -10.47 16.00 -20.53
N ALA X 73 -11.68 15.52 -20.80
CA ALA X 73 -12.23 15.56 -22.15
C ALA X 73 -12.87 16.90 -22.48
N TYR X 74 -12.58 17.95 -21.71
CA TYR X 74 -13.26 19.23 -21.96
C TYR X 74 -12.86 19.92 -23.26
N PRO X 75 -11.62 20.32 -23.47
CA PRO X 75 -11.36 21.47 -24.36
C PRO X 75 -11.77 21.30 -25.81
N HIS X 76 -12.44 20.22 -26.18
CA HIS X 76 -12.93 19.95 -27.53
C HIS X 76 -11.81 19.54 -28.45
N ARG X 77 -10.55 19.63 -28.01
CA ARG X 77 -9.41 19.03 -28.67
C ARG X 77 -9.05 17.72 -27.98
N ARG X 78 -9.52 17.55 -26.75
CA ARG X 78 -9.35 16.31 -26.02
C ARG X 78 -10.54 15.38 -26.19
N MET X 79 -11.68 15.91 -26.64
CA MET X 79 -12.80 15.05 -26.97
C MET X 79 -12.48 14.21 -28.21
N ALA X 80 -11.91 14.83 -29.24
CA ALA X 80 -11.46 14.07 -30.39
C ALA X 80 -10.42 13.04 -29.99
N ALA X 81 -9.58 13.37 -29.02
CA ALA X 81 -8.61 12.40 -28.53
C ALA X 81 -9.29 11.23 -27.85
N CYS X 82 -10.30 11.50 -27.02
CA CYS X 82 -11.08 10.44 -26.39
C CYS X 82 -11.69 9.51 -27.43
N LEU X 83 -12.33 10.09 -28.44
CA LEU X 83 -12.99 9.29 -29.46
C LEU X 83 -11.97 8.49 -30.27
N ARG X 84 -10.80 9.06 -30.53
CA ARG X 84 -9.79 8.34 -31.28
C ARG X 84 -9.19 7.21 -30.47
N ASP X 85 -9.04 7.41 -29.16
CA ASP X 85 -8.60 6.30 -28.30
C ASP X 85 -9.62 5.17 -28.33
N MET X 86 -10.91 5.51 -28.26
CA MET X 86 -11.94 4.49 -28.36
C MET X 86 -11.83 3.74 -29.68
N GLU X 87 -11.66 4.46 -30.78
CA GLU X 87 -11.53 3.83 -32.08
C GLU X 87 -10.33 2.89 -32.10
N ILE X 88 -9.20 3.31 -31.54
CA ILE X 88 -7.98 2.51 -31.58
C ILE X 88 -8.18 1.21 -30.81
N ILE X 89 -8.76 1.30 -29.62
CA ILE X 89 -8.91 0.11 -28.80
C ILE X 89 -9.92 -0.85 -29.43
N LEU X 90 -11.00 -0.31 -30.00
CA LEU X 90 -11.95 -1.17 -30.70
C LEU X 90 -11.30 -1.84 -31.90
N ARG X 91 -10.47 -1.10 -32.63
CA ARG X 91 -9.79 -1.65 -33.79
C ARG X 91 -8.86 -2.78 -33.38
N TYR X 92 -8.14 -2.61 -32.28
CA TYR X 92 -7.22 -3.65 -31.85
C TYR X 92 -7.97 -4.84 -31.28
N VAL X 93 -9.14 -4.63 -30.68
CA VAL X 93 -9.94 -5.76 -30.24
C VAL X 93 -10.42 -6.57 -31.43
N SER X 94 -10.87 -5.90 -32.49
CA SER X 94 -11.29 -6.65 -33.68
C SER X 94 -10.11 -7.36 -34.32
N TYR X 95 -8.93 -6.75 -34.28
CA TYR X 95 -7.72 -7.42 -34.78
C TYR X 95 -7.45 -8.70 -34.00
N ALA X 96 -7.48 -8.62 -32.67
CA ALA X 96 -7.27 -9.80 -31.85
C ALA X 96 -8.36 -10.83 -32.08
N LEU X 97 -9.57 -10.37 -32.41
CA LEU X 97 -10.65 -11.30 -32.72
C LEU X 97 -10.35 -12.10 -33.98
N LEU X 98 -10.00 -11.42 -35.06
CA LEU X 98 -9.70 -12.15 -36.29
C LEU X 98 -8.49 -13.04 -36.13
N ALA X 99 -7.45 -12.56 -35.46
CA ALA X 99 -6.25 -13.37 -35.28
C ALA X 99 -6.54 -14.59 -34.42
N GLY X 100 -7.15 -14.40 -33.27
CA GLY X 100 -7.45 -15.48 -32.36
C GLY X 100 -6.66 -15.43 -31.08
N ASP X 101 -5.70 -14.52 -30.96
CA ASP X 101 -4.92 -14.33 -29.75
C ASP X 101 -4.82 -12.86 -29.42
N ALA X 102 -4.62 -12.57 -28.15
CA ALA X 102 -4.41 -11.20 -27.69
C ALA X 102 -3.00 -10.70 -27.97
N SER X 103 -2.23 -11.42 -28.78
CA SER X 103 -0.88 -10.99 -29.11
C SER X 103 -0.89 -9.63 -29.78
N VAL X 104 -1.78 -9.43 -30.76
CA VAL X 104 -1.88 -8.13 -31.39
C VAL X 104 -2.28 -7.08 -30.36
N LEU X 105 -3.31 -7.39 -29.58
CA LEU X 105 -3.82 -6.44 -28.60
C LEU X 105 -2.79 -6.13 -27.53
N ASP X 106 -2.05 -7.13 -27.06
CA ASP X 106 -1.10 -6.91 -25.98
C ASP X 106 0.24 -6.37 -26.46
N ASP X 107 0.55 -6.48 -27.75
CA ASP X 107 1.80 -5.96 -28.28
C ASP X 107 1.64 -4.55 -28.83
N ARG X 108 0.76 -4.36 -29.81
CA ARG X 108 0.71 -3.08 -30.50
C ARG X 108 -0.14 -2.06 -29.77
N CYS X 109 -0.82 -2.43 -28.69
CA CYS X 109 -1.80 -1.52 -28.11
C CYS X 109 -1.64 -1.30 -26.61
N LEU X 110 -1.25 -2.31 -25.85
CA LEU X 110 -1.51 -2.31 -24.41
C LEU X 110 -0.26 -2.20 -23.54
N ASN X 111 0.90 -2.56 -24.05
CA ASN X 111 2.07 -2.68 -23.19
C ASN X 111 2.44 -1.34 -22.56
N GLY X 112 2.35 -0.25 -23.32
CA GLY X 112 2.75 1.04 -22.83
C GLY X 112 1.66 2.08 -22.71
N LEU X 113 0.47 1.67 -22.26
CA LEU X 113 -0.66 2.59 -22.31
C LEU X 113 -1.00 3.17 -20.95
N ARG X 114 -0.98 2.36 -19.90
CA ARG X 114 -1.34 2.88 -18.58
C ARG X 114 -0.38 3.98 -18.15
N GLU X 115 0.91 3.79 -18.38
CA GLU X 115 1.88 4.84 -18.08
C GLU X 115 1.84 6.00 -19.07
N THR X 116 1.43 5.76 -20.32
CA THR X 116 1.16 6.89 -21.22
C THR X 116 0.08 7.79 -20.64
N TYR X 117 -1.00 7.19 -20.16
CA TYR X 117 -2.10 7.97 -19.60
C TYR X 117 -1.71 8.60 -18.28
N ASN X 118 -0.87 7.93 -17.49
CA ASN X 118 -0.33 8.56 -16.29
C ASN X 118 0.50 9.79 -16.64
N ALA X 119 1.32 9.68 -17.70
CA ALA X 119 2.11 10.83 -18.13
C ALA X 119 1.23 11.98 -18.57
N LEU X 120 0.19 11.70 -19.35
CA LEU X 120 -0.68 12.77 -19.82
C LEU X 120 -1.58 13.33 -18.72
N GLY X 121 -1.68 12.67 -17.58
CA GLY X 121 -2.64 13.06 -16.57
C GLY X 121 -4.01 12.48 -16.76
N THR X 122 -4.23 11.73 -17.84
CA THR X 122 -5.53 11.15 -18.12
C THR X 122 -5.89 10.13 -17.04
N PRO X 123 -7.12 10.13 -16.54
CA PRO X 123 -7.54 9.05 -15.63
C PRO X 123 -7.66 7.75 -16.41
N THR X 124 -7.12 6.67 -15.84
CA THR X 124 -7.18 5.39 -16.51
C THR X 124 -8.44 4.61 -16.17
N GLN X 125 -9.03 4.85 -15.01
CA GLN X 125 -10.28 4.19 -14.68
C GLN X 125 -11.38 4.57 -15.66
N SER X 126 -11.40 5.83 -16.09
CA SER X 126 -12.37 6.25 -17.09
C SER X 126 -12.14 5.56 -18.42
N VAL X 127 -10.88 5.36 -18.82
CA VAL X 127 -10.61 4.63 -20.05
C VAL X 127 -11.03 3.18 -19.92
N ALA X 128 -10.79 2.58 -18.76
CA ALA X 128 -11.25 1.22 -18.52
C ALA X 128 -12.77 1.12 -18.61
N ARG X 129 -13.48 2.08 -18.01
CA ARG X 129 -14.93 2.08 -18.08
C ARG X 129 -15.42 2.32 -19.51
N ALA X 130 -14.69 3.13 -20.27
CA ALA X 130 -15.03 3.29 -21.68
C ALA X 130 -14.91 1.97 -22.42
N VAL X 131 -13.88 1.19 -22.13
CA VAL X 131 -13.72 -0.09 -22.82
C VAL X 131 -14.79 -1.07 -22.38
N GLN X 132 -15.18 -1.04 -21.10
CA GLN X 132 -16.26 -1.91 -20.65
C GLN X 132 -17.59 -1.54 -21.31
N LEU X 133 -17.89 -0.24 -21.38
CA LEU X 133 -19.08 0.21 -22.08
C LEU X 133 -19.02 -0.17 -23.55
N MET X 134 -17.84 -0.13 -24.14
CA MET X 134 -17.69 -0.56 -25.52
C MET X 134 -17.98 -2.05 -25.65
N LYS X 135 -17.54 -2.84 -24.69
CA LYS X 135 -17.85 -4.26 -24.70
C LYS X 135 -19.35 -4.48 -24.66
N ASP X 136 -20.03 -3.77 -23.76
CA ASP X 136 -21.49 -3.86 -23.70
C ASP X 136 -22.12 -3.48 -25.03
N ALA X 137 -21.89 -2.25 -25.48
CA ALA X 137 -22.48 -1.77 -26.72
C ALA X 137 -22.00 -2.53 -27.94
N ALA X 138 -21.04 -3.44 -27.81
CA ALA X 138 -20.57 -4.21 -28.95
C ALA X 138 -21.07 -5.64 -28.96
N MET X 139 -21.39 -6.21 -27.80
CA MET X 139 -22.02 -7.53 -27.81
C MET X 139 -23.35 -7.48 -28.54
N VAL X 140 -24.15 -6.45 -28.29
CA VAL X 140 -25.49 -6.40 -28.86
C VAL X 140 -25.44 -6.29 -30.38
N HIS X 141 -24.47 -5.56 -30.92
CA HIS X 141 -24.27 -5.58 -32.36
C HIS X 141 -23.63 -6.88 -32.82
N LEU X 142 -22.91 -7.55 -31.91
CA LEU X 142 -22.26 -8.81 -32.25
C LEU X 142 -23.25 -9.96 -32.27
N LYS X 143 -24.26 -9.91 -31.40
CA LYS X 143 -25.29 -10.94 -31.33
C LYS X 143 -26.38 -10.76 -32.37
N SER X 144 -26.35 -9.67 -33.14
CA SER X 144 -27.39 -9.39 -34.11
C SER X 144 -27.52 -10.55 -35.08
N THR X 145 -28.76 -11.00 -35.29
CA THR X 145 -29.04 -12.19 -36.07
C THR X 145 -29.45 -11.86 -37.51
N ALA X 146 -29.67 -10.59 -37.82
CA ALA X 146 -30.12 -10.20 -39.14
C ALA X 146 -29.10 -10.61 -40.20
N ASN X 147 -29.61 -10.74 -41.43
CA ASN X 147 -28.85 -10.89 -42.68
C ASN X 147 -27.62 -11.80 -42.56
N VAL X 148 -27.69 -12.83 -41.71
CA VAL X 148 -26.62 -13.80 -41.60
C VAL X 148 -27.21 -15.11 -41.08
N THR X 149 -26.63 -16.22 -41.52
CA THR X 149 -27.07 -17.55 -41.09
C THR X 149 -27.07 -17.63 -39.56
N VAL X 150 -27.85 -18.57 -39.04
CA VAL X 150 -28.07 -18.63 -37.60
C VAL X 150 -27.36 -19.86 -37.04
N GLY X 151 -26.68 -19.67 -35.92
CA GLY X 151 -25.97 -20.76 -35.27
C GLY X 151 -25.46 -20.32 -33.92
N ASP X 152 -24.95 -21.30 -33.18
CA ASP X 152 -24.41 -21.07 -31.85
C ASP X 152 -23.01 -20.50 -31.98
N CYS X 153 -22.75 -19.40 -31.26
CA CYS X 153 -21.45 -18.73 -31.32
C CYS X 153 -20.98 -18.27 -29.96
N SER X 154 -21.45 -18.90 -28.88
CA SER X 154 -21.13 -18.41 -27.54
C SER X 154 -19.64 -18.35 -27.31
N SER X 155 -18.86 -19.17 -28.02
CA SER X 155 -17.42 -19.11 -27.91
C SER X 155 -16.89 -17.74 -28.34
N LEU X 156 -17.40 -17.21 -29.45
CA LEU X 156 -16.92 -15.92 -29.91
C LEU X 156 -17.32 -14.78 -28.98
N TYR X 157 -18.51 -14.82 -28.40
CA TYR X 157 -18.86 -13.76 -27.46
C TYR X 157 -18.04 -13.86 -26.20
N SER X 158 -17.81 -15.08 -25.71
CA SER X 158 -16.91 -15.25 -24.57
C SER X 158 -15.53 -14.68 -24.87
N GLU X 159 -15.00 -14.99 -26.06
CA GLU X 159 -13.67 -14.57 -26.43
C GLU X 159 -13.57 -13.06 -26.57
N ALA X 160 -14.56 -12.44 -27.23
CA ALA X 160 -14.55 -10.99 -27.36
C ALA X 160 -14.69 -10.31 -26.02
N ALA X 161 -15.51 -10.88 -25.13
CA ALA X 161 -15.58 -10.33 -23.77
C ALA X 161 -14.24 -10.43 -23.09
N THR X 162 -13.52 -11.53 -23.29
CA THR X 162 -12.19 -11.65 -22.69
C THR X 162 -11.24 -10.59 -23.23
N TYR X 163 -11.29 -10.31 -24.53
CA TYR X 163 -10.39 -9.30 -25.09
C TYR X 163 -10.71 -7.92 -24.55
N PHE X 164 -12.00 -7.55 -24.51
CA PHE X 164 -12.36 -6.26 -23.94
C PHE X 164 -11.94 -6.18 -22.47
N ASP X 165 -12.13 -7.27 -21.73
CA ASP X 165 -11.75 -7.31 -20.32
C ASP X 165 -10.24 -7.13 -20.18
N LYS X 166 -9.47 -7.77 -21.06
CA LYS X 166 -8.02 -7.69 -20.98
C LYS X 166 -7.53 -6.29 -21.28
N ALA X 167 -8.12 -5.64 -22.30
CA ALA X 167 -7.76 -4.25 -22.58
C ALA X 167 -8.09 -3.34 -21.41
N ALA X 168 -9.28 -3.51 -20.83
CA ALA X 168 -9.67 -2.69 -19.70
C ALA X 168 -8.75 -2.90 -18.50
N ALA X 169 -8.42 -4.16 -18.22
CA ALA X 169 -7.56 -4.45 -17.07
C ALA X 169 -6.15 -3.94 -17.31
N SER X 170 -5.70 -3.95 -18.57
CA SER X 170 -4.41 -3.36 -18.90
C SER X 170 -4.40 -1.86 -18.60
N ILE X 171 -5.39 -1.13 -19.12
CA ILE X 171 -5.38 0.32 -18.94
C ILE X 171 -5.69 0.69 -17.50
N ALA X 172 -6.65 0.03 -16.87
CA ALA X 172 -7.08 0.38 -15.52
C ALA X 172 -5.93 0.28 -14.52
N MET Y 1 36.92 8.90 -29.27
CA MET Y 1 37.67 7.89 -30.00
C MET Y 1 39.14 8.27 -30.07
N ASN Y 2 39.96 7.53 -29.34
CA ASN Y 2 41.33 7.93 -29.05
C ASN Y 2 42.29 6.80 -29.37
N ASP Y 3 43.49 7.17 -29.80
CA ASP Y 3 44.65 6.30 -29.80
C ASP Y 3 45.58 6.74 -28.67
N VAL Y 4 46.70 6.03 -28.52
CA VAL Y 4 47.60 6.33 -27.42
C VAL Y 4 48.12 7.76 -27.53
N PHE Y 5 48.35 8.22 -28.76
CA PHE Y 5 48.85 9.57 -28.96
C PHE Y 5 47.85 10.60 -28.48
N THR Y 6 46.57 10.39 -28.81
CA THR Y 6 45.54 11.31 -28.37
C THR Y 6 45.32 11.21 -26.86
N ARG Y 7 45.52 10.02 -26.26
CA ARG Y 7 45.50 9.93 -24.81
C ARG Y 7 46.59 10.81 -24.20
N ALA Y 8 47.81 10.70 -24.72
CA ALA Y 8 48.92 11.48 -24.19
C ALA Y 8 48.65 12.96 -24.32
N ILE Y 9 48.12 13.37 -25.48
CA ILE Y 9 47.76 14.77 -25.68
C ILE Y 9 46.66 15.18 -24.71
N ALA Y 10 45.75 14.27 -24.41
CA ALA Y 10 44.68 14.56 -23.45
C ALA Y 10 45.24 14.81 -22.06
N GLN Y 11 46.17 13.95 -21.61
CA GLN Y 11 46.79 14.21 -20.31
C GLN Y 11 47.57 15.50 -20.31
N ALA Y 12 48.27 15.78 -21.42
CA ALA Y 12 49.03 17.02 -21.51
C ALA Y 12 48.14 18.24 -21.39
N ASP Y 13 46.98 18.23 -22.06
CA ASP Y 13 46.02 19.32 -21.93
C ASP Y 13 45.40 19.38 -20.54
N LEU Y 14 45.16 18.23 -19.92
CA LEU Y 14 44.67 18.22 -18.55
C LEU Y 14 45.65 18.94 -17.63
N LYS Y 15 46.95 18.63 -17.77
CA LYS Y 15 47.97 19.38 -17.07
C LYS Y 15 48.14 20.78 -17.64
N GLY Y 16 47.92 20.96 -18.94
CA GLY Y 16 48.14 22.22 -19.60
C GLY Y 16 49.57 22.47 -20.03
N SER Y 17 50.41 21.45 -20.03
CA SER Y 17 51.82 21.57 -20.36
C SER Y 17 52.09 20.95 -21.72
N PHE Y 18 53.29 21.22 -22.23
CA PHE Y 18 53.77 20.52 -23.41
C PHE Y 18 54.01 19.05 -23.07
N LEU Y 19 54.13 18.23 -24.12
CA LEU Y 19 54.44 16.83 -23.89
C LEU Y 19 55.87 16.69 -23.38
N LEU Y 20 56.00 16.05 -22.22
CA LEU Y 20 57.29 15.92 -21.58
C LEU Y 20 58.16 14.92 -22.33
N GLU Y 21 59.46 14.93 -22.04
CA GLU Y 21 60.41 14.21 -22.86
C GLU Y 21 60.23 12.70 -22.73
N SER Y 22 59.85 12.24 -21.54
CA SER Y 22 59.56 10.81 -21.37
C SER Y 22 58.38 10.38 -22.23
N ASP Y 23 57.32 11.21 -22.25
CA ASP Y 23 56.18 10.92 -23.10
C ASP Y 23 56.59 10.87 -24.56
N LEU Y 24 57.35 11.87 -25.02
CA LEU Y 24 57.77 11.89 -26.41
C LEU Y 24 58.63 10.69 -26.74
N ASP Y 25 59.49 10.28 -25.81
CA ASP Y 25 60.34 9.10 -26.05
C ASP Y 25 59.51 7.84 -26.19
N LYS Y 26 58.55 7.64 -25.29
CA LYS Y 26 57.75 6.42 -25.38
C LYS Y 26 56.83 6.44 -26.59
N LEU Y 27 56.40 7.63 -27.02
CA LEU Y 27 55.60 7.72 -28.24
C LEU Y 27 56.44 7.43 -29.47
N ALA Y 28 57.69 7.91 -29.49
CA ALA Y 28 58.59 7.57 -30.59
C ALA Y 28 58.87 6.09 -30.63
N SER Y 29 59.02 5.45 -29.46
CA SER Y 29 59.19 4.00 -29.42
C SER Y 29 57.94 3.30 -29.96
N PHE Y 30 56.76 3.77 -29.56
CA PHE Y 30 55.52 3.23 -30.10
C PHE Y 30 55.52 3.29 -31.62
N ALA Y 31 55.85 4.45 -32.17
CA ALA Y 31 55.86 4.61 -33.63
C ALA Y 31 56.90 3.72 -34.28
N LYS Y 32 58.07 3.58 -33.65
CA LYS Y 32 59.14 2.78 -34.23
C LYS Y 32 58.76 1.31 -34.31
N GLU Y 33 58.25 0.74 -33.21
CA GLU Y 33 57.79 -0.65 -33.26
C GLU Y 33 56.36 -0.78 -33.80
N GLY Y 34 55.76 0.29 -34.29
CA GLY Y 34 54.43 0.20 -34.86
C GLY Y 34 54.33 -0.68 -36.09
N VAL Y 35 55.46 -0.99 -36.73
CA VAL Y 35 55.39 -1.83 -37.92
C VAL Y 35 55.21 -3.29 -37.54
N LYS Y 36 55.59 -3.67 -36.32
CA LYS Y 36 55.09 -4.87 -35.69
C LYS Y 36 53.56 -4.89 -35.65
N ARG Y 37 52.99 -3.81 -35.13
CA ARG Y 37 51.57 -3.73 -34.84
C ARG Y 37 50.75 -3.76 -36.12
N LEU Y 38 51.21 -3.06 -37.15
CA LEU Y 38 50.50 -3.07 -38.42
C LEU Y 38 50.42 -4.47 -38.99
N ASP Y 39 51.52 -5.22 -38.93
CA ASP Y 39 51.52 -6.57 -39.47
C ASP Y 39 50.64 -7.49 -38.63
N ALA Y 40 50.65 -7.33 -37.31
CA ALA Y 40 49.77 -8.14 -36.48
C ALA Y 40 48.29 -7.85 -36.78
N VAL Y 41 47.95 -6.57 -36.95
CA VAL Y 41 46.59 -6.20 -37.30
C VAL Y 41 46.21 -6.78 -38.66
N ALA Y 42 47.14 -6.75 -39.62
CA ALA Y 42 46.88 -7.36 -40.91
C ALA Y 42 46.67 -8.87 -40.79
N ALA Y 43 47.43 -9.53 -39.92
CA ALA Y 43 47.22 -10.95 -39.72
C ALA Y 43 45.82 -11.22 -39.19
N LEU Y 44 45.38 -10.43 -38.20
CA LEU Y 44 44.00 -10.56 -37.72
C LEU Y 44 42.99 -10.32 -38.83
N THR Y 45 43.22 -9.28 -39.64
CA THR Y 45 42.27 -8.95 -40.69
C THR Y 45 42.14 -10.09 -41.70
N ASN Y 46 43.26 -10.63 -42.17
CA ASN Y 46 43.20 -11.65 -43.21
C ASN Y 46 42.90 -13.04 -42.65
N ASN Y 47 42.97 -13.24 -41.34
CA ASN Y 47 42.62 -14.52 -40.75
C ASN Y 47 41.22 -14.54 -40.13
N ALA Y 48 40.58 -13.39 -39.98
CA ALA Y 48 39.35 -13.31 -39.19
C ALA Y 48 38.29 -14.34 -39.54
N PRO Y 49 38.00 -14.66 -40.80
CA PRO Y 49 37.05 -15.76 -41.06
C PRO Y 49 37.42 -17.05 -40.36
N ALA Y 50 38.72 -17.38 -40.34
CA ALA Y 50 39.14 -18.61 -39.68
C ALA Y 50 38.89 -18.56 -38.18
N ILE Y 51 39.21 -17.43 -37.54
CA ILE Y 51 38.94 -17.31 -36.11
C ILE Y 51 37.45 -17.43 -35.82
N ILE Y 52 36.62 -16.80 -36.66
CA ILE Y 52 35.18 -16.86 -36.43
C ILE Y 52 34.68 -18.28 -36.55
N SER Y 53 35.09 -18.98 -37.61
CA SER Y 53 34.65 -20.36 -37.80
C SER Y 53 35.09 -21.24 -36.65
N ASP Y 54 36.34 -21.07 -36.19
CA ASP Y 54 36.87 -21.92 -35.14
C ASP Y 54 36.20 -21.62 -33.80
N ALA Y 55 35.97 -20.34 -33.50
CA ALA Y 55 35.24 -19.99 -32.29
C ALA Y 55 33.85 -20.58 -32.30
N ALA Y 56 33.17 -20.52 -33.46
CA ALA Y 56 31.85 -21.14 -33.56
C ALA Y 56 31.91 -22.64 -33.31
N HIS Y 57 32.85 -23.33 -33.98
CA HIS Y 57 32.95 -24.77 -33.84
C HIS Y 57 33.14 -25.18 -32.39
N LYS Y 58 34.20 -24.68 -31.76
CA LYS Y 58 34.42 -25.06 -30.36
C LYS Y 58 33.31 -24.58 -29.44
N LEU Y 59 32.76 -23.38 -29.68
CA LEU Y 59 31.74 -22.86 -28.78
C LEU Y 59 30.51 -23.76 -28.77
N PHE Y 60 29.97 -24.05 -29.95
CA PHE Y 60 28.81 -24.92 -30.03
C PHE Y 60 29.16 -26.36 -29.66
N ALA Y 61 30.45 -26.72 -29.69
CA ALA Y 61 30.84 -28.02 -29.16
C ALA Y 61 30.72 -28.06 -27.64
N GLU Y 62 31.22 -27.03 -26.95
CA GLU Y 62 31.14 -27.02 -25.50
C GLU Y 62 29.69 -26.89 -25.02
N GLN Y 63 28.91 -26.04 -25.68
CA GLN Y 63 27.53 -25.78 -25.29
C GLN Y 63 26.63 -26.05 -26.50
N GLN Y 64 26.18 -27.29 -26.64
CA GLN Y 64 25.27 -27.62 -27.72
C GLN Y 64 23.84 -27.22 -27.41
N GLU Y 65 23.55 -26.78 -26.18
CA GLU Y 65 22.21 -26.28 -25.89
C GLU Y 65 21.91 -25.00 -26.67
N LEU Y 66 22.96 -24.27 -27.06
CA LEU Y 66 22.76 -23.09 -27.89
C LEU Y 66 22.20 -23.42 -29.26
N ILE Y 67 22.36 -24.65 -29.73
CA ILE Y 67 21.76 -25.07 -30.99
C ILE Y 67 20.61 -26.04 -30.80
N GLN Y 68 20.31 -26.44 -29.57
CA GLN Y 68 19.10 -27.19 -29.29
C GLN Y 68 17.88 -26.31 -29.53
N PRO Y 69 16.73 -26.91 -29.83
CA PRO Y 69 15.53 -26.10 -30.05
C PRO Y 69 15.19 -25.31 -28.80
N GLY Y 70 14.92 -24.03 -29.00
CA GLY Y 70 14.74 -23.10 -27.92
C GLY Y 70 16.03 -22.57 -27.33
N GLY Y 71 17.17 -23.19 -27.65
CA GLY Y 71 18.44 -22.61 -27.29
C GLY Y 71 18.64 -21.27 -27.98
N ASN Y 72 19.41 -20.41 -27.32
CA ASN Y 72 19.33 -19.00 -27.68
C ASN Y 72 20.23 -18.70 -28.88
N ALA Y 73 20.51 -19.70 -29.70
CA ALA Y 73 21.04 -19.51 -31.03
C ALA Y 73 20.43 -20.51 -32.01
N TYR Y 74 19.18 -20.89 -31.78
CA TYR Y 74 18.66 -22.01 -32.56
C TYR Y 74 18.39 -21.68 -34.04
N PRO Y 75 17.50 -20.75 -34.37
CA PRO Y 75 17.20 -20.53 -35.79
C PRO Y 75 18.40 -19.92 -36.51
N HIS Y 76 18.33 -19.95 -37.84
CA HIS Y 76 19.41 -19.37 -38.63
C HIS Y 76 19.59 -17.89 -38.34
N ARG Y 77 18.54 -17.20 -37.92
CA ARG Y 77 18.68 -15.78 -37.64
C ARG Y 77 19.54 -15.53 -36.41
N ARG Y 78 19.36 -16.32 -35.35
CA ARG Y 78 20.24 -16.14 -34.20
C ARG Y 78 21.62 -16.72 -34.41
N MET Y 79 21.77 -17.75 -35.27
CA MET Y 79 23.11 -18.12 -35.68
C MET Y 79 23.80 -16.97 -36.41
N ALA Y 80 23.09 -16.31 -37.32
CA ALA Y 80 23.68 -15.16 -38.01
C ALA Y 80 24.02 -14.05 -37.03
N ALA Y 81 23.16 -13.84 -36.03
CA ALA Y 81 23.46 -12.83 -35.02
C ALA Y 81 24.69 -13.20 -34.20
N CYS Y 82 24.82 -14.48 -33.83
CA CYS Y 82 26.00 -14.94 -33.12
C CYS Y 82 27.27 -14.68 -33.93
N LEU Y 83 27.28 -15.10 -35.19
CA LEU Y 83 28.47 -14.95 -36.00
C LEU Y 83 28.78 -13.49 -36.26
N ARG Y 84 27.75 -12.68 -36.52
CA ARG Y 84 27.95 -11.25 -36.73
C ARG Y 84 28.48 -10.59 -35.48
N ASP Y 85 28.01 -10.99 -34.30
CA ASP Y 85 28.48 -10.40 -33.06
C ASP Y 85 29.94 -10.74 -32.80
N MET Y 86 30.33 -12.00 -33.02
CA MET Y 86 31.73 -12.35 -32.83
C MET Y 86 32.60 -11.62 -33.85
N GLU Y 87 32.13 -11.49 -35.08
CA GLU Y 87 32.87 -10.75 -36.09
C GLU Y 87 33.08 -9.30 -35.68
N ILE Y 88 32.03 -8.67 -35.15
CA ILE Y 88 32.13 -7.28 -34.73
C ILE Y 88 33.10 -7.12 -33.56
N ILE Y 89 33.03 -8.04 -32.59
CA ILE Y 89 33.94 -7.98 -31.46
C ILE Y 89 35.37 -8.08 -31.95
N LEU Y 90 35.63 -8.98 -32.90
CA LEU Y 90 36.98 -9.10 -33.44
C LEU Y 90 37.39 -7.83 -34.18
N ARG Y 91 36.44 -7.20 -34.88
CA ARG Y 91 36.76 -5.96 -35.57
C ARG Y 91 37.25 -4.90 -34.61
N TYR Y 92 36.53 -4.69 -33.52
CA TYR Y 92 37.03 -3.68 -32.57
C TYR Y 92 38.25 -4.14 -31.79
N VAL Y 93 38.47 -5.46 -31.65
CA VAL Y 93 39.76 -5.89 -31.11
C VAL Y 93 40.89 -5.46 -32.03
N SER Y 94 40.74 -5.65 -33.34
CA SER Y 94 41.78 -5.23 -34.26
C SER Y 94 41.93 -3.72 -34.31
N TYR Y 95 40.82 -2.99 -34.21
CA TYR Y 95 40.89 -1.52 -34.19
C TYR Y 95 41.66 -1.04 -32.97
N ALA Y 96 41.39 -1.64 -31.81
CA ALA Y 96 42.15 -1.32 -30.62
C ALA Y 96 43.61 -1.69 -30.78
N LEU Y 97 43.89 -2.82 -31.43
CA LEU Y 97 45.28 -3.23 -31.64
C LEU Y 97 46.03 -2.19 -32.47
N LEU Y 98 45.47 -1.79 -33.60
CA LEU Y 98 46.12 -0.77 -34.42
C LEU Y 98 46.26 0.54 -33.66
N ALA Y 99 45.19 0.99 -33.02
CA ALA Y 99 45.26 2.26 -32.30
C ALA Y 99 46.09 2.17 -31.04
N GLY Y 100 46.40 0.96 -30.56
CA GLY Y 100 47.06 0.82 -29.28
C GLY Y 100 46.25 1.36 -28.13
N ASP Y 101 44.94 1.44 -28.26
CA ASP Y 101 44.07 2.05 -27.27
C ASP Y 101 42.80 1.24 -27.13
N ALA Y 102 42.37 1.03 -25.88
CA ALA Y 102 41.12 0.36 -25.59
C ALA Y 102 39.96 1.33 -25.42
N SER Y 103 40.05 2.52 -26.02
CA SER Y 103 38.95 3.47 -25.92
C SER Y 103 37.87 3.18 -26.95
N VAL Y 104 38.28 2.86 -28.19
CA VAL Y 104 37.30 2.57 -29.22
C VAL Y 104 36.49 1.33 -28.86
N LEU Y 105 37.18 0.27 -28.43
CA LEU Y 105 36.48 -0.92 -27.98
C LEU Y 105 35.42 -0.60 -26.93
N ASP Y 106 35.87 -0.06 -25.80
CA ASP Y 106 34.98 0.13 -24.65
C ASP Y 106 33.84 1.07 -24.98
N ASP Y 107 34.13 2.18 -25.67
CA ASP Y 107 33.09 3.17 -25.93
C ASP Y 107 32.16 2.71 -27.04
N ARG Y 108 32.70 2.42 -28.22
CA ARG Y 108 31.89 2.15 -29.40
C ARG Y 108 31.13 0.84 -29.28
N CYS Y 109 31.69 -0.15 -28.57
CA CYS Y 109 31.08 -1.48 -28.61
C CYS Y 109 30.64 -2.00 -27.26
N LEU Y 110 31.40 -1.75 -26.20
CA LEU Y 110 31.23 -2.48 -24.95
C LEU Y 110 30.50 -1.66 -23.89
N ASN Y 111 29.97 -0.50 -24.27
CA ASN Y 111 29.33 0.36 -23.27
C ASN Y 111 28.01 -0.22 -22.79
N GLY Y 112 27.19 -0.74 -23.70
CA GLY Y 112 25.89 -1.26 -23.32
C GLY Y 112 25.63 -2.68 -23.77
N LEU Y 113 26.67 -3.34 -24.29
CA LEU Y 113 26.48 -4.68 -24.85
C LEU Y 113 26.11 -5.69 -23.78
N ARG Y 114 26.58 -5.49 -22.54
CA ARG Y 114 26.12 -6.32 -21.44
C ARG Y 114 24.62 -6.14 -21.23
N GLU Y 115 24.14 -4.90 -21.25
CA GLU Y 115 22.72 -4.66 -21.08
C GLU Y 115 21.94 -5.07 -22.31
N THR Y 116 22.54 -4.99 -23.50
CA THR Y 116 21.86 -5.49 -24.69
C THR Y 116 21.64 -6.99 -24.60
N TYR Y 117 22.64 -7.74 -24.12
CA TYR Y 117 22.48 -9.18 -24.04
C TYR Y 117 21.61 -9.57 -22.85
N ASN Y 118 21.61 -8.78 -21.78
CA ASN Y 118 20.71 -9.06 -20.68
C ASN Y 118 19.26 -8.81 -21.08
N ALA Y 119 19.02 -7.72 -21.80
CA ALA Y 119 17.65 -7.36 -22.17
C ALA Y 119 17.03 -8.39 -23.08
N LEU Y 120 17.85 -9.10 -23.86
CA LEU Y 120 17.35 -10.15 -24.73
C LEU Y 120 17.47 -11.54 -24.12
N GLY Y 121 17.81 -11.64 -22.85
CA GLY Y 121 17.94 -12.93 -22.20
C GLY Y 121 19.10 -13.77 -22.71
N THR Y 122 20.05 -13.17 -23.42
CA THR Y 122 21.19 -13.91 -23.90
C THR Y 122 22.14 -14.26 -22.76
N PRO Y 123 22.57 -15.52 -22.67
CA PRO Y 123 23.56 -15.86 -21.65
C PRO Y 123 24.90 -15.24 -21.97
N THR Y 124 25.29 -14.23 -21.20
CA THR Y 124 26.52 -13.51 -21.48
C THR Y 124 27.75 -14.40 -21.38
N GLN Y 125 27.65 -15.50 -20.63
CA GLN Y 125 28.79 -16.40 -20.54
C GLN Y 125 29.13 -17.02 -21.88
N SER Y 126 28.11 -17.33 -22.69
CA SER Y 126 28.39 -17.85 -24.02
C SER Y 126 29.15 -16.84 -24.86
N VAL Y 127 28.78 -15.56 -24.76
CA VAL Y 127 29.47 -14.53 -25.52
C VAL Y 127 30.91 -14.37 -25.02
N ALA Y 128 31.10 -14.43 -23.70
CA ALA Y 128 32.44 -14.31 -23.15
C ALA Y 128 33.31 -15.49 -23.60
N ARG Y 129 32.76 -16.70 -23.58
CA ARG Y 129 33.52 -17.85 -24.05
C ARG Y 129 33.80 -17.76 -25.54
N ALA Y 130 32.88 -17.18 -26.31
CA ALA Y 130 33.14 -16.95 -27.73
C ALA Y 130 34.31 -15.99 -27.91
N VAL Y 131 34.37 -14.95 -27.09
CA VAL Y 131 35.49 -14.00 -27.16
C VAL Y 131 36.80 -14.70 -26.81
N GLN Y 132 36.78 -15.55 -25.79
CA GLN Y 132 38.00 -16.28 -25.42
C GLN Y 132 38.43 -17.25 -26.51
N LEU Y 133 37.48 -17.93 -27.13
CA LEU Y 133 37.84 -18.80 -28.25
C LEU Y 133 38.41 -17.98 -29.40
N MET Y 134 37.87 -16.78 -29.62
CA MET Y 134 38.44 -15.92 -30.65
C MET Y 134 39.87 -15.50 -30.30
N LYS Y 135 40.14 -15.21 -29.02
CA LYS Y 135 41.52 -14.82 -28.68
C LYS Y 135 42.46 -16.00 -28.89
N ASP Y 136 42.03 -17.21 -28.55
CA ASP Y 136 42.89 -18.36 -28.74
C ASP Y 136 43.19 -18.59 -30.22
N ALA Y 137 42.15 -18.56 -31.06
CA ALA Y 137 42.38 -18.70 -32.49
C ALA Y 137 43.21 -17.56 -33.06
N ALA Y 138 43.01 -16.34 -32.56
CA ALA Y 138 43.80 -15.20 -33.02
C ALA Y 138 45.26 -15.36 -32.67
N MET Y 139 45.57 -15.85 -31.46
CA MET Y 139 46.96 -16.12 -31.11
C MET Y 139 47.55 -17.20 -32.01
N VAL Y 140 46.77 -18.25 -32.29
CA VAL Y 140 47.26 -19.28 -33.19
C VAL Y 140 47.60 -18.68 -34.56
N HIS Y 141 46.78 -17.73 -35.02
CA HIS Y 141 47.04 -17.11 -36.32
C HIS Y 141 48.06 -15.98 -36.24
N LEU Y 142 48.45 -15.57 -35.03
CA LEU Y 142 49.44 -14.51 -34.89
C LEU Y 142 50.84 -15.07 -34.79
N LYS Y 143 50.97 -16.34 -34.41
CA LYS Y 143 52.26 -17.02 -34.47
C LYS Y 143 52.71 -17.27 -35.89
N SER Y 144 51.84 -17.06 -36.88
CA SER Y 144 52.19 -17.33 -38.26
C SER Y 144 53.32 -16.41 -38.70
N THR Y 145 54.47 -17.02 -39.05
CA THR Y 145 55.66 -16.29 -39.45
C THR Y 145 55.92 -16.39 -40.95
N ALA Y 146 54.95 -16.88 -41.71
CA ALA Y 146 55.11 -16.99 -43.15
C ALA Y 146 55.13 -15.60 -43.78
N ASN Y 147 55.85 -15.48 -44.88
CA ASN Y 147 55.85 -14.28 -45.74
C ASN Y 147 56.33 -13.03 -45.01
N VAL Y 148 56.87 -13.18 -43.79
CA VAL Y 148 57.28 -12.04 -42.99
C VAL Y 148 58.66 -12.30 -42.39
N THR Y 149 59.30 -11.22 -41.96
CA THR Y 149 60.58 -11.31 -41.28
C THR Y 149 60.35 -11.66 -39.81
N VAL Y 150 61.19 -12.55 -39.27
CA VAL Y 150 60.97 -13.02 -37.91
C VAL Y 150 61.51 -12.01 -36.92
N GLY Y 151 60.81 -11.85 -35.80
CA GLY Y 151 61.24 -10.97 -34.73
C GLY Y 151 60.44 -11.26 -33.49
N ASP Y 152 60.50 -10.32 -32.54
CA ASP Y 152 59.75 -10.43 -31.30
C ASP Y 152 58.47 -9.62 -31.39
N CYS Y 153 57.40 -10.13 -30.78
CA CYS Y 153 56.11 -9.45 -30.77
C CYS Y 153 55.39 -9.61 -29.43
N SER Y 154 56.11 -9.99 -28.37
CA SER Y 154 55.46 -10.27 -27.09
C SER Y 154 54.67 -9.08 -26.59
N SER Y 155 55.09 -7.86 -26.91
CA SER Y 155 54.28 -6.69 -26.58
C SER Y 155 52.95 -6.74 -27.31
N LEU Y 156 52.97 -7.06 -28.60
CA LEU Y 156 51.72 -7.17 -29.35
C LEU Y 156 50.86 -8.31 -28.86
N TYR Y 157 51.48 -9.43 -28.51
CA TYR Y 157 50.72 -10.56 -28.00
C TYR Y 157 50.04 -10.19 -26.68
N SER Y 158 50.74 -9.48 -25.81
CA SER Y 158 50.12 -9.02 -24.58
C SER Y 158 49.01 -8.03 -24.86
N GLU Y 159 49.20 -7.14 -25.83
CA GLU Y 159 48.15 -6.18 -26.17
C GLU Y 159 46.89 -6.88 -26.69
N ALA Y 160 47.06 -7.83 -27.61
CA ALA Y 160 45.91 -8.55 -28.12
C ALA Y 160 45.23 -9.36 -27.03
N ALA Y 161 46.01 -10.01 -26.17
CA ALA Y 161 45.44 -10.78 -25.08
C ALA Y 161 44.66 -9.89 -24.13
N THR Y 162 45.19 -8.70 -23.81
CA THR Y 162 44.50 -7.84 -22.88
C THR Y 162 43.29 -7.17 -23.52
N TYR Y 163 43.30 -6.98 -24.84
CA TYR Y 163 42.11 -6.45 -25.51
C TYR Y 163 40.99 -7.49 -25.51
N PHE Y 164 41.32 -8.73 -25.85
CA PHE Y 164 40.32 -9.79 -25.80
C PHE Y 164 39.84 -10.02 -24.38
N ASP Y 165 40.73 -9.92 -23.40
CA ASP Y 165 40.31 -10.06 -22.00
C ASP Y 165 39.42 -8.89 -21.59
N LYS Y 166 39.72 -7.69 -22.08
CA LYS Y 166 38.85 -6.54 -21.82
C LYS Y 166 37.45 -6.80 -22.36
N ALA Y 167 37.37 -7.32 -23.59
CA ALA Y 167 36.07 -7.65 -24.16
C ALA Y 167 35.34 -8.69 -23.32
N ALA Y 168 36.00 -9.82 -23.04
CA ALA Y 168 35.33 -10.91 -22.34
C ALA Y 168 35.04 -10.55 -20.89
N ALA Y 169 35.67 -9.51 -20.36
CA ALA Y 169 35.40 -9.10 -18.99
C ALA Y 169 34.28 -8.07 -18.94
N SER Y 170 34.26 -7.15 -19.90
CA SER Y 170 33.19 -6.17 -19.94
C SER Y 170 31.86 -6.82 -20.29
N ILE Y 171 31.88 -7.84 -21.16
CA ILE Y 171 30.64 -8.58 -21.44
C ILE Y 171 30.11 -9.21 -20.17
N ALA Y 172 30.96 -9.95 -19.46
CA ALA Y 172 30.59 -10.57 -18.18
C ALA Y 172 31.80 -11.25 -17.56
N MET Z 1 2.97 27.92 -24.05
CA MET Z 1 3.79 29.09 -23.79
C MET Z 1 2.89 30.32 -23.77
N ASN Z 2 2.73 30.90 -22.59
CA ASN Z 2 1.62 31.80 -22.32
C ASN Z 2 2.13 33.18 -21.96
N ASP Z 3 1.62 34.19 -22.64
CA ASP Z 3 1.78 35.56 -22.19
C ASP Z 3 0.87 35.80 -20.98
N VAL Z 4 0.83 37.05 -20.51
CA VAL Z 4 -0.02 37.37 -19.37
C VAL Z 4 -1.49 37.25 -19.74
N PHE Z 5 -1.84 37.70 -20.95
CA PHE Z 5 -3.22 37.60 -21.40
C PHE Z 5 -3.69 36.16 -21.44
N THR Z 6 -2.93 35.28 -22.06
CA THR Z 6 -3.32 33.89 -22.14
C THR Z 6 -3.28 33.23 -20.78
N ARG Z 7 -2.47 33.73 -19.86
CA ARG Z 7 -2.47 33.19 -18.51
C ARG Z 7 -3.78 33.52 -17.80
N ALA Z 8 -4.23 34.77 -17.90
CA ALA Z 8 -5.51 35.13 -17.31
C ALA Z 8 -6.64 34.35 -17.97
N ILE Z 9 -6.56 34.16 -19.29
CA ILE Z 9 -7.54 33.37 -20.01
C ILE Z 9 -7.59 31.94 -19.50
N ALA Z 10 -6.42 31.33 -19.28
CA ALA Z 10 -6.40 29.95 -18.83
C ALA Z 10 -6.98 29.80 -17.43
N GLN Z 11 -6.54 30.64 -16.48
CA GLN Z 11 -7.13 30.54 -15.14
C GLN Z 11 -8.57 31.02 -15.11
N ALA Z 12 -9.04 31.68 -16.17
CA ALA Z 12 -10.48 31.90 -16.30
C ALA Z 12 -11.18 30.63 -16.71
N ASP Z 13 -10.66 29.95 -17.74
CA ASP Z 13 -11.31 28.76 -18.28
C ASP Z 13 -11.30 27.63 -17.26
N LEU Z 14 -10.34 27.61 -16.35
CA LEU Z 14 -10.41 26.66 -15.25
C LEU Z 14 -11.66 26.87 -14.42
N LYS Z 15 -11.99 28.11 -14.14
CA LYS Z 15 -13.24 28.40 -13.44
C LYS Z 15 -14.43 28.28 -14.33
N GLY Z 16 -14.24 27.89 -15.58
CA GLY Z 16 -15.33 27.81 -16.53
C GLY Z 16 -16.10 29.09 -16.65
N SER Z 17 -15.42 30.23 -16.57
CA SER Z 17 -16.07 31.51 -16.45
C SER Z 17 -15.57 32.49 -17.48
N PHE Z 18 -16.29 33.59 -17.60
CA PHE Z 18 -15.82 34.73 -18.36
C PHE Z 18 -14.79 35.48 -17.52
N LEU Z 19 -13.94 36.25 -18.20
CA LEU Z 19 -12.96 37.04 -17.49
C LEU Z 19 -13.64 38.14 -16.69
N LEU Z 20 -13.32 38.22 -15.41
CA LEU Z 20 -13.90 39.24 -14.57
C LEU Z 20 -13.48 40.62 -15.04
N GLU Z 21 -14.28 41.62 -14.69
CA GLU Z 21 -13.94 42.99 -15.08
C GLU Z 21 -12.67 43.46 -14.38
N SER Z 22 -12.34 42.86 -13.22
CA SER Z 22 -11.06 43.16 -12.59
C SER Z 22 -9.90 42.66 -13.45
N ASP Z 23 -10.00 41.44 -13.98
CA ASP Z 23 -8.96 40.93 -14.87
C ASP Z 23 -8.90 41.75 -16.15
N LEU Z 24 -10.05 42.17 -16.65
CA LEU Z 24 -10.05 43.06 -17.81
C LEU Z 24 -9.31 44.35 -17.52
N ASP Z 25 -9.54 44.93 -16.33
CA ASP Z 25 -8.82 46.15 -15.96
C ASP Z 25 -7.32 45.90 -15.86
N LYS Z 26 -6.93 44.76 -15.26
CA LYS Z 26 -5.51 44.44 -15.13
C LYS Z 26 -4.85 44.33 -16.49
N LEU Z 27 -5.49 43.59 -17.40
CA LEU Z 27 -4.88 43.39 -18.72
C LEU Z 27 -4.93 44.67 -19.55
N ALA Z 28 -5.92 45.54 -19.29
CA ALA Z 28 -5.92 46.85 -19.94
C ALA Z 28 -4.77 47.71 -19.45
N SER Z 29 -4.49 47.67 -18.15
CA SER Z 29 -3.34 48.40 -17.63
C SER Z 29 -2.04 47.86 -18.20
N PHE Z 30 -1.94 46.53 -18.32
CA PHE Z 30 -0.77 45.94 -18.96
C PHE Z 30 -0.61 46.44 -20.39
N ALA Z 31 -1.69 46.40 -21.16
CA ALA Z 31 -1.61 46.89 -22.53
C ALA Z 31 -1.28 48.37 -22.60
N LYS Z 32 -1.66 49.14 -21.59
CA LYS Z 32 -1.32 50.57 -21.57
C LYS Z 32 0.16 50.76 -21.26
N GLU Z 33 0.72 49.93 -20.38
CA GLU Z 33 2.12 50.01 -19.99
C GLU Z 33 3.01 49.29 -20.99
N GLY Z 34 2.41 48.69 -22.01
CA GLY Z 34 3.17 48.01 -23.05
C GLY Z 34 4.19 48.87 -23.75
N VAL Z 35 4.01 50.19 -23.78
CA VAL Z 35 5.04 51.04 -24.38
C VAL Z 35 6.33 50.99 -23.57
N LYS Z 36 6.22 51.15 -22.25
CA LYS Z 36 7.38 50.97 -21.39
C LYS Z 36 7.97 49.58 -21.57
N ARG Z 37 7.11 48.57 -21.64
CA ARG Z 37 7.59 47.20 -21.76
C ARG Z 37 8.37 47.00 -23.06
N LEU Z 38 7.88 47.59 -24.15
CA LEU Z 38 8.56 47.48 -25.42
C LEU Z 38 9.89 48.21 -25.40
N ASP Z 39 9.94 49.38 -24.77
CA ASP Z 39 11.21 50.09 -24.69
C ASP Z 39 12.23 49.31 -23.87
N ALA Z 40 11.80 48.68 -22.79
CA ALA Z 40 12.72 47.84 -22.03
C ALA Z 40 13.21 46.65 -22.85
N VAL Z 41 12.30 46.02 -23.59
CA VAL Z 41 12.69 44.89 -24.44
C VAL Z 41 13.67 45.34 -25.51
N ALA Z 42 13.43 46.50 -26.12
CA ALA Z 42 14.35 47.04 -27.11
C ALA Z 42 15.71 47.35 -26.51
N ALA Z 43 15.73 47.95 -25.31
CA ALA Z 43 17.01 48.25 -24.67
C ALA Z 43 17.80 46.98 -24.40
N LEU Z 44 17.12 45.92 -23.99
CA LEU Z 44 17.81 44.64 -23.84
C LEU Z 44 18.29 44.10 -25.18
N THR Z 45 17.49 44.22 -26.23
CA THR Z 45 17.81 43.59 -27.50
C THR Z 45 19.00 44.27 -28.18
N ASN Z 46 18.98 45.61 -28.24
CA ASN Z 46 20.05 46.32 -28.91
C ASN Z 46 21.39 46.09 -28.22
N ASN Z 47 21.38 46.10 -26.88
CA ASN Z 47 22.60 45.97 -26.10
C ASN Z 47 22.88 44.52 -25.73
N ALA Z 48 22.39 43.57 -26.53
CA ALA Z 48 22.69 42.17 -26.25
C ALA Z 48 24.18 41.86 -26.34
N PRO Z 49 24.90 42.25 -27.41
CA PRO Z 49 26.34 41.96 -27.44
C PRO Z 49 27.13 42.65 -26.36
N ALA Z 50 26.80 43.92 -26.08
CA ALA Z 50 27.49 44.62 -25.01
C ALA Z 50 27.27 43.94 -23.67
N ILE Z 51 26.02 43.56 -23.37
CA ILE Z 51 25.72 42.92 -22.09
C ILE Z 51 26.42 41.58 -21.99
N ILE Z 52 26.39 40.78 -23.06
CA ILE Z 52 27.00 39.45 -22.99
C ILE Z 52 28.51 39.57 -22.82
N SER Z 53 29.15 40.48 -23.56
CA SER Z 53 30.59 40.64 -23.44
C SER Z 53 30.97 41.15 -22.06
N ASP Z 54 30.22 42.12 -21.54
CA ASP Z 54 30.52 42.67 -20.23
C ASP Z 54 30.37 41.61 -19.15
N ALA Z 55 29.30 40.83 -19.21
CA ALA Z 55 29.10 39.77 -18.25
C ALA Z 55 30.20 38.71 -18.36
N ALA Z 56 30.62 38.40 -19.59
CA ALA Z 56 31.70 37.43 -19.76
C ALA Z 56 32.99 37.93 -19.15
N HIS Z 57 33.31 39.22 -19.36
CA HIS Z 57 34.52 39.80 -18.80
C HIS Z 57 34.49 39.77 -17.27
N LYS Z 58 33.38 40.21 -16.68
CA LYS Z 58 33.29 40.18 -15.22
C LYS Z 58 33.35 38.75 -14.68
N LEU Z 59 32.70 37.81 -15.36
CA LEU Z 59 32.69 36.42 -14.91
C LEU Z 59 34.09 35.84 -14.95
N PHE Z 60 34.85 36.12 -16.01
CA PHE Z 60 36.18 35.55 -16.13
C PHE Z 60 37.22 36.35 -15.36
N ALA Z 61 36.85 37.54 -14.87
CA ALA Z 61 37.72 38.24 -13.93
C ALA Z 61 37.52 37.70 -12.52
N GLU Z 62 36.27 37.68 -12.04
CA GLU Z 62 36.03 37.22 -10.67
C GLU Z 62 36.27 35.72 -10.54
N GLN Z 63 36.07 34.97 -11.62
CA GLN Z 63 36.35 33.53 -11.65
C GLN Z 63 37.33 33.27 -12.79
N GLN Z 64 38.54 32.88 -12.44
CA GLN Z 64 39.53 32.54 -13.47
C GLN Z 64 39.55 31.06 -13.78
N GLU Z 65 39.27 30.20 -12.80
CA GLU Z 65 39.55 28.78 -12.90
C GLU Z 65 38.92 28.12 -14.11
N LEU Z 66 37.90 28.74 -14.71
CA LEU Z 66 37.26 28.18 -15.88
C LEU Z 66 38.22 28.12 -17.07
N ILE Z 67 39.09 29.13 -17.22
CA ILE Z 67 39.87 29.24 -18.45
C ILE Z 67 41.26 28.62 -18.38
N GLN Z 68 41.78 28.30 -17.19
CA GLN Z 68 43.00 27.51 -17.13
C GLN Z 68 42.69 26.03 -17.40
N PRO Z 69 43.71 25.23 -17.73
CA PRO Z 69 43.46 23.83 -18.10
C PRO Z 69 42.71 23.08 -17.01
N GLY Z 70 41.79 22.22 -17.46
CA GLY Z 70 40.88 21.54 -16.55
C GLY Z 70 39.64 22.33 -16.22
N GLY Z 71 39.60 23.62 -16.55
CA GLY Z 71 38.44 24.44 -16.28
C GLY Z 71 37.34 24.19 -17.29
N ASN Z 72 36.15 24.65 -16.92
CA ASN Z 72 34.99 24.40 -17.75
C ASN Z 72 35.09 25.06 -19.11
N ALA Z 73 35.57 26.30 -19.17
CA ALA Z 73 35.53 27.10 -20.38
C ALA Z 73 36.87 27.14 -21.12
N TYR Z 74 37.64 26.06 -21.11
CA TYR Z 74 38.94 26.12 -21.78
C TYR Z 74 38.98 26.27 -23.30
N PRO Z 75 38.65 25.28 -24.13
CA PRO Z 75 38.96 25.43 -25.54
C PRO Z 75 38.01 26.42 -26.19
N HIS Z 76 38.30 26.75 -27.44
CA HIS Z 76 37.45 27.70 -28.15
C HIS Z 76 36.03 27.17 -28.26
N ARG Z 77 35.87 25.86 -28.36
CA ARG Z 77 34.53 25.28 -28.37
C ARG Z 77 33.78 25.55 -27.08
N ARG Z 78 34.43 25.42 -25.92
CA ARG Z 78 33.72 25.62 -24.68
C ARG Z 78 33.50 27.09 -24.37
N MET Z 79 34.41 27.97 -24.77
CA MET Z 79 34.14 29.40 -24.66
C MET Z 79 32.96 29.79 -25.55
N ALA Z 80 32.93 29.26 -26.78
CA ALA Z 80 31.78 29.52 -27.65
C ALA Z 80 30.50 29.00 -27.04
N ALA Z 81 30.54 27.82 -26.43
CA ALA Z 81 29.36 27.27 -25.77
C ALA Z 81 28.91 28.17 -24.61
N CYS Z 82 29.86 28.68 -23.83
CA CYS Z 82 29.51 29.55 -22.72
C CYS Z 82 28.85 30.84 -23.21
N LEU Z 83 29.44 31.46 -24.23
CA LEU Z 83 28.84 32.70 -24.76
C LEU Z 83 27.48 32.41 -25.38
N ARG Z 84 27.34 31.27 -26.06
CA ARG Z 84 26.06 30.92 -26.64
C ARG Z 84 25.01 30.71 -25.56
N ASP Z 85 25.37 30.04 -24.46
CA ASP Z 85 24.44 29.84 -23.36
C ASP Z 85 23.98 31.17 -22.77
N MET Z 86 24.93 32.07 -22.54
CA MET Z 86 24.56 33.36 -21.95
C MET Z 86 23.68 34.17 -22.91
N GLU Z 87 23.99 34.12 -24.20
CA GLU Z 87 23.16 34.80 -25.19
C GLU Z 87 21.75 34.24 -25.20
N ILE Z 88 21.62 32.92 -25.17
CA ILE Z 88 20.30 32.30 -25.14
C ILE Z 88 19.52 32.74 -23.90
N ILE Z 89 20.19 32.76 -22.75
CA ILE Z 89 19.51 33.14 -21.52
C ILE Z 89 19.02 34.58 -21.58
N LEU Z 90 19.87 35.49 -22.06
CA LEU Z 90 19.44 36.87 -22.22
C LEU Z 90 18.29 36.98 -23.20
N ARG Z 91 18.36 36.21 -24.29
CA ARG Z 91 17.29 36.21 -25.28
C ARG Z 91 15.98 35.78 -24.67
N TYR Z 92 16.00 34.74 -23.85
CA TYR Z 92 14.77 34.25 -23.25
C TYR Z 92 14.25 35.21 -22.19
N VAL Z 93 15.14 35.93 -21.50
CA VAL Z 93 14.64 36.91 -20.56
C VAL Z 93 14.00 38.09 -21.29
N SER Z 94 14.54 38.45 -22.45
CA SER Z 94 13.87 39.46 -23.27
C SER Z 94 12.51 38.97 -23.74
N TYR Z 95 12.42 37.71 -24.15
CA TYR Z 95 11.14 37.11 -24.52
C TYR Z 95 10.15 37.21 -23.37
N ALA Z 96 10.56 36.79 -22.18
CA ALA Z 96 9.67 36.83 -21.02
C ALA Z 96 9.27 38.26 -20.69
N LEU Z 97 10.19 39.21 -20.86
CA LEU Z 97 9.86 40.60 -20.59
C LEU Z 97 8.77 41.09 -21.55
N LEU Z 98 8.84 40.69 -22.82
CA LEU Z 98 7.77 41.06 -23.73
C LEU Z 98 6.46 40.37 -23.37
N ALA Z 99 6.52 39.05 -23.15
CA ALA Z 99 5.31 38.31 -22.82
C ALA Z 99 4.68 38.80 -21.54
N GLY Z 100 5.49 39.26 -20.60
CA GLY Z 100 5.03 39.67 -19.30
C GLY Z 100 4.94 38.54 -18.32
N ASP Z 101 5.15 37.30 -18.75
CA ASP Z 101 5.06 36.14 -17.89
C ASP Z 101 6.25 35.23 -18.14
N ALA Z 102 6.64 34.49 -17.10
CA ALA Z 102 7.79 33.63 -17.13
C ALA Z 102 7.52 32.29 -17.78
N SER Z 103 6.45 32.17 -18.56
CA SER Z 103 6.11 30.90 -19.18
C SER Z 103 7.20 30.45 -20.15
N VAL Z 104 7.74 31.39 -20.94
CA VAL Z 104 8.72 31.01 -21.96
C VAL Z 104 9.97 30.42 -21.32
N LEU Z 105 10.35 30.95 -20.15
CA LEU Z 105 11.53 30.42 -19.46
C LEU Z 105 11.35 28.96 -19.11
N ASP Z 106 10.38 28.64 -18.26
CA ASP Z 106 10.20 27.26 -17.85
C ASP Z 106 9.84 26.34 -19.01
N ASP Z 107 9.19 26.86 -20.05
CA ASP Z 107 8.84 26.02 -21.19
C ASP Z 107 10.07 25.65 -22.01
N ARG Z 108 10.92 26.62 -22.32
CA ARG Z 108 11.99 26.42 -23.28
C ARG Z 108 13.37 26.62 -22.69
N CYS Z 109 13.61 27.74 -22.02
CA CYS Z 109 14.95 28.06 -21.51
C CYS Z 109 15.42 27.04 -20.49
N LEU Z 110 14.62 26.80 -19.45
CA LEU Z 110 15.03 26.02 -18.30
C LEU Z 110 14.41 24.63 -18.30
N ASN Z 111 13.85 24.21 -19.44
CA ASN Z 111 13.07 22.97 -19.47
C ASN Z 111 13.94 21.77 -19.10
N GLY Z 112 15.16 21.71 -19.62
CA GLY Z 112 16.09 20.66 -19.27
C GLY Z 112 17.49 21.18 -19.05
N LEU Z 113 17.59 22.41 -18.54
CA LEU Z 113 18.89 23.07 -18.42
C LEU Z 113 19.71 22.49 -17.28
N ARG Z 114 19.18 22.51 -16.06
CA ARG Z 114 19.95 22.04 -14.92
C ARG Z 114 20.39 20.60 -15.10
N GLU Z 115 19.52 19.77 -15.68
CA GLU Z 115 19.90 18.39 -15.97
C GLU Z 115 21.04 18.36 -16.99
N THR Z 116 20.98 19.23 -17.99
CA THR Z 116 22.06 19.29 -18.98
C THR Z 116 23.38 19.65 -18.31
N TYR Z 117 23.37 20.64 -17.42
CA TYR Z 117 24.62 21.06 -16.78
C TYR Z 117 25.15 19.99 -15.84
N ASN Z 118 24.29 19.40 -15.00
CA ASN Z 118 24.74 18.32 -14.15
C ASN Z 118 25.23 17.13 -14.96
N ALA Z 119 24.74 16.97 -16.19
CA ALA Z 119 25.29 15.94 -17.06
C ALA Z 119 26.68 16.33 -17.54
N LEU Z 120 26.81 17.46 -18.21
CA LEU Z 120 28.08 17.88 -18.79
C LEU Z 120 29.09 18.31 -17.75
N GLY Z 121 28.68 18.43 -16.49
CA GLY Z 121 29.60 18.79 -15.43
C GLY Z 121 29.85 20.27 -15.26
N THR Z 122 29.13 21.11 -16.00
CA THR Z 122 29.31 22.55 -15.85
C THR Z 122 28.99 22.98 -14.43
N PRO Z 123 29.82 23.82 -13.83
CA PRO Z 123 29.47 24.38 -12.51
C PRO Z 123 28.24 25.27 -12.61
N THR Z 124 27.15 24.83 -11.98
CA THR Z 124 25.90 25.56 -12.10
C THR Z 124 25.93 26.88 -11.33
N GLN Z 125 26.67 26.94 -10.24
CA GLN Z 125 26.84 28.20 -9.52
C GLN Z 125 27.49 29.24 -10.42
N SER Z 126 28.42 28.81 -11.27
CA SER Z 126 29.04 29.74 -12.21
C SER Z 126 28.04 30.27 -13.22
N VAL Z 127 27.12 29.43 -13.68
CA VAL Z 127 26.09 29.88 -14.62
C VAL Z 127 25.16 30.87 -13.94
N ALA Z 128 24.77 30.58 -12.70
CA ALA Z 128 23.97 31.54 -11.93
C ALA Z 128 24.72 32.85 -11.77
N ARG Z 129 26.04 32.78 -11.54
CA ARG Z 129 26.83 33.99 -11.38
C ARG Z 129 26.85 34.80 -12.66
N ALA Z 130 26.96 34.12 -13.80
CA ALA Z 130 26.91 34.79 -15.09
C ALA Z 130 25.57 35.46 -15.30
N VAL Z 131 24.49 34.80 -14.90
CA VAL Z 131 23.16 35.40 -15.03
C VAL Z 131 23.05 36.64 -14.14
N GLN Z 132 23.63 36.59 -12.94
CA GLN Z 132 23.64 37.75 -12.06
C GLN Z 132 24.40 38.91 -12.67
N LEU Z 133 25.54 38.61 -13.30
CA LEU Z 133 26.30 39.65 -14.01
C LEU Z 133 25.51 40.23 -15.16
N MET Z 134 24.78 39.40 -15.91
CA MET Z 134 23.91 39.94 -16.93
C MET Z 134 22.81 40.81 -16.33
N LYS Z 135 22.29 40.44 -15.17
CA LYS Z 135 21.34 41.29 -14.47
C LYS Z 135 21.93 42.68 -14.24
N ASP Z 136 23.12 42.71 -13.65
CA ASP Z 136 23.77 43.97 -13.31
C ASP Z 136 24.05 44.80 -14.56
N ALA Z 137 24.58 44.15 -15.61
CA ALA Z 137 24.89 44.86 -16.83
C ALA Z 137 23.63 45.35 -17.53
N ALA Z 138 22.55 44.60 -17.42
CA ALA Z 138 21.33 44.89 -18.18
C ALA Z 138 20.49 45.97 -17.53
N MET Z 139 20.48 46.04 -16.19
CA MET Z 139 19.78 47.14 -15.55
C MET Z 139 20.36 48.48 -15.97
N VAL Z 140 21.68 48.53 -16.17
CA VAL Z 140 22.33 49.76 -16.62
C VAL Z 140 21.78 50.20 -17.97
N HIS Z 141 21.66 49.26 -18.91
CA HIS Z 141 21.16 49.62 -20.23
C HIS Z 141 19.67 49.92 -20.20
N LEU Z 142 18.91 49.20 -19.38
CA LEU Z 142 17.48 49.47 -19.28
C LEU Z 142 17.24 50.87 -18.75
N LYS Z 143 18.01 51.29 -17.74
CA LYS Z 143 17.84 52.60 -17.16
C LYS Z 143 18.41 53.72 -18.04
N SER Z 144 18.79 53.42 -19.27
CA SER Z 144 19.34 54.44 -20.15
C SER Z 144 18.25 55.43 -20.55
N THR Z 145 18.26 56.62 -19.95
CA THR Z 145 17.26 57.62 -20.22
C THR Z 145 17.40 58.21 -21.62
N ALA Z 146 18.56 58.03 -22.25
CA ALA Z 146 18.79 58.64 -23.56
C ALA Z 146 17.86 58.07 -24.62
N ASN Z 147 17.36 58.96 -25.48
CA ASN Z 147 16.63 58.64 -26.69
C ASN Z 147 15.18 58.22 -26.43
N VAL Z 148 14.76 58.16 -25.17
CA VAL Z 148 13.39 57.84 -24.81
C VAL Z 148 12.89 58.86 -23.81
N THR Z 149 11.57 59.03 -23.76
CA THR Z 149 10.98 59.96 -22.81
C THR Z 149 11.08 59.41 -21.40
N VAL Z 150 10.84 60.28 -20.43
CA VAL Z 150 11.07 59.94 -19.03
C VAL Z 150 9.76 59.47 -18.39
N GLY Z 151 9.85 58.37 -17.65
CA GLY Z 151 8.70 57.86 -16.92
C GLY Z 151 9.15 56.78 -15.97
N ASP Z 152 8.30 56.50 -14.99
CA ASP Z 152 8.62 55.51 -13.98
C ASP Z 152 8.46 54.12 -14.55
N CYS Z 153 9.56 53.38 -14.65
CA CYS Z 153 9.57 52.02 -15.14
C CYS Z 153 10.14 51.07 -14.10
N SER Z 154 10.15 51.49 -12.84
CA SER Z 154 10.71 50.67 -11.76
C SER Z 154 10.02 49.31 -11.69
N SER Z 155 8.73 49.25 -12.02
CA SER Z 155 8.05 47.97 -12.07
C SER Z 155 8.68 47.05 -13.10
N LEU Z 156 9.01 47.58 -14.28
CA LEU Z 156 9.64 46.77 -15.31
C LEU Z 156 11.04 46.33 -14.91
N TYR Z 157 11.80 47.22 -14.26
CA TYR Z 157 13.11 46.83 -13.77
C TYR Z 157 13.00 45.70 -12.76
N SER Z 158 12.03 45.79 -11.85
CA SER Z 158 11.83 44.72 -10.89
C SER Z 158 11.42 43.44 -11.59
N GLU Z 159 10.56 43.53 -12.61
CA GLU Z 159 10.10 42.34 -13.32
C GLU Z 159 11.26 41.65 -14.04
N ALA Z 160 12.09 42.43 -14.72
CA ALA Z 160 13.26 41.86 -15.38
C ALA Z 160 14.22 41.25 -14.36
N ALA Z 161 14.40 41.92 -13.23
CA ALA Z 161 15.23 41.35 -12.18
C ALA Z 161 14.68 40.02 -11.70
N THR Z 162 13.36 39.93 -11.53
CA THR Z 162 12.76 38.67 -11.11
C THR Z 162 12.93 37.59 -12.15
N TYR Z 163 12.85 37.95 -13.44
CA TYR Z 163 13.10 36.96 -14.49
C TYR Z 163 14.52 36.43 -14.39
N PHE Z 164 15.48 37.32 -14.19
CA PHE Z 164 16.87 36.88 -14.07
C PHE Z 164 17.06 36.01 -12.83
N ASP Z 165 16.42 36.39 -11.71
CA ASP Z 165 16.48 35.55 -10.51
C ASP Z 165 15.88 34.19 -10.77
N LYS Z 166 14.77 34.13 -11.51
CA LYS Z 166 14.14 32.85 -11.78
C LYS Z 166 15.04 31.95 -12.61
N ALA Z 167 15.66 32.51 -13.64
CA ALA Z 167 16.60 31.72 -14.43
C ALA Z 167 17.78 31.25 -13.58
N ALA Z 168 18.32 32.13 -12.73
CA ALA Z 168 19.43 31.75 -11.88
C ALA Z 168 19.05 30.65 -10.90
N ALA Z 169 17.88 30.78 -10.28
CA ALA Z 169 17.43 29.76 -9.33
C ALA Z 169 17.18 28.43 -10.01
N SER Z 170 16.59 28.44 -11.21
CA SER Z 170 16.38 27.19 -11.92
C SER Z 170 17.69 26.54 -12.32
N ILE Z 171 18.66 27.31 -12.80
CA ILE Z 171 19.93 26.73 -13.22
C ILE Z 171 20.68 26.16 -12.02
N ALA Z 172 20.79 26.94 -10.96
CA ALA Z 172 21.52 26.51 -9.77
C ALA Z 172 20.82 25.36 -9.08
N ALA AA 10 30.34 5.29 -53.79
CA ALA AA 10 30.35 6.51 -54.59
C ALA AA 10 31.78 6.91 -54.96
N ILE AA 11 32.75 6.35 -54.24
CA ILE AA 11 34.15 6.69 -54.47
C ILE AA 11 34.61 6.17 -55.83
N THR AA 12 34.14 4.99 -56.23
CA THR AA 12 34.58 4.37 -57.47
C THR AA 12 33.97 5.08 -58.68
N THR AA 13 34.24 4.53 -59.86
CA THR AA 13 33.74 5.12 -61.11
C THR AA 13 32.22 5.12 -61.17
N GLN AA 14 31.59 4.03 -60.74
CA GLN AA 14 30.13 3.94 -60.81
C GLN AA 14 29.47 4.99 -59.92
N GLY AA 15 30.21 5.52 -58.94
CA GLY AA 15 29.64 6.53 -58.07
C GLY AA 15 29.29 7.81 -58.80
N LYS AA 16 30.16 8.24 -59.72
CA LYS AA 16 29.92 9.46 -60.48
C LYS AA 16 28.98 9.15 -61.65
N ARG AA 17 28.87 10.09 -62.59
CA ARG AA 17 27.86 10.06 -63.65
C ARG AA 17 26.45 10.09 -63.07
N ILE AA 18 26.17 11.20 -62.36
CA ILE AA 18 24.81 11.45 -61.89
C ILE AA 18 23.93 11.80 -63.09
N TYR AA 19 22.62 11.81 -62.85
CA TYR AA 19 21.65 12.02 -63.90
C TYR AA 19 20.60 13.03 -63.46
N LYS AA 20 20.07 13.77 -64.43
CA LYS AA 20 19.03 14.77 -64.18
C LYS AA 20 17.70 14.26 -64.73
N ILE AA 21 16.68 14.23 -63.89
CA ILE AA 21 15.38 13.67 -64.24
C ILE AA 21 14.31 14.72 -64.01
N THR AA 22 13.46 14.90 -65.01
CA THR AA 22 12.27 15.75 -64.89
C THR AA 22 11.07 14.88 -64.57
N VAL AA 23 10.26 15.34 -63.62
CA VAL AA 23 9.17 14.54 -63.07
C VAL AA 23 7.85 15.27 -63.30
N SER AA 24 6.87 14.54 -63.81
CA SER AA 24 5.52 15.05 -63.99
C SER AA 24 4.56 14.24 -63.11
N GLU AA 25 3.73 14.96 -62.36
CA GLU AA 25 2.78 14.36 -61.43
C GLU AA 25 1.35 14.41 -61.97
N ALA AA 26 1.18 14.10 -63.26
CA ALA AA 26 -0.11 14.13 -63.92
C ALA AA 26 -1.13 13.21 -63.25
N GLY AA 27 -2.39 13.28 -63.68
CA GLY AA 27 -3.52 12.69 -62.99
C GLY AA 27 -3.35 11.28 -62.47
N ALA AA 28 -2.41 10.51 -63.05
CA ALA AA 28 -2.13 9.18 -62.52
C ALA AA 28 -1.63 9.23 -61.09
N TYR AA 29 -0.74 10.17 -60.77
CA TYR AA 29 -0.30 10.39 -59.40
C TYR AA 29 -1.25 11.29 -58.64
N ALA AA 30 -2.00 12.15 -59.34
CA ALA AA 30 -2.96 13.02 -58.67
C ALA AA 30 -4.06 12.21 -58.00
N THR AA 31 -4.55 11.16 -58.67
CA THR AA 31 -5.57 10.31 -58.06
C THR AA 31 -5.04 9.60 -56.83
N ASN AA 32 -3.80 9.09 -56.91
CA ASN AA 32 -3.19 8.41 -55.77
C ASN AA 32 -3.00 9.36 -54.60
N LYS AA 33 -2.55 10.59 -54.87
CA LYS AA 33 -2.38 11.59 -53.82
C LYS AA 33 -3.71 12.04 -53.25
N HIS AA 34 -4.77 12.06 -54.06
CA HIS AA 34 -6.11 12.35 -53.55
C HIS AA 34 -6.56 11.26 -52.59
N ARG AA 35 -6.42 10.00 -53.00
CA ARG AA 35 -6.88 8.89 -52.18
C ARG AA 35 -6.07 8.79 -50.88
N THR AA 36 -4.74 8.92 -50.99
CA THR AA 36 -3.90 8.81 -49.80
C THR AA 36 -3.98 10.07 -48.95
N GLY AA 37 -4.21 11.22 -49.57
CA GLY AA 37 -4.38 12.46 -48.85
C GLY AA 37 -3.28 13.47 -49.18
N TYR AA 38 -3.57 14.72 -48.85
CA TYR AA 38 -2.63 15.84 -49.05
C TYR AA 38 -2.12 16.24 -47.67
N ARG AA 39 -0.90 15.82 -47.36
CA ARG AA 39 -0.33 16.03 -46.03
C ARG AA 39 0.94 16.88 -46.06
N ALA AA 40 1.62 16.93 -47.19
CA ALA AA 40 2.69 17.87 -47.48
C ALA AA 40 2.17 18.96 -48.41
N PRO AA 41 2.74 20.17 -48.37
CA PRO AA 41 2.21 21.25 -49.19
C PRO AA 41 2.23 20.90 -50.68
N ILE AA 42 1.17 21.30 -51.37
CA ILE AA 42 1.02 20.97 -52.78
C ILE AA 42 2.10 21.67 -53.58
N ARG AA 43 2.47 21.08 -54.72
CA ARG AA 43 3.45 21.64 -55.62
C ARG AA 43 3.01 21.41 -57.06
N GLN AA 44 3.55 22.24 -57.95
CA GLN AA 44 3.26 22.09 -59.37
C GLN AA 44 3.70 20.71 -59.86
N SER AA 45 2.92 20.15 -60.79
CA SER AA 45 3.11 18.78 -61.23
C SER AA 45 4.50 18.57 -61.84
N ASN AA 46 4.96 19.52 -62.65
CA ASN AA 46 6.17 19.33 -63.43
C ASN AA 46 7.37 19.96 -62.72
N TYR AA 47 8.44 19.17 -62.56
CA TYR AA 47 9.67 19.63 -61.96
C TYR AA 47 10.79 18.69 -62.35
N THR AA 48 12.03 19.12 -62.12
CA THR AA 48 13.21 18.37 -62.48
C THR AA 48 14.00 18.02 -61.22
N LEU AA 49 14.59 16.83 -61.20
CA LEU AA 49 15.31 16.32 -60.03
C LEU AA 49 16.64 15.70 -60.47
N THR AA 50 17.66 15.87 -59.63
CA THR AA 50 18.98 15.30 -59.87
C THR AA 50 19.17 14.04 -59.04
N VAL AA 51 19.82 13.05 -59.65
CA VAL AA 51 19.95 11.73 -59.03
C VAL AA 51 21.31 11.11 -59.39
N PRO AA 52 22.03 10.55 -58.43
CA PRO AA 52 23.30 9.87 -58.76
C PRO AA 52 23.05 8.49 -59.37
N TYR AA 53 24.13 7.92 -59.92
CA TYR AA 53 24.04 6.61 -60.55
C TYR AA 53 23.64 5.53 -59.56
N ASP AA 54 24.23 5.55 -58.37
CA ASP AA 54 23.95 4.51 -57.39
C ASP AA 54 22.49 4.54 -56.94
N ARG AA 55 21.96 5.74 -56.70
CA ARG AA 55 20.61 5.91 -56.19
C ARG AA 55 19.55 5.89 -57.29
N PHE AA 56 19.97 5.73 -58.56
CA PHE AA 56 19.04 5.85 -59.67
C PHE AA 56 17.88 4.86 -59.56
N LEU AA 57 18.19 3.58 -59.42
CA LEU AA 57 17.13 2.56 -59.38
C LEU AA 57 16.20 2.73 -58.19
N PRO AA 58 16.69 2.92 -56.95
CA PRO AA 58 15.75 3.07 -55.84
C PRO AA 58 14.84 4.27 -55.98
N GLU AA 59 15.37 5.44 -56.33
CA GLU AA 59 14.51 6.62 -56.45
C GLU AA 59 13.54 6.49 -57.62
N MET AA 60 13.97 5.83 -58.69
CA MET AA 60 13.08 5.69 -59.83
C MET AA 60 11.94 4.71 -59.54
N ILE AA 61 12.25 3.60 -58.86
CA ILE AA 61 11.21 2.71 -58.37
C ILE AA 61 10.27 3.47 -57.45
N ARG AA 62 10.83 4.30 -56.55
CA ARG AA 62 10.03 5.07 -55.62
C ARG AA 62 9.07 6.01 -56.34
N LEU AA 63 9.56 6.73 -57.35
CA LEU AA 63 8.73 7.71 -58.02
C LEU AA 63 7.64 7.04 -58.86
N HIS AA 64 7.97 5.94 -59.55
CA HIS AA 64 6.92 5.27 -60.31
C HIS AA 64 5.91 4.58 -59.39
N GLN AA 65 6.38 4.01 -58.27
CA GLN AA 65 5.47 3.39 -57.32
C GLN AA 65 4.52 4.43 -56.74
N SER AA 66 5.03 5.63 -56.47
CA SER AA 66 4.15 6.72 -56.06
C SER AA 66 3.07 6.98 -57.11
N GLY AA 67 3.45 7.01 -58.38
CA GLY AA 67 2.51 7.20 -59.48
C GLY AA 67 2.90 8.26 -60.47
N ALA AA 68 3.83 9.14 -60.14
CA ALA AA 68 4.25 10.18 -61.07
C ALA AA 68 4.99 9.57 -62.26
N LYS AA 69 4.91 10.25 -63.39
CA LYS AA 69 5.50 9.78 -64.64
C LYS AA 69 6.58 10.75 -65.10
N ILE AA 70 7.65 10.21 -65.65
CA ILE AA 70 8.78 11.01 -66.10
C ILE AA 70 8.62 11.35 -67.57
N VAL AA 71 9.19 12.49 -67.97
CA VAL AA 71 9.18 12.90 -69.37
C VAL AA 71 10.43 12.36 -70.05
N ASN AA 72 11.60 12.76 -69.55
CA ASN AA 72 12.86 12.26 -70.09
C ASN AA 72 13.93 12.40 -69.01
N VAL AA 73 15.04 11.68 -69.23
CA VAL AA 73 16.17 11.67 -68.31
C VAL AA 73 17.42 12.06 -69.08
N THR AA 74 18.23 12.94 -68.50
CA THR AA 74 19.50 13.35 -69.10
C THR AA 74 20.66 12.84 -68.26
N SER AA 75 21.79 12.64 -68.92
CA SER AA 75 23.01 12.19 -68.26
C SER AA 75 23.90 13.40 -67.99
N VAL AA 76 24.15 13.68 -66.71
CA VAL AA 76 24.93 14.86 -66.35
C VAL AA 76 26.39 14.68 -66.73
N ILE AA 77 26.97 13.51 -66.44
CA ILE AA 77 28.37 13.22 -66.72
C ILE AA 77 28.42 12.09 -67.73
N SER AA 78 29.20 12.28 -68.80
CA SER AA 78 29.34 11.31 -69.87
C SER AA 78 28.00 10.94 -70.49
N SER BA 2 34.59 4.64 25.01
CA SER BA 2 35.24 5.94 25.07
C SER BA 2 36.67 5.87 24.56
N ARG BA 3 36.91 5.02 23.57
CA ARG BA 3 38.24 4.76 23.06
C ARG BA 3 38.59 5.80 21.99
N THR BA 4 38.72 7.05 22.43
CA THR BA 4 39.43 8.03 21.62
C THR BA 4 40.90 7.62 21.55
N VAL BA 5 41.61 8.16 20.56
CA VAL BA 5 42.97 7.67 20.28
C VAL BA 5 43.82 7.71 21.54
N ILE BA 6 43.67 8.75 22.35
CA ILE BA 6 44.41 8.82 23.60
C ILE BA 6 43.94 7.74 24.57
N THR BA 7 42.68 7.31 24.47
CA THR BA 7 42.19 6.28 25.38
C THR BA 7 42.88 4.95 25.11
N GLU BA 8 42.97 4.52 23.85
CA GLU BA 8 43.70 3.28 23.60
C GLU BA 8 45.20 3.48 23.77
N VAL BA 9 45.71 4.70 23.61
CA VAL BA 9 47.08 4.97 24.04
C VAL BA 9 47.25 4.62 25.51
N ILE BA 10 46.33 5.07 26.35
CA ILE BA 10 46.37 4.76 27.77
C ILE BA 10 46.25 3.27 28.00
N ALA BA 11 45.37 2.61 27.26
CA ALA BA 11 45.17 1.17 27.44
C ALA BA 11 46.44 0.40 27.11
N THR BA 12 47.08 0.73 25.98
CA THR BA 12 48.33 0.09 25.62
C THR BA 12 49.43 0.38 26.64
N ALA BA 13 49.51 1.61 27.14
CA ALA BA 13 50.50 1.93 28.14
C ALA BA 13 50.30 1.11 29.40
N ASP BA 14 49.08 1.12 29.96
CA ASP BA 14 48.81 0.48 31.24
C ASP BA 14 48.77 -1.04 31.14
N SER BA 15 48.53 -1.60 29.96
CA SER BA 15 48.45 -3.05 29.83
C SER BA 15 49.75 -3.72 30.29
N GLN BA 16 50.88 -3.17 29.87
CA GLN BA 16 52.19 -3.58 30.37
C GLN BA 16 52.80 -2.48 31.23
N GLY BA 17 54.08 -2.68 31.60
CA GLY BA 17 54.65 -1.97 32.73
C GLY BA 17 55.38 -0.67 32.41
N ARG BA 18 55.61 -0.38 31.14
CA ARG BA 18 56.46 0.77 30.86
C ARG BA 18 55.63 2.03 30.58
N PHE BA 19 56.31 3.18 30.64
CA PHE BA 19 55.68 4.47 30.41
C PHE BA 19 55.43 4.66 28.91
N LEU BA 20 55.03 5.87 28.53
CA LEU BA 20 54.67 6.12 27.14
C LEU BA 20 55.90 6.45 26.31
N ASN BA 21 56.07 5.74 25.21
CA ASN BA 21 57.23 5.89 24.34
C ASN BA 21 56.95 6.93 23.26
N SER BA 22 57.81 6.95 22.24
CA SER BA 22 57.70 7.95 21.18
C SER BA 22 56.40 7.84 20.41
N THR BA 23 55.98 6.61 20.10
CA THR BA 23 54.91 6.42 19.11
C THR BA 23 53.60 7.00 19.60
N GLU BA 24 53.19 6.68 20.82
CA GLU BA 24 51.93 7.20 21.34
C GLU BA 24 51.98 8.70 21.60
N LEU BA 25 53.13 9.25 22.01
CA LEU BA 25 53.23 10.70 22.14
C LEU BA 25 53.06 11.38 20.78
N GLN BA 26 53.69 10.83 19.75
CA GLN BA 26 53.56 11.40 18.41
C GLN BA 26 52.13 11.28 17.90
N ALA BA 27 51.48 10.15 18.18
CA ALA BA 27 50.08 10.00 17.77
C ALA BA 27 49.18 11.00 18.50
N ALA BA 28 49.43 11.21 19.79
CA ALA BA 28 48.67 12.21 20.53
C ALA BA 28 48.87 13.60 19.96
N PHE BA 29 50.12 13.94 19.63
CA PHE BA 29 50.38 15.21 18.95
C PHE BA 29 49.57 15.32 17.66
N GLY BA 30 49.66 14.27 16.82
CA GLY BA 30 48.97 14.30 15.55
C GLY BA 30 47.48 14.54 15.72
N ARG BA 31 46.86 13.79 16.63
CA ARG BA 31 45.46 14.04 16.95
C ARG BA 31 45.24 15.48 17.42
N PHE BA 32 46.22 16.05 18.11
CA PHE BA 32 46.00 17.38 18.66
C PHE BA 32 46.13 18.47 17.62
N GLU BA 33 46.70 18.17 16.43
CA GLU BA 33 46.44 19.12 15.34
C GLU BA 33 45.21 18.71 14.53
N ARG BA 34 44.85 17.42 14.51
CA ARG BA 34 43.59 17.05 13.86
C ARG BA 34 42.40 17.73 14.52
N ALA BA 35 42.52 18.07 15.80
CA ALA BA 35 41.38 18.56 16.56
C ALA BA 35 40.72 19.78 15.90
N VAL BA 36 41.49 20.65 15.28
CA VAL BA 36 40.96 21.91 14.79
C VAL BA 36 40.00 21.67 13.62
N PRO BA 37 40.46 21.21 12.44
CA PRO BA 37 39.53 21.16 11.29
C PRO BA 37 38.27 20.38 11.61
N ALA BA 38 38.40 19.32 12.40
CA ALA BA 38 37.22 18.63 12.90
C ALA BA 38 36.34 19.56 13.73
N ILE BA 39 36.96 20.47 14.50
CA ILE BA 39 36.16 21.31 15.37
C ILE BA 39 35.36 22.32 14.55
N GLU BA 40 35.97 22.90 13.52
CA GLU BA 40 35.16 23.75 12.65
C GLU BA 40 34.12 22.95 11.86
N ALA BA 41 34.44 21.72 11.47
CA ALA BA 41 33.44 20.89 10.80
C ALA BA 41 32.22 20.68 11.68
N ALA BA 42 32.45 20.26 12.93
CA ALA BA 42 31.35 20.02 13.85
C ALA BA 42 30.56 21.29 14.12
N ARG BA 43 31.27 22.42 14.25
CA ARG BA 43 30.57 23.68 14.49
C ARG BA 43 29.70 24.06 13.30
N ALA BA 44 30.23 23.88 12.08
CA ALA BA 44 29.45 24.19 10.88
C ALA BA 44 28.21 23.32 10.79
N LEU BA 45 28.34 22.03 11.15
CA LEU BA 45 27.17 21.16 11.11
C LEU BA 45 26.16 21.51 12.20
N THR BA 46 26.64 21.90 13.39
CA THR BA 46 25.73 22.35 14.43
C THR BA 46 25.00 23.62 14.02
N LYS BA 47 25.63 24.45 13.18
CA LYS BA 47 24.94 25.61 12.65
C LYS BA 47 23.82 25.24 11.69
N ASN BA 48 23.92 24.12 10.99
CA ASN BA 48 23.02 23.76 9.91
C ASN BA 48 22.12 22.58 10.30
N GLN BA 49 21.67 22.56 11.56
CA GLN BA 49 21.01 21.37 12.09
C GLN BA 49 19.71 21.06 11.37
N ASP BA 50 18.73 21.96 11.49
CA ASP BA 50 17.34 21.58 11.20
C ASP BA 50 17.12 21.36 9.71
N ALA BA 51 17.64 22.25 8.88
CA ALA BA 51 17.47 22.08 7.44
C ALA BA 51 18.06 20.76 6.98
N LEU BA 52 19.25 20.42 7.49
CA LEU BA 52 19.91 19.20 7.05
C LEU BA 52 19.16 17.96 7.51
N VAL BA 53 18.71 17.93 8.77
CA VAL BA 53 18.01 16.74 9.24
C VAL BA 53 16.69 16.56 8.49
N LYS BA 54 15.93 17.65 8.32
CA LYS BA 54 14.67 17.54 7.59
C LYS BA 54 14.90 17.10 6.16
N GLY BA 55 15.89 17.71 5.49
CA GLY BA 55 16.20 17.32 4.13
C GLY BA 55 16.60 15.87 4.02
N ALA BA 56 17.33 15.37 5.02
CA ALA BA 56 17.64 13.94 5.05
C ALA BA 56 16.38 13.12 5.13
N VAL BA 57 15.43 13.54 5.96
CA VAL BA 57 14.18 12.80 6.09
C VAL BA 57 13.44 12.76 4.75
N GLN BA 58 13.30 13.91 4.09
CA GLN BA 58 12.60 13.92 2.81
C GLN BA 58 13.37 13.14 1.75
N ALA BA 59 14.71 13.13 1.82
CA ALA BA 59 15.48 12.31 0.91
C ALA BA 59 15.18 10.83 1.14
N VAL BA 60 15.03 10.43 2.39
CA VAL BA 60 14.66 9.05 2.68
C VAL BA 60 13.31 8.73 2.06
N PHE BA 61 12.34 9.64 2.21
CA PHE BA 61 11.08 9.46 1.49
C PHE BA 61 11.32 9.30 -0.01
N LYS BA 62 12.15 10.17 -0.60
CA LYS BA 62 12.22 10.24 -2.05
C LYS BA 62 12.92 9.04 -2.64
N LYS BA 63 13.94 8.51 -1.95
CA LYS BA 63 14.63 7.33 -2.47
C LYS BA 63 13.89 6.06 -2.07
N PHE BA 64 13.06 6.13 -1.05
CA PHE BA 64 12.24 4.99 -0.64
C PHE BA 64 10.78 5.41 -0.64
N PRO BA 65 10.14 5.51 -1.80
CA PRO BA 65 8.74 5.96 -1.83
C PRO BA 65 7.76 4.85 -1.50
N TYR BA 66 8.15 3.62 -1.81
CA TYR BA 66 7.24 2.49 -1.63
C TYR BA 66 6.79 2.34 -0.18
N VAL BA 67 7.68 2.54 0.79
CA VAL BA 67 7.25 2.55 2.18
C VAL BA 67 6.26 3.66 2.47
N THR BA 68 6.44 4.84 1.87
CA THR BA 68 5.63 6.02 2.19
C THR BA 68 4.14 5.73 2.16
N GLN BA 69 3.73 4.74 1.40
CA GLN BA 69 2.35 4.25 1.38
C GLN BA 69 1.97 3.75 2.77
N PRO BA 70 0.71 3.40 3.01
CA PRO BA 70 0.41 2.56 4.17
C PRO BA 70 1.32 1.34 4.17
N GLY BA 71 2.20 1.27 5.16
CA GLY BA 71 3.25 0.27 5.19
C GLY BA 71 4.57 0.75 5.77
N GLU BA 72 4.83 2.05 5.79
CA GLU BA 72 5.89 2.57 6.64
C GLU BA 72 5.69 2.15 8.08
N LYS BA 73 6.77 1.73 8.72
CA LYS BA 73 6.84 1.85 10.16
C LYS BA 73 6.86 3.33 10.54
N GLY BA 74 7.23 4.18 9.58
CA GLY BA 74 7.24 5.63 9.71
C GLY BA 74 5.96 6.34 9.33
N TYR BA 75 4.88 5.61 9.07
CA TYR BA 75 3.69 6.23 8.52
C TYR BA 75 2.87 6.86 9.64
N GLY BA 76 2.53 8.13 9.47
CA GLY BA 76 1.88 8.88 10.53
C GLY BA 76 2.78 9.98 11.04
N ASP BA 77 2.20 11.08 11.52
CA ASP BA 77 2.98 12.25 11.88
C ASP BA 77 4.01 11.93 12.95
N SER BA 78 3.60 11.16 13.98
CA SER BA 78 4.52 10.84 15.07
C SER BA 78 5.71 10.04 14.55
N ASN BA 79 5.46 9.11 13.64
CA ASN BA 79 6.53 8.23 13.18
C ASN BA 79 7.49 8.97 12.26
N GLN BA 80 6.98 9.85 11.40
CA GLN BA 80 7.87 10.68 10.60
C GLN BA 80 8.68 11.62 11.48
N ALA BA 81 8.05 12.21 12.49
CA ALA BA 81 8.77 13.07 13.42
C ALA BA 81 9.87 12.30 14.14
N LYS BA 82 9.60 11.05 14.48
CA LYS BA 82 10.63 10.27 15.15
C LYS BA 82 11.70 9.78 14.17
N CYS BA 83 11.38 9.65 12.89
CA CYS BA 83 12.44 9.53 11.88
C CYS BA 83 13.36 10.73 11.96
N ALA BA 84 12.77 11.92 12.02
CA ALA BA 84 13.56 13.15 12.11
C ALA BA 84 14.41 13.16 13.36
N ARG BA 85 13.85 12.73 14.49
CA ARG BA 85 14.63 12.75 15.73
C ARG BA 85 15.73 11.69 15.70
N ASP BA 86 15.48 10.56 15.04
CA ASP BA 86 16.55 9.59 14.84
C ASP BA 86 17.70 10.19 14.07
N ILE BA 87 17.40 10.85 12.95
CA ILE BA 87 18.46 11.50 12.18
C ILE BA 87 19.16 12.54 13.01
N GLY BA 88 18.41 13.26 13.85
CA GLY BA 88 19.04 14.23 14.75
C GLY BA 88 19.99 13.56 15.73
N TYR BA 89 19.60 12.41 16.27
CA TYR BA 89 20.47 11.68 17.18
C TYR BA 89 21.77 11.28 16.50
N TYR BA 90 21.66 10.75 15.28
CA TYR BA 90 22.88 10.35 14.58
C TYR BA 90 23.71 11.55 14.19
N LEU BA 91 23.09 12.69 13.91
CA LEU BA 91 23.86 13.91 13.65
C LEU BA 91 24.59 14.34 14.92
N ARG BA 92 23.92 14.25 16.06
CA ARG BA 92 24.55 14.48 17.36
C ARG BA 92 25.82 13.64 17.46
N PHE BA 93 25.70 12.35 17.17
CA PHE BA 93 26.83 11.46 17.36
C PHE BA 93 27.93 11.70 16.34
N ILE BA 94 27.57 12.10 15.12
CA ILE BA 94 28.57 12.50 14.14
C ILE BA 94 29.39 13.67 14.68
N THR BA 95 28.71 14.69 15.21
CA THR BA 95 29.42 15.84 15.75
C THR BA 95 30.29 15.43 16.94
N TYR BA 96 29.76 14.57 17.80
CA TYR BA 96 30.50 14.16 18.99
C TYR BA 96 31.76 13.39 18.61
N SER BA 97 31.66 12.46 17.66
CA SER BA 97 32.84 11.73 17.23
C SER BA 97 33.81 12.63 16.49
N LEU BA 98 33.30 13.65 15.80
CA LEU BA 98 34.18 14.63 15.17
C LEU BA 98 35.00 15.35 16.22
N VAL BA 99 34.37 15.76 17.32
CA VAL BA 99 35.10 16.45 18.38
C VAL BA 99 36.08 15.49 19.06
N ALA BA 100 35.63 14.25 19.33
CA ALA BA 100 36.43 13.28 20.07
C ALA BA 100 37.58 12.71 19.26
N SER BA 101 37.66 12.99 17.96
CA SER BA 101 38.72 12.47 17.10
C SER BA 101 38.75 10.94 17.12
N GLY BA 102 37.59 10.33 17.26
CA GLY BA 102 37.52 8.88 17.27
C GLY BA 102 36.08 8.42 17.15
N THR BA 103 35.91 7.13 16.92
CA THR BA 103 34.59 6.52 16.80
C THR BA 103 33.89 6.39 18.13
N GLY BA 104 34.46 6.98 19.18
CA GLY BA 104 34.00 6.79 20.54
C GLY BA 104 32.51 6.86 20.72
N PRO BA 105 31.90 8.03 20.48
CA PRO BA 105 30.44 8.11 20.63
C PRO BA 105 29.70 7.08 19.80
N LEU BA 106 30.11 6.94 18.53
CA LEU BA 106 29.43 6.02 17.62
C LEU BA 106 29.45 4.59 18.16
N ASP BA 107 30.65 4.01 18.30
CA ASP BA 107 30.72 2.60 18.66
C ASP BA 107 30.25 2.37 20.09
N ASP BA 108 30.45 3.36 20.97
CA ASP BA 108 29.97 3.21 22.34
C ASP BA 108 28.46 3.09 22.39
N TYR BA 109 27.74 3.99 21.69
CA TYR BA 109 26.29 4.01 21.87
C TYR BA 109 25.53 3.30 20.75
N VAL BA 110 25.67 3.76 19.51
CA VAL BA 110 24.78 3.23 18.46
C VAL BA 110 25.32 1.95 17.85
N ILE BA 111 26.61 1.90 17.51
CA ILE BA 111 27.16 0.70 16.90
C ILE BA 111 27.11 -0.46 17.88
N ALA BA 112 27.17 -0.16 19.17
CA ALA BA 112 27.03 -1.19 20.18
C ALA BA 112 25.64 -1.80 20.15
N GLY BA 113 25.57 -3.07 19.75
CA GLY BA 113 24.31 -3.78 19.71
C GLY BA 113 23.32 -3.26 18.70
N LEU BA 114 23.78 -2.97 17.48
CA LEU BA 114 22.91 -2.33 16.49
C LEU BA 114 22.05 -3.36 15.76
N ARG BA 115 22.68 -4.40 15.22
CA ARG BA 115 22.01 -5.30 14.28
C ARG BA 115 20.83 -6.01 14.93
N GLU BA 116 21.01 -6.53 16.14
CA GLU BA 116 19.92 -7.24 16.80
C GLU BA 116 18.77 -6.30 17.14
N VAL BA 117 19.08 -5.06 17.51
CA VAL BA 117 18.01 -4.08 17.73
C VAL BA 117 17.24 -3.83 16.45
N ASN BA 118 17.95 -3.69 15.33
CA ASN BA 118 17.26 -3.49 14.05
C ASN BA 118 16.38 -4.68 13.72
N ARG BA 119 16.88 -5.89 13.98
CA ARG BA 119 16.08 -7.08 13.74
C ARG BA 119 14.83 -7.07 14.61
N ALA BA 120 14.97 -6.69 15.88
CA ALA BA 120 13.82 -6.65 16.78
C ALA BA 120 12.80 -5.63 16.34
N PHE BA 121 13.25 -4.47 15.84
CA PHE BA 121 12.35 -3.39 15.50
C PHE BA 121 12.11 -3.26 14.01
N ASN BA 122 12.64 -4.18 13.21
CA ASN BA 122 12.32 -4.29 11.79
C ASN BA 122 12.57 -2.96 11.07
N LEU BA 123 13.69 -2.33 11.38
CA LEU BA 123 14.09 -1.08 10.76
C LEU BA 123 15.24 -1.33 9.81
N ASN BA 124 14.98 -1.17 8.52
CA ASN BA 124 15.98 -1.49 7.51
C ASN BA 124 17.12 -0.48 7.60
N PRO BA 125 18.36 -0.93 7.80
CA PRO BA 125 19.49 0.01 7.83
C PRO BA 125 19.66 0.78 6.53
N LEU BA 126 19.30 0.20 5.38
CA LEU BA 126 19.53 0.86 4.10
C LEU BA 126 18.88 2.24 4.05
N TRP BA 127 17.75 2.41 4.73
CA TRP BA 127 17.17 3.74 4.85
C TRP BA 127 18.17 4.71 5.49
N TYR BA 128 18.74 4.31 6.63
CA TYR BA 128 19.72 5.16 7.29
C TYR BA 128 20.92 5.40 6.39
N ILE BA 129 21.35 4.36 5.67
CA ILE BA 129 22.50 4.48 4.78
C ILE BA 129 22.23 5.52 3.71
N GLU BA 130 21.05 5.47 3.09
CA GLU BA 130 20.69 6.45 2.09
C GLU BA 130 20.62 7.86 2.67
N ALA BA 131 20.14 7.97 3.92
CA ALA BA 131 20.17 9.27 4.58
C ALA BA 131 21.58 9.79 4.70
N LEU BA 132 22.52 8.92 5.07
CA LEU BA 132 23.91 9.38 5.18
C LEU BA 132 24.52 9.64 3.81
N ASN BA 133 23.99 9.02 2.75
CA ASN BA 133 24.45 9.40 1.41
C ASN BA 133 23.95 10.77 1.01
N TYR BA 134 22.73 11.11 1.40
CA TYR BA 134 22.27 12.49 1.33
C TYR BA 134 23.24 13.41 2.06
N ILE BA 135 23.63 13.03 3.27
CA ILE BA 135 24.57 13.82 4.06
C ILE BA 135 25.89 13.94 3.32
N LYS BA 136 26.34 12.86 2.68
CA LYS BA 136 27.50 12.92 1.79
C LYS BA 136 27.33 14.03 0.77
N GLY BA 137 26.17 14.05 0.11
CA GLY BA 137 25.95 15.03 -0.94
C GLY BA 137 26.10 16.45 -0.44
N GLU BA 138 25.48 16.76 0.69
CA GLU BA 138 25.61 18.13 1.20
C GLU BA 138 27.01 18.42 1.73
N THR BA 139 27.54 17.54 2.57
CA THR BA 139 28.85 17.76 3.17
C THR BA 139 29.96 17.88 2.14
N GLY BA 140 29.74 17.37 0.93
CA GLY BA 140 30.67 17.65 -0.15
C GLY BA 140 30.81 19.14 -0.42
N LYS BA 141 29.77 19.91 -0.17
CA LYS BA 141 29.81 21.36 -0.34
C LYS BA 141 30.05 22.09 0.97
N LEU BA 142 29.34 21.69 2.03
CA LEU BA 142 29.32 22.46 3.26
C LEU BA 142 30.73 22.60 3.85
N LEU BA 143 31.52 21.54 3.80
CA LEU BA 143 32.85 21.55 4.37
C LEU BA 143 33.89 21.46 3.27
N SER BA 144 35.10 21.91 3.57
CA SER BA 144 36.17 21.96 2.60
C SER BA 144 37.46 21.39 3.19
N GLY BA 145 38.26 20.80 2.32
CA GLY BA 145 39.60 20.37 2.71
C GLY BA 145 39.57 19.34 3.82
N GLN BA 146 40.32 19.61 4.88
CA GLN BA 146 40.46 18.67 5.97
C GLN BA 146 39.12 18.37 6.64
N SER BA 147 38.52 19.39 7.28
CA SER BA 147 37.23 19.22 7.95
C SER BA 147 36.31 18.32 7.13
N LYS BA 148 36.16 18.65 5.86
CA LYS BA 148 35.48 17.78 4.91
C LYS BA 148 36.00 16.36 4.95
N THR BA 149 37.33 16.19 4.93
CA THR BA 149 37.90 14.86 4.77
C THR BA 149 37.60 13.97 5.98
N GLU BA 150 37.90 14.44 7.18
CA GLU BA 150 37.59 13.60 8.35
C GLU BA 150 36.08 13.48 8.60
N ALA BA 151 35.28 14.49 8.28
CA ALA BA 151 33.84 14.31 8.38
C ALA BA 151 33.36 13.19 7.47
N LEU BA 152 33.84 13.20 6.22
CA LEU BA 152 33.48 12.14 5.27
C LEU BA 152 33.94 10.79 5.78
N LEU BA 153 35.16 10.72 6.34
CA LEU BA 153 35.65 9.43 6.81
C LEU BA 153 34.81 8.91 7.97
N TYR BA 154 34.44 9.80 8.91
CA TYR BA 154 33.59 9.38 10.02
C TYR BA 154 32.26 8.84 9.53
N ILE BA 155 31.63 9.54 8.58
CA ILE BA 155 30.32 9.09 8.12
C ILE BA 155 30.46 7.87 7.20
N ASP BA 156 31.64 7.68 6.60
CA ASP BA 156 31.94 6.40 5.96
C ASP BA 156 31.95 5.26 6.97
N HIS BA 157 32.64 5.45 8.08
CA HIS BA 157 32.63 4.44 9.14
C HIS BA 157 31.23 4.21 9.65
N ALA BA 158 30.41 5.26 9.69
CA ALA BA 158 29.02 5.11 10.10
C ALA BA 158 28.25 4.23 9.10
N ILE BA 159 28.42 4.49 7.80
CA ILE BA 159 27.83 3.63 6.78
C ILE BA 159 28.22 2.19 7.03
N ASN BA 160 29.53 1.94 7.19
CA ASN BA 160 30.02 0.59 7.37
C ASN BA 160 29.42 -0.05 8.61
N ALA BA 161 29.23 0.75 9.67
CA ALA BA 161 28.58 0.26 10.87
C ALA BA 161 27.15 -0.16 10.58
N LEU BA 162 26.44 0.63 9.77
CA LEU BA 162 25.09 0.24 9.38
C LEU BA 162 25.08 -1.04 8.58
N SER BA 163 26.03 -1.20 7.66
CA SER BA 163 26.11 -2.40 6.85
C SER BA 163 26.40 -3.62 7.71
N MET CA 1 60.67 -8.30 11.97
CA MET CA 1 59.78 -8.30 13.11
C MET CA 1 59.92 -7.02 13.92
N SER CA 2 60.52 -6.00 13.30
CA SER CA 2 60.77 -4.75 14.02
C SER CA 2 59.46 -4.01 14.26
N ARG CA 3 59.35 -3.41 15.44
CA ARG CA 3 58.18 -2.62 15.80
C ARG CA 3 58.36 -1.19 15.31
N THR CA 4 57.45 -0.73 14.46
CA THR CA 4 57.37 0.67 14.08
C THR CA 4 55.90 1.09 14.08
N VAL CA 5 55.65 2.35 13.73
CA VAL CA 5 54.29 2.86 13.76
C VAL CA 5 53.40 2.05 12.82
N ILE CA 6 53.76 2.02 11.54
CA ILE CA 6 52.90 1.34 10.56
C ILE CA 6 52.84 -0.16 10.82
N THR CA 7 53.95 -0.74 11.26
CA THR CA 7 53.95 -2.19 11.52
C THR CA 7 53.06 -2.54 12.69
N GLU CA 8 53.15 -1.79 13.80
CA GLU CA 8 52.27 -2.07 14.93
C GLU CA 8 50.83 -1.74 14.58
N VAL CA 9 50.62 -0.75 13.70
CA VAL CA 9 49.28 -0.49 13.19
C VAL CA 9 48.72 -1.72 12.50
N ILE CA 10 49.51 -2.31 11.60
CA ILE CA 10 49.05 -3.48 10.88
C ILE CA 10 48.79 -4.63 11.84
N ALA CA 11 49.69 -4.82 12.81
CA ALA CA 11 49.51 -5.91 13.76
C ALA CA 11 48.24 -5.72 14.59
N THR CA 12 47.99 -4.50 15.07
CA THR CA 12 46.81 -4.24 15.87
C THR CA 12 45.54 -4.42 15.06
N ALA CA 13 45.52 -3.90 13.83
CA ALA CA 13 44.35 -4.05 12.99
C ALA CA 13 44.08 -5.51 12.67
N ASP CA 14 45.14 -6.28 12.44
CA ASP CA 14 44.98 -7.71 12.26
C ASP CA 14 44.44 -8.37 13.52
N SER CA 15 44.84 -7.86 14.68
CA SER CA 15 44.48 -8.48 15.95
C SER CA 15 42.97 -8.47 16.18
N GLN CA 16 42.35 -7.32 15.98
CA GLN CA 16 40.92 -7.18 16.28
C GLN CA 16 40.02 -7.71 15.18
N GLY CA 17 40.57 -8.34 14.15
CA GLY CA 17 39.74 -8.80 13.06
C GLY CA 17 39.04 -7.68 12.31
N ARG CA 18 39.69 -6.53 12.16
CA ARG CA 18 39.08 -5.34 11.60
C ARG CA 18 39.99 -4.70 10.57
N PHE CA 19 39.43 -3.74 9.83
CA PHE CA 19 40.20 -2.94 8.90
C PHE CA 19 40.87 -1.77 9.63
N LEU CA 20 41.38 -0.80 8.88
CA LEU CA 20 42.10 0.34 9.42
C LEU CA 20 41.14 1.51 9.59
N ASN CA 21 41.01 2.00 10.82
CA ASN CA 21 40.04 3.05 11.11
C ASN CA 21 40.70 4.42 10.94
N SER CA 22 40.05 5.47 11.42
CA SER CA 22 40.59 6.82 11.30
C SER CA 22 41.91 6.95 12.04
N THR CA 23 42.01 6.35 13.22
CA THR CA 23 43.18 6.55 14.07
C THR CA 23 44.45 6.07 13.38
N GLU CA 24 44.40 4.88 12.78
CA GLU CA 24 45.62 4.33 12.17
C GLU CA 24 46.01 5.12 10.93
N LEU CA 25 45.04 5.54 10.13
CA LEU CA 25 45.36 6.34 8.96
C LEU CA 25 45.97 7.68 9.35
N GLN CA 26 45.41 8.33 10.39
CA GLN CA 26 45.97 9.58 10.85
C GLN CA 26 47.36 9.38 11.44
N ALA CA 27 47.58 8.27 12.14
CA ALA CA 27 48.92 7.97 12.65
C ALA CA 27 49.90 7.77 11.50
N ALA CA 28 49.47 7.11 10.44
CA ALA CA 28 50.33 6.95 9.27
C ALA CA 28 50.68 8.30 8.68
N PHE CA 29 49.70 9.20 8.56
CA PHE CA 29 50.00 10.53 8.06
C PHE CA 29 50.99 11.26 8.95
N GLY CA 30 50.81 11.15 10.27
CA GLY CA 30 51.75 11.77 11.19
C GLY CA 30 53.15 11.20 11.04
N ARG CA 31 53.24 9.91 10.79
CA ARG CA 31 54.54 9.29 10.54
C ARG CA 31 55.18 9.84 9.27
N PHE CA 32 54.38 9.98 8.20
CA PHE CA 32 54.93 10.54 6.97
C PHE CA 32 55.40 11.97 7.18
N GLU CA 33 54.63 12.77 7.91
CA GLU CA 33 54.99 14.17 8.09
C GLU CA 33 56.16 14.32 9.07
N ARG CA 34 56.34 13.37 9.97
CA ARG CA 34 57.43 13.44 10.94
C ARG CA 34 58.68 12.76 10.43
N ALA CA 35 58.60 11.99 9.35
CA ALA CA 35 59.78 11.32 8.82
C ALA CA 35 60.83 12.30 8.32
N VAL CA 36 60.38 13.38 7.66
CA VAL CA 36 61.34 14.31 7.03
C VAL CA 36 62.30 14.92 8.05
N PRO CA 37 61.85 15.46 9.19
CA PRO CA 37 62.83 15.90 10.20
C PRO CA 37 63.71 14.77 10.70
N ALA CA 38 63.15 13.56 10.84
CA ALA CA 38 63.97 12.41 11.21
C ALA CA 38 64.99 12.11 10.11
N ILE CA 39 64.60 12.28 8.85
CA ILE CA 39 65.54 12.10 7.74
C ILE CA 39 66.68 13.11 7.84
N GLU CA 40 66.35 14.37 8.13
CA GLU CA 40 67.38 15.39 8.27
C GLU CA 40 68.33 15.05 9.41
N ALA CA 41 67.77 14.63 10.56
CA ALA CA 41 68.60 14.26 11.69
C ALA CA 41 69.53 13.09 11.35
N ALA CA 42 68.98 12.07 10.69
CA ALA CA 42 69.78 10.91 10.33
C ALA CA 42 70.91 11.28 9.40
N ARG CA 43 70.61 12.10 8.38
CA ARG CA 43 71.66 12.50 7.44
C ARG CA 43 72.73 13.33 8.12
N ALA CA 44 72.32 14.30 8.96
CA ALA CA 44 73.29 15.16 9.63
C ALA CA 44 74.18 14.36 10.57
N LEU CA 45 73.60 13.41 11.31
CA LEU CA 45 74.41 12.58 12.19
C LEU CA 45 75.27 11.61 11.39
N THR CA 46 74.84 11.23 10.19
CA THR CA 46 75.66 10.40 9.32
C THR CA 46 76.90 11.15 8.85
N LYS CA 47 76.76 12.45 8.60
CA LYS CA 47 77.88 13.22 8.06
C LYS CA 47 79.08 13.21 9.01
N ASN CA 48 78.86 13.46 10.30
CA ASN CA 48 79.93 13.74 11.24
C ASN CA 48 80.09 12.64 12.29
N GLN CA 49 80.04 11.38 11.86
CA GLN CA 49 80.12 10.27 12.80
C GLN CA 49 81.53 10.11 13.36
N ASP CA 50 82.56 10.49 12.59
CA ASP CA 50 83.94 10.34 13.05
C ASP CA 50 84.18 11.13 14.32
N ALA CA 51 83.83 12.42 14.30
CA ALA CA 51 84.07 13.26 15.47
C ALA CA 51 83.28 12.77 16.67
N LEU CA 52 82.04 12.35 16.46
CA LEU CA 52 81.22 11.85 17.56
C LEU CA 52 81.87 10.62 18.19
N VAL CA 53 82.31 9.66 17.38
CA VAL CA 53 82.85 8.44 17.97
C VAL CA 53 84.19 8.70 18.66
N LYS CA 54 85.04 9.53 18.06
CA LYS CA 54 86.34 9.80 18.70
C LYS CA 54 86.16 10.57 20.00
N GLY CA 55 85.31 11.61 19.98
CA GLY CA 55 85.04 12.35 21.19
C GLY CA 55 84.39 11.50 22.26
N ALA CA 56 83.52 10.57 21.87
CA ALA CA 56 82.93 9.65 22.83
C ALA CA 56 83.99 8.75 23.45
N VAL CA 57 84.95 8.29 22.63
CA VAL CA 57 86.04 7.46 23.15
C VAL CA 57 86.82 8.24 24.21
N GLN CA 58 87.24 9.47 23.87
CA GLN CA 58 87.98 10.25 24.85
C GLN CA 58 87.13 10.61 26.07
N ALA CA 59 85.83 10.84 25.88
CA ALA CA 59 84.99 11.21 27.01
C ALA CA 59 84.79 10.05 27.97
N VAL CA 60 84.54 8.85 27.45
CA VAL CA 60 84.41 7.67 28.32
C VAL CA 60 85.74 7.37 28.99
N PHE CA 61 86.85 7.69 28.32
CA PHE CA 61 88.15 7.56 28.97
C PHE CA 61 88.28 8.56 30.10
N LYS CA 62 87.77 9.78 29.92
CA LYS CA 62 87.92 10.81 30.94
C LYS CA 62 87.03 10.54 32.14
N LYS CA 63 85.83 9.99 31.93
CA LYS CA 63 84.90 9.78 33.04
C LYS CA 63 85.48 8.83 34.08
N PHE CA 64 85.85 7.63 33.65
CA PHE CA 64 86.43 6.62 34.54
C PHE CA 64 87.77 6.16 33.98
N PRO CA 65 88.83 6.95 34.15
CA PRO CA 65 90.12 6.61 33.51
C PRO CA 65 90.72 5.31 34.01
N TYR CA 66 90.31 4.85 35.18
CA TYR CA 66 90.93 3.65 35.76
C TYR CA 66 90.71 2.41 34.91
N VAL CA 67 89.68 2.40 34.05
CA VAL CA 67 89.49 1.27 33.16
C VAL CA 67 90.62 1.19 32.14
N THR CA 68 91.16 2.35 31.75
CA THR CA 68 92.29 2.38 30.82
C THR CA 68 93.61 2.01 31.49
N GLN CA 69 93.63 1.85 32.81
CA GLN CA 69 94.85 1.47 33.50
C GLN CA 69 95.27 0.06 33.11
N PRO CA 70 96.57 -0.22 33.06
CA PRO CA 70 97.02 -1.58 32.77
C PRO CA 70 96.53 -2.56 33.83
N GLY CA 71 96.27 -3.79 33.40
CA GLY CA 71 95.65 -4.77 34.26
C GLY CA 71 94.15 -4.66 34.36
N GLU CA 72 93.54 -3.68 33.69
CA GLU CA 72 92.10 -3.55 33.62
C GLU CA 72 91.61 -3.98 32.24
N LYS CA 73 90.31 -4.28 32.17
CA LYS CA 73 89.73 -4.79 30.93
C LYS CA 73 89.68 -3.71 29.84
N GLY CA 74 89.74 -2.43 30.23
CA GLY CA 74 89.72 -1.38 29.25
C GLY CA 74 91.05 -1.10 28.57
N TYR CA 75 92.15 -1.42 29.25
CA TYR CA 75 93.47 -1.19 28.66
C TYR CA 75 93.74 -2.17 27.52
N GLY CA 76 94.34 -1.66 26.44
CA GLY CA 76 94.73 -2.51 25.34
C GLY CA 76 94.28 -1.99 23.98
N ASP CA 77 95.11 -2.20 22.95
CA ASP CA 77 94.78 -1.74 21.61
C ASP CA 77 93.52 -2.41 21.08
N SER CA 78 93.41 -3.73 21.28
CA SER CA 78 92.19 -4.42 20.89
C SER CA 78 90.99 -3.87 21.63
N ASN CA 79 91.17 -3.49 22.91
CA ASN CA 79 90.09 -2.89 23.67
C ASN CA 79 89.65 -1.58 23.04
N GLN CA 80 90.60 -0.75 22.61
CA GLN CA 80 90.26 0.52 21.96
C GLN CA 80 89.53 0.28 20.64
N ALA CA 81 89.99 -0.69 19.85
CA ALA CA 81 89.32 -1.01 18.60
C ALA CA 81 87.89 -1.46 18.86
N LYS CA 82 87.70 -2.29 19.88
CA LYS CA 82 86.36 -2.73 20.23
C LYS CA 82 85.49 -1.59 20.73
N CYS CA 83 86.04 -0.68 21.53
CA CYS CA 83 85.27 0.50 21.94
C CYS CA 83 84.77 1.28 20.74
N ALA CA 84 85.68 1.55 19.79
CA ALA CA 84 85.30 2.31 18.60
C ALA CA 84 84.23 1.58 17.80
N ARG CA 85 84.42 0.28 17.59
CA ARG CA 85 83.45 -0.50 16.83
C ARG CA 85 82.09 -0.53 17.52
N ASP CA 86 82.08 -0.68 18.85
CA ASP CA 86 80.82 -0.71 19.59
C ASP CA 86 80.08 0.62 19.47
N ILE CA 87 80.79 1.73 19.69
CA ILE CA 87 80.12 3.03 19.65
C ILE CA 87 79.64 3.33 18.23
N GLY CA 88 80.41 2.89 17.23
CA GLY CA 88 79.92 2.98 15.87
C GLY CA 88 78.64 2.21 15.66
N TYR CA 89 78.56 1.00 16.23
CA TYR CA 89 77.33 0.23 16.15
C TYR CA 89 76.16 0.96 16.81
N TYR CA 90 76.40 1.55 17.98
CA TYR CA 90 75.34 2.30 18.64
C TYR CA 90 74.83 3.43 17.75
N LEU CA 91 75.74 4.19 17.15
CA LEU CA 91 75.27 5.33 16.36
C LEU CA 91 74.59 4.85 15.07
N ARG CA 92 75.09 3.76 14.50
CA ARG CA 92 74.41 3.12 13.37
C ARG CA 92 72.96 2.83 13.70
N PHE CA 93 72.74 2.13 14.82
CA PHE CA 93 71.39 1.70 15.17
C PHE CA 93 70.51 2.87 15.59
N ILE CA 94 71.10 3.90 16.20
CA ILE CA 94 70.31 5.08 16.55
C ILE CA 94 69.85 5.81 15.30
N THR CA 95 70.74 5.97 14.31
CA THR CA 95 70.32 6.52 13.02
C THR CA 95 69.24 5.65 12.39
N TYR CA 96 69.37 4.33 12.53
CA TYR CA 96 68.37 3.42 11.98
C TYR CA 96 67.01 3.69 12.58
N SER CA 97 66.93 3.76 13.92
CA SER CA 97 65.66 4.00 14.57
C SER CA 97 65.12 5.41 14.29
N LEU CA 98 66.01 6.37 14.10
CA LEU CA 98 65.56 7.68 13.62
C LEU CA 98 64.89 7.55 12.27
N VAL CA 99 65.48 6.76 11.37
CA VAL CA 99 64.91 6.60 10.04
C VAL CA 99 63.56 5.92 10.11
N ALA CA 100 63.47 4.82 10.86
CA ALA CA 100 62.19 4.12 11.02
C ALA CA 100 61.19 4.92 11.85
N SER CA 101 61.65 5.97 12.53
CA SER CA 101 60.81 6.75 13.44
C SER CA 101 60.21 5.87 14.53
N GLY CA 102 60.99 4.91 15.02
CA GLY CA 102 60.54 4.05 16.10
C GLY CA 102 61.70 3.34 16.75
N THR CA 103 61.55 3.05 18.03
CA THR CA 103 62.58 2.40 18.82
C THR CA 103 62.76 0.93 18.47
N GLY CA 104 61.88 0.36 17.66
CA GLY CA 104 61.88 -1.05 17.37
C GLY CA 104 63.19 -1.61 16.82
N PRO CA 105 63.80 -0.91 15.85
CA PRO CA 105 65.15 -1.33 15.44
C PRO CA 105 66.12 -1.39 16.61
N LEU CA 106 66.21 -0.32 17.40
CA LEU CA 106 67.04 -0.36 18.61
C LEU CA 106 66.59 -1.46 19.55
N ASP CA 107 65.28 -1.55 19.79
CA ASP CA 107 64.73 -2.57 20.68
C ASP CA 107 65.29 -3.95 20.35
N ASP CA 108 64.97 -4.42 19.14
CA ASP CA 108 65.37 -5.76 18.73
C ASP CA 108 66.89 -5.89 18.67
N TYR CA 109 67.57 -4.87 18.15
CA TYR CA 109 68.98 -5.02 17.83
C TYR CA 109 69.86 -5.05 19.08
N VAL CA 110 69.62 -4.15 20.03
CA VAL CA 110 70.45 -4.03 21.22
C VAL CA 110 69.66 -4.33 22.49
N ILE CA 111 68.45 -3.78 22.61
CA ILE CA 111 67.74 -3.87 23.89
C ILE CA 111 67.33 -5.31 24.17
N ALA CA 112 67.36 -6.17 23.15
CA ALA CA 112 67.09 -7.59 23.36
C ALA CA 112 68.38 -8.27 23.80
N GLY CA 113 68.49 -8.59 25.09
CA GLY CA 113 69.62 -9.33 25.61
C GLY CA 113 70.82 -8.51 26.02
N LEU CA 114 70.75 -7.18 25.93
CA LEU CA 114 71.89 -6.35 26.31
C LEU CA 114 72.30 -6.58 27.76
N ARG CA 115 71.32 -6.75 28.65
CA ARG CA 115 71.60 -6.86 30.07
C ARG CA 115 72.51 -8.05 30.37
N GLU CA 116 72.21 -9.21 29.78
CA GLU CA 116 73.05 -10.37 30.06
C GLU CA 116 74.44 -10.17 29.49
N VAL CA 117 74.56 -9.43 28.39
CA VAL CA 117 75.88 -9.11 27.84
C VAL CA 117 76.68 -8.32 28.87
N ASN CA 118 76.05 -7.29 29.45
CA ASN CA 118 76.75 -6.48 30.43
C ASN CA 118 77.16 -7.30 31.64
N ARG CA 119 76.25 -8.16 32.13
CA ARG CA 119 76.59 -8.98 33.29
C ARG CA 119 77.66 -10.03 32.98
N ALA CA 120 77.63 -10.65 31.80
CA ALA CA 120 78.58 -11.69 31.46
C ALA CA 120 79.93 -11.14 31.06
N PHE CA 121 80.01 -9.86 30.70
CA PHE CA 121 81.27 -9.26 30.26
C PHE CA 121 81.70 -8.10 31.14
N ASN CA 122 81.02 -7.88 32.27
CA ASN CA 122 81.39 -6.88 33.27
C ASN CA 122 81.40 -5.47 32.67
N LEU CA 123 80.79 -5.29 31.51
CA LEU CA 123 80.72 -3.99 30.85
C LEU CA 123 79.58 -3.21 31.48
N ASN CA 124 79.87 -2.53 32.58
CA ASN CA 124 78.85 -1.74 33.27
C ASN CA 124 78.31 -0.69 32.30
N PRO CA 125 77.00 -0.49 32.22
CA PRO CA 125 76.46 0.48 31.25
C PRO CA 125 76.98 1.90 31.45
N LEU CA 126 77.58 2.20 32.60
CA LEU CA 126 78.01 3.56 32.89
C LEU CA 126 78.91 4.13 31.80
N TRP CA 127 79.79 3.32 31.22
CA TRP CA 127 80.63 3.82 30.14
C TRP CA 127 79.81 4.11 28.89
N TYR CA 128 78.87 3.22 28.55
CA TYR CA 128 78.00 3.51 27.43
C TYR CA 128 77.02 4.63 27.76
N ILE CA 129 76.65 4.77 29.03
CA ILE CA 129 75.86 5.92 29.45
C ILE CA 129 76.61 7.21 29.17
N GLU CA 130 77.90 7.25 29.52
CA GLU CA 130 78.72 8.41 29.22
C GLU CA 130 78.87 8.61 27.72
N ALA CA 131 78.99 7.53 26.96
CA ALA CA 131 79.09 7.63 25.51
C ALA CA 131 77.86 8.31 24.93
N LEU CA 132 76.67 7.84 25.32
CA LEU CA 132 75.43 8.44 24.83
C LEU CA 132 75.25 9.86 25.34
N ASN CA 133 75.72 10.15 26.56
CA ASN CA 133 75.66 11.51 27.07
C ASN CA 133 76.52 12.44 26.24
N TYR CA 134 77.73 11.98 25.87
CA TYR CA 134 78.56 12.78 24.98
C TYR CA 134 77.89 12.97 23.63
N ILE CA 135 77.25 11.90 23.12
CA ILE CA 135 76.56 12.00 21.84
C ILE CA 135 75.48 13.07 21.91
N LYS CA 136 74.71 13.08 22.99
CA LYS CA 136 73.68 14.10 23.13
C LYS CA 136 74.26 15.49 23.29
N GLY CA 137 75.38 15.61 24.03
CA GLY CA 137 76.01 16.90 24.18
C GLY CA 137 76.49 17.47 22.86
N GLU CA 138 77.05 16.60 22.01
CA GLU CA 138 77.53 17.06 20.71
C GLU CA 138 76.37 17.35 19.76
N THR CA 139 75.35 16.49 19.75
CA THR CA 139 74.22 16.70 18.86
C THR CA 139 73.32 17.83 19.33
N GLY CA 140 73.52 18.34 20.54
CA GLY CA 140 72.80 19.53 20.97
C GLY CA 140 73.07 20.75 20.10
N LYS CA 141 74.10 20.70 19.27
CA LYS CA 141 74.35 21.74 18.27
C LYS CA 141 74.27 21.21 16.84
N LEU CA 142 74.44 19.91 16.63
CA LEU CA 142 74.49 19.37 15.27
C LEU CA 142 73.16 19.53 14.56
N LEU CA 143 72.05 19.16 15.21
CA LEU CA 143 70.72 19.23 14.63
C LEU CA 143 70.05 20.53 15.02
N SER CA 144 68.76 20.62 14.70
CA SER CA 144 67.97 21.81 15.01
C SER CA 144 66.50 21.47 15.08
N GLY CA 145 65.79 22.19 15.94
CA GLY CA 145 64.33 22.12 15.97
C GLY CA 145 63.82 20.73 16.24
N GLN CA 146 62.92 20.26 15.37
CA GLN CA 146 62.28 18.97 15.56
C GLN CA 146 63.30 17.85 15.58
N SER CA 147 64.24 17.85 14.63
CA SER CA 147 65.23 16.78 14.54
C SER CA 147 66.03 16.66 15.82
N LYS CA 148 66.34 17.79 16.46
CA LYS CA 148 67.05 17.77 17.73
C LYS CA 148 66.34 16.88 18.74
N THR CA 149 65.09 17.21 19.05
CA THR CA 149 64.35 16.45 20.06
C THR CA 149 64.05 15.03 19.59
N GLU CA 150 63.90 14.83 18.27
CA GLU CA 150 63.72 13.48 17.77
C GLU CA 150 64.92 12.60 18.12
N ALA CA 151 66.12 13.07 17.79
CA ALA CA 151 67.31 12.30 18.12
C ALA CA 151 67.46 12.15 19.64
N LEU CA 152 67.15 13.21 20.38
CA LEU CA 152 67.24 13.15 21.83
C LEU CA 152 66.34 12.06 22.38
N LEU CA 153 65.13 11.93 21.84
CA LEU CA 153 64.19 10.93 22.33
C LEU CA 153 64.76 9.52 22.20
N TYR CA 154 65.25 9.17 21.02
CA TYR CA 154 65.71 7.81 20.81
C TYR CA 154 67.01 7.53 21.55
N ILE CA 155 67.91 8.51 21.62
CA ILE CA 155 69.15 8.27 22.36
C ILE CA 155 68.85 8.14 23.85
N ASP CA 156 67.88 8.90 24.36
CA ASP CA 156 67.52 8.77 25.77
C ASP CA 156 66.77 7.47 26.01
N HIS CA 157 66.03 6.98 25.01
CA HIS CA 157 65.43 5.65 25.11
C HIS CA 157 66.51 4.59 25.23
N ALA CA 158 67.57 4.71 24.43
CA ALA CA 158 68.71 3.80 24.57
C ALA CA 158 69.35 3.92 25.94
N ILE CA 159 69.45 5.15 26.46
CA ILE CA 159 69.97 5.35 27.82
C ILE CA 159 69.13 4.62 28.84
N ASN CA 160 67.80 4.81 28.77
CA ASN CA 160 66.90 4.19 29.73
C ASN CA 160 66.95 2.68 29.63
N ALA CA 161 67.10 2.15 28.42
CA ALA CA 161 67.30 0.71 28.26
C ALA CA 161 68.61 0.28 28.92
N LEU CA 162 69.67 1.07 28.75
CA LEU CA 162 70.94 0.77 29.41
C LEU CA 162 70.85 0.96 30.91
N SER CA 163 70.14 1.98 31.37
CA SER CA 163 70.01 2.25 32.79
C SER CA 163 68.93 1.39 33.43
N SER DA 2 61.39 -18.61 55.44
CA SER DA 2 62.64 -19.32 55.16
C SER DA 2 62.36 -20.79 54.90
N ARG DA 3 63.07 -21.39 53.95
CA ARG DA 3 62.74 -22.71 53.46
C ARG DA 3 63.62 -23.76 54.12
N THR DA 4 63.00 -24.88 54.48
CA THR DA 4 63.70 -26.06 54.98
C THR DA 4 63.29 -27.25 54.15
N VAL DA 5 64.24 -28.20 53.98
CA VAL DA 5 63.96 -29.42 53.24
C VAL DA 5 62.59 -29.97 53.60
N ILE DA 6 62.26 -29.93 54.90
CA ILE DA 6 60.93 -30.31 55.37
C ILE DA 6 59.85 -29.48 54.68
N THR DA 7 60.11 -28.18 54.50
CA THR DA 7 59.09 -27.30 53.94
C THR DA 7 58.79 -27.64 52.49
N GLU DA 8 59.82 -27.81 51.65
CA GLU DA 8 59.56 -28.22 50.27
C GLU DA 8 58.92 -29.60 50.23
N VAL DA 9 59.35 -30.51 51.10
CA VAL DA 9 58.76 -31.84 51.14
C VAL DA 9 57.25 -31.75 51.39
N ILE DA 10 56.85 -30.99 52.42
CA ILE DA 10 55.45 -30.89 52.76
C ILE DA 10 54.67 -30.13 51.69
N ALA DA 11 55.27 -29.10 51.09
CA ALA DA 11 54.59 -28.38 50.03
C ALA DA 11 54.32 -29.27 48.83
N THR DA 12 55.31 -30.07 48.42
CA THR DA 12 55.10 -31.00 47.31
C THR DA 12 54.07 -32.06 47.66
N ALA DA 13 54.10 -32.57 48.90
CA ALA DA 13 53.11 -33.55 49.31
C ALA DA 13 51.71 -32.96 49.28
N ASP DA 14 51.57 -31.71 49.72
CA ASP DA 14 50.29 -31.03 49.67
C ASP DA 14 49.82 -30.82 48.24
N SER DA 15 50.76 -30.44 47.35
CA SER DA 15 50.41 -30.29 45.94
C SER DA 15 49.90 -31.60 45.36
N GLN DA 16 50.59 -32.70 45.65
CA GLN DA 16 50.07 -34.02 45.32
C GLN DA 16 48.96 -34.48 46.25
N GLY DA 17 48.79 -33.83 47.40
CA GLY DA 17 47.73 -34.19 48.33
C GLY DA 17 47.85 -35.59 48.89
N ARG DA 18 49.07 -36.07 49.12
CA ARG DA 18 49.29 -37.45 49.52
C ARG DA 18 50.37 -37.51 50.60
N PHE DA 19 50.38 -38.64 51.31
CA PHE DA 19 51.29 -38.86 52.43
C PHE DA 19 52.73 -39.05 51.94
N LEU DA 20 53.66 -39.00 52.90
CA LEU DA 20 55.07 -39.01 52.58
C LEU DA 20 55.58 -40.44 52.40
N ASN DA 21 56.34 -40.67 51.33
CA ASN DA 21 56.86 -41.97 50.97
C ASN DA 21 58.33 -42.08 51.36
N SER DA 22 58.99 -43.14 50.87
CA SER DA 22 60.40 -43.36 51.15
C SER DA 22 61.23 -42.11 50.87
N THR DA 23 60.99 -41.45 49.74
CA THR DA 23 61.83 -40.33 49.35
C THR DA 23 61.73 -39.17 50.33
N GLU DA 24 60.52 -38.81 50.75
CA GLU DA 24 60.36 -37.67 51.64
C GLU DA 24 60.94 -37.96 53.02
N LEU DA 25 60.70 -39.17 53.55
CA LEU DA 25 61.28 -39.53 54.84
C LEU DA 25 62.80 -39.55 54.76
N GLN DA 26 63.35 -40.07 53.66
CA GLN DA 26 64.79 -40.10 53.49
C GLN DA 26 65.38 -38.70 53.42
N ALA DA 27 64.72 -37.80 52.68
CA ALA DA 27 65.18 -36.42 52.63
C ALA DA 27 65.10 -35.76 54.00
N ALA DA 28 64.03 -36.03 54.75
CA ALA DA 28 63.91 -35.52 56.11
C ALA DA 28 65.08 -35.97 56.97
N PHE DA 29 65.34 -37.27 56.98
CA PHE DA 29 66.50 -37.80 57.72
C PHE DA 29 67.78 -37.09 57.31
N GLY DA 30 68.11 -37.17 56.01
CA GLY DA 30 69.36 -36.61 55.51
C GLY DA 30 69.52 -35.14 55.84
N ARG DA 31 68.43 -34.39 55.91
CA ARG DA 31 68.51 -33.03 56.42
C ARG DA 31 68.72 -33.03 57.92
N PHE DA 32 68.19 -34.02 58.64
CA PHE DA 32 68.31 -34.01 60.09
C PHE DA 32 69.75 -34.23 60.56
N GLU DA 33 70.48 -35.21 59.99
CA GLU DA 33 71.84 -35.36 60.47
C GLU DA 33 72.71 -34.17 60.04
N ARG DA 34 72.37 -33.56 58.90
CA ARG DA 34 73.08 -32.38 58.43
C ARG DA 34 72.82 -31.15 59.30
N ALA DA 35 71.87 -31.22 60.23
CA ALA DA 35 71.49 -30.05 61.00
C ALA DA 35 72.60 -29.61 61.95
N VAL DA 36 73.18 -30.56 62.69
CA VAL DA 36 74.16 -30.22 63.73
C VAL DA 36 75.45 -29.59 63.18
N PRO DA 37 76.08 -30.09 62.11
CA PRO DA 37 77.29 -29.40 61.64
C PRO DA 37 77.00 -28.03 61.06
N ALA DA 38 75.84 -27.85 60.42
CA ALA DA 38 75.45 -26.53 59.95
C ALA DA 38 75.18 -25.59 61.12
N ILE DA 39 74.62 -26.12 62.20
CA ILE DA 39 74.43 -25.31 63.42
C ILE DA 39 75.77 -24.86 63.96
N GLU DA 40 76.75 -25.77 64.01
CA GLU DA 40 78.09 -25.41 64.48
C GLU DA 40 78.72 -24.36 63.56
N ALA DA 41 78.54 -24.51 62.24
CA ALA DA 41 79.06 -23.53 61.30
C ALA DA 41 78.42 -22.17 61.51
N ALA DA 42 77.10 -22.14 61.72
CA ALA DA 42 76.40 -20.87 61.93
C ALA DA 42 76.87 -20.21 63.21
N ARG DA 43 77.07 -21.00 64.27
CA ARG DA 43 77.56 -20.42 65.53
C ARG DA 43 78.98 -19.89 65.38
N ALA DA 44 79.85 -20.64 64.69
CA ALA DA 44 81.21 -20.18 64.47
C ALA DA 44 81.25 -18.91 63.61
N LEU DA 45 80.28 -18.76 62.70
CA LEU DA 45 80.17 -17.52 61.95
C LEU DA 45 79.62 -16.39 62.81
N THR DA 46 78.69 -16.70 63.71
CA THR DA 46 78.10 -15.68 64.58
C THR DA 46 79.14 -15.11 65.54
N LYS DA 47 80.01 -15.96 66.10
CA LYS DA 47 80.98 -15.46 67.06
C LYS DA 47 82.00 -14.53 66.39
N ASN DA 48 82.23 -14.72 65.09
CA ASN DA 48 83.16 -13.90 64.32
C ASN DA 48 82.43 -12.82 63.52
N GLN DA 49 81.27 -12.36 63.98
CA GLN DA 49 80.43 -11.48 63.18
C GLN DA 49 81.11 -10.13 62.93
N ASP DA 50 81.57 -9.47 64.00
CA ASP DA 50 82.09 -8.12 63.86
C ASP DA 50 83.43 -8.12 63.13
N ALA DA 51 84.28 -9.10 63.43
CA ALA DA 51 85.53 -9.24 62.70
C ALA DA 51 85.28 -9.47 61.23
N LEU DA 52 84.28 -10.29 60.90
CA LEU DA 52 83.94 -10.53 59.50
C LEU DA 52 83.45 -9.26 58.83
N VAL DA 53 82.61 -8.48 59.52
CA VAL DA 53 82.11 -7.24 58.95
C VAL DA 53 83.25 -6.29 58.64
N LYS DA 54 84.14 -6.08 59.61
CA LYS DA 54 85.26 -5.17 59.41
C LYS DA 54 86.19 -5.67 58.32
N GLY DA 55 86.45 -6.97 58.29
CA GLY DA 55 87.31 -7.52 57.27
C GLY DA 55 86.74 -7.34 55.88
N ALA DA 56 85.43 -7.53 55.74
CA ALA DA 56 84.79 -7.27 54.44
C ALA DA 56 84.86 -5.81 54.08
N VAL DA 57 84.68 -4.92 55.06
CA VAL DA 57 84.77 -3.48 54.78
C VAL DA 57 86.14 -3.12 54.23
N GLN DA 58 87.20 -3.56 54.90
CA GLN DA 58 88.54 -3.25 54.41
C GLN DA 58 88.88 -4.00 53.13
N ALA DA 59 88.34 -5.21 52.94
CA ALA DA 59 88.58 -5.93 51.69
C ALA DA 59 87.98 -5.19 50.50
N VAL DA 60 86.76 -4.66 50.66
CA VAL DA 60 86.14 -3.89 49.60
C VAL DA 60 86.90 -2.58 49.40
N PHE DA 61 87.38 -1.98 50.50
CA PHE DA 61 88.24 -0.82 50.38
C PHE DA 61 89.44 -1.11 49.49
N LYS DA 62 90.08 -2.26 49.70
CA LYS DA 62 91.32 -2.58 48.99
C LYS DA 62 91.06 -2.95 47.54
N LYS DA 63 90.01 -3.75 47.28
CA LYS DA 63 89.85 -4.35 45.96
C LYS DA 63 89.66 -3.29 44.87
N PHE DA 64 88.70 -2.40 45.06
CA PHE DA 64 88.42 -1.38 44.07
C PHE DA 64 88.97 -0.04 44.54
N PRO DA 65 90.01 0.50 43.89
CA PRO DA 65 90.54 1.80 44.32
C PRO DA 65 89.56 2.94 44.20
N TYR DA 66 88.55 2.81 43.32
CA TYR DA 66 87.65 3.91 43.01
C TYR DA 66 86.41 3.94 43.89
N VAL DA 67 86.43 3.33 45.08
CA VAL DA 67 85.23 3.30 45.91
C VAL DA 67 85.37 4.19 47.16
N THR DA 68 86.58 4.41 47.66
CA THR DA 68 86.76 5.04 48.96
C THR DA 68 86.84 6.56 48.90
N GLN DA 69 87.28 7.13 47.77
CA GLN DA 69 87.55 8.55 47.71
C GLN DA 69 86.26 9.36 47.88
N PRO DA 70 86.36 10.58 48.39
CA PRO DA 70 85.16 11.38 48.64
C PRO DA 70 84.39 11.68 47.36
N GLY DA 71 83.07 11.82 47.53
CA GLY DA 71 82.18 12.01 46.40
C GLY DA 71 81.68 10.75 45.75
N GLU DA 72 82.19 9.59 46.17
CA GLU DA 72 81.77 8.30 45.63
C GLU DA 72 80.70 7.67 46.48
N LYS DA 73 80.09 6.61 45.95
CA LYS DA 73 78.98 5.96 46.64
C LYS DA 73 79.47 5.14 47.82
N GLY DA 74 80.64 4.52 47.69
CA GLY DA 74 81.23 3.80 48.81
C GLY DA 74 81.66 4.72 49.94
N TYR DA 75 82.20 5.89 49.60
CA TYR DA 75 82.57 6.88 50.61
C TYR DA 75 81.34 7.33 51.39
N GLY DA 76 81.52 7.50 52.70
CA GLY DA 76 80.47 8.07 53.53
C GLY DA 76 80.32 7.38 54.87
N ASP DA 77 80.30 8.17 55.95
CA ASP DA 77 80.09 7.61 57.27
C ASP DA 77 78.73 6.93 57.37
N SER DA 78 77.68 7.59 56.87
CA SER DA 78 76.39 6.92 56.74
C SER DA 78 76.48 5.79 55.72
N ASN DA 79 77.20 6.02 54.62
CA ASN DA 79 77.39 4.97 53.61
C ASN DA 79 78.11 3.76 54.21
N GLN DA 80 79.17 4.00 54.98
CA GLN DA 80 79.91 2.88 55.57
C GLN DA 80 79.12 2.21 56.68
N ALA DA 81 78.29 2.97 57.42
CA ALA DA 81 77.38 2.35 58.36
C ALA DA 81 76.42 1.41 57.64
N LYS DA 82 75.91 1.85 56.49
CA LYS DA 82 75.05 0.99 55.68
C LYS DA 82 75.83 -0.21 55.15
N CYS DA 83 77.12 -0.02 54.84
CA CYS DA 83 77.96 -1.14 54.41
C CYS DA 83 78.04 -2.20 55.50
N ALA DA 84 78.35 -1.78 56.73
CA ALA DA 84 78.46 -2.71 57.84
C ALA DA 84 77.12 -3.39 58.11
N ARG DA 85 76.03 -2.63 58.06
CA ARG DA 85 74.71 -3.19 58.27
C ARG DA 85 74.38 -4.23 57.20
N ASP DA 86 74.70 -3.93 55.94
CA ASP DA 86 74.46 -4.88 54.86
C ASP DA 86 75.27 -6.15 55.04
N ILE DA 87 76.55 -6.01 55.41
CA ILE DA 87 77.40 -7.18 55.58
C ILE DA 87 76.89 -8.04 56.74
N GLY DA 88 76.47 -7.40 57.83
CA GLY DA 88 75.87 -8.13 58.93
C GLY DA 88 74.60 -8.86 58.49
N TYR DA 89 73.76 -8.20 57.71
CA TYR DA 89 72.58 -8.85 57.16
C TYR DA 89 72.96 -10.10 56.36
N TYR DA 90 73.95 -9.95 55.47
CA TYR DA 90 74.34 -11.05 54.58
C TYR DA 90 74.84 -12.24 55.39
N LEU DA 91 75.78 -12.01 56.30
CA LEU DA 91 76.32 -13.13 57.06
C LEU DA 91 75.28 -13.73 58.00
N ARG DA 92 74.40 -12.91 58.57
CA ARG DA 92 73.36 -13.42 59.44
C ARG DA 92 72.39 -14.30 58.66
N PHE DA 93 72.07 -13.92 57.42
CA PHE DA 93 71.16 -14.73 56.63
C PHE DA 93 71.86 -15.99 56.11
N ILE DA 94 73.17 -15.94 55.92
CA ILE DA 94 73.92 -17.17 55.64
C ILE DA 94 73.81 -18.13 56.82
N THR DA 95 73.97 -17.60 58.04
CA THR DA 95 73.78 -18.42 59.22
C THR DA 95 72.34 -18.95 59.30
N TYR DA 96 71.37 -18.13 58.89
CA TYR DA 96 69.98 -18.58 58.87
C TYR DA 96 69.79 -19.75 57.92
N SER DA 97 70.37 -19.66 56.72
CA SER DA 97 70.28 -20.75 55.77
C SER DA 97 70.96 -22.00 56.31
N LEU DA 98 72.08 -21.83 57.00
CA LEU DA 98 72.70 -22.96 57.68
C LEU DA 98 71.76 -23.56 58.71
N VAL DA 99 71.04 -22.69 59.44
CA VAL DA 99 70.08 -23.16 60.44
C VAL DA 99 69.00 -24.01 59.79
N ALA DA 100 68.44 -23.54 58.68
CA ALA DA 100 67.41 -24.29 57.99
C ALA DA 100 67.95 -25.49 57.25
N SER DA 101 69.28 -25.63 57.14
CA SER DA 101 69.92 -26.64 56.31
C SER DA 101 69.50 -26.51 54.84
N GLY DA 102 68.96 -25.35 54.47
CA GLY DA 102 68.60 -25.09 53.10
C GLY DA 102 68.88 -23.64 52.75
N THR DA 103 69.02 -23.40 51.44
CA THR DA 103 69.31 -22.05 50.95
C THR DA 103 68.11 -21.11 51.02
N GLY DA 104 66.91 -21.66 51.17
CA GLY DA 104 65.68 -20.89 51.23
C GLY DA 104 65.75 -19.60 52.02
N PRO DA 105 66.25 -19.65 53.26
CA PRO DA 105 66.43 -18.40 54.02
C PRO DA 105 67.20 -17.33 53.25
N LEU DA 106 68.41 -17.64 52.81
CA LEU DA 106 69.16 -16.69 51.98
C LEU DA 106 68.36 -16.34 50.73
N ASP DA 107 67.83 -17.35 50.05
CA ASP DA 107 67.13 -17.15 48.79
C ASP DA 107 66.08 -16.05 48.91
N ASP DA 108 65.08 -16.26 49.76
CA ASP DA 108 64.04 -15.24 49.90
C ASP DA 108 64.58 -13.98 50.54
N TYR DA 109 65.34 -14.11 51.63
CA TYR DA 109 65.66 -12.93 52.44
C TYR DA 109 66.49 -11.91 51.67
N VAL DA 110 67.49 -12.35 50.91
CA VAL DA 110 68.25 -11.40 50.11
C VAL DA 110 68.02 -11.64 48.62
N ILE DA 111 68.18 -12.89 48.18
CA ILE DA 111 68.32 -13.18 46.76
C ILE DA 111 67.10 -12.69 45.97
N ALA DA 112 65.90 -12.89 46.54
CA ALA DA 112 64.70 -12.38 45.89
C ALA DA 112 64.73 -10.85 45.92
N GLY DA 113 64.49 -10.24 44.76
CA GLY DA 113 64.48 -8.79 44.67
C GLY DA 113 65.84 -8.14 44.71
N LEU DA 114 66.90 -8.86 44.38
CA LEU DA 114 68.24 -8.28 44.43
C LEU DA 114 68.50 -7.37 43.25
N ARG DA 115 68.51 -7.92 42.04
CA ARG DA 115 69.14 -7.24 40.90
C ARG DA 115 68.45 -5.91 40.58
N GLU DA 116 67.12 -5.90 40.55
CA GLU DA 116 66.40 -4.68 40.28
C GLU DA 116 66.63 -3.63 41.37
N VAL DA 117 66.67 -4.04 42.64
CA VAL DA 117 66.96 -3.10 43.71
C VAL DA 117 68.37 -2.52 43.55
N ASN DA 118 69.34 -3.38 43.28
CA ASN DA 118 70.73 -2.93 43.16
C ASN DA 118 70.89 -1.95 42.01
N ARG DA 119 70.25 -2.24 40.87
CA ARG DA 119 70.35 -1.32 39.74
C ARG DA 119 69.55 -0.04 39.97
N ALA DA 120 68.45 -0.11 40.72
CA ALA DA 120 67.72 1.12 41.03
C ALA DA 120 68.51 2.01 41.98
N PHE DA 121 69.28 1.41 42.88
CA PHE DA 121 70.08 2.16 43.84
C PHE DA 121 71.55 2.25 43.44
N ASN DA 122 71.90 1.75 42.24
CA ASN DA 122 73.28 1.76 41.74
C ASN DA 122 74.23 1.09 42.73
N LEU DA 123 74.01 -0.20 42.96
CA LEU DA 123 74.85 -1.02 43.80
C LEU DA 123 75.64 -2.00 42.93
N ASN DA 124 76.95 -1.91 42.99
CA ASN DA 124 77.81 -2.79 42.20
C ASN DA 124 77.76 -4.19 42.78
N PRO DA 125 77.31 -5.20 42.02
CA PRO DA 125 77.35 -6.58 42.55
C PRO DA 125 78.75 -7.06 42.86
N LEU DA 126 79.77 -6.54 42.17
CA LEU DA 126 81.14 -6.92 42.48
C LEU DA 126 81.53 -6.55 43.89
N TRP DA 127 80.93 -5.49 44.44
CA TRP DA 127 81.17 -5.13 45.84
C TRP DA 127 80.80 -6.29 46.76
N TYR DA 128 79.57 -6.79 46.62
CA TYR DA 128 79.13 -7.90 47.45
C TYR DA 128 79.89 -9.18 47.11
N ILE DA 129 80.28 -9.35 45.84
CA ILE DA 129 81.08 -10.51 45.46
C ILE DA 129 82.38 -10.53 46.22
N GLU DA 130 83.08 -9.38 46.29
CA GLU DA 130 84.36 -9.33 46.97
C GLU DA 130 84.19 -9.42 48.49
N ALA DA 131 83.13 -8.81 49.02
CA ALA DA 131 82.86 -8.93 50.45
C ALA DA 131 82.66 -10.39 50.85
N LEU DA 132 81.77 -11.09 50.14
CA LEU DA 132 81.56 -12.50 50.42
C LEU DA 132 82.77 -13.34 50.03
N ASN DA 133 83.64 -12.86 49.15
CA ASN DA 133 84.89 -13.56 48.88
C ASN DA 133 85.81 -13.52 50.10
N TYR DA 134 85.91 -12.36 50.74
CA TYR DA 134 86.64 -12.29 52.01
C TYR DA 134 85.97 -13.18 53.05
N ILE DA 135 84.63 -13.21 53.04
CA ILE DA 135 83.90 -14.11 53.93
C ILE DA 135 84.32 -15.55 53.67
N LYS DA 136 84.46 -15.92 52.40
CA LYS DA 136 84.92 -17.26 52.04
C LYS DA 136 86.31 -17.52 52.60
N GLY DA 137 87.23 -16.57 52.41
CA GLY DA 137 88.58 -16.76 52.89
C GLY DA 137 88.66 -16.93 54.39
N GLU DA 138 87.86 -16.15 55.12
CA GLU DA 138 87.89 -16.21 56.58
C GLU DA 138 87.17 -17.46 57.10
N THR DA 139 86.07 -17.85 56.46
CA THR DA 139 85.31 -19.02 56.89
C THR DA 139 86.02 -20.31 56.54
N GLY DA 140 86.87 -20.32 55.50
CA GLY DA 140 87.65 -21.50 55.21
C GLY DA 140 88.56 -21.88 56.37
N LYS DA 141 89.14 -20.89 57.04
CA LYS DA 141 89.95 -21.16 58.21
C LYS DA 141 89.12 -21.24 59.48
N LEU DA 142 87.92 -20.66 59.49
CA LEU DA 142 87.05 -20.81 60.66
C LEU DA 142 86.68 -22.26 60.92
N LEU DA 143 86.35 -23.00 59.85
CA LEU DA 143 85.69 -24.29 59.98
C LEU DA 143 86.36 -25.34 59.13
N SER DA 144 86.17 -26.61 59.52
CA SER DA 144 86.62 -27.76 58.77
C SER DA 144 85.54 -28.82 58.80
N GLY DA 145 85.60 -29.73 57.84
CA GLY DA 145 84.65 -30.83 57.81
C GLY DA 145 83.31 -30.44 57.22
N GLN DA 146 82.25 -31.07 57.76
CA GLN DA 146 80.91 -30.84 57.24
C GLN DA 146 80.48 -29.39 57.39
N SER DA 147 80.81 -28.77 58.53
CA SER DA 147 80.44 -27.37 58.74
C SER DA 147 81.10 -26.47 57.71
N LYS DA 148 82.38 -26.69 57.43
CA LYS DA 148 83.07 -25.89 56.42
C LYS DA 148 82.43 -26.05 55.05
N THR DA 149 82.13 -27.31 54.68
CA THR DA 149 81.52 -27.55 53.37
C THR DA 149 80.16 -26.86 53.26
N GLU DA 150 79.34 -26.98 54.30
CA GLU DA 150 78.02 -26.35 54.28
C GLU DA 150 78.14 -24.83 54.18
N ALA DA 151 79.01 -24.23 54.99
CA ALA DA 151 79.16 -22.78 54.97
C ALA DA 151 79.67 -22.31 53.62
N LEU DA 152 80.67 -23.00 53.06
CA LEU DA 152 81.21 -22.59 51.77
C LEU DA 152 80.18 -22.74 50.67
N LEU DA 153 79.38 -23.82 50.71
CA LEU DA 153 78.34 -23.99 49.71
C LEU DA 153 77.32 -22.86 49.78
N TYR DA 154 76.90 -22.48 51.00
CA TYR DA 154 75.87 -21.46 51.11
C TYR DA 154 76.40 -20.09 50.72
N ILE DA 155 77.63 -19.76 51.12
CA ILE DA 155 78.18 -18.47 50.71
C ILE DA 155 78.46 -18.45 49.20
N ASP DA 156 78.85 -19.58 48.63
CA ASP DA 156 79.02 -19.67 47.18
C ASP DA 156 77.70 -19.47 46.46
N HIS DA 157 76.62 -20.05 46.96
CA HIS DA 157 75.31 -19.84 46.36
C HIS DA 157 74.89 -18.39 46.47
N ALA DA 158 75.17 -17.76 47.62
CA ALA DA 158 74.86 -16.33 47.78
C ALA DA 158 75.65 -15.49 46.79
N ILE DA 159 76.92 -15.81 46.57
CA ILE DA 159 77.72 -15.09 45.59
C ILE DA 159 77.17 -15.30 44.19
N ASN DA 160 76.83 -16.55 43.86
CA ASN DA 160 76.30 -16.86 42.52
C ASN DA 160 75.02 -16.09 42.25
N ALA DA 161 74.18 -15.94 43.27
CA ALA DA 161 73.02 -15.05 43.15
C ALA DA 161 73.47 -13.61 42.99
N LEU DA 162 74.49 -13.19 43.74
CA LEU DA 162 75.00 -11.83 43.63
C LEU DA 162 75.75 -11.62 42.33
N SER DA 163 76.45 -12.65 41.85
CA SER DA 163 77.21 -12.54 40.61
C SER DA 163 76.27 -12.65 39.40
N SER EA 2 61.56 -44.49 35.67
CA SER EA 2 61.29 -44.59 37.10
C SER EA 2 61.70 -43.31 37.82
N ARG EA 3 61.51 -43.29 39.14
CA ARG EA 3 61.73 -42.10 39.96
C ARG EA 3 62.61 -42.47 41.15
N THR EA 4 63.89 -42.12 41.07
CA THR EA 4 64.83 -42.25 42.18
C THR EA 4 65.35 -40.87 42.55
N VAL EA 5 65.72 -40.72 43.82
CA VAL EA 5 65.94 -39.39 44.42
C VAL EA 5 66.78 -38.52 43.49
N ILE EA 6 67.81 -39.09 42.87
CA ILE EA 6 68.63 -38.33 41.93
C ILE EA 6 67.79 -37.88 40.74
N THR EA 7 66.83 -38.69 40.31
CA THR EA 7 66.02 -38.33 39.15
C THR EA 7 65.09 -37.16 39.45
N GLU EA 8 64.42 -37.18 40.62
CA GLU EA 8 63.64 -36.01 41.00
C GLU EA 8 64.53 -34.78 41.16
N VAL EA 9 65.72 -34.96 41.73
CA VAL EA 9 66.64 -33.83 41.86
C VAL EA 9 66.92 -33.22 40.49
N ILE EA 10 67.26 -34.08 39.52
CA ILE EA 10 67.58 -33.60 38.18
C ILE EA 10 66.39 -32.89 37.56
N ALA EA 11 65.22 -33.52 37.62
CA ALA EA 11 64.03 -32.97 36.97
C ALA EA 11 63.62 -31.64 37.61
N THR EA 12 63.63 -31.58 38.94
CA THR EA 12 63.28 -30.34 39.62
C THR EA 12 64.26 -29.24 39.29
N ALA EA 13 65.57 -29.51 39.38
CA ALA EA 13 66.56 -28.50 39.01
C ALA EA 13 66.33 -28.02 37.58
N ASP EA 14 65.96 -28.94 36.69
CA ASP EA 14 65.68 -28.57 35.32
C ASP EA 14 64.43 -27.71 35.20
N SER EA 15 63.45 -27.95 36.07
CA SER EA 15 62.18 -27.23 35.97
C SER EA 15 62.38 -25.73 36.04
N GLN EA 16 62.89 -25.23 37.17
CA GLN EA 16 63.16 -23.81 37.32
C GLN EA 16 64.34 -23.34 36.47
N GLY EA 17 64.89 -24.21 35.63
CA GLY EA 17 65.99 -23.83 34.77
C GLY EA 17 67.22 -23.41 35.54
N ARG EA 18 67.55 -24.13 36.61
CA ARG EA 18 68.60 -23.73 37.52
C ARG EA 18 69.49 -24.92 37.83
N PHE EA 19 70.77 -24.65 38.08
CA PHE EA 19 71.70 -25.70 38.45
C PHE EA 19 71.33 -26.33 39.79
N LEU EA 20 72.10 -27.33 40.18
CA LEU EA 20 71.89 -27.97 41.46
C LEU EA 20 72.36 -27.05 42.59
N ASN EA 21 71.94 -27.37 43.80
CA ASN EA 21 72.28 -26.61 45.00
C ASN EA 21 72.69 -27.57 46.11
N SER EA 22 72.96 -27.00 47.28
CA SER EA 22 73.46 -27.80 48.40
C SER EA 22 72.43 -28.81 48.88
N THR EA 23 71.15 -28.43 48.92
CA THR EA 23 70.13 -29.31 49.50
C THR EA 23 70.00 -30.61 48.71
N GLU EA 24 69.94 -30.51 47.38
CA GLU EA 24 69.79 -31.71 46.57
C GLU EA 24 71.05 -32.56 46.60
N LEU EA 25 72.23 -31.94 46.68
CA LEU EA 25 73.44 -32.73 46.87
C LEU EA 25 73.45 -33.43 48.23
N GLN EA 26 72.91 -32.78 49.26
CA GLN EA 26 72.77 -33.44 50.55
C GLN EA 26 71.84 -34.64 50.45
N ALA EA 27 70.74 -34.49 49.73
CA ALA EA 27 69.81 -35.60 49.53
C ALA EA 27 70.49 -36.74 48.77
N ALA EA 28 71.26 -36.41 47.74
CA ALA EA 28 72.00 -37.44 47.00
C ALA EA 28 73.00 -38.15 47.90
N PHE EA 29 73.72 -37.38 48.73
CA PHE EA 29 74.62 -37.98 49.72
C PHE EA 29 73.87 -38.98 50.60
N GLY EA 30 72.76 -38.53 51.18
CA GLY EA 30 71.96 -39.40 52.04
C GLY EA 30 71.55 -40.67 51.32
N ARG EA 31 71.12 -40.56 50.06
CA ARG EA 31 70.87 -41.74 49.25
C ARG EA 31 72.12 -42.62 49.18
N PHE EA 32 73.29 -42.00 49.05
CA PHE EA 32 74.50 -42.78 48.87
C PHE EA 32 74.81 -43.63 50.11
N GLU EA 33 74.66 -43.06 51.31
CA GLU EA 33 74.93 -43.92 52.47
C GLU EA 33 73.78 -44.89 52.72
N ARG EA 34 72.54 -44.46 52.48
CA ARG EA 34 71.42 -45.37 52.71
C ARG EA 34 71.40 -46.53 51.72
N ALA EA 35 72.13 -46.41 50.61
CA ALA EA 35 72.15 -47.49 49.62
C ALA EA 35 72.73 -48.77 50.21
N VAL EA 36 73.77 -48.65 51.02
CA VAL EA 36 74.46 -49.85 51.53
C VAL EA 36 73.52 -50.75 52.33
N PRO EA 37 72.78 -50.27 53.33
CA PRO EA 37 71.79 -51.15 53.97
C PRO EA 37 70.74 -51.63 52.99
N ALA EA 38 70.34 -50.77 52.04
CA ALA EA 38 69.38 -51.18 51.02
C ALA EA 38 69.97 -52.25 50.12
N ILE EA 39 71.25 -52.15 49.78
CA ILE EA 39 71.90 -53.18 48.96
C ILE EA 39 71.96 -54.49 49.73
N GLU EA 40 72.25 -54.43 51.03
CA GLU EA 40 72.24 -55.65 51.85
C GLU EA 40 70.85 -56.27 51.89
N ALA EA 41 69.81 -55.44 52.04
CA ALA EA 41 68.44 -55.92 51.99
C ALA EA 41 68.16 -56.58 50.64
N ALA EA 42 68.67 -55.98 49.56
CA ALA EA 42 68.47 -56.54 48.23
C ALA EA 42 69.12 -57.92 48.13
N ARG EA 43 70.32 -58.08 48.67
CA ARG EA 43 70.96 -59.39 48.69
C ARG EA 43 70.11 -60.39 49.46
N ALA EA 44 69.65 -59.99 50.65
CA ALA EA 44 68.87 -60.89 51.49
C ALA EA 44 67.61 -61.35 50.79
N LEU EA 45 66.90 -60.43 50.14
CA LEU EA 45 65.70 -60.83 49.41
C LEU EA 45 66.04 -61.60 48.14
N THR EA 46 67.24 -61.38 47.59
CA THR EA 46 67.65 -62.12 46.40
C THR EA 46 67.81 -63.61 46.71
N LYS EA 47 68.53 -63.93 47.78
CA LYS EA 47 68.81 -65.34 48.06
C LYS EA 47 67.64 -66.08 48.69
N ASN EA 48 66.55 -65.39 49.05
CA ASN EA 48 65.41 -66.04 49.68
C ASN EA 48 64.17 -66.06 48.81
N GLN EA 49 64.32 -65.88 47.49
CA GLN EA 49 63.16 -65.59 46.63
C GLN EA 49 62.16 -66.73 46.60
N ASP EA 50 62.62 -67.97 46.41
CA ASP EA 50 61.69 -69.09 46.27
C ASP EA 50 60.94 -69.34 47.58
N ALA EA 51 61.64 -69.25 48.70
CA ALA EA 51 60.99 -69.38 49.99
C ALA EA 51 59.98 -68.27 50.20
N LEU EA 52 60.34 -67.04 49.85
CA LEU EA 52 59.39 -65.93 49.90
C LEU EA 52 58.11 -66.28 49.15
N VAL EA 53 58.26 -66.73 47.91
CA VAL EA 53 57.10 -66.98 47.04
C VAL EA 53 56.23 -68.10 47.63
N LYS EA 54 56.85 -69.22 47.96
CA LYS EA 54 56.09 -70.37 48.45
C LYS EA 54 55.40 -70.05 49.76
N GLY EA 55 56.10 -69.38 50.67
CA GLY EA 55 55.50 -69.02 51.93
C GLY EA 55 54.32 -68.08 51.77
N ALA EA 56 54.46 -67.09 50.89
CA ALA EA 56 53.34 -66.18 50.66
C ALA EA 56 52.15 -66.91 50.07
N VAL EA 57 52.38 -67.82 49.12
CA VAL EA 57 51.28 -68.55 48.50
C VAL EA 57 50.58 -69.44 49.52
N GLN EA 58 51.35 -70.10 50.38
CA GLN EA 58 50.72 -70.96 51.38
C GLN EA 58 50.04 -70.15 52.48
N ALA EA 59 50.53 -68.95 52.77
CA ALA EA 59 49.80 -68.06 53.69
C ALA EA 59 48.47 -67.66 53.08
N VAL EA 60 48.46 -67.34 51.78
CA VAL EA 60 47.21 -67.07 51.08
C VAL EA 60 46.29 -68.29 51.16
N PHE EA 61 46.86 -69.49 51.03
CA PHE EA 61 46.10 -70.72 51.25
C PHE EA 61 45.44 -70.71 52.62
N LYS EA 62 46.22 -70.43 53.66
CA LYS EA 62 45.69 -70.49 55.02
C LYS EA 62 44.53 -69.50 55.19
N LYS EA 63 44.75 -68.24 54.79
CA LYS EA 63 43.70 -67.26 54.98
C LYS EA 63 42.59 -67.39 53.95
N PHE EA 64 42.91 -67.87 52.75
CA PHE EA 64 41.94 -67.98 51.65
C PHE EA 64 42.03 -69.36 51.00
N PRO EA 65 41.58 -70.39 51.71
CA PRO EA 65 41.55 -71.73 51.08
C PRO EA 65 40.38 -71.90 50.13
N TYR EA 66 39.25 -71.25 50.42
CA TYR EA 66 38.09 -71.32 49.53
C TYR EA 66 38.41 -70.80 48.14
N VAL EA 67 39.41 -69.94 48.01
CA VAL EA 67 39.85 -69.48 46.69
C VAL EA 67 40.31 -70.66 45.84
N THR EA 68 41.00 -71.61 46.45
CA THR EA 68 41.48 -72.78 45.73
C THR EA 68 40.36 -73.74 45.34
N GLN EA 69 39.15 -73.53 45.85
CA GLN EA 69 38.05 -74.41 45.51
C GLN EA 69 37.73 -74.31 44.02
N PRO EA 70 37.32 -75.42 43.40
CA PRO EA 70 37.01 -75.39 41.97
C PRO EA 70 35.90 -74.39 41.67
N GLY EA 71 35.99 -73.79 40.48
CA GLY EA 71 35.10 -72.72 40.09
C GLY EA 71 35.53 -71.35 40.57
N GLU EA 72 36.63 -71.26 41.31
CA GLU EA 72 37.16 -69.98 41.77
C GLU EA 72 38.58 -69.81 41.25
N LYS EA 73 39.17 -68.66 41.57
CA LYS EA 73 40.43 -68.26 40.96
C LYS EA 73 41.57 -69.20 41.37
N GLY EA 74 41.67 -69.48 42.67
CA GLY EA 74 42.79 -70.27 43.16
C GLY EA 74 42.81 -71.69 42.66
N TYR EA 75 41.66 -72.20 42.23
CA TYR EA 75 41.61 -73.54 41.66
C TYR EA 75 42.38 -73.57 40.35
N GLY EA 76 43.12 -74.67 40.13
CA GLY EA 76 43.88 -74.80 38.91
C GLY EA 76 45.37 -74.66 39.13
N ASP EA 77 46.13 -75.66 38.68
CA ASP EA 77 47.59 -75.61 38.83
C ASP EA 77 48.19 -74.43 38.08
N SER EA 78 47.72 -74.19 36.85
CA SER EA 78 48.21 -73.04 36.09
C SER EA 78 47.84 -71.74 36.79
N ASN EA 79 46.66 -71.67 37.39
CA ASN EA 79 46.27 -70.50 38.17
C ASN EA 79 47.27 -70.25 39.29
N GLN EA 80 47.71 -71.31 39.97
CA GLN EA 80 48.63 -71.13 41.07
C GLN EA 80 50.03 -70.78 40.59
N ALA EA 81 50.43 -71.34 39.44
CA ALA EA 81 51.67 -70.89 38.82
C ALA EA 81 51.61 -69.38 38.55
N LYS EA 82 50.45 -68.91 38.09
CA LYS EA 82 50.28 -67.48 37.88
C LYS EA 82 50.33 -66.70 39.19
N CYS EA 83 49.72 -67.24 40.25
CA CYS EA 83 49.80 -66.58 41.56
C CYS EA 83 51.25 -66.40 41.99
N ALA EA 84 52.02 -67.48 41.92
CA ALA EA 84 53.43 -67.43 42.33
C ALA EA 84 54.22 -66.48 41.46
N ARG EA 85 53.96 -66.50 40.15
CA ARG EA 85 54.66 -65.62 39.23
C ARG EA 85 54.36 -64.15 39.53
N ASP EA 86 53.10 -63.84 39.84
CA ASP EA 86 52.73 -62.48 40.23
C ASP EA 86 53.46 -62.06 41.50
N ILE EA 87 53.46 -62.93 42.51
CA ILE EA 87 54.10 -62.58 43.77
C ILE EA 87 55.60 -62.38 43.57
N GLY EA 88 56.20 -63.22 42.71
CA GLY EA 88 57.60 -63.05 42.41
C GLY EA 88 57.89 -61.74 41.69
N TYR EA 89 57.00 -61.33 40.78
CA TYR EA 89 57.14 -60.02 40.15
C TYR EA 89 57.07 -58.92 41.20
N TYR EA 90 56.11 -59.01 42.11
CA TYR EA 90 56.01 -58.02 43.18
C TYR EA 90 57.29 -57.92 43.98
N LEU EA 91 57.84 -59.07 44.37
CA LEU EA 91 59.05 -59.06 45.20
C LEU EA 91 60.25 -58.53 44.41
N ARG EA 92 60.33 -58.85 43.12
CA ARG EA 92 61.39 -58.30 42.29
C ARG EA 92 61.29 -56.78 42.21
N PHE EA 93 60.07 -56.27 42.06
CA PHE EA 93 59.92 -54.82 42.01
C PHE EA 93 60.19 -54.19 43.38
N ILE EA 94 59.93 -54.92 44.46
CA ILE EA 94 60.30 -54.43 45.78
C ILE EA 94 61.82 -54.36 45.92
N THR EA 95 62.52 -55.34 45.36
CA THR EA 95 63.98 -55.28 45.33
C THR EA 95 64.46 -54.08 44.52
N TYR EA 96 63.82 -53.82 43.37
CA TYR EA 96 64.15 -52.63 42.60
C TYR EA 96 63.90 -51.36 43.41
N SER EA 97 62.82 -51.35 44.19
CA SER EA 97 62.52 -50.20 45.04
C SER EA 97 63.60 -49.99 46.09
N LEU EA 98 64.03 -51.08 46.73
CA LEU EA 98 65.10 -50.97 47.74
C LEU EA 98 66.38 -50.44 47.10
N VAL EA 99 66.74 -50.97 45.93
CA VAL EA 99 67.99 -50.55 45.30
C VAL EA 99 67.84 -49.14 44.73
N ALA EA 100 66.59 -48.68 44.59
CA ALA EA 100 66.31 -47.37 44.03
C ALA EA 100 66.22 -46.26 45.06
N SER EA 101 66.24 -46.59 46.35
CA SER EA 101 66.05 -45.61 47.42
C SER EA 101 64.74 -44.85 47.23
N GLY EA 102 63.72 -45.57 46.79
CA GLY EA 102 62.43 -44.96 46.50
C GLY EA 102 61.50 -45.97 45.87
N THR EA 103 60.34 -45.48 45.45
CA THR EA 103 59.30 -46.34 44.89
C THR EA 103 59.10 -46.14 43.39
N GLY EA 104 60.10 -45.61 42.69
CA GLY EA 104 59.98 -45.30 41.27
C GLY EA 104 59.57 -46.48 40.41
N PRO EA 105 60.47 -47.47 40.27
CA PRO EA 105 60.14 -48.62 39.42
C PRO EA 105 58.92 -49.39 39.88
N LEU EA 106 58.73 -49.52 41.20
CA LEU EA 106 57.53 -50.18 41.71
C LEU EA 106 56.27 -49.48 41.22
N ASP EA 107 56.20 -48.16 41.44
CA ASP EA 107 55.05 -47.41 40.94
C ASP EA 107 54.87 -47.63 39.45
N ASP EA 108 55.95 -47.40 38.69
CA ASP EA 108 55.88 -47.43 37.23
C ASP EA 108 55.39 -48.77 36.72
N TYR EA 109 55.77 -49.87 37.36
CA TYR EA 109 55.56 -51.17 36.75
C TYR EA 109 54.45 -52.01 37.38
N VAL EA 110 53.95 -51.66 38.57
CA VAL EA 110 52.74 -52.29 39.10
C VAL EA 110 51.67 -51.26 39.45
N ILE EA 111 52.06 -50.18 40.12
CA ILE EA 111 51.05 -49.28 40.68
C ILE EA 111 50.35 -48.53 39.56
N ALA EA 112 51.04 -48.27 38.47
CA ALA EA 112 50.41 -47.70 37.28
C ALA EA 112 49.53 -48.77 36.66
N GLY EA 113 48.22 -48.69 36.91
CA GLY EA 113 47.29 -49.61 36.30
C GLY EA 113 46.88 -50.80 37.14
N LEU EA 114 47.03 -50.71 38.47
CA LEU EA 114 46.74 -51.88 39.30
C LEU EA 114 45.24 -52.12 39.42
N ARG EA 115 44.51 -51.16 40.01
CA ARG EA 115 43.09 -51.36 40.29
C ARG EA 115 42.31 -51.66 39.02
N GLU EA 116 42.77 -51.17 37.88
CA GLU EA 116 42.11 -51.45 36.61
C GLU EA 116 42.13 -52.94 36.32
N VAL EA 117 43.31 -53.56 36.38
CA VAL EA 117 43.40 -55.00 36.13
C VAL EA 117 42.71 -55.77 37.24
N ASN EA 118 42.75 -55.24 38.48
CA ASN EA 118 42.06 -55.87 39.59
C ASN EA 118 40.57 -55.99 39.28
N ARG EA 119 39.98 -54.92 38.79
CA ARG EA 119 38.59 -54.97 38.34
C ARG EA 119 38.43 -55.91 37.15
N ALA EA 120 39.41 -55.90 36.25
CA ALA EA 120 39.30 -56.67 35.01
C ALA EA 120 39.18 -58.16 35.30
N PHE EA 121 40.20 -58.74 35.93
CA PHE EA 121 40.21 -60.17 36.21
C PHE EA 121 39.68 -60.49 37.59
N ASN EA 122 38.98 -59.55 38.24
CA ASN EA 122 38.45 -59.73 39.58
C ASN EA 122 39.55 -60.11 40.57
N LEU EA 123 40.73 -59.53 40.39
CA LEU EA 123 41.88 -59.81 41.24
C LEU EA 123 41.73 -58.98 42.52
N ASN EA 124 41.32 -59.63 43.59
CA ASN EA 124 41.08 -58.93 44.84
C ASN EA 124 42.41 -58.43 45.40
N PRO EA 125 42.56 -57.12 45.63
CA PRO EA 125 43.80 -56.63 46.24
C PRO EA 125 44.05 -57.16 47.63
N LEU EA 126 43.01 -57.63 48.32
CA LEU EA 126 43.20 -58.20 49.65
C LEU EA 126 44.11 -59.43 49.60
N TRP EA 127 44.07 -60.19 48.51
CA TRP EA 127 44.97 -61.32 48.36
C TRP EA 127 46.42 -60.86 48.44
N TYR EA 128 46.76 -59.83 47.69
CA TYR EA 128 48.15 -59.36 47.67
C TYR EA 128 48.50 -58.60 48.93
N ILE EA 129 47.51 -57.99 49.58
CA ILE EA 129 47.72 -57.42 50.90
C ILE EA 129 48.13 -58.51 51.88
N GLU EA 130 47.44 -59.65 51.85
CA GLU EA 130 47.80 -60.79 52.70
C GLU EA 130 49.19 -61.32 52.34
N ALA EA 131 49.49 -61.44 51.05
CA ALA EA 131 50.78 -61.96 50.64
C ALA EA 131 51.91 -61.06 51.12
N LEU EA 132 51.75 -59.75 50.97
CA LEU EA 132 52.80 -58.83 51.40
C LEU EA 132 52.84 -58.68 52.92
N ASN EA 133 51.72 -58.91 53.61
CA ASN EA 133 51.76 -58.97 55.07
C ASN EA 133 52.56 -60.18 55.54
N TYR EA 134 52.38 -61.33 54.90
CA TYR EA 134 53.23 -62.47 55.20
C TYR EA 134 54.69 -62.17 54.92
N ILE EA 135 54.96 -61.52 53.79
CA ILE EA 135 56.33 -61.15 53.45
C ILE EA 135 56.91 -60.22 54.51
N LYS EA 136 56.10 -59.28 55.00
CA LYS EA 136 56.51 -58.40 56.08
C LYS EA 136 56.86 -59.19 57.34
N GLY EA 137 55.99 -60.12 57.72
CA GLY EA 137 56.23 -60.90 58.93
C GLY EA 137 57.48 -61.74 58.84
N GLU EA 138 57.73 -62.35 57.68
CA GLU EA 138 58.91 -63.20 57.53
C GLU EA 138 60.18 -62.38 57.36
N THR EA 139 60.11 -61.21 56.72
CA THR EA 139 61.25 -60.30 56.71
C THR EA 139 61.54 -59.75 58.10
N GLY EA 140 60.54 -59.79 58.99
CA GLY EA 140 60.83 -59.53 60.39
C GLY EA 140 61.86 -60.48 60.97
N LYS EA 141 62.07 -61.62 60.32
CA LYS EA 141 63.09 -62.58 60.72
C LYS EA 141 64.31 -62.55 59.78
N LEU EA 142 64.07 -62.44 58.47
CA LEU EA 142 65.18 -62.49 57.52
C LEU EA 142 66.13 -61.32 57.71
N LEU EA 143 65.61 -60.12 57.92
CA LEU EA 143 66.41 -58.92 58.02
C LEU EA 143 66.36 -58.36 59.43
N SER EA 144 67.18 -57.33 59.67
CA SER EA 144 67.19 -56.64 60.95
C SER EA 144 67.74 -55.23 60.76
N GLY EA 145 67.28 -54.32 61.61
CA GLY EA 145 67.86 -52.99 61.63
C GLY EA 145 67.45 -52.15 60.43
N GLN EA 146 68.45 -51.49 59.85
CA GLN EA 146 68.21 -50.50 58.80
C GLN EA 146 67.55 -51.13 57.57
N SER EA 147 68.15 -52.21 57.06
CA SER EA 147 67.61 -52.87 55.88
C SER EA 147 66.21 -53.39 56.14
N LYS EA 148 66.00 -53.99 57.31
CA LYS EA 148 64.67 -54.45 57.69
C LYS EA 148 63.66 -53.32 57.64
N THR EA 149 63.98 -52.20 58.27
CA THR EA 149 63.01 -51.10 58.35
C THR EA 149 62.70 -50.52 56.99
N GLU EA 150 63.71 -50.32 56.15
CA GLU EA 150 63.46 -49.71 54.85
C GLU EA 150 62.71 -50.68 53.92
N ALA EA 151 63.08 -51.97 53.93
CA ALA EA 151 62.33 -52.93 53.14
C ALA EA 151 60.89 -53.04 53.63
N LEU EA 152 60.69 -52.97 54.94
CA LEU EA 152 59.34 -52.94 55.49
C LEU EA 152 58.57 -51.73 54.99
N LEU EA 153 59.22 -50.57 54.91
CA LEU EA 153 58.52 -49.38 54.46
C LEU EA 153 58.15 -49.51 52.98
N TYR EA 154 59.03 -50.11 52.17
CA TYR EA 154 58.68 -50.35 50.78
C TYR EA 154 57.49 -51.29 50.67
N ILE EA 155 57.53 -52.41 51.40
CA ILE EA 155 56.47 -53.40 51.32
C ILE EA 155 55.15 -52.82 51.80
N ASP EA 156 55.15 -52.07 52.90
CA ASP EA 156 53.89 -51.56 53.41
C ASP EA 156 53.40 -50.33 52.64
N HIS EA 157 54.31 -49.62 51.95
CA HIS EA 157 53.85 -48.65 50.95
C HIS EA 157 53.10 -49.34 49.83
N ALA EA 158 53.64 -50.45 49.33
CA ALA EA 158 52.92 -51.22 48.32
C ALA EA 158 51.59 -51.72 48.87
N ILE EA 159 51.57 -52.12 50.15
CA ILE EA 159 50.34 -52.59 50.77
C ILE EA 159 49.29 -51.48 50.82
N ASN EA 160 49.71 -50.28 51.26
CA ASN EA 160 48.78 -49.16 51.35
C ASN EA 160 48.30 -48.74 49.97
N ALA EA 161 49.16 -48.86 48.96
CA ALA EA 161 48.71 -48.65 47.59
C ALA EA 161 47.67 -49.68 47.19
N LEU EA 162 47.85 -50.93 47.61
CA LEU EA 162 46.84 -51.95 47.37
C LEU EA 162 45.53 -51.58 48.07
N SER EA 163 45.61 -51.14 49.32
CA SER EA 163 44.42 -50.75 50.07
C SER EA 163 43.89 -49.41 49.60
N SER FA 2 18.94 -33.95 42.77
CA SER FA 2 18.84 -34.92 41.67
C SER FA 2 18.53 -34.24 40.35
N ARG FA 3 18.51 -35.03 39.28
CA ARG FA 3 18.17 -34.54 37.96
C ARG FA 3 17.25 -35.53 37.26
N THR FA 4 16.22 -35.01 36.61
CA THR FA 4 15.43 -35.75 35.64
C THR FA 4 15.83 -35.30 34.24
N VAL FA 5 15.23 -35.94 33.23
CA VAL FA 5 15.57 -35.60 31.85
C VAL FA 5 15.38 -34.12 31.58
N ILE FA 6 14.27 -33.56 32.06
CA ILE FA 6 14.04 -32.13 31.89
C ILE FA 6 15.09 -31.31 32.62
N THR FA 7 15.78 -31.88 33.59
CA THR FA 7 16.84 -31.13 34.25
C THR FA 7 18.03 -30.93 33.32
N GLU FA 8 18.48 -31.98 32.64
CA GLU FA 8 19.49 -31.75 31.60
C GLU FA 8 18.95 -30.83 30.52
N VAL FA 9 17.68 -30.98 30.17
CA VAL FA 9 17.05 -30.06 29.22
C VAL FA 9 17.30 -28.61 29.62
N ILE FA 10 16.84 -28.24 30.82
CA ILE FA 10 16.90 -26.86 31.26
C ILE FA 10 18.35 -26.42 31.47
N ALA FA 11 19.19 -27.32 31.98
CA ALA FA 11 20.59 -26.97 32.22
C ALA FA 11 21.28 -26.64 30.92
N THR FA 12 21.10 -27.46 29.88
CA THR FA 12 21.69 -27.16 28.58
C THR FA 12 21.13 -25.87 28.02
N ALA FA 13 19.80 -25.73 28.02
CA ALA FA 13 19.19 -24.54 27.43
C ALA FA 13 19.69 -23.27 28.11
N ASP FA 14 19.90 -23.32 29.42
CA ASP FA 14 20.46 -22.17 30.12
C ASP FA 14 21.94 -22.03 29.83
N SER FA 15 22.62 -23.14 29.55
CA SER FA 15 24.05 -23.09 29.25
C SER FA 15 24.29 -22.30 27.97
N GLN FA 16 23.56 -22.62 26.90
CA GLN FA 16 23.68 -21.75 25.73
C GLN FA 16 22.88 -20.46 25.88
N GLY FA 17 22.07 -20.33 26.93
CA GLY FA 17 21.28 -19.12 27.11
C GLY FA 17 20.27 -18.90 26.02
N ARG FA 18 19.58 -19.95 25.60
CA ARG FA 18 18.71 -19.93 24.44
C ARG FA 18 17.39 -20.63 24.73
N PHE FA 19 16.42 -20.42 23.85
CA PHE FA 19 15.11 -21.02 24.01
C PHE FA 19 15.09 -22.45 23.51
N LEU FA 20 14.17 -23.23 24.07
CA LEU FA 20 14.15 -24.66 23.83
C LEU FA 20 13.60 -24.97 22.45
N ASN FA 21 14.40 -25.66 21.63
CA ASN FA 21 13.94 -26.13 20.34
C ASN FA 21 13.36 -27.54 20.47
N SER FA 22 13.21 -28.23 19.34
CA SER FA 22 12.44 -29.47 19.28
C SER FA 22 12.97 -30.52 20.24
N THR FA 23 14.27 -30.83 20.17
CA THR FA 23 14.79 -32.10 20.67
C THR FA 23 14.50 -32.30 22.15
N GLU FA 24 14.76 -31.27 22.96
CA GLU FA 24 14.46 -31.37 24.38
C GLU FA 24 12.96 -31.48 24.66
N LEU FA 25 12.12 -30.85 23.85
CA LEU FA 25 10.68 -31.03 24.01
C LEU FA 25 10.27 -32.47 23.69
N GLN FA 26 10.91 -33.08 22.70
CA GLN FA 26 10.69 -34.49 22.47
C GLN FA 26 11.15 -35.33 23.65
N ALA FA 27 12.25 -34.95 24.27
CA ALA FA 27 12.66 -35.62 25.50
C ALA FA 27 11.60 -35.47 26.58
N ALA FA 28 10.97 -34.29 26.65
CA ALA FA 28 9.87 -34.09 27.59
C ALA FA 28 8.74 -35.08 27.33
N PHE FA 29 8.29 -35.19 26.07
CA PHE FA 29 7.44 -36.31 25.68
C PHE FA 29 7.95 -37.63 26.25
N GLY FA 30 9.10 -38.07 25.76
CA GLY FA 30 9.65 -39.36 26.10
C GLY FA 30 9.43 -39.66 27.56
N ARG FA 31 9.77 -38.68 28.39
CA ARG FA 31 9.55 -38.83 29.82
C ARG FA 31 8.07 -38.98 30.16
N PHE FA 32 7.21 -38.17 29.53
CA PHE FA 32 5.78 -38.22 29.87
C PHE FA 32 5.18 -39.58 29.55
N GLU FA 33 5.35 -40.04 28.31
CA GLU FA 33 4.79 -41.35 27.98
C GLU FA 33 5.48 -42.51 28.69
N ARG FA 34 6.76 -42.38 29.06
CA ARG FA 34 7.35 -43.47 29.83
C ARG FA 34 7.03 -43.37 31.32
N ALA FA 35 6.42 -42.27 31.75
CA ALA FA 35 6.07 -42.12 33.16
C ALA FA 35 5.15 -43.24 33.62
N VAL FA 36 4.06 -43.49 32.88
CA VAL FA 36 3.07 -44.46 33.33
C VAL FA 36 3.68 -45.85 33.56
N PRO FA 37 4.41 -46.44 32.62
CA PRO FA 37 5.00 -47.76 32.90
C PRO FA 37 5.86 -47.76 34.14
N ALA FA 38 6.72 -46.75 34.26
CA ALA FA 38 7.44 -46.55 35.50
C ALA FA 38 6.49 -46.36 36.68
N ILE FA 39 5.29 -45.82 36.44
CA ILE FA 39 4.35 -45.64 37.53
C ILE FA 39 3.90 -46.99 38.10
N GLU FA 40 3.50 -47.94 37.24
CA GLU FA 40 3.13 -49.21 37.85
C GLU FA 40 4.35 -49.97 38.34
N ALA FA 41 5.53 -49.72 37.77
CA ALA FA 41 6.74 -50.30 38.33
C ALA FA 41 6.93 -49.84 39.77
N ALA FA 42 6.77 -48.54 40.01
CA ALA FA 42 6.84 -48.01 41.36
C ALA FA 42 5.75 -48.60 42.24
N ARG FA 43 4.55 -48.79 41.69
CA ARG FA 43 3.48 -49.44 42.44
C ARG FA 43 3.91 -50.80 42.95
N ALA FA 44 4.39 -51.64 42.04
CA ALA FA 44 4.81 -52.99 42.42
C ALA FA 44 5.91 -52.94 43.46
N LEU FA 45 6.98 -52.19 43.19
CA LEU FA 45 8.08 -52.13 44.15
C LEU FA 45 7.62 -51.58 45.49
N THR FA 46 6.61 -50.71 45.48
CA THR FA 46 6.03 -50.24 46.73
C THR FA 46 5.38 -51.38 47.50
N LYS FA 47 4.70 -52.27 46.79
CA LYS FA 47 4.00 -53.34 47.50
C LYS FA 47 4.94 -54.43 47.99
N ASN FA 48 6.03 -54.69 47.27
CA ASN FA 48 6.79 -55.92 47.45
C ASN FA 48 8.02 -55.80 48.35
N GLN FA 49 8.34 -54.60 48.83
CA GLN FA 49 9.69 -54.28 49.31
C GLN FA 49 10.22 -55.31 50.31
N ASP FA 50 9.40 -55.67 51.30
CA ASP FA 50 9.89 -56.43 52.45
C ASP FA 50 10.49 -57.77 52.03
N ALA FA 51 9.73 -58.54 51.24
CA ALA FA 51 10.22 -59.83 50.80
C ALA FA 51 11.45 -59.67 49.91
N LEU FA 52 11.51 -58.59 49.14
CA LEU FA 52 12.69 -58.36 48.31
C LEU FA 52 13.93 -58.22 49.18
N VAL FA 53 13.84 -57.40 50.21
CA VAL FA 53 14.97 -57.20 51.11
C VAL FA 53 15.36 -58.51 51.78
N LYS FA 54 14.36 -59.24 52.29
CA LYS FA 54 14.63 -60.50 52.98
C LYS FA 54 15.34 -61.48 52.05
N GLY FA 55 14.76 -61.69 50.86
CA GLY FA 55 15.35 -62.63 49.92
C GLY FA 55 16.74 -62.23 49.49
N ALA FA 56 16.99 -60.92 49.37
CA ALA FA 56 18.35 -60.48 49.09
C ALA FA 56 19.30 -60.91 50.20
N VAL FA 57 18.88 -60.74 51.45
CA VAL FA 57 19.70 -61.16 52.58
C VAL FA 57 20.01 -62.65 52.49
N GLN FA 58 18.97 -63.46 52.34
CA GLN FA 58 19.22 -64.91 52.33
C GLN FA 58 20.04 -65.33 51.11
N ALA FA 59 19.79 -64.75 49.94
CA ALA FA 59 20.52 -65.15 48.74
C ALA FA 59 22.00 -64.79 48.86
N VAL FA 60 22.31 -63.59 49.37
CA VAL FA 60 23.71 -63.23 49.51
C VAL FA 60 24.38 -64.08 50.58
N PHE FA 61 23.63 -64.51 51.60
CA PHE FA 61 24.20 -65.45 52.55
C PHE FA 61 24.38 -66.83 51.93
N LYS FA 62 23.58 -67.15 50.90
CA LYS FA 62 23.63 -68.49 50.32
C LYS FA 62 24.79 -68.62 49.33
N LYS FA 63 24.79 -67.80 48.28
CA LYS FA 63 25.84 -67.97 47.27
C LYS FA 63 27.19 -67.44 47.75
N PHE FA 64 27.19 -66.62 48.79
CA PHE FA 64 28.42 -66.44 49.56
C PHE FA 64 28.27 -67.16 50.88
N PRO FA 65 28.58 -68.45 50.94
CA PRO FA 65 28.52 -69.14 52.23
C PRO FA 65 29.65 -68.78 53.16
N TYR FA 66 30.88 -68.65 52.65
CA TYR FA 66 32.04 -68.40 53.50
C TYR FA 66 32.06 -67.00 54.10
N VAL FA 67 31.01 -66.20 53.95
CA VAL FA 67 30.90 -64.96 54.69
C VAL FA 67 29.95 -65.11 55.88
N THR FA 68 29.05 -66.09 55.85
CA THR FA 68 28.05 -66.23 56.90
C THR FA 68 28.64 -66.61 58.25
N GLN FA 69 29.63 -67.50 58.29
CA GLN FA 69 30.09 -68.09 59.54
C GLN FA 69 30.70 -67.03 60.46
N PRO FA 70 30.78 -67.30 61.76
CA PRO FA 70 31.44 -66.36 62.67
C PRO FA 70 32.87 -66.05 62.26
N GLY FA 71 33.28 -64.83 62.54
CA GLY FA 71 34.64 -64.39 62.28
C GLY FA 71 34.85 -63.56 61.03
N GLU FA 72 33.78 -63.11 60.37
CA GLU FA 72 33.92 -62.21 59.24
C GLU FA 72 32.69 -61.30 59.18
N LYS FA 73 32.55 -60.59 58.05
CA LYS FA 73 31.57 -59.51 57.94
C LYS FA 73 30.14 -60.04 58.05
N GLY FA 74 29.86 -61.19 57.43
CA GLY FA 74 28.49 -61.68 57.40
C GLY FA 74 27.94 -61.99 58.78
N TYR FA 75 28.78 -62.52 59.66
CA TYR FA 75 28.34 -62.82 61.02
C TYR FA 75 28.18 -61.55 61.84
N GLY FA 76 27.28 -61.59 62.81
CA GLY FA 76 26.97 -60.45 63.67
C GLY FA 76 25.65 -59.86 63.26
N ASP FA 77 24.70 -59.85 64.21
CA ASP FA 77 23.31 -59.51 63.88
C ASP FA 77 23.19 -58.12 63.28
N SER FA 78 23.92 -57.16 63.84
CA SER FA 78 23.90 -55.81 63.29
C SER FA 78 24.34 -55.79 61.84
N ASN FA 79 25.19 -56.73 61.44
CA ASN FA 79 25.65 -56.77 60.05
C ASN FA 79 24.48 -57.01 59.09
N GLN FA 80 23.69 -58.05 59.32
CA GLN FA 80 22.58 -58.28 58.40
C GLN FA 80 21.44 -57.31 58.62
N ALA FA 81 21.31 -56.73 59.82
CA ALA FA 81 20.37 -55.62 59.98
C ALA FA 81 20.74 -54.46 59.07
N LYS FA 82 22.03 -54.15 59.00
CA LYS FA 82 22.49 -53.10 58.10
C LYS FA 82 22.36 -53.54 56.64
N CYS FA 83 22.51 -54.83 56.36
CA CYS FA 83 22.24 -55.32 55.00
C CYS FA 83 20.80 -55.03 54.62
N ALA FA 84 19.86 -55.32 55.52
CA ALA FA 84 18.45 -55.10 55.23
C ALA FA 84 18.16 -53.63 55.00
N ARG FA 85 18.66 -52.77 55.90
CA ARG FA 85 18.45 -51.34 55.72
C ARG FA 85 19.08 -50.87 54.41
N ASP FA 86 20.25 -51.41 54.06
CA ASP FA 86 20.91 -51.04 52.81
C ASP FA 86 20.04 -51.38 51.62
N ILE FA 87 19.53 -52.61 51.57
CA ILE FA 87 18.73 -53.03 50.43
C ILE FA 87 17.46 -52.20 50.34
N GLY FA 88 16.83 -51.92 51.49
CA GLY FA 88 15.68 -51.04 51.49
C GLY FA 88 16.00 -49.68 50.90
N TYR FA 89 17.13 -49.10 51.30
CA TYR FA 89 17.53 -47.81 50.77
C TYR FA 89 17.76 -47.88 49.26
N TYR FA 90 18.47 -48.92 48.81
CA TYR FA 90 18.80 -49.01 47.39
C TYR FA 90 17.54 -49.14 46.55
N LEU FA 91 16.62 -50.00 46.95
CA LEU FA 91 15.45 -50.17 46.11
C LEU FA 91 14.48 -49.00 46.27
N ARG FA 92 14.56 -48.26 47.39
CA ARG FA 92 13.82 -47.00 47.47
C ARG FA 92 14.38 -45.98 46.48
N PHE FA 93 15.71 -45.89 46.40
CA PHE FA 93 16.31 -45.02 45.39
C PHE FA 93 15.99 -45.51 43.99
N ILE FA 94 15.82 -46.82 43.82
CA ILE FA 94 15.42 -47.36 42.52
C ILE FA 94 14.01 -46.88 42.17
N THR FA 95 13.10 -46.95 43.13
CA THR FA 95 11.77 -46.38 42.92
C THR FA 95 11.87 -44.91 42.56
N TYR FA 96 12.76 -44.18 43.24
CA TYR FA 96 13.00 -42.79 42.91
C TYR FA 96 13.47 -42.65 41.46
N SER FA 97 14.34 -43.56 41.02
CA SER FA 97 14.82 -43.51 39.65
C SER FA 97 13.68 -43.73 38.66
N LEU FA 98 12.81 -44.70 38.94
CA LEU FA 98 11.67 -44.93 38.08
C LEU FA 98 10.77 -43.70 38.02
N VAL FA 99 10.50 -43.08 39.17
CA VAL FA 99 9.64 -41.90 39.20
C VAL FA 99 10.28 -40.75 38.44
N ALA FA 100 11.56 -40.48 38.72
CA ALA FA 100 12.31 -39.46 38.01
C ALA FA 100 12.54 -39.82 36.55
N SER FA 101 12.29 -41.07 36.16
CA SER FA 101 12.61 -41.57 34.83
C SER FA 101 14.06 -41.32 34.46
N GLY FA 102 14.94 -41.30 35.46
CA GLY FA 102 16.35 -41.06 35.24
C GLY FA 102 17.16 -41.51 36.42
N THR FA 103 18.48 -41.56 36.20
CA THR FA 103 19.41 -42.01 37.22
C THR FA 103 19.58 -41.00 38.36
N GLY FA 104 19.05 -39.80 38.21
CA GLY FA 104 19.32 -38.69 39.10
C GLY FA 104 19.38 -39.03 40.57
N PRO FA 105 18.26 -39.46 41.15
CA PRO FA 105 18.25 -39.77 42.58
C PRO FA 105 19.15 -40.94 42.92
N LEU FA 106 19.02 -42.05 42.20
CA LEU FA 106 19.88 -43.19 42.42
C LEU FA 106 21.35 -42.78 42.35
N ASP FA 107 21.73 -42.11 41.26
CA ASP FA 107 23.12 -41.70 41.08
C ASP FA 107 23.60 -40.86 42.25
N ASP FA 108 23.00 -39.68 42.43
CA ASP FA 108 23.52 -38.75 43.43
C ASP FA 108 23.31 -39.21 44.86
N TYR FA 109 22.57 -40.30 45.09
CA TYR FA 109 22.36 -40.78 46.45
C TYR FA 109 23.21 -41.99 46.82
N VAL FA 110 23.45 -42.92 45.90
CA VAL FA 110 24.25 -44.11 46.20
C VAL FA 110 25.51 -44.18 45.35
N ILE FA 111 25.43 -43.82 44.07
CA ILE FA 111 26.55 -44.05 43.16
C ILE FA 111 27.76 -43.18 43.46
N ALA FA 112 27.55 -42.01 44.06
CA ALA FA 112 28.66 -41.09 44.31
C ALA FA 112 29.58 -41.64 45.40
N GLY FA 113 30.86 -41.77 45.08
CA GLY FA 113 31.85 -42.21 46.04
C GLY FA 113 31.75 -43.67 46.41
N LEU FA 114 31.14 -44.48 45.55
CA LEU FA 114 30.83 -45.86 45.89
C LEU FA 114 32.08 -46.69 46.14
N ARG FA 115 33.08 -46.56 45.26
CA ARG FA 115 34.25 -47.43 45.31
C ARG FA 115 35.07 -47.23 46.57
N GLU FA 116 35.34 -45.98 46.94
CA GLU FA 116 36.21 -45.72 48.08
C GLU FA 116 35.56 -46.14 49.38
N VAL FA 117 34.24 -46.10 49.44
CA VAL FA 117 33.53 -46.68 50.58
C VAL FA 117 33.61 -48.19 50.52
N ASN FA 118 33.50 -48.76 49.33
CA ASN FA 118 33.53 -50.21 49.19
C ASN FA 118 34.84 -50.80 49.74
N ARG FA 119 35.96 -50.12 49.47
CA ARG FA 119 37.17 -50.58 50.15
C ARG FA 119 37.53 -49.76 51.38
N ALA FA 120 36.63 -48.89 51.85
CA ALA FA 120 36.90 -48.16 53.09
C ALA FA 120 36.28 -48.84 54.30
N PHE FA 121 35.44 -49.85 54.08
CA PHE FA 121 34.82 -50.60 55.17
C PHE FA 121 34.78 -52.09 54.92
N ASN FA 122 35.60 -52.61 53.99
CA ASN FA 122 35.69 -54.03 53.70
C ASN FA 122 34.38 -54.60 53.17
N LEU FA 123 33.42 -53.74 52.86
CA LEU FA 123 32.15 -54.17 52.29
C LEU FA 123 32.36 -54.50 50.82
N ASN FA 124 32.42 -55.78 50.52
CA ASN FA 124 32.61 -56.23 49.14
C ASN FA 124 31.46 -55.76 48.26
N PRO FA 125 31.73 -55.07 47.15
CA PRO FA 125 30.63 -54.66 46.27
C PRO FA 125 29.83 -55.82 45.72
N LEU FA 126 30.49 -56.92 45.36
CA LEU FA 126 29.81 -58.03 44.71
C LEU FA 126 28.69 -58.57 45.58
N TRP FA 127 28.79 -58.36 46.90
CA TRP FA 127 27.65 -58.53 47.79
C TRP FA 127 26.44 -57.76 47.26
N TYR FA 128 26.64 -56.47 46.94
CA TYR FA 128 25.53 -55.65 46.49
C TYR FA 128 25.14 -55.94 45.04
N ILE FA 129 26.11 -56.28 44.18
CA ILE FA 129 25.76 -56.75 42.84
C ILE FA 129 24.86 -57.98 42.93
N GLU FA 130 25.17 -58.92 43.82
CA GLU FA 130 24.33 -60.12 43.91
C GLU FA 130 23.00 -59.81 44.56
N ALA FA 131 22.96 -58.86 45.50
CA ALA FA 131 21.68 -58.45 46.05
C ALA FA 131 20.79 -57.88 44.95
N LEU FA 132 21.36 -57.04 44.09
CA LEU FA 132 20.56 -56.51 42.98
C LEU FA 132 20.26 -57.56 41.93
N ASN FA 133 21.12 -58.58 41.80
CA ASN FA 133 20.81 -59.70 40.93
C ASN FA 133 19.61 -60.48 41.45
N TYR FA 134 19.54 -60.70 42.76
CA TYR FA 134 18.34 -61.26 43.35
C TYR FA 134 17.14 -60.39 43.05
N ILE FA 135 17.29 -59.07 43.21
CA ILE FA 135 16.17 -58.17 42.98
C ILE FA 135 15.70 -58.28 41.53
N LYS FA 136 16.63 -58.40 40.59
CA LYS FA 136 16.27 -58.80 39.24
C LYS FA 136 15.50 -60.11 39.25
N GLY FA 137 15.93 -61.04 40.10
CA GLY FA 137 15.28 -62.34 40.15
C GLY FA 137 13.80 -62.24 40.44
N GLU FA 138 13.43 -61.44 41.44
CA GLU FA 138 11.99 -61.34 41.72
C GLU FA 138 11.30 -60.40 40.75
N THR FA 139 11.98 -59.34 40.29
CA THR FA 139 11.32 -58.42 39.37
C THR FA 139 11.08 -59.03 38.00
N GLY FA 140 11.80 -60.09 37.65
CA GLY FA 140 11.49 -60.82 36.43
C GLY FA 140 10.13 -61.49 36.48
N LYS FA 141 9.52 -61.51 37.67
CA LYS FA 141 8.20 -62.09 37.84
C LYS FA 141 7.18 -61.08 38.34
N LEU FA 142 7.60 -60.13 39.17
CA LEU FA 142 6.66 -59.19 39.77
C LEU FA 142 6.07 -58.24 38.74
N LEU FA 143 6.93 -57.64 37.92
CA LEU FA 143 6.51 -56.66 36.93
C LEU FA 143 6.13 -57.35 35.63
N SER FA 144 5.90 -56.54 34.60
CA SER FA 144 5.59 -57.02 33.27
C SER FA 144 5.78 -55.91 32.25
N GLY FA 145 6.23 -56.30 31.06
CA GLY FA 145 6.31 -55.37 29.94
C GLY FA 145 7.26 -54.22 30.21
N GLN FA 146 6.78 -53.01 29.92
CA GLN FA 146 7.63 -51.83 29.97
C GLN FA 146 8.15 -51.60 31.38
N SER FA 147 7.23 -51.42 32.34
CA SER FA 147 7.61 -51.27 33.75
C SER FA 147 8.76 -52.18 34.11
N LYS FA 148 8.64 -53.46 33.75
CA LYS FA 148 9.72 -54.41 33.94
C LYS FA 148 10.98 -53.95 33.20
N THR FA 149 10.84 -53.48 31.97
CA THR FA 149 12.01 -53.18 31.15
C THR FA 149 12.83 -52.03 31.76
N GLU FA 150 12.19 -50.90 32.04
CA GLU FA 150 12.96 -49.80 32.61
C GLU FA 150 13.37 -50.05 34.05
N ALA FA 151 12.58 -50.81 34.84
CA ALA FA 151 13.07 -51.17 36.16
C ALA FA 151 14.33 -52.03 36.05
N LEU FA 152 14.33 -52.98 35.13
CA LEU FA 152 15.52 -53.76 34.82
C LEU FA 152 16.67 -52.85 34.47
N LEU FA 153 16.44 -51.87 33.60
CA LEU FA 153 17.53 -50.99 33.17
C LEU FA 153 18.10 -50.19 34.34
N TYR FA 154 17.23 -49.69 35.22
CA TYR FA 154 17.71 -48.88 36.33
C TYR FA 154 18.51 -49.71 37.33
N ILE FA 155 18.02 -50.92 37.63
CA ILE FA 155 18.78 -51.77 38.54
C ILE FA 155 20.07 -52.22 37.86
N ASP FA 156 20.05 -52.43 36.54
CA ASP FA 156 21.28 -52.71 35.79
C ASP FA 156 22.29 -51.58 35.92
N HIS FA 157 21.83 -50.33 35.82
CA HIS FA 157 22.78 -49.23 35.97
C HIS FA 157 23.31 -49.16 37.39
N ALA FA 158 22.47 -49.44 38.37
CA ALA FA 158 22.94 -49.52 39.75
C ALA FA 158 24.04 -50.57 39.89
N ILE FA 159 23.83 -51.73 39.28
CA ILE FA 159 24.87 -52.78 39.29
C ILE FA 159 26.11 -52.32 38.54
N ASN FA 160 25.92 -51.67 37.40
CA ASN FA 160 27.03 -51.23 36.57
C ASN FA 160 27.91 -50.25 37.32
N ALA FA 161 27.30 -49.35 38.09
CA ALA FA 161 28.09 -48.46 38.94
C ALA FA 161 28.69 -49.22 40.11
N LEU FA 162 27.98 -50.23 40.62
CA LEU FA 162 28.60 -51.16 41.56
C LEU FA 162 29.78 -51.87 40.91
N SER FA 163 29.62 -52.28 39.64
CA SER FA 163 30.69 -52.93 38.91
C SER FA 163 31.57 -51.90 38.23
N SER GA 2 26.85 -34.73 10.48
CA SER GA 2 25.86 -33.66 10.63
C SER GA 2 25.23 -33.66 12.02
N ARG GA 3 24.10 -32.99 12.14
CA ARG GA 3 23.43 -32.74 13.41
C ARG GA 3 22.03 -33.36 13.38
N THR GA 4 21.74 -34.23 14.35
CA THR GA 4 20.42 -34.85 14.52
C THR GA 4 20.43 -35.70 15.78
N VAL GA 5 19.25 -35.81 16.43
CA VAL GA 5 19.19 -36.22 17.83
C VAL GA 5 20.08 -37.42 18.11
N ILE GA 6 20.07 -38.40 17.20
CA ILE GA 6 20.96 -39.55 17.32
C ILE GA 6 22.41 -39.08 17.38
N THR GA 7 22.77 -38.08 16.57
CA THR GA 7 24.16 -37.66 16.49
C THR GA 7 24.58 -36.84 17.70
N GLU GA 8 23.71 -35.97 18.23
CA GLU GA 8 24.08 -35.29 19.47
C GLU GA 8 24.25 -36.31 20.59
N VAL GA 9 23.36 -37.30 20.64
CA VAL GA 9 23.50 -38.34 21.66
C VAL GA 9 24.84 -39.06 21.52
N ILE GA 10 25.18 -39.44 20.28
CA ILE GA 10 26.38 -40.25 20.08
C ILE GA 10 27.63 -39.42 20.40
N ALA GA 11 27.59 -38.12 20.10
CA ALA GA 11 28.74 -37.28 20.41
C ALA GA 11 28.86 -37.04 21.91
N THR GA 12 27.75 -36.73 22.59
CA THR GA 12 27.83 -36.45 24.02
C THR GA 12 28.00 -37.71 24.83
N ALA GA 13 27.91 -38.88 24.20
CA ALA GA 13 28.34 -40.09 24.88
C ALA GA 13 29.80 -40.41 24.57
N ASP GA 14 30.26 -40.06 23.36
CA ASP GA 14 31.66 -40.23 23.02
C ASP GA 14 32.55 -39.26 23.78
N SER GA 15 32.39 -37.95 23.51
CA SER GA 15 33.27 -36.96 24.11
C SER GA 15 33.17 -36.95 25.63
N GLN GA 16 32.08 -37.47 26.17
CA GLN GA 16 31.93 -37.60 27.62
C GLN GA 16 32.50 -38.92 28.15
N GLY GA 17 32.55 -39.96 27.32
CA GLY GA 17 33.27 -41.17 27.68
C GLY GA 17 32.55 -42.17 28.57
N ARG GA 18 31.26 -42.40 28.34
CA ARG GA 18 30.56 -43.48 29.03
C ARG GA 18 29.90 -44.43 28.05
N PHE GA 19 29.12 -45.35 28.61
CA PHE GA 19 28.10 -46.06 27.87
C PHE GA 19 26.71 -45.49 28.17
N LEU GA 20 25.82 -45.70 27.21
CA LEU GA 20 24.54 -45.02 27.21
C LEU GA 20 23.61 -45.61 28.26
N ASN GA 21 22.72 -44.79 28.79
CA ASN GA 21 21.72 -45.19 29.75
C ASN GA 21 20.33 -44.75 29.28
N SER GA 22 19.38 -44.73 30.21
CA SER GA 22 17.96 -44.69 29.87
C SER GA 22 17.61 -43.48 29.02
N THR GA 23 18.12 -42.30 29.39
CA THR GA 23 17.61 -41.06 28.80
C THR GA 23 17.83 -41.03 27.30
N GLU GA 24 19.05 -41.30 26.87
CA GLU GA 24 19.40 -41.17 25.46
C GLU GA 24 18.75 -42.25 24.61
N LEU GA 25 18.76 -43.50 25.07
CA LEU GA 25 18.05 -44.55 24.34
C LEU GA 25 16.54 -44.29 24.30
N GLN GA 26 16.02 -43.64 25.34
CA GLN GA 26 14.62 -43.25 25.35
C GLN GA 26 14.34 -42.19 24.28
N ALA GA 27 15.24 -41.22 24.16
CA ALA GA 27 15.14 -40.26 23.06
C ALA GA 27 15.21 -40.96 21.72
N ALA GA 28 16.07 -41.96 21.61
CA ALA GA 28 16.17 -42.74 20.37
C ALA GA 28 14.86 -43.46 20.08
N PHE GA 29 14.23 -44.03 21.12
CA PHE GA 29 12.90 -44.62 20.97
C PHE GA 29 11.93 -43.61 20.40
N GLY GA 30 11.90 -42.41 20.99
CA GLY GA 30 11.01 -41.37 20.51
C GLY GA 30 11.26 -41.02 19.06
N ARG GA 31 12.52 -40.90 18.68
CA ARG GA 31 12.84 -40.54 17.31
C ARG GA 31 12.42 -41.63 16.34
N PHE GA 32 12.80 -42.87 16.65
CA PHE GA 32 12.49 -43.99 15.77
C PHE GA 32 11.00 -44.22 15.67
N GLU GA 33 10.23 -43.80 16.68
CA GLU GA 33 8.78 -43.93 16.55
C GLU GA 33 8.19 -42.75 15.80
N ARG GA 34 8.72 -41.53 15.98
CA ARG GA 34 8.09 -40.43 15.25
C ARG GA 34 8.49 -40.44 13.78
N ALA GA 35 9.46 -41.28 13.41
CA ALA GA 35 9.94 -41.26 12.03
C ALA GA 35 8.78 -41.31 11.03
N VAL GA 36 7.85 -42.26 11.24
CA VAL GA 36 6.79 -42.46 10.25
C VAL GA 36 5.97 -41.19 10.00
N PRO GA 37 5.44 -40.51 11.02
CA PRO GA 37 4.77 -39.23 10.74
C PRO GA 37 5.64 -38.26 9.96
N ALA GA 38 6.84 -37.95 10.46
CA ALA GA 38 7.70 -36.99 9.79
C ALA GA 38 8.07 -37.47 8.39
N ILE GA 39 8.33 -38.77 8.23
CA ILE GA 39 8.83 -39.24 6.95
C ILE GA 39 7.72 -39.16 5.89
N GLU GA 40 6.50 -39.55 6.25
CA GLU GA 40 5.42 -39.42 5.28
C GLU GA 40 5.09 -37.95 5.04
N ALA GA 41 5.28 -37.10 6.04
CA ALA GA 41 5.10 -35.67 5.83
C ALA GA 41 6.06 -35.14 4.78
N ALA GA 42 7.34 -35.50 4.91
CA ALA GA 42 8.32 -35.10 3.91
C ALA GA 42 7.97 -35.68 2.55
N ARG GA 43 7.47 -36.92 2.54
CA ARG GA 43 7.01 -37.52 1.30
C ARG GA 43 5.95 -36.67 0.63
N ALA GA 44 4.98 -36.19 1.42
CA ALA GA 44 3.95 -35.32 0.87
C ALA GA 44 4.52 -34.01 0.38
N LEU GA 45 5.45 -33.42 1.14
CA LEU GA 45 6.11 -32.19 0.68
C LEU GA 45 6.75 -32.37 -0.67
N THR GA 46 7.50 -33.45 -0.84
CA THR GA 46 8.02 -33.78 -2.16
C THR GA 46 6.88 -33.97 -3.16
N LYS GA 47 5.76 -34.49 -2.70
CA LYS GA 47 4.65 -34.80 -3.60
C LYS GA 47 4.00 -33.54 -4.14
N ASN GA 48 4.13 -32.42 -3.43
CA ASN GA 48 3.45 -31.18 -3.80
C ASN GA 48 4.42 -30.00 -3.96
N GLN GA 49 5.71 -30.28 -4.14
CA GLN GA 49 6.73 -29.25 -3.98
C GLN GA 49 6.58 -28.13 -5.01
N ASP GA 50 6.30 -28.47 -6.27
CA ASP GA 50 6.43 -27.50 -7.34
C ASP GA 50 5.39 -26.39 -7.17
N ALA GA 51 4.16 -26.76 -6.82
CA ALA GA 51 3.17 -25.75 -6.49
C ALA GA 51 3.68 -24.85 -5.38
N LEU GA 52 4.26 -25.46 -4.35
CA LEU GA 52 4.81 -24.68 -3.24
C LEU GA 52 5.79 -23.62 -3.76
N VAL GA 53 6.77 -24.03 -4.55
CA VAL GA 53 7.81 -23.09 -4.94
C VAL GA 53 7.26 -22.01 -5.85
N LYS GA 54 6.50 -22.39 -6.88
CA LYS GA 54 6.07 -21.36 -7.83
C LYS GA 54 5.06 -20.42 -7.20
N GLY GA 55 4.09 -20.96 -6.46
CA GLY GA 55 3.18 -20.10 -5.75
C GLY GA 55 3.87 -19.29 -4.68
N ALA GA 56 5.01 -19.76 -4.18
CA ALA GA 56 5.78 -18.95 -3.25
C ALA GA 56 6.38 -17.74 -3.95
N VAL GA 57 6.90 -17.95 -5.16
CA VAL GA 57 7.38 -16.82 -5.94
C VAL GA 57 6.25 -15.81 -6.13
N GLN GA 58 5.09 -16.31 -6.55
CA GLN GA 58 3.95 -15.43 -6.80
C GLN GA 58 3.49 -14.76 -5.51
N ALA GA 59 3.60 -15.47 -4.38
CA ALA GA 59 3.21 -14.89 -3.10
C ALA GA 59 4.13 -13.76 -2.70
N VAL GA 60 5.44 -13.96 -2.87
CA VAL GA 60 6.39 -12.88 -2.64
C VAL GA 60 6.01 -11.68 -3.48
N PHE GA 61 5.74 -11.89 -4.76
CA PHE GA 61 5.44 -10.76 -5.64
C PHE GA 61 4.13 -10.09 -5.25
N LYS GA 62 3.13 -10.88 -4.87
CA LYS GA 62 1.87 -10.31 -4.41
C LYS GA 62 2.06 -9.51 -3.13
N LYS GA 63 3.06 -9.85 -2.33
CA LYS GA 63 3.43 -9.01 -1.20
C LYS GA 63 4.53 -8.01 -1.54
N PHE GA 64 5.37 -8.32 -2.51
CA PHE GA 64 6.46 -7.45 -2.93
C PHE GA 64 6.41 -7.27 -4.44
N PRO GA 65 5.43 -6.50 -4.94
CA PRO GA 65 5.46 -6.18 -6.37
C PRO GA 65 6.46 -5.09 -6.68
N TYR GA 66 6.65 -4.15 -5.75
CA TYR GA 66 7.56 -3.03 -5.92
C TYR GA 66 9.00 -3.47 -6.08
N VAL GA 67 9.35 -4.70 -5.69
CA VAL GA 67 10.70 -5.20 -5.87
C VAL GA 67 10.92 -5.74 -7.28
N THR GA 68 9.88 -5.81 -8.10
CA THR GA 68 9.96 -6.56 -9.35
C THR GA 68 10.23 -5.67 -10.56
N GLN GA 69 9.97 -4.38 -10.46
CA GLN GA 69 9.99 -3.51 -11.63
C GLN GA 69 11.38 -3.47 -12.25
N PRO GA 70 11.44 -3.22 -13.56
CA PRO GA 70 12.74 -3.04 -14.20
C PRO GA 70 13.56 -1.96 -13.50
N GLY GA 71 14.86 -2.20 -13.41
CA GLY GA 71 15.78 -1.25 -12.83
C GLY GA 71 16.15 -1.48 -11.38
N GLU GA 72 15.52 -2.45 -10.71
CA GLU GA 72 15.93 -2.80 -9.36
C GLU GA 72 16.28 -4.28 -9.33
N LYS GA 73 16.65 -4.75 -8.13
CA LYS GA 73 17.21 -6.08 -7.98
C LYS GA 73 16.27 -7.17 -8.47
N GLY GA 74 15.00 -7.12 -8.06
CA GLY GA 74 14.07 -8.19 -8.37
C GLY GA 74 13.84 -8.43 -9.85
N TYR GA 75 13.94 -7.37 -10.66
CA TYR GA 75 13.84 -7.52 -12.10
C TYR GA 75 14.94 -8.44 -12.62
N GLY GA 76 14.60 -9.20 -13.66
CA GLY GA 76 15.55 -10.10 -14.27
C GLY GA 76 15.02 -11.51 -14.43
N ASP GA 77 15.30 -12.14 -15.56
CA ASP GA 77 14.81 -13.49 -15.82
C ASP GA 77 15.61 -14.52 -15.04
N SER GA 78 16.93 -14.53 -15.25
CA SER GA 78 17.79 -15.41 -14.45
C SER GA 78 17.63 -15.11 -12.97
N ASN GA 79 17.42 -13.84 -12.63
CA ASN GA 79 17.04 -13.50 -11.28
C ASN GA 79 15.86 -14.33 -10.81
N GLN GA 80 14.79 -14.37 -11.62
CA GLN GA 80 13.60 -15.14 -11.26
C GLN GA 80 13.92 -16.62 -11.08
N ALA GA 81 14.67 -17.18 -12.03
CA ALA GA 81 15.03 -18.59 -11.96
C ALA GA 81 15.76 -18.89 -10.66
N LYS GA 82 16.74 -18.06 -10.34
CA LYS GA 82 17.40 -18.03 -9.05
C LYS GA 82 16.46 -17.92 -7.86
N CYS GA 83 15.44 -17.06 -7.91
CA CYS GA 83 14.50 -16.96 -6.80
C CYS GA 83 13.87 -18.31 -6.53
N ALA GA 84 13.31 -18.90 -7.59
CA ALA GA 84 12.67 -20.19 -7.45
C ALA GA 84 13.67 -21.25 -6.98
N ARG GA 85 14.89 -21.18 -7.50
CA ARG GA 85 15.94 -22.10 -7.11
C ARG GA 85 16.16 -22.05 -5.61
N ASP GA 86 16.38 -20.84 -5.08
CA ASP GA 86 16.71 -20.67 -3.66
C ASP GA 86 15.57 -21.17 -2.78
N ILE GA 87 14.34 -20.73 -3.08
CA ILE GA 87 13.23 -21.20 -2.25
C ILE GA 87 13.07 -22.70 -2.38
N GLY GA 88 13.43 -23.25 -3.54
CA GLY GA 88 13.47 -24.69 -3.68
C GLY GA 88 14.41 -25.33 -2.68
N TYR GA 89 15.62 -24.76 -2.52
CA TYR GA 89 16.51 -25.34 -1.53
C TYR GA 89 15.93 -25.21 -0.13
N TYR GA 90 15.28 -24.08 0.15
CA TYR GA 90 14.70 -23.92 1.48
C TYR GA 90 13.69 -25.02 1.77
N LEU GA 91 12.75 -25.23 0.85
CA LEU GA 91 11.81 -26.34 1.00
C LEU GA 91 12.55 -27.67 1.13
N ARG GA 92 13.57 -27.87 0.30
CA ARG GA 92 14.34 -29.09 0.27
C ARG GA 92 14.96 -29.41 1.63
N PHE GA 93 15.66 -28.43 2.18
CA PHE GA 93 16.30 -28.61 3.48
C PHE GA 93 15.29 -28.74 4.59
N ILE GA 94 14.12 -28.13 4.45
CA ILE GA 94 13.04 -28.41 5.40
C ILE GA 94 12.68 -29.90 5.34
N THR GA 95 12.57 -30.44 4.13
CA THR GA 95 12.28 -31.86 4.00
C THR GA 95 13.36 -32.70 4.64
N TYR GA 96 14.63 -32.35 4.39
CA TYR GA 96 15.72 -33.06 5.05
C TYR GA 96 15.59 -32.99 6.56
N SER GA 97 15.23 -31.82 7.08
CA SER GA 97 15.05 -31.68 8.52
C SER GA 97 13.99 -32.64 9.02
N LEU GA 98 12.86 -32.71 8.32
CA LEU GA 98 11.81 -33.66 8.68
C LEU GA 98 12.37 -35.08 8.72
N VAL GA 99 13.11 -35.45 7.67
CA VAL GA 99 13.61 -36.82 7.57
C VAL GA 99 14.56 -37.12 8.72
N ALA GA 100 15.52 -36.22 8.96
CA ALA GA 100 16.45 -36.38 10.06
C ALA GA 100 15.79 -36.26 11.42
N SER GA 101 14.58 -35.72 11.47
CA SER GA 101 13.90 -35.44 12.74
C SER GA 101 14.77 -34.60 13.66
N GLY GA 102 15.64 -33.79 13.06
CA GLY GA 102 16.47 -32.87 13.81
C GLY GA 102 16.68 -31.61 13.00
N THR GA 103 16.80 -30.50 13.71
CA THR GA 103 16.99 -29.19 13.10
C THR GA 103 18.36 -29.06 12.43
N GLY GA 104 19.11 -30.15 12.50
CA GLY GA 104 20.46 -30.20 12.00
C GLY GA 104 20.66 -29.65 10.62
N PRO GA 105 20.11 -30.30 9.59
CA PRO GA 105 20.44 -29.91 8.21
C PRO GA 105 20.26 -28.44 7.95
N LEU GA 106 19.20 -27.83 8.48
CA LEU GA 106 19.04 -26.39 8.36
C LEU GA 106 20.24 -25.67 8.98
N ASP GA 107 20.59 -26.05 10.21
CA ASP GA 107 21.73 -25.44 10.88
C ASP GA 107 23.00 -25.57 10.05
N ASP GA 108 23.31 -26.80 9.61
CA ASP GA 108 24.56 -27.05 8.94
C ASP GA 108 24.65 -26.30 7.63
N TYR GA 109 23.57 -26.27 6.85
CA TYR GA 109 23.67 -25.70 5.52
C TYR GA 109 23.24 -24.23 5.49
N VAL GA 110 22.00 -23.93 5.83
CA VAL GA 110 21.52 -22.58 5.61
C VAL GA 110 21.64 -21.70 6.84
N ILE GA 111 21.44 -22.26 8.05
CA ILE GA 111 21.56 -21.42 9.23
C ILE GA 111 23.03 -21.11 9.51
N ALA GA 112 23.94 -21.91 8.97
CA ALA GA 112 25.36 -21.63 9.10
C ALA GA 112 25.74 -20.49 8.16
N GLY GA 113 25.84 -19.29 8.71
CA GLY GA 113 26.40 -18.19 7.97
C GLY GA 113 25.47 -17.48 7.01
N LEU GA 114 24.16 -17.62 7.19
CA LEU GA 114 23.23 -16.91 6.33
C LEU GA 114 23.36 -15.40 6.47
N ARG GA 115 23.44 -14.89 7.69
CA ARG GA 115 23.29 -13.46 7.93
C ARG GA 115 24.28 -12.65 7.08
N GLU GA 116 25.55 -13.04 7.10
CA GLU GA 116 26.56 -12.24 6.43
C GLU GA 116 26.50 -12.39 4.91
N VAL GA 117 26.10 -13.54 4.38
CA VAL GA 117 25.95 -13.60 2.93
C VAL GA 117 24.78 -12.74 2.49
N ASN GA 118 23.70 -12.68 3.28
CA ASN GA 118 22.63 -11.74 2.95
C ASN GA 118 23.13 -10.30 2.97
N ARG GA 119 23.85 -9.92 4.02
CA ARG GA 119 24.44 -8.59 4.07
C ARG GA 119 25.38 -8.33 2.90
N ALA GA 120 26.07 -9.37 2.41
CA ALA GA 120 26.94 -9.20 1.25
C ALA GA 120 26.12 -8.96 0.00
N PHE GA 121 25.01 -9.66 -0.15
CA PHE GA 121 24.19 -9.57 -1.35
C PHE GA 121 22.93 -8.73 -1.16
N ASN GA 122 22.74 -8.16 0.03
CA ASN GA 122 21.59 -7.29 0.32
C ASN GA 122 20.27 -8.06 0.27
N LEU GA 123 20.33 -9.38 0.44
CA LEU GA 123 19.13 -10.19 0.37
C LEU GA 123 18.32 -10.02 1.64
N ASN GA 124 17.15 -9.42 1.52
CA ASN GA 124 16.27 -9.25 2.67
C ASN GA 124 15.72 -10.61 3.08
N PRO GA 125 15.99 -11.08 4.30
CA PRO GA 125 15.41 -12.34 4.74
C PRO GA 125 13.90 -12.33 4.78
N LEU GA 126 13.29 -11.18 5.03
CA LEU GA 126 11.84 -11.10 5.15
C LEU GA 126 11.15 -11.71 3.93
N TRP GA 127 11.75 -11.52 2.75
CA TRP GA 127 11.28 -12.18 1.55
C TRP GA 127 11.09 -13.67 1.76
N TYR GA 128 12.17 -14.34 2.13
CA TYR GA 128 12.09 -15.77 2.40
C TYR GA 128 11.11 -16.06 3.52
N ILE GA 129 10.94 -15.11 4.44
CA ILE GA 129 10.03 -15.30 5.53
C ILE GA 129 8.59 -15.39 5.04
N GLU GA 130 8.18 -14.48 4.15
CA GLU GA 130 6.80 -14.58 3.68
C GLU GA 130 6.65 -15.76 2.74
N ALA GA 131 7.72 -16.13 2.03
CA ALA GA 131 7.64 -17.35 1.23
C ALA GA 131 7.33 -18.54 2.12
N LEU GA 132 8.00 -18.65 3.26
CA LEU GA 132 7.73 -19.74 4.17
C LEU GA 132 6.35 -19.59 4.83
N ASN GA 133 5.89 -18.36 5.06
CA ASN GA 133 4.54 -18.18 5.57
C ASN GA 133 3.51 -18.71 4.59
N TYR GA 134 3.71 -18.41 3.31
CA TYR GA 134 2.92 -19.04 2.26
C TYR GA 134 2.98 -20.55 2.39
N ILE GA 135 4.19 -21.09 2.53
CA ILE GA 135 4.37 -22.54 2.62
C ILE GA 135 3.56 -23.11 3.77
N LYS GA 136 3.61 -22.48 4.94
CA LYS GA 136 2.88 -23.00 6.08
C LYS GA 136 1.39 -22.88 5.87
N GLY GA 137 0.95 -21.81 5.19
CA GLY GA 137 -0.45 -21.70 4.84
C GLY GA 137 -0.94 -22.90 4.04
N GLU GA 138 -0.12 -23.33 3.07
CA GLU GA 138 -0.54 -24.51 2.32
C GLU GA 138 -0.41 -25.79 3.13
N THR GA 139 0.68 -25.97 3.87
CA THR GA 139 0.85 -27.23 4.59
C THR GA 139 -0.18 -27.41 5.68
N GLY GA 140 -0.80 -26.32 6.14
CA GLY GA 140 -1.93 -26.48 7.05
C GLY GA 140 -3.00 -27.38 6.47
N LYS GA 141 -3.28 -27.24 5.17
CA LYS GA 141 -4.29 -28.05 4.50
C LYS GA 141 -3.71 -29.33 3.91
N LEU GA 142 -2.51 -29.25 3.33
CA LEU GA 142 -1.96 -30.41 2.63
C LEU GA 142 -1.43 -31.46 3.61
N LEU GA 143 -1.36 -31.12 4.89
CA LEU GA 143 -0.84 -32.03 5.88
C LEU GA 143 -1.63 -31.89 7.18
N SER GA 144 -1.63 -32.97 7.96
CA SER GA 144 -2.56 -33.09 9.09
C SER GA 144 -1.88 -33.67 10.32
N GLY GA 145 -2.48 -33.42 11.47
CA GLY GA 145 -2.11 -34.11 12.70
C GLY GA 145 -0.70 -33.80 13.17
N GLN GA 146 -0.05 -34.80 13.77
CA GLN GA 146 1.29 -34.59 14.30
C GLN GA 146 2.27 -34.24 13.20
N SER GA 147 2.02 -34.72 11.99
CA SER GA 147 2.92 -34.43 10.89
C SER GA 147 2.92 -32.95 10.55
N LYS GA 148 1.73 -32.36 10.39
CA LYS GA 148 1.69 -30.92 10.17
C LYS GA 148 2.25 -30.18 11.37
N THR GA 149 2.05 -30.73 12.58
CA THR GA 149 2.61 -30.11 13.77
C THR GA 149 4.11 -29.98 13.66
N GLU GA 150 4.81 -31.09 13.47
CA GLU GA 150 6.27 -31.06 13.43
C GLU GA 150 6.78 -30.30 12.22
N ALA GA 151 6.13 -30.41 11.07
CA ALA GA 151 6.57 -29.64 9.91
C ALA GA 151 6.47 -28.15 10.19
N LEU GA 152 5.37 -27.73 10.80
CA LEU GA 152 5.21 -26.34 11.18
C LEU GA 152 6.28 -25.93 12.17
N LEU GA 153 6.60 -26.81 13.12
CA LEU GA 153 7.62 -26.50 14.10
C LEU GA 153 8.96 -26.24 13.42
N TYR GA 154 9.35 -27.12 12.50
CA TYR GA 154 10.63 -26.98 11.83
C TYR GA 154 10.68 -25.71 10.99
N ILE GA 155 9.62 -25.43 10.24
CA ILE GA 155 9.63 -24.23 9.40
C ILE GA 155 9.58 -22.98 10.26
N ASP GA 156 8.91 -23.06 11.42
CA ASP GA 156 8.93 -21.94 12.34
C ASP GA 156 10.34 -21.66 12.81
N HIS GA 157 11.09 -22.70 13.19
CA HIS GA 157 12.47 -22.48 13.60
C HIS GA 157 13.30 -21.96 12.42
N ALA GA 158 12.94 -22.36 11.20
CA ALA GA 158 13.60 -21.80 10.03
C ALA GA 158 13.38 -20.31 9.95
N ILE GA 159 12.15 -19.85 10.18
CA ILE GA 159 11.88 -18.42 10.21
C ILE GA 159 12.68 -17.76 11.33
N ASN GA 160 12.66 -18.36 12.52
CA ASN GA 160 13.40 -17.81 13.64
C ASN GA 160 14.86 -17.60 13.29
N ALA GA 161 15.44 -18.54 12.54
CA ALA GA 161 16.76 -18.32 11.98
C ALA GA 161 16.77 -17.12 11.03
N LEU GA 162 15.82 -17.10 10.09
CA LEU GA 162 15.75 -15.98 9.16
C LEU GA 162 15.37 -14.68 9.85
N SER GA 163 14.74 -14.77 11.02
CA SER GA 163 14.25 -13.58 11.71
C SER GA 163 15.39 -12.66 12.12
N MET HA 1 16.71 -25.23 42.40
CA MET HA 1 16.66 -25.84 41.08
C MET HA 1 16.05 -27.22 41.20
N ASN HA 2 14.73 -27.30 41.03
CA ASN HA 2 13.99 -28.54 41.11
C ASN HA 2 12.72 -28.41 40.28
N ASP HA 3 12.10 -29.54 40.01
CA ASP HA 3 10.75 -29.57 39.47
C ASP HA 3 9.83 -30.22 40.49
N VAL HA 4 8.56 -30.41 40.11
CA VAL HA 4 7.64 -31.11 41.00
C VAL HA 4 8.10 -32.54 41.23
N PHE HA 5 8.61 -33.18 40.17
CA PHE HA 5 9.05 -34.57 40.28
C PHE HA 5 10.24 -34.68 41.22
N THR HA 6 11.28 -33.90 40.95
CA THR HA 6 12.49 -33.93 41.77
C THR HA 6 12.21 -33.52 43.20
N ARG HA 7 11.42 -32.46 43.38
CA ARG HA 7 11.14 -31.99 44.74
C ARG HA 7 10.32 -33.01 45.50
N ALA HA 8 9.34 -33.65 44.83
CA ALA HA 8 8.56 -34.69 45.49
C ALA HA 8 9.45 -35.86 45.91
N ILE HA 9 10.35 -36.30 45.02
CA ILE HA 9 11.28 -37.35 45.37
C ILE HA 9 12.18 -36.89 46.52
N ALA HA 10 12.50 -35.60 46.55
CA ALA HA 10 13.30 -35.06 47.65
C ALA HA 10 12.58 -35.20 48.97
N GLN HA 11 11.30 -34.84 49.02
CA GLN HA 11 10.52 -35.06 50.24
C GLN HA 11 10.44 -36.54 50.60
N ALA HA 12 10.28 -37.40 49.60
CA ALA HA 12 10.21 -38.83 49.87
C ALA HA 12 11.50 -39.31 50.52
N ASP HA 13 12.65 -38.84 50.03
CA ASP HA 13 13.91 -39.19 50.66
C ASP HA 13 14.04 -38.53 52.03
N LEU HA 14 13.44 -37.36 52.21
CA LEU HA 14 13.46 -36.71 53.52
C LEU HA 14 12.79 -37.57 54.57
N LYS HA 15 11.57 -38.03 54.31
CA LYS HA 15 10.93 -38.91 55.28
C LYS HA 15 11.64 -40.25 55.34
N GLY HA 16 12.37 -40.61 54.28
CA GLY HA 16 13.11 -41.86 54.26
C GLY HA 16 12.23 -43.02 53.79
N SER HA 17 10.93 -42.77 53.74
CA SER HA 17 10.00 -43.80 53.32
C SER HA 17 9.72 -43.69 51.83
N PHE HA 18 9.01 -44.69 51.31
CA PHE HA 18 8.71 -44.77 49.89
C PHE HA 18 7.60 -43.79 49.53
N LEU HA 19 7.40 -43.60 48.23
CA LEU HA 19 6.35 -42.72 47.76
C LEU HA 19 4.98 -43.22 48.21
N LEU HA 20 4.10 -42.29 48.53
CA LEU HA 20 2.72 -42.60 48.84
C LEU HA 20 1.96 -42.84 47.53
N GLU HA 21 0.91 -43.66 47.62
CA GLU HA 21 0.07 -43.89 46.45
C GLU HA 21 -0.47 -42.59 45.88
N SER HA 22 -1.00 -41.72 46.74
CA SER HA 22 -1.55 -40.44 46.28
C SER HA 22 -0.48 -39.58 45.64
N ASP HA 23 0.75 -39.64 46.16
CA ASP HA 23 1.85 -38.92 45.53
C ASP HA 23 2.02 -39.38 44.09
N LEU HA 24 2.14 -40.69 43.88
CA LEU HA 24 2.24 -41.24 42.54
C LEU HA 24 1.04 -40.85 41.69
N ASP HA 25 -0.13 -40.71 42.30
CA ASP HA 25 -1.32 -40.32 41.55
C ASP HA 25 -1.21 -38.88 41.05
N LYS HA 26 -0.78 -37.96 41.93
CA LYS HA 26 -0.51 -36.60 41.48
C LYS HA 26 0.54 -36.60 40.38
N LEU HA 27 1.53 -37.49 40.49
CA LEU HA 27 2.58 -37.57 39.50
C LEU HA 27 2.01 -37.97 38.14
N ALA HA 28 1.16 -38.99 38.13
CA ALA HA 28 0.51 -39.40 36.90
C ALA HA 28 -0.36 -38.29 36.34
N SER HA 29 -1.05 -37.57 37.23
CA SER HA 29 -1.88 -36.44 36.78
C SER HA 29 -1.02 -35.39 36.09
N PHE HA 30 0.14 -35.10 36.64
CA PHE HA 30 1.08 -34.20 35.97
C PHE HA 30 1.50 -34.78 34.62
N ALA HA 31 1.88 -36.05 34.60
CA ALA HA 31 2.48 -36.63 33.39
C ALA HA 31 1.48 -36.67 32.23
N LYS HA 32 0.30 -37.23 32.46
CA LYS HA 32 -0.66 -37.36 31.37
C LYS HA 32 -1.10 -35.98 30.87
N GLU HA 33 -1.32 -35.04 31.79
CA GLU HA 33 -1.59 -33.66 31.40
C GLU HA 33 -0.33 -32.91 31.00
N GLY HA 34 0.81 -33.59 30.93
CA GLY HA 34 2.05 -32.92 30.62
C GLY HA 34 2.08 -32.34 29.22
N VAL HA 35 1.56 -33.10 28.25
CA VAL HA 35 1.68 -32.67 26.85
C VAL HA 35 0.95 -31.36 26.62
N LYS HA 36 -0.10 -31.09 27.40
CA LYS HA 36 -0.73 -29.78 27.39
C LYS HA 36 0.29 -28.69 27.69
N ARG HA 37 1.01 -28.84 28.81
CA ARG HA 37 2.00 -27.86 29.22
C ARG HA 37 3.11 -27.76 28.18
N LEU HA 38 3.48 -28.89 27.58
CA LEU HA 38 4.50 -28.87 26.55
C LEU HA 38 4.06 -28.05 25.35
N ASP HA 39 2.82 -28.25 24.90
CA ASP HA 39 2.33 -27.45 23.78
C ASP HA 39 2.31 -25.98 24.15
N ALA HA 40 1.94 -25.68 25.39
CA ALA HA 40 1.96 -24.30 25.85
C ALA HA 40 3.36 -23.69 25.74
N VAL HA 41 4.36 -24.37 26.30
CA VAL HA 41 5.72 -23.83 26.28
C VAL HA 41 6.23 -23.73 24.85
N ALA HA 42 5.88 -24.70 24.01
CA ALA HA 42 6.31 -24.66 22.61
C ALA HA 42 5.74 -23.44 21.90
N ALA HA 43 4.44 -23.18 22.10
CA ALA HA 43 3.84 -21.99 21.52
C ALA HA 43 4.52 -20.72 22.04
N LEU HA 44 4.81 -20.70 23.34
CA LEU HA 44 5.51 -19.56 23.91
C LEU HA 44 6.85 -19.33 23.22
N THR HA 45 7.65 -20.38 23.10
CA THR HA 45 8.94 -20.26 22.44
C THR HA 45 8.78 -19.76 21.01
N ASN HA 46 7.83 -20.32 20.27
CA ASN HA 46 7.67 -19.93 18.87
C ASN HA 46 7.27 -18.47 18.74
N ASN HA 47 6.34 -18.00 19.57
CA ASN HA 47 5.86 -16.64 19.47
C ASN HA 47 6.71 -15.62 20.21
N ALA HA 48 7.75 -16.08 20.91
CA ALA HA 48 8.60 -15.19 21.70
C ALA HA 48 8.98 -13.88 21.04
N PRO HA 49 9.62 -13.84 19.87
CA PRO HA 49 10.13 -12.55 19.37
C PRO HA 49 9.05 -11.51 19.17
N ALA HA 50 7.87 -11.92 18.68
CA ALA HA 50 6.77 -10.97 18.55
C ALA HA 50 6.31 -10.47 19.92
N ILE HA 51 6.30 -11.35 20.91
CA ILE HA 51 5.93 -10.96 22.27
C ILE HA 51 6.89 -9.89 22.77
N ILE HA 52 8.19 -10.11 22.59
CA ILE HA 52 9.17 -9.13 23.01
C ILE HA 52 8.93 -7.81 22.30
N SER HA 53 8.74 -7.87 20.98
CA SER HA 53 8.63 -6.65 20.19
C SER HA 53 7.41 -5.83 20.60
N ASP HA 54 6.25 -6.46 20.71
CA ASP HA 54 5.03 -5.68 20.97
C ASP HA 54 4.97 -5.22 22.42
N ALA HA 55 5.48 -6.04 23.35
CA ALA HA 55 5.57 -5.57 24.73
C ALA HA 55 6.54 -4.40 24.84
N ALA HA 56 7.61 -4.39 24.04
CA ALA HA 56 8.49 -3.23 23.99
C ALA HA 56 7.77 -2.02 23.42
N HIS HA 57 6.91 -2.24 22.42
CA HIS HA 57 6.11 -1.14 21.89
C HIS HA 57 5.23 -0.53 22.96
N LYS HA 58 4.58 -1.37 23.76
CA LYS HA 58 3.77 -0.86 24.87
C LYS HA 58 4.64 -0.15 25.90
N LEU HA 59 5.80 -0.72 26.20
CA LEU HA 59 6.79 -0.08 27.07
C LEU HA 59 7.09 1.34 26.62
N PHE HA 60 7.40 1.51 25.34
CA PHE HA 60 7.75 2.83 24.84
C PHE HA 60 6.54 3.75 24.76
N ALA HA 61 5.36 3.18 24.50
CA ALA HA 61 4.16 3.98 24.44
C ALA HA 61 3.84 4.60 25.80
N GLU HA 62 3.89 3.79 26.86
CA GLU HA 62 3.41 4.28 28.15
C GLU HA 62 4.47 5.07 28.91
N GLN HA 63 5.73 5.05 28.48
CA GLN HA 63 6.75 5.95 29.03
C GLN HA 63 7.67 6.42 27.92
N GLN HA 64 7.95 7.73 27.91
CA GLN HA 64 8.85 8.33 26.94
C GLN HA 64 10.25 8.59 27.50
N GLU HA 65 10.39 8.65 28.82
CA GLU HA 65 11.62 9.15 29.43
C GLU HA 65 12.82 8.30 29.04
N LEU HA 66 12.67 6.98 29.06
CA LEU HA 66 13.77 6.11 28.66
C LEU HA 66 14.21 6.39 27.22
N ILE HA 67 13.26 6.77 26.36
CA ILE HA 67 13.62 7.16 25.01
C ILE HA 67 14.41 8.47 25.04
N GLN HA 68 14.05 9.38 25.93
CA GLN HA 68 14.75 10.64 26.05
C GLN HA 68 16.15 10.42 26.63
N PRO HA 69 17.07 11.36 26.40
CA PRO HA 69 18.42 11.22 26.94
C PRO HA 69 18.40 11.09 28.46
N GLY HA 70 19.31 10.25 28.96
CA GLY HA 70 19.38 9.95 30.37
C GLY HA 70 18.52 8.79 30.82
N GLY HA 71 17.66 8.27 29.95
CA GLY HA 71 16.85 7.12 30.32
C GLY HA 71 17.71 5.89 30.57
N ASN HA 72 17.21 5.03 31.46
CA ASN HA 72 17.94 3.80 31.77
C ASN HA 72 18.13 2.93 30.53
N ALA HA 73 17.30 3.13 29.51
CA ALA HA 73 17.47 2.46 28.23
C ALA HA 73 17.84 3.43 27.12
N TYR HA 74 18.14 4.69 27.45
CA TYR HA 74 18.36 5.69 26.41
C TYR HA 74 19.49 5.35 25.46
N PRO HA 75 20.68 4.96 25.91
CA PRO HA 75 21.70 4.52 24.97
C PRO HA 75 21.24 3.27 24.25
N HIS HA 76 21.66 3.14 22.99
CA HIS HA 76 21.26 2.02 22.17
C HIS HA 76 21.58 0.68 22.83
N ARG HA 77 22.77 0.57 23.41
CA ARG HA 77 23.12 -0.69 24.04
C ARG HA 77 22.43 -0.89 25.40
N ARG HA 78 22.05 0.19 26.08
CA ARG HA 78 21.27 -0.01 27.29
C ARG HA 78 19.85 -0.49 26.97
N MET HA 79 19.22 0.04 25.93
CA MET HA 79 17.93 -0.52 25.54
C MET HA 79 18.08 -1.92 24.98
N ALA HA 80 19.19 -2.22 24.31
CA ALA HA 80 19.46 -3.58 23.89
C ALA HA 80 19.51 -4.52 25.09
N ALA HA 81 20.18 -4.08 26.17
CA ALA HA 81 20.16 -4.83 27.41
C ALA HA 81 18.75 -4.98 27.94
N CYS HA 82 17.96 -3.92 27.89
CA CYS HA 82 16.56 -4.00 28.30
C CYS HA 82 15.85 -5.14 27.57
N LEU HA 83 15.99 -5.18 26.25
CA LEU HA 83 15.31 -6.20 25.45
C LEU HA 83 15.81 -7.59 25.80
N ARG HA 84 17.13 -7.78 25.84
CA ARG HA 84 17.64 -9.11 26.15
C ARG HA 84 17.22 -9.54 27.55
N ASP HA 85 16.99 -8.57 28.44
CA ASP HA 85 16.59 -8.92 29.79
C ASP HA 85 15.15 -9.37 29.86
N MET HA 86 14.22 -8.70 29.16
CA MET HA 86 12.88 -9.28 29.09
C MET HA 86 12.94 -10.65 28.43
N GLU HA 87 13.77 -10.80 27.41
CA GLU HA 87 13.96 -12.10 26.78
C GLU HA 87 14.33 -13.16 27.81
N ILE HA 88 15.36 -12.89 28.61
CA ILE HA 88 15.88 -13.93 29.48
C ILE HA 88 14.93 -14.19 30.65
N ILE HA 89 14.23 -13.16 31.13
CA ILE HA 89 13.30 -13.39 32.22
C ILE HA 89 12.10 -14.22 31.75
N LEU HA 90 11.57 -13.91 30.57
CA LEU HA 90 10.50 -14.76 30.06
C LEU HA 90 11.02 -16.16 29.74
N ARG HA 91 12.30 -16.26 29.36
CA ARG HA 91 12.90 -17.57 29.15
C ARG HA 91 12.90 -18.38 30.43
N TYR HA 92 13.30 -17.77 31.55
CA TYR HA 92 13.26 -18.47 32.82
C TYR HA 92 11.84 -18.79 33.24
N VAL HA 93 10.89 -17.91 32.89
CA VAL HA 93 9.49 -18.24 33.11
C VAL HA 93 9.13 -19.51 32.35
N SER HA 94 9.55 -19.60 31.09
CA SER HA 94 9.30 -20.80 30.30
C SER HA 94 9.93 -22.03 30.94
N TYR HA 95 11.18 -21.90 31.40
CA TYR HA 95 11.85 -23.03 32.05
C TYR HA 95 11.04 -23.50 33.25
N ALA HA 96 10.83 -22.63 34.23
CA ALA HA 96 10.11 -23.02 35.44
C ALA HA 96 8.73 -23.55 35.10
N LEU HA 97 8.11 -22.99 34.06
CA LEU HA 97 6.81 -23.49 33.62
C LEU HA 97 6.90 -24.93 33.17
N LEU HA 98 7.88 -25.25 32.31
CA LEU HA 98 8.02 -26.63 31.86
C LEU HA 98 8.31 -27.55 33.05
N ALA HA 99 9.19 -27.11 33.94
CA ALA HA 99 9.50 -27.91 35.12
C ALA HA 99 8.32 -27.95 36.08
N GLY HA 100 7.44 -26.96 36.01
CA GLY HA 100 6.32 -26.89 36.92
C GLY HA 100 6.67 -26.51 38.34
N ASP HA 101 7.91 -26.09 38.59
CA ASP HA 101 8.33 -25.64 39.91
C ASP HA 101 9.03 -24.30 39.79
N ALA HA 102 8.80 -23.44 40.78
CA ALA HA 102 9.42 -22.13 40.82
C ALA HA 102 10.87 -22.17 41.27
N SER HA 103 11.30 -23.24 41.96
CA SER HA 103 12.64 -23.30 42.55
C SER HA 103 13.73 -23.16 41.51
N VAL HA 104 13.53 -23.73 40.32
CA VAL HA 104 14.54 -23.64 39.28
C VAL HA 104 14.77 -22.19 38.87
N LEU HA 105 13.69 -21.39 38.81
CA LEU HA 105 13.86 -19.98 38.56
C LEU HA 105 14.54 -19.30 39.74
N ASP HA 106 14.10 -19.63 40.96
CA ASP HA 106 14.65 -18.97 42.16
C ASP HA 106 16.16 -19.11 42.21
N ASP HA 107 16.66 -20.34 42.37
CA ASP HA 107 18.09 -20.55 42.59
C ASP HA 107 18.92 -20.05 41.41
N ARG HA 108 18.47 -20.31 40.18
CA ARG HA 108 19.28 -20.00 39.02
C ARG HA 108 19.31 -18.51 38.71
N CYS HA 109 18.26 -17.77 39.06
CA CYS HA 109 18.29 -16.38 38.65
C CYS HA 109 18.20 -15.39 39.80
N LEU HA 110 17.22 -15.57 40.71
CA LEU HA 110 16.80 -14.48 41.58
C LEU HA 110 17.94 -14.02 42.49
N ASN HA 111 18.69 -14.96 43.04
CA ASN HA 111 19.68 -14.63 44.06
C ASN HA 111 20.70 -13.63 43.54
N GLY HA 112 21.13 -13.81 42.29
CA GLY HA 112 22.04 -12.84 41.70
C GLY HA 112 21.34 -11.64 41.08
N LEU HA 113 20.18 -11.86 40.46
CA LEU HA 113 19.52 -10.78 39.75
C LEU HA 113 19.07 -9.68 40.70
N ARG HA 114 18.68 -10.03 41.93
CA ARG HA 114 18.22 -8.99 42.84
C ARG HA 114 19.30 -7.95 43.05
N GLU HA 115 20.49 -8.41 43.46
CA GLU HA 115 21.61 -7.49 43.68
C GLU HA 115 22.03 -6.82 42.38
N THR HA 116 22.04 -7.56 41.28
CA THR HA 116 22.46 -6.97 40.01
C THR HA 116 21.59 -5.77 39.65
N TYR HA 117 20.28 -5.96 39.64
CA TYR HA 117 19.38 -4.88 39.26
C TYR HA 117 19.35 -3.76 40.30
N ASN HA 118 19.42 -4.09 41.59
CA ASN HA 118 19.45 -3.02 42.59
C ASN HA 118 20.70 -2.18 42.47
N ALA HA 119 21.84 -2.79 42.13
CA ALA HA 119 23.04 -2.02 41.87
C ALA HA 119 22.92 -1.19 40.60
N LEU HA 120 22.31 -1.75 39.55
CA LEU HA 120 22.17 -1.03 38.29
C LEU HA 120 21.31 0.22 38.42
N GLY HA 121 20.44 0.28 39.41
CA GLY HA 121 19.62 1.46 39.62
C GLY HA 121 18.40 1.57 38.73
N THR HA 122 18.14 0.57 37.90
CA THR HA 122 16.93 0.57 37.09
C THR HA 122 15.71 0.44 38.00
N PRO HA 123 14.65 1.24 37.76
CA PRO HA 123 13.43 1.10 38.58
C PRO HA 123 12.84 -0.29 38.54
N THR HA 124 12.84 -0.96 39.70
CA THR HA 124 12.34 -2.32 39.81
C THR HA 124 10.85 -2.42 39.49
N GLN HA 125 10.06 -1.43 39.92
CA GLN HA 125 8.64 -1.43 39.57
C GLN HA 125 8.44 -1.36 38.06
N SER HA 126 9.29 -0.60 37.37
CA SER HA 126 9.18 -0.50 35.92
C SER HA 126 9.42 -1.85 35.26
N VAL HA 127 10.45 -2.56 35.71
CA VAL HA 127 10.73 -3.88 35.16
C VAL HA 127 9.60 -4.85 35.50
N ALA HA 128 9.01 -4.70 36.69
CA ALA HA 128 7.92 -5.58 37.08
C ALA HA 128 6.69 -5.38 36.20
N ARG HA 129 6.32 -4.14 35.92
CA ARG HA 129 5.16 -3.95 35.03
C ARG HA 129 5.52 -4.24 33.58
N ALA HA 130 6.81 -4.19 33.25
CA ALA HA 130 7.25 -4.73 31.97
C ALA HA 130 7.04 -6.24 31.92
N VAL HA 131 7.29 -6.92 33.03
CA VAL HA 131 6.95 -8.34 33.14
C VAL HA 131 5.45 -8.52 32.97
N GLN HA 132 4.67 -7.59 33.49
CA GLN HA 132 3.22 -7.64 33.30
C GLN HA 132 2.86 -7.52 31.82
N LEU HA 133 3.54 -6.63 31.09
CA LEU HA 133 3.33 -6.53 29.65
C LEU HA 133 3.70 -7.85 28.96
N MET HA 134 4.84 -8.43 29.37
CA MET HA 134 5.23 -9.75 28.88
C MET HA 134 4.10 -10.74 29.11
N LYS HA 135 3.54 -10.73 30.32
CA LYS HA 135 2.46 -11.63 30.70
C LYS HA 135 1.26 -11.44 29.79
N ASP HA 136 0.90 -10.19 29.53
CA ASP HA 136 -0.26 -9.91 28.69
C ASP HA 136 -0.07 -10.44 27.28
N ALA HA 137 1.07 -10.12 26.67
CA ALA HA 137 1.32 -10.61 25.31
C ALA HA 137 1.40 -12.13 25.28
N ALA HA 138 2.04 -12.72 26.28
CA ALA HA 138 2.16 -14.17 26.34
C ALA HA 138 0.80 -14.82 26.51
N MET HA 139 -0.09 -14.22 27.30
CA MET HA 139 -1.44 -14.76 27.45
C MET HA 139 -2.23 -14.60 26.17
N VAL HA 140 -2.00 -13.52 25.42
CA VAL HA 140 -2.61 -13.38 24.11
C VAL HA 140 -2.22 -14.54 23.22
N HIS HA 141 -0.92 -14.81 23.13
CA HIS HA 141 -0.48 -15.88 22.24
C HIS HA 141 -0.74 -17.27 22.80
N LEU HA 142 -0.94 -17.39 24.11
CA LEU HA 142 -1.26 -18.68 24.70
C LEU HA 142 -2.73 -19.01 24.52
N LYS HA 143 -3.59 -17.99 24.59
CA LYS HA 143 -5.00 -18.20 24.26
C LYS HA 143 -5.17 -18.61 22.81
N SER HA 144 -4.18 -18.32 21.97
CA SER HA 144 -4.21 -18.68 20.56
C SER HA 144 -4.31 -20.19 20.37
N THR HA 145 -5.37 -20.64 19.71
CA THR HA 145 -5.56 -22.04 19.34
C THR HA 145 -5.00 -22.34 17.97
N ALA HA 146 -3.99 -21.60 17.55
CA ALA HA 146 -3.49 -21.69 16.19
C ALA HA 146 -2.93 -23.09 15.90
N ASN HA 147 -3.63 -23.82 15.03
CA ASN HA 147 -3.19 -25.11 14.53
C ASN HA 147 -2.88 -26.10 15.66
N VAL HA 148 -3.83 -26.28 16.57
CA VAL HA 148 -3.72 -27.28 17.63
C VAL HA 148 -5.12 -27.76 17.97
N THR HA 149 -5.20 -29.02 18.39
CA THR HA 149 -6.45 -29.56 18.89
C THR HA 149 -6.95 -28.72 20.06
N VAL HA 150 -8.26 -28.56 20.16
CA VAL HA 150 -8.84 -27.70 21.17
C VAL HA 150 -9.11 -28.50 22.44
N GLY HA 151 -8.99 -27.84 23.59
CA GLY HA 151 -9.16 -28.50 24.87
C GLY HA 151 -9.11 -27.48 25.99
N ASP HA 152 -9.03 -28.01 27.21
CA ASP HA 152 -9.05 -27.18 28.41
C ASP HA 152 -7.63 -26.95 28.92
N CYS HA 153 -7.29 -25.69 29.19
CA CYS HA 153 -5.98 -25.31 29.70
C CYS HA 153 -6.09 -24.21 30.76
N SER HA 154 -7.24 -24.13 31.45
CA SER HA 154 -7.44 -23.07 32.42
C SER HA 154 -6.40 -23.11 33.54
N SER HA 155 -6.12 -24.32 34.05
CA SER HA 155 -5.10 -24.45 35.08
C SER HA 155 -3.74 -23.99 34.56
N LEU HA 156 -3.43 -24.32 33.31
CA LEU HA 156 -2.16 -23.89 32.73
C LEU HA 156 -2.11 -22.36 32.63
N TYR HA 157 -3.21 -21.74 32.23
CA TYR HA 157 -3.25 -20.29 32.20
C TYR HA 157 -3.02 -19.71 33.59
N SER HA 158 -3.68 -20.26 34.60
CA SER HA 158 -3.53 -19.78 35.97
C SER HA 158 -2.09 -19.89 36.44
N GLU HA 159 -1.46 -21.05 36.22
CA GLU HA 159 -0.09 -21.24 36.69
C GLU HA 159 0.90 -20.41 35.90
N ALA HA 160 0.66 -20.18 34.60
CA ALA HA 160 1.50 -19.25 33.86
C ALA HA 160 1.38 -17.84 34.45
N ALA HA 161 0.16 -17.44 34.79
CA ALA HA 161 -0.04 -16.16 35.46
C ALA HA 161 0.74 -16.11 36.77
N THR HA 162 0.71 -17.19 37.54
CA THR HA 162 1.42 -17.22 38.82
C THR HA 162 2.92 -17.10 38.60
N TYR HA 163 3.45 -17.73 37.56
CA TYR HA 163 4.88 -17.64 37.28
C TYR HA 163 5.27 -16.22 36.93
N PHE HA 164 4.49 -15.59 36.03
CA PHE HA 164 4.72 -14.17 35.75
C PHE HA 164 4.66 -13.34 37.01
N ASP HA 165 3.68 -13.62 37.88
CA ASP HA 165 3.51 -12.85 39.11
C ASP HA 165 4.69 -13.00 40.03
N LYS HA 166 5.18 -14.23 40.22
CA LYS HA 166 6.33 -14.43 41.08
C LYS HA 166 7.56 -13.75 40.52
N ALA HA 167 7.76 -13.82 39.21
CA ALA HA 167 8.90 -13.16 38.59
C ALA HA 167 8.82 -11.65 38.81
N ALA HA 168 7.65 -11.06 38.58
CA ALA HA 168 7.48 -9.63 38.78
C ALA HA 168 7.68 -9.23 40.24
N ALA HA 169 7.14 -10.03 41.16
CA ALA HA 169 7.23 -9.70 42.58
C ALA HA 169 8.68 -9.77 43.07
N SER HA 170 9.38 -10.85 42.72
CA SER HA 170 10.79 -10.95 43.09
C SER HA 170 11.59 -9.82 42.46
N ILE HA 171 11.34 -9.52 41.18
CA ILE HA 171 12.11 -8.48 40.51
C ILE HA 171 11.71 -7.10 41.01
N ALA HA 172 10.55 -6.99 41.65
CA ALA HA 172 10.15 -5.72 42.26
C ALA HA 172 10.93 -5.49 43.54
N MET IA 1 35.32 4.85 32.36
CA MET IA 1 36.68 5.22 32.00
C MET IA 1 36.62 6.12 30.77
N ASN IA 2 36.61 7.44 31.00
CA ASN IA 2 36.38 8.44 29.97
C ASN IA 2 37.45 9.51 30.05
N ASP IA 3 37.80 10.09 28.90
CA ASP IA 3 38.74 11.20 28.85
C ASP IA 3 38.03 12.52 29.11
N VAL IA 4 38.82 13.59 29.18
CA VAL IA 4 38.26 14.92 29.44
C VAL IA 4 37.34 15.35 28.29
N PHE IA 5 37.78 15.14 27.05
CA PHE IA 5 36.90 15.40 25.92
C PHE IA 5 35.70 14.47 25.98
N THR IA 6 35.93 13.20 26.32
CA THR IA 6 34.83 12.28 26.51
C THR IA 6 33.96 12.71 27.68
N ARG IA 7 34.56 13.34 28.70
CA ARG IA 7 33.77 13.88 29.80
C ARG IA 7 32.80 14.95 29.30
N ALA IA 8 33.32 15.93 28.56
CA ALA IA 8 32.45 16.99 28.06
C ALA IA 8 31.38 16.43 27.14
N ILE IA 9 31.75 15.48 26.29
CA ILE IA 9 30.78 14.85 25.40
C ILE IA 9 29.73 14.10 26.21
N ALA IA 10 30.13 13.48 27.32
CA ALA IA 10 29.18 12.77 28.16
C ALA IA 10 28.17 13.72 28.79
N GLN IA 11 28.63 14.88 29.27
CA GLN IA 11 27.67 15.86 29.78
C GLN IA 11 26.74 16.36 28.68
N ALA IA 12 27.30 16.63 27.49
CA ALA IA 12 26.47 17.06 26.38
C ALA IA 12 25.42 16.00 26.03
N ASP IA 13 25.81 14.73 26.14
CA ASP IA 13 24.86 13.64 25.90
C ASP IA 13 23.76 13.62 26.95
N LEU IA 14 24.14 13.67 28.23
CA LEU IA 14 23.15 13.56 29.29
C LEU IA 14 22.16 14.72 29.24
N LYS IA 15 22.64 15.94 28.98
CA LYS IA 15 21.73 17.06 28.86
C LYS IA 15 20.94 17.01 27.55
N GLY IA 16 21.31 16.11 26.64
CA GLY IA 16 20.44 15.74 25.55
C GLY IA 16 20.49 16.62 24.32
N SER IA 17 21.35 17.63 24.29
CA SER IA 17 21.49 18.47 23.11
C SER IA 17 22.97 18.57 22.72
N PHE IA 18 23.25 19.41 21.72
CA PHE IA 18 24.60 19.55 21.25
C PHE IA 18 25.44 20.36 22.23
N LEU IA 19 26.75 20.24 22.09
CA LEU IA 19 27.67 20.95 22.99
C LEU IA 19 27.56 22.45 22.80
N LEU IA 20 28.05 23.20 23.78
CA LEU IA 20 27.97 24.65 23.73
C LEU IA 20 29.25 25.25 23.17
N GLU IA 21 29.16 26.51 22.74
CA GLU IA 21 30.29 27.16 22.09
C GLU IA 21 31.46 27.32 23.05
N SER IA 22 31.19 27.68 24.31
CA SER IA 22 32.27 27.85 25.28
C SER IA 22 32.97 26.53 25.56
N ASP IA 23 32.22 25.44 25.62
CA ASP IA 23 32.83 24.11 25.77
C ASP IA 23 33.73 23.80 24.59
N LEU IA 24 33.27 24.13 23.38
CA LEU IA 24 34.08 23.95 22.19
C LEU IA 24 35.38 24.75 22.29
N ASP IA 25 35.30 25.99 22.76
CA ASP IA 25 36.48 26.83 22.85
C ASP IA 25 37.45 26.31 23.91
N LYS IA 26 36.94 25.87 25.05
CA LYS IA 26 37.84 25.35 26.08
C LYS IA 26 38.50 24.05 25.64
N LEU IA 27 37.78 23.21 24.88
CA LEU IA 27 38.40 22.01 24.36
C LEU IA 27 39.43 22.34 23.28
N ALA IA 28 39.19 23.37 22.47
CA ALA IA 28 40.21 23.82 21.53
C ALA IA 28 41.46 24.30 22.26
N SER IA 29 41.27 25.06 23.34
CA SER IA 29 42.42 25.51 24.13
C SER IA 29 43.16 24.33 24.74
N PHE IA 30 42.42 23.32 25.21
CA PHE IA 30 43.05 22.11 25.71
C PHE IA 30 43.85 21.42 24.60
N ALA IA 31 43.32 21.40 23.38
CA ALA IA 31 44.06 20.83 22.26
C ALA IA 31 45.34 21.61 21.99
N LYS IA 32 45.29 22.94 22.12
CA LYS IA 32 46.49 23.75 21.93
C LYS IA 32 47.53 23.46 23.01
N GLU IA 33 47.09 23.39 24.27
CA GLU IA 33 48.01 23.16 25.39
C GLU IA 33 48.39 21.70 25.55
N GLY IA 34 47.80 20.82 24.74
CA GLY IA 34 48.24 19.44 24.71
C GLY IA 34 49.71 19.30 24.36
N VAL IA 35 50.23 20.20 23.52
CA VAL IA 35 51.66 20.23 23.26
C VAL IA 35 52.44 20.37 24.57
N LYS IA 36 52.04 21.34 25.39
CA LYS IA 36 52.70 21.56 26.66
C LYS IA 36 52.61 20.34 27.56
N ARG IA 37 51.41 19.77 27.68
CA ARG IA 37 51.25 18.66 28.61
C ARG IA 37 51.97 17.41 28.13
N LEU IA 38 52.00 17.17 26.81
CA LEU IA 38 52.76 16.05 26.26
C LEU IA 38 54.25 16.24 26.49
N ASP IA 39 54.75 17.47 26.32
CA ASP IA 39 56.12 17.77 26.69
C ASP IA 39 56.39 17.42 28.15
N ALA IA 40 55.51 17.86 29.05
CA ALA IA 40 55.69 17.62 30.47
C ALA IA 40 55.72 16.13 30.78
N VAL IA 41 54.78 15.37 30.23
CA VAL IA 41 54.70 13.95 30.55
C VAL IA 41 55.85 13.17 29.90
N ALA IA 42 56.29 13.58 28.71
CA ALA IA 42 57.46 12.94 28.11
C ALA IA 42 58.70 13.18 28.95
N ALA IA 43 58.88 14.41 29.45
CA ALA IA 43 59.99 14.67 30.37
C ALA IA 43 59.85 13.85 31.64
N LEU IA 44 58.61 13.71 32.14
CA LEU IA 44 58.35 12.85 33.28
C LEU IA 44 58.84 11.43 33.03
N THR IA 45 58.46 10.87 31.88
CA THR IA 45 58.85 9.50 31.54
C THR IA 45 60.37 9.38 31.42
N ASN IA 46 61.01 10.37 30.81
CA ASN IA 46 62.47 10.38 30.76
C ASN IA 46 63.06 10.49 32.16
N ASN IA 47 62.57 11.44 32.96
CA ASN IA 47 63.09 11.68 34.29
C ASN IA 47 62.55 10.70 35.33
N ALA IA 48 61.64 9.81 34.93
CA ALA IA 48 61.04 8.87 35.87
C ALA IA 48 62.06 8.08 36.68
N PRO IA 49 63.10 7.49 36.10
CA PRO IA 49 64.14 6.89 36.96
C PRO IA 49 64.78 7.89 37.90
N ALA IA 50 65.06 9.09 37.43
CA ALA IA 50 65.64 10.11 38.30
C ALA IA 50 64.65 10.52 39.39
N ILE IA 51 63.37 10.69 39.02
CA ILE IA 51 62.36 11.08 40.00
C ILE IA 51 62.24 10.03 41.09
N ILE IA 52 62.14 8.76 40.70
CA ILE IA 52 61.96 7.70 41.69
C ILE IA 52 63.22 7.56 42.54
N SER IA 53 64.41 7.68 41.94
CA SER IA 53 65.64 7.60 42.71
C SER IA 53 65.71 8.70 43.76
N ASP IA 54 65.46 9.95 43.34
CA ASP IA 54 65.49 11.06 44.28
C ASP IA 54 64.46 10.89 45.38
N ALA IA 55 63.21 10.61 45.02
CA ALA IA 55 62.15 10.49 46.02
C ALA IA 55 62.42 9.35 46.99
N ALA IA 56 62.82 8.19 46.48
CA ALA IA 56 63.08 7.05 47.34
C ALA IA 56 64.29 7.27 48.24
N HIS IA 57 65.34 7.92 47.72
CA HIS IA 57 66.52 8.16 48.54
C HIS IA 57 66.19 9.15 49.66
N LYS IA 58 65.44 10.20 49.35
CA LYS IA 58 65.00 11.12 50.39
C LYS IA 58 64.10 10.40 51.40
N LEU IA 59 63.25 9.50 50.92
CA LEU IA 59 62.34 8.79 51.80
C LEU IA 59 63.10 7.89 52.78
N PHE IA 60 63.98 7.04 52.26
CA PHE IA 60 64.74 6.15 53.14
C PHE IA 60 65.78 6.92 53.95
N ALA IA 61 66.08 8.16 53.57
CA ALA IA 61 66.90 9.01 54.43
C ALA IA 61 66.10 9.55 55.60
N GLU IA 62 64.88 10.02 55.35
CA GLU IA 62 64.10 10.70 56.38
C GLU IA 62 63.47 9.76 57.39
N GLN IA 63 63.34 8.48 57.09
CA GLN IA 63 62.91 7.48 58.06
C GLN IA 63 63.78 6.24 57.88
N GLN IA 64 63.98 5.51 58.98
CA GLN IA 64 64.85 4.33 58.97
C GLN IA 64 64.12 3.07 59.43
N GLU IA 65 62.90 3.20 59.96
CA GLU IA 65 62.19 2.04 60.49
C GLU IA 65 61.83 1.04 59.41
N LEU IA 66 61.76 1.45 58.14
CA LEU IA 66 61.50 0.50 57.08
C LEU IA 66 62.69 -0.44 56.85
N ILE IA 67 63.91 0.09 57.00
CA ILE IA 67 65.11 -0.69 56.70
C ILE IA 67 65.62 -1.46 57.92
N GLN IA 68 65.21 -1.11 59.12
CA GLN IA 68 65.60 -1.86 60.29
C GLN IA 68 64.88 -3.21 60.30
N PRO IA 69 65.41 -4.19 61.03
CA PRO IA 69 64.79 -5.52 61.03
C PRO IA 69 63.33 -5.50 61.42
N GLY IA 70 62.52 -6.23 60.66
CA GLY IA 70 61.09 -6.25 60.86
C GLY IA 70 60.34 -5.08 60.23
N GLY IA 71 61.06 -4.17 59.56
CA GLY IA 71 60.41 -3.02 58.96
C GLY IA 71 59.51 -3.38 57.79
N ASN IA 72 58.63 -2.44 57.47
CA ASN IA 72 57.71 -2.64 56.35
C ASN IA 72 58.42 -2.72 55.01
N ALA IA 73 59.70 -2.33 54.95
CA ALA IA 73 60.51 -2.44 53.74
C ALA IA 73 61.86 -3.08 54.02
N TYR IA 74 61.93 -3.94 55.03
CA TYR IA 74 63.16 -4.59 55.48
C TYR IA 74 63.57 -5.81 54.65
N PRO IA 75 62.67 -6.75 54.33
CA PRO IA 75 63.13 -8.04 53.77
C PRO IA 75 63.71 -7.96 52.36
N HIS IA 76 63.91 -6.75 51.83
CA HIS IA 76 64.56 -6.52 50.54
C HIS IA 76 63.62 -6.87 49.38
N ARG IA 77 62.45 -7.44 49.69
CA ARG IA 77 61.37 -7.54 48.73
C ARG IA 77 60.26 -6.54 48.99
N ARG IA 78 59.97 -6.28 50.26
CA ARG IA 78 58.96 -5.29 50.59
C ARG IA 78 59.35 -3.91 50.10
N MET IA 79 60.63 -3.55 50.23
CA MET IA 79 61.07 -2.28 49.65
C MET IA 79 61.09 -2.31 48.13
N ALA IA 80 61.29 -3.48 47.54
CA ALA IA 80 61.12 -3.62 46.09
C ALA IA 80 59.68 -3.32 45.70
N ALA IA 81 58.73 -3.87 46.45
CA ALA IA 81 57.32 -3.54 46.24
C ALA IA 81 57.07 -2.06 46.49
N CYS IA 82 57.82 -1.47 47.42
CA CYS IA 82 57.72 -0.03 47.67
C CYS IA 82 58.10 0.76 46.42
N LEU IA 83 59.26 0.43 45.83
CA LEU IA 83 59.70 1.08 44.60
C LEU IA 83 58.67 0.90 43.50
N ARG IA 84 58.16 -0.34 43.34
CA ARG IA 84 57.18 -0.60 42.30
C ARG IA 84 55.91 0.21 42.53
N ASP IA 85 55.48 0.34 43.78
CA ASP IA 85 54.29 1.12 44.08
C ASP IA 85 54.49 2.59 43.76
N MET IA 86 55.64 3.18 44.13
CA MET IA 86 55.86 4.56 43.72
C MET IA 86 55.80 4.70 42.21
N GLU IA 87 56.52 3.84 41.48
CA GLU IA 87 56.61 4.05 40.04
C GLU IA 87 55.25 3.87 39.37
N ILE IA 88 54.46 2.90 39.84
CA ILE IA 88 53.15 2.69 39.24
C ILE IA 88 52.20 3.83 39.62
N ILE IA 89 52.32 4.37 40.83
CA ILE IA 89 51.48 5.50 41.22
C ILE IA 89 51.78 6.71 40.36
N LEU IA 90 53.06 7.00 40.14
CA LEU IA 90 53.42 8.14 39.29
C LEU IA 90 53.05 7.87 37.84
N ARG IA 91 53.09 6.60 37.42
CA ARG IA 91 52.61 6.24 36.09
C ARG IA 91 51.14 6.57 35.94
N TYR IA 92 50.35 6.24 36.98
CA TYR IA 92 48.92 6.58 36.97
C TYR IA 92 48.72 8.09 36.98
N VAL IA 93 49.55 8.81 37.73
CA VAL IA 93 49.44 10.27 37.77
C VAL IA 93 49.71 10.86 36.40
N SER IA 94 50.74 10.36 35.71
CA SER IA 94 51.01 10.81 34.35
C SER IA 94 49.87 10.44 33.40
N TYR IA 95 49.29 9.25 33.60
CA TYR IA 95 48.11 8.86 32.83
C TYR IA 95 47.00 9.89 32.98
N ALA IA 96 46.69 10.27 34.22
CA ALA IA 96 45.65 11.26 34.46
C ALA IA 96 46.03 12.62 33.87
N LEU IA 97 47.31 12.98 33.96
CA LEU IA 97 47.76 14.25 33.39
C LEU IA 97 47.51 14.31 31.89
N LEU IA 98 47.94 13.27 31.16
CA LEU IA 98 47.77 13.27 29.72
C LEU IA 98 46.30 13.12 29.33
N ALA IA 99 45.53 12.35 30.10
CA ALA IA 99 44.14 12.13 29.77
C ALA IA 99 43.28 13.35 30.07
N GLY IA 100 43.70 14.16 31.05
CA GLY IA 100 42.93 15.31 31.45
C GLY IA 100 41.74 15.01 32.33
N ASP IA 101 41.63 13.79 32.86
CA ASP IA 101 40.50 13.40 33.69
C ASP IA 101 40.98 12.54 34.84
N ALA IA 102 40.47 12.81 36.04
CA ALA IA 102 40.82 12.03 37.22
C ALA IA 102 39.90 10.83 37.44
N SER IA 103 38.78 10.75 36.72
CA SER IA 103 37.87 9.63 36.90
C SER IA 103 38.51 8.32 36.49
N VAL IA 104 39.26 8.33 35.39
CA VAL IA 104 39.97 7.12 34.98
C VAL IA 104 41.02 6.74 36.02
N LEU IA 105 41.66 7.74 36.62
CA LEU IA 105 42.63 7.48 37.68
C LEU IA 105 41.96 6.82 38.88
N ASP IA 106 40.79 7.32 39.27
CA ASP IA 106 40.05 6.73 40.38
C ASP IA 106 39.63 5.30 40.06
N ASP IA 107 39.16 5.07 38.82
CA ASP IA 107 38.76 3.72 38.42
C ASP IA 107 39.94 2.77 38.45
N ARG IA 108 41.11 3.22 38.02
CA ARG IA 108 42.30 2.38 37.99
C ARG IA 108 42.85 2.24 39.41
N CYS IA 109 42.27 1.29 40.14
CA CYS IA 109 42.84 0.76 41.38
C CYS IA 109 42.74 1.71 42.56
N LEU IA 110 42.28 2.95 42.35
CA LEU IA 110 42.09 3.81 43.51
C LEU IA 110 40.87 3.40 44.33
N ASN IA 111 39.92 2.70 43.70
CA ASN IA 111 38.78 2.18 44.45
C ASN IA 111 39.19 1.04 45.38
N GLY IA 112 40.34 0.41 45.12
CA GLY IA 112 40.73 -0.78 45.86
C GLY IA 112 42.01 -0.67 46.67
N LEU IA 113 42.86 0.30 46.35
CA LEU IA 113 44.20 0.33 46.93
C LEU IA 113 44.17 0.66 48.42
N ARG IA 114 43.22 1.49 48.86
CA ARG IA 114 43.16 1.83 50.28
C ARG IA 114 42.90 0.59 51.13
N GLU IA 115 41.87 -0.18 50.80
CA GLU IA 115 41.63 -1.43 51.52
C GLU IA 115 42.71 -2.46 51.24
N THR IA 116 43.37 -2.40 50.09
CA THR IA 116 44.50 -3.29 49.83
C THR IA 116 45.62 -3.06 50.85
N TYR IA 117 46.01 -1.80 51.04
CA TYR IA 117 47.05 -1.50 52.02
C TYR IA 117 46.57 -1.74 53.44
N ASN IA 118 45.27 -1.52 53.72
CA ASN IA 118 44.75 -1.84 55.03
C ASN IA 118 44.87 -3.33 55.33
N ALA IA 119 44.55 -4.18 54.34
CA ALA IA 119 44.69 -5.61 54.53
C ALA IA 119 46.16 -6.01 54.66
N LEU IA 120 47.04 -5.39 53.87
CA LEU IA 120 48.46 -5.69 53.92
C LEU IA 120 49.11 -5.23 55.21
N GLY IA 121 48.51 -4.26 55.91
CA GLY IA 121 49.13 -3.67 57.08
C GLY IA 121 50.10 -2.55 56.77
N THR IA 122 50.25 -2.19 55.51
CA THR IA 122 51.18 -1.13 55.14
C THR IA 122 50.71 0.21 55.70
N PRO IA 123 51.59 1.02 56.27
CA PRO IA 123 51.21 2.38 56.66
C PRO IA 123 50.88 3.22 55.44
N THR IA 124 49.65 3.75 55.41
CA THR IA 124 49.19 4.48 54.24
C THR IA 124 49.81 5.87 54.14
N GLN IA 125 50.10 6.52 55.27
CA GLN IA 125 50.68 7.85 55.20
C GLN IA 125 52.12 7.79 54.71
N SER IA 126 52.80 6.67 54.93
CA SER IA 126 54.10 6.47 54.29
C SER IA 126 53.95 6.49 52.78
N VAL IA 127 52.90 5.83 52.26
CA VAL IA 127 52.65 5.82 50.82
C VAL IA 127 52.36 7.24 50.34
N ALA IA 128 51.55 7.98 51.10
CA ALA IA 128 51.24 9.36 50.72
C ALA IA 128 52.50 10.22 50.70
N ARG IA 129 53.38 10.03 51.69
CA ARG IA 129 54.64 10.77 51.73
C ARG IA 129 55.51 10.44 50.52
N ALA IA 130 55.57 9.16 50.15
CA ALA IA 130 56.33 8.78 48.96
C ALA IA 130 55.74 9.41 47.70
N VAL IA 131 54.42 9.45 47.61
CA VAL IA 131 53.76 10.05 46.46
C VAL IA 131 54.08 11.54 46.39
N GLN IA 132 54.04 12.23 47.53
CA GLN IA 132 54.38 13.65 47.55
C GLN IA 132 55.84 13.88 47.20
N LEU IA 133 56.72 12.97 47.64
CA LEU IA 133 58.13 13.07 47.28
C LEU IA 133 58.31 12.93 45.77
N MET IA 134 57.61 11.98 45.16
CA MET IA 134 57.65 11.88 43.70
C MET IA 134 57.08 13.12 43.04
N LYS IA 135 56.04 13.70 43.63
CA LYS IA 135 55.48 14.93 43.09
C LYS IA 135 56.50 16.06 43.10
N ASP IA 136 57.25 16.17 44.19
CA ASP IA 136 58.29 17.18 44.28
C ASP IA 136 59.39 16.93 43.25
N ALA IA 137 59.88 15.69 43.18
CA ALA IA 137 60.91 15.37 42.19
C ALA IA 137 60.39 15.60 40.78
N ALA IA 138 59.10 15.34 40.55
CA ALA IA 138 58.50 15.52 39.24
C ALA IA 138 58.46 16.99 38.86
N MET IA 139 58.01 17.86 39.77
CA MET IA 139 57.98 19.28 39.45
C MET IA 139 59.40 19.80 39.24
N VAL IA 140 60.37 19.30 40.01
CA VAL IA 140 61.75 19.74 39.83
C VAL IA 140 62.27 19.33 38.46
N HIS IA 141 62.02 18.08 38.05
CA HIS IA 141 62.49 17.61 36.75
C HIS IA 141 61.74 18.29 35.61
N LEU IA 142 60.50 18.73 35.86
CA LEU IA 142 59.75 19.43 34.83
C LEU IA 142 60.23 20.87 34.67
N LYS IA 143 60.62 21.53 35.77
CA LYS IA 143 61.19 22.87 35.63
C LYS IA 143 62.48 22.85 34.85
N SER IA 144 63.11 21.68 34.70
CA SER IA 144 64.24 21.55 33.80
C SER IA 144 63.83 21.89 32.38
N THR IA 145 64.54 22.83 31.76
CA THR IA 145 64.19 23.34 30.45
C THR IA 145 65.29 23.02 29.42
N ALA IA 146 65.85 21.82 29.46
CA ALA IA 146 66.97 21.49 28.58
C ALA IA 146 66.51 21.36 27.14
N ASN IA 147 67.27 21.97 26.23
CA ASN IA 147 67.11 21.83 24.78
C ASN IA 147 65.71 22.21 24.30
N VAL IA 148 64.97 22.99 25.07
CA VAL IA 148 63.59 23.33 24.72
C VAL IA 148 63.32 24.78 25.05
N THR IA 149 62.48 25.42 24.24
CA THR IA 149 62.09 26.80 24.47
C THR IA 149 61.13 26.91 25.65
N VAL IA 150 60.88 28.14 26.08
CA VAL IA 150 60.14 28.42 27.30
C VAL IA 150 58.68 28.72 26.97
N GLY IA 151 57.79 28.29 27.86
CA GLY IA 151 56.37 28.54 27.69
C GLY IA 151 55.65 28.40 29.01
N ASP IA 152 54.35 28.64 28.97
CA ASP IA 152 53.52 28.60 30.17
C ASP IA 152 53.42 27.18 30.70
N CYS IA 153 53.70 27.02 32.00
CA CYS IA 153 53.64 25.72 32.65
C CYS IA 153 52.96 25.77 34.02
N SER IA 154 52.55 26.95 34.48
CA SER IA 154 51.96 27.07 35.80
C SER IA 154 50.66 26.29 35.91
N SER IA 155 49.82 26.36 34.88
CA SER IA 155 48.58 25.58 34.88
C SER IA 155 48.87 24.09 34.83
N LEU IA 156 49.92 23.69 34.12
CA LEU IA 156 50.31 22.29 34.11
C LEU IA 156 50.68 21.81 35.50
N TYR IA 157 51.45 22.62 36.24
CA TYR IA 157 51.79 22.26 37.62
C TYR IA 157 50.57 22.27 38.51
N SER IA 158 49.62 23.17 38.25
CA SER IA 158 48.37 23.16 39.01
C SER IA 158 47.63 21.86 38.82
N GLU IA 159 47.52 21.40 37.56
CA GLU IA 159 46.85 20.14 37.27
C GLU IA 159 47.60 18.97 37.89
N ALA IA 160 48.93 19.00 37.84
CA ALA IA 160 49.73 17.94 38.45
C ALA IA 160 49.54 17.90 39.95
N ALA IA 161 49.49 19.07 40.59
CA ALA IA 161 49.27 19.12 42.03
C ALA IA 161 47.89 18.58 42.38
N THR IA 162 46.87 18.94 41.60
CA THR IA 162 45.54 18.42 41.86
C THR IA 162 45.52 16.90 41.73
N TYR IA 163 46.14 16.37 40.69
CA TYR IA 163 46.17 14.92 40.51
C TYR IA 163 46.93 14.23 41.64
N PHE IA 164 48.06 14.80 42.05
CA PHE IA 164 48.86 14.19 43.11
C PHE IA 164 48.13 14.23 44.44
N ASP IA 165 47.43 15.32 44.73
CA ASP IA 165 46.65 15.39 45.96
C ASP IA 165 45.47 14.44 45.91
N LYS IA 166 44.86 14.26 44.73
CA LYS IA 166 43.81 13.26 44.59
C LYS IA 166 44.34 11.87 44.87
N ALA IA 167 45.52 11.55 44.34
CA ALA IA 167 46.12 10.24 44.59
C ALA IA 167 46.44 10.06 46.08
N ALA IA 168 47.00 11.09 46.72
CA ALA IA 168 47.32 10.99 48.14
C ALA IA 168 46.08 10.80 48.98
N ALA IA 169 45.01 11.53 48.67
CA ALA IA 169 43.75 11.37 49.41
C ALA IA 169 43.15 9.99 49.18
N SER IA 170 43.16 9.51 47.93
CA SER IA 170 42.56 8.22 47.63
C SER IA 170 43.31 7.09 48.32
N ILE IA 171 44.64 7.12 48.28
CA ILE IA 171 45.43 6.07 48.93
C ILE IA 171 45.25 6.13 50.44
N ALA IA 172 45.39 7.32 51.01
CA ALA IA 172 45.26 7.51 52.45
C ALA IA 172 44.22 8.59 52.75
N MET JA 1 52.80 -21.75 54.95
CA MET JA 1 53.23 -23.01 55.58
C MET JA 1 54.74 -23.02 55.83
N ASN JA 2 55.11 -23.38 57.05
CA ASN JA 2 56.49 -23.39 57.52
C ASN JA 2 56.64 -24.39 58.66
N ASP JA 3 57.88 -24.52 59.13
CA ASP JA 3 58.21 -25.37 60.27
C ASP JA 3 58.92 -24.54 61.33
N VAL JA 4 59.23 -25.18 62.47
CA VAL JA 4 59.68 -24.46 63.64
C VAL JA 4 61.02 -23.77 63.39
N PHE JA 5 61.91 -24.42 62.64
CA PHE JA 5 63.19 -23.77 62.32
C PHE JA 5 62.97 -22.51 61.50
N THR JA 6 62.01 -22.55 60.59
CA THR JA 6 61.65 -21.36 59.83
C THR JA 6 61.16 -20.25 60.75
N ARG JA 7 60.36 -20.59 61.75
CA ARG JA 7 59.88 -19.57 62.70
C ARG JA 7 61.05 -18.97 63.47
N ALA JA 8 61.98 -19.81 63.91
CA ALA JA 8 63.16 -19.29 64.60
C ALA JA 8 63.92 -18.31 63.71
N ILE JA 9 64.13 -18.70 62.44
CA ILE JA 9 64.81 -17.82 61.51
C ILE JA 9 64.05 -16.52 61.31
N ALA JA 10 62.73 -16.60 61.19
CA ALA JA 10 61.92 -15.41 60.91
C ALA JA 10 61.94 -14.44 62.09
N GLN JA 11 61.76 -14.95 63.30
CA GLN JA 11 61.85 -14.09 64.48
C GLN JA 11 63.23 -13.48 64.62
N ALA JA 12 64.27 -14.29 64.41
CA ALA JA 12 65.63 -13.75 64.51
C ALA JA 12 65.86 -12.65 63.49
N ASP JA 13 65.36 -12.84 62.26
CA ASP JA 13 65.50 -11.81 61.23
C ASP JA 13 64.72 -10.55 61.58
N LEU JA 14 63.49 -10.69 62.08
CA LEU JA 14 62.67 -9.51 62.33
C LEU JA 14 63.17 -8.73 63.54
N LYS JA 15 63.80 -9.41 64.50
CA LYS JA 15 64.63 -8.69 65.46
C LYS JA 15 65.96 -8.27 64.85
N GLY JA 16 66.44 -9.03 63.86
CA GLY JA 16 67.74 -8.77 63.28
C GLY JA 16 68.91 -9.34 64.04
N SER JA 17 68.66 -10.00 65.16
CA SER JA 17 69.71 -10.72 65.86
C SER JA 17 69.86 -12.11 65.26
N PHE JA 18 70.89 -12.83 65.73
CA PHE JA 18 71.12 -14.19 65.27
C PHE JA 18 70.32 -15.17 66.12
N LEU JA 19 70.28 -16.42 65.67
CA LEU JA 19 69.77 -17.47 66.52
C LEU JA 19 70.78 -17.74 67.63
N LEU JA 20 70.33 -17.60 68.87
CA LEU JA 20 71.22 -17.77 70.01
C LEU JA 20 71.70 -19.22 70.09
N GLU JA 21 72.81 -19.41 70.81
CA GLU JA 21 73.37 -20.75 70.94
C GLU JA 21 72.40 -21.68 71.66
N SER JA 22 71.60 -21.15 72.59
CA SER JA 22 70.53 -21.95 73.19
C SER JA 22 69.49 -22.33 72.13
N ASP JA 23 69.14 -21.40 71.26
CA ASP JA 23 68.23 -21.71 70.16
C ASP JA 23 68.83 -22.77 69.25
N LEU JA 24 70.12 -22.66 68.94
CA LEU JA 24 70.79 -23.67 68.14
C LEU JA 24 70.78 -25.02 68.84
N ASP JA 25 70.95 -25.02 70.17
CA ASP JA 25 70.93 -26.26 70.92
C ASP JA 25 69.56 -26.92 70.89
N LYS JA 26 68.49 -26.13 71.03
CA LYS JA 26 67.15 -26.74 70.99
C LYS JA 26 66.82 -27.21 69.58
N LEU JA 27 67.29 -26.50 68.55
CA LEU JA 27 67.13 -26.97 67.19
C LEU JA 27 67.88 -28.29 66.97
N ALA JA 28 69.09 -28.41 67.51
CA ALA JA 28 69.83 -29.65 67.37
C ALA JA 28 69.19 -30.77 68.20
N SER JA 29 68.55 -30.43 69.32
CA SER JA 29 67.80 -31.42 70.07
C SER JA 29 66.61 -31.93 69.27
N PHE JA 30 65.94 -31.02 68.55
CA PHE JA 30 64.93 -31.44 67.60
C PHE JA 30 65.53 -32.33 66.52
N ALA JA 31 66.72 -31.99 66.03
CA ALA JA 31 67.34 -32.75 64.95
C ALA JA 31 67.66 -34.18 65.38
N LYS JA 32 68.31 -34.34 66.54
CA LYS JA 32 68.59 -35.67 67.03
C LYS JA 32 67.31 -36.43 67.38
N GLU JA 33 66.29 -35.73 67.89
CA GLU JA 33 64.98 -36.30 68.09
C GLU JA 33 64.17 -36.30 66.79
N GLY JA 34 64.69 -35.66 65.74
CA GLY JA 34 64.03 -35.71 64.45
C GLY JA 34 63.89 -37.12 63.92
N VAL JA 35 64.88 -37.98 64.19
CA VAL JA 35 64.77 -39.38 63.80
C VAL JA 35 63.59 -40.03 64.51
N LYS JA 36 63.43 -39.74 65.81
CA LYS JA 36 62.28 -40.19 66.56
C LYS JA 36 60.97 -39.73 65.91
N ARG JA 37 60.93 -38.45 65.54
CA ARG JA 37 59.71 -37.88 64.96
C ARG JA 37 59.39 -38.49 63.61
N LEU JA 38 60.41 -38.77 62.80
CA LEU JA 38 60.19 -39.39 61.50
C LEU JA 38 59.62 -40.79 61.65
N ASP JA 39 60.08 -41.55 62.64
CA ASP JA 39 59.47 -42.84 62.91
C ASP JA 39 58.02 -42.69 63.33
N ALA JA 40 57.71 -41.68 64.13
CA ALA JA 40 56.31 -41.44 64.51
C ALA JA 40 55.46 -41.13 63.28
N VAL JA 41 55.95 -40.26 62.40
CA VAL JA 41 55.18 -39.89 61.22
C VAL JA 41 55.02 -41.09 60.28
N ALA JA 42 56.05 -41.93 60.19
CA ALA JA 42 55.93 -43.15 59.41
C ALA JA 42 54.89 -44.09 60.00
N ALA JA 43 54.84 -44.18 61.33
CA ALA JA 43 53.81 -45.00 61.97
C ALA JA 43 52.43 -44.45 61.67
N LEU JA 44 52.28 -43.12 61.66
CA LEU JA 44 51.02 -42.53 61.22
C LEU JA 44 50.70 -42.91 59.78
N THR JA 45 51.65 -42.68 58.87
CA THR JA 45 51.40 -42.82 57.44
C THR JA 45 51.04 -44.25 57.06
N ASN JA 46 51.84 -45.21 57.55
CA ASN JA 46 51.54 -46.61 57.26
C ASN JA 46 50.17 -47.00 57.81
N ASN JA 47 49.87 -46.59 59.04
CA ASN JA 47 48.63 -46.96 59.70
C ASN JA 47 47.49 -46.01 59.37
N ALA JA 48 47.76 -44.91 58.66
CA ALA JA 48 46.71 -43.94 58.37
C ALA JA 48 45.49 -44.54 57.70
N PRO JA 49 45.60 -45.36 56.65
CA PRO JA 49 44.37 -45.95 56.09
C PRO JA 49 43.63 -46.84 57.08
N ALA JA 50 44.34 -47.70 57.82
CA ALA JA 50 43.70 -48.52 58.83
C ALA JA 50 43.16 -47.65 59.97
N ILE JA 51 43.92 -46.63 60.37
CA ILE JA 51 43.46 -45.71 61.42
C ILE JA 51 42.13 -45.11 61.03
N ILE JA 52 42.03 -44.60 59.80
CA ILE JA 52 40.81 -43.94 59.36
C ILE JA 52 39.67 -44.93 59.18
N SER JA 53 39.97 -46.12 58.65
CA SER JA 53 38.95 -47.14 58.51
C SER JA 53 38.33 -47.48 59.87
N ASP JA 54 39.18 -47.75 60.86
CA ASP JA 54 38.70 -48.13 62.18
C ASP JA 54 37.95 -46.97 62.84
N ALA JA 55 38.49 -45.76 62.71
CA ALA JA 55 37.85 -44.61 63.34
C ALA JA 55 36.49 -44.32 62.73
N ALA JA 56 36.36 -44.47 61.41
CA ALA JA 56 35.07 -44.28 60.77
C ALA JA 56 34.10 -45.39 61.16
N HIS JA 57 34.60 -46.62 61.28
CA HIS JA 57 33.74 -47.73 61.72
C HIS JA 57 33.16 -47.44 63.10
N LYS JA 58 34.02 -47.03 64.04
CA LYS JA 58 33.47 -46.73 65.37
C LYS JA 58 32.59 -45.49 65.34
N LEU JA 59 32.96 -44.46 64.56
CA LEU JA 59 32.12 -43.28 64.40
C LEU JA 59 30.70 -43.68 64.02
N PHE JA 60 30.57 -44.53 63.01
CA PHE JA 60 29.25 -45.07 62.67
C PHE JA 60 28.68 -45.93 63.79
N ALA JA 61 29.53 -46.53 64.63
CA ALA JA 61 29.03 -47.29 65.75
C ALA JA 61 28.26 -46.41 66.74
N GLU JA 62 28.87 -45.30 67.19
CA GLU JA 62 28.11 -44.46 68.12
C GLU JA 62 27.05 -43.63 67.41
N GLN JA 63 27.29 -43.25 66.16
CA GLN JA 63 26.38 -42.37 65.43
C GLN JA 63 25.74 -43.17 64.30
N GLN JA 64 24.48 -43.55 64.49
CA GLN JA 64 23.77 -44.32 63.48
C GLN JA 64 22.93 -43.43 62.58
N GLU JA 65 22.36 -42.34 63.13
CA GLU JA 65 21.47 -41.48 62.35
C GLU JA 65 22.18 -40.86 61.15
N LEU JA 66 23.50 -40.71 61.24
CA LEU JA 66 24.23 -40.01 60.18
C LEU JA 66 24.13 -40.75 58.87
N ILE JA 67 24.19 -42.09 58.90
CA ILE JA 67 23.97 -42.89 57.71
C ILE JA 67 22.50 -43.27 57.57
N GLN JA 68 21.69 -42.95 58.57
CA GLN JA 68 20.25 -43.10 58.44
C GLN JA 68 19.67 -41.91 57.67
N PRO JA 69 18.47 -42.05 57.11
CA PRO JA 69 17.88 -40.94 56.35
C PRO JA 69 17.76 -39.68 57.20
N GLY JA 70 18.03 -38.54 56.56
CA GLY JA 70 18.04 -37.27 57.24
C GLY JA 70 19.38 -36.86 57.80
N GLY JA 71 20.36 -37.77 57.83
CA GLY JA 71 21.68 -37.42 58.32
C GLY JA 71 22.46 -36.54 57.36
N ASN JA 72 23.35 -35.72 57.93
CA ASN JA 72 24.18 -34.83 57.14
C ASN JA 72 25.05 -35.59 56.14
N ALA JA 73 25.38 -36.84 56.45
CA ALA JA 73 26.15 -37.68 55.54
C ALA JA 73 25.35 -38.85 54.99
N TYR JA 74 24.02 -38.82 55.10
CA TYR JA 74 23.23 -39.97 54.68
C TYR JA 74 23.42 -40.32 53.21
N PRO JA 75 23.34 -39.38 52.26
CA PRO JA 75 23.68 -39.73 50.88
C PRO JA 75 25.12 -40.20 50.77
N HIS JA 76 25.36 -41.10 49.82
CA HIS JA 76 26.68 -41.70 49.69
C HIS JA 76 27.73 -40.65 49.40
N ARG JA 77 27.37 -39.62 48.63
CA ARG JA 77 28.29 -38.53 48.36
C ARG JA 77 28.72 -37.85 49.66
N ARG JA 78 27.78 -37.64 50.58
CA ARG JA 78 28.10 -36.87 51.77
C ARG JA 78 28.95 -37.67 52.75
N MET JA 79 28.63 -38.94 52.97
CA MET JA 79 29.49 -39.74 53.83
C MET JA 79 30.84 -40.03 53.17
N ALA JA 80 30.88 -40.06 51.84
CA ALA JA 80 32.16 -40.10 51.14
C ALA JA 80 32.98 -38.85 51.44
N ALA JA 81 32.33 -37.69 51.43
CA ALA JA 81 33.02 -36.45 51.77
C ALA JA 81 33.50 -36.48 53.21
N CYS JA 82 32.69 -37.04 54.11
CA CYS JA 82 33.13 -37.27 55.49
C CYS JA 82 34.43 -38.06 55.53
N LEU JA 83 34.46 -39.20 54.82
CA LEU JA 83 35.64 -40.05 54.82
C LEU JA 83 36.87 -39.30 54.33
N ARG JA 84 36.76 -38.67 53.16
CA ARG JA 84 37.91 -37.99 52.59
C ARG JA 84 38.33 -36.74 53.37
N ASP JA 85 37.39 -36.07 54.03
CA ASP JA 85 37.76 -34.92 54.85
C ASP JA 85 38.52 -35.36 56.09
N MET JA 86 38.09 -36.45 56.70
CA MET JA 86 38.84 -37.00 57.83
C MET JA 86 40.22 -37.48 57.37
N GLU JA 87 40.28 -38.09 56.19
CA GLU JA 87 41.57 -38.42 55.56
C GLU JA 87 42.46 -37.20 55.48
N ILE JA 88 41.96 -36.10 54.92
CA ILE JA 88 42.81 -34.95 54.64
C ILE JA 88 43.20 -34.24 55.93
N ILE JA 89 42.32 -34.26 56.94
CA ILE JA 89 42.68 -33.70 58.24
C ILE JA 89 43.84 -34.47 58.84
N LEU JA 90 43.78 -35.81 58.79
CA LEU JA 90 44.89 -36.61 59.30
C LEU JA 90 46.17 -36.35 58.51
N ARG JA 91 46.04 -36.23 57.19
CA ARG JA 91 47.23 -35.99 56.35
C ARG JA 91 47.88 -34.66 56.69
N TYR JA 92 47.08 -33.61 56.87
CA TYR JA 92 47.65 -32.31 57.19
C TYR JA 92 48.24 -32.27 58.60
N VAL JA 93 47.63 -32.96 59.55
CA VAL JA 93 48.24 -33.00 60.87
C VAL JA 93 49.55 -33.77 60.81
N SER JA 94 49.61 -34.81 59.97
CA SER JA 94 50.87 -35.52 59.77
C SER JA 94 51.93 -34.60 59.18
N TYR JA 95 51.52 -33.74 58.24
CA TYR JA 95 52.42 -32.70 57.75
C TYR JA 95 52.94 -31.84 58.89
N ALA JA 96 52.03 -31.39 59.77
CA ALA JA 96 52.44 -30.55 60.90
C ALA JA 96 53.39 -31.30 61.83
N LEU JA 97 53.12 -32.59 62.05
CA LEU JA 97 53.97 -33.37 62.95
C LEU JA 97 55.37 -33.53 62.41
N LEU JA 98 55.50 -33.93 61.14
CA LEU JA 98 56.82 -34.08 60.57
C LEU JA 98 57.53 -32.73 60.45
N ALA JA 99 56.77 -31.66 60.24
CA ALA JA 99 57.36 -30.32 60.27
C ALA JA 99 57.87 -29.93 61.64
N GLY JA 100 57.31 -30.50 62.70
CA GLY JA 100 57.63 -30.04 64.04
C GLY JA 100 57.00 -28.72 64.40
N ASP JA 101 56.06 -28.23 63.59
CA ASP JA 101 55.35 -27.00 63.89
C ASP JA 101 53.95 -27.06 63.29
N ALA JA 102 53.10 -26.13 63.72
CA ALA JA 102 51.66 -26.25 63.47
C ALA JA 102 51.15 -25.35 62.36
N SER JA 103 51.79 -24.20 62.12
CA SER JA 103 51.25 -23.25 61.15
C SER JA 103 51.18 -23.84 59.75
N VAL JA 104 52.04 -24.81 59.44
CA VAL JA 104 51.96 -25.49 58.16
C VAL JA 104 50.61 -26.17 58.01
N LEU JA 105 50.04 -26.65 59.12
CA LEU JA 105 48.71 -27.23 59.10
C LEU JA 105 47.64 -26.15 58.94
N ASP JA 106 47.76 -25.05 59.67
CA ASP JA 106 46.74 -24.00 59.67
C ASP JA 106 46.64 -23.26 58.35
N ASP JA 107 47.79 -23.04 57.69
CA ASP JA 107 47.81 -22.14 56.54
C ASP JA 107 46.95 -22.64 55.39
N ARG JA 108 46.98 -23.94 55.12
CA ARG JA 108 46.25 -24.51 54.00
C ARG JA 108 45.07 -25.36 54.42
N CYS JA 109 45.22 -26.17 55.48
CA CYS JA 109 44.12 -27.02 55.90
C CYS JA 109 43.10 -26.25 56.75
N LEU JA 110 43.54 -25.69 57.88
CA LEU JA 110 42.65 -25.10 58.86
C LEU JA 110 42.39 -23.63 58.59
N ASN JA 111 42.45 -23.23 57.31
CA ASN JA 111 42.28 -21.84 56.90
C ASN JA 111 40.86 -21.51 56.48
N GLY JA 112 40.17 -22.44 55.83
CA GLY JA 112 38.85 -22.14 55.29
C GLY JA 112 37.78 -23.19 55.54
N LEU JA 113 38.09 -24.20 56.34
CA LEU JA 113 37.17 -25.32 56.51
C LEU JA 113 35.99 -24.95 57.40
N ARG JA 114 36.25 -24.22 58.49
CA ARG JA 114 35.20 -23.98 59.47
C ARG JA 114 34.04 -23.18 58.89
N GLU JA 115 34.35 -22.13 58.12
CA GLU JA 115 33.28 -21.33 57.53
C GLU JA 115 32.47 -22.12 56.50
N THR JA 116 33.13 -22.98 55.72
CA THR JA 116 32.39 -23.83 54.79
C THR JA 116 31.45 -24.77 55.52
N TYR JA 117 31.92 -25.35 56.63
CA TYR JA 117 31.02 -26.23 57.40
C TYR JA 117 29.87 -25.46 58.05
N ASN JA 118 30.14 -24.25 58.54
CA ASN JA 118 29.05 -23.45 59.09
C ASN JA 118 28.02 -23.10 58.02
N ALA JA 119 28.49 -22.71 56.84
CA ALA JA 119 27.58 -22.38 55.74
C ALA JA 119 26.77 -23.59 55.30
N LEU JA 120 27.42 -24.75 55.21
CA LEU JA 120 26.74 -25.94 54.71
C LEU JA 120 25.84 -26.55 55.77
N GLY JA 121 25.99 -26.15 57.03
CA GLY JA 121 25.27 -26.77 58.12
C GLY JA 121 25.87 -28.05 58.63
N THR JA 122 27.12 -28.33 58.32
CA THR JA 122 27.78 -29.52 58.83
C THR JA 122 27.82 -29.50 60.35
N PRO JA 123 27.50 -30.62 61.01
CA PRO JA 123 27.77 -30.71 62.45
C PRO JA 123 29.27 -30.78 62.71
N THR JA 124 29.83 -29.69 63.23
CA THR JA 124 31.27 -29.64 63.44
C THR JA 124 31.70 -30.43 64.67
N GLN JA 125 30.79 -30.63 65.62
CA GLN JA 125 31.11 -31.43 66.79
C GLN JA 125 31.40 -32.87 66.41
N SER JA 126 30.64 -33.42 65.46
CA SER JA 126 30.93 -34.74 64.94
C SER JA 126 32.32 -34.78 64.30
N VAL JA 127 32.72 -33.70 63.64
CA VAL JA 127 34.04 -33.66 63.04
C VAL JA 127 35.12 -33.64 64.12
N ALA JA 128 34.87 -32.91 65.21
CA ALA JA 128 35.81 -32.91 66.32
C ALA JA 128 35.93 -34.30 66.96
N ARG JA 129 34.80 -34.99 67.09
CA ARG JA 129 34.84 -36.38 67.57
C ARG JA 129 35.64 -37.26 66.61
N ALA JA 130 35.48 -37.04 65.31
CA ALA JA 130 36.29 -37.79 64.34
C ALA JA 130 37.76 -37.52 64.53
N VAL JA 131 38.14 -36.26 64.73
CA VAL JA 131 39.55 -35.91 64.90
C VAL JA 131 40.12 -36.53 66.18
N GLN JA 132 39.36 -36.50 67.28
CA GLN JA 132 39.85 -37.14 68.49
C GLN JA 132 39.85 -38.66 68.35
N LEU JA 133 39.02 -39.22 67.47
CA LEU JA 133 39.14 -40.63 67.15
C LEU JA 133 40.42 -40.91 66.35
N MET JA 134 40.81 -39.97 65.50
CA MET JA 134 42.12 -40.05 64.87
C MET JA 134 43.21 -40.08 65.94
N LYS JA 135 43.05 -39.24 66.97
CA LYS JA 135 43.93 -39.30 68.13
C LYS JA 135 43.96 -40.70 68.74
N ASP JA 136 42.78 -41.28 68.97
CA ASP JA 136 42.71 -42.57 69.64
C ASP JA 136 43.43 -43.64 68.82
N ALA JA 137 43.10 -43.74 67.53
CA ALA JA 137 43.73 -44.75 66.69
C ALA JA 137 45.21 -44.47 66.47
N ALA JA 138 45.62 -43.21 66.42
CA ALA JA 138 47.03 -42.87 66.31
C ALA JA 138 47.80 -43.31 67.55
N MET JA 139 47.20 -43.14 68.73
CA MET JA 139 47.83 -43.66 69.94
C MET JA 139 47.88 -45.18 69.92
N VAL JA 140 46.82 -45.82 69.43
CA VAL JA 140 46.80 -47.28 69.37
C VAL JA 140 47.89 -47.81 68.45
N HIS JA 141 48.14 -47.12 67.35
CA HIS JA 141 49.07 -47.64 66.34
C HIS JA 141 50.50 -47.19 66.56
N LEU JA 142 50.70 -45.95 67.04
CA LEU JA 142 52.04 -45.43 67.25
C LEU JA 142 52.71 -46.04 68.47
N LYS JA 143 51.94 -46.50 69.45
CA LYS JA 143 52.53 -47.18 70.60
C LYS JA 143 53.17 -48.51 70.21
N SER JA 144 52.83 -49.04 69.04
CA SER JA 144 53.42 -50.28 68.57
C SER JA 144 54.89 -50.08 68.25
N THR JA 145 55.76 -50.78 68.97
CA THR JA 145 57.20 -50.66 68.80
C THR JA 145 57.78 -51.90 68.12
N ALA JA 146 56.95 -52.89 67.80
CA ALA JA 146 57.44 -54.08 67.11
C ALA JA 146 58.10 -53.71 65.80
N ASN JA 147 59.22 -54.37 65.50
CA ASN JA 147 59.98 -54.17 64.26
C ASN JA 147 60.59 -52.78 64.20
N VAL JA 148 60.86 -52.16 65.35
CA VAL JA 148 61.59 -50.90 65.42
C VAL JA 148 62.18 -50.79 66.82
N THR JA 149 63.28 -50.04 66.92
CA THR JA 149 63.99 -49.92 68.19
C THR JA 149 63.13 -49.20 69.23
N VAL JA 150 63.29 -49.62 70.49
CA VAL JA 150 62.48 -49.08 71.57
C VAL JA 150 63.13 -47.82 72.12
N GLY JA 151 62.33 -46.97 72.77
CA GLY JA 151 62.84 -45.74 73.35
C GLY JA 151 61.71 -44.93 73.94
N ASP JA 152 61.96 -43.63 74.06
CA ASP JA 152 60.98 -42.70 74.61
C ASP JA 152 60.25 -41.97 73.48
N CYS JA 153 58.95 -41.75 73.67
CA CYS JA 153 58.12 -41.10 72.66
C CYS JA 153 57.10 -40.15 73.30
N SER JA 154 57.35 -39.73 74.55
CA SER JA 154 56.42 -38.80 75.20
C SER JA 154 56.42 -37.44 74.52
N SER JA 155 57.55 -37.02 73.96
CA SER JA 155 57.60 -35.77 73.21
C SER JA 155 56.70 -35.84 71.98
N LEU JA 156 56.81 -36.92 71.21
CA LEU JA 156 55.93 -37.10 70.05
C LEU JA 156 54.48 -37.26 70.48
N TYR JA 157 54.25 -37.97 71.58
CA TYR JA 157 52.89 -38.10 72.09
C TYR JA 157 52.29 -36.72 72.35
N SER JA 158 53.01 -35.87 73.09
CA SER JA 158 52.52 -34.53 73.39
C SER JA 158 52.36 -33.70 72.13
N GLU JA 159 53.29 -33.82 71.18
CA GLU JA 159 53.25 -32.98 69.99
C GLU JA 159 52.07 -33.34 69.08
N ALA JA 160 51.86 -34.63 68.85
CA ALA JA 160 50.69 -35.06 68.08
C ALA JA 160 49.41 -34.75 68.83
N ALA JA 161 49.45 -34.79 70.17
CA ALA JA 161 48.31 -34.34 70.95
C ALA JA 161 48.00 -32.88 70.69
N THR JA 162 49.03 -32.03 70.67
CA THR JA 162 48.82 -30.63 70.35
C THR JA 162 48.22 -30.46 68.96
N TYR JA 163 48.72 -31.23 67.99
CA TYR JA 163 48.26 -31.05 66.61
C TYR JA 163 46.79 -31.46 66.44
N PHE JA 164 46.42 -32.65 66.96
CA PHE JA 164 45.01 -33.04 66.95
C PHE JA 164 44.14 -32.10 67.78
N ASP JA 165 44.61 -31.65 68.95
CA ASP JA 165 43.79 -30.75 69.76
C ASP JA 165 43.53 -29.44 69.05
N LYS JA 166 44.56 -28.85 68.45
CA LYS JA 166 44.38 -27.58 67.75
C LYS JA 166 43.59 -27.77 66.47
N ALA JA 167 43.74 -28.93 65.82
CA ALA JA 167 42.90 -29.22 64.65
C ALA JA 167 41.43 -29.28 65.03
N ALA JA 168 41.11 -29.98 66.11
CA ALA JA 168 39.73 -30.06 66.57
C ALA JA 168 39.21 -28.69 67.00
N ALA JA 169 40.05 -27.89 67.65
CA ALA JA 169 39.65 -26.56 68.08
C ALA JA 169 39.36 -25.67 66.87
N SER JA 170 40.25 -25.68 65.87
CA SER JA 170 40.05 -24.86 64.68
C SER JA 170 38.82 -25.30 63.90
N ILE JA 171 38.62 -26.62 63.76
CA ILE JA 171 37.48 -27.12 63.01
C ILE JA 171 36.18 -26.75 63.69
N ALA JA 172 36.08 -27.02 65.00
CA ALA JA 172 34.86 -26.73 65.75
C ALA JA 172 34.86 -25.28 66.24
N MET KA 1 56.19 -7.24 11.96
CA MET KA 1 56.55 -7.68 10.61
C MET KA 1 57.59 -6.70 10.04
N ASN KA 2 57.95 -6.86 8.77
CA ASN KA 2 59.04 -6.12 8.14
C ASN KA 2 58.48 -5.21 7.07
N ASP KA 3 58.33 -3.93 7.41
CA ASP KA 3 57.89 -2.92 6.46
C ASP KA 3 59.04 -2.56 5.51
N VAL KA 4 58.78 -1.61 4.61
CA VAL KA 4 59.80 -1.20 3.65
C VAL KA 4 60.97 -0.52 4.37
N PHE KA 5 60.67 0.33 5.35
CA PHE KA 5 61.74 0.92 6.14
C PHE KA 5 62.46 -0.15 6.95
N THR KA 6 61.71 -1.11 7.50
CA THR KA 6 62.33 -2.20 8.22
C THR KA 6 63.22 -3.03 7.30
N ARG KA 7 62.79 -3.26 6.07
CA ARG KA 7 63.64 -3.97 5.11
C ARG KA 7 64.91 -3.18 4.80
N ALA KA 8 64.80 -1.86 4.66
CA ALA KA 8 65.98 -1.05 4.43
C ALA KA 8 66.96 -1.16 5.61
N ILE KA 9 66.45 -1.09 6.83
CA ILE KA 9 67.32 -1.19 8.00
C ILE KA 9 67.93 -2.58 8.10
N ALA KA 10 67.15 -3.61 7.79
CA ALA KA 10 67.65 -4.98 7.85
C ALA KA 10 68.76 -5.20 6.84
N GLN KA 11 68.59 -4.70 5.61
CA GLN KA 11 69.66 -4.86 4.63
C GLN KA 11 70.87 -4.01 5.01
N ALA KA 12 70.64 -2.86 5.66
CA ALA KA 12 71.76 -2.07 6.15
C ALA KA 12 72.58 -2.84 7.19
N ASP KA 13 71.88 -3.51 8.11
CA ASP KA 13 72.58 -4.37 9.08
C ASP KA 13 73.28 -5.52 8.39
N LEU KA 14 72.65 -6.09 7.35
CA LEU KA 14 73.27 -7.17 6.61
C LEU KA 14 74.58 -6.73 5.98
N LYS KA 15 74.62 -5.50 5.47
CA LYS KA 15 75.89 -4.93 5.00
C LYS KA 15 76.60 -4.13 6.08
N GLY KA 16 75.98 -3.97 7.26
CA GLY KA 16 76.66 -3.37 8.39
C GLY KA 16 77.09 -1.93 8.21
N SER KA 17 76.47 -1.18 7.32
CA SER KA 17 76.86 0.19 7.05
C SER KA 17 75.71 1.15 7.36
N PHE KA 18 76.02 2.44 7.33
CA PHE KA 18 75.02 3.48 7.49
C PHE KA 18 74.14 3.56 6.24
N LEU KA 19 73.09 4.35 6.35
CA LEU KA 19 72.27 4.63 5.17
C LEU KA 19 73.02 5.53 4.21
N LEU KA 20 72.88 5.27 2.92
CA LEU KA 20 73.34 6.21 1.91
C LEU KA 20 72.36 7.36 1.80
N GLU KA 21 72.83 8.46 1.19
CA GLU KA 21 71.94 9.59 0.96
C GLU KA 21 70.81 9.20 0.02
N SER KA 22 71.12 8.37 -0.98
CA SER KA 22 70.10 7.88 -1.90
C SER KA 22 69.03 7.07 -1.16
N ASP KA 23 69.43 6.30 -0.15
CA ASP KA 23 68.46 5.59 0.67
C ASP KA 23 67.46 6.56 1.30
N LEU KA 24 67.98 7.60 1.96
CA LEU KA 24 67.09 8.61 2.54
C LEU KA 24 66.27 9.29 1.46
N ASP KA 25 66.79 9.36 0.23
CA ASP KA 25 66.02 9.97 -0.85
C ASP KA 25 64.79 9.13 -1.19
N LYS KA 26 64.97 7.82 -1.41
CA LYS KA 26 63.80 6.99 -1.67
C LYS KA 26 62.86 7.00 -0.46
N LEU KA 27 63.41 7.02 0.74
CA LEU KA 27 62.56 6.94 1.91
C LEU KA 27 61.73 8.22 2.08
N ALA KA 28 62.35 9.37 1.80
CA ALA KA 28 61.60 10.63 1.79
C ALA KA 28 60.55 10.65 0.70
N SER KA 29 60.85 10.07 -0.47
CA SER KA 29 59.84 9.98 -1.51
C SER KA 29 58.65 9.14 -1.04
N PHE KA 30 58.93 8.03 -0.36
CA PHE KA 30 57.85 7.21 0.17
C PHE KA 30 57.04 7.98 1.22
N ALA KA 31 57.73 8.72 2.08
CA ALA KA 31 57.04 9.49 3.11
C ALA KA 31 56.14 10.56 2.48
N LYS KA 32 56.63 11.25 1.46
CA LYS KA 32 55.82 12.30 0.84
C LYS KA 32 54.65 11.71 0.06
N GLU KA 33 54.83 10.53 -0.54
CA GLU KA 33 53.71 9.90 -1.23
C GLU KA 33 52.77 9.16 -0.29
N GLY KA 34 53.13 9.07 1.00
CA GLY KA 34 52.24 8.44 1.97
C GLY KA 34 50.86 9.06 2.04
N VAL KA 35 50.72 10.34 1.68
CA VAL KA 35 49.40 10.96 1.66
C VAL KA 35 48.53 10.33 0.59
N LYS KA 36 49.07 10.21 -0.63
CA LYS KA 36 48.36 9.50 -1.69
C LYS KA 36 48.11 8.05 -1.29
N ARG KA 37 49.06 7.45 -0.57
CA ARG KA 37 48.87 6.11 -0.06
C ARG KA 37 47.65 6.02 0.86
N LEU KA 38 47.51 6.99 1.76
CA LEU KA 38 46.37 7.00 2.67
C LEU KA 38 45.06 7.18 1.91
N ASP KA 39 45.08 8.05 0.90
CA ASP KA 39 43.88 8.19 0.07
C ASP KA 39 43.53 6.86 -0.60
N ALA KA 40 44.54 6.15 -1.10
CA ALA KA 40 44.30 4.86 -1.73
C ALA KA 40 43.70 3.86 -0.74
N VAL KA 41 44.28 3.77 0.46
CA VAL KA 41 43.82 2.77 1.41
C VAL KA 41 42.41 3.12 1.90
N ALA KA 42 42.12 4.42 2.02
CA ALA KA 42 40.74 4.83 2.34
C ALA KA 42 39.79 4.41 1.24
N ALA KA 43 40.20 4.56 -0.02
CA ALA KA 43 39.39 4.09 -1.14
C ALA KA 43 39.12 2.59 -1.01
N LEU KA 44 40.13 1.82 -0.60
CA LEU KA 44 39.93 0.39 -0.34
C LEU KA 44 38.90 0.18 0.76
N THR KA 45 39.09 0.81 1.91
CA THR KA 45 38.25 0.53 3.07
C THR KA 45 36.80 0.91 2.84
N ASN KA 46 36.57 2.08 2.22
CA ASN KA 46 35.21 2.56 2.06
C ASN KA 46 34.36 1.60 1.25
N ASN KA 47 34.89 1.11 0.13
CA ASN KA 47 34.12 0.29 -0.78
C ASN KA 47 34.34 -1.21 -0.57
N ALA KA 48 35.10 -1.59 0.45
CA ALA KA 48 35.49 -2.98 0.61
C ALA KA 48 34.32 -3.96 0.61
N PRO KA 49 33.25 -3.75 1.40
CA PRO KA 49 32.11 -4.69 1.28
C PRO KA 49 31.49 -4.67 -0.10
N ALA KA 50 31.33 -3.48 -0.69
CA ALA KA 50 30.80 -3.39 -2.04
C ALA KA 50 31.70 -4.10 -3.03
N ILE KA 51 33.01 -3.89 -2.89
CA ILE KA 51 33.97 -4.49 -3.82
C ILE KA 51 33.92 -6.01 -3.74
N ILE KA 52 33.94 -6.56 -2.53
CA ILE KA 52 33.90 -8.01 -2.41
C ILE KA 52 32.57 -8.53 -2.95
N SER KA 53 31.48 -7.80 -2.71
CA SER KA 53 30.18 -8.26 -3.18
C SER KA 53 30.13 -8.36 -4.70
N ASP KA 54 30.50 -7.28 -5.41
CA ASP KA 54 30.32 -7.35 -6.85
C ASP KA 54 31.38 -8.24 -7.48
N ALA KA 55 32.56 -8.31 -6.87
CA ALA KA 55 33.55 -9.26 -7.34
C ALA KA 55 33.04 -10.69 -7.25
N ALA KA 56 32.39 -11.03 -6.14
CA ALA KA 56 31.75 -12.33 -6.03
C ALA KA 56 30.68 -12.50 -7.09
N HIS KA 57 29.94 -11.43 -7.39
CA HIS KA 57 28.96 -11.49 -8.46
C HIS KA 57 29.61 -11.91 -9.77
N LYS KA 58 30.68 -11.21 -10.17
CA LYS KA 58 31.34 -11.57 -11.43
C LYS KA 58 31.91 -12.98 -11.36
N LEU KA 59 32.41 -13.38 -10.21
CA LEU KA 59 32.99 -14.72 -10.09
C LEU KA 59 31.95 -15.79 -10.31
N PHE KA 60 30.84 -15.70 -9.58
CA PHE KA 60 29.84 -16.76 -9.64
C PHE KA 60 29.06 -16.74 -10.94
N ALA KA 61 28.86 -15.56 -11.54
CA ALA KA 61 28.37 -15.51 -12.91
C ALA KA 61 29.37 -16.15 -13.85
N GLU KA 62 30.66 -15.90 -13.62
CA GLU KA 62 31.70 -16.46 -14.47
C GLU KA 62 31.83 -17.97 -14.26
N GLN KA 63 31.55 -18.43 -13.06
CA GLN KA 63 31.71 -19.84 -12.71
C GLN KA 63 30.45 -20.27 -11.98
N GLN KA 64 29.55 -20.95 -12.69
CA GLN KA 64 28.27 -21.39 -12.16
C GLN KA 64 28.32 -22.79 -11.59
N GLU KA 65 29.41 -23.53 -11.83
CA GLU KA 65 29.50 -24.92 -11.43
C GLU KA 65 29.75 -25.11 -9.94
N LEU KA 66 29.74 -24.03 -9.15
CA LEU KA 66 30.12 -24.15 -7.76
C LEU KA 66 28.93 -23.93 -6.83
N ILE KA 67 28.18 -22.85 -7.05
CA ILE KA 67 27.00 -22.58 -6.22
C ILE KA 67 25.99 -23.71 -6.34
N GLN KA 68 25.97 -24.39 -7.48
CA GLN KA 68 25.15 -25.58 -7.65
C GLN KA 68 25.68 -26.74 -6.82
N PRO KA 69 24.83 -27.72 -6.52
CA PRO KA 69 25.24 -28.76 -5.55
C PRO KA 69 26.40 -29.59 -6.03
N GLY KA 70 27.16 -30.11 -5.06
CA GLY KA 70 28.42 -30.76 -5.34
C GLY KA 70 29.60 -29.80 -5.41
N GLY KA 71 29.38 -28.51 -5.21
CA GLY KA 71 30.46 -27.55 -5.18
C GLY KA 71 30.85 -27.18 -3.76
N ASN KA 72 32.14 -26.88 -3.60
CA ASN KA 72 32.66 -26.53 -2.28
C ASN KA 72 32.29 -25.13 -1.86
N ALA KA 73 31.28 -24.54 -2.48
CA ALA KA 73 30.60 -23.36 -1.96
C ALA KA 73 29.10 -23.59 -1.80
N TYR KA 74 28.59 -24.72 -2.31
CA TYR KA 74 27.16 -25.02 -2.21
C TYR KA 74 26.59 -24.88 -0.80
N PRO KA 75 27.05 -25.63 0.20
CA PRO KA 75 26.27 -25.76 1.43
C PRO KA 75 26.07 -24.46 2.21
N HIS KA 76 26.54 -23.36 1.66
CA HIS KA 76 26.17 -22.00 2.10
C HIS KA 76 26.81 -21.62 3.43
N ARG KA 77 27.40 -22.59 4.12
CA ARG KA 77 28.43 -22.25 5.09
C ARG KA 77 29.69 -21.83 4.35
N ARG KA 78 29.95 -22.54 3.25
CA ARG KA 78 31.06 -22.22 2.38
C ARG KA 78 30.89 -20.86 1.71
N MET KA 79 29.65 -20.38 1.57
CA MET KA 79 29.44 -18.94 1.34
C MET KA 79 30.16 -18.10 2.38
N ALA KA 80 29.93 -18.39 3.66
CA ALA KA 80 30.55 -17.59 4.71
C ALA KA 80 32.06 -17.67 4.62
N ALA KA 81 32.58 -18.89 4.46
CA ALA KA 81 34.03 -19.05 4.40
C ALA KA 81 34.62 -18.32 3.20
N CYS KA 82 33.99 -18.45 2.04
CA CYS KA 82 34.49 -17.81 0.82
C CYS KA 82 34.48 -16.30 0.95
N LEU KA 83 33.37 -15.73 1.42
CA LEU KA 83 33.29 -14.27 1.55
C LEU KA 83 34.31 -13.77 2.56
N ARG KA 84 34.45 -14.48 3.68
CA ARG KA 84 35.47 -14.12 4.65
C ARG KA 84 36.86 -14.19 4.03
N ASP KA 85 37.08 -15.17 3.14
CA ASP KA 85 38.38 -15.29 2.49
C ASP KA 85 38.68 -14.08 1.62
N MET KA 86 37.73 -13.68 0.77
CA MET KA 86 37.98 -12.45 -0.01
C MET KA 86 38.21 -11.26 0.91
N GLU KA 87 37.37 -11.14 1.94
CA GLU KA 87 37.52 -10.03 2.86
C GLU KA 87 38.92 -9.98 3.44
N ILE KA 88 39.42 -11.10 3.95
CA ILE KA 88 40.69 -11.09 4.65
C ILE KA 88 41.85 -10.91 3.68
N ILE KA 89 41.74 -11.47 2.45
CA ILE KA 89 42.84 -11.30 1.52
C ILE KA 89 42.93 -9.85 1.05
N LEU KA 90 41.78 -9.21 0.80
CA LEU KA 90 41.81 -7.78 0.51
C LEU KA 90 42.31 -6.98 1.69
N ARG KA 91 41.99 -7.42 2.91
CA ARG KA 91 42.47 -6.73 4.09
C ARG KA 91 43.99 -6.79 4.18
N TYR KA 92 44.56 -7.97 3.95
CA TYR KA 92 46.01 -8.09 4.01
C TYR KA 92 46.69 -7.38 2.86
N VAL KA 93 46.11 -7.38 1.67
CA VAL KA 93 46.75 -6.65 0.59
C VAL KA 93 46.64 -5.15 0.83
N SER KA 94 45.57 -4.70 1.51
CA SER KA 94 45.52 -3.32 1.96
C SER KA 94 46.63 -3.03 2.96
N TYR KA 95 46.89 -3.98 3.85
CA TYR KA 95 48.01 -3.84 4.77
C TYR KA 95 49.31 -3.68 4.01
N ALA KA 96 49.50 -4.50 2.96
CA ALA KA 96 50.70 -4.42 2.16
C ALA KA 96 50.82 -3.08 1.45
N LEU KA 97 49.72 -2.59 0.89
CA LEU KA 97 49.72 -1.28 0.25
C LEU KA 97 50.11 -0.19 1.24
N LEU KA 98 49.42 -0.14 2.37
CA LEU KA 98 49.71 0.87 3.39
C LEU KA 98 51.17 0.82 3.80
N ALA KA 99 51.69 -0.38 4.07
CA ALA KA 99 53.10 -0.50 4.43
C ALA KA 99 54.01 -0.26 3.24
N GLY KA 100 53.51 -0.46 2.02
CA GLY KA 100 54.35 -0.36 0.85
C GLY KA 100 55.31 -1.51 0.67
N ASP KA 101 55.22 -2.54 1.51
CA ASP KA 101 56.12 -3.68 1.45
C ASP KA 101 55.27 -4.94 1.51
N ALA KA 102 55.37 -5.77 0.48
CA ALA KA 102 54.56 -6.97 0.36
C ALA KA 102 54.98 -8.08 1.32
N SER KA 103 55.92 -7.80 2.23
CA SER KA 103 56.38 -8.82 3.17
C SER KA 103 55.24 -9.30 4.07
N VAL KA 104 54.47 -8.37 4.63
CA VAL KA 104 53.39 -8.75 5.53
C VAL KA 104 52.35 -9.58 4.80
N LEU KA 105 52.13 -9.28 3.52
CA LEU KA 105 51.31 -10.16 2.69
C LEU KA 105 51.86 -11.58 2.71
N ASP KA 106 53.15 -11.73 2.42
CA ASP KA 106 53.77 -13.05 2.33
C ASP KA 106 53.61 -13.80 3.64
N ASP KA 107 53.82 -13.13 4.77
CA ASP KA 107 53.81 -13.81 6.05
C ASP KA 107 52.39 -14.09 6.53
N ARG KA 108 51.60 -13.05 6.76
CA ARG KA 108 50.32 -13.27 7.42
C ARG KA 108 49.29 -13.85 6.48
N CYS KA 109 49.47 -13.69 5.15
CA CYS KA 109 48.48 -14.12 4.18
C CYS KA 109 48.84 -15.44 3.52
N LEU KA 110 50.01 -15.52 2.89
CA LEU KA 110 50.27 -16.59 1.95
C LEU KA 110 51.50 -17.43 2.27
N ASN KA 111 51.82 -17.65 3.54
CA ASN KA 111 52.91 -18.56 3.86
C ASN KA 111 52.62 -19.97 3.34
N GLY KA 112 51.47 -20.53 3.70
CA GLY KA 112 51.15 -21.91 3.36
C GLY KA 112 49.74 -22.21 2.94
N LEU KA 113 49.03 -21.28 2.31
CA LEU KA 113 47.60 -21.48 2.06
C LEU KA 113 47.38 -22.47 0.93
N ARG KA 114 48.40 -22.72 0.12
CA ARG KA 114 48.22 -23.59 -1.05
C ARG KA 114 47.85 -24.99 -0.59
N GLU KA 115 48.67 -25.55 0.30
CA GLU KA 115 48.35 -26.83 0.91
C GLU KA 115 47.02 -26.77 1.65
N THR KA 116 46.71 -25.63 2.27
CA THR KA 116 45.44 -25.49 2.97
C THR KA 116 44.27 -25.76 2.03
N TYR KA 117 44.22 -25.05 0.90
CA TYR KA 117 43.13 -25.24 -0.04
C TYR KA 117 43.16 -26.61 -0.69
N ASN KA 118 44.34 -27.10 -1.08
CA ASN KA 118 44.39 -28.41 -1.72
C ASN KA 118 43.92 -29.52 -0.79
N ALA KA 119 44.34 -29.47 0.47
CA ALA KA 119 43.84 -30.40 1.47
C ALA KA 119 42.37 -30.15 1.79
N LEU KA 120 41.85 -28.97 1.48
CA LEU KA 120 40.43 -28.70 1.60
C LEU KA 120 39.64 -28.98 0.33
N GLY KA 121 40.31 -29.34 -0.76
CA GLY KA 121 39.64 -29.59 -2.02
C GLY KA 121 39.33 -28.36 -2.83
N THR KA 122 39.65 -27.17 -2.32
CA THR KA 122 39.37 -25.95 -3.05
C THR KA 122 40.25 -25.85 -4.29
N PRO KA 123 39.68 -25.59 -5.46
CA PRO KA 123 40.52 -25.35 -6.63
C PRO KA 123 41.05 -23.92 -6.66
N THR KA 124 42.35 -23.78 -6.39
CA THR KA 124 42.94 -22.47 -6.20
C THR KA 124 42.82 -21.61 -7.45
N GLN KA 125 42.79 -22.22 -8.64
CA GLN KA 125 42.62 -21.45 -9.86
C GLN KA 125 41.41 -20.53 -9.78
N SER KA 126 40.32 -21.05 -9.23
CA SER KA 126 39.15 -20.22 -8.96
C SER KA 126 39.53 -19.04 -8.07
N VAL KA 127 40.36 -19.28 -7.05
CA VAL KA 127 40.77 -18.19 -6.17
C VAL KA 127 41.60 -17.17 -6.95
N ALA KA 128 42.35 -17.63 -7.94
CA ALA KA 128 43.17 -16.73 -8.74
C ALA KA 128 42.29 -15.78 -9.55
N ARG KA 129 41.31 -16.32 -10.30
CA ARG KA 129 40.32 -15.43 -10.89
C ARG KA 129 39.60 -14.59 -9.84
N ALA KA 130 39.42 -15.12 -8.63
CA ALA KA 130 38.77 -14.33 -7.59
C ALA KA 130 39.57 -13.06 -7.31
N VAL KA 131 40.87 -13.21 -7.09
CA VAL KA 131 41.68 -12.05 -6.72
C VAL KA 131 41.85 -11.12 -7.92
N GLN KA 132 41.91 -11.64 -9.14
CA GLN KA 132 42.02 -10.71 -10.26
C GLN KA 132 40.71 -9.96 -10.50
N LEU KA 133 39.57 -10.60 -10.25
CA LEU KA 133 38.33 -9.82 -10.23
C LEU KA 133 38.35 -8.82 -9.09
N MET KA 134 39.00 -9.16 -7.98
CA MET KA 134 39.14 -8.21 -6.88
C MET KA 134 39.86 -6.95 -7.35
N LYS KA 135 40.99 -7.11 -8.06
CA LYS KA 135 41.71 -5.94 -8.54
C LYS KA 135 40.88 -5.19 -9.57
N ASP KA 136 40.19 -5.92 -10.44
CA ASP KA 136 39.36 -5.27 -11.45
C ASP KA 136 38.32 -4.36 -10.79
N ALA KA 137 37.66 -4.86 -9.74
CA ALA KA 137 36.69 -4.04 -9.03
C ALA KA 137 37.35 -2.88 -8.30
N ALA KA 138 38.48 -3.14 -7.62
CA ALA KA 138 39.08 -2.13 -6.76
C ALA KA 138 39.64 -0.96 -7.54
N MET KA 139 40.31 -1.22 -8.68
CA MET KA 139 40.99 -0.14 -9.40
C MET KA 139 40.04 0.97 -9.80
N VAL KA 140 38.76 0.66 -9.99
CA VAL KA 140 37.78 1.71 -10.29
C VAL KA 140 37.67 2.68 -9.11
N HIS KA 141 37.48 2.14 -7.91
CA HIS KA 141 37.42 2.99 -6.73
C HIS KA 141 38.73 3.73 -6.50
N LEU KA 142 39.85 3.09 -6.82
CA LEU KA 142 41.14 3.76 -6.68
C LEU KA 142 41.21 4.96 -7.62
N LYS KA 143 40.76 4.81 -8.87
CA LYS KA 143 40.72 5.95 -9.77
C LYS KA 143 39.65 6.97 -9.39
N SER KA 144 38.73 6.61 -8.50
CA SER KA 144 37.69 7.54 -8.10
C SER KA 144 38.26 8.64 -7.22
N THR KA 145 38.21 9.87 -7.71
CA THR KA 145 38.67 11.04 -6.97
C THR KA 145 37.52 11.75 -6.28
N ALA KA 146 36.38 11.07 -6.11
CA ALA KA 146 35.22 11.67 -5.47
C ALA KA 146 35.59 12.18 -4.08
N ASN KA 147 35.44 13.49 -3.89
CA ASN KA 147 35.71 14.20 -2.65
C ASN KA 147 37.19 14.28 -2.32
N VAL KA 148 38.07 13.99 -3.26
CA VAL KA 148 39.51 14.06 -3.05
C VAL KA 148 40.14 14.83 -4.19
N THR KA 149 41.24 15.51 -3.88
CA THR KA 149 42.01 16.22 -4.89
C THR KA 149 42.59 15.23 -5.91
N VAL KA 150 42.49 15.58 -7.18
CA VAL KA 150 42.94 14.72 -8.26
C VAL KA 150 44.46 14.74 -8.31
N GLY KA 151 45.05 13.66 -8.80
CA GLY KA 151 46.49 13.60 -8.96
C GLY KA 151 46.92 12.27 -9.55
N ASP KA 152 48.21 12.17 -9.82
CA ASP KA 152 48.80 10.96 -10.40
C ASP KA 152 49.24 10.03 -9.28
N CYS KA 153 48.75 8.79 -9.32
CA CYS KA 153 49.22 7.73 -8.44
C CYS KA 153 49.60 6.49 -9.25
N SER KA 154 50.07 6.70 -10.47
CA SER KA 154 50.48 5.60 -11.33
C SER KA 154 51.47 4.68 -10.63
N SER KA 155 52.35 5.26 -9.82
CA SER KA 155 53.23 4.44 -8.99
C SER KA 155 52.42 3.58 -8.03
N LEU KA 156 51.48 4.18 -7.30
CA LEU KA 156 50.63 3.42 -6.38
C LEU KA 156 49.76 2.43 -7.14
N TYR KA 157 49.27 2.83 -8.31
CA TYR KA 157 48.39 1.97 -9.09
C TYR KA 157 49.14 0.71 -9.54
N SER KA 158 50.34 0.90 -10.07
CA SER KA 158 51.18 -0.24 -10.46
C SER KA 158 51.59 -1.05 -9.25
N GLU KA 159 51.84 -0.41 -8.10
CA GLU KA 159 52.20 -1.14 -6.90
C GLU KA 159 51.09 -2.07 -6.47
N ALA KA 160 49.85 -1.59 -6.48
CA ALA KA 160 48.71 -2.45 -6.17
C ALA KA 160 48.54 -3.53 -7.23
N ALA KA 161 48.80 -3.19 -8.49
CA ALA KA 161 48.73 -4.19 -9.55
C ALA KA 161 49.69 -5.34 -9.28
N THR KA 162 50.95 -5.04 -8.99
CA THR KA 162 51.91 -6.09 -8.68
C THR KA 162 51.58 -6.79 -7.37
N TYR KA 163 50.94 -6.08 -6.43
CA TYR KA 163 50.46 -6.76 -5.22
C TYR KA 163 49.49 -7.88 -5.56
N PHE KA 164 48.49 -7.57 -6.39
CA PHE KA 164 47.53 -8.62 -6.72
C PHE KA 164 48.14 -9.65 -7.66
N ASP KA 165 49.14 -9.25 -8.44
CA ASP KA 165 49.88 -10.23 -9.23
C ASP KA 165 50.60 -11.22 -8.33
N LYS KA 166 51.22 -10.72 -7.27
CA LYS KA 166 51.81 -11.59 -6.25
C LYS KA 166 50.75 -12.52 -5.69
N ALA KA 167 49.60 -11.98 -5.31
CA ALA KA 167 48.54 -12.83 -4.76
C ALA KA 167 48.14 -13.91 -5.75
N ALA KA 168 47.99 -13.55 -7.03
CA ALA KA 168 47.58 -14.50 -8.05
C ALA KA 168 48.61 -15.61 -8.22
N ALA KA 169 49.84 -15.24 -8.57
CA ALA KA 169 50.88 -16.24 -8.76
C ALA KA 169 51.09 -17.08 -7.51
N SER KA 170 50.90 -16.47 -6.34
CA SER KA 170 51.03 -17.19 -5.07
C SER KA 170 49.99 -18.29 -4.96
N ILE KA 171 48.71 -17.91 -4.94
CA ILE KA 171 47.66 -18.90 -4.70
C ILE KA 171 47.54 -19.89 -5.85
N ALA KA 172 47.89 -19.49 -7.07
CA ALA KA 172 47.78 -20.35 -8.24
C ALA KA 172 48.47 -21.69 -8.04
N MET LA 1 65.69 -39.14 31.10
CA MET LA 1 65.31 -39.27 32.50
C MET LA 1 65.97 -40.47 33.16
N ASN LA 2 66.42 -41.41 32.33
CA ASN LA 2 66.96 -42.67 32.81
C ASN LA 2 68.43 -42.50 33.17
N ASP LA 3 68.83 -43.12 34.27
CA ASP LA 3 70.23 -43.18 34.66
C ASP LA 3 70.76 -44.59 34.46
N VAL LA 4 72.08 -44.75 34.63
CA VAL LA 4 72.70 -46.05 34.43
C VAL LA 4 72.12 -47.07 35.39
N PHE LA 5 71.87 -46.66 36.63
CA PHE LA 5 71.18 -47.54 37.58
C PHE LA 5 69.76 -47.88 37.10
N THR LA 6 69.03 -46.87 36.64
CA THR LA 6 67.68 -47.14 36.13
C THR LA 6 67.72 -48.01 34.89
N ARG LA 7 68.71 -47.80 34.01
CA ARG LA 7 68.82 -48.66 32.84
C ARG LA 7 69.21 -50.08 33.26
N ALA LA 8 70.00 -50.22 34.32
CA ALA LA 8 70.31 -51.55 34.82
C ALA LA 8 69.05 -52.26 35.29
N ILE LA 9 68.20 -51.56 36.04
CA ILE LA 9 66.90 -52.13 36.41
C ILE LA 9 66.10 -52.44 35.16
N ALA LA 10 66.21 -51.60 34.14
CA ALA LA 10 65.47 -51.80 32.90
C ALA LA 10 65.85 -53.12 32.23
N GLN LA 11 67.15 -53.39 32.11
CA GLN LA 11 67.56 -54.68 31.55
C GLN LA 11 67.20 -55.83 32.50
N ALA LA 12 67.23 -55.58 33.80
CA ALA LA 12 66.82 -56.62 34.75
C ALA LA 12 65.38 -57.05 34.49
N ASP LA 13 64.50 -56.09 34.23
CA ASP LA 13 63.12 -56.42 33.89
C ASP LA 13 63.00 -56.94 32.46
N LEU LA 14 63.87 -56.48 31.56
CA LEU LA 14 63.84 -56.97 30.19
C LEU LA 14 64.10 -58.46 30.15
N LYS LA 15 65.06 -58.94 30.95
CA LYS LA 15 65.17 -60.37 31.17
C LYS LA 15 64.23 -60.87 32.25
N GLY LA 16 63.55 -59.96 32.96
CA GLY LA 16 62.60 -60.34 33.97
C GLY LA 16 63.21 -60.92 35.23
N SER LA 17 64.53 -60.92 35.35
CA SER LA 17 65.22 -61.51 36.48
C SER LA 17 65.55 -60.44 37.51
N PHE LA 18 65.85 -60.91 38.72
CA PHE LA 18 66.21 -60.01 39.80
C PHE LA 18 67.56 -59.36 39.52
N LEU LA 19 67.85 -58.29 40.27
CA LEU LA 19 69.13 -57.64 40.15
C LEU LA 19 70.24 -58.61 40.54
N LEU LA 20 71.27 -58.68 39.70
CA LEU LA 20 72.34 -59.65 39.91
C LEU LA 20 73.18 -59.26 41.13
N GLU LA 21 74.17 -60.10 41.43
CA GLU LA 21 75.07 -59.80 42.53
C GLU LA 21 76.23 -58.93 42.09
N SER LA 22 76.83 -59.24 40.93
CA SER LA 22 77.98 -58.48 40.45
C SER LA 22 77.60 -57.04 40.11
N ASP LA 23 76.50 -56.86 39.37
CA ASP LA 23 76.09 -55.52 39.00
C ASP LA 23 75.66 -54.71 40.21
N LEU LA 24 75.05 -55.35 41.21
CA LEU LA 24 74.67 -54.61 42.42
C LEU LA 24 75.90 -54.29 43.25
N ASP LA 25 76.93 -55.13 43.20
CA ASP LA 25 78.22 -54.75 43.77
C ASP LA 25 78.79 -53.51 43.09
N LYS LA 26 78.70 -53.47 41.75
CA LYS LA 26 79.11 -52.27 41.03
C LYS LA 26 78.30 -51.07 41.48
N LEU LA 27 77.00 -51.25 41.70
CA LEU LA 27 76.15 -50.16 42.16
C LEU LA 27 76.56 -49.69 43.56
N ALA LA 28 76.91 -50.62 44.44
CA ALA LA 28 77.40 -50.25 45.76
C ALA LA 28 78.69 -49.45 45.65
N SER LA 29 79.60 -49.90 44.78
CA SER LA 29 80.84 -49.16 44.55
C SER LA 29 80.55 -47.76 44.02
N PHE LA 30 79.54 -47.64 43.16
CA PHE LA 30 79.13 -46.33 42.67
C PHE LA 30 78.58 -45.48 43.81
N ALA LA 31 77.82 -46.10 44.71
CA ALA LA 31 77.22 -45.37 45.82
C ALA LA 31 78.27 -44.83 46.76
N LYS LA 32 79.33 -45.61 47.05
CA LYS LA 32 80.36 -45.11 47.96
C LYS LA 32 81.13 -43.97 47.33
N GLU LA 33 81.36 -44.01 46.01
CA GLU LA 33 82.04 -42.94 45.31
C GLU LA 33 81.09 -41.84 44.85
N GLY LA 34 79.80 -41.95 45.17
CA GLY LA 34 78.87 -40.91 44.80
C GLY LA 34 79.25 -39.55 45.36
N VAL LA 35 79.94 -39.53 46.50
CA VAL LA 35 80.45 -38.29 47.06
C VAL LA 35 81.45 -37.65 46.10
N LYS LA 36 82.28 -38.48 45.45
CA LYS LA 36 83.23 -37.95 44.48
C LYS LA 36 82.52 -37.23 43.34
N ARG LA 37 81.48 -37.87 42.78
CA ARG LA 37 80.73 -37.27 41.68
C ARG LA 37 80.00 -36.01 42.14
N LEU LA 38 79.46 -36.05 43.37
CA LEU LA 38 78.81 -34.86 43.92
C LEU LA 38 79.80 -33.70 44.02
N ASP LA 39 81.01 -33.97 44.49
CA ASP LA 39 82.02 -32.91 44.57
C ASP LA 39 82.41 -32.41 43.19
N ALA LA 40 82.50 -33.32 42.22
CA ALA LA 40 82.83 -32.92 40.86
C ALA LA 40 81.77 -31.98 40.29
N VAL LA 41 80.50 -32.33 40.44
CA VAL LA 41 79.46 -31.44 39.92
C VAL LA 41 79.36 -30.17 40.74
N ALA LA 42 79.70 -30.23 42.03
CA ALA LA 42 79.74 -29.00 42.83
C ALA LA 42 80.80 -28.05 42.30
N ALA LA 43 81.96 -28.58 41.94
CA ALA LA 43 82.99 -27.77 41.32
C ALA LA 43 82.52 -27.21 39.98
N LEU LA 44 81.81 -28.04 39.20
CA LEU LA 44 81.20 -27.54 37.97
C LEU LA 44 80.28 -26.37 38.22
N THR LA 45 79.41 -26.49 39.23
CA THR LA 45 78.37 -25.50 39.46
C THR LA 45 78.94 -24.20 40.03
N ASN LA 46 79.83 -24.31 41.02
CA ASN LA 46 80.43 -23.12 41.61
C ASN LA 46 81.22 -22.34 40.57
N ASN LA 47 81.98 -23.04 39.73
CA ASN LA 47 82.79 -22.41 38.71
C ASN LA 47 82.06 -22.25 37.39
N ALA LA 48 80.78 -22.62 37.32
CA ALA LA 48 80.03 -22.51 36.07
C ALA LA 48 80.02 -21.12 35.48
N PRO LA 49 79.74 -20.04 36.22
CA PRO LA 49 79.89 -18.70 35.60
C PRO LA 49 81.31 -18.43 35.14
N ALA LA 50 82.31 -18.80 35.93
CA ALA LA 50 83.70 -18.62 35.52
C ALA LA 50 84.03 -19.47 34.32
N ILE LA 51 83.58 -20.73 34.30
CA ILE LA 51 83.86 -21.63 33.19
C ILE LA 51 83.28 -21.07 31.90
N ILE LA 52 82.01 -20.63 31.95
CA ILE LA 52 81.38 -20.11 30.75
C ILE LA 52 82.04 -18.80 30.31
N SER LA 53 82.40 -17.95 31.28
CA SER LA 53 83.05 -16.69 30.93
C SER LA 53 84.37 -16.95 30.21
N ASP LA 54 85.20 -17.84 30.76
CA ASP LA 54 86.51 -18.11 30.15
C ASP LA 54 86.35 -18.79 28.79
N ALA LA 55 85.46 -19.77 28.69
CA ALA LA 55 85.27 -20.47 27.43
C ALA LA 55 84.75 -19.52 26.35
N ALA LA 56 83.82 -18.63 26.72
CA ALA LA 56 83.32 -17.66 25.76
C ALA LA 56 84.40 -16.66 25.37
N HIS LA 57 85.24 -16.25 26.34
CA HIS LA 57 86.31 -15.30 26.03
C HIS LA 57 87.27 -15.89 25.00
N LYS LA 58 87.71 -17.13 25.22
CA LYS LA 58 88.57 -17.75 24.23
C LYS LA 58 87.82 -18.05 22.94
N LEU LA 59 86.50 -18.26 23.02
CA LEU LA 59 85.69 -18.50 21.82
C LEU LA 59 85.71 -17.28 20.91
N PHE LA 60 85.40 -16.11 21.45
CA PHE LA 60 85.47 -14.89 20.65
C PHE LA 60 86.90 -14.49 20.34
N ALA LA 61 87.87 -14.99 21.11
CA ALA LA 61 89.26 -14.83 20.71
C ALA LA 61 89.54 -15.54 19.41
N GLU LA 62 89.18 -16.82 19.31
CA GLU LA 62 89.52 -17.59 18.11
C GLU LA 62 88.63 -17.23 16.92
N GLN LA 63 87.32 -17.08 17.14
CA GLN LA 63 86.39 -16.76 16.05
C GLN LA 63 86.02 -15.29 16.09
N GLN LA 64 86.05 -14.64 14.93
CA GLN LA 64 85.67 -13.25 14.80
C GLN LA 64 84.54 -13.02 13.80
N GLU LA 65 84.16 -14.05 13.03
CA GLU LA 65 83.12 -13.88 12.02
C GLU LA 65 81.73 -13.76 12.65
N LEU LA 66 81.63 -13.97 13.96
CA LEU LA 66 80.34 -13.89 14.62
C LEU LA 66 80.02 -12.48 15.12
N ILE LA 67 81.03 -11.75 15.61
CA ILE LA 67 80.75 -10.43 16.17
C ILE LA 67 80.55 -9.40 15.06
N GLN LA 68 80.87 -9.74 13.82
CA GLN LA 68 80.71 -8.85 12.69
C GLN LA 68 79.28 -8.91 12.16
N PRO LA 69 78.80 -7.84 11.53
CA PRO LA 69 77.41 -7.82 11.06
C PRO LA 69 77.12 -8.94 10.08
N GLY LA 70 75.95 -9.55 10.24
CA GLY LA 70 75.64 -10.77 9.55
C GLY LA 70 76.19 -12.01 10.21
N GLY LA 71 76.91 -11.86 11.30
CA GLY LA 71 77.38 -13.01 12.04
C GLY LA 71 76.25 -13.71 12.78
N ASN LA 72 76.46 -15.00 13.05
CA ASN LA 72 75.43 -15.80 13.71
C ASN LA 72 75.10 -15.26 15.10
N ALA LA 73 75.96 -14.44 15.69
CA ALA LA 73 75.72 -13.90 17.02
C ALA LA 73 75.88 -12.38 17.06
N TYR LA 74 75.61 -11.68 15.96
CA TYR LA 74 75.84 -10.24 15.92
C TYR LA 74 74.95 -9.44 16.88
N PRO LA 75 73.63 -9.39 16.75
CA PRO LA 75 72.83 -8.64 17.71
C PRO LA 75 72.89 -9.28 19.09
N HIS LA 76 72.66 -8.44 20.11
CA HIS LA 76 72.71 -8.90 21.49
C HIS LA 76 71.86 -10.14 21.71
N ARG LA 77 70.69 -10.20 21.06
CA ARG LA 77 69.81 -11.35 21.23
C ARG LA 77 70.47 -12.64 20.75
N ARG LA 78 71.16 -12.60 19.62
CA ARG LA 78 71.71 -13.82 19.05
C ARG LA 78 72.84 -14.37 19.92
N MET LA 79 73.79 -13.52 20.31
CA MET LA 79 74.86 -14.04 21.16
C MET LA 79 74.35 -14.35 22.57
N ALA LA 80 73.27 -13.70 22.99
CA ALA LA 80 72.61 -14.12 24.23
C ALA LA 80 72.10 -15.55 24.12
N ALA LA 81 71.45 -15.87 23.00
CA ALA LA 81 71.04 -17.25 22.75
C ALA LA 81 72.25 -18.17 22.75
N CYS LA 82 73.34 -17.74 22.13
CA CYS LA 82 74.57 -18.54 22.13
C CYS LA 82 75.05 -18.83 23.55
N LEU LA 83 75.12 -17.79 24.38
CA LEU LA 83 75.60 -17.94 25.75
C LEU LA 83 74.73 -18.90 26.54
N ARG LA 84 73.42 -18.69 26.52
CA ARG LA 84 72.55 -19.60 27.25
C ARG LA 84 72.54 -20.98 26.63
N ASP LA 85 72.91 -21.11 25.34
CA ASP LA 85 73.06 -22.42 24.74
C ASP LA 85 74.20 -23.19 25.38
N MET LA 86 75.38 -22.58 25.49
CA MET LA 86 76.46 -23.26 26.20
C MET LA 86 76.06 -23.53 27.65
N GLU LA 87 75.38 -22.58 28.28
CA GLU LA 87 74.94 -22.77 29.65
C GLU LA 87 74.09 -24.03 29.77
N ILE LA 88 73.11 -24.18 28.88
CA ILE LA 88 72.22 -25.33 28.91
C ILE LA 88 72.97 -26.61 28.59
N ILE LA 89 73.92 -26.56 27.65
CA ILE LA 89 74.71 -27.75 27.33
C ILE LA 89 75.43 -28.25 28.57
N LEU LA 90 76.14 -27.35 29.25
CA LEU LA 90 76.88 -27.75 30.44
C LEU LA 90 75.95 -28.23 31.54
N ARG LA 91 74.81 -27.55 31.71
CA ARG LA 91 73.85 -27.94 32.73
C ARG LA 91 73.32 -29.34 32.48
N TYR LA 92 72.96 -29.64 31.22
CA TYR LA 92 72.44 -30.97 30.93
C TYR LA 92 73.50 -32.04 31.05
N VAL LA 93 74.76 -31.73 30.72
CA VAL LA 93 75.79 -32.73 30.91
C VAL LA 93 76.02 -32.98 32.40
N SER LA 94 75.92 -31.93 33.22
CA SER LA 94 76.01 -32.13 34.66
C SER LA 94 74.87 -33.02 35.16
N TYR LA 95 73.67 -32.81 34.62
CA TYR LA 95 72.56 -33.72 34.94
C TYR LA 95 72.91 -35.15 34.54
N ALA LA 96 73.49 -35.33 33.36
CA ALA LA 96 73.89 -36.66 32.90
C ALA LA 96 74.90 -37.28 33.85
N LEU LA 97 75.87 -36.48 34.31
CA LEU LA 97 76.85 -36.97 35.28
C LEU LA 97 76.17 -37.47 36.54
N LEU LA 98 75.29 -36.64 37.14
CA LEU LA 98 74.56 -37.09 38.31
C LEU LA 98 73.82 -38.39 38.04
N ALA LA 99 73.16 -38.48 36.88
CA ALA LA 99 72.58 -39.74 36.47
C ALA LA 99 73.65 -40.76 36.14
N GLY LA 100 74.86 -40.34 35.79
CA GLY LA 100 75.83 -41.24 35.22
C GLY LA 100 75.47 -41.71 33.83
N ASP LA 101 74.38 -41.20 33.26
CA ASP LA 101 73.85 -41.65 31.98
C ASP LA 101 73.51 -40.45 31.12
N ALA LA 102 73.76 -40.58 29.83
CA ALA LA 102 73.47 -39.52 28.86
C ALA LA 102 72.03 -39.56 28.36
N SER LA 103 71.23 -40.52 28.81
CA SER LA 103 69.85 -40.62 28.36
C SER LA 103 69.06 -39.37 28.72
N VAL LA 104 69.28 -38.83 29.91
CA VAL LA 104 68.67 -37.55 30.25
C VAL LA 104 69.21 -36.45 29.35
N LEU LA 105 70.52 -36.46 29.10
CA LEU LA 105 71.10 -35.47 28.19
C LEU LA 105 70.54 -35.62 26.78
N ASP LA 106 70.43 -36.86 26.30
CA ASP LA 106 69.85 -37.08 24.98
C ASP LA 106 68.41 -36.58 24.93
N ASP LA 107 67.59 -36.98 25.89
CA ASP LA 107 66.17 -36.63 25.89
C ASP LA 107 65.96 -35.14 25.99
N ARG LA 108 66.81 -34.45 26.74
CA ARG LA 108 66.68 -33.01 26.89
C ARG LA 108 67.21 -32.24 25.69
N CYS LA 109 68.50 -32.39 25.38
CA CYS LA 109 69.15 -31.54 24.41
C CYS LA 109 69.21 -32.14 23.02
N LEU LA 110 69.44 -33.45 22.90
CA LEU LA 110 69.83 -34.03 21.63
C LEU LA 110 68.71 -34.73 20.88
N ASN LA 111 67.47 -34.68 21.36
CA ASN LA 111 66.38 -35.25 20.58
C ASN LA 111 66.19 -34.52 19.25
N GLY LA 112 66.24 -33.20 19.27
CA GLY LA 112 65.97 -32.44 18.06
C GLY LA 112 66.75 -31.16 17.87
N LEU LA 113 67.88 -30.99 18.56
CA LEU LA 113 68.58 -29.71 18.49
C LEU LA 113 69.36 -29.54 17.20
N ARG LA 114 69.90 -30.63 16.65
CA ARG LA 114 70.73 -30.49 15.46
C ARG LA 114 69.91 -29.96 14.28
N GLU LA 115 68.74 -30.56 14.01
CA GLU LA 115 67.92 -30.05 12.92
C GLU LA 115 67.36 -28.68 13.26
N THR LA 116 67.18 -28.38 14.55
CA THR LA 116 66.79 -27.04 14.95
C THR LA 116 67.83 -26.03 14.48
N TYR LA 117 69.10 -26.30 14.75
CA TYR LA 117 70.15 -25.40 14.31
C TYR LA 117 70.28 -25.38 12.79
N ASN LA 118 70.02 -26.50 12.13
CA ASN LA 118 70.01 -26.50 10.66
C ASN LA 118 68.96 -25.54 10.12
N ALA LA 119 67.75 -25.59 10.70
CA ALA LA 119 66.71 -24.66 10.30
C ALA LA 119 67.11 -23.22 10.62
N LEU LA 120 67.70 -23.00 11.79
CA LEU LA 120 68.13 -21.67 12.19
C LEU LA 120 69.26 -21.13 11.33
N GLY LA 121 69.96 -22.01 10.61
CA GLY LA 121 71.19 -21.63 9.93
C GLY LA 121 72.43 -21.66 10.79
N THR LA 122 72.32 -22.07 12.03
CA THR LA 122 73.46 -22.12 12.92
C THR LA 122 74.41 -23.26 12.53
N PRO LA 123 75.70 -22.99 12.31
CA PRO LA 123 76.66 -24.07 12.04
C PRO LA 123 76.93 -24.87 13.31
N THR LA 124 77.02 -26.20 13.16
CA THR LA 124 77.19 -27.07 14.30
C THR LA 124 78.61 -27.04 14.87
N GLN LA 125 79.63 -26.98 13.99
CA GLN LA 125 81.00 -27.06 14.46
C GLN LA 125 81.34 -25.92 15.40
N SER LA 126 80.70 -24.76 15.24
CA SER LA 126 80.89 -23.68 16.20
C SER LA 126 80.42 -24.08 17.59
N VAL LA 127 79.26 -24.75 17.67
CA VAL LA 127 78.74 -25.19 18.96
C VAL LA 127 79.66 -26.25 19.55
N ALA LA 128 80.18 -27.15 18.71
CA ALA LA 128 81.09 -28.17 19.20
C ALA LA 128 82.39 -27.56 19.74
N ARG LA 129 82.91 -26.56 19.04
CA ARG LA 129 84.09 -25.83 19.51
C ARG LA 129 83.80 -25.16 20.85
N ALA LA 130 82.61 -24.56 20.98
CA ALA LA 130 82.21 -23.98 22.26
C ALA LA 130 82.18 -25.05 23.34
N VAL LA 131 81.69 -26.24 23.01
CA VAL LA 131 81.62 -27.34 23.98
C VAL LA 131 83.03 -27.75 24.42
N GLN LA 132 83.97 -27.78 23.48
CA GLN LA 132 85.33 -28.16 23.85
C GLN LA 132 86.00 -27.08 24.70
N LEU LA 133 85.71 -25.81 24.44
CA LEU LA 133 86.18 -24.77 25.35
C LEU LA 133 85.54 -24.94 26.73
N MET LA 134 84.25 -25.32 26.75
CA MET LA 134 83.58 -25.66 27.98
C MET LA 134 84.36 -26.72 28.75
N LYS LA 135 84.78 -27.79 28.07
CA LYS LA 135 85.47 -28.87 28.77
C LYS LA 135 86.84 -28.42 29.24
N ASP LA 136 87.51 -27.55 28.46
CA ASP LA 136 88.80 -27.05 28.91
C ASP LA 136 88.67 -26.28 30.21
N ALA LA 137 87.76 -25.31 30.24
CA ALA LA 137 87.58 -24.52 31.47
C ALA LA 137 87.08 -25.40 32.61
N ALA LA 138 86.19 -26.33 32.32
CA ALA LA 138 85.62 -27.19 33.35
C ALA LA 138 86.69 -28.09 33.97
N MET LA 139 87.53 -28.73 33.16
CA MET LA 139 88.60 -29.54 33.72
C MET LA 139 89.61 -28.69 34.44
N VAL LA 140 89.84 -27.46 33.97
CA VAL LA 140 90.74 -26.56 34.70
C VAL LA 140 90.23 -26.32 36.11
N HIS LA 141 88.95 -26.00 36.25
CA HIS LA 141 88.40 -25.71 37.57
C HIS LA 141 88.17 -26.96 38.41
N LEU LA 142 87.93 -28.10 37.79
CA LEU LA 142 87.61 -29.32 38.53
C LEU LA 142 88.85 -30.08 38.98
N LYS LA 143 89.89 -30.14 38.14
CA LYS LA 143 91.11 -30.81 38.55
C LYS LA 143 91.85 -30.05 39.65
N SER LA 144 91.46 -28.81 39.92
CA SER LA 144 91.90 -28.14 41.13
C SER LA 144 91.16 -28.71 42.34
N THR LA 145 91.87 -28.83 43.46
CA THR LA 145 91.35 -29.46 44.66
C THR LA 145 91.24 -28.46 45.82
N ALA LA 146 91.06 -27.18 45.51
CA ALA LA 146 91.01 -26.16 46.54
C ALA LA 146 89.84 -26.40 47.49
N ASN LA 147 90.12 -26.25 48.80
CA ASN LA 147 89.13 -26.32 49.88
C ASN LA 147 88.45 -27.68 49.97
N VAL LA 148 88.99 -28.72 49.34
CA VAL LA 148 88.41 -30.05 49.39
C VAL LA 148 89.53 -31.07 49.57
N THR LA 149 89.18 -32.20 50.16
CA THR LA 149 90.14 -33.29 50.33
C THR LA 149 90.52 -33.86 48.97
N VAL LA 150 91.79 -34.23 48.82
CA VAL LA 150 92.32 -34.68 47.54
C VAL LA 150 92.05 -36.16 47.37
N GLY LA 151 91.84 -36.59 46.14
CA GLY LA 151 91.62 -37.99 45.85
C GLY LA 151 91.63 -38.23 44.35
N ASP LA 152 91.53 -39.51 43.99
CA ASP LA 152 91.56 -39.92 42.59
C ASP LA 152 90.18 -39.67 41.99
N CYS LA 153 90.11 -38.73 41.05
CA CYS LA 153 88.87 -38.41 40.35
C CYS LA 153 89.03 -38.48 38.83
N SER LA 154 90.05 -39.21 38.37
CA SER LA 154 90.26 -39.37 36.94
C SER LA 154 89.06 -40.01 36.26
N SER LA 155 88.36 -40.90 36.96
CA SER LA 155 87.14 -41.49 36.41
C SER LA 155 86.08 -40.41 36.17
N LEU LA 156 85.93 -39.49 37.13
CA LEU LA 156 84.95 -38.41 36.97
C LEU LA 156 85.34 -37.47 35.83
N TYR LA 157 86.62 -37.10 35.75
CA TYR LA 157 87.07 -36.26 34.65
C TYR LA 157 86.82 -36.94 33.32
N SER LA 158 87.11 -38.24 33.24
CA SER LA 158 86.89 -38.98 32.01
C SER LA 158 85.41 -39.05 31.66
N GLU LA 159 84.55 -39.23 32.66
CA GLU LA 159 83.11 -39.29 32.39
C GLU LA 159 82.59 -37.96 31.86
N ALA LA 160 82.99 -36.86 32.49
CA ALA LA 160 82.56 -35.54 31.99
C ALA LA 160 83.10 -35.27 30.60
N ALA LA 161 84.37 -35.61 30.37
CA ALA LA 161 84.95 -35.42 29.04
C ALA LA 161 84.21 -36.23 27.99
N THR LA 162 83.89 -37.50 28.30
CA THR LA 162 83.16 -38.33 27.36
C THR LA 162 81.75 -37.81 27.12
N TYR LA 163 81.12 -37.23 28.14
CA TYR LA 163 79.78 -36.69 27.94
C TYR LA 163 79.81 -35.47 27.04
N PHE LA 164 80.80 -34.58 27.23
CA PHE LA 164 80.97 -33.53 26.22
C PHE LA 164 81.31 -34.09 24.85
N ASP LA 165 82.05 -35.20 24.80
CA ASP LA 165 82.38 -35.81 23.52
C ASP LA 165 81.13 -36.27 22.79
N LYS LA 166 80.25 -36.99 23.49
CA LYS LA 166 79.02 -37.46 22.83
C LYS LA 166 78.09 -36.31 22.51
N ALA LA 167 78.10 -35.25 23.34
CA ALA LA 167 77.32 -34.06 23.01
C ALA LA 167 77.80 -33.44 21.72
N ALA LA 168 79.12 -33.27 21.58
CA ALA LA 168 79.68 -32.71 20.36
C ALA LA 168 79.39 -33.61 19.17
N ALA LA 169 79.49 -34.92 19.36
CA ALA LA 169 79.19 -35.85 18.27
C ALA LA 169 77.73 -35.75 17.84
N SER LA 170 76.81 -35.65 18.81
CA SER LA 170 75.40 -35.53 18.48
C SER LA 170 75.12 -34.23 17.72
N ILE LA 171 75.62 -33.11 18.23
CA ILE LA 171 75.42 -31.84 17.54
C ILE LA 171 76.21 -31.82 16.24
N ALA LA 172 77.40 -32.40 16.23
CA ALA LA 172 78.25 -32.41 15.04
C ALA LA 172 79.11 -33.66 15.01
N MET MA 1 30.56 -36.93 10.77
CA MET MA 1 30.09 -38.10 11.50
C MET MA 1 28.61 -38.33 11.22
N ASN MA 2 28.33 -39.34 10.41
CA ASN MA 2 27.01 -39.53 9.81
C ASN MA 2 26.38 -40.84 10.27
N ASP MA 3 25.07 -40.80 10.42
CA ASP MA 3 24.24 -42.00 10.57
C ASP MA 3 23.72 -42.38 9.19
N VAL MA 4 22.86 -43.41 9.13
CA VAL MA 4 22.26 -43.77 7.85
C VAL MA 4 21.40 -42.64 7.31
N PHE MA 5 20.57 -42.04 8.18
CA PHE MA 5 19.75 -40.93 7.75
C PHE MA 5 20.59 -39.76 7.28
N THR MA 6 21.55 -39.33 8.10
CA THR MA 6 22.35 -38.16 7.75
C THR MA 6 23.18 -38.42 6.50
N ARG MA 7 23.77 -39.61 6.38
CA ARG MA 7 24.52 -39.89 5.16
C ARG MA 7 23.58 -39.84 3.96
N ALA MA 8 22.44 -40.54 4.03
CA ALA MA 8 21.49 -40.53 2.93
C ALA MA 8 21.16 -39.11 2.52
N ILE MA 9 20.92 -38.25 3.51
CA ILE MA 9 20.73 -36.83 3.24
C ILE MA 9 21.93 -36.29 2.47
N ALA MA 10 23.12 -36.66 2.89
CA ALA MA 10 24.33 -36.11 2.29
C ALA MA 10 24.41 -36.45 0.80
N GLN MA 11 24.30 -37.73 0.46
CA GLN MA 11 24.45 -38.05 -0.97
C GLN MA 11 23.26 -37.57 -1.78
N ALA MA 12 22.07 -37.56 -1.18
CA ALA MA 12 20.92 -36.98 -1.86
C ALA MA 12 21.19 -35.53 -2.21
N ASP MA 13 21.78 -34.79 -1.28
CA ASP MA 13 22.19 -33.42 -1.56
C ASP MA 13 23.26 -33.41 -2.65
N LEU MA 14 24.17 -34.38 -2.63
CA LEU MA 14 25.24 -34.43 -3.63
C LEU MA 14 24.68 -34.50 -5.04
N LYS MA 15 23.72 -35.40 -5.28
CA LYS MA 15 23.08 -35.39 -6.59
C LYS MA 15 22.18 -34.18 -6.80
N GLY MA 16 21.90 -33.40 -5.76
CA GLY MA 16 21.08 -32.23 -5.93
C GLY MA 16 19.64 -32.53 -6.30
N SER MA 17 19.09 -33.61 -5.76
CA SER MA 17 17.69 -33.95 -5.95
C SER MA 17 17.05 -34.19 -4.60
N PHE MA 18 15.72 -34.26 -4.59
CA PHE MA 18 15.00 -34.64 -3.40
C PHE MA 18 15.23 -36.11 -3.09
N LEU MA 19 14.90 -36.50 -1.86
CA LEU MA 19 15.03 -37.89 -1.45
C LEU MA 19 14.11 -38.77 -2.28
N LEU MA 20 14.61 -39.94 -2.68
CA LEU MA 20 13.84 -40.85 -3.49
C LEU MA 20 12.89 -41.68 -2.63
N GLU MA 21 11.68 -41.88 -3.16
CA GLU MA 21 10.64 -42.57 -2.42
C GLU MA 21 11.13 -43.90 -1.86
N SER MA 22 11.92 -44.63 -2.65
CA SER MA 22 12.49 -45.88 -2.17
C SER MA 22 13.42 -45.63 -1.00
N ASP MA 23 14.24 -44.57 -1.08
CA ASP MA 23 15.07 -44.21 0.06
C ASP MA 23 14.23 -43.91 1.28
N LEU MA 24 13.12 -43.18 1.08
CA LEU MA 24 12.19 -42.93 2.17
C LEU MA 24 11.75 -44.24 2.78
N ASP MA 25 11.44 -45.23 1.95
CA ASP MA 25 10.97 -46.51 2.46
C ASP MA 25 12.06 -47.23 3.23
N LYS MA 26 13.31 -47.13 2.76
CA LYS MA 26 14.42 -47.74 3.49
C LYS MA 26 14.58 -47.10 4.87
N LEU MA 27 14.47 -45.78 4.94
CA LEU MA 27 14.56 -45.11 6.24
C LEU MA 27 13.39 -45.52 7.13
N ALA MA 28 12.20 -45.68 6.55
CA ALA MA 28 11.07 -46.17 7.32
C ALA MA 28 11.33 -47.57 7.87
N SER MA 29 11.93 -48.43 7.05
CA SER MA 29 12.28 -49.77 7.51
C SER MA 29 13.28 -49.70 8.66
N PHE MA 30 14.24 -48.77 8.56
CA PHE MA 30 15.18 -48.57 9.65
C PHE MA 30 14.44 -48.14 10.91
N ALA MA 31 13.44 -47.27 10.74
CA ALA MA 31 12.61 -46.87 11.88
C ALA MA 31 11.93 -48.08 12.49
N LYS MA 32 11.44 -48.99 11.65
CA LYS MA 32 10.82 -50.22 12.14
C LYS MA 32 11.82 -51.05 12.93
N GLU MA 33 13.04 -51.17 12.43
CA GLU MA 33 14.09 -51.94 13.09
C GLU MA 33 14.69 -51.21 14.29
N GLY MA 34 14.29 -49.96 14.51
CA GLY MA 34 14.89 -49.17 15.57
C GLY MA 34 14.80 -49.81 16.95
N VAL MA 35 13.67 -50.44 17.26
CA VAL MA 35 13.52 -51.00 18.60
C VAL MA 35 14.46 -52.19 18.78
N LYS MA 36 14.63 -53.00 17.73
CA LYS MA 36 15.62 -54.07 17.78
C LYS MA 36 17.03 -53.51 17.94
N ARG MA 37 17.31 -52.43 17.22
CA ARG MA 37 18.62 -51.81 17.33
C ARG MA 37 18.88 -51.31 18.74
N LEU MA 38 17.86 -50.73 19.38
CA LEU MA 38 18.01 -50.29 20.76
C LEU MA 38 18.21 -51.46 21.71
N ASP MA 39 17.46 -52.56 21.51
CA ASP MA 39 17.73 -53.76 22.29
C ASP MA 39 19.18 -54.21 22.13
N ALA MA 40 19.68 -54.21 20.90
CA ALA MA 40 21.05 -54.66 20.65
C ALA MA 40 22.06 -53.77 21.36
N VAL MA 41 21.89 -52.45 21.22
CA VAL MA 41 22.82 -51.52 21.85
C VAL MA 41 22.77 -51.64 23.36
N ALA MA 42 21.57 -51.77 23.92
CA ALA MA 42 21.44 -51.93 25.36
C ALA MA 42 22.11 -53.22 25.83
N ALA MA 43 21.95 -54.30 25.07
CA ALA MA 43 22.60 -55.56 25.43
C ALA MA 43 24.11 -55.42 25.37
N LEU MA 44 24.63 -54.75 24.34
CA LEU MA 44 26.07 -54.53 24.25
C LEU MA 44 26.57 -53.72 25.43
N THR MA 45 25.84 -52.67 25.81
CA THR MA 45 26.22 -51.89 26.98
C THR MA 45 26.20 -52.73 28.24
N ASN MA 46 25.16 -53.54 28.43
CA ASN MA 46 25.00 -54.28 29.68
C ASN MA 46 26.16 -55.23 29.90
N ASN MA 47 26.52 -56.02 28.90
CA ASN MA 47 27.49 -57.08 29.06
C ASN MA 47 28.92 -56.62 28.84
N ALA MA 48 29.20 -55.33 29.00
CA ALA MA 48 30.55 -54.81 28.78
C ALA MA 48 31.59 -55.44 29.69
N PRO MA 49 31.41 -55.50 31.01
CA PRO MA 49 32.44 -56.17 31.83
C PRO MA 49 32.65 -57.62 31.46
N ALA MA 50 31.57 -58.37 31.32
CA ALA MA 50 31.69 -59.78 30.97
C ALA MA 50 32.41 -59.96 29.64
N ILE MA 51 32.04 -59.13 28.65
CA ILE MA 51 32.60 -59.30 27.31
C ILE MA 51 34.09 -58.96 27.31
N ILE MA 52 34.45 -57.85 27.95
CA ILE MA 52 35.87 -57.45 27.97
C ILE MA 52 36.69 -58.51 28.68
N SER MA 53 36.18 -59.00 29.82
CA SER MA 53 36.92 -60.01 30.58
C SER MA 53 37.09 -61.29 29.76
N ASP MA 54 35.99 -61.78 29.17
CA ASP MA 54 36.05 -63.03 28.43
C ASP MA 54 37.00 -62.94 27.25
N ALA MA 55 36.91 -61.84 26.50
CA ALA MA 55 37.86 -61.63 25.42
C ALA MA 55 39.28 -61.66 25.95
N ALA MA 56 39.51 -61.06 27.12
CA ALA MA 56 40.84 -61.06 27.70
C ALA MA 56 41.32 -62.49 27.98
N HIS MA 57 40.46 -63.33 28.56
CA HIS MA 57 40.89 -64.69 28.88
C HIS MA 57 41.17 -65.50 27.60
N LYS MA 58 40.34 -65.34 26.56
CA LYS MA 58 40.71 -65.99 25.32
C LYS MA 58 42.06 -65.51 24.80
N LEU MA 59 42.27 -64.19 24.73
CA LEU MA 59 43.54 -63.67 24.24
C LEU MA 59 44.71 -64.26 25.01
N PHE MA 60 44.60 -64.30 26.34
CA PHE MA 60 45.73 -64.70 27.16
C PHE MA 60 45.91 -66.20 27.19
N ALA MA 61 44.85 -66.97 26.96
CA ALA MA 61 45.00 -68.39 26.75
C ALA MA 61 45.76 -68.68 25.47
N GLU MA 62 45.45 -67.94 24.40
CA GLU MA 62 46.09 -68.24 23.12
C GLU MA 62 47.41 -67.51 22.93
N GLN MA 63 47.69 -66.46 23.69
CA GLN MA 63 48.97 -65.77 23.64
C GLN MA 63 49.48 -65.54 25.06
N GLN MA 64 50.78 -65.78 25.26
CA GLN MA 64 51.45 -65.48 26.52
C GLN MA 64 52.61 -64.50 26.35
N GLU MA 65 53.17 -64.38 25.15
CA GLU MA 65 54.29 -63.47 24.93
C GLU MA 65 53.92 -62.01 25.21
N LEU MA 66 52.63 -61.68 25.14
CA LEU MA 66 52.20 -60.34 25.48
C LEU MA 66 52.47 -60.02 26.95
N ILE MA 67 52.36 -61.01 27.83
CA ILE MA 67 52.52 -60.81 29.26
C ILE MA 67 53.93 -61.15 29.74
N GLN MA 68 54.80 -61.62 28.85
CA GLN MA 68 56.16 -61.91 29.23
C GLN MA 68 56.89 -60.61 29.55
N PRO MA 69 57.93 -60.68 30.39
CA PRO MA 69 58.74 -59.49 30.67
C PRO MA 69 59.20 -58.82 29.40
N GLY MA 70 58.87 -57.55 29.27
CA GLY MA 70 59.08 -56.82 28.04
C GLY MA 70 58.02 -57.05 26.98
N GLY MA 71 57.04 -57.91 27.25
CA GLY MA 71 55.94 -58.08 26.32
C GLY MA 71 55.17 -56.79 26.13
N ASN MA 72 54.58 -56.63 24.94
CA ASN MA 72 54.01 -55.36 24.54
C ASN MA 72 52.93 -54.85 25.49
N ALA MA 73 52.50 -55.65 26.46
CA ALA MA 73 51.61 -55.19 27.52
C ALA MA 73 52.06 -55.68 28.88
N TYR MA 74 53.37 -55.84 29.09
CA TYR MA 74 53.86 -56.50 30.30
C TYR MA 74 53.50 -55.75 31.58
N PRO MA 75 53.82 -54.45 31.73
CA PRO MA 75 53.48 -53.78 32.98
C PRO MA 75 51.98 -53.55 33.12
N HIS MA 76 51.55 -53.28 34.36
CA HIS MA 76 50.13 -53.16 34.66
C HIS MA 76 49.49 -52.03 33.86
N ARG MA 77 50.17 -50.89 33.76
CA ARG MA 77 49.66 -49.81 32.91
C ARG MA 77 49.56 -50.25 31.45
N ARG MA 78 50.56 -50.98 30.96
CA ARG MA 78 50.57 -51.35 29.55
C ARG MA 78 49.52 -52.41 29.26
N MET MA 79 49.34 -53.38 30.16
CA MET MA 79 48.23 -54.31 30.02
C MET MA 79 46.89 -53.60 30.08
N ALA MA 80 46.78 -52.61 30.97
CA ALA MA 80 45.55 -51.84 31.05
C ALA MA 80 45.26 -51.11 29.74
N ALA MA 81 46.30 -50.56 29.12
CA ALA MA 81 46.12 -49.94 27.81
C ALA MA 81 45.70 -50.97 26.77
N CYS MA 82 46.31 -52.15 26.81
CA CYS MA 82 45.92 -53.24 25.92
C CYS MA 82 44.43 -53.53 26.02
N LEU MA 83 43.92 -53.66 27.23
CA LEU MA 83 42.50 -53.99 27.39
C LEU MA 83 41.61 -52.78 27.05
N ARG MA 84 42.04 -51.58 27.42
CA ARG MA 84 41.15 -50.43 27.26
C ARG MA 84 41.03 -50.01 25.82
N ASP MA 85 42.04 -50.24 24.98
CA ASP MA 85 41.85 -50.00 23.56
C ASP MA 85 40.80 -50.94 22.99
N MET MA 86 40.84 -52.22 23.36
CA MET MA 86 39.82 -53.13 22.85
C MET MA 86 38.44 -52.74 23.34
N GLU MA 87 38.33 -52.29 24.59
CA GLU MA 87 37.01 -51.87 25.06
C GLU MA 87 36.57 -50.59 24.35
N ILE MA 88 37.49 -49.68 24.04
CA ILE MA 88 37.08 -48.49 23.32
C ILE MA 88 36.68 -48.83 21.89
N ILE MA 89 37.28 -49.88 21.32
CA ILE MA 89 36.80 -50.37 20.03
C ILE MA 89 35.36 -50.86 20.17
N LEU MA 90 35.07 -51.56 21.26
CA LEU MA 90 33.69 -51.91 21.54
C LEU MA 90 32.82 -50.68 21.70
N ARG MA 91 33.34 -49.66 22.38
CA ARG MA 91 32.63 -48.40 22.56
C ARG MA 91 32.19 -47.85 21.22
N TYR MA 92 33.12 -47.74 20.29
CA TYR MA 92 32.85 -47.09 19.02
C TYR MA 92 31.98 -47.96 18.13
N VAL MA 93 32.15 -49.28 18.18
CA VAL MA 93 31.26 -50.14 17.40
C VAL MA 93 29.84 -50.03 17.91
N SER MA 94 29.66 -50.00 19.24
CA SER MA 94 28.33 -49.78 19.79
C SER MA 94 27.78 -48.44 19.33
N TYR MA 95 28.65 -47.42 19.30
CA TYR MA 95 28.25 -46.12 18.80
C TYR MA 95 27.73 -46.20 17.37
N ALA MA 96 28.45 -46.93 16.51
CA ALA MA 96 28.00 -47.11 15.13
C ALA MA 96 26.70 -47.90 15.08
N LEU MA 97 26.56 -48.91 15.93
CA LEU MA 97 25.37 -49.73 15.93
C LEU MA 97 24.14 -48.90 16.20
N LEU MA 98 24.17 -48.09 17.26
CA LEU MA 98 23.04 -47.21 17.50
C LEU MA 98 22.93 -46.19 16.37
N ALA MA 99 24.05 -45.66 15.89
CA ALA MA 99 24.03 -44.75 14.76
C ALA MA 99 23.56 -45.44 13.49
N GLY MA 100 23.69 -46.75 13.40
CA GLY MA 100 23.15 -47.51 12.30
C GLY MA 100 24.08 -47.69 11.11
N ASP MA 101 25.25 -47.08 11.11
CA ASP MA 101 26.22 -47.32 10.03
C ASP MA 101 27.63 -47.12 10.56
N ALA MA 102 28.60 -47.52 9.74
CA ALA MA 102 29.99 -47.66 10.14
C ALA MA 102 30.84 -46.44 9.81
N SER MA 103 30.25 -45.26 9.65
CA SER MA 103 31.04 -44.09 9.32
C SER MA 103 31.84 -43.60 10.53
N VAL MA 104 31.24 -43.61 11.71
CA VAL MA 104 31.79 -42.93 12.87
C VAL MA 104 33.18 -43.45 13.23
N LEU MA 105 33.39 -44.76 13.11
CA LEU MA 105 34.69 -45.33 13.42
C LEU MA 105 35.76 -44.78 12.50
N ASP MA 106 35.61 -45.00 11.19
CA ASP MA 106 36.59 -44.51 10.23
C ASP MA 106 36.75 -43.00 10.30
N ASP MA 107 35.72 -42.31 10.78
CA ASP MA 107 35.82 -40.87 10.97
C ASP MA 107 36.79 -40.53 12.09
N ARG MA 108 36.54 -41.04 13.29
CA ARG MA 108 37.28 -40.57 14.46
C ARG MA 108 38.05 -41.65 15.20
N CYS MA 109 37.47 -42.83 15.41
CA CYS MA 109 38.12 -43.82 16.27
C CYS MA 109 39.36 -44.40 15.61
N LEU MA 110 39.22 -44.94 14.40
CA LEU MA 110 40.33 -45.52 13.67
C LEU MA 110 40.84 -44.60 12.58
N ASN MA 111 40.88 -43.29 12.84
CA ASN MA 111 41.34 -42.35 11.82
C ASN MA 111 42.85 -42.49 11.59
N GLY MA 112 43.62 -42.65 12.66
CA GLY MA 112 45.07 -42.74 12.56
C GLY MA 112 45.69 -43.78 13.47
N LEU MA 113 44.97 -44.86 13.74
CA LEU MA 113 45.47 -45.84 14.70
C LEU MA 113 46.61 -46.68 14.13
N ARG MA 114 46.65 -46.87 12.81
CA ARG MA 114 47.66 -47.73 12.22
C ARG MA 114 49.06 -47.22 12.55
N GLU MA 115 49.32 -45.96 12.23
CA GLU MA 115 50.62 -45.37 12.50
C GLU MA 115 50.91 -45.30 13.99
N THR MA 116 49.87 -45.16 14.80
CA THR MA 116 50.06 -45.16 16.24
C THR MA 116 50.60 -46.49 16.72
N TYR MA 117 50.00 -47.59 16.27
CA TYR MA 117 50.44 -48.90 16.74
C TYR MA 117 51.74 -49.33 16.07
N ASN MA 118 52.04 -48.81 14.88
CA ASN MA 118 53.38 -49.02 14.32
C ASN MA 118 54.42 -48.27 15.14
N ALA MA 119 54.11 -47.03 15.52
CA ALA MA 119 55.03 -46.25 16.32
C ALA MA 119 55.20 -46.83 17.72
N LEU MA 120 54.11 -47.32 18.31
CA LEU MA 120 54.21 -48.05 19.57
C LEU MA 120 54.94 -49.37 19.43
N GLY MA 121 55.15 -49.84 18.20
CA GLY MA 121 55.67 -51.16 17.97
C GLY MA 121 54.65 -52.27 18.13
N THR MA 122 53.39 -51.93 18.33
CA THR MA 122 52.38 -52.94 18.60
C THR MA 122 52.19 -53.84 17.38
N PRO MA 123 52.19 -55.16 17.56
CA PRO MA 123 51.84 -56.04 16.44
C PRO MA 123 50.37 -55.93 16.09
N THR MA 124 50.10 -55.55 14.84
CA THR MA 124 48.72 -55.33 14.41
C THR MA 124 47.89 -56.59 14.52
N GLN MA 125 48.45 -57.73 14.08
CA GLN MA 125 47.70 -58.98 14.08
C GLN MA 125 47.18 -59.33 15.47
N SER MA 126 47.92 -58.98 16.51
CA SER MA 126 47.45 -59.23 17.88
C SER MA 126 46.18 -58.45 18.16
N VAL MA 127 46.18 -57.16 17.80
CA VAL MA 127 44.99 -56.34 17.99
C VAL MA 127 43.84 -56.89 17.18
N ALA MA 128 44.11 -57.30 15.95
CA ALA MA 128 43.08 -57.90 15.12
C ALA MA 128 42.46 -59.11 15.82
N ARG MA 129 43.30 -60.04 16.26
CA ARG MA 129 42.82 -61.26 16.90
C ARG MA 129 42.00 -60.92 18.14
N ALA MA 130 42.44 -59.92 18.90
CA ALA MA 130 41.62 -59.42 20.00
C ALA MA 130 40.26 -58.96 19.49
N VAL MA 131 40.22 -58.34 18.31
CA VAL MA 131 38.96 -57.86 17.77
C VAL MA 131 38.03 -59.02 17.44
N GLN MA 132 38.56 -60.06 16.78
CA GLN MA 132 37.67 -61.18 16.46
C GLN MA 132 37.20 -61.91 17.72
N LEU MA 133 38.05 -61.97 18.74
CA LEU MA 133 37.60 -62.60 19.98
C LEU MA 133 36.54 -61.75 20.66
N MET MA 134 36.70 -60.43 20.62
CA MET MA 134 35.63 -59.52 21.03
C MET MA 134 34.35 -59.80 20.25
N LYS MA 135 34.49 -60.02 18.95
CA LYS MA 135 33.34 -60.34 18.09
C LYS MA 135 32.64 -61.60 18.56
N ASP MA 136 33.41 -62.65 18.83
CA ASP MA 136 32.83 -63.90 19.30
C ASP MA 136 32.06 -63.68 20.59
N ALA MA 137 32.68 -63.00 21.56
CA ALA MA 137 32.00 -62.75 22.82
C ALA MA 137 30.74 -61.92 22.62
N ALA MA 138 30.80 -60.94 21.71
CA ALA MA 138 29.65 -60.06 21.49
C ALA MA 138 28.48 -60.81 20.89
N MET MA 139 28.74 -61.59 19.83
CA MET MA 139 27.66 -62.38 19.26
C MET MA 139 27.10 -63.35 20.30
N VAL MA 140 27.97 -63.92 21.14
CA VAL MA 140 27.49 -64.81 22.19
C VAL MA 140 26.47 -64.11 23.07
N HIS MA 141 26.74 -62.86 23.41
CA HIS MA 141 25.81 -62.13 24.28
C HIS MA 141 24.57 -61.69 23.53
N LEU MA 142 24.71 -61.34 22.26
CA LEU MA 142 23.58 -60.78 21.53
C LEU MA 142 22.58 -61.87 21.14
N LYS MA 143 23.04 -63.08 20.87
CA LYS MA 143 22.10 -64.17 20.59
C LYS MA 143 21.28 -64.55 21.82
N SER MA 144 21.67 -64.06 23.00
CA SER MA 144 20.90 -64.33 24.21
C SER MA 144 19.53 -63.66 24.14
N THR MA 145 18.51 -64.35 24.62
CA THR MA 145 17.14 -63.86 24.58
C THR MA 145 16.64 -63.42 25.95
N ALA MA 146 17.54 -63.06 26.85
CA ALA MA 146 17.13 -62.72 28.21
C ALA MA 146 16.19 -61.51 28.22
N ASN MA 147 14.93 -61.76 28.59
CA ASN MA 147 13.93 -60.73 28.83
C ASN MA 147 13.76 -59.78 27.65
N VAL MA 148 13.74 -60.29 26.42
CA VAL MA 148 13.57 -59.48 25.23
C VAL MA 148 12.46 -60.05 24.37
N THR MA 149 11.69 -59.14 23.78
CA THR MA 149 10.60 -59.55 22.89
C THR MA 149 11.15 -60.32 21.71
N VAL MA 150 10.71 -61.57 21.56
CA VAL MA 150 11.28 -62.47 20.56
C VAL MA 150 11.10 -61.88 19.17
N GLY MA 151 12.01 -62.26 18.27
CA GLY MA 151 11.95 -61.76 16.91
C GLY MA 151 13.11 -62.30 16.10
N ASP MA 152 13.57 -61.48 15.16
CA ASP MA 152 14.63 -61.85 14.24
C ASP MA 152 15.61 -60.68 14.08
N CYS MA 153 16.67 -60.69 14.88
CA CYS MA 153 17.72 -59.68 14.80
C CYS MA 153 18.91 -60.17 13.96
N SER MA 154 18.70 -61.23 13.18
CA SER MA 154 19.80 -61.79 12.38
C SER MA 154 20.45 -60.71 11.52
N SER MA 155 19.66 -59.80 10.97
CA SER MA 155 20.21 -58.65 10.29
C SER MA 155 21.16 -57.88 11.20
N LEU MA 156 20.72 -57.61 12.43
CA LEU MA 156 21.55 -56.86 13.36
C LEU MA 156 22.81 -57.64 13.72
N TYR MA 157 22.70 -58.95 13.94
CA TYR MA 157 23.89 -59.72 14.24
C TYR MA 157 24.90 -59.62 13.10
N SER MA 158 24.43 -59.82 11.88
CA SER MA 158 25.31 -59.73 10.71
C SER MA 158 25.93 -58.34 10.60
N GLU MA 159 25.15 -57.30 10.88
CA GLU MA 159 25.61 -55.94 10.62
C GLU MA 159 26.61 -55.50 11.68
N ALA MA 160 26.38 -55.88 12.93
CA ALA MA 160 27.40 -55.68 13.96
C ALA MA 160 28.65 -56.48 13.66
N ALA MA 161 28.49 -57.68 13.08
CA ALA MA 161 29.64 -58.44 12.65
C ALA MA 161 30.42 -57.69 11.58
N THR MA 162 29.70 -57.02 10.67
CA THR MA 162 30.38 -56.19 9.68
C THR MA 162 31.16 -55.08 10.37
N TYR MA 163 30.55 -54.39 11.33
CA TYR MA 163 31.30 -53.44 12.16
C TYR MA 163 32.59 -54.03 12.70
N PHE MA 164 32.49 -55.12 13.46
CA PHE MA 164 33.67 -55.75 14.04
C PHE MA 164 34.73 -56.04 13.00
N ASP MA 165 34.34 -56.71 11.92
CA ASP MA 165 35.34 -57.20 10.99
C ASP MA 165 35.95 -56.08 10.17
N LYS MA 166 35.16 -55.04 9.85
CA LYS MA 166 35.77 -53.95 9.10
C LYS MA 166 36.70 -53.15 10.00
N ALA MA 167 36.34 -53.00 11.28
CA ALA MA 167 37.24 -52.34 12.21
C ALA MA 167 38.54 -53.12 12.36
N ALA MA 168 38.43 -54.45 12.46
CA ALA MA 168 39.63 -55.28 12.54
C ALA MA 168 40.49 -55.14 11.30
N ALA MA 169 39.86 -55.12 10.12
CA ALA MA 169 40.61 -54.91 8.88
C ALA MA 169 41.29 -53.55 8.88
N SER MA 170 40.58 -52.52 9.33
CA SER MA 170 41.17 -51.19 9.38
C SER MA 170 42.35 -51.14 10.35
N ILE MA 171 42.31 -51.96 11.40
CA ILE MA 171 43.46 -52.06 12.30
C ILE MA 171 44.73 -52.41 11.53
N ALA MA 172 44.62 -53.38 10.63
CA ALA MA 172 45.75 -53.75 9.77
C ALA MA 172 46.14 -52.56 8.90
N ALA NA 10 56.78 -19.64 45.73
CA ALA NA 10 55.50 -20.22 46.12
C ALA NA 10 55.61 -20.90 47.48
N ILE NA 11 56.55 -21.84 47.60
CA ILE NA 11 56.77 -22.51 48.88
C ILE NA 11 57.31 -21.53 49.90
N THR NA 12 57.92 -20.43 49.45
CA THR NA 12 58.51 -19.46 50.35
C THR NA 12 57.44 -18.85 51.27
N THR NA 13 57.92 -18.26 52.37
CA THR NA 13 57.02 -17.58 53.29
C THR NA 13 56.24 -16.48 52.59
N GLN NA 14 56.86 -15.84 51.60
CA GLN NA 14 56.15 -14.86 50.78
C GLN NA 14 55.12 -15.54 49.88
N GLY NA 15 55.47 -16.68 49.28
CA GLY NA 15 54.57 -17.33 48.35
C GLY NA 15 53.27 -17.76 48.98
N LYS NA 16 53.30 -18.15 50.25
CA LYS NA 16 52.09 -18.47 51.01
C LYS NA 16 51.40 -17.19 51.45
N ARG NA 17 50.42 -17.29 52.36
CA ARG NA 17 49.49 -16.21 52.67
C ARG NA 17 48.65 -15.82 51.45
N ILE NA 18 47.85 -16.80 51.01
CA ILE NA 18 46.86 -16.55 49.96
C ILE NA 18 45.89 -15.46 50.45
N TYR NA 19 45.44 -14.63 49.51
CA TYR NA 19 44.51 -13.55 49.82
C TYR NA 19 43.23 -13.73 49.00
N LYS NA 20 42.10 -13.83 49.70
CA LYS NA 20 40.81 -13.87 49.04
C LYS NA 20 40.50 -12.54 48.38
N ILE NA 21 39.87 -12.59 47.21
CA ILE NA 21 39.49 -11.39 46.47
C ILE NA 21 38.01 -11.50 46.12
N THR NA 22 37.24 -10.48 46.49
CA THR NA 22 35.83 -10.40 46.13
C THR NA 22 35.70 -9.42 44.97
N VAL NA 23 35.13 -9.88 43.86
CA VAL NA 23 35.09 -9.13 42.61
C VAL NA 23 33.66 -8.83 42.25
N SER NA 24 33.38 -7.58 41.90
CA SER NA 24 32.08 -7.15 41.40
C SER NA 24 32.23 -6.71 39.96
N GLU NA 25 31.33 -7.17 39.09
CA GLU NA 25 31.30 -6.70 37.71
C GLU NA 25 30.65 -5.30 37.69
N ALA NA 26 31.50 -4.30 37.88
CA ALA NA 26 31.04 -2.93 37.79
C ALA NA 26 30.59 -2.62 36.36
N GLY NA 27 29.88 -1.51 36.21
CA GLY NA 27 29.35 -1.15 34.91
C GLY NA 27 30.42 -1.05 33.84
N ALA NA 28 31.62 -0.62 34.21
CA ALA NA 28 32.71 -0.54 33.24
C ALA NA 28 33.06 -1.92 32.70
N TYR NA 29 33.12 -2.93 33.58
CA TYR NA 29 33.43 -4.28 33.12
C TYR NA 29 32.36 -4.81 32.18
N ALA NA 30 31.09 -4.56 32.51
CA ALA NA 30 30.01 -5.00 31.64
C ALA NA 30 30.06 -4.31 30.28
N THR NA 31 30.33 -3.01 30.27
CA THR NA 31 30.46 -2.29 29.00
C THR NA 31 31.62 -2.83 28.18
N ASN NA 32 32.75 -3.13 28.83
CA ASN NA 32 33.89 -3.70 28.12
C ASN NA 32 33.53 -5.07 27.55
N LYS NA 33 32.89 -5.92 28.35
CA LYS NA 33 32.60 -7.28 27.92
C LYS NA 33 31.58 -7.31 26.78
N HIS NA 34 30.59 -6.42 26.84
CA HIS NA 34 29.60 -6.35 25.76
C HIS NA 34 30.26 -5.98 24.44
N ARG NA 35 31.15 -5.00 24.44
CA ARG NA 35 31.72 -4.53 23.18
C ARG NA 35 32.82 -5.47 22.68
N THR NA 36 33.53 -6.13 23.60
CA THR NA 36 34.48 -7.16 23.16
C THR NA 36 33.74 -8.37 22.59
N GLY NA 37 32.55 -8.64 23.09
CA GLY NA 37 31.76 -9.76 22.66
C GLY NA 37 31.62 -10.81 23.75
N TYR NA 38 30.40 -11.34 23.88
CA TYR NA 38 30.10 -12.34 24.91
C TYR NA 38 30.49 -13.71 24.37
N ARG NA 39 31.80 -13.95 24.29
CA ARG NA 39 32.33 -15.26 23.96
C ARG NA 39 32.34 -16.20 25.15
N ALA NA 40 31.99 -15.69 26.33
CA ALA NA 40 31.81 -16.46 27.55
C ALA NA 40 30.45 -16.13 28.13
N PRO NA 41 29.82 -17.07 28.86
CA PRO NA 41 28.49 -16.80 29.39
C PRO NA 41 28.50 -15.65 30.39
N ILE NA 42 27.41 -14.88 30.37
CA ILE NA 42 27.27 -13.76 31.30
C ILE NA 42 27.11 -14.30 32.71
N ARG NA 43 28.11 -14.07 33.55
CA ARG NA 43 28.06 -14.50 34.93
C ARG NA 43 27.72 -13.32 35.84
N GLN NA 44 27.22 -13.65 37.03
CA GLN NA 44 26.68 -12.63 37.92
C GLN NA 44 27.78 -11.66 38.37
N SER NA 45 27.36 -10.44 38.70
CA SER NA 45 28.32 -9.36 38.92
C SER NA 45 29.24 -9.66 40.10
N ASN NA 46 28.67 -10.12 41.21
CA ASN NA 46 29.44 -10.35 42.43
C ASN NA 46 29.97 -11.78 42.45
N TYR NA 47 31.28 -11.92 42.65
CA TYR NA 47 31.90 -13.23 42.75
C TYR NA 47 33.24 -13.10 43.46
N THR NA 48 33.47 -13.99 44.41
CA THR NA 48 34.72 -14.04 45.17
C THR NA 48 35.69 -14.99 44.49
N LEU NA 49 36.97 -14.63 44.52
CA LEU NA 49 38.00 -15.43 43.87
C LEU NA 49 39.20 -15.55 44.79
N THR NA 50 39.80 -16.74 44.82
CA THR NA 50 40.92 -17.07 45.71
C THR NA 50 42.22 -16.85 44.94
N VAL NA 51 43.06 -15.95 45.42
CA VAL NA 51 44.29 -15.58 44.72
C VAL NA 51 45.47 -15.57 45.68
N PRO NA 52 46.49 -16.40 45.45
CA PRO NA 52 47.67 -16.38 46.32
C PRO NA 52 48.49 -15.11 46.12
N TYR NA 53 49.54 -14.98 46.95
CA TYR NA 53 50.44 -13.84 46.87
C TYR NA 53 51.17 -13.79 45.54
N ASP NA 54 51.57 -14.95 45.03
CA ASP NA 54 52.38 -14.99 43.80
C ASP NA 54 51.65 -14.35 42.63
N ARG NA 55 50.39 -14.73 42.40
CA ARG NA 55 49.60 -14.15 41.33
C ARG NA 55 48.61 -13.11 41.84
N PHE NA 56 48.88 -12.52 43.01
CA PHE NA 56 47.98 -11.50 43.55
C PHE NA 56 47.89 -10.29 42.63
N LEU NA 57 49.04 -9.74 42.25
CA LEU NA 57 49.07 -8.56 41.39
C LEU NA 57 48.37 -8.80 40.04
N PRO NA 58 48.71 -9.85 39.29
CA PRO NA 58 48.07 -10.02 37.97
C PRO NA 58 46.57 -10.12 38.02
N GLU NA 59 46.00 -10.60 39.13
CA GLU NA 59 44.55 -10.72 39.21
C GLU NA 59 43.87 -9.37 39.06
N MET NA 60 44.12 -8.44 39.98
CA MET NA 60 43.47 -7.15 39.83
C MET NA 60 44.06 -6.34 38.69
N ILE NA 61 45.26 -6.67 38.21
CA ILE NA 61 45.74 -6.06 36.97
C ILE NA 61 44.79 -6.39 35.83
N ARG NA 62 44.55 -7.68 35.58
CA ARG NA 62 43.69 -8.11 34.49
C ARG NA 62 42.26 -7.64 34.70
N LEU NA 63 41.80 -7.63 35.96
CA LEU NA 63 40.47 -7.11 36.23
C LEU NA 63 40.36 -5.62 35.90
N HIS NA 64 41.42 -4.86 36.19
CA HIS NA 64 41.42 -3.45 35.86
C HIS NA 64 41.40 -3.21 34.36
N GLN NA 65 42.19 -4.00 33.61
CA GLN NA 65 42.08 -3.88 32.15
C GLN NA 65 40.73 -4.38 31.66
N SER NA 66 40.05 -5.21 32.45
CA SER NA 66 38.70 -5.63 32.11
C SER NA 66 37.66 -4.59 32.51
N GLY NA 67 38.06 -3.56 33.27
CA GLY NA 67 37.15 -2.53 33.72
C GLY NA 67 36.48 -2.80 35.05
N ALA NA 68 36.62 -4.01 35.59
CA ALA NA 68 36.01 -4.32 36.88
C ALA NA 68 36.80 -3.68 38.01
N LYS NA 69 36.16 -3.61 39.18
CA LYS NA 69 36.78 -3.07 40.38
C LYS NA 69 36.58 -4.03 41.55
N ILE NA 70 37.53 -4.01 42.49
CA ILE NA 70 37.54 -4.96 43.60
C ILE NA 70 36.53 -4.52 44.64
N VAL NA 71 35.78 -5.48 45.19
CA VAL NA 71 34.93 -5.17 46.34
C VAL NA 71 35.78 -4.99 47.59
N ASN NA 72 36.48 -6.05 48.00
CA ASN NA 72 37.35 -6.08 49.17
C ASN NA 72 38.32 -7.25 48.99
N VAL NA 73 39.38 -7.24 49.80
CA VAL NA 73 40.38 -8.30 49.80
C VAL NA 73 40.62 -8.72 51.24
N THR NA 74 40.62 -10.03 51.47
CA THR NA 74 40.92 -10.60 52.78
C THR NA 74 42.03 -11.62 52.64
N SER NA 75 42.81 -11.78 53.70
CA SER NA 75 43.98 -12.65 53.71
C SER NA 75 43.60 -13.99 54.34
N VAL NA 76 43.87 -15.08 53.63
CA VAL NA 76 43.57 -16.40 54.15
C VAL NA 76 44.48 -16.73 55.31
N ILE NA 77 45.78 -16.46 55.15
CA ILE NA 77 46.79 -16.77 56.14
C ILE NA 77 47.31 -15.46 56.73
N SER NA 78 47.17 -15.31 58.05
CA SER NA 78 47.58 -14.11 58.76
C SER NA 78 47.02 -12.85 58.12
CHA CYC OA . 48.88 -46.97 24.19
NA CYC OA . 46.99 -46.72 22.42
C1A CYC OA . 47.82 -46.22 23.32
C2A CYC OA . 47.63 -44.85 23.40
C3A CYC OA . 46.61 -44.56 22.48
C4A CYC OA . 46.24 -45.76 21.89
CMA CYC OA . 46.03 -43.14 22.20
CAA CYC OA . 48.38 -43.86 24.34
CBA CYC OA . 47.38 -43.19 25.38
CGA CYC OA . 48.03 -42.66 26.74
O1A CYC OA . 48.65 -43.49 27.49
O2A CYC OA . 48.04 -41.44 27.06
CHB CYC OA . 45.10 -45.98 20.74
NB CYC OA . 43.44 -44.87 22.26
C1B CYC OA . 43.81 -45.23 21.06
C2B CYC OA . 42.86 -44.80 20.18
C3B CYC OA . 41.87 -44.16 20.93
C4B CYC OA . 42.29 -44.22 22.23
CMB CYC OA . 42.83 -44.97 18.67
CAB CYC OA . 40.55 -43.48 20.40
CBB CYC OA . 40.49 -42.02 20.75
OB CYC OA . 41.58 -43.68 23.38
NC CYC OA . 49.23 -52.77 22.26
C1C CYC OA . 49.41 -54.25 22.64
C2C CYC OA . 47.90 -54.85 22.76
C3C CYC OA . 47.22 -54.13 21.98
C4C CYC OA . 47.93 -52.60 22.03
CMC CYC OA . 47.90 -56.38 22.28
CAC CYC OA . 45.72 -54.06 22.50
CBC CYC OA . 44.73 -54.86 21.62
OC CYC OA . 50.04 -54.88 21.74
CHD CYC OA . 47.25 -51.81 23.12
ND CYC OA . 47.90 -49.32 23.50
C1D CYC OA . 48.09 -50.61 23.74
C2D CYC OA . 49.15 -50.72 24.66
C3D CYC OA . 49.58 -49.43 24.93
C4D CYC OA . 48.75 -48.58 24.19
CMD CYC OA . 49.76 -52.02 25.26
CAD CYC OA . 50.71 -48.99 25.86
CBD CYC OA . 52.03 -48.79 25.09
CGD CYC OA . 52.92 -47.71 25.72
O1D CYC OA . 52.69 -46.49 25.50
O2D CYC OA . 53.89 -48.04 26.44
CHA CYC PA . -96.01 2.91 28.34
NA CYC PA . -94.75 4.89 27.22
C1A CYC PA . -94.77 3.78 27.94
C2A CYC PA . -93.48 3.46 28.31
C3A CYC PA . -92.66 4.46 27.78
C4A CYC PA . -93.51 5.34 27.09
CMA CYC PA . -91.12 4.54 27.91
CAA CYC PA . -93.04 2.25 29.17
CBA CYC PA . -92.68 2.67 30.64
CGA CYC PA . -93.84 3.48 31.37
O1A CYC PA . -94.48 2.95 32.34
O2A CYC PA . -94.13 4.67 31.00
CHB CYC PA . -93.06 6.68 26.29
NB CYC PA . -92.09 7.48 28.48
C1B CYC PA . -92.41 7.68 27.22
C2B CYC PA . -92.05 8.97 26.90
C3B CYC PA . -91.49 9.52 28.05
C4B CYC PA . -91.54 8.55 29.01
CMB CYC PA . -92.24 9.65 25.55
CAB CYC PA . -90.92 11.00 28.20
CBB CYC PA . -89.58 11.03 28.87
OB CYC PA . -91.06 8.66 30.36
NC CYC PA . -100.05 3.12 23.28
C1C CYC PA . -101.53 3.27 22.92
C2C CYC PA . -101.77 4.87 22.70
C3C CYC PA . -100.63 5.40 22.69
C4C CYC PA . -99.59 4.36 23.52
CMC CYC PA . -102.57 5.15 21.32
CAC CYC PA . -100.70 6.80 23.43
CBC CYC PA . -100.51 7.97 22.46
OC CYC PA . -101.79 2.64 21.87
CHD CYC PA . -99.62 4.70 25.00
ND CYC PA . -97.71 4.00 26.64
C1D CYC PA . -98.83 3.70 25.97
C2D CYC PA . -99.20 2.38 26.32
C3D CYC PA . -98.22 1.92 27.21
C4D CYC PA . -97.31 2.96 27.38
CMD CYC PA . -100.41 1.53 25.85
CAD CYC PA . -98.25 0.50 27.84
CBD CYC PA . -96.94 -0.30 27.82
CGD CYC PA . -96.49 -0.63 29.26
O1D CYC PA . -95.58 0.05 29.81
O2D CYC PA . -97.02 -1.57 29.88
CHA CYC QA . -47.08 48.45 0.25
NA CYC QA . -49.46 47.74 1.08
C1A CYC QA . -48.37 47.57 0.34
C2A CYC QA . -48.53 46.40 -0.37
C3A CYC QA . -49.76 45.88 -0.02
C4A CYC QA . -50.33 46.77 0.89
CMA CYC QA . -50.25 44.55 -0.66
CAA CYC QA . -47.53 45.77 -1.36
CBA CYC QA . -47.92 46.13 -2.85
CGA CYC QA . -47.17 47.43 -3.34
O1A CYC QA . -46.10 47.80 -2.76
O2A CYC QA . -47.63 48.11 -4.32
CHB CYC QA . -51.76 46.74 1.69
NB CYC QA . -52.98 45.29 0.01
C1B CYC QA . -52.93 45.99 1.10
C2B CYC QA . -54.18 45.96 1.65
C3B CYC QA . -54.97 45.17 0.81
C4B CYC QA . -54.16 44.77 -0.21
CMB CYC QA . -54.63 46.64 2.93
CAB CYC QA . -56.50 44.82 1.02
CBB CYC QA . -56.82 43.41 0.64
OB CYC QA . -54.51 43.94 -1.34
NC CYC QA . -48.21 54.81 2.40
C1C CYC QA . -48.00 56.10 3.17
C2C CYC QA . -48.90 55.83 4.51
C3C CYC QA . -48.97 54.58 4.65
C4C CYC QA . -48.10 53.91 3.36
CMC CYC QA . -48.15 56.46 5.79
CAC CYC QA . -50.47 54.07 4.59
CBC CYC QA . -51.28 54.42 5.86
OC CYC QA . -48.44 57.08 2.53
CHD CYC QA . -48.69 52.61 2.92
ND CYC QA . -48.09 50.47 1.67
C1D CYC QA . -47.75 51.71 2.00
C2D CYC QA . -46.49 51.99 1.40
C3D CYC QA . -46.13 50.84 0.72
C4D CYC QA . -47.14 49.91 0.92
CMD CYC QA . -45.57 53.26 1.40
CAD CYC QA . -44.86 50.65 -0.09
CBD CYC QA . -43.77 49.94 0.73
CGD CYC QA . -42.64 49.51 -0.22
O1D CYC QA . -41.47 49.96 -0.06
O2D CYC QA . -42.91 48.74 -1.17
CHA CYC RA . -42.57 46.91 30.05
NA CYC RA . -41.13 45.09 28.90
C1A CYC RA . -42.26 45.49 29.48
C2A CYC RA . -43.14 44.43 29.53
C3A CYC RA . -42.48 43.35 28.93
C4A CYC RA . -41.23 43.81 28.56
CMA CYC RA . -43.07 41.93 28.74
CAA CYC RA . -44.57 44.44 30.12
CBA CYC RA . -44.62 43.87 31.58
CGA CYC RA . -43.40 44.38 32.48
O1A CYC RA . -43.54 45.40 33.23
O2A CYC RA . -42.28 43.76 32.46
CHB CYC RA . -40.07 42.93 27.83
NB CYC RA . -39.98 41.71 30.04
C1B CYC RA . -39.75 41.75 28.74
C2B CYC RA . -39.20 40.55 28.37
C3B CYC RA . -39.11 39.80 29.53
C4B CYC RA . -39.60 40.56 30.55
CMB CYC RA . -38.77 40.12 26.98
CAB CYC RA . -38.52 38.33 29.65
CBB CYC RA . -37.24 38.28 30.42
OB CYC RA . -39.70 40.19 31.94
NC CYC RA . -40.79 50.92 25.24
C1C CYC RA . -39.82 52.10 25.08
C2C CYC RA . -38.46 51.44 24.46
C3C CYC RA . -38.69 50.21 24.33
C4C CYC RA . -40.01 49.84 25.32
CMC CYC RA . -38.19 52.14 23.03
CAC CYC RA . -37.42 49.36 24.73
CBC CYC RA . -36.37 49.22 23.59
OC CYC RA . -39.57 52.65 26.17
CHD CYC RA . -39.56 49.61 26.75
ND CYC RA . -40.94 48.09 28.34
C1D CYC RA . -40.74 49.28 27.79
C2D CYC RA . -41.72 50.16 28.30
C3D CYC RA . -42.52 49.43 29.18
C4D CYC RA . -41.99 48.13 29.17
CMD CYC RA . -41.95 51.67 27.99
CAD CYC RA . -43.72 50.01 29.95
CBD CYC RA . -45.03 49.19 30.01
CGD CYC RA . -45.60 48.81 28.64
O1D CYC RA . -45.41 49.57 27.65
O2D CYC RA . -46.25 47.76 28.51
CHA CYC SA . -26.21 -16.50 1.45
NA CYC SA . -25.83 -14.10 2.37
C1A CYC SA . -26.53 -15.00 1.71
C2A CYC SA . -27.67 -14.40 1.24
C3A CYC SA . -27.64 -13.08 1.66
C4A CYC SA . -26.44 -12.93 2.36
CMA CYC SA . -28.75 -12.05 1.34
CAA CYC SA . -28.78 -15.08 0.41
CBA CYC SA . -28.64 -14.75 -1.12
CGA CYC SA . -27.41 -15.51 -1.77
O1A CYC SA . -27.60 -16.46 -2.59
O2A CYC SA . -26.22 -15.15 -1.48
CHB CYC SA . -25.83 -11.62 3.11
NB CYC SA . -26.47 -10.11 1.19
C1B CYC SA . -25.91 -10.32 2.34
C2B CYC SA . -25.39 -9.15 2.77
C3B CYC SA . -25.67 -8.19 1.81
C4B CYC SA . -26.37 -8.85 0.83
CMB CYC SA . -24.63 -8.90 4.06
CAB CYC SA . -25.23 -6.68 1.89
CBB CYC SA . -26.25 -5.73 1.35
OB CYC SA . -26.88 -8.29 -0.39
NC CYC SA . -20.52 -18.59 4.33
C1C CYC SA . -19.43 -19.28 5.13
C2C CYC SA . -19.37 -18.43 6.52
C3C CYC SA . -20.36 -17.65 6.51
C4C CYC SA . -21.37 -18.17 5.27
CMC CYC SA . -19.53 -19.48 7.73
CAC CYC SA . -19.93 -16.16 6.25
CBC CYC SA . -19.12 -15.57 7.44
OC CYC SA . -19.75 -20.46 5.36
CHD CYC SA . -22.21 -17.05 4.73
ND CYC SA . -24.16 -16.58 3.16
C1D CYC SA . -23.37 -17.48 3.72
C2D CYC SA . -23.79 -18.77 3.27
C3D CYC SA . -24.85 -18.54 2.41
C4D CYC SA . -25.06 -17.17 2.36
CMD CYC SA . -23.27 -20.22 3.58
CAD CYC SA . -25.65 -19.63 1.66
CBD CYC SA . -26.77 -20.21 2.53
CGD CYC SA . -28.01 -20.53 1.69
O1D CYC SA . -29.10 -20.77 2.28
O2D CYC SA . -27.93 -20.57 0.46
CHA CYC TA . -30.59 -21.84 29.87
NA CYC TA . -32.93 -21.89 28.73
C1A CYC TA . -31.97 -21.26 29.39
C2A CYC TA . -32.36 -19.97 29.63
C3A CYC TA . -33.62 -19.83 29.07
C4A CYC TA . -33.95 -21.07 28.51
CMA CYC TA . -34.44 -18.52 29.09
CAA CYC TA . -31.55 -18.89 30.37
CBA CYC TA . -31.71 -18.99 31.94
CGA CYC TA . -30.40 -18.54 32.70
O1A CYC TA . -29.44 -19.38 32.90
O2A CYC TA . -30.27 -17.33 33.13
CHB CYC TA . -35.29 -21.50 27.71
NB CYC TA . -36.84 -20.38 29.39
C1B CYC TA . -36.60 -21.27 28.45
C2B CYC TA . -37.75 -21.95 28.22
C3B CYC TA . -38.71 -21.44 29.08
C4B CYC TA . -38.09 -20.45 29.79
CMB CYC TA . -37.94 -23.08 27.22
CAB CYC TA . -40.22 -21.91 29.19
CBB CYC TA . -41.21 -20.77 29.15
OB CYC TA . -38.69 -19.61 30.82
NC CYC TA . -27.85 -25.64 24.94
C1C CYC TA . -27.52 -27.12 24.76
C2C CYC TA . -28.85 -27.71 24.02
C3C CYC TA . -29.77 -26.86 24.17
C4C CYC TA . -29.17 -25.57 25.07
CMC CYC TA . -28.48 -27.88 22.46
CAC CYC TA . -31.01 -27.53 24.92
CBC CYC TA . -31.38 -28.92 24.35
OC CYC TA . -27.35 -27.69 25.86
CHD CYC TA . -29.55 -25.71 26.53
ND CYC TA . -30.30 -23.86 28.17
C1D CYC TA . -29.32 -24.43 27.45
C2D CYC TA . -28.14 -23.70 27.69
C3D CYC TA . -28.46 -22.69 28.57
C4D CYC TA . -29.82 -22.82 28.86
CMD CYC TA . -26.70 -23.90 27.11
CAD CYC TA . -27.50 -21.62 29.13
CBD CYC TA . -27.47 -20.35 28.27
CGD CYC TA . -26.54 -19.29 28.87
O1D CYC TA . -25.85 -18.56 28.11
O2D CYC TA . -26.48 -19.15 30.10
CHA CYC UA . -92.68 -3.26 -0.63
NA CYC UA . -90.79 -4.54 0.60
C1A CYC UA . -91.22 -3.57 -0.18
C2A CYC UA . -90.13 -2.83 -0.59
C3A CYC UA . -89.01 -3.40 0.00
C4A CYC UA . -89.48 -4.49 0.74
CMA CYC UA . -87.57 -2.87 -0.17
CAA CYC UA . -90.16 -1.60 -1.52
CBA CYC UA . -90.02 -2.01 -3.02
CGA CYC UA . -91.40 -1.88 -3.81
O1A CYC UA . -91.91 -2.90 -4.38
O2A CYC UA . -91.98 -0.75 -3.88
CHB CYC UA . -88.62 -5.52 1.66
NB CYC UA . -86.90 -5.85 -0.18
C1B CYC UA . -87.44 -6.17 0.97
C2B CYC UA . -86.75 -7.23 1.48
C3B CYC UA . -85.75 -7.54 0.57
C4B CYC UA . -85.88 -6.65 -0.45
CMB CYC UA . -87.04 -7.94 2.79
CAB CYC UA . -84.68 -8.70 0.72
CBB CYC UA . -83.30 -8.32 0.29
OB CYC UA . -85.06 -6.57 -1.64
NC CYC UA . -97.31 -6.45 2.12
C1C CYC UA . -98.51 -6.87 2.97
C2C CYC UA . -97.90 -7.77 4.18
C3C CYC UA . -96.72 -7.39 4.32
C4C CYC UA . -96.23 -6.77 2.83
CMC CYC UA . -98.77 -7.39 5.49
CAC CYC UA . -95.69 -8.55 4.64
CBC CYC UA . -95.99 -9.41 5.89
OC CYC UA . -99.29 -7.56 2.27
CHD CYC UA . -95.42 -5.55 3.18
ND CYC UA . -93.83 -4.61 1.34
C1D CYC UA . -95.01 -4.62 1.96
C2D CYC UA . -95.83 -3.66 1.39
C3D CYC UA . -95.10 -3.05 0.38
C4D CYC UA . -93.85 -3.67 0.39
CMD CYC UA . -97.30 -3.31 1.80
CAD CYC UA . -95.59 -1.92 -0.53
CBD CYC UA . -95.49 -0.58 0.24
CGD CYC UA . -95.64 0.64 -0.66
O1D CYC UA . -95.77 0.49 -1.91
O2D CYC UA . -95.65 1.78 -0.16
CHA CYC VA . -75.87 5.16 32.32
NA CYC VA . -74.66 2.88 32.61
C1A CYC VA . -74.64 4.20 32.47
C2A CYC VA . -73.33 4.63 32.47
C3A CYC VA . -72.54 3.49 32.62
C4A CYC VA . -73.42 2.40 32.69
CMA CYC VA . -70.99 3.49 32.68
CAA CYC VA . -72.83 6.10 32.34
CBA CYC VA . -72.24 6.40 30.90
CGA CYC VA . -72.76 5.38 29.80
O1A CYC VA . -72.17 4.26 29.64
O2A CYC VA . -73.78 5.68 29.08
CHB CYC VA . -73.06 0.83 32.88
NB CYC VA . -71.37 0.98 31.01
C1B CYC VA . -72.14 0.28 31.80
C2B CYC VA . -71.97 -1.04 31.49
C3B CYC VA . -71.03 -1.09 30.47
C4B CYC VA . -70.68 0.21 30.19
CMB CYC VA . -72.66 -2.24 32.14
CAB CYC VA . -70.49 -2.39 29.75
CBB CYC VA . -70.53 -2.29 28.24
OB CYC VA . -69.74 0.65 29.20
NC CYC VA . -80.57 2.87 36.18
C1C CYC VA . -81.90 2.32 36.69
C2C CYC VA . -81.92 0.74 36.31
C3C CYC VA . -80.76 0.42 35.93
C4C CYC VA . -79.85 1.85 35.70
CMC CYC VA . -82.30 -0.12 37.62
CAC CYC VA . -80.89 -0.39 34.58
CBC CYC VA . -80.06 -1.71 34.61
OC CYC VA . -82.86 2.91 36.14
CHD CYC VA . -79.57 2.00 34.23
ND CYC VA . -77.59 3.38 33.27
C1D CYC VA . -78.84 3.33 33.74
C2D CYC VA . -79.37 4.63 33.67
C3D CYC VA . -78.36 5.45 33.16
C4D CYC VA . -77.26 4.63 32.92
CMD CYC VA . -80.78 5.16 34.08
CAD CYC VA . -78.47 6.97 32.91
CBD CYC VA . -77.60 7.84 33.84
CGD CYC VA . -77.10 9.10 33.10
O1D CYC VA . -77.05 9.12 31.84
O2D CYC VA . -76.76 10.10 33.77
CHA CYC WA . -78.89 -32.83 22.46
NA CYC WA . -77.63 -30.64 21.91
C1A CYC WA . -77.89 -31.92 21.68
C2A CYC WA . -77.11 -32.33 20.60
C3A CYC WA . -76.36 -31.21 20.22
C4A CYC WA . -76.74 -30.16 21.06
CMA CYC WA . -75.37 -31.25 19.04
CAA CYC WA . -77.06 -33.74 19.96
CBA CYC WA . -78.40 -34.16 19.24
CGA CYC WA . -79.01 -35.50 19.87
O1A CYC WA . -78.70 -35.86 21.05
O2A CYC WA . -79.81 -36.22 19.18
CHB CYC WA . -76.23 -28.61 21.15
NB CYC WA . -74.76 -28.29 19.11
C1B CYC WA . -75.73 -27.90 19.90
C2B CYC WA . -76.19 -26.70 19.43
C3B CYC WA . -75.45 -26.41 18.29
C4B CYC WA . -74.56 -27.43 18.13
CMB CYC WA . -77.31 -25.85 20.01
CAB CYC WA . -75.59 -25.15 17.34
CBB CYC WA . -76.14 -25.56 16.00
OB CYC WA . -73.60 -27.53 17.06
NC CYC WA . -82.05 -30.88 27.02
C1C CYC WA . -83.13 -30.55 28.04
C2C CYC WA . -82.62 -29.13 28.67
C3C CYC WA . -82.10 -28.52 27.69
C4C CYC WA . -81.60 -29.70 26.58
CMC CYC WA . -83.87 -28.31 29.25
CAC CYC WA . -80.86 -27.66 28.17
CBC CYC WA . -80.92 -26.21 27.62
OC CYC WA . -83.18 -31.43 28.93
CHD CYC WA . -80.11 -29.72 26.46
ND CYC WA . -79.54 -31.08 24.31
C1D CYC WA . -79.67 -31.01 25.63
C2D CYC WA . -79.36 -32.27 26.17
C3D CYC WA . -79.03 -33.10 25.10
C4D CYC WA . -79.16 -32.32 23.96
CMD CYC WA . -79.37 -32.66 27.69
CAD CYC WA . -78.62 -34.57 25.16
CBD CYC WA . -77.18 -34.77 25.68
CGD CYC WA . -77.13 -35.72 26.90
O1D CYC WA . -77.17 -35.25 28.07
O2D CYC WA . -77.05 -36.94 26.72
CHA CYC XA . -50.50 27.96 32.70
NA CYC XA . -52.98 28.05 33.28
C1A CYC XA . -51.95 27.39 32.79
C2A CYC XA . -52.39 26.15 32.36
C3A CYC XA . -53.77 26.11 32.65
C4A CYC XA . -54.09 27.35 33.22
CMA CYC XA . -54.72 24.93 32.36
CAA CYC XA . -51.52 25.04 31.72
CBA CYC XA . -51.70 24.89 30.17
CGA CYC XA . -50.67 25.75 29.31
O1A CYC XA . -50.30 26.91 29.72
O2A CYC XA . -50.22 25.29 28.21
CHB CYC XA . -55.47 27.95 33.78
NB CYC XA . -57.47 26.45 33.78
C1B CYC XA . -56.77 27.42 33.24
C2B CYC XA . -57.45 27.88 32.14
C3B CYC XA . -58.60 27.12 32.05
C4B CYC XA . -58.57 26.24 33.09
CMB CYC XA . -56.99 29.01 31.22
CAB CYC XA . -59.72 27.26 30.94
CBB CYC XA . -59.52 26.31 29.78
OB CYC XA . -59.55 25.23 33.43
NC CYC XA . -50.64 32.87 37.14
C1C CYC XA . -50.32 34.36 37.26
C2C CYC XA . -51.75 35.12 37.09
C3C CYC XA . -52.60 34.24 36.75
C4C CYC XA . -51.81 32.76 36.54
CMC CYC XA . -52.14 35.82 38.48
CAC CYC XA . -53.30 34.72 35.41
CBC CYC XA . -54.84 34.82 35.51
OC CYC XA . -49.54 34.77 36.36
CHD CYC XA . -51.73 32.49 35.04
ND CYC XA . -51.36 30.20 33.84
C1D CYC XA . -50.88 31.26 34.49
C2D CYC XA . -49.48 31.12 34.53
C3D CYC XA . -49.16 29.90 33.90
C4D CYC XA . -50.38 29.36 33.49
CMD CYC XA . -48.48 32.11 35.17
CAD CYC XA . -47.79 29.26 33.65
CBD CYC XA . -47.44 27.94 34.35
CGD CYC XA . -46.00 27.48 34.05
O1D CYC XA . -45.53 27.60 32.88
O2D CYC XA . -45.29 26.99 34.95
CHA CYC YA . -81.96 49.57 22.73
NA CYC YA . -79.82 48.60 21.64
C1A CYC YA . -81.10 48.94 21.58
C2A CYC YA . -81.58 48.64 20.31
C3A CYC YA . -80.50 48.10 19.61
C4A CYC YA . -79.41 48.09 20.48
CMA CYC YA . -80.50 47.60 18.14
CAA CYC YA . -83.01 48.86 19.77
CBA CYC YA . -83.30 50.39 19.46
CGA CYC YA . -84.85 50.70 19.33
O1A CYC YA . -85.24 51.63 18.54
O2A CYC YA . -85.69 50.01 19.99
CHB CYC YA . -77.92 47.56 20.14
NB CYC YA . -78.69 45.22 20.64
C1B CYC YA . -77.91 46.06 20.01
C2B CYC YA . -77.06 45.33 19.20
C3B CYC YA . -77.39 44.00 19.40
C4B CYC YA . -78.41 43.98 20.31
CMB CYC YA . -75.98 45.90 18.29
CAB CYC YA . -76.71 42.75 18.70
CBB CYC YA . -77.08 42.59 17.24
OB CYC YA . -79.08 42.80 20.81
NC CYC YA . -77.93 51.67 27.56
C1C CYC YA . -77.01 52.11 28.69
C2C CYC YA . -75.86 50.95 28.78
C3C CYC YA . -75.99 50.29 27.71
C4C CYC YA . -77.65 50.36 27.40
CMC CYC YA . -74.40 51.60 28.87
CAC CYC YA . -75.50 48.80 27.89
CBC CYC YA . -76.49 47.93 28.71
OC CYC YA . -76.48 53.22 28.41
CHD CYC YA . -77.96 49.88 26.01
ND CYC YA . -79.83 49.70 24.28
C1D CYC YA . -79.50 49.90 25.55
C2D CYC YA . -80.71 50.12 26.27
C3D CYC YA . -81.74 50.02 25.34
C4D CYC YA . -81.15 49.76 24.11
CMD CYC YA . -80.96 50.41 27.79
CAD CYC YA . -83.25 50.18 25.61
CBD CYC YA . -83.94 48.86 26.00
CGD CYC YA . -85.47 49.02 26.00
O1D CYC YA . -86.09 49.13 27.09
O2D CYC YA . -86.09 49.04 24.92
CHA CYC ZA . -43.16 -5.47 32.52
NA CYC ZA . -41.71 -3.33 32.71
C1A CYC ZA . -42.84 -3.94 32.39
C2A CYC ZA . -43.72 -2.98 31.92
C3A CYC ZA . -43.05 -1.76 31.98
C4A CYC ZA . -41.77 -2.03 32.48
CMA CYC ZA . -43.64 -0.39 31.54
CAA CYC ZA . -45.17 -3.22 31.42
CBA CYC ZA . -45.28 -4.14 30.14
CGA CYC ZA . -44.38 -3.68 28.90
O1A CYC ZA . -44.75 -3.94 27.71
O2A CYC ZA . -43.29 -3.04 29.09
CHB CYC ZA . -40.55 -1.02 32.79
NB CYC ZA . -40.68 0.32 30.62
C1B CYC ZA . -40.37 0.19 31.88
C2B CYC ZA . -39.80 1.36 32.30
C3B CYC ZA . -39.79 2.22 31.20
C4B CYC ZA . -40.36 1.53 30.17
CMB CYC ZA . -39.27 1.66 33.70
CAB CYC ZA . -39.24 3.70 31.17
CBB CYC ZA . -40.33 4.74 31.00
OB CYC ZA . -40.55 2.04 28.83
NC CYC ZA . -39.24 -8.30 36.63
C1C CYC ZA . -38.17 -9.36 36.82
C2C CYC ZA . -36.74 -8.58 36.73
C3C CYC ZA . -37.00 -7.35 36.72
C4C CYC ZA . -38.62 -7.18 36.27
CMC CYC ZA . -35.84 -8.97 38.01
CAC CYC ZA . -36.08 -6.60 35.67
CBC CYC ZA . -34.75 -6.05 36.26
OC CYC ZA . -38.28 -9.89 37.95
CHD CYC ZA . -38.69 -6.95 34.79
ND CYC ZA . -40.84 -5.97 33.69
C1D CYC ZA . -40.13 -7.02 34.10
C2D CYC ZA . -40.85 -8.19 33.79
C3D CYC ZA . -42.04 -7.78 33.19
C4D CYC ZA . -41.99 -6.38 33.14
CMD CYC ZA . -40.44 -9.67 34.07
CAD CYC ZA . -43.16 -8.70 32.68
CBD CYC ZA . -44.49 -8.57 33.44
CGD CYC ZA . -45.67 -8.70 32.47
O1D CYC ZA . -45.44 -9.01 31.26
O2D CYC ZA . -46.84 -8.52 32.87
CHA CYC AB . -8.42 11.93 23.95
NA CYC AB . -10.31 10.67 22.69
C1A CYC AB . -9.49 11.70 22.83
C2A CYC AB . -9.71 12.59 21.78
C3A CYC AB . -10.74 12.04 21.02
C4A CYC AB . -11.08 10.82 21.62
CMA CYC AB . -11.32 12.69 19.75
CAA CYC AB . -9.00 13.95 21.53
CBA CYC AB . -7.46 13.84 21.20
CGA CYC AB . -7.03 12.49 20.43
O1A CYC AB . -6.63 12.55 19.22
O2A CYC AB . -7.08 11.36 21.03
CHB CYC AB . -12.21 9.77 21.11
NB CYC AB . -13.92 11.59 21.30
C1B CYC AB . -13.49 10.50 20.74
C2B CYC AB . -14.37 10.14 19.74
C3B CYC AB . -15.38 11.09 19.76
C4B CYC AB . -15.05 11.97 20.75
CMB CYC AB . -14.27 8.94 18.80
CAB CYC AB . -16.64 11.14 18.80
CBB CYC AB . -16.30 11.74 17.46
OB CYC AB . -15.82 13.14 21.13
NC CYC AB . -8.74 7.65 28.36
C1C CYC AB . -8.72 6.57 29.45
C2C CYC AB . -10.28 6.43 29.91
C3C CYC AB . -10.94 6.68 28.86
C4C CYC AB . -9.99 7.68 27.88
CMC CYC AB . -10.56 4.92 30.39
CAC CYC AB . -12.30 7.40 29.24
CBC CYC AB . -13.53 6.53 28.87
OC CYC AB . -8.30 5.49 28.98
CHD CYC AB . -10.52 9.09 27.85
ND CYC AB . -9.71 10.40 25.73
C1D CYC AB . -9.56 10.05 27.00
C2D CYC AB . -8.41 10.69 27.51
C3D CYC AB . -7.87 11.44 26.46
C4D CYC AB . -8.72 11.23 25.37
CMD CYC AB . -7.81 10.60 28.95
CAD CYC AB . -6.61 12.30 26.50
CBD CYC AB . -6.82 13.63 27.26
CGD CYC AB . -7.59 14.67 26.43
O1D CYC AB . -7.11 15.82 26.23
O2D CYC AB . -8.71 14.38 25.95
CHA CYC BB . -73.93 4.50 -2.59
NA CYC BB . -74.07 7.11 -2.80
C1A CYC BB . -73.40 5.99 -2.60
C2A CYC BB . -72.09 6.32 -2.38
C3A CYC BB . -71.99 7.69 -2.46
C4A CYC BB . -73.28 8.17 -2.72
CMA CYC BB . -70.64 8.42 -2.27
CAA CYC BB . -70.93 5.34 -2.09
CBA CYC BB . -70.80 5.13 -0.52
CGA CYC BB . -71.72 3.94 -0.06
O1A CYC BB . -71.63 2.80 -0.66
O2A CYC BB . -72.55 4.08 0.90
CHB CYC BB . -73.86 9.67 -2.95
NB CYC BB . -72.11 10.87 -1.57
C1B CYC BB . -73.20 10.85 -2.27
C2B CYC BB . -73.68 12.13 -2.30
C3B CYC BB . -72.78 12.91 -1.57
C4B CYC BB . -71.81 12.07 -1.14
CMB CYC BB . -74.95 12.61 -2.98
CAB CYC BB . -72.88 14.47 -1.29
CBB CYC BB . -72.53 14.81 0.14
OB CYC BB . -70.66 12.40 -0.34
NC CYC BB . -78.93 3.42 -6.87
C1C CYC BB . -80.26 3.30 -7.61
C2C CYC BB . -81.10 4.56 -7.04
C3C CYC BB . -80.23 5.46 -6.95
C4C CYC BB . -78.78 4.68 -6.54
CMC CYC BB . -82.17 4.95 -8.17
CAC CYC BB . -80.64 6.49 -5.83
CBC CYC BB . -81.15 7.85 -6.39
OC CYC BB . -80.10 3.48 -8.84
CHD CYC BB . -78.57 4.81 -5.05
ND CYC BB . -76.27 4.95 -3.82
C1D CYC BB . -77.22 4.23 -4.40
C2D CYC BB . -76.85 2.88 -4.30
C3D CYC BB . -75.62 2.84 -3.65
C4D CYC BB . -75.29 4.16 -3.36
CMD CYC BB . -77.61 1.61 -4.80
CAD CYC BB . -74.80 1.60 -3.29
CBD CYC BB . -74.01 1.05 -4.50
CGD CYC BB . -73.42 -0.33 -4.19
O1D CYC BB . -73.21 -0.67 -3.00
O2D CYC BB . -73.17 -1.12 -5.12
CHA CYC CB . -95.50 35.94 6.15
NA CYC CB . -93.77 34.23 7.05
C1A CYC CB . -94.38 35.40 7.09
C2A CYC CB . -93.85 36.12 8.14
C3A CYC CB . -92.90 35.30 8.75
C4A CYC CB . -92.87 34.10 8.02
CMA CYC CB . -92.09 35.77 9.98
CAA CYC CB . -94.26 37.54 8.57
CBA CYC CB . -95.37 37.52 9.70
CGA CYC CB . -96.25 36.20 9.65
O1A CYC CB . -95.94 35.20 10.39
O2A CYC CB . -97.28 36.14 8.88
CHB CYC CB . -92.01 32.73 8.13
NB CYC CB . -90.53 33.30 10.12
C1B CYC CB . -91.01 32.47 9.24
C2B CYC CB . -90.44 31.24 9.49
C3B CYC CB . -89.59 31.39 10.56
C4B CYC CB . -89.67 32.70 10.94
CMB CYC CB . -90.70 29.96 8.70
CAB CYC CB . -88.70 30.25 11.22
CBB CYC CB . -88.61 30.34 12.73
OB CYC CB . -88.97 33.33 12.02
NC CYC CB . -96.22 32.76 0.23
C1C CYC CB . -97.19 31.75 -0.37
C2C CYC CB . -96.58 30.32 0.14
C3C CYC CB . -95.69 30.60 0.99
C4C CYC CB . -95.97 32.21 1.41
CMC CYC CB . -97.75 29.46 0.82
CAC CYC CB . -94.25 30.44 0.37
CBC CYC CB . -94.18 29.62 -0.94
OC CYC CB . -98.34 31.92 0.09
CHD CYC CB . -94.76 32.82 2.04
ND CYC CB . -95.04 34.16 4.24
C1D CYC CB . -95.12 34.09 2.92
C2D CYC CB . -95.56 35.34 2.44
C3D CYC CB . -95.75 36.15 3.55
C4D CYC CB . -95.42 35.37 4.65
CMD CYC CB . -95.81 35.78 0.95
CAD CYC CB . -96.23 37.61 3.57
CBD CYC CB . -95.17 38.61 3.06
CGD CYC CB . -95.75 39.52 1.97
O1D CYC CB . -96.32 39.02 0.95
O2D CYC CB . -95.64 40.75 2.07
CHA CYC DB . -50.74 28.85 -3.16
NA CYC DB . -48.48 27.61 -2.96
C1A CYC DB . -49.79 27.64 -2.85
C2A CYC DB . -50.21 26.39 -2.40
C3A CYC DB . -49.05 25.63 -2.26
C4A CYC DB . -47.98 26.44 -2.62
CMA CYC DB . -49.12 24.17 -1.79
CAA CYC DB . -51.62 25.83 -2.10
CBA CYC DB . -52.65 26.74 -1.32
CGA CYC DB . -52.05 27.69 -0.21
O1A CYC DB . -52.80 28.59 0.32
O2A CYC DB . -50.83 27.57 0.17
CHB CYC DB . -46.37 26.15 -2.69
NB CYC DB . -46.19 23.70 -2.04
C1B CYC DB . -45.75 24.92 -2.07
C2B CYC DB . -44.52 24.91 -1.46
C3B CYC DB . -44.27 23.62 -1.05
C4B CYC DB . -45.35 22.89 -1.43
CMB CYC DB . -43.62 26.12 -1.29
CAB CYC DB . -42.99 23.08 -0.29
CBB CYC DB . -43.29 22.69 1.12
OB CYC DB . -45.54 21.47 -1.21
NC CYC DB . -48.34 34.26 -6.32
C1C CYC DB . -47.65 35.32 -7.17
C2C CYC DB . -46.08 35.00 -6.99
C3C CYC DB . -46.00 33.78 -6.68
C4C CYC DB . -47.55 33.19 -6.33
CMC CYC DB . -45.37 35.26 -8.40
CAC CYC DB . -45.06 33.59 -5.41
CBC CYC DB . -43.61 34.10 -5.61
OC CYC DB . -47.94 35.16 -8.38
CHD CYC DB . -47.50 32.53 -4.97
ND CYC DB . -48.88 30.51 -4.10
C1D CYC DB . -48.80 31.80 -4.44
C2D CYC DB . -50.05 32.38 -4.18
C3D CYC DB . -50.87 31.37 -3.69
C4D CYC DB . -50.10 30.22 -3.67
CMD CYC DB . -50.56 33.85 -4.36
CAD CYC DB . -52.33 31.50 -3.29
CBD CYC DB . -53.26 31.21 -4.48
CGD CYC DB . -54.65 30.77 -3.99
O1D CYC DB . -54.92 30.84 -2.76
O2D CYC DB . -55.49 30.36 -4.80
CHA CYC EB . -12.95 31.15 7.48
NA CYC EB . -15.31 31.03 8.58
C1A CYC EB . -14.02 30.75 8.56
C2A CYC EB . -13.72 30.01 9.69
C3A CYC EB . -14.91 29.85 10.39
C4A CYC EB . -15.90 30.51 9.65
CMA CYC EB . -15.02 29.07 11.72
CAA CYC EB . -12.33 29.43 10.08
CBA CYC EB . -11.27 30.55 10.47
CGA CYC EB . -10.22 30.84 9.32
O1A CYC EB . -9.61 29.86 8.74
O2A CYC EB . -9.99 32.04 8.95
CHB CYC EB . -17.49 30.71 9.94
NB CYC EB . -17.91 28.46 11.07
C1B CYC EB . -18.29 29.65 10.68
C2B CYC EB . -19.59 29.81 11.05
C3B CYC EB . -19.97 28.65 11.70
C4B CYC EB . -18.89 27.83 11.70
CMB CYC EB . -20.47 31.03 10.80
CAB CYC EB . -21.39 28.32 12.33
CBB CYC EB . -21.36 28.31 13.84
OB CYC EB . -18.82 26.51 12.27
NC CYC EB . -14.76 34.83 2.78
C1C CYC EB . -15.17 35.02 1.33
C2C CYC EB . -16.66 35.65 1.46
C3C CYC EB . -17.17 35.01 2.43
C4C CYC EB . -15.88 34.54 3.43
CMC CYC EB . -16.53 37.20 1.84
CAC CYC EB . -17.93 33.72 1.92
CBC CYC EB . -18.63 33.91 0.55
OC CYC EB . -14.42 35.86 0.76
CHD CYC EB . -16.01 33.06 3.71
ND CYC EB . -14.71 32.17 5.77
C1D CYC EB . -14.76 32.45 4.47
C2D CYC EB . -13.56 32.06 3.88
C3D CYC EB . -12.76 31.55 4.89
C4D CYC EB . -13.52 31.64 6.06
CMD CYC EB . -13.15 32.17 2.37
CAD CYC EB . -11.34 31.00 4.76
CBD CYC EB . -11.32 29.61 4.10
CGD CYC EB . -10.67 28.56 4.99
O1D CYC EB . -9.73 27.83 4.53
O2D CYC EB . -11.04 28.41 6.16
CHA CYC FB . -41.60 -4.28 -2.03
NA CYC FB . -43.78 -5.61 -2.26
C1A CYC FB . -43.14 -4.48 -1.97
C2A CYC FB . -44.10 -3.53 -1.64
C3A CYC FB . -45.32 -4.16 -1.73
C4A CYC FB . -45.09 -5.48 -2.12
CMA CYC FB . -46.64 -3.41 -1.43
CAA CYC FB . -44.00 -2.04 -1.20
CBA CYC FB . -42.65 -1.25 -1.40
CGA CYC FB . -42.35 -0.31 -0.16
O1A CYC FB . -42.32 0.96 -0.32
O2A CYC FB . -42.13 -0.84 0.98
CHB CYC FB . -46.12 -6.70 -2.41
NB CYC FB . -47.57 -6.05 -0.46
C1B CYC FB . -47.26 -6.86 -1.43
C2B CYC FB . -48.16 -7.89 -1.40
C3B CYC FB . -49.03 -7.63 -0.35
C4B CYC FB . -48.63 -6.46 0.21
CMB CYC FB . -48.21 -9.10 -2.33
CAB CYC FB . -50.26 -8.51 0.12
CBB CYC FB . -51.45 -8.35 -0.79
OB CYC FB . -49.23 -5.80 1.34
NC CYC FB . -38.75 -8.64 -6.19
C1C CYC FB . -38.08 -9.75 -7.01
C2C CYC FB . -38.26 -11.10 -6.11
C3C CYC FB . -38.82 -10.67 -5.08
C4C CYC FB . -39.71 -9.35 -5.60
CMC CYC FB . -39.19 -12.16 -6.84
CAC CYC FB . -37.70 -10.11 -4.14
CBC CYC FB . -37.92 -10.44 -2.64
OC CYC FB . -36.86 -9.52 -7.18
CHD CYC FB . -40.44 -8.74 -4.42
ND CYC FB . -41.20 -6.61 -3.24
C1D CYC FB . -40.19 -7.29 -3.80
C2D CYC FB . -39.03 -6.50 -3.64
C3D CYC FB . -39.42 -5.33 -3.01
C4D CYC FB . -40.78 -5.44 -2.77
CMD CYC FB . -37.56 -6.75 -4.08
CAD CYC FB . -38.52 -4.16 -2.62
CBD CYC FB . -38.63 -2.97 -3.59
CGD CYC FB . -37.89 -1.75 -3.02
O1D CYC FB . -37.89 -1.56 -1.78
O2D CYC FB . -37.29 -0.99 -3.78
CHA CYC GB . -58.53 -38.43 6.92
NA CYC GB . -58.02 -36.07 7.87
C1A CYC GB . -58.75 -37.17 7.81
C2A CYC GB . -59.80 -37.03 8.69
C3A CYC GB . -59.67 -35.80 9.30
C4A CYC GB . -58.52 -35.21 8.76
CMA CYC GB . -60.68 -35.28 10.36
CAA CYC GB . -60.93 -38.06 8.96
CBA CYC GB . -60.48 -39.18 9.98
CGA CYC GB . -59.85 -40.44 9.24
O1A CYC GB . -58.65 -40.78 9.48
O2A CYC GB . -60.54 -41.10 8.39
CHB CYC GB . -57.78 -33.78 9.01
NB CYC GB . -59.23 -32.73 10.84
C1B CYC GB . -58.15 -32.80 10.11
C2B CYC GB . -57.34 -31.76 10.48
C3B CYC GB . -57.99 -31.08 11.50
C4B CYC GB . -59.18 -31.71 11.68
CMB CYC GB . -55.97 -31.43 9.91
CAB CYC GB . -57.46 -29.79 12.26
CBB CYC GB . -57.31 -30.01 13.74
OB CYC GB . -60.20 -31.35 12.64
NC CYC GB . -54.54 -38.08 2.30
C1C CYC GB . -53.25 -38.15 1.50
C2C CYC GB . -53.15 -36.66 0.86
C3C CYC GB . -53.61 -35.89 1.76
C4C CYC GB . -54.54 -36.85 2.80
CMC CYC GB . -51.61 -36.33 0.59
CAC CYC GB . -54.46 -34.72 1.12
CBC CYC GB . -53.67 -33.40 0.92
OC CYC GB . -53.33 -39.02 0.59
CHD CYC GB . -55.95 -36.33 2.90
ND CYC GB . -57.14 -37.18 5.05
C1D CYC GB . -56.86 -37.31 3.76
C2D CYC GB . -57.51 -38.45 3.28
C3D CYC GB . -58.20 -39.00 4.35
C4D CYC GB . -57.94 -38.17 5.45
CMD CYC GB . -57.50 -39.03 1.83
CAD CYC GB . -59.07 -40.28 4.33
CBD CYC GB . -60.59 -40.01 4.47
CGD CYC GB . -61.19 -39.30 3.24
O1D CYC GB . -60.76 -39.54 2.09
O2D CYC GB . -62.11 -38.48 3.41
CHA CYC HB . -25.49 18.49 -55.79
NA CYC HB . -24.32 16.15 -55.53
C1A CYC HB . -24.35 17.43 -55.86
C2A CYC HB . -23.11 17.78 -56.36
C3A CYC HB . -22.32 16.64 -56.31
C4A CYC HB . -23.13 15.63 -55.78
CMA CYC HB . -20.85 16.58 -56.76
CAA CYC HB . -22.72 19.19 -56.88
CBA CYC HB . -22.46 19.23 -58.43
CGA CYC HB . -23.64 18.61 -59.30
O1A CYC HB . -24.23 19.33 -60.17
O2A CYC HB . -24.01 17.39 -59.15
CHB CYC HB . -22.73 14.07 -55.48
NB CYC HB . -21.67 13.87 -57.78
C1B CYC HB . -21.83 13.45 -56.55
C2B CYC HB . -21.06 12.34 -56.39
C3B CYC HB . -20.40 12.13 -57.58
C4B CYC HB . -20.82 13.11 -58.43
CMB CYC HB . -20.92 11.50 -55.11
CAB CYC HB . -19.39 10.97 -57.91
CBB CYC HB . -19.70 10.30 -59.22
OB CYC HB . -20.42 13.31 -59.81
NC CYC HB . -30.88 17.01 -51.87
C1C CYC HB . -31.98 16.10 -52.37
C2C CYC HB . -31.70 14.75 -51.50
C3C CYC HB . -30.46 14.80 -51.21
C4C CYC HB . -29.83 16.21 -51.89
CMC CYC HB . -32.55 14.81 -50.15
CAC CYC HB . -29.71 13.52 -51.77
CBC CYC HB . -29.95 12.27 -50.89
OC CYC HB . -33.10 16.58 -52.09
CHD CYC HB . -29.38 15.96 -53.31
ND CYC HB . -27.32 16.95 -54.55
C1D CYC HB . -28.50 17.14 -53.97
C2D CYC HB . -28.83 18.51 -54.08
C3D CYC HB . -27.78 19.12 -54.73
C4D CYC HB . -26.85 18.12 -55.01
CMD CYC HB . -30.08 19.32 -53.60
CAD CYC HB . -27.65 20.61 -55.09
CBD CYC HB . -26.96 21.43 -54.00
CGD CYC HB . -26.65 22.86 -54.49
O1D CYC HB . -26.72 23.14 -55.72
O2D CYC HB . -26.32 23.74 -53.68
CHA CYC IB . 26.75 -26.82 -39.74
NA CYC IB . 24.20 -26.68 -39.83
C1A CYC IB . 25.32 -26.62 -39.14
C2A CYC IB . 24.99 -26.38 -37.80
C3A CYC IB . 23.61 -26.29 -37.76
C4A CYC IB . 23.15 -26.48 -39.07
CMA CYC IB . 22.77 -26.03 -36.47
CAA CYC IB . 25.97 -26.24 -36.59
CBA CYC IB . 25.85 -27.45 -35.60
CGA CYC IB . 27.26 -28.04 -35.18
O1A CYC IB . 28.31 -27.33 -35.32
O2A CYC IB . 27.34 -29.23 -34.71
CHB CYC IB . 21.64 -26.51 -39.68
NB CYC IB . 20.81 -24.55 -38.28
C1B CYC IB . 20.63 -25.54 -39.12
C2B CYC IB . 19.32 -25.58 -39.45
C3B CYC IB . 18.69 -24.55 -38.76
C4B CYC IB . 19.66 -23.93 -38.03
CMB CYC IB . 18.67 -26.58 -40.40
CAB CYC IB . 17.14 -24.19 -38.81
CBB CYC IB . 16.53 -23.99 -37.46
OB CYC IB . 19.50 -22.80 -37.15
NC CYC IB . 26.70 -32.64 -43.44
C1C CYC IB . 26.81 -33.45 -44.72
C2C CYC IB . 25.37 -33.14 -45.44
C3C CYC IB . 24.98 -32.02 -45.01
C4C CYC IB . 26.07 -31.51 -43.81
CMC CYC IB . 25.61 -33.10 -47.02
CAC CYC IB . 23.52 -32.13 -44.40
CBC CYC IB . 22.62 -33.18 -45.11
OC CYC IB . 26.90 -34.67 -44.44
CHD CYC IB . 25.35 -30.95 -42.61
ND CYC IB . 25.86 -28.80 -41.24
C1D CYC IB . 26.23 -30.02 -41.66
C2D CYC IB . 27.49 -30.28 -41.07
C3D CYC IB . 27.84 -29.17 -40.33
C4D CYC IB . 26.80 -28.26 -40.47
CMD CYC IB . 28.41 -31.54 -41.19
CAD CYC IB . 29.13 -29.02 -39.51
CBD CYC IB . 30.14 -28.08 -40.20
CGD CYC IB . 31.22 -27.66 -39.20
O1D CYC IB . 32.32 -27.21 -39.61
O2D CYC IB . 31.00 -27.78 -37.98
CHA CYC JB . 31.02 -18.21 -67.13
NA CYC JB . 32.64 -16.52 -65.97
C1A CYC JB . 31.49 -16.84 -66.55
C2A CYC JB . 30.69 -15.71 -66.59
C3A CYC JB . 31.42 -14.68 -66.01
C4A CYC JB . 32.65 -15.23 -65.62
CMA CYC JB . 30.91 -13.23 -65.83
CAA CYC JB . 29.27 -15.61 -67.18
CBA CYC JB . 29.29 -14.93 -68.61
CGA CYC JB . 30.53 -15.38 -69.49
O1A CYC JB . 30.35 -16.22 -70.45
O2A CYC JB . 31.70 -14.92 -69.25
CHB CYC JB . 33.86 -14.45 -64.89
NB CYC JB . 33.92 -12.87 -66.86
C1B CYC JB . 34.23 -13.17 -65.62
C2B CYC JB . 34.96 -12.13 -65.11
C3B CYC JB . 35.06 -11.18 -66.10
C4B CYC JB . 34.39 -11.68 -67.19
CMB CYC JB . 35.55 -12.04 -63.70
CAB CYC JB . 35.83 -9.80 -65.94
CBB CYC JB . 35.46 -8.72 -66.94
OB CYC JB . 34.22 -11.05 -68.48
NC CYC JB . 33.49 -23.13 -64.06
C1C CYC JB . 34.42 -24.33 -64.13
C2C CYC JB . 35.77 -23.88 -63.34
C3C CYC JB . 35.63 -22.66 -63.04
C4C CYC JB . 34.28 -22.07 -63.88
CMC CYC JB . 35.87 -24.78 -62.02
CAC CYC JB . 36.93 -21.84 -63.37
CBC CYC JB . 37.86 -21.66 -62.14
OC CYC JB . 34.71 -24.64 -65.32
CHD CYC JB . 34.68 -21.46 -65.20
ND CYC JB . 33.00 -19.62 -66.02
C1D CYC JB . 33.40 -20.90 -65.98
C2D CYC JB . 32.50 -21.67 -66.75
C3D CYC JB . 31.54 -20.79 -67.25
C4D CYC JB . 31.89 -19.52 -66.77
CMD CYC JB . 32.52 -23.20 -67.03
CAD CYC JB . 30.34 -21.15 -68.14
CBD CYC JB . 29.01 -21.16 -67.36
CGD CYC JB . 28.74 -22.49 -66.63
O1D CYC JB . 29.31 -23.54 -67.02
O2D CYC JB . 27.97 -22.52 -65.66
CHA CYC KB . 42.02 37.27 -24.06
NA CYC KB . 42.07 35.13 -25.58
C1A CYC KB . 41.52 35.92 -24.65
C2A CYC KB . 40.36 35.32 -24.22
C3A CYC KB . 40.22 34.13 -24.94
C4A CYC KB . 41.34 34.06 -25.78
CMA CYC KB . 39.03 33.16 -24.77
CAA CYC KB . 39.37 35.86 -23.15
CBA CYC KB . 39.83 35.57 -21.67
CGA CYC KB . 40.82 34.33 -21.56
O1A CYC KB . 42.01 34.50 -21.12
O2A CYC KB . 40.43 33.17 -21.91
CHB CYC KB . 41.68 32.89 -26.85
NB CYC KB . 41.12 30.99 -25.26
C1B CYC KB . 41.81 31.49 -26.26
C2B CYC KB . 42.66 30.52 -26.70
C3B CYC KB . 42.45 29.40 -25.90
C4B CYC KB . 41.47 29.75 -25.02
CMB CYC KB . 43.65 30.64 -27.85
CAB CYC KB . 43.19 28.02 -25.99
CBB CYC KB . 42.76 27.22 -27.19
OB CYC KB . 40.92 28.90 -23.97
NC CYC KB . 46.69 41.26 -26.87
C1C CYC KB . 47.39 42.34 -27.69
C2C CYC KB . 48.05 41.46 -28.90
C3C CYC KB . 47.38 40.39 -28.98
C4C CYC KB . 46.14 40.50 -27.84
CMC CYC KB . 47.93 42.33 -30.25
CAC CYC KB . 48.29 39.13 -28.69
CBC CYC KB . 48.94 38.55 -29.97
OC CYC KB . 46.58 43.17 -28.15
CHD CYC KB . 45.70 39.17 -27.29
ND CYC KB . 43.96 38.01 -25.77
C1D CYC KB . 44.48 39.15 -26.24
C2D CYC KB . 43.75 40.22 -25.63
C3D CYC KB . 42.81 39.64 -24.80
C4D CYC KB . 42.95 38.26 -24.92
CMD CYC KB . 43.85 41.77 -25.75
CAD CYC KB . 41.80 40.40 -23.94
CBD CYC KB . 40.39 40.46 -24.56
CGD CYC KB . 39.42 41.24 -23.65
O1D CYC KB . 38.62 42.07 -24.16
O2D CYC KB . 39.43 41.04 -22.42
CHA CYC LB . 36.51 47.23 -49.41
NA CYC LB . 33.98 47.57 -49.10
C1A CYC LB . 35.01 47.28 -49.87
C2A CYC LB . 34.53 47.03 -51.15
C3A CYC LB . 33.15 47.19 -51.08
C4A CYC LB . 32.83 47.52 -49.76
CMA CYC LB . 32.24 47.00 -52.32
CAA CYC LB . 35.34 46.64 -52.42
CBA CYC LB . 36.48 47.65 -52.83
CGA CYC LB . 37.65 46.91 -53.62
O1A CYC LB . 38.02 47.34 -54.77
O2A CYC LB . 38.22 45.88 -53.11
CHB CYC LB . 31.41 47.84 -49.03
NB CYC LB . 29.97 46.36 -50.50
C1B CYC LB . 30.11 47.30 -49.61
C2B CYC LB . 28.87 47.74 -49.25
C3B CYC LB . 27.96 47.01 -49.99
C4B CYC LB . 28.68 46.16 -50.76
CMB CYC LB . 28.57 48.82 -48.23
CAB CYC LB . 26.38 47.14 -49.94
CBB CYC LB . 25.79 47.40 -51.31
OB CYC LB . 28.16 45.19 -51.71
NC CYC LB . 38.74 51.33 -45.38
C1C CYC LB . 39.07 52.77 -44.95
C2C CYC LB . 37.75 53.33 -44.18
C3C CYC LB . 37.00 52.32 -44.01
C4C CYC LB . 37.41 51.22 -45.23
CMC CYC LB . 38.20 53.96 -42.78
CAC CYC LB . 35.47 52.69 -44.14
CBC CYC LB . 34.79 53.00 -42.78
OC CYC LB . 39.34 53.48 -45.95
CHD CYC LB . 36.70 51.57 -46.51
ND CYC LB . 36.39 49.35 -47.83
C1D CYC LB . 37.07 50.46 -47.60
C2D CYC LB . 38.19 50.51 -48.46
C3D CYC LB . 38.12 49.35 -49.23
C4D CYC LB . 36.99 48.65 -48.81
CMD CYC LB . 39.28 51.61 -48.56
CAD CYC LB . 39.11 48.92 -50.32
CBD CYC LB . 40.16 47.92 -49.78
CGD CYC LB . 40.38 46.77 -50.78
O1D CYC LB . 40.35 45.57 -50.37
O2D CYC LB . 40.57 47.02 -51.98
CHA CYC MB . -23.53 18.02 -26.03
NA CYC MB . -21.84 19.66 -27.11
C1A CYC MB . -22.14 18.47 -26.60
C2A CYC MB . -21.01 17.68 -26.63
C3A CYC MB . -20.01 18.45 -27.18
C4A CYC MB . -20.57 19.68 -27.48
CMA CYC MB . -18.55 17.99 -27.42
CAA CYC MB . -20.89 16.23 -26.13
CBA CYC MB . -20.76 16.21 -24.56
CGA CYC MB . -21.70 15.10 -23.93
O1A CYC MB . -22.51 15.40 -23.00
O2A CYC MB . -21.63 13.90 -24.38
CHB CYC MB . -19.79 20.93 -28.16
NB CYC MB . -18.33 20.88 -26.11
C1B CYC MB . -18.69 21.42 -27.23
C2B CYC MB . -17.92 22.52 -27.44
C3B CYC MB . -17.05 22.61 -26.36
C4B CYC MB . -17.35 21.55 -25.54
CMB CYC MB . -17.99 23.47 -28.62
CAB CYC MB . -15.96 23.76 -26.19
CBB CYC MB . -14.69 23.31 -25.51
OB CYC MB . -16.72 21.20 -24.29
NC CYC MB . -28.32 20.82 -28.08
C1C CYC MB . -29.62 21.09 -28.82
C2C CYC MB . -29.22 22.21 -29.94
C3C CYC MB . -27.99 22.05 -30.17
C4C CYC MB . -27.36 21.03 -28.98
CMC CYC MB . -30.08 21.94 -31.27
CAC CYC MB . -27.21 23.42 -30.11
CBC CYC MB . -27.65 24.46 -31.17
OC CYC MB . -30.46 21.56 -28.03
CHD CYC MB . -26.95 19.72 -29.59
ND CYC MB . -25.08 19.11 -27.88
C1D CYC MB . -26.24 18.84 -28.47
C2D CYC MB . -26.75 17.64 -27.98
C3D CYC MB . -25.82 17.17 -27.03
C4D CYC MB . -24.81 18.13 -27.01
CMD CYC MB . -28.10 16.97 -28.41
CAD CYC MB . -25.87 15.92 -26.14
CBD CYC MB . -26.20 14.58 -26.81
CGD CYC MB . -25.37 14.32 -28.06
O1D CYC MB . -24.52 13.38 -28.07
O2D CYC MB . -25.54 15.01 -29.08
CHA CYC NB . -6.05 19.12 -59.74
NA CYC NB . -5.01 21.50 -59.70
C1A CYC NB . -4.91 20.18 -59.83
C2A CYC NB . -3.58 19.86 -60.05
C3A CYC NB . -2.88 21.07 -60.05
C4A CYC NB . -3.83 22.08 -59.83
CMA CYC NB . -1.36 21.22 -60.27
CAA CYC NB . -3.01 18.44 -60.24
CBA CYC NB . -2.11 17.94 -59.04
CGA CYC NB . -2.63 18.44 -57.62
O1A CYC NB . -3.87 18.61 -57.40
O2A CYC NB . -1.78 18.66 -56.69
CHB CYC NB . -3.57 23.68 -59.73
NB CYC NB . -1.76 23.27 -58.03
C1B CYC NB . -2.62 24.06 -58.61
C2B CYC NB . -2.52 25.29 -58.02
C3B CYC NB . -1.53 25.19 -57.05
C4B CYC NB . -1.07 23.90 -57.09
CMB CYC NB . -3.32 26.55 -58.34
CAB CYC NB . -1.00 26.32 -56.08
CBB CYC NB . 0.21 27.01 -56.62
OB CYC NB . -0.04 23.33 -56.25
NC CYC NB . -11.87 21.48 -62.74
C1C CYC NB . -12.91 22.39 -63.37
C2C CYC NB . -12.08 23.66 -63.98
C3C CYC NB . -10.95 23.61 -63.43
C4C CYC NB . -10.68 22.02 -62.95
CMC CYC NB . -11.95 23.54 -65.57
CAC CYC NB . -10.92 24.59 -62.17
CBC CYC NB . -11.71 25.89 -62.40
OC CYC NB . -13.69 22.82 -62.49
CHD CYC NB . -9.92 22.04 -61.64
ND CYC NB . -7.91 20.77 -60.67
C1D CYC NB . -9.12 20.72 -61.24
C2D CYC NB . -9.46 19.35 -61.37
C3D CYC NB . -8.40 18.62 -60.85
C4D CYC NB . -7.45 19.54 -60.42
CMD CYC NB . -10.75 18.69 -61.96
CAD CYC NB . -8.27 17.10 -60.77
CBD CYC NB . -7.43 16.56 -61.93
CGD CYC NB . -7.01 15.11 -61.69
O1D CYC NB . -6.86 14.70 -60.50
O2D CYC NB . -6.85 14.33 -62.64
CHA CYC OB . -11.93 53.64 -41.66
NA CYC OB . -11.96 51.13 -40.98
C1A CYC OB . -11.57 52.39 -40.79
C2A CYC OB . -10.77 52.44 -39.66
C3A CYC OB . -10.69 51.12 -39.19
C4A CYC OB . -11.46 50.33 -40.05
CMA CYC OB . -9.90 50.69 -37.93
CAA CYC OB . -10.08 53.68 -39.06
CBA CYC OB . -10.81 54.22 -37.76
CGA CYC OB . -12.38 54.43 -37.98
O1A CYC OB . -12.79 55.16 -38.93
O2A CYC OB . -13.21 53.87 -37.19
CHB CYC OB . -11.74 48.74 -39.95
NB CYC OB . -9.27 48.21 -39.71
C1B CYC OB . -10.51 47.85 -39.87
C2B CYC OB . -10.55 46.48 -39.93
C3B CYC OB . -9.24 46.04 -39.82
C4B CYC OB . -8.47 47.16 -39.68
CMB CYC OB . -11.79 45.61 -40.12
CAB CYC OB . -8.75 44.54 -39.85
CBB CYC OB . -7.91 44.15 -38.65
OB CYC OB . -7.04 47.18 -39.51
NC CYC OB . -15.45 51.97 -46.37
C1C CYC OB . -15.95 51.88 -47.80
C2C CYC OB . -15.91 50.29 -48.20
C3C CYC OB . -15.13 49.74 -47.37
C4C CYC OB . -14.84 50.81 -46.10
CMC CYC OB . -17.38 49.66 -48.08
CAC CYC OB . -13.77 49.33 -48.08
CBC CYC OB . -13.97 48.78 -49.52
OC CYC OB . -15.19 52.52 -48.57
CHD CYC OB . -13.35 51.04 -45.96
ND CYC OB . -12.65 52.09 -43.69
C1D CYC OB . -12.97 52.22 -44.97
C2D CYC OB . -12.88 53.58 -45.31
C3D CYC OB . -12.50 54.27 -44.17
C4D CYC OB . -12.36 53.30 -43.17
CMD CYC OB . -13.16 54.22 -46.72
CAD CYC OB . -12.28 55.78 -44.02
CBD CYC OB . -10.78 56.15 -43.95
CGD CYC OB . -10.26 56.94 -45.17
O1D CYC OB . -9.29 56.50 -45.85
O2D CYC OB . -10.81 58.02 -45.48
CHA CYC PB . 21.86 -0.02 -66.52
NA CYC PB . 19.24 -0.21 -66.82
C1A CYC PB . 20.35 0.37 -66.35
C2A CYC PB . 19.99 1.46 -65.59
C3A CYC PB . 18.60 1.54 -65.64
C4A CYC PB . 18.15 0.45 -66.41
CMA CYC PB . 17.80 2.65 -64.91
CAA CYC PB . 20.95 2.43 -64.86
CBA CYC PB . 20.85 2.35 -63.28
CGA CYC PB . 21.38 0.98 -62.67
O1A CYC PB . 21.36 -0.08 -63.37
O2A CYC PB . 21.83 0.95 -61.48
CHB CYC PB . 16.63 0.04 -66.81
NB CYC PB . 15.29 1.15 -64.98
C1B CYC PB . 15.61 0.09 -65.67
C2B CYC PB . 14.85 -0.95 -65.20
C3B CYC PB . 14.07 -0.43 -64.15
C4B CYC PB . 14.38 0.89 -64.06
CMB CYC PB . 14.85 -2.39 -65.68
CAB CYC PB . 13.03 -1.20 -63.26
CBB CYC PB . 11.71 -0.48 -63.18
OB CYC PB . 13.83 1.85 -63.12
NC CYC PB . 22.70 -3.54 -71.59
C1C CYC PB . 23.34 -4.73 -72.31
C2C CYC PB . 22.16 -5.86 -72.45
C3C CYC PB . 21.12 -5.34 -71.95
C4C CYC PB . 21.56 -3.98 -71.05
CMC CYC PB . 21.96 -6.20 -74.01
CAC CYC PB . 20.41 -6.42 -71.03
CBC CYC PB . 19.39 -7.27 -71.85
OC CYC PB . 24.29 -5.20 -71.64
CHD CYC PB . 21.75 -4.29 -69.57
ND CYC PB . 21.51 -2.20 -68.02
C1D CYC PB . 22.27 -3.01 -68.78
C2D CYC PB . 23.60 -2.54 -68.72
C3D CYC PB . 23.58 -1.41 -67.91
C4D CYC PB . 22.27 -1.23 -67.49
CMD CYC PB . 24.87 -3.13 -69.41
CAD CYC PB . 24.79 -0.53 -67.54
CBD CYC PB . 24.91 0.69 -68.48
CGD CYC PB . 25.78 1.81 -67.90
O1D CYC PB . 26.33 1.66 -66.77
O2D CYC PB . 25.94 2.87 -68.53
CHA CYC QB . -7.32 -27.20 -61.91
NA CYC QB . -5.29 -26.26 -60.63
C1A CYC QB . -6.57 -26.60 -60.68
C2A CYC QB . -7.15 -26.30 -59.45
C3A CYC QB . -6.13 -25.79 -58.65
C4A CYC QB . -4.98 -25.78 -59.44
CMA CYC QB . -6.27 -25.31 -57.19
CAA CYC QB . -8.63 -26.52 -59.02
CBA CYC QB . -8.91 -28.00 -58.56
CGA CYC QB . -9.07 -28.15 -56.98
O1A CYC QB . -9.91 -29.00 -56.50
O2A CYC QB . -8.37 -27.43 -56.18
CHB CYC QB . -3.52 -25.27 -58.98
NB CYC QB . -4.64 -23.07 -59.25
C1B CYC QB . -3.73 -23.81 -58.66
C2B CYC QB . -3.07 -23.04 -57.74
C3B CYC QB . -3.63 -21.78 -57.83
C4B CYC QB . -4.61 -21.84 -58.78
CMB CYC QB . -1.93 -23.46 -56.82
CAB CYC QB . -3.23 -20.51 -56.97
CBB CYC QB . -3.87 -20.63 -55.60
OB CYC QB . -5.48 -20.77 -59.21
NC CYC QB . -3.33 -27.43 -67.14
C1C CYC QB . -2.29 -27.58 -68.26
C2C CYC QB . -1.18 -26.42 -67.99
C3C CYC QB . -1.38 -26.08 -66.79
C4C CYC QB . -3.05 -26.25 -66.58
CMC CYC QB . 0.30 -27.03 -68.14
CAC CYC QB . -0.93 -24.58 -66.56
CBC CYC QB . -1.92 -23.56 -67.17
OC CYC QB . -1.76 -28.72 -68.20
CHD CYC QB . -3.36 -26.26 -65.11
ND CYC QB . -5.22 -26.74 -63.42
C1D CYC QB . -4.89 -26.43 -64.67
C2D CYC QB . -6.11 -26.31 -65.41
C3D CYC QB . -7.15 -26.58 -64.50
C4D CYC QB . -6.53 -26.84 -63.28
CMD CYC QB . -6.36 -25.97 -66.92
CAD CYC QB . -8.64 -26.58 -64.80
CBD CYC QB . -9.27 -25.17 -64.64
CGD CYC QB . -10.76 -25.13 -65.01
O1D CYC QB . -11.25 -24.08 -65.53
O2D CYC QB . -11.47 -26.12 -64.81
CHA CYC RB . 25.72 32.20 -57.52
NA CYC RB . 27.67 30.49 -57.83
C1A CYC RB . 26.39 30.81 -57.76
C2A CYC RB . 25.65 29.65 -57.90
C3A CYC RB . 26.56 28.61 -58.07
C4A CYC RB . 27.84 29.19 -58.03
CMA CYC RB . 26.17 27.12 -58.28
CAA CYC RB . 24.11 29.52 -57.86
CBA CYC RB . 23.66 29.12 -56.41
CGA CYC RB . 24.27 30.08 -55.30
O1A CYC RB . 23.56 31.03 -54.82
O2A CYC RB . 25.47 29.90 -54.89
CHB CYC RB . 29.25 28.41 -58.18
NB CYC RB . 28.75 27.05 -56.13
C1B CYC RB . 29.25 27.15 -57.33
C2B CYC RB . 29.74 25.92 -57.69
C3B CYC RB . 29.50 25.07 -56.62
C4B CYC RB . 28.88 25.82 -55.66
CMB CYC RB . 30.41 25.56 -59.01
CAB CYC RB . 29.89 23.54 -56.53
CBB CYC RB . 28.85 22.66 -57.18
OB CYC RB . 28.45 25.36 -54.36
NC CYC RB . 29.91 37.43 -59.30
C1C CYC RB . 30.59 38.53 -60.09
C2C CYC RB . 31.37 37.73 -61.29
C3C CYC RB . 30.98 36.52 -61.20
C4C CYC RB . 29.62 36.51 -60.21
CMC CYC RB . 30.98 38.34 -62.72
CAC CYC RB . 32.12 35.62 -60.56
CBC CYC RB . 33.55 35.99 -61.05
OC CYC RB . 31.42 39.16 -59.38
CHD CYC RB . 29.52 35.15 -59.55
ND CYC RB . 27.72 33.55 -58.64
C1D CYC RB . 28.16 34.80 -58.75
C2D CYC RB . 27.26 35.62 -58.04
C3D CYC RB . 26.27 34.80 -57.52
C4D CYC RB . 26.61 33.50 -57.92
CMD CYC RB . 27.25 37.17 -57.81
CAD CYC RB . 25.08 35.25 -56.66
CBD CYC RB . 23.71 35.18 -57.38
CGD CYC RB . 22.54 35.18 -56.38
O1D CYC RB . 22.77 35.42 -55.15
O2D CYC RB . 21.38 34.97 -56.77
CHA CYC SB . 62.12 17.59 -52.78
NA CYC SB . 60.24 18.35 -51.17
C1A CYC SB . 61.38 17.72 -51.41
C2A CYC SB . 61.82 17.16 -50.22
C3A CYC SB . 60.87 17.50 -49.25
C4A CYC SB . 59.89 18.25 -49.89
CMA CYC SB . 60.91 17.11 -47.75
CAA CYC SB . 63.11 16.33 -50.00
CBA CYC SB . 64.41 17.22 -49.99
CGA CYC SB . 64.69 17.88 -48.56
O1A CYC SB . 65.78 17.62 -47.95
O2A CYC SB . 63.83 18.64 -48.02
CHB CYC SB . 58.58 18.88 -49.19
NB CYC SB . 57.43 16.84 -50.12
C1B CYC SB . 57.43 17.88 -49.32
C2B CYC SB . 56.24 17.90 -48.65
C3B CYC SB . 55.51 16.81 -49.08
C4B CYC SB . 56.30 16.17 -50.01
CMB CYC SB . 55.79 18.94 -47.61
CAB CYC SB . 54.06 16.39 -48.60
CBB CYC SB . 54.11 15.65 -47.29
OB CYC SB . 55.95 14.97 -50.74
NC CYC SB . 60.99 22.73 -56.07
C1C CYC SB . 61.01 24.22 -56.40
C2C CYC SB . 59.42 24.62 -56.42
C3C CYC SB . 58.82 23.76 -55.72
C4C CYC SB . 59.95 22.58 -55.25
CMC CYC SB . 59.25 26.08 -55.76
CAC CYC SB . 57.64 23.07 -56.53
CBC CYC SB . 56.89 24.04 -57.51
OC CYC SB . 61.61 24.86 -55.50
CHD CYC SB . 59.36 21.20 -55.36
ND CYC SB . 60.60 19.47 -53.86
C1D CYC SB . 60.43 20.07 -55.03
C2D CYC SB . 61.34 19.51 -55.95
C3D CYC SB . 62.07 18.55 -55.26
C4D CYC SB . 61.57 18.55 -53.95
CMD CYC SB . 61.51 19.89 -57.46
CAD CYC SB . 63.19 17.67 -55.81
CBD CYC SB . 62.68 16.30 -56.31
CGD CYC SB . 63.35 15.13 -55.58
O1D CYC SB . 64.14 14.35 -56.21
O2D CYC SB . 63.13 14.93 -54.37
CHA CYC TB . -4.26 11.44 -25.75
NA CYC TB . -4.13 8.86 -26.15
C1A CYC TB . -3.59 10.07 -26.08
C2A CYC TB . -2.25 9.96 -26.38
C3A CYC TB . -2.00 8.63 -26.62
C4A CYC TB . -3.23 7.95 -26.47
CMA CYC TB . -0.58 8.12 -26.97
CAA CYC TB . -1.22 11.11 -26.44
CBA CYC TB . -1.04 11.62 -27.91
CGA CYC TB . -2.14 12.69 -28.32
O1A CYC TB . -2.14 13.84 -27.78
O2A CYC TB . -3.02 12.40 -29.19
CHB CYC TB . -3.62 6.37 -26.60
NB CYC TB . -1.72 5.70 -28.16
C1B CYC TB . -2.83 5.46 -27.54
C2B CYC TB . -3.21 4.18 -27.88
C3B CYC TB . -2.23 3.69 -28.73
C4B CYC TB . -1.31 4.68 -28.87
CMB CYC TB . -4.47 3.45 -27.40
CAB CYC TB . -2.19 2.26 -29.41
CBB CYC TB . -1.76 2.28 -30.85
OB CYC TB . -0.11 4.65 -29.66
NC CYC TB . -9.58 11.07 -21.69
C1C CYC TB . -10.92 10.82 -21.02
C2C CYC TB . -11.47 9.49 -21.77
C3C CYC TB . -10.46 8.82 -22.05
C4C CYC TB . -9.17 9.90 -22.19
CMC CYC TB . -12.44 8.68 -20.78
CAC CYC TB . -10.68 8.07 -23.42
CBC CYC TB . -11.11 6.59 -23.29
OC CYC TB . -10.76 10.56 -19.81
CHD CYC TB . -8.83 10.00 -23.64
ND CYC TB . -6.53 10.44 -24.74
C1D CYC TB . -7.59 10.91 -24.09
C2D CYC TB . -7.44 12.30 -23.93
C3D CYC TB . -6.23 12.62 -24.51
C4D CYC TB . -5.69 11.45 -25.00
CMD CYC TB . -8.39 13.34 -23.26
CAD CYC TB . -5.58 14.00 -24.60
CBD CYC TB . -4.56 14.25 -23.48
CGD CYC TB . -3.97 15.64 -23.68
O1D CYC TB . -3.86 16.10 -24.85
O2D CYC TB . -3.61 16.32 -22.69
CHA CYC UB . -22.29 -19.30 -42.23
NA CYC UB . -21.26 -17.01 -42.88
C1A CYC UB . -21.57 -18.26 -43.16
C2A CYC UB . -21.19 -18.53 -44.45
C3A CYC UB . -20.60 -17.36 -44.95
C4A CYC UB . -20.67 -16.42 -43.91
CMA CYC UB . -20.04 -17.25 -46.38
CAA CYC UB . -21.36 -19.86 -45.21
CBA CYC UB . -22.74 -19.97 -45.96
CGA CYC UB . -23.34 -18.54 -46.34
O1A CYC UB . -23.08 -18.03 -47.47
O2A CYC UB . -24.10 -17.92 -45.51
CHB CYC UB . -20.19 -14.87 -43.84
NB CYC UB . -18.24 -15.04 -45.47
C1B CYC UB . -18.95 -14.40 -44.59
C2B CYC UB . -18.39 -13.16 -44.44
C3B CYC UB . -17.30 -13.09 -45.29
C4B CYC UB . -17.24 -14.29 -45.92
CMB CYC UB . -18.88 -12.05 -43.52
CAB CYC UB . -16.32 -11.87 -45.48
CBB CYC UB . -16.21 -11.46 -46.93
OB CYC UB . -16.26 -14.69 -46.89
NC CYC UB . -24.56 -16.78 -37.02
C1C CYC UB . -24.65 -16.61 -35.50
C2C CYC UB . -24.32 -15.03 -35.26
C3C CYC UB . -23.50 -14.74 -36.17
C4C CYC UB . -23.84 -15.75 -37.47
CMC CYC UB . -25.67 -14.17 -35.43
CAC CYC UB . -22.02 -15.00 -35.67
CBC CYC UB . -21.76 -14.45 -34.25
OC CYC UB . -25.81 -16.87 -35.08
CHD CYC UB . -22.53 -16.20 -38.06
ND CYC UB . -22.39 -17.53 -40.26
C1D CYC UB . -22.55 -17.52 -38.95
C2D CYC UB . -22.67 -18.86 -38.49
C3D CYC UB . -22.60 -19.65 -39.63
C4D CYC UB . -22.42 -18.80 -40.71
CMD CYC UB . -22.86 -19.39 -37.04
CAD CYC UB . -22.68 -21.18 -39.68
CBD CYC UB . -21.29 -21.82 -39.94
CGD CYC UB . -21.16 -23.26 -39.45
O1D CYC UB . -20.15 -23.61 -38.77
O2D CYC UB . -22.05 -24.09 -39.70
CHA CYC VB . 21.18 -9.74 -30.46
NA CYC VB . 23.43 -8.45 -30.64
C1A CYC VB . 22.11 -8.48 -30.56
C2A CYC VB . 21.66 -7.18 -30.61
C3A CYC VB . 22.78 -6.36 -30.70
C4A CYC VB . 23.88 -7.21 -30.72
CMA CYC VB . 22.72 -4.83 -30.77
CAA CYC VB . 20.19 -6.70 -30.55
CBA CYC VB . 19.41 -6.94 -31.91
CGA CYC VB . 20.33 -7.57 -33.05
O1A CYC VB . 20.10 -8.75 -33.45
O2A CYC VB . 21.29 -6.89 -33.55
CHB CYC VB . 25.48 -6.88 -30.82
NB CYC VB . 25.73 -4.42 -30.21
C1B CYC VB . 26.00 -5.47 -30.94
C2B CYC VB . 26.93 -5.09 -31.85
C3B CYC VB . 27.20 -3.75 -31.66
C4B CYC VB . 26.42 -3.37 -30.61
CMB CYC VB . 27.53 -6.02 -32.90
CAB CYC VB . 28.20 -2.83 -32.46
CBB CYC VB . 27.81 -2.59 -33.89
OB CYC VB . 26.36 -2.05 -30.04
NC CYC VB . 23.76 -14.74 -28.41
C1C CYC VB . 24.17 -16.21 -28.25
C2C CYC VB . 25.61 -16.28 -28.99
C3C CYC VB . 26.15 -15.20 -28.64
C4C CYC VB . 24.88 -14.07 -28.66
CMC CYC VB . 26.41 -17.54 -28.42
CAC CYC VB . 27.27 -14.76 -29.66
CBC CYC VB . 28.69 -14.80 -29.04
OC CYC VB . 24.31 -16.50 -27.05
CHD CYC VB . 24.83 -13.46 -30.04
ND CYC VB . 23.21 -11.42 -30.16
C1D CYC VB . 23.44 -12.72 -30.30
C2D CYC VB . 22.28 -13.34 -30.75
C3D CYC VB . 21.31 -12.35 -30.86
C4D CYC VB . 21.94 -11.16 -30.48
CMD CYC VB . 22.08 -14.86 -31.06
CAD CYC VB . 19.85 -12.52 -31.31
CBD CYC VB . 18.86 -12.52 -30.13
CGD CYC VB . 17.44 -12.26 -30.64
O1D CYC VB . 17.23 -12.07 -31.87
O2D CYC VB . 16.48 -12.26 -29.84
CHA CYC WB . 58.66 -5.12 -40.65
NA CYC WB . 56.35 -5.62 -41.70
C1A CYC WB . 57.57 -5.08 -41.76
C2A CYC WB . 57.71 -4.47 -43.00
C3A CYC WB . 56.51 -4.66 -43.67
C4A CYC WB . 55.68 -5.40 -42.82
CMA CYC WB . 56.19 -4.17 -45.11
CAA CYC WB . 58.96 -3.70 -43.53
CBA CYC WB . 60.20 -4.64 -43.80
CGA CYC WB . 61.57 -3.93 -43.37
O1A CYC WB . 61.58 -3.10 -42.41
O2A CYC WB . 62.65 -4.20 -44.01
CHB CYC WB . 54.18 -5.91 -43.12
NB CYC WB . 53.53 -3.48 -43.23
C1B CYC WB . 53.33 -4.73 -43.55
C2B CYC WB . 52.22 -4.79 -44.35
C3B CYC WB . 51.76 -3.48 -44.50
C4B CYC WB . 52.61 -2.70 -43.78
CMB CYC WB . 51.63 -6.05 -44.98
CAB CYC WB . 50.51 -3.01 -45.34
CBB CYC WB . 50.85 -2.80 -46.79
OB CYC WB . 52.52 -1.27 -43.63
NC CYC WB . 57.45 -10.86 -38.06
C1C CYC WB . 57.15 -11.54 -36.72
C2C CYC WB . 55.53 -11.45 -36.55
C3C CYC WB . 55.10 -11.04 -37.67
C4C CYC WB . 56.36 -10.12 -38.31
CMC CYC WB . 54.96 -12.92 -36.22
CAC CYC WB . 53.76 -10.19 -37.54
CBC CYC WB . 53.38 -9.72 -36.10
OC CYC WB . 57.50 -12.74 -36.76
CHD CYC WB . 56.48 -8.78 -37.62
ND CYC WB . 57.31 -6.90 -39.22
C1D CYC WB . 57.57 -7.84 -38.32
C2D CYC WB . 58.96 -7.85 -38.07
C3D CYC WB . 59.52 -6.87 -38.87
C4D CYC WB . 58.45 -6.30 -39.58
CMD CYC WB . 59.72 -8.79 -37.08
CAD CYC WB . 61.00 -6.47 -39.01
CBD CYC WB . 61.61 -5.78 -37.78
CGD CYC WB . 61.23 -4.28 -37.66
O1D CYC WB . 61.79 -3.55 -36.78
O2D CYC WB . 60.38 -3.79 -38.42
CHA CYC XB . 27.15 23.19 -23.57
NA CYC XB . 24.85 24.34 -23.12
C1A CYC XB . 25.59 23.33 -23.55
C2A CYC XB . 24.75 22.35 -24.03
C3A CYC XB . 23.45 22.81 -23.85
C4A CYC XB . 23.55 24.09 -23.29
CMA CYC XB . 22.18 22.01 -24.25
CAA CYC XB . 25.16 20.99 -24.65
CBA CYC XB . 25.13 21.08 -26.22
CGA CYC XB . 26.54 20.75 -26.88
O1A CYC XB . 27.32 21.70 -27.21
O2A CYC XB . 26.88 19.54 -27.08
CHB CYC XB . 22.35 25.09 -22.85
NB CYC XB . 21.29 24.79 -25.12
C1B CYC XB . 21.31 25.32 -23.92
C2B CYC XB . 20.21 26.13 -23.81
C3B CYC XB . 19.52 26.06 -25.02
C4B CYC XB . 20.23 25.20 -25.80
CMB CYC XB . 19.82 26.97 -22.59
CAB CYC XB . 18.18 26.79 -25.41
CBB CYC XB . 16.95 26.11 -24.86
OB CYC XB . 19.89 24.82 -27.16
NC CYC XB . 30.50 27.64 -19.45
C1C CYC XB . 30.92 28.26 -18.14
C2C CYC XB . 29.71 29.31 -17.94
C3C CYC XB . 28.69 28.68 -18.34
C4C CYC XB . 29.24 27.32 -19.20
CMC CYC XB . 29.58 29.67 -16.38
CAC CYC XB . 27.85 29.62 -19.30
CBC CYC XB . 26.89 30.56 -18.52
OC CYC XB . 30.89 27.40 -17.23
CHD CYC XB . 28.46 27.18 -20.48
ND CYC XB . 27.61 25.30 -22.01
C1D CYC XB . 28.62 25.83 -21.33
C2D CYC XB . 29.75 25.01 -21.53
C3D CYC XB . 29.34 23.97 -22.36
C4D CYC XB . 27.99 24.19 -22.64
CMD CYC XB . 31.22 25.13 -20.99
CAD CYC XB . 30.19 22.81 -22.87
CBD CYC XB . 30.44 21.79 -21.75
CGD CYC XB . 30.89 20.43 -22.30
O1D CYC XB . 30.48 20.08 -23.43
O2D CYC XB . 31.64 19.71 -21.63
CHA CYC YB . 7.56 56.79 -25.08
NA CYC YB . 7.99 54.58 -26.30
C1A CYC YB . 7.24 55.64 -26.08
C2A CYC YB . 6.11 55.54 -26.87
C3A CYC YB . 6.23 54.35 -27.59
C4A CYC YB . 7.45 53.78 -27.21
CMA CYC YB . 5.21 53.81 -28.61
CAA CYC YB . 4.92 56.53 -26.95
CBA CYC YB . 5.34 57.97 -27.48
CGA CYC YB . 5.32 59.04 -26.30
O1A CYC YB . 6.25 59.91 -26.21
O2A CYC YB . 4.37 59.03 -25.45
CHB CYC YB . 8.12 52.39 -27.69
NB CYC YB . 7.80 52.95 -30.14
C1B CYC YB . 8.21 52.17 -29.18
C2B CYC YB . 8.76 51.04 -29.75
C3B CYC YB . 8.65 51.21 -31.13
C4B CYC YB . 8.04 52.41 -31.32
CMB CYC YB . 9.37 49.85 -29.03
CAB CYC YB . 9.14 50.20 -32.23
CBB CYC YB . 10.16 50.85 -33.13
OB CYC YB . 7.75 52.97 -32.62
NC CYC YB . 10.93 55.59 -19.75
C1C CYC YB . 12.24 55.69 -18.98
C2C CYC YB . 13.00 54.28 -19.32
C3C CYC YB . 12.51 53.86 -20.40
C4C CYC YB . 11.28 54.93 -20.86
CMC CYC YB . 14.57 54.56 -19.49
CAC CYC YB . 11.91 52.40 -20.25
CBC CYC YB . 12.74 51.45 -19.34
OC CYC YB . 12.03 55.79 -17.76
CHD CYC YB . 10.10 54.15 -21.38
ND CYC YB . 8.99 55.38 -23.38
C1D CYC YB . 9.04 55.11 -22.08
C2D CYC YB . 7.99 55.80 -21.45
C3D CYC YB . 7.31 56.50 -22.44
C4D CYC YB . 7.97 56.21 -23.63
CMD CYC YB . 7.66 55.79 -19.92
CAD CYC YB . 6.09 57.41 -22.24
CBD CYC YB . 4.79 56.74 -22.73
CGD CYC YB . 3.79 56.44 -21.60
O1D CYC YB . 3.97 56.94 -20.45
O2D CYC YB . 2.79 55.72 -21.81
CHA CYC ZB . 11.88 2.98 16.27
NA CYC ZB . 14.29 3.91 16.25
C1A CYC ZB . 13.24 3.43 16.90
C2A CYC ZB . 13.53 3.40 18.25
C3A CYC ZB . 14.85 3.88 18.38
C4A CYC ZB . 15.28 4.19 17.08
CMA CYC ZB . 15.59 4.01 19.74
CAA CYC ZB . 12.59 2.92 19.38
CBA CYC ZB . 12.18 4.04 20.43
CGA CYC ZB . 11.02 4.99 19.90
O1A CYC ZB . 9.87 4.50 19.60
O2A CYC ZB . 11.24 6.25 19.78
CHB CYC ZB . 16.72 4.78 16.58
NB CYC ZB . 16.97 6.57 18.34
C1B CYC ZB . 17.43 5.54 17.68
C2B CYC ZB . 18.67 5.23 18.18
C3B CYC ZB . 18.93 6.16 19.18
C4B CYC ZB . 17.85 6.98 19.24
CMB CYC ZB . 19.60 4.11 17.74
CAB CYC ZB . 20.24 6.25 20.06
CBB CYC ZB . 21.13 7.39 19.66
OB CYC ZB . 17.67 8.10 20.15
NC CYC ZB . 11.75 4.23 10.52
C1C CYC ZB . 11.39 4.82 9.16
C2C CYC ZB . 12.64 5.79 8.72
C3C CYC ZB . 13.56 5.58 9.57
C4C CYC ZB . 12.86 4.84 10.92
CMC CYC ZB . 13.15 5.41 7.26
CAC CYC ZB . 14.24 6.95 9.98
CBC CYC ZB . 15.64 7.13 9.35
OC CYC ZB . 11.25 3.91 8.30
CHD CYC ZB . 12.54 5.85 12.00
ND CYC ZB . 12.44 4.41 14.15
C1D CYC ZB . 11.83 5.04 13.16
C2D CYC ZB . 10.45 4.88 13.33
C3D CYC ZB . 10.26 4.11 14.48
C4D CYC ZB . 11.55 3.84 14.96
CMD CYC ZB . 9.34 5.46 12.41
CAD CYC ZB . 8.93 3.65 15.08
CBD CYC ZB . 8.68 2.14 14.96
CGD CYC ZB . 8.18 1.53 16.29
O1D CYC ZB . 7.88 2.29 17.25
O2D CYC ZB . 8.08 0.29 16.40
CHA CYC AC . 83.58 -6.88 23.45
NA CYC AC . 81.58 -5.54 22.49
C1A CYC AC . 82.09 -6.64 23.04
C2A CYC AC . 81.07 -7.58 23.18
C3A CYC AC . 79.91 -6.97 22.69
C4A CYC AC . 80.28 -5.70 22.26
CMA CYC AC . 78.49 -7.58 22.63
CAA CYC AC . 81.20 -9.01 23.78
CBA CYC AC . 81.67 -10.07 22.71
CGA CYC AC . 83.24 -10.28 22.72
O1A CYC AC . 83.91 -10.10 23.81
O2A CYC AC . 83.86 -10.63 21.66
CHB CYC AC . 79.28 -4.59 21.63
NB CYC AC . 79.10 -6.02 19.54
C1B CYC AC . 78.65 -5.06 20.32
C2B CYC AC . 77.51 -4.55 19.76
C3B CYC AC . 77.29 -5.27 18.59
C4B CYC AC . 78.31 -6.17 18.49
CMB CYC AC . 76.65 -3.42 20.31
CAB CYC AC . 76.10 -5.05 17.57
CBB CYC AC . 74.81 -5.63 18.07
OB CYC AC . 78.49 -7.13 17.42
NC CYC AC . 85.50 -0.97 26.70
C1C CYC AC . 85.11 0.15 27.66
C2C CYC AC . 83.51 0.39 27.42
C3C CYC AC . 83.25 -0.19 26.33
C4C CYC AC . 84.35 -1.47 26.23
CMC CYC AC . 82.64 -0.30 28.58
CAC CYC AC . 83.40 0.81 25.11
CBC CYC AC . 83.16 2.30 25.47
OC CYC AC . 85.75 1.20 27.37
CHD CYC AC . 84.51 -1.92 24.80
ND CYC AC . 83.86 -4.32 24.02
C1D CYC AC . 84.70 -3.51 24.66
C2D CYC AC . 85.77 -4.28 25.17
C3D CYC AC . 85.51 -5.61 24.80
C4D CYC AC . 84.29 -5.58 24.08
CMD CYC AC . 87.00 -3.80 25.99
CAD CYC AC . 86.38 -6.84 25.12
CBD CYC AC . 85.72 -7.78 26.16
CGD CYC AC . 86.36 -9.18 26.19
O1D CYC AC . 86.80 -9.65 27.27
O2D CYC AC . 86.44 -9.85 25.14
CHA CYC BC . 71.83 1.32 50.99
NA CYC BC . 71.62 -1.26 51.19
C1A CYC BC . 71.15 -0.09 50.80
C2A CYC BC . 69.92 -0.29 50.19
C3A CYC BC . 69.69 -1.66 50.23
C4A CYC BC . 70.79 -2.23 50.87
CMA CYC BC . 68.44 -2.38 49.68
CAA CYC BC . 69.00 0.80 49.59
CBA CYC BC . 67.99 1.39 50.66
CGA CYC BC . 68.70 1.65 52.06
O1A CYC BC . 69.06 2.84 52.38
O2A CYC BC . 68.91 0.68 52.86
CHB CYC BC . 71.01 -3.82 51.17
NB CYC BC . 68.99 -3.64 52.68
C1B CYC BC . 69.87 -4.35 52.01
C2B CYC BC . 69.55 -5.68 52.17
C3B CYC BC . 68.44 -5.73 53.00
C4B CYC BC . 68.12 -4.42 53.30
CMB CYC BC . 70.30 -6.88 51.57
CAB CYC BC . 67.70 -7.03 53.50
CBB CYC BC . 67.80 -7.21 54.99
OB CYC BC . 67.02 -3.99 54.13
NC CYC BC . 77.68 0.02 48.96
C1C CYC BC . 79.18 0.08 49.24
C2C CYC BC . 79.55 -1.36 49.93
C3C CYC BC . 78.49 -2.06 49.90
C4C CYC BC . 77.20 -1.00 49.68
CMC CYC BC . 80.71 -2.03 49.06
CAC CYC BC . 78.33 -2.82 51.29
CBC CYC BC . 79.19 -4.10 51.43
OC CYC BC . 79.46 1.02 50.02
CHD CYC BC . 76.69 -0.51 51.01
ND CYC BC . 74.20 0.20 51.03
C1D CYC BC . 75.48 0.51 50.90
C2D CYC BC . 75.57 1.90 50.70
C3D CYC BC . 74.27 2.42 50.68
C4D CYC BC . 73.43 1.29 50.90
CMD CYC BC . 76.87 2.75 50.50
CAD CYC BC . 73.91 3.91 50.48
CBD CYC BC . 72.65 4.27 49.68
CGD CYC BC . 72.84 4.21 48.15
O1D CYC BC . 73.40 5.16 47.53
O2D CYC BC . 72.42 3.22 47.52
CHA CYC CC . 46.38 -63.76 36.35
NA CYC CC . 48.08 -61.97 37.17
C1A CYC CC . 47.14 -62.40 36.34
C2A CYC CC . 46.92 -61.42 35.39
C3A CYC CC . 47.78 -60.37 35.69
C4A CYC CC . 48.49 -60.75 36.82
CMA CYC CC . 47.86 -59.04 34.89
CAA CYC CC . 45.91 -61.52 34.22
CBA CYC CC . 46.61 -62.10 32.93
CGA CYC CC . 47.30 -63.52 33.15
O1A CYC CC . 46.79 -64.56 32.62
O2A CYC CC . 48.36 -63.63 33.86
CHB CYC CC . 49.63 -59.89 37.61
NB CYC CC . 50.87 -59.63 35.41
C1B CYC CC . 50.79 -59.48 36.70
C2B CYC CC . 51.95 -58.86 37.12
C3B CYC CC . 52.72 -58.66 36.00
C4B CYC CC . 52.01 -59.15 34.94
CMB CYC CC . 52.32 -58.49 38.55
CAB CYC CC . 54.16 -57.98 35.92
CBB CYC CC . 54.07 -56.52 35.55
OB CYC CC . 52.45 -59.14 33.56
NC CYC CC . 44.23 -64.82 41.99
C1C CYC CC . 43.83 -65.66 43.20
C2C CYC CC . 45.09 -65.59 44.23
C3C CYC CC . 45.69 -64.52 43.95
C4C CYC CC . 45.37 -64.18 42.33
CMC CYC CC . 44.54 -65.58 45.74
CAC CYC CC . 47.24 -64.70 44.18
CBC CYC CC . 47.76 -64.04 45.49
OC CYC CC . 43.60 -66.85 42.88
CHD CYC CC . 46.52 -64.66 41.48
ND CYC CC . 46.57 -63.99 38.98
C1D CYC CC . 46.20 -64.85 39.93
C2D CYC CC . 45.54 -65.93 39.32
C3D CYC CC . 45.51 -65.66 37.96
C4D CYC CC . 46.18 -64.45 37.79
CMD CYC CC . 44.92 -67.20 39.99
CAD CYC CC . 44.89 -66.54 36.86
CBD CYC CC . 43.42 -66.18 36.59
CGD CYC CC . 43.23 -64.70 36.19
O1D CYC CC . 43.16 -63.81 37.10
O2D CYC CC . 43.15 -64.38 35.00
CHA CYC DC . 27.77 -50.53 56.36
NA CYC DC . 26.17 -49.61 54.55
C1A CYC DC . 27.31 -49.57 55.20
C2A CYC DC . 28.06 -48.51 54.71
C3A CYC DC . 27.29 -47.92 53.71
C4A CYC DC . 26.10 -48.65 53.64
CMA CYC DC . 27.71 -46.70 52.85
CAA CYC DC . 29.47 -48.06 55.17
CBA CYC DC . 29.48 -47.41 56.61
CGA CYC DC . 29.99 -48.44 57.71
O1A CYC DC . 29.43 -48.46 58.86
O2A CYC DC . 30.95 -49.23 57.46
CHB CYC DC . 24.85 -48.39 52.64
NB CYC DC . 24.10 -46.16 53.58
C1B CYC DC . 24.45 -46.93 52.58
C2B CYC DC . 24.41 -46.20 51.44
C3B CYC DC . 24.00 -44.92 51.80
C4B CYC DC . 23.82 -44.94 53.15
CMB CYC DC . 24.73 -46.69 50.03
CAB CYC DC . 23.79 -43.71 50.79
CBB CYC DC . 22.35 -43.31 50.69
OB CYC DC . 23.40 -43.82 53.97
NC CYC DC . 27.99 -56.43 54.19
C1C CYC DC . 27.45 -57.87 54.22
C2C CYC DC . 26.34 -57.94 53.02
C3C CYC DC . 26.48 -56.88 52.34
C4C CYC DC . 27.20 -55.75 53.36
CMC CYC DC . 26.61 -59.26 52.15
CAC CYC DC . 25.05 -56.38 51.88
CBC CYC DC . 24.75 -56.71 50.39
OC CYC DC . 26.91 -58.13 55.32
CHD CYC DC . 26.15 -54.97 54.12
ND CYC DC . 26.88 -52.63 55.01
C1D CYC DC . 26.77 -53.94 55.18
C2D CYC DC . 27.28 -54.27 56.45
C3D CYC DC . 27.70 -53.08 57.03
C4D CYC DC . 27.43 -52.07 56.10
CMD CYC DC . 27.39 -55.66 57.14
CAD CYC DC . 28.34 -52.92 58.41
CBD CYC DC . 29.88 -52.78 58.33
CGD CYC DC . 30.56 -53.03 59.68
O1D CYC DC . 31.23 -52.11 60.24
O2D CYC DC . 30.44 -54.14 60.25
CHA CYC EC . 21.64 -15.07 -5.57
NA CYC EC . 21.53 -16.36 -3.35
C1A CYC EC . 22.14 -16.09 -4.49
C2A CYC EC . 23.30 -16.86 -4.57
C3A CYC EC . 23.33 -17.62 -3.40
C4A CYC EC . 22.20 -17.27 -2.66
CMA CYC EC . 24.46 -18.62 -3.06
CAA CYC EC . 24.38 -16.96 -5.68
CBA CYC EC . 24.80 -15.63 -6.43
CGA CYC EC . 24.27 -15.64 -7.93
O1A CYC EC . 23.31 -14.88 -8.28
O2A CYC EC . 24.82 -16.42 -8.79
CHB CYC EC . 21.72 -17.82 -1.23
NB CYC EC . 21.98 -20.14 -2.20
C1B CYC EC . 21.74 -19.34 -1.20
C2B CYC EC . 21.50 -20.10 -0.10
C3B CYC EC . 21.62 -21.41 -0.49
C4B CYC EC . 21.93 -21.40 -1.82
CMB CYC EC . 21.17 -19.58 1.30
CAB CYC EC . 21.42 -22.66 0.47
CBB CYC EC . 21.08 -23.93 -0.24
OB CYC EC . 22.16 -22.53 -2.69
NC CYC EC . 15.93 -13.54 -5.58
C1C CYC EC . 15.10 -12.28 -5.33
C2C CYC EC . 13.92 -12.84 -4.35
C3C CYC EC . 14.45 -13.78 -3.69
C4C CYC EC . 15.96 -14.11 -4.37
CMC CYC EC . 13.46 -11.66 -3.37
CAC CYC EC . 13.53 -15.07 -3.79
CBC CYC EC . 12.12 -14.87 -3.18
OC CYC EC . 14.62 -11.85 -6.40
CHD CYC EC . 17.06 -13.50 -3.55
ND CYC EC . 19.30 -14.52 -4.44
C1D CYC EC . 18.47 -13.49 -4.32
C2D CYC EC . 19.06 -12.38 -4.97
C3D CYC EC . 20.27 -12.81 -5.50
C4D CYC EC . 20.38 -14.15 -5.13
CMD CYC EC . 18.49 -10.94 -5.11
CAD CYC EC . 21.27 -11.97 -6.29
CBD CYC EC . 21.30 -12.29 -7.80
CGD CYC EC . 22.49 -11.61 -8.49
O1D CYC EC . 23.22 -12.27 -9.29
O2D CYC EC . 22.75 -10.42 -8.25
CHA CYC FC . 22.56 -4.92 32.78
NA CYC FC . 21.06 -7.02 33.29
C1A CYC FC . 22.23 -6.37 33.28
C2A CYC FC . 23.19 -7.20 33.80
C3A CYC FC . 22.56 -8.41 34.13
C4A CYC FC . 21.21 -8.24 33.79
CMA CYC FC . 23.28 -9.62 34.76
CAA CYC FC . 24.69 -6.88 33.99
CBA CYC FC . 25.54 -7.33 32.74
CGA CYC FC . 24.62 -7.75 31.51
O1A CYC FC . 24.30 -6.88 30.63
O2A CYC FC . 24.21 -8.96 31.40
CHB CYC FC . 20.02 -9.35 33.97
NB CYC FC . 21.26 -10.99 32.52
C1B CYC FC . 20.53 -10.72 33.57
C2B CYC FC . 20.36 -11.91 34.26
C3B CYC FC . 21.01 -12.89 33.54
C4B CYC FC . 21.57 -12.27 32.45
CMB CYC FC . 19.61 -12.14 35.56
CAB CYC FC . 21.09 -14.43 33.92
CBB CYC FC . 22.18 -14.73 34.93
OB CYC FC . 22.34 -12.92 31.41
NC CYC FC . 17.26 -1.34 32.52
C1C CYC FC . 16.20 -0.74 31.60
C2C CYC FC . 14.94 -1.79 31.64
C3C CYC FC . 15.31 -2.79 32.32
C4C CYC FC . 16.97 -2.64 32.60
CMC CYC FC . 13.67 -1.07 32.31
CAC CYC FC . 15.03 -4.12 31.51
CBC CYC FC . 13.54 -4.51 31.44
OC CYC FC . 16.63 -0.63 30.43
CHD CYC FC . 17.72 -3.41 31.54
ND CYC FC . 20.04 -4.38 32.26
C1D CYC FC . 19.31 -3.39 31.73
C2D CYC FC . 20.17 -2.35 31.36
C3D CYC FC . 21.46 -2.77 31.70
C4D CYC FC . 21.33 -4.04 32.25
CMD CYC FC . 19.80 -0.99 30.70
CAD CYC FC . 22.76 -1.97 31.49
CBD CYC FC . 23.02 -1.02 32.69
CGD CYC FC . 24.00 0.11 32.35
O1D CYC FC . 24.56 0.14 31.22
O2D CYC FC . 24.24 0.98 33.21
CHA CYC GC . -1.76 -32.94 23.61
NA CYC GC . -0.41 -32.21 21.54
C1A CYC GC . -1.10 -33.12 22.20
C2A CYC GC . -1.16 -34.28 21.42
C3A CYC GC . -0.44 -33.99 20.26
C4A CYC GC . 0.02 -32.68 20.37
CMA CYC GC . -0.23 -34.98 19.08
CAA CYC GC . -1.86 -35.61 21.78
CBA CYC GC . -3.18 -35.85 20.94
CGA CYC GC . -3.12 -37.21 20.09
O1A CYC GC . -4.18 -37.91 19.95
O2A CYC GC . -2.02 -37.58 19.55
CHB CYC GC . 0.89 -31.81 19.31
NB CYC GC . 2.31 -33.53 18.10
C1B CYC GC . 2.19 -32.44 18.83
C2B CYC GC . 3.45 -31.95 19.06
C3B CYC GC . 4.34 -32.82 18.43
C4B CYC GC . 3.57 -33.79 17.85
CMB CYC GC . 3.82 -30.69 19.85
CAB CYC GC . 5.91 -32.70 18.40
CBB CYC GC . 6.38 -31.82 17.26
OB CYC GC . 4.07 -34.92 17.08
NC CYC GC . -5.33 -27.36 22.62
C1C CYC GC . -5.88 -26.07 23.22
C2C CYC GC . -4.57 -25.25 23.79
C3C CYC GC . -3.55 -25.91 23.43
C4C CYC GC . -4.08 -27.48 23.08
CMC CYC GC . -4.53 -23.78 23.14
CAC CYC GC . -2.50 -25.94 24.61
CBC CYC GC . -1.23 -25.11 24.26
OC CYC GC . -6.69 -26.31 24.15
CHD CYC GC . -4.07 -28.33 24.32
ND CYC GC . -2.71 -30.53 24.06
C1D CYC GC . -3.85 -29.86 23.91
C2D CYC GC . -4.82 -30.73 23.37
C3D CYC GC . -4.19 -31.96 23.19
C4D CYC GC . -2.87 -31.79 23.62
CMD CYC GC . -6.31 -30.42 23.03
CAD CYC GC . -4.81 -33.23 22.62
CBD CYC GC . -5.28 -34.18 23.74
CGD CYC GC . -6.58 -34.91 23.37
O1D CYC GC . -7.65 -34.25 23.20
O2D CYC GC . -6.58 -36.14 23.24
CHA CYC HC . 52.69 -5.19 48.38
NA CYC HC . 51.24 -3.60 46.91
C1A CYC HC . 51.48 -4.78 47.47
C2A CYC HC . 50.46 -5.65 47.11
C3A CYC HC . 49.59 -4.93 46.31
C4A CYC HC . 50.12 -3.64 46.20
CMA CYC HC . 48.29 -5.50 45.68
CAA CYC HC . 50.35 -7.14 47.55
CBA CYC HC . 50.92 -8.13 46.47
CGA CYC HC . 52.35 -7.70 45.92
O1A CYC HC . 52.45 -6.72 45.10
O2A CYC HC . 53.41 -8.34 46.28
CHB CYC HC . 49.51 -2.36 45.39
NB CYC HC . 49.20 -3.77 43.30
C1B CYC HC . 49.16 -2.62 43.93
C2B CYC HC . 48.74 -1.68 43.04
C3B CYC HC . 48.53 -2.32 41.83
C4B CYC HC . 48.82 -3.63 42.04
CMB CYC HC . 48.56 -0.18 43.32
CAB CYC HC . 48.04 -1.66 40.47
CBB CYC HC . 46.74 -2.25 39.97
OB CYC HC . 48.73 -4.70 41.06
NC CYC HC . 54.85 0.13 51.51
C1C CYC HC . 56.14 0.95 51.57
C2C CYC HC . 55.82 2.29 50.69
C3C CYC HC . 54.77 2.04 50.03
C4C CYC HC . 54.29 0.45 50.34
CMC CYC HC . 55.59 3.55 51.65
CAC CYC HC . 55.06 2.28 48.49
CBC CYC HC . 54.29 3.52 47.96
OC CYC HC . 56.42 1.26 52.75
CHD CYC HC . 54.76 -0.46 49.22
ND CYC HC . 53.58 -2.70 48.61
C1D CYC HC . 54.44 -2.02 49.38
C2D CYC HC . 55.02 -2.92 50.30
C3D CYC HC . 54.44 -4.17 50.05
C4D CYC HC . 53.55 -3.98 48.99
CMD CYC HC . 56.08 -2.66 51.41
CAD CYC HC . 54.74 -5.48 50.79
CBD CYC HC . 53.63 -5.89 51.79
CGD CYC HC . 53.83 -7.32 52.30
O1D CYC HC . 54.78 -8.03 51.84
O2D CYC HC . 53.07 -7.79 53.16
CHA CYC IC . 56.33 23.14 21.01
NA CYC IC . 57.84 21.02 20.88
C1A CYC IC . 57.34 22.13 20.35
C2A CYC IC . 57.86 22.28 19.06
C3A CYC IC . 58.70 21.19 18.86
C4A CYC IC . 58.66 20.42 20.03
CMA CYC IC . 59.52 20.88 17.58
CAA CYC IC . 57.55 23.42 18.07
CBA CYC IC . 58.54 24.65 18.24
CGA CYC IC . 59.45 24.85 16.96
O1A CYC IC . 59.98 25.99 16.73
O2A CYC IC . 59.67 23.87 16.16
CHB CYC IC . 59.50 19.06 20.25
NB CYC IC . 57.86 18.22 21.97
C1B CYC IC . 58.69 18.00 21.00
C2B CYC IC . 58.73 16.66 20.75
C3B CYC IC . 57.85 16.06 21.65
C4B CYC IC . 57.33 17.08 22.40
CMB CYC IC . 59.56 15.95 19.69
CAB CYC IC . 57.53 14.52 21.78
CBB CYC IC . 56.70 13.98 20.65
OB CYC IC . 56.37 16.94 23.48
NC CYC IC . 58.62 24.64 27.37
C1C CYC IC . 58.73 24.84 28.87
C2C CYC IC . 58.54 23.33 29.48
C3C CYC IC . 58.04 22.63 28.54
C4C CYC IC . 57.69 23.68 27.26
CMC CYC IC . 59.97 22.72 29.91
CAC CYC IC . 56.73 21.91 29.07
CBC CYC IC . 55.44 22.71 28.76
OC CYC IC . 59.87 25.30 29.18
CHD CYC IC . 57.86 22.93 25.96
ND CYC IC . 57.11 22.86 23.51
C1D CYC IC . 57.41 23.60 24.57
C2D CYC IC . 57.26 24.97 24.19
C3D CYC IC . 56.86 24.97 22.86
C4D CYC IC . 56.77 23.64 22.47
CMD CYC IC . 57.48 26.28 25.01
CAD CYC IC . 56.56 26.20 21.98
CBD CYC IC . 55.22 26.89 22.32
CGD CYC IC . 54.01 26.16 21.71
O1D CYC IC . 53.45 25.23 22.37
O2D CYC IC . 53.59 26.47 20.59
CHA CYC JC . 32.08 -29.99 52.69
NA CYC JC . 34.71 -30.18 52.76
C1A CYC JC . 33.56 -29.69 52.29
C2A CYC JC . 33.87 -28.78 51.29
C3A CYC JC . 35.26 -28.75 51.19
C4A CYC JC . 35.75 -29.65 52.12
CMA CYC JC . 36.03 -27.85 50.18
CAA CYC JC . 32.85 -27.97 50.47
CBA CYC JC . 32.11 -28.84 49.36
CGA CYC JC . 32.84 -30.22 49.07
O1A CYC JC . 33.79 -30.28 48.22
O2A CYC JC . 32.48 -31.28 49.69
CHB CYC JC . 37.31 -30.01 52.45
NB CYC JC . 38.03 -30.28 50.03
C1B CYC JC . 38.29 -30.01 51.29
C2B CYC JC . 39.62 -29.70 51.39
C3B CYC JC . 40.16 -29.81 50.11
C4B CYC JC . 39.12 -30.17 49.30
CMB CYC JC . 40.37 -29.31 52.66
CAB CYC JC . 41.66 -29.56 49.69
CBB CYC JC . 42.03 -28.09 49.66
OB CYC JC . 39.22 -30.41 47.87
NC CYC JC . 30.17 -33.71 57.30
C1C CYC JC . 29.84 -35.09 57.88
C2C CYC JC . 31.13 -35.51 58.79
C3C CYC JC . 31.99 -34.59 58.66
C4C CYC JC . 31.49 -33.55 57.43
CMC CYC JC . 30.67 -35.66 60.32
CAC CYC JC . 33.42 -35.19 58.33
CBC CYC JC . 34.19 -35.72 59.56
OC CYC JC . 29.66 -35.94 56.96
CHD CYC JC . 32.21 -33.90 56.16
ND CYC JC . 32.37 -31.85 54.55
C1D CYC JC . 31.76 -32.97 54.95
C2D CYC JC . 30.67 -33.20 54.09
C3D CYC JC . 30.64 -32.14 53.17
C4D CYC JC . 31.73 -31.34 53.50
CMD CYC JC . 29.68 -34.40 54.19
CAD CYC JC . 29.68 -31.87 51.99
CBD CYC JC . 28.17 -32.16 52.16
CGD CYC JC . 27.60 -32.83 50.89
O1D CYC JC . 28.22 -33.78 50.36
O2D CYC JC . 26.54 -32.41 50.40
CHA CYC KC . 66.70 -44.54 65.80
NA CYC KC . 65.34 -44.82 63.63
C1A CYC KC . 66.38 -45.13 64.38
C2A CYC KC . 67.16 -46.05 63.70
C3A CYC KC . 66.51 -46.28 62.49
C4A CYC KC . 65.37 -45.49 62.49
CMA CYC KC . 66.98 -47.24 61.38
CAA CYC KC . 68.49 -46.70 64.19
CBA CYC KC . 68.33 -48.20 64.64
CGA CYC KC . 68.80 -49.23 63.52
O1A CYC KC . 69.58 -48.84 62.59
O2A CYC KC . 68.39 -50.44 63.55
CHB CYC KC . 64.27 -45.39 61.30
NB CYC KC . 66.12 -44.33 59.97
C1B CYC KC . 64.97 -44.96 60.02
C2B CYC KC . 64.54 -45.16 58.74
C3B CYC KC . 65.50 -44.61 57.90
C4B CYC KC . 66.47 -44.10 58.72
CMB CYC KC . 63.24 -45.85 58.30
CAB CYC KC . 65.46 -44.59 56.32
CBB CYC KC . 65.12 -43.24 55.74
OB CYC KC . 67.69 -43.43 58.29
NC CYC KC . 61.18 -46.41 68.26
C1C CYC KC . 60.16 -45.98 69.31
C2C CYC KC . 58.83 -45.66 68.43
C3C CYC KC . 59.27 -45.22 67.32
C4C CYC KC . 60.92 -45.61 67.23
CMC CYC KC . 57.95 -46.99 68.21
CAC CYC KC . 59.05 -43.66 67.29
CBC CYC KC . 57.55 -43.27 67.41
OC CYC KC . 59.94 -46.91 70.13
CHD CYC KC . 61.73 -44.34 67.31
ND CYC KC . 64.14 -44.38 66.34
C1D CYC KC . 63.30 -44.55 67.38
C2D CYC KC . 64.07 -44.90 68.50
C3D CYC KC . 65.41 -44.95 68.09
C4D CYC KC . 65.39 -44.62 66.73
CMD CYC KC . 63.58 -45.20 69.96
CAD CYC KC . 66.63 -45.30 68.94
CBD CYC KC . 66.97 -44.18 69.96
CGD CYC KC . 67.26 -42.82 69.29
O1D CYC KC . 68.44 -42.40 69.19
O2D CYC KC . 66.31 -42.14 68.84
CHA CYC LC . 38.29 -22.74 4.15
NA CYC LC . 40.11 -20.89 3.87
C1A CYC LC . 39.60 -21.95 4.49
C2A CYC LC . 40.43 -22.29 5.54
C3A CYC LC . 41.47 -21.37 5.53
C4A CYC LC . 41.23 -20.51 4.47
CMA CYC LC . 42.65 -21.36 6.54
CAA CYC LC . 40.23 -23.46 6.53
CBA CYC LC . 39.33 -23.05 7.76
CGA CYC LC . 38.82 -21.55 7.62
O1A CYC LC . 37.62 -21.31 7.25
O2A CYC LC . 39.61 -20.57 7.88
CHB CYC LC . 42.16 -19.26 4.01
NB CYC LC . 41.97 -18.31 6.35
C1B CYC LC . 42.44 -18.26 5.13
C2B CYC LC . 43.23 -17.16 5.02
C3B CYC LC . 43.20 -16.54 6.26
C4B CYC LC . 42.42 -17.30 7.06
CMB CYC LC . 43.98 -16.69 3.77
CAB CYC LC . 43.97 -15.21 6.67
CBB CYC LC . 45.00 -15.45 7.74
OB CYC LC . 42.10 -17.04 8.46
NC CYC LC . 36.48 -21.87 -1.73
C1C CYC LC . 35.74 -21.55 -3.01
C2C CYC LC . 35.95 -19.94 -3.21
C3C CYC LC . 37.10 -19.73 -2.74
C4C CYC LC . 37.27 -20.82 -1.46
CMC CYC LC . 35.93 -19.57 -4.77
CAC CYC LC . 37.22 -18.24 -2.21
CBC CYC LC . 38.28 -17.40 -2.97
OC CYC LC . 36.27 -22.15 -3.97
CHD CYC LC . 36.85 -20.15 -0.18
ND CYC LC . 37.82 -21.29 1.97
C1D CYC LC . 36.85 -21.16 1.05
C2D CYC LC . 35.82 -22.04 1.37
C3D CYC LC . 36.21 -22.73 2.52
C4D CYC LC . 37.47 -22.23 2.86
CMD CYC LC . 34.47 -22.23 0.60
CAD CYC LC . 35.41 -23.80 3.25
CBD CYC LC . 35.98 -25.22 3.10
CGD CYC LC . 35.59 -26.10 4.32
O1D CYC LC . 35.02 -25.56 5.31
O2D CYC LC . 35.83 -27.31 4.31
CHA CYC MC . 46.14 15.69 -0.80
NA CYC MC . 45.04 13.92 0.76
C1A CYC MC . 45.45 15.16 0.51
C2A CYC MC . 45.18 15.93 1.63
C3A CYC MC . 44.57 15.10 2.55
C4A CYC MC . 44.51 13.83 1.96
CMA CYC MC . 44.08 15.55 3.95
CAA CYC MC . 45.47 17.45 1.82
CBA CYC MC . 44.32 18.35 1.23
CGA CYC MC . 42.88 17.79 1.60
O1A CYC MC . 42.36 18.07 2.74
O2A CYC MC . 42.24 17.06 0.77
CHB CYC MC . 43.89 12.45 2.56
NB CYC MC . 45.07 12.77 4.78
C1B CYC MC . 44.31 12.08 3.97
C2B CYC MC . 43.96 10.93 4.60
C3B CYC MC . 44.54 10.96 5.86
C4B CYC MC . 45.22 12.14 5.93
CMB CYC MC . 43.09 9.80 4.02
CAB CYC MC . 44.43 9.86 6.98
CBB CYC MC . 43.15 9.99 7.76
OB CYC MC . 45.98 12.61 7.06
NC CYC MC . 44.30 12.11 -5.41
C1C CYC MC . 44.70 11.25 -6.60
C2C CYC MC . 44.21 9.74 -6.23
C3C CYC MC . 43.98 9.73 -4.99
C4C CYC MC . 44.25 11.29 -4.37
CMC CYC MC . 42.86 9.40 -7.04
CAC CYC MC . 44.95 8.67 -4.29
CBC CYC MC . 44.63 7.21 -4.70
OC CYC MC . 44.13 11.65 -7.65
CHD CYC MC . 45.56 11.32 -3.61
ND CYC MC . 45.72 13.38 -2.02
C1D CYC MC . 45.99 12.80 -3.19
C2D CYC MC . 46.74 13.69 -3.97
C3D CYC MC . 46.89 14.86 -3.21
C4D CYC MC . 46.23 14.61 -1.99
CMD CYC MC . 47.31 13.47 -5.41
CAD CYC MC . 47.63 16.14 -3.61
CBD CYC MC . 48.93 16.35 -2.80
CGD CYC MC . 50.19 16.39 -3.69
O1D CYC MC . 50.99 15.40 -3.70
O2D CYC MC . 50.43 17.39 -4.38
CHA CYC NC . 68.20 -20.38 18.40
NA CYC NC . 68.69 -22.12 20.23
C1A CYC NC . 67.85 -21.32 19.59
C2A CYC NC . 66.58 -21.47 20.13
C3A CYC NC . 66.71 -22.41 21.16
C4A CYC NC . 68.05 -22.80 21.18
CMA CYC NC . 65.55 -22.87 22.06
CAA CYC NC . 65.29 -20.74 19.70
CBA CYC NC . 65.30 -19.16 19.86
CGA CYC NC . 65.24 -18.69 21.38
O1A CYC NC . 64.88 -17.51 21.68
O2A CYC NC . 65.56 -19.52 22.30
CHB CYC NC . 68.80 -23.85 22.16
NB CYC NC . 66.98 -25.57 21.71
C1B CYC NC . 68.04 -25.15 22.35
C2B CYC NC . 68.40 -26.13 23.25
C3B CYC NC . 67.47 -27.15 23.11
C4B CYC NC . 66.60 -26.75 22.13
CMB CYC NC . 69.58 -26.08 24.21
CAB CYC NC . 67.43 -28.51 23.92
CBB CYC NC . 66.92 -28.33 25.33
OB CYC NC . 65.45 -27.50 21.66
NC CYC NC . 74.45 -18.97 17.16
C1C CYC NC . 75.71 -18.39 17.79
C2C CYC NC . 76.60 -19.72 18.11
C3C CYC NC . 75.78 -20.68 18.25
C4C CYC NC . 74.24 -20.11 17.83
CMC CYC NC . 77.59 -20.00 16.88
CAC CYC NC . 75.81 -21.21 19.74
CBC CYC NC . 77.21 -21.73 20.13
OC CYC NC . 76.30 -17.64 16.99
CHD CYC NC . 73.39 -19.85 19.05
ND CYC NC . 70.84 -20.39 18.85
C1D CYC NC . 71.86 -19.56 18.68
C2D CYC NC . 71.37 -18.36 18.12
C3D CYC NC . 70.00 -18.52 17.96
C4D CYC NC . 69.70 -19.80 18.43
CMD CYC NC . 72.14 -17.07 17.72
CAD CYC NC . 69.02 -17.48 17.38
CBD CYC NC . 68.51 -17.88 15.99
CGD CYC NC . 68.89 -16.84 14.92
O1D CYC NC . 68.94 -15.62 15.25
O2D CYC NC . 69.16 -17.19 13.77
CHA CYC OC . 84.11 -37.25 50.10
NA CYC OC . 83.23 -34.82 50.12
C1A CYC OC . 83.52 -35.95 50.75
C2A CYC OC . 83.20 -35.79 52.09
C3A CYC OC . 82.71 -34.50 52.22
C4A CYC OC . 82.74 -33.92 50.95
CMA CYC OC . 82.21 -33.82 53.52
CAA CYC OC . 83.37 -36.83 53.22
CBA CYC OC . 84.76 -36.73 53.96
CGA CYC OC . 84.86 -37.77 55.16
O1A CYC OC . 83.90 -38.57 55.38
O2A CYC OC . 85.91 -37.80 55.90
CHB CYC OC . 82.26 -32.43 50.57
NB CYC OC . 79.99 -33.47 50.86
C1B CYC OC . 80.76 -32.52 50.37
C2B CYC OC . 79.97 -31.65 49.67
C3B CYC OC . 78.67 -32.14 49.76
C4B CYC OC . 78.73 -33.27 50.52
CMB CYC OC . 80.42 -30.40 48.93
CAB CYC OC . 77.37 -31.50 49.13
CBB CYC OC . 76.33 -31.17 50.16
OB CYC OC . 77.62 -34.12 50.88
NC CYC OC . 88.39 -34.26 46.24
C1C CYC OC . 89.14 -34.54 44.94
C2C CYC OC . 88.35 -33.63 43.84
C3C CYC OC . 87.19 -33.42 44.32
C4C CYC OC . 87.12 -34.15 45.85
CMC CYC OC . 89.12 -32.23 43.63
CAC CYC OC . 86.09 -34.05 43.36
CBC CYC OC . 86.29 -33.67 41.87
OC CYC OC . 90.34 -34.17 45.03
CHD CYC OC . 86.47 -35.50 45.76
ND CYC OC . 85.08 -36.26 47.83
C1D CYC OC . 86.24 -36.20 47.18
C2D CYC OC . 87.22 -36.86 47.96
C3D CYC OC . 86.57 -37.32 49.11
C4D CYC OC . 85.24 -36.93 48.99
CMD CYC OC . 88.73 -37.07 47.64
CAD CYC OC . 87.21 -38.10 50.27
CBD CYC OC . 87.38 -39.60 49.95
CGD CYC OC . 86.12 -40.42 50.27
O1D CYC OC . 86.08 -41.14 51.32
O2D CYC OC . 85.14 -40.38 49.50
CHA CYC PC . 10.39 -55.46 20.35
NA CYC PC . 11.85 -54.34 22.19
C1A CYC PC . 10.68 -54.58 21.62
C2A CYC PC . 9.70 -53.91 22.34
C3A CYC PC . 10.35 -53.25 23.38
C4A CYC PC . 11.73 -53.55 23.25
CMA CYC PC . 9.57 -52.40 24.40
CAA CYC PC . 8.19 -53.89 22.05
CBA CYC PC . 7.43 -55.06 22.78
CGA CYC PC . 6.15 -55.54 21.96
O1A CYC PC . 5.97 -56.79 21.72
O2A CYC PC . 5.32 -54.67 21.53
CHB CYC PC . 13.03 -53.12 24.13
NB CYC PC . 12.03 -51.21 25.50
C1B CYC PC . 13.04 -51.91 25.06
C2B CYC PC . 14.17 -51.38 25.61
C3B CYC PC . 13.78 -50.31 26.40
C4B CYC PC . 12.43 -50.23 26.30
CMB CYC PC . 15.61 -51.86 25.40
CAB CYC PC . 14.71 -49.36 27.25
CBB CYC PC . 14.34 -49.35 28.71
OB CYC PC . 11.57 -49.27 26.97
NC CYC PC . 14.31 -60.10 19.96
C1C CYC PC . 15.37 -60.94 19.26
C2C CYC PC . 16.66 -60.88 20.26
C3C CYC PC . 16.53 -59.85 20.98
C4C CYC PC . 14.97 -59.23 20.74
CMC CYC PC . 16.69 -62.21 21.17
CAC CYC PC . 17.62 -58.78 20.61
CBC CYC PC . 18.29 -58.18 21.87
OC CYC PC . 15.68 -60.45 18.15
CHD CYC PC . 15.02 -57.87 20.07
ND CYC PC . 12.79 -56.56 20.46
C1D CYC PC . 13.55 -57.36 19.71
C2D CYC PC . 12.85 -57.68 18.53
C3D CYC PC . 11.62 -57.02 18.61
C4D CYC PC . 11.63 -56.34 19.85
CMD CYC PC . 13.32 -58.57 17.34
CAD CYC PC . 10.47 -57.05 17.59
CBD CYC PC . 10.75 -56.23 16.31
CGD CYC PC . 10.95 -57.12 15.07
O1D CYC PC . 10.95 -58.38 15.19
O2D CYC PC . 11.11 -56.60 13.96
#